data_7EY8
#
_entry.id   7EY8
#
_entity_poly.entity_id   1
_entity_poly.type   'polypeptide(L)'
_entity_poly.pdbx_seq_one_letter_code
;MAEKRTGLAEDGAKSVYERLKNDRAPYETRAQNCAQYTIPSLFPKDSDNASTDYQTPWQAVGARGLNNLASKLMLALFPM
QTWMRLTISEYEAKQLLSDPDGLAKVDEGLSMVERIIMNYIESNSYRVTLFEALKQLVVAGNVLLYLPEPEGSNYNPMKL
YRLSSYVVQRDAFGNVLQMVTRDQIAFGALPEDIRKAVEGQGGEKKADETIDVYTHIYLDEDSGEYLRYEEVEGMEVQGS
DGTYPKEACPYIPIRMVRLDGESYGRSYIEEYLGDLRSLENLQEAIVKMSMISSKVIGLVNPAGITQPRRLTKAQTGDFV
TGRPEDISFLQLEKQADFTVAKAVSDAIEARLSFAFMLNSAVQRTGERVTAEEIRYVASELEDTLGGVYSILSQELQLPL
VRVLLKQLQATQQIPELPKEAVEPTISTGLEAIGRGQDLDKLERCVTAWAALAPMRDDPDINLAMIKLRIANAIGIDTSG
ILLTEEQKQQKMAQQSMQMGMDNGAAALAQGMAAQATASPEAMAAAADSVGLQPGI
;
_entity_poly.pdbx_strand_id   A,B,C,D,E,F,G,H,I,J,K,L
#
# COMPACT_ATOMS: atom_id res chain seq x y z
N THR A 6 57.09 -47.64 -41.17
CA THR A 6 57.19 -46.76 -42.32
C THR A 6 57.64 -45.37 -41.90
N GLY A 7 58.23 -44.62 -42.82
CA GLY A 7 58.69 -43.28 -42.50
C GLY A 7 57.54 -42.41 -42.11
N LEU A 8 56.41 -42.50 -42.83
CA LEU A 8 55.21 -41.74 -42.51
C LEU A 8 55.33 -40.26 -42.82
N ALA A 9 56.32 -39.86 -43.63
CA ALA A 9 56.50 -38.44 -44.01
C ALA A 9 56.70 -37.49 -42.83
N GLU A 10 57.35 -37.94 -41.76
CA GLU A 10 57.59 -37.13 -40.56
C GLU A 10 58.89 -37.59 -39.88
N ASP A 11 59.52 -36.75 -39.08
CA ASP A 11 60.72 -37.14 -38.35
C ASP A 11 60.47 -38.23 -37.32
N GLY A 12 59.37 -38.10 -36.59
CA GLY A 12 59.19 -38.77 -35.31
C GLY A 12 58.43 -37.90 -34.34
N ALA A 13 57.46 -38.47 -33.63
CA ALA A 13 56.63 -37.69 -32.70
C ALA A 13 57.37 -37.08 -31.54
N LYS A 14 58.37 -37.76 -31.02
CA LYS A 14 59.17 -37.17 -29.96
C LYS A 14 59.75 -35.88 -30.43
N SER A 15 60.38 -35.90 -31.58
CA SER A 15 61.02 -34.72 -32.09
C SER A 15 60.06 -33.60 -32.41
N VAL A 16 58.91 -33.92 -32.99
CA VAL A 16 57.94 -32.91 -33.30
C VAL A 16 57.55 -32.26 -32.01
N TYR A 17 57.43 -33.05 -30.97
CA TYR A 17 57.12 -32.49 -29.67
C TYR A 17 58.26 -31.61 -29.16
N GLU A 18 59.51 -31.97 -29.46
CA GLU A 18 60.62 -31.23 -28.90
C GLU A 18 60.95 -29.97 -29.70
N ARG A 19 60.72 -29.97 -31.01
CA ARG A 19 60.93 -28.74 -31.79
C ARG A 19 59.91 -27.69 -31.40
N LEU A 20 58.68 -28.11 -31.14
CA LEU A 20 57.60 -27.18 -30.90
C LEU A 20 57.30 -26.99 -29.43
N LYS A 21 58.06 -27.64 -28.54
CA LYS A 21 57.97 -27.30 -27.12
C LYS A 21 58.52 -25.92 -26.87
N ASN A 22 59.43 -25.46 -27.73
CA ASN A 22 59.95 -24.09 -27.68
C ASN A 22 58.97 -23.06 -28.24
N ASP A 23 57.72 -23.45 -28.49
CA ASP A 23 56.68 -22.50 -28.86
C ASP A 23 55.60 -22.41 -27.79
N ARG A 24 55.51 -23.40 -26.90
CA ARG A 24 54.60 -23.26 -25.77
C ARG A 24 55.13 -22.28 -24.75
N ALA A 25 56.45 -22.25 -24.57
CA ALA A 25 57.17 -21.45 -23.60
C ALA A 25 56.84 -19.96 -23.58
N PRO A 26 56.43 -19.33 -24.69
CA PRO A 26 55.73 -18.04 -24.52
C PRO A 26 54.41 -18.15 -23.79
N TYR A 27 53.52 -19.03 -24.23
CA TYR A 27 52.19 -19.14 -23.61
C TYR A 27 52.26 -19.76 -22.25
N GLU A 28 53.17 -20.70 -22.04
CA GLU A 28 53.28 -21.39 -20.77
C GLU A 28 53.77 -20.47 -19.67
N THR A 29 54.78 -19.62 -19.95
CA THR A 29 55.24 -18.67 -18.95
C THR A 29 54.30 -17.49 -18.80
N ARG A 30 53.36 -17.29 -19.72
CA ARG A 30 52.27 -16.37 -19.46
C ARG A 30 51.32 -16.95 -18.43
N ALA A 31 50.91 -18.20 -18.63
CA ALA A 31 49.92 -18.82 -17.76
C ALA A 31 50.45 -19.07 -16.36
N GLN A 32 51.76 -19.35 -16.23
CA GLN A 32 52.36 -19.46 -14.91
C GLN A 32 52.33 -18.13 -14.18
N ASN A 33 52.52 -17.03 -14.92
CA ASN A 33 52.29 -15.72 -14.34
C ASN A 33 50.80 -15.46 -14.14
N CYS A 34 49.98 -15.90 -15.08
CA CYS A 34 48.57 -15.52 -15.05
C CYS A 34 47.78 -16.32 -14.03
N ALA A 35 48.24 -17.52 -13.66
CA ALA A 35 47.62 -18.24 -12.58
C ALA A 35 48.16 -17.84 -11.22
N GLN A 36 49.32 -17.17 -11.20
CA GLN A 36 49.93 -16.75 -9.94
C GLN A 36 49.09 -15.69 -9.25
N TYR A 37 48.38 -14.88 -10.02
CA TYR A 37 47.61 -13.79 -9.46
C TYR A 37 46.19 -14.18 -9.11
N THR A 38 45.63 -15.18 -9.78
CA THR A 38 44.24 -15.55 -9.53
C THR A 38 44.13 -16.71 -8.55
N ILE A 39 44.62 -17.87 -8.93
CA ILE A 39 44.61 -19.05 -8.09
C ILE A 39 45.78 -19.95 -8.48
N PRO A 40 46.82 -20.07 -7.64
CA PRO A 40 48.05 -20.74 -8.08
C PRO A 40 47.93 -22.24 -8.19
N SER A 41 46.87 -22.85 -7.65
CA SER A 41 46.72 -24.29 -7.76
C SER A 41 46.18 -24.72 -9.12
N LEU A 42 45.81 -23.78 -9.97
CA LEU A 42 45.10 -24.13 -11.19
C LEU A 42 46.05 -24.49 -12.32
N PHE A 43 47.14 -23.73 -12.49
CA PHE A 43 48.15 -24.02 -13.53
C PHE A 43 49.52 -24.09 -12.91
N PRO A 44 50.01 -25.30 -12.58
CA PRO A 44 51.28 -25.30 -11.89
C PRO A 44 52.47 -25.19 -12.79
N LYS A 45 53.57 -24.63 -12.29
CA LYS A 45 54.78 -24.54 -13.08
C LYS A 45 55.23 -25.98 -13.21
N ASP A 46 55.96 -26.34 -14.25
CA ASP A 46 56.28 -27.75 -14.45
C ASP A 46 57.07 -28.36 -13.32
N SER A 47 58.00 -27.60 -12.76
CA SER A 47 58.76 -28.11 -11.63
C SER A 47 57.88 -28.43 -10.46
N ASP A 48 56.89 -27.59 -10.19
CA ASP A 48 56.02 -27.77 -9.03
C ASP A 48 55.61 -29.20 -8.82
N ASN A 49 55.91 -29.72 -7.64
CA ASN A 49 55.60 -31.09 -7.33
C ASN A 49 54.74 -31.17 -6.09
N ALA A 50 54.76 -32.31 -5.43
CA ALA A 50 53.96 -32.48 -4.24
C ALA A 50 54.37 -31.51 -3.19
N SER A 51 55.65 -31.20 -3.09
CA SER A 51 56.16 -30.25 -2.10
C SER A 51 55.74 -28.79 -2.25
N THR A 52 55.63 -28.30 -3.47
CA THR A 52 55.33 -26.87 -3.68
C THR A 52 54.10 -26.35 -2.99
N ASP A 53 54.28 -25.30 -2.21
CA ASP A 53 53.13 -24.72 -1.56
C ASP A 53 52.72 -23.48 -2.31
N TYR A 54 51.46 -23.40 -2.66
CA TYR A 54 51.00 -22.30 -3.44
C TYR A 54 50.52 -21.16 -2.58
N GLN A 55 51.34 -20.15 -2.42
CA GLN A 55 50.99 -18.99 -1.62
C GLN A 55 49.80 -18.28 -2.23
N THR A 56 48.83 -17.97 -1.39
CA THR A 56 47.65 -17.27 -1.86
C THR A 56 48.05 -15.84 -2.23
N PRO A 57 47.47 -15.28 -3.28
CA PRO A 57 47.75 -13.88 -3.60
C PRO A 57 47.17 -12.97 -2.55
N TRP A 58 47.78 -11.79 -2.41
CA TRP A 58 47.35 -10.83 -1.41
C TRP A 58 45.95 -10.33 -1.68
N GLN A 59 45.58 -10.22 -2.95
CA GLN A 59 44.22 -9.94 -3.35
C GLN A 59 43.47 -11.24 -3.60
N ALA A 60 42.17 -11.22 -3.35
CA ALA A 60 41.33 -12.37 -3.62
C ALA A 60 40.19 -12.02 -4.56
N VAL A 61 40.48 -11.21 -5.57
CA VAL A 61 39.51 -10.97 -6.63
C VAL A 61 39.70 -11.95 -7.77
N GLY A 62 40.95 -12.27 -8.11
CA GLY A 62 41.21 -13.25 -9.14
C GLY A 62 40.73 -14.64 -8.78
N ALA A 63 40.87 -15.00 -7.50
CA ALA A 63 40.29 -16.26 -7.05
C ALA A 63 38.78 -16.20 -7.04
N ARG A 64 38.22 -15.02 -6.75
CA ARG A 64 36.78 -14.84 -6.81
C ARG A 64 36.28 -14.79 -8.24
N GLY A 65 36.86 -13.93 -9.06
CA GLY A 65 36.38 -13.68 -10.39
C GLY A 65 36.69 -14.72 -11.44
N LEU A 66 37.25 -15.86 -11.03
CA LEU A 66 37.49 -16.97 -11.93
C LEU A 66 36.44 -18.06 -11.78
N ASN A 67 36.21 -18.50 -10.54
CA ASN A 67 35.13 -19.44 -10.27
C ASN A 67 33.79 -18.83 -10.57
N ASN A 68 33.64 -17.53 -10.36
CA ASN A 68 32.42 -16.82 -10.71
C ASN A 68 32.33 -16.53 -12.20
N LEU A 69 33.37 -16.84 -12.98
CA LEU A 69 33.29 -16.73 -14.42
C LEU A 69 33.36 -18.07 -15.12
N ALA A 70 34.04 -19.06 -14.54
CA ALA A 70 34.03 -20.39 -15.13
C ALA A 70 32.68 -21.07 -14.92
N SER A 71 31.98 -20.67 -13.87
CA SER A 71 30.67 -21.23 -13.59
C SER A 71 29.60 -20.60 -14.41
N LYS A 72 29.65 -19.30 -14.57
CA LYS A 72 28.68 -18.64 -15.42
C LYS A 72 28.85 -19.06 -16.85
N LEU A 73 30.08 -19.18 -17.30
CA LEU A 73 30.32 -19.64 -18.64
C LEU A 73 29.75 -21.03 -18.73
N MET A 74 29.93 -21.89 -17.75
CA MET A 74 29.42 -23.23 -17.87
C MET A 74 27.91 -23.22 -17.97
N LEU A 75 27.23 -22.44 -17.14
CA LEU A 75 25.78 -22.49 -17.20
C LEU A 75 25.36 -22.06 -18.56
N ALA A 76 25.98 -21.02 -19.08
CA ALA A 76 25.55 -20.51 -20.38
C ALA A 76 25.84 -21.43 -21.51
N LEU A 77 26.98 -22.09 -21.50
CA LEU A 77 27.39 -22.89 -22.64
C LEU A 77 26.83 -24.27 -22.58
N PHE A 78 26.91 -24.89 -21.42
CA PHE A 78 26.42 -26.24 -21.27
C PHE A 78 25.28 -26.25 -20.29
N PRO A 79 24.13 -25.70 -20.71
CA PRO A 79 23.01 -25.61 -19.81
C PRO A 79 22.56 -27.01 -19.58
N MET A 80 21.91 -27.28 -18.46
CA MET A 80 21.38 -28.60 -18.26
C MET A 80 20.34 -28.86 -19.33
N GLN A 81 19.53 -27.86 -19.62
CA GLN A 81 18.54 -28.00 -20.65
C GLN A 81 19.23 -28.15 -21.97
N THR A 82 18.67 -28.95 -22.87
CA THR A 82 19.34 -29.23 -24.14
C THR A 82 19.99 -28.07 -24.82
N TRP A 83 21.27 -28.19 -25.13
CA TRP A 83 21.92 -27.12 -25.81
C TRP A 83 22.45 -27.39 -27.21
N MET A 84 22.12 -28.52 -27.81
CA MET A 84 22.22 -28.67 -29.25
C MET A 84 20.90 -29.16 -29.73
N ARG A 85 20.52 -28.77 -30.94
CA ARG A 85 19.39 -29.40 -31.59
C ARG A 85 19.73 -29.71 -33.02
N LEU A 86 19.08 -30.72 -33.60
CA LEU A 86 19.43 -31.15 -34.95
C LEU A 86 18.43 -30.55 -35.92
N THR A 87 18.87 -29.61 -36.73
CA THR A 87 18.05 -29.08 -37.80
C THR A 87 18.19 -29.95 -39.04
N ILE A 88 17.08 -30.46 -39.51
CA ILE A 88 17.04 -31.03 -40.84
C ILE A 88 16.81 -29.90 -41.84
N SER A 89 17.45 -30.00 -43.01
CA SER A 89 17.22 -29.03 -44.06
C SER A 89 15.79 -29.17 -44.55
N GLU A 90 15.00 -28.11 -44.33
CA GLU A 90 13.55 -28.26 -44.37
C GLU A 90 13.03 -28.43 -45.80
N TYR A 91 13.63 -27.74 -46.77
CA TYR A 91 13.15 -27.87 -48.14
C TYR A 91 13.54 -29.21 -48.74
N GLU A 92 14.74 -29.72 -48.40
CA GLU A 92 15.11 -31.06 -48.82
C GLU A 92 14.39 -32.12 -48.03
N ALA A 93 13.81 -31.77 -46.88
CA ALA A 93 12.94 -32.70 -46.18
C ALA A 93 11.55 -32.74 -46.80
N LYS A 94 11.10 -31.64 -47.42
CA LYS A 94 9.82 -31.66 -48.10
C LYS A 94 9.86 -32.47 -49.38
N GLN A 95 11.01 -32.52 -50.04
CA GLN A 95 11.11 -33.20 -51.33
C GLN A 95 11.10 -34.71 -51.15
N LEU A 96 11.82 -35.20 -50.16
CA LEU A 96 12.03 -36.64 -50.00
C LEU A 96 10.94 -37.31 -49.17
N LEU A 97 9.80 -36.67 -48.97
CA LEU A 97 8.84 -37.14 -47.98
C LEU A 97 7.44 -36.70 -48.36
N SER A 98 6.45 -37.51 -47.96
CA SER A 98 5.05 -37.19 -48.17
C SER A 98 4.53 -36.39 -46.98
N ASP A 99 4.18 -35.13 -47.23
CA ASP A 99 3.77 -34.19 -46.21
C ASP A 99 2.44 -34.62 -45.56
N PRO A 100 2.13 -34.13 -44.35
CA PRO A 100 2.91 -33.38 -43.35
C PRO A 100 3.31 -34.18 -42.12
N ASP A 101 2.72 -35.37 -41.96
CA ASP A 101 2.92 -36.15 -40.75
C ASP A 101 4.34 -36.71 -40.68
N GLY A 102 4.93 -37.03 -41.83
CA GLY A 102 6.28 -37.54 -41.84
C GLY A 102 7.33 -36.52 -41.45
N LEU A 103 7.02 -35.23 -41.61
CA LEU A 103 8.01 -34.19 -41.31
C LEU A 103 8.30 -34.10 -39.82
N ALA A 104 7.25 -34.01 -39.01
CA ALA A 104 7.45 -34.02 -37.56
C ALA A 104 7.87 -35.39 -37.06
N LYS A 105 7.55 -36.46 -37.80
CA LYS A 105 8.06 -37.77 -37.44
C LYS A 105 9.58 -37.83 -37.60
N VAL A 106 10.13 -37.10 -38.57
CA VAL A 106 11.58 -36.96 -38.67
C VAL A 106 12.11 -36.16 -37.49
N ASP A 107 11.43 -35.07 -37.12
CA ASP A 107 11.86 -34.27 -35.99
C ASP A 107 11.67 -34.97 -34.66
N GLU A 108 10.89 -36.06 -34.61
CA GLU A 108 10.93 -36.88 -33.41
C GLU A 108 12.18 -37.71 -33.35
N GLY A 109 12.66 -38.19 -34.49
CA GLY A 109 13.96 -38.84 -34.55
C GLY A 109 15.09 -37.89 -34.25
N LEU A 110 14.92 -36.61 -34.57
CA LEU A 110 15.89 -35.61 -34.18
C LEU A 110 15.72 -35.20 -32.72
N SER A 111 14.52 -35.29 -32.17
CA SER A 111 14.34 -35.17 -30.74
C SER A 111 14.72 -36.45 -30.01
N MET A 112 14.78 -37.56 -30.74
CA MET A 112 15.31 -38.79 -30.16
C MET A 112 16.79 -38.65 -29.87
N VAL A 113 17.56 -38.22 -30.87
CA VAL A 113 19.02 -38.21 -30.79
C VAL A 113 19.50 -37.17 -29.78
N GLU A 114 18.88 -35.99 -29.77
CA GLU A 114 19.32 -34.90 -28.92
C GLU A 114 19.07 -35.18 -27.44
N ARG A 115 18.25 -36.17 -27.11
CA ARG A 115 18.10 -36.60 -25.73
C ARG A 115 19.08 -37.70 -25.37
N ILE A 116 19.46 -38.52 -26.35
CA ILE A 116 20.40 -39.61 -26.08
C ILE A 116 21.79 -39.06 -25.85
N ILE A 117 22.17 -38.01 -26.58
CA ILE A 117 23.46 -37.36 -26.36
C ILE A 117 23.50 -36.68 -25.01
N MET A 118 22.40 -36.03 -24.61
CA MET A 118 22.33 -35.46 -23.28
C MET A 118 22.27 -36.54 -22.20
N ASN A 119 21.78 -37.72 -22.54
CA ASN A 119 21.91 -38.87 -21.66
C ASN A 119 23.26 -39.56 -21.80
N TYR A 120 24.06 -39.19 -22.79
CA TYR A 120 25.41 -39.71 -22.91
C TYR A 120 26.42 -38.79 -22.26
N ILE A 121 26.20 -37.48 -22.38
CA ILE A 121 27.10 -36.49 -21.78
C ILE A 121 26.99 -36.52 -20.28
N GLU A 122 25.77 -36.58 -19.75
CA GLU A 122 25.61 -36.53 -18.30
C GLU A 122 26.00 -37.84 -17.64
N SER A 123 25.89 -38.95 -18.35
CA SER A 123 26.18 -40.26 -17.77
C SER A 123 27.62 -40.70 -18.00
N ASN A 124 28.47 -39.82 -18.51
CA ASN A 124 29.89 -40.11 -18.64
C ASN A 124 30.75 -39.02 -18.01
N SER A 125 30.16 -38.17 -17.17
CA SER A 125 30.83 -37.07 -16.47
C SER A 125 31.55 -36.14 -17.42
N TYR A 126 30.89 -35.81 -18.54
CA TYR A 126 31.45 -34.78 -19.40
C TYR A 126 31.25 -33.40 -18.81
N ARG A 127 30.28 -33.25 -17.89
CA ARG A 127 30.09 -31.97 -17.21
C ARG A 127 31.27 -31.66 -16.30
N VAL A 128 31.95 -32.69 -15.82
CA VAL A 128 33.09 -32.48 -14.93
C VAL A 128 34.29 -31.97 -15.71
N THR A 129 34.72 -32.72 -16.71
CA THR A 129 35.93 -32.41 -17.44
C THR A 129 35.78 -31.23 -18.38
N LEU A 130 34.56 -30.80 -18.68
CA LEU A 130 34.39 -29.52 -19.34
C LEU A 130 34.50 -28.36 -18.37
N PHE A 131 34.09 -28.55 -17.12
CA PHE A 131 34.32 -27.49 -16.16
C PHE A 131 35.79 -27.39 -15.77
N GLU A 132 36.50 -28.52 -15.77
CA GLU A 132 37.95 -28.43 -15.66
C GLU A 132 38.56 -27.84 -16.92
N ALA A 133 37.90 -27.99 -18.06
CA ALA A 133 38.39 -27.35 -19.27
C ALA A 133 38.16 -25.85 -19.22
N LEU A 134 36.99 -25.41 -18.74
CA LEU A 134 36.69 -23.98 -18.73
C LEU A 134 37.54 -23.22 -17.73
N LYS A 135 38.02 -23.89 -16.68
CA LYS A 135 38.95 -23.21 -15.78
C LYS A 135 40.31 -23.07 -16.43
N GLN A 136 40.71 -24.02 -17.28
CA GLN A 136 41.94 -23.86 -18.03
C GLN A 136 41.79 -22.81 -19.13
N LEU A 137 40.60 -22.72 -19.74
CA LEU A 137 40.40 -21.75 -20.79
C LEU A 137 40.40 -20.32 -20.28
N VAL A 138 40.16 -20.09 -19.00
CA VAL A 138 40.25 -18.73 -18.51
C VAL A 138 41.71 -18.39 -18.17
N VAL A 139 42.34 -19.08 -17.23
CA VAL A 139 43.74 -18.83 -16.91
C VAL A 139 44.75 -19.13 -17.97
N ALA A 140 44.71 -20.30 -18.61
CA ALA A 140 45.76 -20.65 -19.54
C ALA A 140 45.46 -20.35 -20.96
N GLY A 141 44.23 -20.52 -21.33
CA GLY A 141 43.80 -20.22 -22.68
C GLY A 141 43.78 -21.34 -23.66
N ASN A 142 44.36 -22.47 -23.33
CA ASN A 142 44.30 -23.60 -24.21
C ASN A 142 44.06 -24.90 -23.47
N VAL A 143 43.31 -25.82 -24.05
CA VAL A 143 43.10 -27.16 -23.46
C VAL A 143 42.85 -28.08 -24.64
N LEU A 144 43.22 -29.35 -24.57
CA LEU A 144 42.90 -30.30 -25.64
C LEU A 144 42.05 -31.30 -24.98
N LEU A 145 40.96 -31.69 -25.60
CA LEU A 145 40.04 -32.56 -24.97
C LEU A 145 39.90 -33.78 -25.84
N TYR A 146 40.30 -34.95 -25.34
CA TYR A 146 40.28 -36.15 -26.13
C TYR A 146 39.09 -36.96 -25.81
N LEU A 147 38.27 -37.29 -26.79
CA LEU A 147 37.04 -38.00 -26.54
C LEU A 147 37.30 -39.43 -26.88
N PRO A 148 37.61 -40.27 -25.88
CA PRO A 148 38.02 -41.63 -26.19
C PRO A 148 36.95 -42.39 -26.91
N GLU A 149 37.34 -43.23 -27.85
CA GLU A 149 36.39 -43.97 -28.62
C GLU A 149 35.56 -44.83 -27.70
N PRO A 150 34.24 -44.84 -27.91
CA PRO A 150 33.47 -45.62 -26.94
C PRO A 150 33.77 -47.09 -27.16
N GLU A 151 33.97 -47.84 -26.09
CA GLU A 151 34.18 -49.27 -26.23
C GLU A 151 33.17 -49.92 -25.32
N GLY A 152 32.00 -50.30 -25.83
CA GLY A 152 31.00 -50.79 -24.91
C GLY A 152 30.24 -49.66 -24.25
N SER A 153 29.17 -50.05 -23.55
CA SER A 153 28.34 -49.11 -22.82
C SER A 153 28.80 -48.92 -21.38
N ASN A 154 30.07 -49.15 -21.10
CA ASN A 154 30.62 -48.93 -19.77
C ASN A 154 30.95 -47.45 -19.57
N TYR A 155 31.62 -47.17 -18.46
CA TYR A 155 31.97 -45.80 -18.11
C TYR A 155 33.10 -45.30 -18.98
N ASN A 156 32.99 -44.16 -19.64
CA ASN A 156 34.04 -43.72 -20.58
C ASN A 156 34.28 -42.22 -20.55
N PRO A 157 35.02 -41.73 -19.56
CA PRO A 157 35.21 -40.30 -19.43
C PRO A 157 36.18 -39.70 -20.41
N MET A 158 36.05 -38.43 -20.77
CA MET A 158 37.05 -37.84 -21.65
C MET A 158 38.27 -37.35 -20.91
N LYS A 159 39.29 -36.89 -21.64
CA LYS A 159 40.51 -36.47 -21.00
C LYS A 159 40.96 -35.09 -21.43
N LEU A 160 41.52 -34.31 -20.52
CA LEU A 160 41.98 -32.97 -20.84
C LEU A 160 43.49 -32.83 -20.69
N TYR A 161 44.13 -32.17 -21.64
CA TYR A 161 45.56 -31.95 -21.59
C TYR A 161 45.73 -30.46 -21.49
N ARG A 162 46.35 -30.03 -20.41
CA ARG A 162 46.47 -28.62 -20.14
C ARG A 162 47.68 -27.86 -20.61
N LEU A 163 48.02 -27.92 -21.88
CA LEU A 163 49.12 -27.09 -22.37
C LEU A 163 50.32 -27.32 -21.53
N SER A 164 50.62 -28.56 -21.24
CA SER A 164 51.83 -28.86 -20.54
C SER A 164 51.97 -30.29 -20.92
N SER A 165 50.92 -30.82 -21.52
CA SER A 165 50.95 -32.21 -21.94
C SER A 165 50.65 -32.38 -23.42
N TYR A 166 50.35 -31.30 -24.15
CA TYR A 166 50.18 -31.45 -25.58
C TYR A 166 50.97 -30.37 -26.31
N VAL A 167 51.05 -30.54 -27.62
CA VAL A 167 51.57 -29.56 -28.57
C VAL A 167 50.73 -29.65 -29.82
N VAL A 168 50.19 -28.53 -30.30
CA VAL A 168 49.65 -28.48 -31.65
C VAL A 168 50.43 -27.47 -32.47
N GLN A 169 50.30 -27.60 -33.78
CA GLN A 169 50.85 -26.64 -34.72
C GLN A 169 49.82 -26.39 -35.79
N ARG A 170 49.39 -25.14 -35.91
CA ARG A 170 48.43 -24.79 -36.94
C ARG A 170 49.00 -23.66 -37.79
N ASP A 171 48.23 -23.31 -38.80
CA ASP A 171 48.66 -22.43 -39.87
C ASP A 171 48.39 -20.98 -39.46
N ALA A 172 48.77 -20.03 -40.31
CA ALA A 172 48.16 -18.71 -40.22
C ALA A 172 46.68 -18.78 -40.59
N PHE A 173 46.35 -19.65 -41.53
CA PHE A 173 44.98 -20.08 -41.75
C PHE A 173 44.52 -20.89 -40.53
N GLY A 174 43.20 -21.02 -40.38
CA GLY A 174 42.64 -21.52 -39.13
C GLY A 174 42.87 -23.00 -38.86
N ASN A 175 43.18 -23.79 -39.89
CA ASN A 175 43.17 -25.24 -39.73
C ASN A 175 44.42 -25.76 -39.05
N VAL A 176 44.28 -26.93 -38.43
CA VAL A 176 45.34 -27.55 -37.66
C VAL A 176 46.18 -28.41 -38.61
N LEU A 177 47.50 -28.33 -38.47
CA LEU A 177 48.38 -29.21 -39.21
C LEU A 177 48.73 -30.47 -38.45
N GLN A 178 49.32 -30.36 -37.28
CA GLN A 178 49.72 -31.54 -36.54
C GLN A 178 49.57 -31.29 -35.04
N MET A 179 49.27 -32.36 -34.31
CA MET A 179 49.11 -32.35 -32.87
C MET A 179 50.01 -33.43 -32.28
N VAL A 180 50.61 -33.15 -31.14
CA VAL A 180 51.34 -34.16 -30.37
C VAL A 180 50.85 -34.11 -28.94
N THR A 181 50.52 -35.23 -28.30
CA THR A 181 50.35 -35.22 -26.84
C THR A 181 51.26 -36.21 -26.12
N ARG A 182 51.77 -35.80 -24.97
CA ARG A 182 52.52 -36.63 -24.06
C ARG A 182 51.71 -36.98 -22.81
N ASP A 183 51.45 -38.26 -22.66
CA ASP A 183 50.94 -38.80 -21.42
C ASP A 183 51.98 -39.84 -21.03
N GLN A 184 52.22 -39.86 -19.72
CA GLN A 184 53.20 -40.74 -19.14
C GLN A 184 52.57 -41.83 -18.30
N ILE A 185 51.92 -42.79 -18.94
CA ILE A 185 51.30 -43.90 -18.23
C ILE A 185 52.32 -44.87 -17.73
N ALA A 186 52.21 -45.29 -16.47
CA ALA A 186 53.15 -46.23 -15.87
C ALA A 186 53.10 -47.57 -16.54
N PHE A 187 54.11 -48.40 -16.33
CA PHE A 187 54.16 -49.65 -17.07
C PHE A 187 52.97 -50.52 -16.82
N GLY A 188 52.55 -50.64 -15.57
CA GLY A 188 51.45 -51.50 -15.25
C GLY A 188 50.17 -51.05 -15.89
N ALA A 189 49.96 -49.74 -15.96
CA ALA A 189 48.71 -49.23 -16.48
C ALA A 189 48.63 -49.09 -17.98
N LEU A 190 49.73 -49.27 -18.68
CA LEU A 190 49.75 -49.10 -20.12
C LEU A 190 48.78 -50.10 -20.71
N PRO A 191 48.06 -49.69 -21.74
CA PRO A 191 47.12 -50.59 -22.38
C PRO A 191 47.84 -51.76 -23.00
N GLU A 192 47.20 -52.93 -23.02
CA GLU A 192 47.85 -54.13 -23.54
C GLU A 192 48.73 -54.00 -24.76
N ASP A 193 48.20 -53.56 -25.90
CA ASP A 193 49.02 -53.56 -27.11
C ASP A 193 50.32 -52.79 -26.92
N ILE A 194 50.34 -51.84 -25.98
CA ILE A 194 51.55 -51.06 -25.78
C ILE A 194 52.57 -51.86 -24.97
N ARG A 195 52.10 -52.70 -24.05
CA ARG A 195 53.01 -53.53 -23.25
C ARG A 195 53.74 -54.55 -24.11
N LYS A 196 53.10 -55.00 -25.20
CA LYS A 196 53.79 -55.86 -26.13
C LYS A 196 54.85 -55.10 -26.93
N ALA A 197 54.70 -53.78 -27.06
CA ALA A 197 55.69 -52.99 -27.78
C ALA A 197 56.84 -52.60 -26.87
N VAL A 198 56.56 -52.35 -25.60
CA VAL A 198 57.63 -51.98 -24.67
C VAL A 198 58.48 -53.20 -24.33
N GLU A 199 57.84 -54.34 -24.06
CA GLU A 199 58.58 -55.60 -23.95
C GLU A 199 59.22 -55.97 -25.28
N GLY A 200 58.55 -55.65 -26.39
CA GLY A 200 59.13 -55.85 -27.70
C GLY A 200 60.34 -54.98 -27.99
N GLN A 201 60.46 -53.84 -27.30
CA GLN A 201 61.68 -53.05 -27.39
C GLN A 201 62.81 -53.76 -26.65
N GLY A 202 62.52 -54.43 -25.54
CA GLY A 202 63.53 -55.14 -24.80
C GLY A 202 63.77 -54.56 -23.42
N GLY A 203 64.28 -55.38 -22.51
CA GLY A 203 64.58 -54.94 -21.17
C GLY A 203 63.37 -54.94 -20.25
N GLU A 204 63.55 -55.42 -19.03
CA GLU A 204 62.44 -55.45 -18.08
C GLU A 204 62.20 -54.06 -17.50
N LYS A 205 60.98 -53.85 -17.02
CA LYS A 205 60.56 -52.58 -16.47
C LYS A 205 59.99 -52.80 -15.08
N LYS A 206 60.09 -51.76 -14.25
CA LYS A 206 59.40 -51.79 -12.97
C LYS A 206 57.89 -51.67 -13.18
N ALA A 207 57.14 -52.06 -12.15
CA ALA A 207 55.68 -52.01 -12.27
C ALA A 207 55.16 -50.58 -12.23
N ASP A 208 55.94 -49.67 -11.66
CA ASP A 208 55.50 -48.29 -11.48
C ASP A 208 56.31 -47.28 -12.28
N GLU A 209 57.26 -47.78 -13.06
CA GLU A 209 58.08 -46.95 -13.92
C GLU A 209 57.15 -46.34 -14.90
N THR A 210 57.37 -45.07 -15.22
CA THR A 210 56.40 -44.32 -15.99
C THR A 210 56.86 -44.15 -17.40
N ILE A 211 55.99 -44.57 -18.31
CA ILE A 211 56.29 -44.63 -19.72
C ILE A 211 55.48 -43.51 -20.37
N ASP A 212 56.10 -42.74 -21.27
CA ASP A 212 55.38 -41.64 -21.86
C ASP A 212 55.19 -41.83 -23.33
N VAL A 213 53.94 -41.68 -23.78
CA VAL A 213 53.50 -42.15 -25.05
C VAL A 213 53.16 -40.96 -25.85
N TYR A 214 53.72 -40.84 -27.04
CA TYR A 214 53.45 -39.66 -27.80
C TYR A 214 52.54 -40.04 -28.92
N THR A 215 51.45 -39.32 -29.05
CA THR A 215 50.65 -39.51 -30.24
C THR A 215 51.05 -38.44 -31.26
N HIS A 216 50.59 -38.62 -32.49
CA HIS A 216 50.95 -37.67 -33.54
C HIS A 216 49.82 -37.68 -34.56
N ILE A 217 49.14 -36.55 -34.70
CA ILE A 217 47.81 -36.49 -35.29
C ILE A 217 47.91 -35.61 -36.54
N TYR A 218 49.01 -35.77 -37.28
CA TYR A 218 49.35 -34.89 -38.39
C TYR A 218 48.35 -34.97 -39.53
N LEU A 219 48.20 -33.88 -40.27
CA LEU A 219 47.29 -33.84 -41.40
C LEU A 219 47.99 -34.48 -42.57
N ASP A 220 47.42 -35.54 -43.10
CA ASP A 220 48.06 -36.22 -44.20
C ASP A 220 48.07 -35.26 -45.35
N GLU A 221 49.18 -35.22 -46.08
CA GLU A 221 49.21 -34.38 -47.25
C GLU A 221 48.17 -34.89 -48.22
N ASP A 222 48.12 -36.20 -48.40
CA ASP A 222 47.12 -36.78 -49.29
C ASP A 222 45.77 -36.93 -48.65
N SER A 223 44.73 -36.38 -49.28
CA SER A 223 43.34 -36.55 -48.83
C SER A 223 42.83 -35.67 -47.70
N GLY A 224 43.70 -34.90 -47.07
CA GLY A 224 43.25 -34.01 -46.02
C GLY A 224 42.48 -34.76 -44.95
N GLU A 225 42.86 -36.00 -44.68
CA GLU A 225 42.21 -36.79 -43.68
C GLU A 225 43.30 -36.93 -42.70
N TYR A 226 43.01 -36.82 -41.42
CA TYR A 226 44.16 -36.86 -40.53
C TYR A 226 44.67 -38.29 -40.41
N LEU A 227 45.96 -38.43 -40.11
CA LEU A 227 46.53 -39.71 -39.71
C LEU A 227 47.01 -39.62 -38.27
N ARG A 228 46.74 -40.62 -37.47
CA ARG A 228 47.24 -40.59 -36.12
C ARG A 228 47.98 -41.86 -35.84
N TYR A 229 49.24 -41.74 -35.47
CA TYR A 229 50.06 -42.86 -35.10
C TYR A 229 50.58 -42.51 -33.75
N GLU A 230 50.55 -43.45 -32.82
CA GLU A 230 51.04 -43.18 -31.48
C GLU A 230 52.12 -44.13 -31.05
N GLU A 231 53.10 -43.59 -30.36
CA GLU A 231 54.49 -44.05 -30.31
C GLU A 231 55.00 -44.12 -28.90
N VAL A 232 55.74 -45.16 -28.58
CA VAL A 232 56.18 -45.42 -27.22
C VAL A 232 57.65 -45.49 -27.31
N GLU A 233 58.34 -44.80 -26.41
CA GLU A 233 59.80 -44.77 -26.40
C GLU A 233 60.30 -44.34 -27.76
N GLY A 234 61.21 -45.08 -28.35
CA GLY A 234 61.62 -44.72 -29.69
C GLY A 234 60.57 -44.79 -30.79
N MET A 235 59.89 -45.92 -30.91
CA MET A 235 58.98 -46.10 -32.06
C MET A 235 57.51 -46.48 -31.91
N GLU A 236 56.78 -46.46 -33.02
CA GLU A 236 55.33 -46.68 -33.00
C GLU A 236 54.75 -48.01 -32.55
N VAL A 237 53.63 -47.96 -31.82
CA VAL A 237 52.97 -49.18 -31.41
C VAL A 237 52.33 -49.84 -32.59
N GLN A 238 52.16 -51.14 -32.56
CA GLN A 238 51.42 -51.79 -33.62
C GLN A 238 49.96 -51.49 -33.36
N GLY A 239 49.23 -51.08 -34.39
CA GLY A 239 47.81 -50.83 -34.24
C GLY A 239 47.45 -49.43 -33.88
N SER A 240 48.44 -48.55 -33.78
CA SER A 240 48.19 -47.17 -33.46
C SER A 240 47.58 -46.46 -34.60
N ASP A 241 47.90 -46.89 -35.81
CA ASP A 241 47.45 -46.13 -36.95
C ASP A 241 45.97 -46.00 -37.01
N GLY A 242 45.51 -44.78 -37.26
CA GLY A 242 44.10 -44.52 -37.35
C GLY A 242 44.02 -43.34 -38.27
N THR A 243 42.87 -43.15 -38.88
CA THR A 243 42.70 -42.00 -39.74
C THR A 243 41.46 -41.27 -39.34
N TYR A 244 41.61 -40.01 -39.00
CA TYR A 244 40.48 -39.25 -38.58
C TYR A 244 40.09 -38.25 -39.68
N PRO A 245 38.82 -38.23 -40.17
CA PRO A 245 38.49 -37.20 -41.14
C PRO A 245 38.72 -35.81 -40.57
N LYS A 246 38.66 -34.83 -41.47
CA LYS A 246 38.97 -33.44 -41.11
C LYS A 246 37.93 -32.86 -40.17
N GLU A 247 36.66 -33.22 -40.36
CA GLU A 247 35.58 -32.63 -39.57
C GLU A 247 35.26 -33.42 -38.32
N ALA A 248 35.74 -34.66 -38.19
CA ALA A 248 35.41 -35.49 -37.04
C ALA A 248 36.69 -36.16 -36.53
N CYS A 249 37.40 -35.47 -35.63
CA CYS A 249 38.55 -36.05 -34.99
C CYS A 249 38.39 -35.97 -33.47
N PRO A 250 38.72 -37.04 -32.74
CA PRO A 250 38.49 -37.04 -31.28
C PRO A 250 39.37 -36.10 -30.50
N TYR A 251 40.40 -35.52 -31.12
CA TYR A 251 41.27 -34.54 -30.49
C TYR A 251 40.90 -33.17 -31.03
N ILE A 252 40.26 -32.35 -30.22
CA ILE A 252 39.95 -31.00 -30.69
C ILE A 252 40.56 -29.99 -29.75
N PRO A 253 41.39 -29.09 -30.24
CA PRO A 253 41.99 -28.08 -29.37
C PRO A 253 41.08 -26.88 -29.16
N ILE A 254 40.83 -26.53 -27.92
CA ILE A 254 40.04 -25.38 -27.70
C ILE A 254 41.00 -24.24 -27.46
N ARG A 255 40.68 -23.04 -27.92
CA ARG A 255 41.50 -21.87 -27.68
C ARG A 255 40.52 -20.77 -27.39
N MET A 256 40.85 -19.87 -26.51
CA MET A 256 39.98 -18.77 -26.23
C MET A 256 40.70 -17.51 -26.63
N VAL A 257 39.96 -16.49 -27.03
CA VAL A 257 40.54 -15.31 -27.64
C VAL A 257 41.46 -15.69 -28.79
N ARG A 258 41.01 -16.52 -29.70
CA ARG A 258 41.89 -16.99 -30.75
C ARG A 258 42.33 -15.81 -31.57
N LEU A 259 43.61 -15.77 -31.87
CA LEU A 259 44.23 -14.65 -32.56
C LEU A 259 44.84 -15.22 -33.81
N ASP A 260 44.75 -14.52 -34.94
CA ASP A 260 45.46 -14.98 -36.14
C ASP A 260 46.97 -14.82 -36.03
N GLY A 261 47.72 -15.74 -36.63
CA GLY A 261 47.27 -17.10 -36.85
C GLY A 261 47.68 -18.02 -35.73
N GLU A 262 48.36 -17.47 -34.75
CA GLU A 262 49.31 -18.20 -33.96
C GLU A 262 48.65 -19.31 -33.18
N SER A 263 49.35 -20.39 -33.00
CA SER A 263 48.76 -21.71 -32.85
C SER A 263 47.85 -21.89 -31.65
N TYR A 264 48.19 -21.26 -30.53
CA TYR A 264 47.41 -21.30 -29.30
C TYR A 264 46.82 -19.92 -29.04
N GLY A 265 45.89 -19.79 -28.11
CA GLY A 265 45.19 -18.54 -27.99
C GLY A 265 45.28 -17.93 -26.62
N ARG A 266 45.49 -16.64 -26.52
CA ARG A 266 45.87 -16.03 -25.27
C ARG A 266 44.71 -16.10 -24.32
N SER A 267 44.95 -16.27 -23.04
CA SER A 267 43.90 -16.55 -22.06
C SER A 267 43.00 -15.38 -21.83
N TYR A 268 41.79 -15.61 -21.39
CA TYR A 268 40.92 -14.52 -21.00
C TYR A 268 41.32 -13.68 -19.82
N ILE A 269 41.89 -14.29 -18.82
CA ILE A 269 42.24 -13.63 -17.60
C ILE A 269 43.60 -13.05 -17.62
N GLU A 270 44.30 -13.15 -18.74
CA GLU A 270 45.45 -12.31 -18.98
C GLU A 270 45.11 -11.19 -19.89
N GLU A 271 43.86 -11.06 -20.28
CA GLU A 271 43.49 -9.67 -20.68
C GLU A 271 43.65 -8.51 -19.66
N TYR A 272 43.21 -8.73 -18.42
CA TYR A 272 43.17 -7.92 -17.23
C TYR A 272 44.25 -8.29 -16.30
N LEU A 273 45.22 -9.05 -16.77
CA LEU A 273 46.31 -9.47 -15.93
C LEU A 273 47.13 -8.35 -15.45
N GLY A 274 47.35 -7.33 -16.26
CA GLY A 274 48.10 -6.21 -15.77
C GLY A 274 47.41 -5.56 -14.61
N ASP A 275 46.11 -5.37 -14.72
CA ASP A 275 45.29 -4.76 -13.72
C ASP A 275 45.18 -5.50 -12.43
N LEU A 276 45.13 -6.82 -12.47
CA LEU A 276 45.17 -7.63 -11.27
C LEU A 276 46.46 -7.45 -10.59
N ARG A 277 47.52 -7.46 -11.36
CA ARG A 277 48.87 -7.36 -10.87
C ARG A 277 49.14 -6.09 -10.17
N SER A 278 48.61 -5.01 -10.66
CA SER A 278 48.43 -3.79 -9.91
C SER A 278 47.52 -3.81 -8.70
N LEU A 279 46.41 -4.52 -8.68
CA LEU A 279 45.61 -4.65 -7.48
C LEU A 279 46.35 -5.36 -6.38
N GLU A 280 47.15 -6.34 -6.71
CA GLU A 280 47.92 -7.04 -5.73
C GLU A 280 48.93 -6.23 -4.98
N ASN A 281 49.61 -5.32 -5.65
CA ASN A 281 50.60 -4.43 -5.08
C ASN A 281 49.99 -3.39 -4.15
N LEU A 282 48.71 -3.07 -4.32
CA LEU A 282 48.04 -2.29 -3.30
C LEU A 282 47.68 -3.15 -2.10
N GLN A 283 47.00 -4.27 -2.33
CA GLN A 283 46.55 -5.14 -1.25
C GLN A 283 47.70 -5.79 -0.50
N GLU A 284 48.89 -5.85 -1.10
CA GLU A 284 50.06 -6.24 -0.33
C GLU A 284 50.45 -5.13 0.64
N ALA A 285 50.23 -3.87 0.27
CA ALA A 285 50.69 -2.78 1.12
C ALA A 285 49.72 -2.48 2.24
N ILE A 286 48.41 -2.59 1.99
CA ILE A 286 47.41 -2.35 3.03
C ILE A 286 47.55 -3.37 4.16
N VAL A 287 47.79 -4.63 3.82
CA VAL A 287 47.95 -5.66 4.84
C VAL A 287 49.24 -5.43 5.63
N LYS A 288 50.32 -5.05 4.95
CA LYS A 288 51.58 -4.80 5.65
C LYS A 288 51.51 -3.53 6.49
N MET A 289 50.67 -2.56 6.11
CA MET A 289 50.46 -1.44 7.01
C MET A 289 49.69 -1.83 8.26
N SER A 290 48.88 -2.88 8.21
CA SER A 290 48.19 -3.34 9.39
C SER A 290 49.08 -4.20 10.28
N MET A 291 50.26 -4.57 9.82
CA MET A 291 51.11 -5.43 10.63
C MET A 291 52.09 -4.60 11.46
N ILE A 292 52.52 -3.45 10.95
CA ILE A 292 53.20 -2.47 11.79
C ILE A 292 52.23 -1.97 12.85
N SER A 293 50.97 -1.78 12.45
CA SER A 293 49.89 -1.48 13.38
C SER A 293 49.73 -2.54 14.45
N SER A 294 49.87 -3.82 14.08
CA SER A 294 49.64 -4.90 15.01
C SER A 294 50.65 -4.96 16.14
N LYS A 295 51.88 -4.52 15.90
CA LYS A 295 52.90 -4.52 16.93
C LYS A 295 52.61 -3.40 17.92
N VAL A 296 52.75 -3.72 19.21
CA VAL A 296 52.35 -2.81 20.28
C VAL A 296 53.60 -2.40 21.03
N ILE A 297 54.19 -1.27 20.67
CA ILE A 297 55.42 -0.81 21.29
C ILE A 297 55.10 0.28 22.29
N GLY A 298 55.58 0.13 23.52
CA GLY A 298 55.37 1.12 24.55
C GLY A 298 56.48 2.13 24.67
N LEU A 299 56.31 3.30 24.08
CA LEU A 299 57.36 4.32 24.09
C LEU A 299 57.32 5.08 25.40
N VAL A 300 58.28 4.82 26.26
CA VAL A 300 58.38 5.57 27.51
C VAL A 300 59.24 6.80 27.30
N ASN A 301 58.70 7.96 27.63
CA ASN A 301 59.43 9.21 27.58
C ASN A 301 60.55 9.16 28.60
N PRO A 302 61.81 9.16 28.18
CA PRO A 302 62.91 8.97 29.13
C PRO A 302 63.27 10.22 29.91
N ALA A 303 62.57 11.33 29.69
CA ALA A 303 62.72 12.51 30.51
C ALA A 303 61.62 12.61 31.55
N GLY A 304 61.01 11.49 31.90
CA GLY A 304 59.86 11.50 32.78
C GLY A 304 60.10 10.81 34.11
N ILE A 305 59.00 10.49 34.78
CA ILE A 305 59.05 9.89 36.09
C ILE A 305 58.67 8.45 36.02
N THR A 306 57.62 8.11 35.28
CA THR A 306 57.13 6.75 35.22
C THR A 306 58.20 5.84 34.85
N GLN A 307 58.34 4.77 35.61
CA GLN A 307 59.33 3.80 35.31
C GLN A 307 58.49 2.64 35.00
N PRO A 308 58.75 1.95 33.87
CA PRO A 308 58.00 0.75 33.61
C PRO A 308 58.17 -0.40 34.54
N ARG A 309 59.08 -0.38 35.47
CA ARG A 309 59.32 -1.51 36.30
C ARG A 309 58.14 -1.66 37.11
N ARG A 310 57.63 -0.56 37.62
CA ARG A 310 56.46 -0.56 38.45
C ARG A 310 55.19 -0.90 37.74
N LEU A 311 55.03 -0.44 36.52
CA LEU A 311 53.85 -0.69 35.72
C LEU A 311 53.71 -2.11 35.34
N THR A 312 54.80 -2.82 35.13
CA THR A 312 54.76 -4.19 34.69
C THR A 312 54.71 -5.20 35.80
N LYS A 313 54.69 -4.79 37.05
CA LYS A 313 54.52 -5.74 38.13
C LYS A 313 53.33 -5.46 38.95
N ALA A 314 52.54 -4.53 38.53
CA ALA A 314 51.36 -4.16 39.27
C ALA A 314 50.28 -5.13 38.99
N GLN A 315 49.34 -5.28 39.91
CA GLN A 315 48.26 -6.15 39.69
C GLN A 315 47.14 -5.46 39.03
N THR A 316 45.93 -5.97 39.15
CA THR A 316 44.84 -5.41 38.40
C THR A 316 44.52 -4.00 38.72
N GLY A 317 44.57 -3.60 39.99
CA GLY A 317 44.16 -2.26 40.36
C GLY A 317 45.12 -1.35 41.08
N ASP A 318 46.40 -1.63 41.03
CA ASP A 318 47.35 -0.89 41.84
C ASP A 318 47.61 0.55 41.65
N PHE A 319 47.92 1.23 42.74
CA PHE A 319 48.31 2.61 42.64
C PHE A 319 49.81 2.61 42.43
N VAL A 320 50.29 3.24 41.39
CA VAL A 320 51.66 3.27 40.92
C VAL A 320 52.08 4.73 40.80
N THR A 321 53.35 5.03 40.98
CA THR A 321 53.87 6.38 40.78
C THR A 321 53.88 6.69 39.29
N GLY A 322 53.59 7.92 38.93
CA GLY A 322 53.92 8.37 37.59
C GLY A 322 52.84 9.22 36.98
N ARG A 323 53.20 9.82 35.85
CA ARG A 323 52.34 10.67 35.03
C ARG A 323 51.85 9.90 33.82
N PRO A 324 50.60 10.10 33.39
CA PRO A 324 50.11 9.35 32.24
C PRO A 324 50.70 9.81 30.92
N GLU A 325 51.21 11.02 30.85
CA GLU A 325 51.73 11.57 29.60
C GLU A 325 53.16 11.14 29.31
N ASP A 326 53.75 10.29 30.15
CA ASP A 326 55.04 9.71 29.81
C ASP A 326 54.88 8.48 28.94
N ILE A 327 53.89 7.65 29.26
CA ILE A 327 53.68 6.40 28.54
C ILE A 327 52.84 6.72 27.31
N SER A 328 53.45 6.72 26.14
CA SER A 328 52.71 6.74 24.90
C SER A 328 53.12 5.55 24.06
N PHE A 329 52.31 5.24 23.06
CA PHE A 329 52.51 4.03 22.28
C PHE A 329 52.84 4.36 20.84
N LEU A 330 53.82 3.76 20.19
CA LEU A 330 54.12 4.19 18.82
C LEU A 330 52.98 3.78 17.96
N GLN A 331 52.38 4.68 17.20
CA GLN A 331 51.34 4.27 16.28
C GLN A 331 51.63 4.71 14.86
N LEU A 332 51.23 3.89 13.88
CA LEU A 332 51.44 4.23 12.47
C LEU A 332 50.71 5.46 12.02
N GLU A 333 51.39 6.33 11.29
CA GLU A 333 50.81 7.59 10.86
C GLU A 333 50.44 7.69 9.40
N LYS A 334 50.36 6.58 8.70
CA LYS A 334 49.90 6.63 7.32
C LYS A 334 48.39 6.58 7.35
N GLN A 335 47.74 7.66 7.77
CA GLN A 335 46.28 7.68 7.89
C GLN A 335 45.72 8.38 6.68
N ALA A 336 45.83 9.72 6.56
CA ALA A 336 45.45 10.28 5.28
C ALA A 336 46.12 9.57 4.11
N ASP A 337 46.87 8.51 4.39
CA ASP A 337 47.50 7.75 3.31
C ASP A 337 46.86 6.39 3.14
N PHE A 338 46.30 5.83 4.20
CA PHE A 338 45.57 4.56 4.09
C PHE A 338 44.32 4.73 3.26
N THR A 339 43.73 5.93 3.23
CA THR A 339 42.54 6.18 2.45
C THR A 339 42.84 6.41 0.97
N VAL A 340 44.06 6.85 0.64
CA VAL A 340 44.44 6.96 -0.76
C VAL A 340 44.55 5.59 -1.39
N ALA A 341 45.31 4.69 -0.74
CA ALA A 341 45.50 3.35 -1.27
C ALA A 341 44.27 2.46 -1.12
N LYS A 342 43.31 2.83 -0.29
CA LYS A 342 42.08 2.06 -0.21
C LYS A 342 41.09 2.45 -1.31
N ALA A 343 40.96 3.75 -1.56
CA ALA A 343 39.98 4.22 -2.54
C ALA A 343 40.40 3.88 -3.97
N VAL A 344 41.70 3.69 -4.19
CA VAL A 344 42.14 3.22 -5.49
C VAL A 344 41.91 1.71 -5.61
N SER A 345 42.20 0.98 -4.54
CA SER A 345 41.97 -0.45 -4.54
C SER A 345 40.49 -0.79 -4.58
N ASP A 346 39.65 0.09 -4.04
CA ASP A 346 38.21 -0.10 -4.22
C ASP A 346 37.74 0.34 -5.59
N ALA A 347 38.56 1.08 -6.33
CA ALA A 347 38.21 1.45 -7.69
C ALA A 347 38.72 0.45 -8.71
N ILE A 348 39.81 -0.25 -8.40
CA ILE A 348 40.32 -1.26 -9.32
C ILE A 348 39.50 -2.53 -9.19
N GLU A 349 39.10 -2.89 -7.97
CA GLU A 349 38.17 -4.00 -7.79
C GLU A 349 36.81 -3.70 -8.39
N ALA A 350 36.43 -2.42 -8.46
CA ALA A 350 35.17 -2.07 -9.07
C ALA A 350 35.22 -2.26 -10.58
N ARG A 351 36.37 -2.03 -11.21
CA ARG A 351 36.45 -2.18 -12.66
C ARG A 351 37.04 -3.51 -13.08
N LEU A 352 37.30 -4.41 -12.13
CA LEU A 352 37.46 -5.81 -12.46
C LEU A 352 36.21 -6.62 -12.20
N SER A 353 35.35 -6.15 -11.29
CA SER A 353 34.11 -6.85 -11.02
C SER A 353 33.08 -6.67 -12.12
N PHE A 354 33.29 -5.76 -13.06
CA PHE A 354 32.45 -5.77 -14.25
C PHE A 354 33.08 -6.60 -15.35
N ALA A 355 34.42 -6.63 -15.38
CA ALA A 355 35.13 -7.45 -16.36
C ALA A 355 34.90 -8.92 -16.12
N PHE A 356 34.73 -9.31 -14.87
CA PHE A 356 34.31 -10.64 -14.50
C PHE A 356 32.81 -10.57 -14.24
N MET A 357 32.14 -11.71 -14.28
CA MET A 357 30.69 -11.68 -14.27
C MET A 357 30.09 -11.70 -12.88
N LEU A 358 30.79 -11.05 -11.96
CA LEU A 358 30.35 -11.00 -10.58
C LEU A 358 29.76 -9.66 -10.32
N ASN A 359 28.59 -9.63 -9.70
CA ASN A 359 28.03 -8.36 -9.32
C ASN A 359 29.02 -7.83 -8.30
N SER A 360 29.32 -6.55 -8.34
CA SER A 360 30.38 -6.02 -7.48
C SER A 360 30.18 -6.17 -5.98
N ALA A 361 31.29 -6.33 -5.24
CA ALA A 361 31.22 -6.50 -3.78
C ALA A 361 30.38 -5.49 -3.01
N VAL A 362 29.52 -5.99 -2.13
CA VAL A 362 28.66 -5.13 -1.31
C VAL A 362 29.48 -4.08 -0.55
N GLN A 363 30.71 -4.39 -0.17
CA GLN A 363 31.56 -3.36 0.44
C GLN A 363 31.67 -2.24 -0.59
N ARG A 364 30.79 -1.23 -0.49
CA ARG A 364 30.71 -0.17 -1.50
C ARG A 364 30.23 1.12 -0.87
N THR A 365 29.83 2.08 -1.71
CA THR A 365 29.41 3.38 -1.20
C THR A 365 28.21 3.28 -0.29
N GLY A 366 28.11 4.19 0.67
CA GLY A 366 27.04 4.10 1.65
C GLY A 366 25.63 4.15 1.14
N GLU A 367 24.74 3.36 1.73
CA GLU A 367 23.34 3.29 1.29
C GLU A 367 23.24 2.91 -0.17
N ARG A 368 22.38 3.62 -0.90
CA ARG A 368 22.50 3.83 -2.35
C ARG A 368 22.01 2.60 -3.14
N VAL A 369 21.61 1.57 -2.42
CA VAL A 369 21.09 0.38 -3.05
C VAL A 369 19.81 0.77 -3.71
N THR A 370 19.54 0.22 -4.88
CA THR A 370 18.36 0.68 -5.58
C THR A 370 17.35 -0.42 -5.96
N ALA A 371 16.58 -0.26 -7.03
CA ALA A 371 15.51 -1.20 -7.31
C ALA A 371 15.83 -2.16 -8.44
N GLU A 372 14.78 -2.85 -8.90
CA GLU A 372 14.92 -3.84 -9.93
C GLU A 372 15.49 -3.15 -11.14
N GLU A 373 15.10 -1.92 -11.43
CA GLU A 373 15.68 -1.14 -12.52
C GLU A 373 17.19 -1.29 -12.55
N ILE A 374 17.91 -0.85 -11.53
CA ILE A 374 19.34 -1.14 -11.39
C ILE A 374 19.69 -2.65 -11.28
N ARG A 375 18.76 -3.49 -10.91
CA ARG A 375 19.13 -4.91 -10.99
C ARG A 375 19.09 -5.25 -12.47
N TYR A 376 18.50 -4.36 -13.26
CA TYR A 376 18.58 -4.56 -14.71
C TYR A 376 19.99 -4.27 -15.22
N VAL A 377 20.79 -3.49 -14.51
CA VAL A 377 22.21 -3.32 -14.89
C VAL A 377 22.93 -4.64 -14.64
N ALA A 378 22.55 -5.35 -13.59
CA ALA A 378 23.09 -6.70 -13.36
C ALA A 378 22.63 -7.57 -14.51
N SER A 379 21.40 -7.34 -14.98
CA SER A 379 20.95 -8.08 -16.15
C SER A 379 21.82 -7.76 -17.36
N GLU A 380 22.19 -6.49 -17.54
CA GLU A 380 23.07 -6.07 -18.62
C GLU A 380 24.43 -6.73 -18.47
N LEU A 381 24.80 -7.34 -17.35
CA LEU A 381 26.08 -8.09 -17.33
C LEU A 381 26.08 -9.29 -18.33
N GLU A 382 24.89 -9.66 -18.81
CA GLU A 382 24.79 -10.77 -19.77
C GLU A 382 25.51 -10.53 -21.09
N ASP A 383 25.53 -9.31 -21.58
CA ASP A 383 26.26 -8.98 -22.82
C ASP A 383 27.74 -9.20 -22.69
N THR A 384 28.24 -8.80 -21.53
CA THR A 384 29.63 -9.01 -21.25
C THR A 384 29.86 -10.51 -21.19
N LEU A 385 28.93 -11.25 -20.60
CA LEU A 385 29.07 -12.71 -20.57
C LEU A 385 29.11 -13.27 -21.97
N GLY A 386 28.29 -12.70 -22.85
CA GLY A 386 28.15 -13.22 -24.21
C GLY A 386 29.30 -13.15 -25.18
N GLY A 387 30.11 -12.11 -25.10
CA GLY A 387 31.20 -11.96 -26.02
C GLY A 387 32.21 -13.06 -25.91
N VAL A 388 32.48 -13.50 -24.69
CA VAL A 388 33.50 -14.52 -24.47
C VAL A 388 33.09 -15.93 -24.83
N TYR A 389 31.79 -16.21 -24.78
CA TYR A 389 31.34 -17.55 -25.05
C TYR A 389 31.05 -17.81 -26.51
N SER A 390 31.05 -16.77 -27.32
CA SER A 390 30.68 -16.94 -28.72
C SER A 390 31.66 -17.82 -29.47
N ILE A 391 32.95 -17.62 -29.29
CA ILE A 391 33.99 -18.38 -29.99
C ILE A 391 34.07 -19.71 -29.37
N LEU A 392 33.80 -19.73 -28.08
CA LEU A 392 33.91 -20.97 -27.38
C LEU A 392 32.96 -21.86 -28.08
N SER A 393 31.82 -21.39 -28.56
CA SER A 393 30.92 -22.36 -29.16
C SER A 393 31.47 -23.08 -30.37
N GLN A 394 32.00 -22.37 -31.34
CA GLN A 394 32.51 -23.02 -32.50
C GLN A 394 33.64 -23.92 -32.12
N GLU A 395 34.50 -23.47 -31.22
CA GLU A 395 35.64 -24.25 -30.83
C GLU A 395 35.35 -25.50 -30.05
N LEU A 396 34.38 -25.48 -29.14
CA LEU A 396 34.18 -26.62 -28.24
C LEU A 396 32.85 -27.25 -28.38
N GLN A 397 31.83 -26.39 -28.29
CA GLN A 397 30.50 -26.93 -28.43
C GLN A 397 30.24 -27.73 -29.64
N LEU A 398 30.76 -27.31 -30.78
CA LEU A 398 30.35 -28.02 -31.96
C LEU A 398 31.24 -29.21 -32.13
N PRO A 399 32.57 -29.01 -32.15
CA PRO A 399 33.27 -30.26 -32.25
C PRO A 399 32.85 -31.39 -31.34
N LEU A 400 32.53 -31.17 -30.09
CA LEU A 400 32.19 -32.27 -29.24
C LEU A 400 30.98 -32.92 -29.83
N VAL A 401 29.99 -32.15 -30.23
CA VAL A 401 28.75 -32.74 -30.73
C VAL A 401 29.00 -33.56 -31.99
N ARG A 402 29.81 -33.06 -32.91
CA ARG A 402 30.09 -33.80 -34.11
C ARG A 402 30.80 -35.10 -33.80
N VAL A 403 31.79 -35.06 -32.93
CA VAL A 403 32.51 -36.27 -32.66
C VAL A 403 31.55 -37.25 -32.02
N LEU A 404 30.70 -36.80 -31.12
CA LEU A 404 29.84 -37.73 -30.44
C LEU A 404 28.93 -38.37 -31.44
N LEU A 405 28.44 -37.60 -32.40
CA LEU A 405 27.51 -38.15 -33.34
C LEU A 405 28.15 -39.21 -34.22
N LYS A 406 29.36 -38.99 -34.73
CA LYS A 406 30.01 -40.07 -35.47
C LYS A 406 30.25 -41.28 -34.59
N GLN A 407 30.74 -41.09 -33.36
CA GLN A 407 31.10 -42.20 -32.51
C GLN A 407 29.90 -43.01 -32.04
N LEU A 408 28.73 -42.39 -31.94
CA LEU A 408 27.55 -43.15 -31.58
C LEU A 408 26.95 -43.92 -32.74
N GLN A 409 27.27 -43.53 -33.98
CA GLN A 409 26.86 -44.33 -35.13
C GLN A 409 27.64 -45.64 -35.20
N ALA A 410 28.94 -45.58 -34.88
CA ALA A 410 29.79 -46.76 -35.00
C ALA A 410 29.51 -47.79 -33.91
N THR A 411 29.07 -47.36 -32.74
CA THR A 411 28.72 -48.28 -31.66
C THR A 411 27.25 -48.61 -31.63
N GLN A 412 26.48 -48.09 -32.60
CA GLN A 412 25.06 -48.39 -32.80
C GLN A 412 24.19 -47.99 -31.62
N GLN A 413 24.65 -47.01 -30.83
CA GLN A 413 23.82 -46.42 -29.79
C GLN A 413 22.93 -45.31 -30.32
N ILE A 414 23.05 -45.00 -31.60
CA ILE A 414 22.23 -43.96 -32.24
C ILE A 414 21.80 -44.45 -33.59
N PRO A 415 20.61 -44.03 -34.04
CA PRO A 415 20.22 -44.38 -35.41
C PRO A 415 21.01 -43.58 -36.41
N GLU A 416 21.32 -44.21 -37.54
CA GLU A 416 22.13 -43.59 -38.58
C GLU A 416 21.30 -42.50 -39.26
N LEU A 417 21.54 -41.26 -38.85
CA LEU A 417 20.78 -40.14 -39.37
C LEU A 417 21.21 -39.85 -40.82
N PRO A 418 20.25 -39.61 -41.72
CA PRO A 418 20.50 -39.79 -43.16
C PRO A 418 21.16 -38.59 -43.84
N LYS A 419 22.39 -38.29 -43.42
CA LYS A 419 23.39 -37.50 -44.15
C LYS A 419 23.00 -36.03 -44.37
N GLU A 420 21.86 -35.58 -43.86
CA GLU A 420 21.35 -34.26 -44.18
C GLU A 420 20.98 -33.41 -42.97
N ALA A 421 21.16 -33.92 -41.75
CA ALA A 421 20.82 -33.15 -40.56
C ALA A 421 22.08 -32.56 -39.96
N VAL A 422 22.02 -31.28 -39.61
CA VAL A 422 23.13 -30.53 -39.04
C VAL A 422 22.66 -29.87 -37.76
N GLU A 423 23.62 -29.40 -36.98
CA GLU A 423 23.29 -28.91 -35.67
C GLU A 423 23.69 -27.54 -35.25
N PRO A 424 22.73 -26.78 -34.76
CA PRO A 424 23.07 -25.49 -34.22
C PRO A 424 23.09 -25.62 -32.72
N THR A 425 24.12 -25.11 -32.09
CA THR A 425 24.14 -25.12 -30.64
C THR A 425 23.38 -23.92 -30.13
N ILE A 426 22.05 -23.99 -30.20
CA ILE A 426 21.22 -22.88 -29.77
C ILE A 426 21.07 -22.87 -28.27
N SER A 427 21.09 -21.68 -27.67
CA SER A 427 21.03 -21.59 -26.22
C SER A 427 19.59 -21.48 -25.73
N GLY A 434 18.74 -25.39 -28.15
CA GLY A 434 17.72 -25.33 -27.12
C GLY A 434 16.49 -24.57 -27.59
N ARG A 435 15.48 -25.31 -28.03
CA ARG A 435 14.24 -24.73 -28.51
C ARG A 435 13.24 -24.66 -27.34
N GLY A 436 12.79 -23.46 -27.01
CA GLY A 436 13.33 -22.22 -27.53
C GLY A 436 12.45 -21.55 -28.56
N GLN A 437 12.98 -21.44 -29.79
CA GLN A 437 12.21 -20.79 -30.85
C GLN A 437 11.03 -21.64 -31.28
N ASP A 438 11.13 -22.96 -31.17
CA ASP A 438 9.98 -23.79 -31.49
C ASP A 438 8.91 -23.71 -30.41
N LEU A 439 9.31 -23.39 -29.17
CA LEU A 439 8.31 -23.35 -28.11
C LEU A 439 7.63 -21.99 -28.04
N ASP A 440 8.42 -20.92 -28.06
CA ASP A 440 7.87 -19.58 -27.86
C ASP A 440 7.01 -19.13 -29.03
N LYS A 441 7.41 -19.49 -30.25
CA LYS A 441 6.61 -19.17 -31.41
C LYS A 441 5.34 -20.02 -31.49
N LEU A 442 5.29 -21.18 -30.90
CA LEU A 442 4.00 -21.81 -30.78
C LEU A 442 3.14 -21.07 -29.87
N GLU A 443 3.69 -20.68 -28.74
CA GLU A 443 2.88 -20.09 -27.69
C GLU A 443 2.31 -18.73 -27.94
N ARG A 444 3.08 -17.84 -28.53
CA ARG A 444 2.56 -16.52 -28.80
C ARG A 444 1.41 -16.62 -29.75
N CYS A 445 1.59 -17.39 -30.79
CA CYS A 445 0.51 -17.58 -31.70
C CYS A 445 -0.65 -18.29 -31.06
N VAL A 446 -0.43 -19.22 -30.14
CA VAL A 446 -1.59 -19.85 -29.48
C VAL A 446 -2.44 -18.85 -28.74
N THR A 447 -1.81 -17.92 -28.06
CA THR A 447 -2.57 -16.90 -27.37
C THR A 447 -3.33 -16.09 -28.36
N ALA A 448 -2.74 -15.79 -29.48
CA ALA A 448 -3.39 -14.99 -30.50
C ALA A 448 -4.60 -15.70 -31.06
N TRP A 449 -4.48 -16.98 -31.32
CA TRP A 449 -5.61 -17.76 -31.80
C TRP A 449 -6.67 -17.77 -30.73
N ALA A 450 -6.26 -17.81 -29.48
CA ALA A 450 -7.18 -17.82 -28.37
C ALA A 450 -8.00 -16.57 -28.29
N ALA A 451 -7.41 -15.44 -28.58
CA ALA A 451 -8.14 -14.18 -28.56
C ALA A 451 -9.24 -14.13 -29.59
N LEU A 452 -9.16 -14.96 -30.62
CA LEU A 452 -10.14 -14.99 -31.68
C LEU A 452 -11.28 -15.87 -31.26
N ALA A 453 -11.25 -16.38 -30.04
CA ALA A 453 -12.36 -17.18 -29.51
C ALA A 453 -13.71 -16.49 -29.33
N PRO A 454 -13.73 -15.23 -28.89
CA PRO A 454 -15.04 -14.57 -28.85
C PRO A 454 -15.69 -14.49 -30.19
N MET A 455 -14.94 -14.22 -31.23
CA MET A 455 -15.48 -14.04 -32.55
C MET A 455 -15.71 -15.34 -33.25
N ARG A 456 -15.43 -16.43 -32.58
CA ARG A 456 -15.53 -17.72 -33.22
C ARG A 456 -16.83 -17.83 -33.96
N ASP A 457 -17.85 -17.17 -33.45
CA ASP A 457 -19.16 -17.31 -34.06
C ASP A 457 -19.52 -16.17 -35.01
N ASP A 458 -18.63 -15.20 -35.19
CA ASP A 458 -18.95 -14.04 -36.03
C ASP A 458 -19.24 -14.39 -37.47
N PRO A 459 -20.31 -13.82 -38.03
CA PRO A 459 -20.71 -14.12 -39.40
C PRO A 459 -19.77 -13.70 -40.50
N ASP A 460 -19.14 -12.53 -40.38
CA ASP A 460 -18.30 -12.03 -41.48
C ASP A 460 -16.82 -12.28 -41.42
N ILE A 461 -16.24 -12.43 -40.24
CA ILE A 461 -14.79 -12.54 -40.16
C ILE A 461 -14.37 -13.93 -40.62
N ASN A 462 -13.42 -13.99 -41.54
CA ASN A 462 -12.91 -15.25 -42.03
C ASN A 462 -11.91 -15.77 -41.00
N LEU A 463 -12.43 -16.47 -39.99
CA LEU A 463 -11.59 -17.05 -38.96
C LEU A 463 -10.73 -18.18 -39.51
N ALA A 464 -11.12 -18.77 -40.64
CA ALA A 464 -10.27 -19.74 -41.31
C ALA A 464 -9.02 -19.12 -41.90
N MET A 465 -9.01 -17.81 -42.09
CA MET A 465 -7.89 -17.11 -42.71
C MET A 465 -7.03 -16.38 -41.70
N ILE A 466 -7.65 -15.83 -40.66
CA ILE A 466 -6.94 -15.09 -39.64
C ILE A 466 -6.00 -16.01 -38.86
N LYS A 467 -6.44 -17.24 -38.61
CA LYS A 467 -5.59 -18.24 -37.99
C LYS A 467 -4.43 -18.64 -38.89
N LEU A 468 -4.54 -18.40 -40.18
CA LEU A 468 -3.40 -18.68 -41.04
C LEU A 468 -2.48 -17.48 -40.98
N ARG A 469 -3.01 -16.27 -41.02
CA ARG A 469 -2.16 -15.08 -41.05
C ARG A 469 -1.33 -14.87 -39.79
N ILE A 470 -1.92 -15.12 -38.64
CA ILE A 470 -1.20 -14.96 -37.40
C ILE A 470 -0.06 -15.97 -37.40
N ALA A 471 -0.32 -17.15 -37.94
CA ALA A 471 0.72 -18.16 -38.04
C ALA A 471 1.80 -17.70 -38.95
N ASN A 472 1.45 -17.16 -40.08
CA ASN A 472 2.46 -16.79 -41.03
C ASN A 472 3.31 -15.79 -40.29
N ALA A 473 2.68 -14.88 -39.56
CA ALA A 473 3.40 -13.79 -38.91
C ALA A 473 4.33 -14.18 -37.78
N ILE A 474 3.89 -15.07 -36.91
CA ILE A 474 4.78 -15.53 -35.87
C ILE A 474 5.91 -16.21 -36.60
N GLY A 475 5.59 -16.89 -37.68
CA GLY A 475 6.61 -17.60 -38.41
C GLY A 475 6.60 -19.10 -38.25
N ILE A 476 5.53 -19.65 -37.70
CA ILE A 476 5.43 -21.08 -37.60
C ILE A 476 5.26 -21.72 -38.97
N ASP A 477 5.54 -23.01 -39.10
CA ASP A 477 5.54 -23.68 -40.40
C ASP A 477 4.23 -23.94 -41.11
N THR A 478 3.12 -23.55 -40.49
CA THR A 478 1.83 -23.85 -41.07
C THR A 478 1.89 -25.31 -41.45
N SER A 479 1.57 -25.65 -42.66
CA SER A 479 1.68 -27.03 -43.16
C SER A 479 0.70 -28.08 -42.67
N GLY A 480 0.70 -28.41 -41.39
CA GLY A 480 -0.27 -29.35 -40.88
C GLY A 480 -1.20 -28.69 -39.94
N ILE A 481 -0.97 -27.40 -39.69
CA ILE A 481 -1.76 -26.67 -38.74
C ILE A 481 -3.21 -26.58 -39.13
N LEU A 482 -3.51 -26.39 -40.40
CA LEU A 482 -4.91 -26.25 -40.71
C LEU A 482 -5.50 -27.55 -41.15
N LEU A 483 -6.64 -27.90 -40.58
CA LEU A 483 -7.29 -29.13 -40.95
C LEU A 483 -7.69 -29.00 -42.39
N THR A 484 -7.38 -30.01 -43.19
CA THR A 484 -7.71 -29.99 -44.60
C THR A 484 -9.12 -30.42 -44.81
N GLU A 485 -9.61 -30.29 -46.03
CA GLU A 485 -10.99 -30.61 -46.29
C GLU A 485 -11.28 -32.05 -45.99
N GLU A 486 -10.37 -32.95 -46.28
CA GLU A 486 -10.63 -34.32 -45.89
C GLU A 486 -10.72 -34.50 -44.39
N GLN A 487 -9.84 -33.85 -43.65
CA GLN A 487 -9.85 -33.95 -42.19
C GLN A 487 -11.11 -33.39 -41.59
N LYS A 488 -11.58 -32.28 -42.14
CA LYS A 488 -12.74 -31.65 -41.57
C LYS A 488 -13.96 -32.53 -41.65
N GLN A 489 -14.14 -33.20 -42.77
CA GLN A 489 -15.27 -34.08 -42.90
C GLN A 489 -15.18 -35.19 -41.89
N GLN A 490 -13.99 -35.74 -41.73
CA GLN A 490 -13.84 -36.88 -40.83
C GLN A 490 -14.38 -36.51 -39.49
N LYS A 491 -13.92 -35.40 -38.96
CA LYS A 491 -14.36 -35.02 -37.60
C LYS A 491 -15.87 -34.86 -37.48
N MET A 492 -16.52 -34.31 -38.50
CA MET A 492 -17.97 -34.26 -38.38
C MET A 492 -18.47 -35.67 -38.26
N ALA A 493 -17.90 -36.55 -39.05
CA ALA A 493 -18.36 -37.90 -39.03
C ALA A 493 -18.12 -38.56 -37.70
N GLN A 494 -16.99 -38.32 -37.06
CA GLN A 494 -16.73 -38.87 -35.76
C GLN A 494 -17.70 -38.36 -34.74
N GLN A 495 -18.04 -37.07 -34.78
CA GLN A 495 -19.04 -36.63 -33.81
C GLN A 495 -20.37 -37.34 -34.07
N SER A 496 -20.71 -37.50 -35.34
CA SER A 496 -21.95 -38.15 -35.64
C SER A 496 -21.95 -39.55 -35.11
N MET A 497 -20.85 -40.26 -35.27
CA MET A 497 -20.74 -41.64 -34.85
C MET A 497 -20.84 -41.73 -33.37
N GLN A 498 -20.24 -40.80 -32.66
CA GLN A 498 -20.29 -40.82 -31.22
C GLN A 498 -21.69 -40.66 -30.77
N MET A 499 -22.43 -39.78 -31.42
CA MET A 499 -23.82 -39.73 -31.03
C MET A 499 -24.49 -41.03 -31.46
N GLY A 500 -24.03 -41.59 -32.56
CA GLY A 500 -24.62 -42.84 -33.04
C GLY A 500 -24.34 -44.00 -32.12
N MET A 501 -23.10 -44.13 -31.65
CA MET A 501 -22.78 -45.20 -30.71
C MET A 501 -23.39 -44.93 -29.35
N ASP A 502 -23.54 -43.66 -28.96
CA ASP A 502 -24.08 -43.36 -27.63
C ASP A 502 -25.58 -43.60 -27.58
N ASN A 503 -26.33 -43.03 -28.52
CA ASN A 503 -27.78 -43.22 -28.54
C ASN A 503 -28.14 -44.64 -28.93
N GLY A 504 -27.32 -45.29 -29.75
CA GLY A 504 -27.56 -46.66 -30.15
C GLY A 504 -27.41 -47.63 -29.00
N ALA A 505 -26.31 -47.51 -28.24
CA ALA A 505 -26.09 -48.40 -27.11
C ALA A 505 -27.06 -48.10 -25.96
N ALA A 506 -27.59 -46.88 -25.89
CA ALA A 506 -28.63 -46.60 -24.91
C ALA A 506 -30.01 -47.03 -25.40
N ALA A 507 -30.15 -47.29 -26.70
CA ALA A 507 -31.45 -47.68 -27.23
C ALA A 507 -31.74 -49.15 -26.96
N LEU A 508 -30.86 -50.03 -27.43
CA LEU A 508 -31.13 -51.47 -27.32
C LEU A 508 -30.99 -51.95 -25.89
N ALA A 509 -30.18 -51.28 -25.08
CA ALA A 509 -30.09 -51.66 -23.68
C ALA A 509 -31.36 -51.30 -22.93
N GLN A 510 -32.00 -50.20 -23.30
CA GLN A 510 -33.35 -49.95 -22.86
C GLN A 510 -34.33 -50.81 -23.65
N GLY A 511 -33.97 -51.15 -24.88
CA GLY A 511 -34.84 -51.94 -25.74
C GLY A 511 -34.91 -53.40 -25.38
N MET A 512 -33.76 -54.03 -25.12
CA MET A 512 -33.76 -55.45 -24.78
C MET A 512 -34.30 -55.66 -23.37
N ALA A 513 -33.74 -54.96 -22.40
CA ALA A 513 -34.03 -55.20 -20.99
C ALA A 513 -35.46 -54.83 -20.58
N ALA A 514 -36.17 -54.04 -21.38
CA ALA A 514 -37.57 -53.80 -21.08
C ALA A 514 -38.41 -55.01 -21.44
N GLN A 515 -38.19 -55.59 -22.60
CA GLN A 515 -38.95 -56.75 -23.05
C GLN A 515 -38.33 -58.07 -22.61
N ALA A 516 -37.17 -58.06 -22.00
CA ALA A 516 -36.64 -59.32 -21.48
C ALA A 516 -37.31 -59.52 -20.15
N THR A 517 -37.15 -58.56 -19.25
CA THR A 517 -37.78 -58.66 -17.93
C THR A 517 -39.30 -58.49 -17.97
N ALA A 518 -39.88 -58.19 -19.12
CA ALA A 518 -41.35 -58.11 -19.20
C ALA A 518 -41.93 -59.50 -19.08
N SER A 519 -42.90 -59.70 -18.18
CA SER A 519 -43.57 -61.01 -17.94
C SER A 519 -42.75 -61.83 -16.96
N PRO A 520 -43.41 -62.50 -16.01
CA PRO A 520 -42.62 -63.22 -15.00
C PRO A 520 -41.79 -64.40 -15.51
N GLU A 521 -42.37 -65.22 -16.38
CA GLU A 521 -41.64 -66.34 -16.95
C GLU A 521 -40.52 -65.95 -17.88
N ALA A 522 -40.75 -64.96 -18.74
CA ALA A 522 -39.74 -64.55 -19.70
C ALA A 522 -38.58 -64.08 -18.89
N MET A 523 -38.87 -63.62 -17.71
CA MET A 523 -37.85 -63.15 -16.78
C MET A 523 -37.00 -64.30 -16.28
N ALA A 524 -37.64 -65.45 -16.00
CA ALA A 524 -36.87 -66.62 -15.58
C ALA A 524 -36.07 -67.18 -16.75
N ALA A 525 -36.57 -67.03 -17.98
CA ALA A 525 -35.82 -67.49 -19.14
C ALA A 525 -34.65 -66.57 -19.43
N ALA A 526 -34.76 -65.29 -19.10
CA ALA A 526 -33.68 -64.36 -19.38
C ALA A 526 -32.52 -64.55 -18.41
N ALA A 527 -32.83 -64.97 -17.17
CA ALA A 527 -31.77 -65.16 -16.19
C ALA A 527 -30.98 -66.42 -16.46
N ASP A 528 -31.57 -67.38 -17.18
CA ASP A 528 -30.88 -68.62 -17.47
C ASP A 528 -29.84 -68.45 -18.57
N SER A 529 -30.01 -67.41 -19.39
CA SER A 529 -29.07 -67.17 -20.49
C SER A 529 -27.74 -66.66 -19.96
N VAL A 530 -27.77 -65.93 -18.84
CA VAL A 530 -26.55 -65.47 -18.18
C VAL A 530 -25.96 -66.66 -17.42
N GLY A 531 -26.86 -67.40 -16.76
CA GLY A 531 -26.44 -68.52 -15.92
C GLY A 531 -27.11 -68.54 -14.55
N LEU A 532 -27.89 -67.52 -14.20
CA LEU A 532 -28.50 -67.42 -12.87
C LEU A 532 -29.78 -68.23 -12.58
N GLN A 533 -30.06 -68.48 -11.31
CA GLN A 533 -31.26 -69.23 -10.90
C GLN A 533 -32.57 -68.42 -10.88
N PRO A 534 -33.72 -69.10 -10.99
CA PRO A 534 -35.02 -68.41 -11.00
C PRO A 534 -35.42 -67.61 -9.75
N GLY A 535 -35.21 -68.14 -8.56
CA GLY A 535 -35.50 -67.39 -7.34
C GLY A 535 -34.46 -66.29 -7.19
N ILE A 536 -34.84 -65.15 -6.63
CA ILE A 536 -33.89 -64.06 -6.41
C ILE A 536 -33.30 -64.09 -5.00
N THR B 6 52.48 -66.85 -1.85
CA THR B 6 53.06 -66.52 -3.14
C THR B 6 53.70 -65.15 -3.11
N GLY B 7 54.67 -64.91 -3.98
CA GLY B 7 55.33 -63.63 -4.02
C GLY B 7 54.36 -62.53 -4.35
N LEU B 8 53.47 -62.77 -5.31
CA LEU B 8 52.44 -61.80 -5.66
C LEU B 8 52.97 -60.58 -6.41
N ALA B 9 54.19 -60.66 -6.95
CA ALA B 9 54.80 -59.56 -7.72
C ALA B 9 54.92 -58.25 -6.95
N GLU B 10 55.17 -58.32 -5.63
CA GLU B 10 55.29 -57.12 -4.77
C GLU B 10 56.23 -57.44 -3.59
N ASP B 11 56.82 -56.43 -2.99
CA ASP B 11 57.69 -56.65 -1.83
C ASP B 11 56.94 -57.19 -0.62
N GLY B 12 55.76 -56.64 -0.37
CA GLY B 12 55.12 -56.72 0.93
C GLY B 12 54.35 -55.45 1.25
N ALA B 13 53.14 -55.56 1.77
CA ALA B 13 52.32 -54.37 2.05
C ALA B 13 52.88 -53.45 3.11
N LYS B 14 53.52 -53.98 4.12
CA LYS B 14 54.15 -53.13 5.09
C LYS B 14 55.13 -52.22 4.43
N SER B 15 56.00 -52.78 3.61
CA SER B 15 57.01 -51.98 2.96
C SER B 15 56.44 -50.98 1.99
N VAL B 16 55.43 -51.36 1.22
CA VAL B 16 54.84 -50.43 0.29
C VAL B 16 54.31 -49.28 1.09
N TYR B 17 53.75 -49.57 2.24
CA TYR B 17 53.28 -48.50 3.10
C TYR B 17 54.43 -47.64 3.60
N GLU B 18 55.59 -48.24 3.86
CA GLU B 18 56.68 -47.48 4.45
C GLU B 18 57.48 -46.71 3.42
N ARG B 19 57.59 -47.20 2.19
CA ARG B 19 58.26 -46.42 1.14
C ARG B 19 57.46 -45.19 0.79
N LEU B 20 56.14 -45.30 0.78
CA LEU B 20 55.28 -44.23 0.33
C LEU B 20 54.69 -43.44 1.47
N LYS B 21 55.02 -43.77 2.72
CA LYS B 21 54.67 -42.89 3.82
C LYS B 21 55.46 -41.59 3.74
N ASN B 22 56.64 -41.63 3.12
CA ASN B 22 57.43 -40.43 2.86
C ASN B 22 56.90 -39.60 1.70
N ASP B 23 55.69 -39.89 1.20
CA ASP B 23 55.02 -39.06 0.22
C ASP B 23 53.77 -38.40 0.80
N ARG B 24 53.24 -38.94 1.90
CA ARG B 24 52.13 -38.25 2.56
C ARG B 24 52.62 -37.01 3.29
N ALA B 25 53.82 -37.09 3.85
CA ALA B 25 54.45 -36.06 4.67
C ALA B 25 54.48 -34.65 4.06
N PRO B 26 54.51 -34.47 2.73
CA PRO B 26 54.13 -33.15 2.22
C PRO B 26 52.68 -32.80 2.49
N TYR B 27 51.74 -33.65 2.10
CA TYR B 27 50.32 -33.34 2.27
C TYR B 27 49.90 -33.37 3.72
N GLU B 28 50.48 -34.26 4.51
CA GLU B 28 50.10 -34.39 5.91
C GLU B 28 50.52 -33.17 6.72
N THR B 29 51.73 -32.65 6.49
CA THR B 29 52.14 -31.44 7.20
C THR B 29 51.51 -30.18 6.63
N ARG B 30 50.90 -30.26 5.44
CA ARG B 30 50.02 -29.17 5.02
C ARG B 30 48.74 -29.18 5.82
N ALA B 31 48.12 -30.35 5.95
CA ALA B 31 46.82 -30.44 6.61
C ALA B 31 46.91 -30.17 8.11
N GLN B 32 48.04 -30.53 8.73
CA GLN B 32 48.25 -30.19 10.13
C GLN B 32 48.38 -28.68 10.30
N ASN B 33 48.98 -28.00 9.33
CA ASN B 33 48.94 -26.55 9.32
C ASN B 33 47.56 -26.05 8.94
N CYS B 34 46.91 -26.71 7.99
CA CYS B 34 45.67 -26.19 7.44
C CYS B 34 44.49 -26.40 8.36
N ALA B 35 44.54 -27.40 9.25
CA ALA B 35 43.51 -27.55 10.26
C ALA B 35 43.80 -26.71 11.49
N GLN B 36 45.04 -26.25 11.65
CA GLN B 36 45.39 -25.43 12.81
C GLN B 36 44.70 -24.09 12.79
N TYR B 37 44.40 -23.57 11.60
CA TYR B 37 43.80 -22.26 11.48
C TYR B 37 42.28 -22.29 11.46
N THR B 38 41.68 -23.41 11.05
CA THR B 38 40.23 -23.47 10.96
C THR B 38 39.61 -24.11 12.18
N ILE B 39 39.90 -25.39 12.40
CA ILE B 39 39.40 -26.13 13.56
C ILE B 39 40.38 -27.25 13.89
N PRO B 40 41.12 -27.14 15.00
CA PRO B 40 42.23 -28.07 15.24
C PRO B 40 41.78 -29.47 15.61
N SER B 41 40.51 -29.68 15.96
CA SER B 41 40.05 -31.01 16.31
C SER B 41 39.78 -31.88 15.10
N LEU B 42 39.87 -31.33 13.90
CA LEU B 42 39.42 -32.03 12.72
C LEU B 42 40.50 -32.93 12.15
N PHE B 43 41.74 -32.44 12.07
CA PHE B 43 42.88 -33.23 11.57
C PHE B 43 43.99 -33.20 12.59
N PRO B 44 44.08 -34.27 13.43
CA PRO B 44 45.08 -34.15 14.47
C PRO B 44 46.43 -34.61 14.01
N LYS B 45 47.47 -34.09 14.64
CA LYS B 45 48.78 -34.56 14.32
C LYS B 45 48.86 -35.99 14.86
N ASP B 46 49.67 -36.83 14.24
CA ASP B 46 49.76 -38.23 14.66
C ASP B 46 50.27 -38.35 16.08
N SER B 47 51.17 -37.47 16.46
CA SER B 47 51.65 -37.46 17.83
C SER B 47 50.53 -37.21 18.81
N ASP B 48 49.61 -36.32 18.49
CA ASP B 48 48.51 -35.96 19.38
C ASP B 48 47.74 -37.12 19.94
N ASN B 49 47.38 -37.04 21.22
CA ASN B 49 46.70 -38.12 21.87
C ASN B 49 45.56 -37.59 22.71
N ALA B 50 45.14 -38.37 23.69
CA ALA B 50 44.06 -37.96 24.54
C ALA B 50 44.42 -36.70 25.27
N SER B 51 45.68 -36.54 25.67
CA SER B 51 46.13 -35.34 26.37
C SER B 51 46.12 -34.03 25.61
N THR B 52 46.43 -34.04 24.32
CA THR B 52 46.54 -32.80 23.54
C THR B 52 45.34 -31.89 23.59
N ASP B 53 45.56 -30.66 23.97
CA ASP B 53 44.46 -29.73 23.98
C ASP B 53 44.55 -28.86 22.76
N TYR B 54 43.46 -28.76 22.03
CA TYR B 54 43.49 -28.02 20.80
C TYR B 54 43.10 -26.57 21.03
N GLN B 55 44.07 -25.69 21.08
CA GLN B 55 43.82 -24.27 21.27
C GLN B 55 43.02 -23.72 20.11
N THR B 56 41.97 -22.99 20.43
CA THR B 56 41.15 -22.39 19.40
C THR B 56 41.95 -21.29 18.71
N PRO B 57 41.80 -21.13 17.41
CA PRO B 57 42.47 -20.03 16.73
C PRO B 57 41.88 -18.70 17.17
N TRP B 58 42.71 -17.66 17.07
CA TRP B 58 42.28 -16.33 17.49
C TRP B 58 41.15 -15.80 16.62
N GLN B 59 41.14 -16.17 15.36
CA GLN B 59 40.02 -15.90 14.47
C GLN B 59 39.08 -17.09 14.46
N ALA B 60 37.80 -16.81 14.27
CA ALA B 60 36.79 -17.87 14.16
C ALA B 60 36.04 -17.78 12.84
N VAL B 61 36.75 -17.48 11.76
CA VAL B 61 36.15 -17.56 10.44
C VAL B 61 36.38 -18.94 9.83
N GLY B 62 37.56 -19.51 10.04
CA GLY B 62 37.83 -20.85 9.54
C GLY B 62 36.96 -21.90 10.19
N ALA B 63 36.70 -21.75 11.49
CA ALA B 63 35.74 -22.64 12.14
C ALA B 63 34.33 -22.38 11.65
N ARG B 64 34.01 -21.13 11.32
CA ARG B 64 32.72 -20.81 10.74
C ARG B 64 32.62 -21.27 9.29
N GLY B 65 33.58 -20.89 8.47
CA GLY B 65 33.50 -21.14 7.05
C GLY B 65 33.81 -22.54 6.59
N LEU B 66 33.97 -23.48 7.52
CA LEU B 66 34.14 -24.88 7.17
C LEU B 66 32.85 -25.68 7.35
N ASN B 67 32.24 -25.56 8.53
CA ASN B 67 30.93 -26.16 8.75
C ASN B 67 29.89 -25.56 7.84
N ASN B 68 30.00 -24.28 7.54
CA ASN B 68 29.11 -23.63 6.59
C ASN B 68 29.47 -23.94 5.15
N LEU B 69 30.55 -24.67 4.91
CA LEU B 69 30.87 -25.13 3.57
C LEU B 69 30.78 -26.64 3.43
N ALA B 70 31.04 -27.39 4.50
CA ALA B 70 30.86 -28.83 4.44
C ALA B 70 29.38 -29.20 4.43
N SER B 71 28.56 -28.32 5.00
CA SER B 71 27.12 -28.55 5.02
C SER B 71 26.47 -28.19 3.73
N LYS B 72 26.86 -27.06 3.16
CA LYS B 72 26.32 -26.69 1.88
C LYS B 72 26.73 -27.67 0.81
N LEU B 73 27.97 -28.11 0.84
CA LEU B 73 28.41 -29.09 -0.11
C LEU B 73 27.56 -30.31 0.11
N MET B 74 27.30 -30.72 1.34
CA MET B 74 26.52 -31.94 1.53
C MET B 74 25.14 -31.78 0.96
N LEU B 75 24.48 -30.65 1.21
CA LEU B 75 23.12 -30.54 0.72
C LEU B 75 23.16 -30.63 -0.77
N ALA B 76 24.12 -29.98 -1.40
CA ALA B 76 24.16 -29.98 -2.84
C ALA B 76 24.48 -31.31 -3.45
N LEU B 77 25.41 -32.04 -2.85
CA LEU B 77 25.87 -33.27 -3.44
C LEU B 77 25.00 -34.44 -3.10
N PHE B 78 24.65 -34.54 -1.83
CA PHE B 78 23.83 -35.65 -1.39
C PHE B 78 22.52 -35.13 -0.88
N PRO B 79 21.67 -34.65 -1.80
CA PRO B 79 20.41 -34.07 -1.39
C PRO B 79 19.60 -35.18 -0.86
N MET B 80 18.66 -34.90 0.03
CA MET B 80 17.79 -35.97 0.49
C MET B 80 17.02 -36.50 -0.71
N GLN B 81 16.56 -35.60 -1.55
CA GLN B 81 15.86 -36.01 -2.74
C GLN B 81 16.79 -36.77 -3.64
N THR B 82 16.29 -37.78 -4.32
CA THR B 82 17.16 -38.63 -5.15
C THR B 82 18.23 -37.92 -5.93
N TRP B 83 19.47 -38.32 -5.76
CA TRP B 83 20.52 -37.70 -6.52
C TRP B 83 21.29 -38.56 -7.50
N MET B 84 20.86 -39.79 -7.74
CA MET B 84 21.26 -40.52 -8.93
C MET B 84 20.03 -40.99 -9.62
N ARG B 85 20.07 -41.07 -10.93
CA ARG B 85 19.01 -41.75 -11.65
C ARG B 85 19.60 -42.66 -12.69
N LEU B 86 18.90 -43.72 -13.06
CA LEU B 86 19.44 -44.70 -14.00
C LEU B 86 18.88 -44.41 -15.38
N THR B 87 19.73 -43.95 -16.28
CA THR B 87 19.35 -43.78 -17.66
C THR B 87 19.58 -45.08 -18.42
N ILE B 88 18.52 -45.60 -19.01
CA ILE B 88 18.68 -46.65 -20.01
C ILE B 88 18.99 -45.99 -21.34
N SER B 89 19.84 -46.63 -22.14
CA SER B 89 20.12 -46.14 -23.49
C SER B 89 18.86 -46.27 -24.32
N GLU B 90 18.32 -45.13 -24.74
CA GLU B 90 16.93 -45.10 -25.19
C GLU B 90 16.74 -45.77 -26.55
N TYR B 91 17.71 -45.59 -27.46
CA TYR B 91 17.57 -46.21 -28.78
C TYR B 91 17.77 -47.71 -28.71
N GLU B 92 18.69 -48.19 -27.87
CA GLU B 92 18.82 -49.62 -27.66
C GLU B 92 17.69 -50.18 -26.81
N ALA B 93 16.95 -49.33 -26.11
CA ALA B 93 15.74 -49.78 -25.45
C ALA B 93 14.58 -49.90 -26.43
N LYS B 94 14.57 -49.09 -27.49
CA LYS B 94 13.53 -49.21 -28.49
C LYS B 94 13.69 -50.48 -29.33
N GLN B 95 14.93 -50.92 -29.53
CA GLN B 95 15.17 -52.06 -30.41
C GLN B 95 14.76 -53.36 -29.72
N LEU B 96 15.08 -53.51 -28.45
CA LEU B 96 14.90 -54.77 -27.75
C LEU B 96 13.51 -54.92 -27.13
N LEU B 97 12.53 -54.12 -27.54
CA LEU B 97 11.28 -54.03 -26.81
C LEU B 97 10.16 -53.60 -27.74
N SER B 98 8.95 -54.05 -27.42
CA SER B 98 7.75 -53.67 -28.16
C SER B 98 7.17 -52.41 -27.54
N ASP B 99 7.19 -51.32 -28.32
CA ASP B 99 6.77 -50.01 -27.86
C ASP B 99 5.27 -49.97 -27.58
N PRO B 100 4.79 -49.01 -26.76
CA PRO B 100 5.46 -48.02 -25.89
C PRO B 100 5.34 -48.31 -24.40
N ASP B 101 4.47 -49.26 -24.04
CA ASP B 101 4.17 -49.50 -22.64
C ASP B 101 5.36 -50.16 -21.94
N GLY B 102 6.12 -50.98 -22.65
CA GLY B 102 7.27 -51.62 -22.06
C GLY B 102 8.40 -50.67 -21.73
N LEU B 103 8.47 -49.52 -22.42
CA LEU B 103 9.57 -48.58 -22.20
C LEU B 103 9.49 -47.94 -20.82
N ALA B 104 8.32 -47.40 -20.47
CA ALA B 104 8.16 -46.86 -19.12
C ALA B 104 8.10 -47.96 -18.07
N LYS B 105 7.74 -49.18 -18.46
CA LYS B 105 7.81 -50.30 -17.53
C LYS B 105 9.26 -50.60 -17.16
N VAL B 106 10.19 -50.40 -18.10
CA VAL B 106 11.61 -50.48 -17.79
C VAL B 106 12.02 -49.36 -16.84
N ASP B 107 11.54 -48.14 -17.11
CA ASP B 107 11.86 -47.01 -16.25
C ASP B 107 11.18 -47.08 -14.89
N GLU B 108 10.19 -47.97 -14.72
CA GLU B 108 9.72 -48.23 -13.37
C GLU B 108 10.69 -49.12 -12.62
N GLY B 109 11.31 -50.08 -13.32
CA GLY B 109 12.39 -50.84 -12.72
C GLY B 109 13.61 -50.01 -12.44
N LEU B 110 13.82 -48.95 -13.22
CA LEU B 110 14.88 -48.00 -12.90
C LEU B 110 14.47 -47.03 -11.81
N SER B 111 13.17 -46.75 -11.68
CA SER B 111 12.70 -46.03 -10.51
C SER B 111 12.57 -46.95 -9.31
N MET B 112 12.53 -48.26 -9.53
CA MET B 112 12.59 -49.22 -8.44
C MET B 112 13.95 -49.16 -7.75
N VAL B 113 15.01 -49.26 -8.54
CA VAL B 113 16.37 -49.39 -8.01
C VAL B 113 16.82 -48.12 -7.33
N GLU B 114 16.52 -46.97 -7.93
CA GLU B 114 16.98 -45.68 -7.41
C GLU B 114 16.32 -45.32 -6.09
N ARG B 115 15.22 -45.98 -5.72
CA ARG B 115 14.65 -45.80 -4.40
C ARG B 115 15.22 -46.78 -3.39
N ILE B 116 15.62 -47.97 -3.84
CA ILE B 116 16.19 -48.96 -2.95
C ILE B 116 17.58 -48.54 -2.48
N ILE B 117 18.35 -47.93 -3.38
CA ILE B 117 19.67 -47.42 -3.00
C ILE B 117 19.54 -46.26 -2.02
N MET B 118 18.55 -45.38 -2.24
CA MET B 118 18.30 -44.31 -1.28
C MET B 118 17.72 -44.86 0.02
N ASN B 119 17.07 -46.01 -0.03
CA ASN B 119 16.70 -46.71 1.19
C ASN B 119 17.83 -47.57 1.74
N TYR B 120 18.91 -47.72 0.98
CA TYR B 120 20.09 -48.41 1.49
C TYR B 120 21.09 -47.44 2.06
N ILE B 121 21.23 -46.28 1.44
CA ILE B 121 22.17 -45.25 1.90
C ILE B 121 21.69 -44.66 3.22
N GLU B 122 20.41 -44.35 3.32
CA GLU B 122 19.91 -43.71 4.52
C GLU B 122 19.80 -44.68 5.69
N SER B 123 19.60 -45.96 5.42
CA SER B 123 19.43 -46.96 6.46
C SER B 123 20.73 -47.62 6.86
N ASN B 124 21.86 -47.13 6.37
CA ASN B 124 23.16 -47.63 6.83
C ASN B 124 24.08 -46.50 7.27
N SER B 125 23.52 -45.32 7.53
CA SER B 125 24.23 -44.12 8.00
C SER B 125 25.36 -43.75 7.05
N TYR B 126 25.10 -43.80 5.74
CA TYR B 126 26.07 -43.28 4.80
C TYR B 126 26.06 -41.77 4.80
N ARG B 127 24.96 -41.15 5.24
CA ARG B 127 24.93 -39.70 5.34
C ARG B 127 25.89 -39.19 6.40
N VAL B 128 26.16 -40.02 7.41
CA VAL B 128 27.07 -39.61 8.48
C VAL B 128 28.50 -39.62 7.99
N THR B 129 28.98 -40.75 7.50
CA THR B 129 30.37 -40.91 7.14
C THR B 129 30.74 -40.19 5.85
N LEU B 130 29.77 -39.77 5.05
CA LEU B 130 30.08 -38.85 3.97
C LEU B 130 30.22 -37.42 4.47
N PHE B 131 29.49 -37.05 5.51
CA PHE B 131 29.71 -35.72 6.07
C PHE B 131 31.01 -35.67 6.84
N GLU B 132 31.42 -36.78 7.46
CA GLU B 132 32.78 -36.83 7.97
C GLU B 132 33.80 -36.88 6.86
N ALA B 133 33.42 -37.39 5.69
CA ALA B 133 34.33 -37.34 4.56
C ALA B 133 34.46 -35.93 4.01
N LEU B 134 33.34 -35.20 3.91
CA LEU B 134 33.39 -33.87 3.34
C LEU B 134 34.12 -32.87 4.22
N LYS B 135 34.17 -33.12 5.54
CA LYS B 135 34.98 -32.27 6.38
C LYS B 135 36.46 -32.56 6.21
N GLN B 136 36.81 -33.81 5.90
CA GLN B 136 38.19 -34.12 5.57
C GLN B 136 38.56 -33.59 4.20
N LEU B 137 37.62 -33.61 3.26
CA LEU B 137 37.92 -33.12 1.93
C LEU B 137 38.13 -31.61 1.88
N VAL B 138 37.64 -30.87 2.85
CA VAL B 138 37.94 -29.45 2.86
C VAL B 138 39.30 -29.19 3.50
N VAL B 139 39.49 -29.52 4.77
CA VAL B 139 40.79 -29.33 5.40
C VAL B 139 41.94 -30.17 4.89
N ALA B 140 41.77 -31.47 4.72
CA ALA B 140 42.91 -32.30 4.35
C ALA B 140 43.06 -32.54 2.90
N GLY B 141 41.94 -32.69 2.23
CA GLY B 141 41.94 -32.90 0.81
C GLY B 141 41.89 -34.32 0.32
N ASN B 142 42.10 -35.28 1.19
CA ASN B 142 41.98 -36.65 0.78
C ASN B 142 41.26 -37.51 1.81
N VAL B 143 40.48 -38.49 1.37
CA VAL B 143 39.84 -39.43 2.28
C VAL B 143 39.67 -40.72 1.49
N LEU B 144 39.69 -41.90 2.10
CA LEU B 144 39.43 -43.14 1.38
C LEU B 144 38.23 -43.68 2.04
N LEU B 145 37.27 -44.14 1.28
CA LEU B 145 36.04 -44.57 1.85
C LEU B 145 35.85 -46.00 1.46
N TYR B 146 35.81 -46.91 2.43
CA TYR B 146 35.71 -48.33 2.13
C TYR B 146 34.32 -48.78 2.32
N LEU B 147 33.71 -49.37 1.30
CA LEU B 147 32.31 -49.76 1.39
C LEU B 147 32.31 -51.23 1.66
N PRO B 148 32.15 -51.63 2.93
CA PRO B 148 32.29 -53.03 3.25
C PRO B 148 31.28 -53.87 2.55
N GLU B 149 31.69 -55.06 2.14
CA GLU B 149 30.80 -55.94 1.39
C GLU B 149 29.60 -56.24 2.23
N PRO B 150 28.41 -56.17 1.65
CA PRO B 150 27.27 -56.39 2.53
C PRO B 150 27.25 -57.86 2.92
N GLU B 151 26.99 -58.13 4.19
CA GLU B 151 26.89 -59.51 4.64
C GLU B 151 25.56 -59.61 5.34
N GLY B 152 24.50 -60.01 4.65
CA GLY B 152 23.22 -59.98 5.32
C GLY B 152 22.61 -58.58 5.26
N SER B 153 21.34 -58.52 5.68
CA SER B 153 20.59 -57.28 5.74
C SER B 153 20.72 -56.59 7.10
N ASN B 154 21.80 -56.84 7.82
CA ASN B 154 22.04 -56.18 9.10
C ASN B 154 22.65 -54.80 8.88
N TYR B 155 23.08 -54.18 9.96
CA TYR B 155 23.64 -52.84 9.91
C TYR B 155 25.04 -52.89 9.33
N ASN B 156 25.36 -52.09 8.31
CA ASN B 156 26.68 -52.20 7.67
C ASN B 156 27.26 -50.86 7.25
N PRO B 157 27.83 -50.11 8.19
CA PRO B 157 28.31 -48.77 7.87
C PRO B 157 29.61 -48.75 7.11
N MET B 158 29.88 -47.73 6.32
CA MET B 158 31.17 -47.67 5.66
C MET B 158 32.25 -47.07 6.52
N LYS B 159 33.49 -47.07 6.04
CA LYS B 159 34.59 -46.58 6.86
C LYS B 159 35.44 -45.56 6.14
N LEU B 160 35.93 -44.56 6.85
CA LEU B 160 36.76 -43.52 6.25
C LEU B 160 38.18 -43.54 6.81
N TYR B 161 39.17 -43.40 5.95
CA TYR B 161 40.55 -43.35 6.37
C TYR B 161 41.03 -41.97 6.00
N ARG B 162 41.48 -41.23 6.99
CA ARG B 162 41.88 -39.86 6.77
C ARG B 162 43.33 -39.53 6.48
N LEU B 163 43.95 -40.10 5.46
CA LEU B 163 45.30 -39.69 5.08
C LEU B 163 46.17 -39.73 6.29
N SER B 164 46.06 -40.77 7.09
CA SER B 164 46.92 -40.92 8.22
C SER B 164 46.78 -42.38 8.46
N SER B 165 45.84 -42.97 7.75
CA SER B 165 45.63 -44.40 7.87
C SER B 165 45.68 -45.10 6.52
N TYR B 166 45.84 -44.38 5.41
CA TYR B 166 45.99 -45.06 4.14
C TYR B 166 47.16 -44.47 3.38
N VAL B 167 47.52 -45.16 2.30
CA VAL B 167 48.48 -44.72 1.29
C VAL B 167 47.97 -45.20 -0.05
N VAL B 168 47.86 -44.30 -1.03
CA VAL B 168 47.68 -44.72 -2.41
C VAL B 168 48.86 -44.22 -3.23
N GLN B 169 49.03 -44.85 -4.40
CA GLN B 169 50.01 -44.42 -5.37
C GLN B 169 49.35 -44.49 -6.74
N ARG B 170 49.28 -43.36 -7.42
CA ARG B 170 48.71 -43.33 -8.74
C ARG B 170 49.72 -42.72 -9.70
N ASP B 171 49.33 -42.71 -10.96
CA ASP B 171 50.20 -42.38 -12.06
C ASP B 171 50.19 -40.87 -12.29
N ALA B 172 50.98 -40.39 -13.26
CA ALA B 172 50.70 -39.08 -13.83
C ALA B 172 49.38 -39.11 -14.59
N PHE B 173 49.09 -40.25 -15.22
CA PHE B 173 47.76 -40.54 -15.70
C PHE B 173 46.83 -40.73 -14.50
N GLY B 174 45.53 -40.62 -14.73
CA GLY B 174 44.59 -40.52 -13.64
C GLY B 174 44.37 -41.78 -12.82
N ASN B 175 44.74 -42.95 -13.35
CA ASN B 175 44.35 -44.20 -12.73
C ASN B 175 45.22 -44.55 -11.53
N VAL B 176 44.67 -45.35 -10.64
CA VAL B 176 45.33 -45.75 -9.41
C VAL B 176 46.15 -47.00 -9.68
N LEU B 177 47.38 -47.04 -9.17
CA LEU B 177 48.18 -48.25 -9.25
C LEU B 177 48.02 -49.14 -8.02
N GLN B 178 48.31 -48.64 -6.83
CA GLN B 178 48.23 -49.47 -5.65
C GLN B 178 47.78 -48.62 -4.47
N MET B 179 47.07 -49.27 -3.55
CA MET B 179 46.57 -48.66 -2.32
C MET B 179 47.00 -49.52 -1.15
N VAL B 180 47.35 -48.87 -0.04
CA VAL B 180 47.61 -49.58 1.21
C VAL B 180 46.81 -48.90 2.31
N THR B 181 46.08 -49.62 3.15
CA THR B 181 45.55 -49.01 4.39
C THR B 181 46.00 -49.74 5.65
N ARG B 182 46.32 -48.97 6.69
CA ARG B 182 46.58 -49.45 8.02
C ARG B 182 45.44 -49.17 8.98
N ASP B 183 44.85 -50.24 9.47
CA ASP B 183 43.94 -50.17 10.59
C ASP B 183 44.58 -51.09 11.63
N GLN B 184 44.48 -50.61 12.87
CA GLN B 184 45.04 -51.32 13.99
C GLN B 184 43.98 -51.89 14.93
N ILE B 185 43.31 -52.93 14.47
CA ILE B 185 42.29 -53.57 15.28
C ILE B 185 42.89 -54.39 16.39
N ALA B 186 42.39 -54.26 17.61
CA ALA B 186 42.89 -54.99 18.76
C ALA B 186 42.71 -56.46 18.61
N PHE B 187 43.39 -57.25 19.40
CA PHE B 187 43.33 -58.69 19.19
C PHE B 187 41.93 -59.23 19.34
N GLY B 188 41.22 -58.79 20.35
CA GLY B 188 39.89 -59.30 20.60
C GLY B 188 38.97 -59.00 19.46
N ALA B 189 39.09 -57.81 18.88
CA ALA B 189 38.16 -57.39 17.85
C ALA B 189 38.48 -57.86 16.45
N LEU B 190 39.66 -58.45 16.24
CA LEU B 190 40.07 -58.86 14.92
C LEU B 190 39.06 -59.88 14.43
N PRO B 191 38.73 -59.83 13.15
CA PRO B 191 37.79 -60.79 12.60
C PRO B 191 38.34 -62.19 12.68
N GLU B 192 37.48 -63.17 12.86
CA GLU B 192 37.93 -64.55 13.02
C GLU B 192 39.09 -65.05 12.18
N ASP B 193 38.97 -65.02 10.86
CA ASP B 193 40.03 -65.61 10.06
C ASP B 193 41.39 -64.99 10.37
N ILE B 194 41.42 -63.77 10.87
CA ILE B 194 42.68 -63.13 11.16
C ILE B 194 43.25 -63.66 12.48
N ARG B 195 42.39 -64.00 13.44
CA ARG B 195 42.85 -64.53 14.71
C ARG B 195 43.49 -65.90 14.54
N LYS B 196 43.07 -66.66 13.53
CA LYS B 196 43.74 -67.91 13.22
C LYS B 196 45.10 -67.66 12.58
N ALA B 197 45.31 -66.50 11.97
CA ALA B 197 46.61 -66.20 11.38
C ALA B 197 47.56 -65.62 12.41
N VAL B 198 47.04 -64.85 13.37
CA VAL B 198 47.91 -64.27 14.40
C VAL B 198 48.34 -65.36 15.38
N GLU B 199 47.40 -66.20 15.81
CA GLU B 199 47.77 -67.39 16.57
C GLU B 199 48.60 -68.34 15.74
N GLY B 200 48.33 -68.41 14.43
CA GLY B 200 49.15 -69.20 13.52
C GLY B 200 50.55 -68.66 13.35
N GLN B 201 50.76 -67.36 13.60
CA GLN B 201 52.12 -66.85 13.64
C GLN B 201 52.85 -67.33 14.90
N GLY B 202 52.14 -67.45 16.02
CA GLY B 202 52.74 -67.93 17.24
C GLY B 202 52.76 -66.88 18.33
N GLY B 203 52.83 -67.33 19.58
CA GLY B 203 52.88 -66.43 20.71
C GLY B 203 51.52 -65.92 21.14
N GLU B 204 51.28 -65.88 22.45
CA GLU B 204 50.00 -65.39 22.93
C GLU B 204 49.95 -63.87 22.89
N LYS B 205 48.73 -63.35 22.86
CA LYS B 205 48.51 -61.91 22.77
C LYS B 205 47.59 -61.48 23.90
N LYS B 206 47.70 -60.22 24.30
CA LYS B 206 46.75 -59.66 25.23
C LYS B 206 45.42 -59.43 24.52
N ALA B 207 44.36 -59.29 25.31
CA ALA B 207 43.02 -59.11 24.75
C ALA B 207 42.86 -57.74 24.12
N ASP B 208 43.67 -56.77 24.55
CA ASP B 208 43.54 -55.39 24.10
C ASP B 208 44.74 -54.89 23.31
N GLU B 209 45.70 -55.77 23.08
CA GLU B 209 46.88 -55.47 22.30
C GLU B 209 46.40 -55.19 20.92
N THR B 210 46.97 -54.19 20.27
CA THR B 210 46.43 -53.69 19.03
C THR B 210 47.26 -54.17 17.86
N ILE B 211 46.56 -54.80 16.94
CA ILE B 211 47.18 -55.46 15.81
C ILE B 211 46.84 -54.60 14.59
N ASP B 212 47.82 -54.34 13.73
CA ASP B 212 47.55 -53.47 12.60
C ASP B 212 47.69 -54.22 11.30
N VAL B 213 46.66 -54.11 10.46
CA VAL B 213 46.44 -54.98 9.36
C VAL B 213 46.61 -54.18 8.12
N TYR B 214 47.45 -54.61 7.21
CA TYR B 214 47.67 -53.82 6.05
C TYR B 214 46.98 -54.49 4.91
N THR B 215 46.17 -53.75 4.19
CA THR B 215 45.66 -54.30 2.94
C THR B 215 46.54 -53.79 1.82
N HIS B 216 46.37 -54.38 0.64
CA HIS B 216 47.19 -53.99 -0.49
C HIS B 216 46.38 -54.26 -1.75
N ILE B 217 46.04 -53.20 -2.48
CA ILE B 217 44.96 -53.22 -3.46
C ILE B 217 45.56 -52.94 -4.83
N TYR B 218 46.74 -53.51 -5.07
CA TYR B 218 47.53 -53.20 -6.24
C TYR B 218 46.86 -53.61 -7.54
N LEU B 219 47.16 -52.89 -8.62
CA LEU B 219 46.59 -53.19 -9.93
C LEU B 219 47.38 -54.33 -10.51
N ASP B 220 46.72 -55.43 -10.81
CA ASP B 220 47.43 -56.56 -11.34
C ASP B 220 47.96 -56.16 -12.68
N GLU B 221 49.19 -56.55 -12.98
CA GLU B 221 49.70 -56.25 -14.30
C GLU B 221 48.84 -56.98 -15.31
N ASP B 222 48.53 -58.24 -15.04
CA ASP B 222 47.67 -58.99 -15.93
C ASP B 222 46.21 -58.71 -15.75
N SER B 223 45.52 -58.32 -16.81
CA SER B 223 44.06 -58.13 -16.80
C SER B 223 43.50 -56.82 -16.27
N GLY B 224 44.35 -55.97 -15.70
CA GLY B 224 43.88 -54.68 -15.23
C GLY B 224 42.72 -54.84 -14.27
N GLU B 225 42.73 -55.91 -13.49
CA GLU B 225 41.67 -56.14 -12.53
C GLU B 225 42.43 -56.02 -11.28
N TYR B 226 41.87 -55.38 -10.27
CA TYR B 226 42.71 -55.20 -9.10
C TYR B 226 42.83 -56.51 -8.35
N LEU B 227 43.93 -56.67 -7.62
CA LEU B 227 44.07 -57.75 -6.66
C LEU B 227 44.19 -57.15 -5.27
N ARG B 228 43.50 -57.71 -4.29
CA ARG B 228 43.64 -57.21 -2.95
C ARG B 228 43.98 -58.34 -2.03
N TYR B 229 45.10 -58.24 -1.34
CA TYR B 229 45.50 -59.22 -0.37
C TYR B 229 45.76 -58.43 0.87
N GLU B 230 45.27 -58.90 2.00
CA GLU B 230 45.47 -58.17 3.25
C GLU B 230 46.16 -59.01 4.30
N GLU B 231 47.03 -58.36 5.04
CA GLU B 231 48.21 -58.93 5.68
C GLU B 231 48.34 -58.49 7.11
N VAL B 232 48.70 -59.41 8.00
CA VAL B 232 48.72 -59.15 9.41
C VAL B 232 50.12 -59.43 9.83
N GLU B 233 50.71 -58.53 10.61
CA GLU B 233 52.08 -58.69 11.07
C GLU B 233 52.99 -58.90 9.88
N GLY B 234 53.82 -59.92 9.90
CA GLY B 234 54.61 -60.17 8.73
C GLY B 234 53.88 -60.55 7.45
N MET B 235 53.00 -61.55 7.51
CA MET B 235 52.38 -62.05 6.26
C MET B 235 50.88 -62.15 6.05
N GLU B 236 50.47 -62.49 4.84
CA GLU B 236 49.04 -62.50 4.47
C GLU B 236 48.07 -63.45 5.15
N VAL B 237 46.86 -62.97 5.43
CA VAL B 237 45.84 -63.84 5.99
C VAL B 237 45.38 -64.83 4.97
N GLN B 238 44.90 -65.99 5.40
CA GLN B 238 44.31 -66.91 4.45
C GLN B 238 42.95 -66.35 4.11
N GLY B 239 42.61 -66.30 2.83
CA GLY B 239 41.30 -65.84 2.42
C GLY B 239 41.20 -64.37 2.15
N SER B 240 42.31 -63.66 2.24
CA SER B 240 42.33 -62.24 1.96
C SER B 240 42.20 -61.97 0.53
N ASP B 241 42.70 -62.89 -0.29
CA ASP B 241 42.74 -62.59 -1.70
C ASP B 241 41.39 -62.31 -2.28
N GLY B 242 41.31 -61.25 -3.05
CA GLY B 242 40.07 -60.87 -3.68
C GLY B 242 40.49 -60.16 -4.92
N THR B 243 39.61 -60.09 -5.90
CA THR B 243 39.93 -59.37 -7.10
C THR B 243 38.84 -58.39 -7.40
N TYR B 244 39.19 -57.13 -7.48
CA TYR B 244 38.21 -56.12 -7.73
C TYR B 244 38.36 -55.61 -9.17
N PRO B 245 37.29 -55.63 -10.01
CA PRO B 245 37.46 -55.04 -11.33
C PRO B 245 37.86 -53.58 -11.23
N LYS B 246 38.27 -53.03 -12.39
CA LYS B 246 38.79 -51.68 -12.44
C LYS B 246 37.72 -50.65 -12.14
N GLU B 247 36.49 -50.89 -12.59
CA GLU B 247 35.42 -49.91 -12.44
C GLU B 247 34.62 -50.08 -11.16
N ALA B 248 34.75 -51.22 -10.47
CA ALA B 248 33.96 -51.47 -9.27
C ALA B 248 34.88 -52.03 -8.19
N CYS B 249 35.48 -51.13 -7.42
CA CYS B 249 36.28 -51.55 -6.27
C CYS B 249 35.78 -50.85 -5.01
N PRO B 250 35.66 -51.57 -3.89
CA PRO B 250 35.08 -50.96 -2.68
C PRO B 250 35.94 -49.90 -2.03
N TYR B 251 37.19 -49.75 -2.45
CA TYR B 251 38.08 -48.71 -1.95
C TYR B 251 38.19 -47.65 -3.02
N ILE B 252 37.59 -46.48 -2.79
CA ILE B 252 37.73 -45.43 -3.78
C ILE B 252 38.32 -44.20 -3.09
N PRO B 253 39.43 -43.68 -3.58
CA PRO B 253 40.02 -42.49 -2.96
C PRO B 253 39.40 -41.21 -3.49
N ILE B 254 38.94 -40.36 -2.59
CA ILE B 254 38.42 -39.13 -3.04
C ILE B 254 39.53 -38.12 -2.91
N ARG B 255 39.63 -37.17 -3.84
CA ARG B 255 40.62 -36.11 -3.77
C ARG B 255 39.89 -34.88 -4.21
N MET B 256 40.20 -33.76 -3.63
CA MET B 256 39.57 -32.53 -4.05
C MET B 256 40.64 -31.64 -4.61
N VAL B 257 40.28 -30.78 -5.54
CA VAL B 257 41.26 -30.02 -6.31
C VAL B 257 42.31 -30.94 -6.89
N ARG B 258 41.92 -32.00 -7.56
CA ARG B 258 42.89 -32.95 -8.04
C ARG B 258 43.78 -32.27 -9.02
N LEU B 259 45.08 -32.52 -8.91
CA LEU B 259 46.08 -31.85 -9.70
C LEU B 259 46.83 -32.95 -10.43
N ASP B 260 47.19 -32.75 -11.68
CA ASP B 260 48.05 -33.74 -12.36
C ASP B 260 49.48 -33.74 -11.84
N GLY B 261 50.11 -34.90 -11.82
CA GLY B 261 49.41 -36.16 -11.68
C GLY B 261 49.31 -36.61 -10.24
N GLU B 262 49.84 -35.80 -9.36
CA GLU B 262 50.37 -36.27 -8.10
C GLU B 262 49.29 -36.88 -7.23
N SER B 263 49.65 -37.88 -6.48
CA SER B 263 48.74 -38.94 -6.09
C SER B 263 47.55 -38.51 -5.24
N TYR B 264 47.74 -37.54 -4.38
CA TYR B 264 46.70 -36.98 -3.52
C TYR B 264 46.42 -35.56 -3.95
N GLY B 265 45.33 -34.96 -3.48
CA GLY B 265 44.95 -33.67 -4.02
C GLY B 265 44.85 -32.59 -2.99
N ARG B 266 45.32 -31.40 -3.29
CA ARG B 266 45.52 -30.41 -2.27
C ARG B 266 44.17 -29.95 -1.77
N SER B 267 44.05 -29.60 -0.51
CA SER B 267 42.76 -29.34 0.12
C SER B 267 42.13 -28.07 -0.37
N TYR B 268 40.83 -27.96 -0.27
CA TYR B 268 40.17 -26.70 -0.58
C TYR B 268 40.46 -25.52 0.29
N ILE B 269 40.60 -25.75 1.57
CA ILE B 269 40.78 -24.69 2.53
C ILE B 269 42.21 -24.35 2.73
N GLU B 270 43.13 -24.98 2.01
CA GLU B 270 44.46 -24.45 1.87
C GLU B 270 44.63 -23.75 0.57
N GLU B 271 43.57 -23.64 -0.21
CA GLU B 271 43.66 -22.49 -1.16
C GLU B 271 43.83 -21.06 -0.60
N TYR B 272 43.06 -20.70 0.42
CA TYR B 272 42.92 -19.48 1.18
C TYR B 272 43.62 -19.59 2.47
N LEU B 273 44.47 -20.57 2.63
CA LEU B 273 45.19 -20.77 3.86
C LEU B 273 46.11 -19.66 4.16
N GLY B 274 46.76 -19.08 3.17
CA GLY B 274 47.61 -17.96 3.45
C GLY B 274 46.82 -16.83 4.03
N ASP B 275 45.67 -16.53 3.45
CA ASP B 275 44.80 -15.47 3.86
C ASP B 275 44.22 -15.63 5.24
N LEU B 276 43.85 -16.83 5.62
CA LEU B 276 43.40 -17.08 6.99
C LEU B 276 44.50 -16.82 7.93
N ARG B 277 45.69 -17.27 7.58
CA ARG B 277 46.86 -17.15 8.43
C ARG B 277 47.23 -15.75 8.69
N SER B 278 47.11 -14.90 7.70
CA SER B 278 47.05 -13.46 7.88
C SER B 278 45.90 -12.88 8.68
N LEU B 279 44.68 -13.39 8.58
CA LEU B 279 43.59 -12.93 9.44
C LEU B 279 43.85 -13.22 10.89
N GLU B 280 44.46 -14.34 11.19
CA GLU B 280 44.77 -14.69 12.55
C GLU B 280 45.73 -13.77 13.24
N ASN B 281 46.75 -13.31 12.56
CA ASN B 281 47.75 -12.39 13.07
C ASN B 281 47.21 -11.00 13.34
N LEU B 282 46.11 -10.62 12.68
CA LEU B 282 45.41 -9.41 13.09
C LEU B 282 44.58 -9.67 14.33
N GLN B 283 43.73 -10.69 14.29
CA GLN B 283 42.84 -11.00 15.41
C GLN B 283 43.58 -11.43 16.67
N GLU B 284 44.82 -11.87 16.54
CA GLU B 284 45.65 -12.06 17.72
C GLU B 284 46.05 -10.72 18.31
N ALA B 285 46.22 -9.70 17.48
CA ALA B 285 46.71 -8.43 18.00
C ALA B 285 45.59 -7.58 18.59
N ILE B 286 44.39 -7.62 17.99
CA ILE B 286 43.25 -6.86 18.50
C ILE B 286 42.87 -7.35 19.89
N VAL B 287 42.87 -8.67 20.11
CA VAL B 287 42.54 -9.21 21.42
C VAL B 287 43.61 -8.84 22.44
N LYS B 288 44.88 -8.92 22.06
CA LYS B 288 45.95 -8.56 22.99
C LYS B 288 45.99 -7.06 23.26
N MET B 289 45.51 -6.23 22.33
CA MET B 289 45.35 -4.82 22.67
C MET B 289 44.24 -4.59 23.66
N SER B 290 43.25 -5.45 23.73
CA SER B 290 42.20 -5.33 24.72
C SER B 290 42.60 -5.85 26.08
N MET B 291 43.75 -6.53 26.17
CA MET B 291 44.15 -7.08 27.45
C MET B 291 45.04 -6.12 28.21
N ILE B 292 45.85 -5.33 27.50
CA ILE B 292 46.51 -4.20 28.12
C ILE B 292 45.46 -3.20 28.58
N SER B 293 44.42 -3.02 27.76
CA SER B 293 43.25 -2.25 28.12
C SER B 293 42.59 -2.77 29.38
N SER B 294 42.52 -4.08 29.55
CA SER B 294 41.79 -4.67 30.68
C SER B 294 42.47 -4.40 32.02
N LYS B 295 43.78 -4.24 32.03
CA LYS B 295 44.49 -3.96 33.27
C LYS B 295 44.25 -2.52 33.68
N VAL B 296 43.98 -2.30 34.95
CA VAL B 296 43.56 -1.00 35.47
C VAL B 296 44.64 -0.49 36.39
N ILE B 297 45.55 0.33 35.87
CA ILE B 297 46.68 0.83 36.65
C ILE B 297 46.38 2.27 37.05
N GLY B 298 46.50 2.56 38.34
CA GLY B 298 46.27 3.89 38.84
C GLY B 298 47.53 4.72 38.96
N LEU B 299 47.81 5.57 37.97
CA LEU B 299 49.02 6.37 37.97
C LEU B 299 48.84 7.59 38.85
N VAL B 300 49.47 7.58 40.01
CA VAL B 300 49.44 8.74 40.89
C VAL B 300 50.59 9.66 40.55
N ASN B 301 50.28 10.92 40.26
CA ASN B 301 51.26 11.95 40.02
C ASN B 301 52.06 12.17 41.30
N PRO B 302 53.35 11.84 41.32
CA PRO B 302 54.09 11.91 42.58
C PRO B 302 54.54 13.31 42.95
N ALA B 303 54.20 14.32 42.15
CA ALA B 303 54.43 15.71 42.53
C ALA B 303 53.15 16.35 43.04
N GLY B 304 52.23 15.55 43.56
CA GLY B 304 50.94 16.04 43.97
C GLY B 304 50.68 15.93 45.45
N ILE B 305 49.39 16.04 45.80
CA ILE B 305 48.98 16.01 47.18
C ILE B 305 48.31 14.71 47.49
N THR B 306 47.46 14.22 46.60
CA THR B 306 46.69 13.03 46.91
C THR B 306 47.57 11.90 47.25
N GLN B 307 47.21 11.20 48.33
CA GLN B 307 47.97 10.04 48.70
C GLN B 307 47.01 8.91 48.62
N PRO B 308 47.34 7.87 47.87
CA PRO B 308 46.47 6.72 47.74
C PRO B 308 46.19 6.04 49.04
N ARG B 309 46.93 6.35 50.09
CA ARG B 309 46.78 5.71 51.36
C ARG B 309 45.50 6.04 51.94
N ARG B 310 45.10 7.30 51.88
CA ARG B 310 43.77 7.80 52.10
C ARG B 310 42.71 7.44 51.16
N LEU B 311 42.99 7.34 49.88
CA LEU B 311 41.93 6.89 48.96
C LEU B 311 41.40 5.49 49.02
N THR B 312 42.01 4.59 49.75
CA THR B 312 41.86 3.19 49.72
C THR B 312 41.44 2.70 51.08
N LYS B 313 41.15 3.58 52.01
CA LYS B 313 40.43 3.17 53.16
C LYS B 313 39.21 3.96 53.34
N ALA B 314 38.78 4.61 52.29
CA ALA B 314 37.63 5.47 52.39
C ALA B 314 36.44 4.62 52.17
N GLN B 315 35.31 5.01 52.74
CA GLN B 315 34.11 4.27 52.54
C GLN B 315 33.41 4.77 51.33
N THR B 316 32.14 4.46 51.19
CA THR B 316 31.44 4.81 49.99
C THR B 316 31.39 6.25 49.69
N GLY B 317 31.22 7.11 50.67
CA GLY B 317 31.06 8.54 50.41
C GLY B 317 32.00 9.53 51.04
N ASP B 318 33.15 9.09 51.50
CA ASP B 318 34.02 9.97 52.27
C ASP B 318 34.65 11.18 51.69
N PHE B 319 34.84 12.20 52.51
CA PHE B 319 35.56 13.35 52.07
C PHE B 319 37.02 13.09 52.36
N VAL B 320 37.87 13.18 51.37
CA VAL B 320 39.28 12.85 51.39
C VAL B 320 40.04 14.07 50.91
N THR B 321 41.28 14.25 51.38
CA THR B 321 42.12 15.33 50.89
C THR B 321 42.58 15.02 49.47
N GLY B 322 42.69 16.03 48.63
CA GLY B 322 43.43 15.86 47.41
C GLY B 322 42.77 16.53 46.23
N ARG B 323 43.53 16.58 45.14
CA ARG B 323 43.12 17.14 43.86
C ARG B 323 42.77 16.02 42.89
N PRO B 324 41.75 16.18 42.04
CA PRO B 324 41.40 15.09 41.12
C PRO B 324 42.38 14.91 40.00
N GLU B 325 43.17 15.92 39.67
CA GLU B 325 44.09 15.84 38.55
C GLU B 325 45.41 15.16 38.90
N ASP B 326 45.56 14.66 40.12
CA ASP B 326 46.72 13.84 40.42
C ASP B 326 46.48 12.39 40.03
N ILE B 327 45.28 11.88 40.28
CA ILE B 327 44.96 10.49 40.01
C ILE B 327 44.54 10.39 38.55
N SER B 328 45.42 9.86 37.71
CA SER B 328 45.01 9.47 36.37
C SER B 328 45.33 8.00 36.16
N PHE B 329 44.74 7.41 35.13
CA PHE B 329 44.84 5.98 34.94
C PHE B 329 45.57 5.67 33.65
N LEU B 330 46.51 4.75 33.59
CA LEU B 330 47.24 4.55 32.33
C LEU B 330 46.28 3.97 31.34
N GLN B 331 46.12 4.57 30.18
CA GLN B 331 45.27 3.95 29.18
C GLN B 331 46.00 3.75 27.86
N LEU B 332 45.66 2.67 27.15
CA LEU B 332 46.30 2.38 25.85
C LEU B 332 46.00 3.41 24.80
N GLU B 333 47.02 3.82 24.07
CA GLU B 333 46.88 4.87 23.07
C GLU B 333 46.92 4.43 21.63
N LYS B 334 46.75 3.15 21.37
CA LYS B 334 46.67 2.70 19.99
C LYS B 334 45.23 2.86 19.55
N GLN B 335 44.77 4.08 19.34
CA GLN B 335 43.38 4.34 18.98
C GLN B 335 43.31 4.55 17.50
N ALA B 336 43.76 5.71 16.96
CA ALA B 336 43.85 5.75 15.51
C ALA B 336 44.60 4.56 14.94
N ASP B 337 44.99 3.61 15.78
CA ASP B 337 45.65 2.41 15.30
C ASP B 337 44.78 1.19 15.41
N PHE B 338 43.86 1.17 16.36
CA PHE B 338 42.92 0.07 16.47
C PHE B 338 41.97 0.05 15.28
N THR B 339 41.72 1.20 14.66
CA THR B 339 40.84 1.25 13.51
C THR B 339 41.54 0.85 12.22
N VAL B 340 42.87 0.95 12.16
CA VAL B 340 43.60 0.45 11.00
C VAL B 340 43.54 -1.07 10.96
N ALA B 341 43.87 -1.71 12.07
CA ALA B 341 43.86 -3.16 12.13
C ALA B 341 42.47 -3.75 12.18
N LYS B 342 41.44 -2.96 12.48
CA LYS B 342 40.08 -3.48 12.42
C LYS B 342 39.53 -3.44 11.01
N ALA B 343 39.76 -2.34 10.29
CA ALA B 343 39.19 -2.20 8.96
C ALA B 343 39.86 -3.11 7.95
N VAL B 344 41.09 -3.54 8.22
CA VAL B 344 41.71 -4.55 7.38
C VAL B 344 41.17 -5.92 7.72
N SER B 345 41.01 -6.21 9.02
CA SER B 345 40.45 -7.49 9.43
C SER B 345 38.98 -7.62 9.04
N ASP B 346 38.27 -6.50 8.95
CA ASP B 346 36.92 -6.56 8.41
C ASP B 346 36.92 -6.66 6.89
N ALA B 347 38.05 -6.37 6.24
CA ALA B 347 38.14 -6.54 4.81
C ALA B 347 38.64 -7.92 4.41
N ILE B 348 39.42 -8.56 5.27
CA ILE B 348 39.87 -9.92 4.97
C ILE B 348 38.78 -10.93 5.26
N GLU B 349 38.01 -10.71 6.33
CA GLU B 349 36.83 -11.53 6.58
C GLU B 349 35.78 -11.33 5.51
N ALA B 350 35.74 -10.14 4.90
CA ALA B 350 34.79 -9.91 3.82
C ALA B 350 35.15 -10.70 2.57
N ARG B 351 36.43 -10.87 2.30
CA ARG B 351 36.84 -11.61 1.11
C ARG B 351 37.18 -13.06 1.39
N LEU B 352 36.98 -13.52 2.62
CA LEU B 352 36.89 -14.96 2.86
C LEU B 352 35.45 -15.43 2.97
N SER B 353 34.54 -14.53 3.33
CA SER B 353 33.14 -14.90 3.42
C SER B 353 32.48 -15.05 2.06
N PHE B 354 33.13 -14.63 0.98
CA PHE B 354 32.62 -15.01 -0.32
C PHE B 354 33.29 -16.28 -0.81
N ALA B 355 34.55 -16.49 -0.41
CA ALA B 355 35.26 -17.70 -0.76
C ALA B 355 34.64 -18.92 -0.11
N PHE B 356 34.08 -18.74 1.07
CA PHE B 356 33.27 -19.76 1.71
C PHE B 356 31.82 -19.40 1.45
N MET B 357 30.93 -20.37 1.60
CA MET B 357 29.57 -20.16 1.12
C MET B 357 28.66 -19.55 2.17
N LEU B 358 29.25 -18.67 2.99
CA LEU B 358 28.51 -18.02 4.04
C LEU B 358 28.21 -16.63 3.63
N ASN B 359 26.97 -16.22 3.81
CA ASN B 359 26.64 -14.84 3.52
C ASN B 359 27.45 -14.08 4.54
N SER B 360 28.05 -12.95 4.16
CA SER B 360 28.96 -12.27 5.08
C SER B 360 28.36 -11.78 6.39
N ALA B 361 29.19 -11.77 7.45
CA ALA B 361 28.72 -11.33 8.78
C ALA B 361 27.98 -10.00 8.84
N VAL B 362 26.84 -10.00 9.52
CA VAL B 362 26.04 -8.79 9.67
C VAL B 362 26.87 -7.63 10.24
N GLN B 363 27.86 -7.91 11.07
CA GLN B 363 28.75 -6.83 11.52
C GLN B 363 29.37 -6.24 10.26
N ARG B 364 28.77 -5.18 9.72
CA ARG B 364 29.19 -4.61 8.45
C ARG B 364 28.89 -3.12 8.40
N THR B 365 28.93 -2.54 7.21
CA THR B 365 28.73 -1.10 7.08
C THR B 365 27.36 -0.69 7.54
N GLY B 366 27.24 0.54 8.04
CA GLY B 366 25.97 0.99 8.59
C GLY B 366 24.78 1.00 7.67
N GLU B 367 23.62 0.63 8.19
CA GLU B 367 22.39 0.56 7.39
C GLU B 367 22.57 -0.35 6.18
N ARG B 368 22.10 0.11 5.03
CA ARG B 368 22.62 -0.29 3.72
C ARG B 368 22.07 -1.66 3.28
N VAL B 369 21.27 -2.27 4.15
CA VAL B 369 20.65 -3.54 3.84
C VAL B 369 19.71 -3.28 2.71
N THR B 370 19.60 -4.21 1.78
CA THR B 370 18.78 -3.94 0.63
C THR B 370 17.67 -4.94 0.35
N ALA B 371 17.24 -5.13 -0.89
CA ALA B 371 16.08 -5.96 -1.15
C ALA B 371 16.42 -7.33 -1.72
N GLU B 372 15.40 -8.01 -2.22
CA GLU B 372 15.55 -9.34 -2.75
C GLU B 372 16.55 -9.27 -3.87
N GLU B 373 16.52 -8.22 -4.68
CA GLU B 373 17.53 -8.03 -5.73
C GLU B 373 18.93 -8.36 -5.22
N ILE B 374 19.45 -7.63 -4.24
CA ILE B 374 20.69 -8.03 -3.57
C ILE B 374 20.64 -9.39 -2.83
N ARG B 375 19.48 -9.90 -2.51
CA ARG B 375 19.51 -11.26 -1.98
C ARG B 375 19.75 -12.16 -3.18
N TYR B 376 19.61 -11.60 -4.38
CA TYR B 376 19.98 -12.36 -5.56
C TYR B 376 21.50 -12.48 -5.66
N VAL B 377 22.27 -11.58 -5.05
CA VAL B 377 23.74 -11.75 -5.00
C VAL B 377 24.04 -12.94 -4.09
N ALA B 378 23.25 -13.13 -3.04
CA ALA B 378 23.38 -14.32 -2.20
C ALA B 378 23.03 -15.53 -3.06
N SER B 379 22.05 -15.34 -3.93
CA SER B 379 21.73 -16.43 -4.87
C SER B 379 22.92 -16.72 -5.77
N GLU B 380 23.62 -15.69 -6.24
CA GLU B 380 24.81 -15.85 -7.07
C GLU B 380 25.89 -16.56 -6.28
N LEU B 381 25.81 -16.71 -4.96
CA LEU B 381 26.85 -17.55 -4.27
C LEU B 381 26.80 -19.03 -4.75
N GLU B 382 25.72 -19.42 -5.41
CA GLU B 382 25.59 -20.79 -5.91
C GLU B 382 26.65 -21.20 -6.93
N ASP B 383 27.09 -20.29 -7.78
CA ASP B 383 28.14 -20.57 -8.76
C ASP B 383 29.46 -20.90 -8.09
N THR B 384 29.74 -20.14 -7.06
CA THR B 384 30.93 -20.40 -6.29
C THR B 384 30.78 -21.76 -5.66
N LEU B 385 29.57 -22.08 -5.17
CA LEU B 385 29.36 -23.41 -4.59
C LEU B 385 29.61 -24.48 -5.63
N GLY B 386 29.19 -24.22 -6.86
CA GLY B 386 29.27 -25.21 -7.93
C GLY B 386 30.60 -25.68 -8.44
N GLY B 387 31.58 -24.80 -8.47
CA GLY B 387 32.88 -25.17 -9.00
C GLY B 387 33.54 -26.25 -8.20
N VAL B 388 33.39 -26.20 -6.88
CA VAL B 388 34.04 -27.16 -6.00
C VAL B 388 33.40 -28.54 -5.97
N TYR B 389 32.12 -28.62 -6.25
CA TYR B 389 31.44 -29.88 -6.15
C TYR B 389 31.46 -30.66 -7.45
N SER B 390 31.91 -30.03 -8.54
CA SER B 390 31.87 -30.71 -9.82
C SER B 390 32.75 -31.92 -9.87
N ILE B 391 33.98 -31.84 -9.37
CA ILE B 391 34.95 -32.94 -9.40
C ILE B 391 34.56 -33.90 -8.36
N LEU B 392 33.98 -33.38 -7.30
CA LEU B 392 33.63 -34.24 -6.23
C LEU B 392 32.68 -35.20 -6.83
N SER B 393 31.85 -34.84 -7.78
CA SER B 393 30.91 -35.83 -8.27
C SER B 393 31.56 -37.04 -8.91
N GLN B 394 32.46 -36.85 -9.84
CA GLN B 394 33.08 -37.97 -10.49
C GLN B 394 33.83 -38.78 -9.48
N GLU B 395 34.52 -38.10 -8.57
CA GLU B 395 35.32 -38.81 -7.59
C GLU B 395 34.56 -39.60 -6.57
N LEU B 396 33.43 -39.10 -6.07
CA LEU B 396 32.74 -39.74 -4.95
C LEU B 396 31.37 -40.20 -5.28
N GLN B 397 30.61 -39.26 -5.82
CA GLN B 397 29.26 -39.65 -6.18
C GLN B 397 29.13 -40.82 -7.06
N LEU B 398 29.99 -40.95 -8.03
CA LEU B 398 29.73 -42.02 -8.97
C LEU B 398 30.32 -43.29 -8.42
N PRO B 399 31.62 -43.28 -8.09
CA PRO B 399 32.02 -44.53 -7.52
C PRO B 399 31.13 -45.16 -6.46
N LEU B 400 30.58 -44.41 -5.54
CA LEU B 400 29.79 -45.03 -4.52
C LEU B 400 28.63 -45.70 -5.19
N VAL B 401 27.98 -45.04 -6.14
CA VAL B 401 26.80 -45.62 -6.76
C VAL B 401 27.15 -46.90 -7.51
N ARG B 402 28.25 -46.91 -8.24
CA ARG B 402 28.64 -48.09 -8.95
C ARG B 402 28.93 -49.24 -8.02
N VAL B 403 29.65 -48.98 -6.94
CA VAL B 403 29.97 -50.06 -6.06
C VAL B 403 28.69 -50.58 -5.47
N LEU B 404 27.78 -49.71 -5.08
CA LEU B 404 26.57 -50.18 -4.44
C LEU B 404 25.81 -51.04 -5.40
N LEU B 405 25.77 -50.65 -6.66
CA LEU B 405 24.99 -51.42 -7.60
C LEU B 405 25.57 -52.80 -7.81
N LYS B 406 26.88 -52.97 -7.95
CA LYS B 406 27.40 -54.32 -8.02
C LYS B 406 27.14 -55.10 -6.75
N GLN B 407 27.35 -54.50 -5.58
CA GLN B 407 27.21 -55.22 -4.32
C GLN B 407 25.78 -55.61 -4.02
N LEU B 408 24.79 -54.87 -4.51
CA LEU B 408 23.41 -55.26 -4.31
C LEU B 408 22.96 -56.36 -5.26
N GLN B 409 23.66 -56.54 -6.39
CA GLN B 409 23.36 -57.68 -7.25
C GLN B 409 23.81 -58.99 -6.61
N ALA B 410 24.96 -58.97 -5.94
CA ALA B 410 25.51 -60.18 -5.37
C ALA B 410 24.74 -60.66 -4.15
N THR B 411 24.13 -59.74 -3.40
CA THR B 411 23.33 -60.10 -2.24
C THR B 411 21.85 -60.20 -2.57
N GLN B 412 21.49 -60.03 -3.84
CA GLN B 412 20.13 -60.20 -4.37
C GLN B 412 19.13 -59.25 -3.73
N GLN B 413 19.60 -58.11 -3.24
CA GLN B 413 18.70 -57.06 -2.77
C GLN B 413 18.26 -56.15 -3.91
N ILE B 414 18.75 -56.40 -5.12
CA ILE B 414 18.39 -55.60 -6.29
C ILE B 414 18.20 -56.54 -7.47
N PRO B 415 17.29 -56.19 -8.38
CA PRO B 415 17.18 -57.01 -9.60
C PRO B 415 18.36 -56.78 -10.51
N GLU B 416 18.77 -57.84 -11.18
CA GLU B 416 19.93 -57.78 -12.06
C GLU B 416 19.58 -56.96 -13.29
N LEU B 417 20.00 -55.70 -13.29
CA LEU B 417 19.68 -54.80 -14.38
C LEU B 417 20.51 -55.16 -15.62
N PRO B 418 19.88 -55.19 -16.80
CA PRO B 418 20.43 -55.95 -17.94
C PRO B 418 21.50 -55.22 -18.74
N LYS B 419 22.62 -54.94 -18.08
CA LYS B 419 23.94 -54.64 -18.69
C LYS B 419 23.96 -53.35 -19.51
N GLU B 420 22.87 -52.59 -19.56
CA GLU B 420 22.79 -51.45 -20.48
C GLU B 420 22.35 -50.16 -19.81
N ALA B 421 22.10 -50.14 -18.50
CA ALA B 421 21.66 -48.94 -17.82
C ALA B 421 22.84 -48.32 -17.10
N VAL B 422 23.00 -47.00 -17.24
CA VAL B 422 24.08 -46.24 -16.65
C VAL B 422 23.49 -45.07 -15.90
N GLU B 423 24.31 -44.45 -15.06
CA GLU B 423 23.79 -43.44 -14.18
C GLU B 423 24.39 -42.08 -14.16
N PRO B 424 23.55 -41.07 -14.28
CA PRO B 424 24.04 -39.72 -14.14
C PRO B 424 23.66 -39.24 -12.78
N THR B 425 24.59 -38.65 -12.07
CA THR B 425 24.25 -38.09 -10.78
C THR B 425 23.69 -36.70 -10.98
N ILE B 426 22.44 -36.62 -11.44
CA ILE B 426 21.82 -35.33 -11.72
C ILE B 426 21.32 -34.71 -10.43
N SER B 427 21.47 -33.39 -10.30
CA SER B 427 21.08 -32.72 -9.07
C SER B 427 19.63 -32.26 -9.15
N GLY B 434 18.50 -36.66 -10.20
CA GLY B 434 17.30 -36.09 -9.64
C GLY B 434 16.45 -35.42 -10.69
N ARG B 435 15.43 -36.14 -11.15
CA ARG B 435 14.51 -35.65 -12.17
C ARG B 435 13.31 -35.00 -11.48
N GLY B 436 13.09 -33.71 -11.74
CA GLY B 436 14.02 -32.86 -12.46
C GLY B 436 13.60 -32.56 -13.88
N GLN B 437 14.42 -33.01 -14.83
CA GLN B 437 14.12 -32.76 -16.23
C GLN B 437 12.91 -33.54 -16.70
N ASP B 438 12.66 -34.71 -16.12
CA ASP B 438 11.47 -35.46 -16.49
C ASP B 438 10.21 -34.82 -15.90
N LEU B 439 10.35 -34.09 -14.79
CA LEU B 439 9.17 -33.50 -14.18
C LEU B 439 8.83 -32.15 -14.79
N ASP B 440 9.84 -31.28 -14.94
CA ASP B 440 9.59 -29.92 -15.39
C ASP B 440 9.17 -29.88 -16.86
N LYS B 441 9.76 -30.74 -17.69
CA LYS B 441 9.38 -30.81 -19.08
C LYS B 441 8.01 -31.45 -19.27
N LEU B 442 7.53 -32.26 -18.35
CA LEU B 442 6.14 -32.64 -18.43
C LEU B 442 5.29 -31.48 -18.17
N GLU B 443 5.61 -30.75 -17.12
CA GLU B 443 4.73 -29.70 -16.66
C GLU B 443 4.58 -28.50 -17.52
N ARG B 444 5.66 -28.02 -18.11
CA ARG B 444 5.54 -26.86 -18.96
C ARG B 444 4.68 -27.19 -20.13
N CYS B 445 4.91 -28.32 -20.73
CA CYS B 445 4.09 -28.72 -21.82
C CYS B 445 2.67 -28.96 -21.37
N VAL B 446 2.44 -29.52 -20.21
CA VAL B 446 1.03 -29.70 -19.79
C VAL B 446 0.31 -28.38 -19.66
N THR B 447 0.95 -27.30 -19.25
CA THR B 447 0.22 -26.00 -19.24
C THR B 447 -0.12 -25.51 -20.64
N ALA B 448 0.73 -25.84 -21.59
CA ALA B 448 0.49 -25.44 -22.97
C ALA B 448 -0.76 -26.09 -23.50
N TRP B 449 -1.03 -27.32 -23.09
CA TRP B 449 -2.26 -27.98 -23.50
C TRP B 449 -3.53 -27.26 -22.99
N ALA B 450 -3.52 -26.73 -21.77
CA ALA B 450 -4.64 -25.89 -21.29
C ALA B 450 -4.74 -24.59 -22.09
N ALA B 451 -3.62 -24.07 -22.52
CA ALA B 451 -3.71 -22.88 -23.36
C ALA B 451 -4.52 -23.26 -24.60
N LEU B 452 -4.63 -24.55 -24.87
CA LEU B 452 -5.36 -25.02 -26.05
C LEU B 452 -6.77 -25.44 -25.71
N ALA B 453 -7.17 -25.29 -24.45
CA ALA B 453 -8.55 -25.61 -24.04
C ALA B 453 -9.67 -24.76 -24.65
N PRO B 454 -9.48 -23.44 -24.78
CA PRO B 454 -10.51 -22.66 -25.48
C PRO B 454 -10.68 -23.07 -26.92
N MET B 455 -9.59 -23.40 -27.59
CA MET B 455 -9.64 -23.71 -29.02
C MET B 455 -9.96 -25.15 -29.25
N ARG B 456 -10.30 -25.88 -28.21
CA ARG B 456 -10.52 -27.31 -28.35
C ARG B 456 -11.62 -27.59 -29.34
N ASP B 457 -12.65 -26.76 -29.33
CA ASP B 457 -13.76 -26.96 -30.23
C ASP B 457 -13.60 -26.27 -31.59
N ASP B 458 -12.48 -25.57 -31.80
CA ASP B 458 -12.30 -24.81 -33.03
C ASP B 458 -12.31 -25.67 -34.29
N PRO B 459 -13.04 -25.23 -35.31
CA PRO B 459 -13.16 -26.00 -36.55
C PRO B 459 -11.90 -26.18 -37.37
N ASP B 460 -11.06 -25.16 -37.46
CA ASP B 460 -9.89 -25.24 -38.34
C ASP B 460 -8.56 -25.63 -37.73
N ILE B 461 -8.35 -25.36 -36.45
CA ILE B 461 -7.03 -25.62 -35.88
C ILE B 461 -6.85 -27.11 -35.68
N ASN B 462 -5.74 -27.64 -36.17
CA ASN B 462 -5.45 -29.06 -36.00
C ASN B 462 -4.88 -29.25 -34.60
N LEU B 463 -5.78 -29.39 -33.63
CA LEU B 463 -5.37 -29.63 -32.25
C LEU B 463 -4.71 -30.99 -32.07
N ALA B 464 -4.93 -31.92 -33.00
CA ALA B 464 -4.20 -33.18 -32.99
C ALA B 464 -2.74 -33.00 -33.32
N MET B 465 -2.37 -31.88 -33.94
CA MET B 465 -1.00 -31.65 -34.38
C MET B 465 -0.27 -30.68 -33.46
N ILE B 466 -0.98 -29.69 -32.93
CA ILE B 466 -0.38 -28.69 -32.04
C ILE B 466 0.09 -29.34 -30.75
N LYS B 467 -0.68 -30.31 -30.24
CA LYS B 467 -0.26 -31.07 -29.07
C LYS B 467 0.96 -31.93 -29.37
N LEU B 468 1.23 -32.22 -30.62
CA LEU B 468 2.44 -32.95 -30.93
C LEU B 468 3.57 -31.96 -30.99
N ARG B 469 3.38 -30.81 -31.62
CA ARG B 469 4.46 -29.85 -31.78
C ARG B 469 4.98 -29.26 -30.49
N ILE B 470 4.09 -28.95 -29.57
CA ILE B 470 4.50 -28.41 -28.29
C ILE B 470 5.33 -29.45 -27.59
N ALA B 471 4.95 -30.72 -27.73
CA ALA B 471 5.71 -31.80 -27.15
C ALA B 471 7.04 -31.89 -27.76
N ASN B 472 7.13 -31.80 -29.07
CA ASN B 472 8.40 -31.97 -29.71
C ASN B 472 9.25 -30.88 -29.12
N ALA B 473 8.69 -29.68 -29.00
CA ALA B 473 9.47 -28.52 -28.57
C ALA B 473 9.97 -28.54 -27.15
N ILE B 474 9.13 -28.94 -26.20
CA ILE B 474 9.60 -29.06 -24.85
C ILE B 474 10.68 -30.10 -24.90
N GLY B 475 10.49 -31.12 -25.72
CA GLY B 475 11.46 -32.19 -25.80
C GLY B 475 11.05 -33.48 -25.15
N ILE B 476 9.79 -33.62 -24.80
CA ILE B 476 9.33 -34.88 -24.26
C ILE B 476 9.35 -35.98 -25.30
N ASP B 477 9.35 -37.23 -24.87
CA ASP B 477 9.50 -38.37 -25.80
C ASP B 477 8.38 -38.71 -26.75
N THR B 478 7.21 -38.11 -26.59
CA THR B 478 6.07 -38.48 -27.42
C THR B 478 5.86 -39.98 -27.29
N SER B 479 5.75 -40.69 -28.41
CA SER B 479 5.44 -42.12 -28.38
C SER B 479 4.12 -42.36 -27.66
N GLY B 480 4.15 -42.42 -26.35
CA GLY B 480 2.94 -42.63 -25.59
C GLY B 480 1.90 -41.55 -25.57
N ILE B 481 2.28 -40.30 -25.72
CA ILE B 481 1.34 -39.20 -25.55
C ILE B 481 0.11 -39.12 -26.43
N LEU B 482 0.20 -39.43 -27.70
CA LEU B 482 -1.00 -39.31 -28.49
C LEU B 482 -1.70 -40.62 -28.57
N LEU B 483 -3.01 -40.60 -28.34
CA LEU B 483 -3.76 -41.82 -28.35
C LEU B 483 -3.78 -42.17 -29.78
N THR B 484 -3.48 -43.43 -30.09
CA THR B 484 -3.38 -43.84 -31.47
C THR B 484 -4.74 -43.95 -32.10
N GLU B 485 -4.91 -44.20 -33.37
CA GLU B 485 -6.30 -44.38 -33.84
C GLU B 485 -7.11 -45.46 -33.06
N GLU B 486 -6.50 -46.61 -32.81
CA GLU B 486 -7.20 -47.71 -32.11
C GLU B 486 -7.63 -47.46 -30.71
N GLN B 487 -6.78 -46.80 -29.95
CA GLN B 487 -7.15 -46.46 -28.61
C GLN B 487 -8.29 -45.46 -28.62
N LYS B 488 -8.32 -44.55 -29.59
CA LYS B 488 -9.45 -43.65 -29.69
C LYS B 488 -10.73 -44.43 -30.00
N GLN B 489 -10.61 -45.44 -30.86
CA GLN B 489 -11.79 -46.23 -31.12
C GLN B 489 -12.26 -46.88 -29.83
N GLN B 490 -11.33 -47.36 -29.04
CA GLN B 490 -11.71 -48.01 -27.81
C GLN B 490 -12.39 -47.04 -26.91
N LYS B 491 -11.86 -45.86 -26.81
CA LYS B 491 -12.41 -44.87 -25.91
C LYS B 491 -13.82 -44.59 -26.31
N MET B 492 -14.08 -44.51 -27.61
CA MET B 492 -15.48 -44.37 -28.00
C MET B 492 -16.42 -45.44 -27.40
N ALA B 493 -16.20 -46.73 -27.64
CA ALA B 493 -17.07 -47.77 -27.13
C ALA B 493 -17.23 -47.67 -25.63
N GLN B 494 -16.22 -47.20 -24.91
CA GLN B 494 -16.27 -47.19 -23.46
C GLN B 494 -17.22 -46.14 -22.93
N GLN B 495 -17.39 -45.03 -23.65
CA GLN B 495 -18.45 -44.09 -23.29
C GLN B 495 -19.81 -44.69 -23.59
N SER B 496 -19.89 -45.48 -24.65
CA SER B 496 -21.15 -46.12 -25.03
C SER B 496 -21.46 -47.32 -24.16
N MET B 497 -20.44 -48.12 -23.84
CA MET B 497 -20.67 -49.26 -22.95
C MET B 497 -20.99 -48.81 -21.54
N GLN B 498 -20.49 -47.63 -21.15
CA GLN B 498 -20.93 -47.02 -19.90
C GLN B 498 -22.40 -46.66 -19.96
N MET B 499 -22.81 -45.93 -21.01
CA MET B 499 -24.22 -45.58 -21.14
C MET B 499 -25.07 -46.79 -21.50
N GLY B 500 -24.47 -47.82 -22.09
CA GLY B 500 -25.18 -49.07 -22.27
C GLY B 500 -25.44 -49.78 -20.97
N MET B 501 -24.40 -49.88 -20.12
CA MET B 501 -24.60 -50.51 -18.82
C MET B 501 -25.44 -49.65 -17.89
N ASP B 502 -25.38 -48.32 -18.04
CA ASP B 502 -26.14 -47.45 -17.14
C ASP B 502 -27.61 -47.46 -17.49
N ASN B 503 -27.95 -47.22 -18.75
CA ASN B 503 -29.35 -47.21 -19.16
C ASN B 503 -29.94 -48.62 -19.13
N GLY B 504 -29.12 -49.64 -19.38
CA GLY B 504 -29.57 -51.01 -19.33
C GLY B 504 -29.94 -51.46 -17.93
N ALA B 505 -29.07 -51.18 -16.96
CA ALA B 505 -29.35 -51.56 -15.58
C ALA B 505 -30.47 -50.73 -14.98
N ALA B 506 -30.70 -49.52 -15.49
CA ALA B 506 -31.85 -48.74 -15.08
C ALA B 506 -33.12 -49.16 -15.79
N ALA B 507 -33.00 -49.89 -16.89
CA ALA B 507 -34.18 -50.29 -17.64
C ALA B 507 -34.87 -51.49 -16.98
N LEU B 508 -34.14 -52.59 -16.81
CA LEU B 508 -34.76 -53.81 -16.30
C LEU B 508 -35.10 -53.70 -14.83
N ALA B 509 -34.37 -52.87 -14.09
CA ALA B 509 -34.72 -52.66 -12.69
C ALA B 509 -36.01 -51.88 -12.55
N GLN B 510 -36.25 -50.94 -13.47
CA GLN B 510 -37.59 -50.37 -13.59
C GLN B 510 -38.51 -51.34 -14.31
N GLY B 511 -37.95 -52.20 -15.17
CA GLY B 511 -38.75 -53.14 -15.93
C GLY B 511 -39.24 -54.32 -15.13
N MET B 512 -38.37 -54.93 -14.32
CA MET B 512 -38.80 -56.08 -13.53
C MET B 512 -39.70 -55.66 -12.38
N ALA B 513 -39.25 -54.68 -11.59
CA ALA B 513 -39.93 -54.31 -10.35
C ALA B 513 -41.28 -53.64 -10.57
N ALA B 514 -41.56 -53.14 -11.78
CA ALA B 514 -42.90 -52.63 -12.04
C ALA B 514 -43.90 -53.77 -12.20
N GLN B 515 -43.54 -54.79 -12.96
CA GLN B 515 -44.41 -55.93 -13.19
C GLN B 515 -44.26 -57.03 -12.16
N ALA B 516 -43.30 -56.94 -11.25
CA ALA B 516 -43.23 -57.92 -10.18
C ALA B 516 -44.24 -57.49 -9.16
N THR B 517 -44.08 -56.29 -8.64
CA THR B 517 -45.01 -55.77 -7.65
C THR B 517 -46.40 -55.44 -8.21
N ALA B 518 -46.59 -55.55 -9.53
CA ALA B 518 -47.93 -55.33 -10.09
C ALA B 518 -48.83 -56.47 -9.68
N SER B 519 -50.02 -56.17 -9.14
CA SER B 519 -51.01 -57.17 -8.68
C SER B 519 -50.68 -57.64 -7.28
N PRO B 520 -51.68 -57.78 -6.41
CA PRO B 520 -51.36 -58.13 -5.02
C PRO B 520 -50.74 -59.51 -4.81
N GLU B 521 -51.27 -60.53 -5.47
CA GLU B 521 -50.71 -61.88 -5.35
C GLU B 521 -49.33 -62.04 -5.96
N ALA B 522 -49.10 -61.44 -7.13
CA ALA B 522 -47.82 -61.57 -7.80
C ALA B 522 -46.82 -60.97 -6.88
N MET B 523 -47.28 -60.05 -6.08
CA MET B 523 -46.42 -59.37 -5.10
C MET B 523 -46.03 -60.33 -3.98
N ALA B 524 -46.95 -61.18 -3.55
CA ALA B 524 -46.63 -62.18 -2.53
C ALA B 524 -45.72 -63.25 -3.11
N ALA B 525 -45.84 -63.53 -4.42
CA ALA B 525 -44.97 -64.51 -5.05
C ALA B 525 -43.57 -63.94 -5.25
N ALA B 526 -43.46 -62.63 -5.44
CA ALA B 526 -42.15 -62.04 -5.66
C ALA B 526 -41.35 -61.95 -4.36
N ALA B 527 -42.03 -61.82 -3.23
CA ALA B 527 -41.34 -61.72 -1.95
C ALA B 527 -40.83 -63.08 -1.51
N ASP B 528 -41.43 -64.16 -2.01
CA ASP B 528 -41.00 -65.49 -1.60
C ASP B 528 -39.72 -65.90 -2.31
N SER B 529 -39.42 -65.27 -3.46
CA SER B 529 -38.22 -65.60 -4.20
C SER B 529 -36.97 -65.09 -3.49
N VAL B 530 -37.10 -63.98 -2.76
CA VAL B 530 -36.02 -63.45 -1.96
C VAL B 530 -35.93 -64.30 -0.69
N GLY B 531 -37.10 -64.59 -0.13
CA GLY B 531 -37.18 -65.34 1.12
C GLY B 531 -38.16 -64.72 2.14
N LEU B 532 -38.73 -63.56 1.84
CA LEU B 532 -39.61 -62.85 2.79
C LEU B 532 -41.07 -63.32 2.92
N GLN B 533 -41.71 -63.00 4.04
CA GLN B 533 -43.12 -63.37 4.28
C GLN B 533 -44.16 -62.46 3.60
N PRO B 534 -45.38 -62.98 3.37
CA PRO B 534 -46.43 -62.20 2.72
C PRO B 534 -46.92 -60.93 3.42
N GLY B 535 -47.15 -60.95 4.73
CA GLY B 535 -47.54 -59.74 5.44
C GLY B 535 -46.34 -58.81 5.52
N ILE B 536 -46.57 -57.50 5.51
CA ILE B 536 -45.47 -56.55 5.63
C ILE B 536 -45.27 -56.10 7.06
N THR C 6 34.01 -67.96 38.05
CA THR C 6 34.94 -68.26 36.97
C THR C 6 35.87 -67.07 36.73
N GLY C 7 37.04 -67.33 36.18
CA GLY C 7 37.98 -66.25 35.93
C GLY C 7 37.41 -65.26 34.94
N LEU C 8 36.73 -65.76 33.90
CA LEU C 8 36.08 -64.89 32.92
C LEU C 8 37.06 -64.16 32.00
N ALA C 9 38.32 -64.59 31.94
CA ALA C 9 39.33 -63.97 31.07
C ALA C 9 39.58 -62.49 31.35
N GLU C 10 39.46 -62.05 32.61
CA GLU C 10 39.65 -60.64 32.99
C GLU C 10 40.18 -60.57 34.44
N ASP C 11 40.83 -59.49 34.82
CA ASP C 11 41.30 -59.33 36.18
C ASP C 11 40.17 -59.25 37.20
N GLY C 12 39.13 -58.51 36.87
CA GLY C 12 38.19 -57.97 37.84
C GLY C 12 37.70 -56.59 37.44
N ALA C 13 36.40 -56.34 37.56
CA ALA C 13 35.84 -55.05 37.14
C ALA C 13 36.33 -53.86 37.92
N LYS C 14 36.56 -54.03 39.21
CA LYS C 14 37.12 -52.93 39.98
C LYS C 14 38.41 -52.50 39.38
N SER C 15 39.29 -53.43 39.13
CA SER C 15 40.59 -53.10 38.59
C SER C 15 40.54 -52.50 37.21
N VAL C 16 39.68 -53.03 36.35
CA VAL C 16 39.57 -52.49 35.01
C VAL C 16 39.15 -51.06 35.16
N TYR C 17 38.27 -50.79 36.09
CA TYR C 17 37.87 -49.41 36.34
C TYR C 17 39.02 -48.58 36.85
N GLU C 18 39.92 -49.17 37.65
CA GLU C 18 40.98 -48.37 38.25
C GLU C 18 42.17 -48.18 37.32
N ARG C 19 42.46 -49.13 36.45
CA ARG C 19 43.52 -48.92 35.47
C ARG C 19 43.15 -47.85 34.48
N LEU C 20 41.88 -47.80 34.09
CA LEU C 20 41.44 -46.90 33.05
C LEU C 20 40.79 -45.64 33.60
N LYS C 21 40.72 -45.49 34.92
CA LYS C 21 40.33 -44.20 35.48
C LYS C 21 41.40 -43.16 35.22
N ASN C 22 42.65 -43.58 35.05
CA ASN C 22 43.74 -42.70 34.65
C ASN C 22 43.71 -42.34 33.17
N ASP C 23 42.64 -42.66 32.46
CA ASP C 23 42.44 -42.20 31.09
C ASP C 23 41.28 -41.22 30.98
N ARG C 24 40.38 -41.21 31.96
CA ARG C 24 39.34 -40.18 31.97
C ARG C 24 39.91 -38.82 32.34
N ALA C 25 40.89 -38.82 33.24
CA ALA C 25 41.52 -37.63 33.81
C ALA C 25 42.03 -36.60 32.80
N PRO C 26 42.43 -36.97 31.56
CA PRO C 26 42.51 -35.93 30.54
C PRO C 26 41.16 -35.31 30.19
N TYR C 27 40.17 -36.13 29.85
CA TYR C 27 38.86 -35.61 29.45
C TYR C 27 38.11 -35.00 30.60
N GLU C 28 38.25 -35.57 31.79
CA GLU C 28 37.53 -35.08 32.96
C GLU C 28 38.00 -33.70 33.37
N THR C 29 39.32 -33.47 33.39
CA THR C 29 39.83 -32.14 33.72
C THR C 29 39.67 -31.15 32.57
N ARG C 30 39.36 -31.61 31.37
CA ARG C 30 38.90 -30.69 30.34
C ARG C 30 37.50 -30.21 30.65
N ALA C 31 36.60 -31.14 30.96
CA ALA C 31 35.20 -30.80 31.17
C ALA C 31 34.99 -29.97 32.43
N GLN C 32 35.81 -30.19 33.46
CA GLN C 32 35.75 -29.35 34.64
C GLN C 32 36.17 -27.93 34.31
N ASN C 33 37.14 -27.77 33.41
CA ASN C 33 37.45 -26.45 32.90
C ASN C 33 36.36 -25.98 31.94
N CYS C 34 35.83 -26.88 31.13
CA CYS C 34 34.92 -26.48 30.07
C CYS C 34 33.53 -26.15 30.59
N ALA C 35 33.14 -26.71 31.73
CA ALA C 35 31.89 -26.31 32.36
C ALA C 35 32.05 -25.10 33.24
N GLN C 36 33.28 -24.76 33.61
CA GLN C 36 33.52 -23.61 34.47
C GLN C 36 33.19 -22.31 33.77
N TYR C 37 33.32 -22.27 32.44
CA TYR C 37 33.10 -21.05 31.69
C TYR C 37 31.66 -20.91 31.21
N THR C 38 30.94 -22.01 31.04
CA THR C 38 29.58 -21.92 30.52
C THR C 38 28.54 -21.93 31.63
N ILE C 39 28.47 -23.04 32.36
CA ILE C 39 27.54 -23.19 33.47
C ILE C 39 28.13 -24.20 34.46
N PRO C 40 28.57 -23.74 35.64
CA PRO C 40 29.33 -24.64 36.52
C PRO C 40 28.49 -25.71 37.20
N SER C 41 27.16 -25.60 37.18
CA SER C 41 26.33 -26.61 37.80
C SER C 41 26.16 -27.85 36.94
N LEU C 42 26.68 -27.83 35.71
CA LEU C 42 26.37 -28.90 34.77
C LEU C 42 27.33 -30.08 34.92
N PHE C 43 28.62 -29.81 35.09
CA PHE C 43 29.61 -30.87 35.27
C PHE C 43 30.43 -30.58 36.51
N PRO C 44 30.04 -31.18 37.66
CA PRO C 44 30.77 -30.78 38.87
C PRO C 44 32.09 -31.47 39.01
N LYS C 45 33.03 -30.84 39.71
CA LYS C 45 34.30 -31.47 39.96
C LYS C 45 33.97 -32.59 40.91
N ASP C 46 34.75 -33.67 40.93
CA ASP C 46 34.38 -34.82 41.74
C ASP C 46 34.30 -34.49 43.21
N SER C 47 35.20 -33.64 43.69
CA SER C 47 35.16 -33.23 45.07
C SER C 47 33.88 -32.50 45.41
N ASP C 48 33.42 -31.65 44.52
CA ASP C 48 32.23 -30.85 44.77
C ASP C 48 31.10 -31.58 45.42
N ASN C 49 30.61 -31.04 46.53
CA ASN C 49 29.54 -31.68 47.26
C ASN C 49 28.40 -30.72 47.47
N ALA C 50 27.58 -30.98 48.46
CA ALA C 50 26.46 -30.13 48.74
C ALA C 50 26.90 -28.74 49.07
N SER C 51 28.02 -28.60 49.75
CA SER C 51 28.57 -27.30 50.11
C SER C 51 29.05 -26.40 48.97
N THR C 52 29.66 -26.97 47.93
CA THR C 52 30.24 -26.16 46.87
C THR C 52 29.31 -25.16 46.21
N ASP C 53 29.72 -23.92 46.19
CA ASP C 53 28.91 -22.93 45.53
C ASP C 53 29.50 -22.64 44.17
N TYR C 54 28.67 -22.71 43.15
CA TYR C 54 29.18 -22.53 41.82
C TYR C 54 29.09 -21.08 41.39
N GLN C 55 30.21 -20.37 41.45
CA GLN C 55 30.25 -18.99 41.05
C GLN C 55 29.92 -18.85 39.59
N THR C 56 29.02 -17.92 39.28
CA THR C 56 28.64 -17.69 37.91
C THR C 56 29.82 -17.06 37.17
N PRO C 57 30.04 -17.41 35.91
CA PRO C 57 31.09 -16.76 35.14
C PRO C 57 30.75 -15.31 34.88
N TRP C 58 31.79 -14.51 34.70
CA TRP C 58 31.61 -13.07 34.48
C TRP C 58 30.88 -12.80 33.18
N GLN C 59 31.09 -13.63 32.18
CA GLN C 59 30.32 -13.62 30.95
C GLN C 59 29.16 -14.59 31.05
N ALA C 60 28.06 -14.25 30.38
CA ALA C 60 26.89 -15.12 30.33
C ALA C 60 26.53 -15.47 28.90
N VAL C 61 27.54 -15.73 28.07
CA VAL C 61 27.28 -16.25 26.74
C VAL C 61 27.32 -17.77 26.74
N GLY C 62 28.24 -18.36 27.50
CA GLY C 62 28.29 -19.80 27.61
C GLY C 62 27.07 -20.39 28.27
N ALA C 63 26.53 -19.70 29.28
CA ALA C 63 25.27 -20.13 29.86
C ALA C 63 24.12 -19.93 28.89
N ARG C 64 24.20 -18.88 28.07
CA ARG C 64 23.20 -18.65 27.03
C ARG C 64 23.35 -19.64 25.89
N GLY C 65 24.54 -19.74 25.33
CA GLY C 65 24.76 -20.53 24.13
C GLY C 65 24.83 -22.02 24.32
N LEU C 66 24.53 -22.53 25.50
CA LEU C 66 24.45 -23.96 25.74
C LEU C 66 23.01 -24.45 25.76
N ASN C 67 22.17 -23.80 26.57
CA ASN C 67 20.75 -24.09 26.57
C ASN C 67 20.12 -23.78 25.21
N ASN C 68 20.61 -22.75 24.54
CA ASN C 68 20.16 -22.42 23.21
C ASN C 68 20.77 -23.33 22.15
N LEU C 69 21.68 -24.22 22.52
CA LEU C 69 22.20 -25.22 21.60
C LEU C 69 21.79 -26.63 21.98
N ALA C 70 21.60 -26.91 23.27
CA ALA C 70 21.10 -28.22 23.64
C ALA C 70 19.63 -28.38 23.29
N SER C 71 18.92 -27.25 23.24
CA SER C 71 17.51 -27.28 22.89
C SER C 71 17.30 -27.38 21.42
N LYS C 72 18.07 -26.64 20.65
CA LYS C 72 17.96 -26.74 19.21
C LYS C 72 18.38 -28.11 18.73
N LEU C 73 19.43 -28.64 19.31
CA LEU C 73 19.84 -29.97 18.94
C LEU C 73 18.72 -30.89 19.29
N MET C 74 18.06 -30.74 20.43
CA MET C 74 17.00 -31.67 20.77
C MET C 74 15.88 -31.59 19.78
N LEU C 75 15.46 -30.38 19.40
CA LEU C 75 14.33 -30.30 18.50
C LEU C 75 14.71 -30.99 17.23
N ALA C 76 15.91 -30.76 16.76
CA ALA C 76 16.31 -31.34 15.49
C ALA C 76 16.45 -32.84 15.51
N LEU C 77 16.99 -33.37 16.59
CA LEU C 77 17.29 -34.79 16.63
C LEU C 77 16.11 -35.60 17.07
N PHE C 78 15.45 -35.14 18.11
CA PHE C 78 14.31 -35.87 18.62
C PHE C 78 13.06 -35.04 18.48
N PRO C 79 12.61 -34.87 17.22
CA PRO C 79 11.47 -34.02 17.00
C PRO C 79 10.30 -34.71 17.61
N MET C 80 9.28 -33.99 17.98
CA MET C 80 8.09 -34.66 18.48
C MET C 80 7.53 -35.52 17.37
N GLN C 81 7.52 -35.00 16.17
CA GLN C 81 7.04 -35.76 15.03
C GLN C 81 7.96 -36.92 14.80
N THR C 82 7.43 -38.05 14.39
CA THR C 82 8.25 -39.25 14.23
C THR C 82 9.61 -39.05 13.62
N TRP C 83 10.64 -39.50 14.31
CA TRP C 83 11.96 -39.38 13.75
C TRP C 83 12.72 -40.64 13.44
N MET C 84 12.08 -41.80 13.51
CA MET C 84 12.58 -42.99 12.83
C MET C 84 11.48 -43.54 11.99
N ARG C 85 11.82 -44.14 10.87
CA ARG C 85 10.83 -44.92 10.15
C ARG C 85 11.44 -46.23 9.72
N LEU C 86 10.61 -47.26 9.54
CA LEU C 86 11.14 -48.58 9.22
C LEU C 86 11.00 -48.81 7.72
N THR C 87 12.14 -48.85 7.03
CA THR C 87 12.15 -49.20 5.62
C THR C 87 12.24 -50.71 5.49
N ILE C 88 11.27 -51.28 4.80
CA ILE C 88 11.42 -52.65 4.34
C ILE C 88 12.19 -52.62 3.02
N SER C 89 13.03 -53.63 2.81
CA SER C 89 13.74 -53.76 1.55
C SER C 89 12.72 -54.06 0.46
N GLU C 90 12.59 -53.13 -0.48
CA GLU C 90 11.39 -53.11 -1.33
C GLU C 90 11.41 -54.23 -2.36
N TYR C 91 12.57 -54.56 -2.92
CA TYR C 91 12.62 -55.62 -3.92
C TYR C 91 12.43 -56.99 -3.28
N GLU C 92 12.98 -57.19 -2.08
CA GLU C 92 12.72 -58.42 -1.36
C GLU C 92 11.32 -58.46 -0.77
N ALA C 93 10.65 -57.31 -0.68
CA ALA C 93 9.24 -57.31 -0.32
C ALA C 93 8.36 -57.66 -1.51
N LYS C 94 8.81 -57.35 -2.73
CA LYS C 94 8.03 -57.74 -3.90
C LYS C 94 8.10 -59.23 -4.16
N GLN C 95 9.20 -59.87 -3.79
CA GLN C 95 9.38 -61.29 -4.09
C GLN C 95 8.53 -62.15 -3.17
N LEU C 96 8.48 -61.81 -1.90
CA LEU C 96 7.83 -62.65 -0.90
C LEU C 96 6.35 -62.37 -0.74
N LEU C 97 5.72 -61.68 -1.68
CA LEU C 97 4.38 -61.16 -1.46
C LEU C 97 3.65 -61.00 -2.79
N SER C 98 2.33 -61.13 -2.74
CA SER C 98 1.48 -60.93 -3.90
C SER C 98 1.07 -59.46 -3.98
N ASP C 99 1.54 -58.79 -5.03
CA ASP C 99 1.35 -57.36 -5.22
C ASP C 99 -0.13 -57.03 -5.45
N PRO C 100 -0.55 -55.76 -5.21
CA PRO C 100 0.10 -54.61 -4.57
C PRO C 100 -0.45 -54.26 -3.19
N ASP C 101 -1.58 -54.87 -2.82
CA ASP C 101 -2.25 -54.50 -1.59
C ASP C 101 -1.47 -54.96 -0.36
N GLY C 102 -0.77 -56.08 -0.47
CA GLY C 102 0.02 -56.57 0.64
C GLY C 102 1.23 -55.72 0.95
N LEU C 103 1.72 -54.96 -0.03
CA LEU C 103 2.93 -54.15 0.19
C LEU C 103 2.67 -53.01 1.16
N ALA C 104 1.61 -52.24 0.92
CA ALA C 104 1.26 -51.19 1.86
C ALA C 104 0.68 -51.75 3.15
N LYS C 105 0.15 -52.98 3.12
CA LYS C 105 -0.27 -53.64 4.34
C LYS C 105 0.93 -53.95 5.24
N VAL C 106 2.08 -54.25 4.63
CA VAL C 106 3.32 -54.37 5.39
C VAL C 106 3.74 -53.03 5.96
N ASP C 107 3.64 -51.97 5.15
CA ASP C 107 4.00 -50.64 5.63
C ASP C 107 3.01 -50.08 6.64
N GLU C 108 1.83 -50.69 6.79
CA GLU C 108 0.99 -50.33 7.92
C GLU C 108 1.52 -50.96 9.20
N GLY C 109 2.04 -52.19 9.10
CA GLY C 109 2.73 -52.78 10.23
C GLY C 109 4.01 -52.05 10.58
N LEU C 110 4.64 -51.43 9.59
CA LEU C 110 5.79 -50.58 9.89
C LEU C 110 5.36 -49.21 10.38
N SER C 111 4.18 -48.74 9.99
CA SER C 111 3.61 -47.56 10.63
C SER C 111 2.98 -47.90 11.96
N MET C 112 2.70 -49.18 12.20
CA MET C 112 2.26 -49.62 13.52
C MET C 112 3.38 -49.46 14.53
N VAL C 113 4.56 -50.00 14.21
CA VAL C 113 5.66 -50.08 15.15
C VAL C 113 6.23 -48.70 15.46
N GLU C 114 6.35 -47.86 14.43
CA GLU C 114 6.97 -46.54 14.60
C GLU C 114 6.11 -45.60 15.44
N ARG C 115 4.83 -45.92 15.64
CA ARG C 115 4.01 -45.15 16.57
C ARG C 115 4.07 -45.72 17.98
N ILE C 116 4.29 -47.02 18.11
CA ILE C 116 4.36 -47.65 19.43
C ILE C 116 5.64 -47.25 20.13
N ILE C 117 6.73 -47.14 19.37
CA ILE C 117 8.00 -46.69 19.94
C ILE C 117 7.91 -45.23 20.37
N MET C 118 7.26 -44.40 19.56
CA MET C 118 7.03 -43.02 19.96
C MET C 118 6.04 -42.91 21.11
N ASN C 119 5.16 -43.91 21.27
CA ASN C 119 4.36 -44.01 22.47
C ASN C 119 5.08 -44.71 23.59
N TYR C 120 6.26 -45.28 23.34
CA TYR C 120 7.07 -45.86 24.39
C TYR C 120 8.11 -44.87 24.89
N ILE C 121 8.67 -44.08 23.96
CA ILE C 121 9.66 -43.08 24.32
C ILE C 121 9.04 -41.96 25.13
N GLU C 122 7.88 -41.48 24.70
CA GLU C 122 7.26 -40.35 25.39
C GLU C 122 6.65 -40.76 26.72
N SER C 123 6.23 -42.01 26.86
CA SER C 123 5.58 -42.47 28.08
C SER C 123 6.55 -43.07 29.07
N ASN C 124 7.85 -42.97 28.83
CA ASN C 124 8.85 -43.40 29.80
C ASN C 124 9.86 -42.31 30.10
N SER C 125 9.54 -41.06 29.75
CA SER C 125 10.38 -39.88 29.97
C SER C 125 11.77 -40.05 29.36
N TYR C 126 11.83 -40.60 28.15
CA TYR C 126 13.10 -40.62 27.44
C TYR C 126 13.46 -39.24 26.90
N ARG C 127 12.46 -38.36 26.74
CA ARG C 127 12.74 -37.00 26.32
C ARG C 127 13.50 -36.23 27.39
N VAL C 128 13.32 -36.62 28.64
CA VAL C 128 14.00 -35.93 29.74
C VAL C 128 15.47 -36.31 29.76
N THR C 129 15.77 -37.59 29.87
CA THR C 129 17.14 -38.06 30.05
C THR C 129 17.96 -37.97 28.78
N LEU C 130 17.34 -37.79 27.62
CA LEU C 130 18.11 -37.42 26.45
C LEU C 130 18.46 -35.94 26.44
N PHE C 131 17.60 -35.10 27.00
CA PHE C 131 17.99 -33.70 27.10
C PHE C 131 19.04 -33.50 28.18
N GLU C 132 19.01 -34.31 29.24
CA GLU C 132 20.16 -34.32 30.15
C GLU C 132 21.38 -34.93 29.49
N ALA C 133 21.19 -35.82 28.52
CA ALA C 133 22.33 -36.34 27.79
C ALA C 133 22.91 -35.29 26.86
N LEU C 134 22.06 -34.52 26.17
CA LEU C 134 22.56 -33.55 25.21
C LEU C 134 23.27 -32.39 25.89
N LYS C 135 22.93 -32.10 27.15
CA LYS C 135 23.69 -31.08 27.86
C LYS C 135 25.05 -31.61 28.27
N GLN C 136 25.16 -32.91 28.54
CA GLN C 136 26.47 -33.49 28.79
C GLN C 136 27.28 -33.60 27.51
N LEU C 137 26.62 -33.87 26.39
CA LEU C 137 27.34 -34.00 25.13
C LEU C 137 27.91 -32.67 24.65
N VAL C 138 27.38 -31.55 25.09
CA VAL C 138 28.00 -30.30 24.70
C VAL C 138 29.18 -29.98 25.61
N VAL C 139 28.97 -29.79 26.90
CA VAL C 139 30.08 -29.53 27.81
C VAL C 139 31.10 -30.63 28.01
N ALA C 140 30.68 -31.87 28.26
CA ALA C 140 31.64 -32.91 28.58
C ALA C 140 32.07 -33.73 27.43
N GLY C 141 31.14 -33.99 26.53
CA GLY C 141 31.44 -34.75 25.35
C GLY C 141 31.19 -36.22 25.39
N ASN C 142 30.94 -36.78 26.55
CA ASN C 142 30.62 -38.18 26.62
C ASN C 142 29.49 -38.45 27.61
N VAL C 143 28.61 -39.42 27.31
CA VAL C 143 27.57 -39.83 28.24
C VAL C 143 27.30 -41.30 27.92
N LEU C 144 26.90 -42.12 28.88
CA LEU C 144 26.54 -43.51 28.60
C LEU C 144 25.12 -43.59 28.99
N LEU C 145 24.29 -44.19 28.17
CA LEU C 145 22.89 -44.20 28.44
C LEU C 145 22.46 -45.64 28.52
N TYR C 146 21.99 -46.07 29.67
CA TYR C 146 21.63 -47.46 29.87
C TYR C 146 20.17 -47.61 29.75
N LEU C 147 19.70 -48.49 28.86
CA LEU C 147 18.28 -48.65 28.64
C LEU C 147 17.86 -49.87 29.38
N PRO C 148 17.31 -49.69 30.58
CA PRO C 148 17.03 -50.86 31.40
C PRO C 148 16.05 -51.79 30.75
N GLU C 149 16.26 -53.08 30.92
CA GLU C 149 15.40 -54.06 30.29
C GLU C 149 13.98 -53.85 30.76
N PRO C 150 13.02 -53.87 29.84
CA PRO C 150 11.69 -53.59 30.33
C PRO C 150 11.22 -54.75 31.19
N GLU C 151 10.60 -54.46 32.32
CA GLU C 151 10.08 -55.53 33.15
C GLU C 151 8.64 -55.17 33.40
N GLY C 152 7.70 -55.69 32.59
CA GLY C 152 6.35 -55.22 32.75
C GLY C 152 6.11 -53.90 32.03
N SER C 153 4.84 -53.53 31.98
CA SER C 153 4.42 -52.27 31.37
C SER C 153 4.37 -51.12 32.36
N ASN C 154 5.14 -51.21 33.44
CA ASN C 154 5.22 -50.13 34.41
C ASN C 154 6.16 -49.03 33.93
N TYR C 155 6.45 -48.09 34.81
CA TYR C 155 7.30 -46.96 34.48
C TYR C 155 8.75 -47.40 34.43
N ASN C 156 9.49 -47.13 33.36
CA ASN C 156 10.87 -47.64 33.24
C ASN C 156 11.83 -46.67 32.59
N PRO C 157 12.30 -45.68 33.35
CA PRO C 157 13.16 -44.66 32.76
C PRO C 157 14.57 -45.11 32.48
N MET C 158 15.26 -44.52 31.51
CA MET C 158 16.66 -44.89 31.32
C MET C 158 17.59 -44.14 32.23
N LYS C 159 18.88 -44.48 32.19
CA LYS C 159 19.83 -43.85 33.09
C LYS C 159 21.04 -43.32 32.36
N LEU C 160 21.57 -42.18 32.81
CA LEU C 160 22.74 -41.59 32.19
C LEU C 160 23.93 -41.54 33.13
N TYR C 161 25.11 -41.88 32.63
CA TYR C 161 26.31 -41.85 33.43
C TYR C 161 27.18 -40.81 32.78
N ARG C 162 27.55 -39.80 33.53
CA ARG C 162 28.29 -38.71 32.94
C ARG C 162 29.80 -38.67 33.07
N LEU C 163 30.51 -39.65 32.55
CA LEU C 163 31.96 -39.58 32.51
C LEU C 163 32.51 -39.27 33.87
N SER C 164 31.97 -39.91 34.88
CA SER C 164 32.51 -39.75 36.20
C SER C 164 31.96 -40.95 36.87
N SER C 165 31.04 -41.61 36.18
CA SER C 165 30.49 -42.84 36.72
C SER C 165 30.69 -44.02 35.78
N TYR C 166 31.28 -43.83 34.61
CA TYR C 166 31.57 -44.97 33.76
C TYR C 166 33.00 -44.88 33.27
N VAL C 167 33.44 -45.99 32.66
CA VAL C 167 34.69 -46.10 31.92
C VAL C 167 34.44 -47.02 30.74
N VAL C 168 34.78 -46.56 29.52
CA VAL C 168 34.85 -47.49 28.39
C VAL C 168 36.28 -47.52 27.86
N GLN C 169 36.56 -48.56 27.12
CA GLN C 169 37.82 -48.69 26.41
C GLN C 169 37.53 -49.21 25.03
N ARG C 170 37.90 -48.45 24.02
CA ARG C 170 37.69 -48.88 22.65
C ARG C 170 39.02 -48.84 21.91
N ASP C 171 38.96 -49.27 20.67
CA ASP C 171 40.13 -49.53 19.85
C ASP C 171 40.53 -48.24 19.13
N ALA C 172 41.62 -48.29 18.36
CA ALA C 172 41.80 -47.29 17.32
C ALA C 172 40.75 -47.47 16.24
N PHE C 173 40.36 -48.71 15.97
CA PHE C 173 39.16 -49.00 15.24
C PHE C 173 37.94 -48.59 16.07
N GLY C 174 36.81 -48.42 15.40
CA GLY C 174 35.67 -47.77 16.04
C GLY C 174 34.98 -48.56 17.14
N ASN C 175 35.18 -49.87 17.18
CA ASN C 175 34.36 -50.72 18.04
C ASN C 175 34.81 -50.68 19.50
N VAL C 176 33.87 -50.98 20.39
CA VAL C 176 34.10 -50.92 21.82
C VAL C 176 34.65 -52.27 22.27
N LEU C 177 35.66 -52.26 23.12
CA LEU C 177 36.16 -53.48 23.73
C LEU C 177 35.48 -53.78 25.07
N GLN C 178 35.60 -52.89 26.04
CA GLN C 178 35.03 -53.15 27.34
C GLN C 178 34.52 -51.86 27.95
N MET C 179 33.47 -51.99 28.77
CA MET C 179 32.85 -50.89 29.48
C MET C 179 32.76 -51.25 30.95
N VAL C 180 32.98 -50.27 31.83
CA VAL C 180 32.75 -50.44 33.25
C VAL C 180 31.89 -49.29 33.73
N THR C 181 30.83 -49.52 34.49
CA THR C 181 30.17 -48.41 35.22
C THR C 181 30.12 -48.61 36.72
N ARG C 182 30.33 -47.55 37.48
CA ARG C 182 30.15 -47.48 38.90
C ARG C 182 28.90 -46.71 39.29
N ASP C 183 27.98 -47.40 39.92
CA ASP C 183 26.86 -46.79 40.59
C ASP C 183 27.00 -47.29 42.02
N GLN C 184 26.71 -46.34 42.92
CA GLN C 184 26.80 -46.60 44.33
C GLN C 184 25.45 -46.62 45.02
N ILE C 185 24.68 -47.66 44.76
CA ILE C 185 23.36 -47.80 45.38
C ILE C 185 23.47 -48.17 46.83
N ALA C 186 22.72 -47.50 47.70
CA ALA C 186 22.75 -47.77 49.13
C ALA C 186 22.26 -49.14 49.45
N PHE C 187 22.53 -49.64 50.64
CA PHE C 187 22.17 -51.02 50.94
C PHE C 187 20.70 -51.27 50.81
N GLY C 188 19.89 -50.37 51.32
CA GLY C 188 18.47 -50.58 51.29
C GLY C 188 17.94 -50.64 49.89
N ALA C 189 18.48 -49.81 49.01
CA ALA C 189 17.95 -49.73 47.67
C ALA C 189 18.49 -50.75 46.68
N LEU C 190 19.50 -51.51 47.08
CA LEU C 190 20.11 -52.47 46.18
C LEU C 190 19.05 -53.47 45.79
N PRO C 191 19.07 -53.89 44.53
CA PRO C 191 18.08 -54.86 44.08
C PRO C 191 18.25 -56.17 44.80
N GLU C 192 17.17 -56.89 45.03
CA GLU C 192 17.22 -58.13 45.79
C GLU C 192 18.40 -59.06 45.59
N ASP C 193 18.62 -59.55 44.37
CA ASP C 193 19.68 -60.54 44.21
C ASP C 193 21.02 -60.03 44.70
N ILE C 194 21.21 -58.71 44.72
CA ILE C 194 22.48 -58.16 45.16
C ILE C 194 22.58 -58.19 46.68
N ARG C 195 21.45 -58.01 47.37
CA ARG C 195 21.44 -58.06 48.84
C ARG C 195 21.76 -59.44 49.35
N LYS C 196 21.43 -60.48 48.59
CA LYS C 196 21.85 -61.83 48.96
C LYS C 196 23.34 -62.02 48.74
N ALA C 197 23.96 -61.23 47.86
CA ALA C 197 25.40 -61.36 47.65
C ALA C 197 26.18 -60.54 48.66
N VAL C 198 25.64 -59.40 49.08
CA VAL C 198 26.33 -58.57 50.07
C VAL C 198 26.25 -59.21 51.44
N GLU C 199 25.06 -59.69 51.82
CA GLU C 199 24.93 -60.51 53.02
C GLU C 199 25.71 -61.81 52.87
N GLY C 200 25.74 -62.37 51.66
CA GLY C 200 26.56 -63.54 51.39
C GLY C 200 28.05 -63.30 51.49
N GLN C 201 28.50 -62.05 51.33
CA GLN C 201 29.89 -61.73 51.63
C GLN C 201 30.14 -61.77 53.13
N GLY C 202 29.17 -61.34 53.93
CA GLY C 202 29.33 -61.36 55.36
C GLY C 202 29.33 -59.97 55.98
N GLY C 203 28.97 -59.89 57.26
CA GLY C 203 28.96 -58.63 57.96
C GLY C 203 27.70 -57.82 57.72
N GLU C 204 27.16 -57.24 58.79
CA GLU C 204 25.95 -56.44 58.65
C GLU C 204 26.28 -55.07 58.08
N LYS C 205 25.27 -54.45 57.48
CA LYS C 205 25.41 -53.15 56.84
C LYS C 205 24.37 -52.20 57.39
N LYS C 206 24.68 -50.91 57.36
CA LYS C 206 23.69 -49.91 57.67
C LYS C 206 22.66 -49.82 56.55
N ALA C 207 21.51 -49.24 56.87
CA ALA C 207 20.43 -49.14 55.88
C ALA C 207 20.76 -48.12 54.81
N ASP C 208 21.64 -47.17 55.11
CA ASP C 208 21.96 -46.08 54.20
C ASP C 208 23.40 -46.10 53.70
N GLU C 209 24.15 -47.11 54.11
CA GLU C 209 25.51 -47.29 53.69
C GLU C 209 25.47 -47.52 52.22
N THR C 210 26.40 -46.95 51.48
CA THR C 210 26.32 -46.92 50.04
C THR C 210 27.26 -47.93 49.44
N ILE C 211 26.69 -48.78 48.62
CA ILE C 211 27.39 -49.91 48.04
C ILE C 211 27.57 -49.57 46.56
N ASP C 212 28.76 -49.79 46.02
CA ASP C 212 28.99 -49.43 44.64
C ASP C 212 29.26 -50.65 43.79
N VAL C 213 28.53 -50.75 42.68
CA VAL C 213 28.38 -51.95 41.95
C VAL C 213 29.03 -51.73 40.63
N TYR C 214 29.94 -52.60 40.24
CA TYR C 214 30.61 -52.37 39.00
C TYR C 214 30.10 -53.36 38.02
N THR C 215 29.68 -52.87 36.87
CA THR C 215 29.38 -53.79 35.79
C THR C 215 30.60 -53.90 34.89
N HIS C 216 30.59 -54.88 34.01
CA HIS C 216 31.73 -55.08 33.13
C HIS C 216 31.21 -55.72 31.86
N ILE C 217 31.33 -55.02 30.74
CA ILE C 217 30.54 -55.29 29.55
C ILE C 217 31.51 -55.66 28.43
N TYR C 218 32.54 -56.42 28.78
CA TYR C 218 33.65 -56.70 27.89
C TYR C 218 33.23 -57.51 26.67
N LEU C 219 33.94 -57.31 25.56
CA LEU C 219 33.66 -58.05 24.33
C LEU C 219 34.28 -59.41 24.45
N ASP C 220 33.46 -60.44 24.36
CA ASP C 220 34.00 -61.77 24.52
C ASP C 220 34.91 -62.01 23.36
N GLU C 221 36.06 -62.63 23.61
CA GLU C 221 36.94 -62.96 22.51
C GLU C 221 36.20 -63.91 21.60
N ASP C 222 35.54 -64.90 22.17
CA ASP C 222 34.78 -65.85 21.37
C ASP C 222 33.42 -65.32 20.97
N SER C 223 33.13 -65.33 19.67
CA SER C 223 31.79 -64.96 19.15
C SER C 223 31.45 -63.49 18.99
N GLY C 224 32.30 -62.60 19.47
CA GLY C 224 32.06 -61.18 19.31
C GLY C 224 30.70 -60.80 19.84
N GLU C 225 30.25 -61.46 20.89
CA GLU C 225 28.97 -61.16 21.49
C GLU C 225 29.41 -60.64 22.80
N TYR C 226 28.79 -59.58 23.29
CA TYR C 226 29.34 -59.06 24.52
C TYR C 226 28.95 -59.96 25.68
N LEU C 227 29.77 -59.96 26.73
CA LEU C 227 29.41 -60.57 28.00
C LEU C 227 29.33 -59.48 29.06
N ARG C 228 28.31 -59.52 29.89
CA ARG C 228 28.24 -58.55 30.95
C ARG C 228 28.05 -59.24 32.26
N TYR C 229 28.96 -59.01 33.18
CA TYR C 229 28.88 -59.57 34.51
C TYR C 229 29.00 -58.39 35.41
N GLU C 230 28.15 -58.30 36.43
CA GLU C 230 28.21 -57.17 37.34
C GLU C 230 28.40 -57.60 38.77
N GLU C 231 29.20 -56.82 39.48
CA GLU C 231 30.02 -57.23 40.61
C GLU C 231 29.89 -56.29 41.78
N VAL C 232 29.80 -56.81 42.98
CA VAL C 232 29.52 -56.01 44.15
C VAL C 232 30.67 -56.26 45.05
N GLU C 233 31.25 -55.22 45.62
CA GLU C 233 32.39 -55.33 46.52
C GLU C 233 33.48 -56.12 45.82
N GLY C 234 34.01 -57.15 46.46
CA GLY C 234 35.00 -57.94 45.76
C GLY C 234 34.54 -58.70 44.53
N MET C 235 33.45 -59.48 44.64
CA MET C 235 33.06 -60.35 43.53
C MET C 235 31.67 -60.35 42.91
N GLU C 236 31.50 -61.08 41.81
CA GLU C 236 30.25 -61.06 41.05
C GLU C 236 28.95 -61.54 41.66
N VAL C 237 27.85 -60.85 41.36
CA VAL C 237 26.55 -61.28 41.84
C VAL C 237 26.13 -62.52 41.13
N GLN C 238 25.31 -63.34 41.75
CA GLN C 238 24.76 -64.49 41.05
C GLN C 238 23.70 -63.94 40.12
N GLY C 239 23.70 -64.36 38.87
CA GLY C 239 22.67 -63.94 37.93
C GLY C 239 23.01 -62.71 37.14
N SER C 240 24.20 -62.17 37.35
CA SER C 240 24.61 -60.99 36.61
C SER C 240 24.91 -61.31 35.20
N ASP C 241 25.35 -62.52 34.96
CA ASP C 241 25.81 -62.82 33.62
C ASP C 241 24.74 -62.64 32.60
N GLY C 242 25.11 -61.97 31.52
CA GLY C 242 24.18 -61.72 30.44
C GLY C 242 25.06 -61.62 29.23
N THR C 243 24.48 -61.84 28.06
CA THR C 243 25.25 -61.70 26.85
C THR C 243 24.52 -60.80 25.91
N TYR C 244 25.17 -59.73 25.52
CA TYR C 244 24.55 -58.79 24.64
C TYR C 244 25.16 -58.92 23.23
N PRO C 245 24.36 -59.14 22.16
CA PRO C 245 24.97 -59.16 20.83
C PRO C 245 25.68 -57.84 20.55
N LYS C 246 26.47 -57.86 19.47
CA LYS C 246 27.30 -56.71 19.12
C LYS C 246 26.46 -55.51 18.69
N GLU C 247 25.36 -55.76 17.99
CA GLU C 247 24.54 -54.68 17.45
C GLU C 247 23.43 -54.23 18.38
N ALA C 248 23.13 -54.99 19.42
CA ALA C 248 22.03 -54.66 20.32
C ALA C 248 22.50 -54.84 21.77
N CYS C 249 23.09 -53.79 22.33
CA CYS C 249 23.45 -53.81 23.73
C CYS C 249 22.84 -52.61 24.45
N PRO C 250 22.29 -52.80 25.64
CA PRO C 250 21.59 -51.70 26.32
C PRO C 250 22.49 -50.57 26.80
N TYR C 251 23.80 -50.76 26.78
CA TYR C 251 24.77 -49.73 27.14
C TYR C 251 25.38 -49.21 25.87
N ILE C 252 25.03 -47.99 25.48
CA ILE C 252 25.66 -47.44 24.29
C ILE C 252 26.33 -46.12 24.65
N PRO C 253 27.63 -45.98 24.39
CA PRO C 253 28.29 -44.73 24.71
C PRO C 253 28.14 -43.70 23.62
N ILE C 254 27.70 -42.51 23.97
CA ILE C 254 27.60 -41.50 22.97
C ILE C 254 28.86 -40.68 23.09
N ARG C 255 29.40 -40.20 21.98
CA ARG C 255 30.56 -39.33 21.99
C ARG C 255 30.28 -38.29 20.94
N MET C 256 30.69 -37.09 21.17
CA MET C 256 30.49 -36.06 20.18
C MET C 256 31.85 -35.60 19.72
N VAL C 257 31.95 -35.15 18.48
CA VAL C 257 33.23 -34.89 17.85
C VAL C 257 34.15 -36.08 17.99
N ARG C 258 33.69 -37.27 17.64
CA ARG C 258 34.49 -38.45 17.84
C ARG C 258 35.73 -38.33 17.02
N LEU C 259 36.86 -38.67 17.62
CA LEU C 259 38.17 -38.50 17.00
C LEU C 259 38.78 -39.88 16.99
N ASP C 260 39.47 -40.25 15.92
CA ASP C 260 40.21 -41.52 15.92
C ASP C 260 41.44 -41.49 16.84
N GLY C 261 41.75 -42.62 17.45
CA GLY C 261 40.77 -43.62 17.80
C GLY C 261 40.21 -43.45 19.19
N GLU C 262 40.68 -42.43 19.86
CA GLU C 262 40.76 -42.42 21.30
C GLU C 262 39.39 -42.49 21.93
N SER C 263 39.31 -43.15 23.06
CA SER C 263 38.11 -43.84 23.48
C SER C 263 36.88 -42.96 23.70
N TYR C 264 37.08 -41.75 24.20
CA TYR C 264 36.02 -40.77 24.43
C TYR C 264 36.19 -39.61 23.47
N GLY C 265 35.20 -38.74 23.34
CA GLY C 265 35.27 -37.75 22.30
C GLY C 265 35.19 -36.35 22.80
N ARG C 266 35.98 -35.44 22.27
CA ARG C 266 36.15 -34.16 22.90
C ARG C 266 34.88 -33.36 22.75
N SER C 267 34.53 -32.53 23.72
CA SER C 267 33.23 -31.89 23.76
C SER C 267 33.05 -30.85 22.70
N TYR C 268 31.83 -30.55 22.33
CA TYR C 268 31.58 -29.46 21.42
C TYR C 268 31.92 -28.06 21.88
N ILE C 269 31.69 -27.78 23.13
CA ILE C 269 31.88 -26.47 23.67
C ILE C 269 33.25 -26.26 24.19
N GLU C 270 34.14 -27.22 24.05
CA GLU C 270 35.55 -26.96 24.17
C GLU C 270 36.20 -26.86 22.83
N GLU C 271 35.42 -26.95 21.76
CA GLU C 271 36.01 -26.29 20.55
C GLU C 271 36.37 -24.79 20.61
N TYR C 272 35.48 -23.96 21.14
CA TYR C 272 35.45 -22.53 21.36
C TYR C 272 35.77 -22.20 22.77
N LEU C 273 36.30 -23.14 23.51
CA LEU C 273 36.62 -22.91 24.89
C LEU C 273 37.68 -21.91 25.05
N GLY C 274 38.66 -21.86 24.19
CA GLY C 274 39.66 -20.82 24.32
C GLY C 274 39.05 -19.46 24.19
N ASP C 275 38.18 -19.29 23.22
CA ASP C 275 37.51 -18.05 22.94
C ASP C 275 36.58 -17.56 24.01
N LEU C 276 35.86 -18.47 24.66
CA LEU C 276 35.05 -18.09 25.81
C LEU C 276 35.91 -17.61 26.89
N ARG C 277 37.00 -18.31 27.13
CA ARG C 277 37.93 -18.01 28.19
C ARG C 277 38.54 -16.68 28.07
N SER C 278 38.87 -16.28 26.86
CA SER C 278 39.12 -14.91 26.51
C SER C 278 37.97 -13.91 26.65
N LEU C 279 36.73 -14.26 26.36
CA LEU C 279 35.61 -13.37 26.61
C LEU C 279 35.42 -13.08 28.07
N GLU C 280 35.66 -14.06 28.92
CA GLU C 280 35.54 -13.87 30.34
C GLU C 280 36.49 -12.88 30.93
N ASN C 281 37.72 -12.85 30.49
CA ASN C 281 38.76 -11.94 30.95
C ASN C 281 38.51 -10.51 30.52
N LEU C 282 37.73 -10.29 29.46
CA LEU C 282 37.26 -8.94 29.19
C LEU C 282 36.11 -8.57 30.13
N GLN C 283 35.08 -9.42 30.17
CA GLN C 283 33.90 -9.14 30.98
C GLN C 283 34.18 -9.12 32.47
N GLU C 284 35.28 -9.74 32.91
CA GLU C 284 35.72 -9.52 34.28
C GLU C 284 36.27 -8.12 34.46
N ALA C 285 36.88 -7.54 33.43
CA ALA C 285 37.50 -6.24 33.61
C ALA C 285 36.51 -5.10 33.48
N ILE C 286 35.52 -5.24 32.59
CA ILE C 286 34.51 -4.19 32.41
C ILE C 286 33.68 -4.03 33.70
N VAL C 287 33.33 -5.15 34.34
CA VAL C 287 32.57 -5.08 35.57
C VAL C 287 33.40 -4.47 36.69
N LYS C 288 34.68 -4.85 36.78
CA LYS C 288 35.54 -4.28 37.81
C LYS C 288 35.86 -2.82 37.56
N MET C 289 35.84 -2.37 36.30
CA MET C 289 35.95 -0.94 36.06
C MET C 289 34.71 -0.19 36.50
N SER C 290 33.56 -0.83 36.54
CA SER C 290 32.35 -0.19 37.05
C SER C 290 32.28 -0.18 38.56
N MET C 291 33.17 -0.90 39.23
CA MET C 291 33.10 -0.94 40.69
C MET C 291 33.98 0.13 41.31
N ILE C 292 35.11 0.45 40.67
CA ILE C 292 35.85 1.66 41.03
C ILE C 292 34.98 2.88 40.76
N SER C 293 34.25 2.84 39.64
CA SER C 293 33.24 3.84 39.33
C SER C 293 32.18 3.95 40.41
N SER C 294 31.77 2.82 40.99
CA SER C 294 30.68 2.82 41.96
C SER C 294 31.04 3.53 43.26
N LYS C 295 32.31 3.51 43.65
CA LYS C 295 32.75 4.18 44.86
C LYS C 295 32.76 5.68 44.64
N VAL C 296 32.25 6.42 45.62
CA VAL C 296 32.02 7.86 45.48
C VAL C 296 32.95 8.56 46.46
N ILE C 297 34.11 8.98 46.01
CA ILE C 297 35.10 9.61 46.88
C ILE C 297 35.07 11.12 46.65
N GLY C 298 34.93 11.87 47.72
CA GLY C 298 34.92 13.32 47.64
C GLY C 298 36.26 13.96 47.85
N LEU C 299 36.96 14.30 46.77
CA LEU C 299 38.29 14.87 46.87
C LEU C 299 38.20 16.36 47.18
N VAL C 300 38.50 16.74 48.40
CA VAL C 300 38.53 18.15 48.78
C VAL C 300 39.92 18.71 48.51
N ASN C 301 39.99 19.77 47.73
CA ASN C 301 41.21 20.49 47.48
C ASN C 301 41.71 21.10 48.78
N PRO C 302 42.84 20.66 49.33
CA PRO C 302 43.25 21.12 50.65
C PRO C 302 43.90 22.49 50.63
N ALA C 303 44.02 23.12 49.47
CA ALA C 303 44.47 24.51 49.40
C ALA C 303 43.29 25.46 49.23
N GLY C 304 42.11 25.04 49.67
CA GLY C 304 40.91 25.82 49.44
C GLY C 304 40.28 26.34 50.72
N ILE C 305 39.00 26.74 50.58
CA ILE C 305 38.28 27.32 51.68
C ILE C 305 37.26 26.35 52.19
N THR C 306 36.57 25.64 51.31
CA THR C 306 35.49 24.79 51.75
C THR C 306 35.96 23.78 52.72
N GLN C 307 35.21 23.62 53.79
CA GLN C 307 35.54 22.62 54.76
C GLN C 307 34.39 21.69 54.77
N PRO C 308 34.65 20.40 54.58
CA PRO C 308 33.58 19.41 54.58
C PRO C 308 32.85 19.34 55.88
N ARG C 309 33.36 19.95 56.94
CA ARG C 309 32.76 19.90 58.24
C ARG C 309 31.48 20.59 58.22
N ARG C 310 31.43 21.76 57.61
CA ARG C 310 30.24 22.47 57.22
C ARG C 310 29.39 21.90 56.17
N LEU C 311 29.94 21.27 55.17
CA LEU C 311 29.06 20.63 54.17
C LEU C 311 28.22 19.44 54.54
N THR C 312 28.40 18.83 55.68
CA THR C 312 27.94 17.56 56.10
C THR C 312 27.09 17.72 57.33
N LYS C 313 26.81 18.92 57.76
CA LYS C 313 25.75 19.10 58.69
C LYS C 313 24.73 20.03 58.20
N ALA C 314 24.75 20.28 56.91
CA ALA C 314 23.85 21.23 56.34
C ALA C 314 22.58 20.51 56.05
N GLN C 315 21.48 21.23 56.06
CA GLN C 315 20.21 20.63 55.76
C GLN C 315 19.97 20.70 54.30
N THR C 316 18.74 20.52 53.88
CA THR C 316 18.45 20.44 52.48
C THR C 316 18.82 21.64 51.70
N GLY C 317 18.62 22.83 52.23
CA GLY C 317 18.87 24.04 51.45
C GLY C 317 19.83 25.07 51.96
N ASP C 318 20.71 24.73 52.88
CA ASP C 318 21.54 25.71 53.53
C ASP C 318 22.56 26.50 52.80
N PHE C 319 22.77 27.73 53.24
CA PHE C 319 23.83 28.52 52.68
C PHE C 319 25.07 28.20 53.49
N VAL C 320 26.13 27.79 52.85
CA VAL C 320 27.38 27.32 53.42
C VAL C 320 28.51 28.15 52.82
N THR C 321 29.59 28.35 53.56
CA THR C 321 30.77 29.04 53.02
C THR C 321 31.47 28.13 52.03
N GLY C 322 32.01 28.70 50.97
CA GLY C 322 32.98 27.96 50.18
C GLY C 322 32.79 28.17 48.70
N ARG C 323 33.79 27.70 47.96
CA ARG C 323 33.84 27.73 46.50
C ARG C 323 33.48 26.37 45.92
N PRO C 324 32.78 26.31 44.80
CA PRO C 324 32.41 25.01 44.25
C PRO C 324 33.56 24.27 43.62
N GLU C 325 34.63 24.96 43.24
CA GLU C 325 35.75 24.34 42.56
C GLU C 325 36.74 23.69 43.52
N ASP C 326 36.46 23.70 44.82
CA ASP C 326 37.30 22.93 45.75
C ASP C 326 36.83 21.49 45.83
N ILE C 327 35.51 21.28 45.83
CA ILE C 327 34.94 19.94 45.97
C ILE C 327 34.89 19.32 44.59
N SER C 328 35.79 18.39 44.31
CA SER C 328 35.65 17.56 43.13
C SER C 328 35.65 16.10 43.55
N PHE C 329 35.22 15.23 42.65
CA PHE C 329 35.01 13.84 43.01
C PHE C 329 35.94 12.94 42.21
N LEU C 330 36.62 11.96 42.77
CA LEU C 330 37.56 11.20 41.96
C LEU C 330 36.77 10.40 40.99
N GLN C 331 37.05 10.49 39.69
CA GLN C 331 36.34 9.64 38.75
C GLN C 331 37.30 8.83 37.89
N LEU C 332 36.91 7.61 37.53
CA LEU C 332 37.75 6.76 36.69
C LEU C 332 37.97 7.31 35.30
N GLU C 333 39.21 7.27 34.84
CA GLU C 333 39.58 7.83 33.55
C GLU C 333 39.85 6.85 32.45
N LYS C 334 39.46 5.61 32.60
CA LYS C 334 39.61 4.66 31.52
C LYS C 334 38.40 4.80 30.61
N GLN C 335 38.31 5.90 29.86
CA GLN C 335 37.14 6.15 29.01
C GLN C 335 37.50 5.77 27.61
N ALA C 336 38.32 6.54 26.88
CA ALA C 336 38.77 5.99 25.61
C ALA C 336 39.33 4.59 25.75
N ASP C 337 39.28 4.02 26.95
CA ASP C 337 39.74 2.66 27.14
C ASP C 337 38.59 1.68 27.39
N PHE C 338 37.49 2.17 27.95
CA PHE C 338 36.31 1.33 28.12
C PHE C 338 35.71 0.95 26.78
N THR C 339 35.90 1.78 25.75
CA THR C 339 35.37 1.48 24.43
C THR C 339 36.25 0.51 23.66
N VAL C 340 37.54 0.42 23.99
CA VAL C 340 38.39 -0.59 23.37
C VAL C 340 37.98 -1.97 23.85
N ALA C 341 37.88 -2.16 25.15
CA ALA C 341 37.51 -3.45 25.70
C ALA C 341 36.04 -3.80 25.51
N LYS C 342 35.19 -2.83 25.17
CA LYS C 342 33.81 -3.16 24.88
C LYS C 342 33.64 -3.62 23.44
N ALA C 343 34.30 -2.94 22.49
CA ALA C 343 34.12 -3.26 21.09
C ALA C 343 34.78 -4.59 20.72
N VAL C 344 35.77 -5.01 21.50
CA VAL C 344 36.32 -6.34 21.30
C VAL C 344 35.39 -7.39 21.91
N SER C 345 34.86 -7.12 23.10
CA SER C 345 33.94 -8.04 23.73
C SER C 345 32.62 -8.12 22.97
N ASP C 346 32.23 -7.07 22.27
CA ASP C 346 31.09 -7.17 21.38
C ASP C 346 31.43 -7.86 20.08
N ALA C 347 32.72 -8.00 19.76
CA ALA C 347 33.12 -8.74 18.58
C ALA C 347 33.35 -10.21 18.87
N ILE C 348 33.73 -10.55 20.10
CA ILE C 348 33.92 -11.95 20.44
C ILE C 348 32.58 -12.61 20.69
N GLU C 349 31.64 -11.89 21.34
CA GLU C 349 30.28 -12.40 21.47
C GLU C 349 29.59 -12.51 20.11
N ALA C 350 29.98 -11.67 19.15
CA ALA C 350 29.41 -11.77 17.82
C ALA C 350 29.88 -13.03 17.10
N ARG C 351 31.11 -13.46 17.33
CA ARG C 351 31.61 -14.65 16.66
C ARG C 351 31.52 -15.90 17.51
N LEU C 352 30.92 -15.80 18.69
CA LEU C 352 30.43 -17.01 19.37
C LEU C 352 28.94 -17.20 19.17
N SER C 353 28.21 -16.13 18.90
CA SER C 353 26.77 -16.26 18.66
C SER C 353 26.45 -16.85 17.30
N PHE C 354 27.43 -16.98 16.41
CA PHE C 354 27.18 -17.79 15.22
C PHE C 354 27.64 -19.22 15.44
N ALA C 355 28.67 -19.40 16.27
CA ALA C 355 29.14 -20.74 16.60
C ALA C 355 28.10 -21.51 17.39
N PHE C 356 27.33 -20.82 18.20
CA PHE C 356 26.18 -21.38 18.88
C PHE C 356 24.96 -20.98 18.05
N MET C 357 23.86 -21.68 18.24
CA MET C 357 22.75 -21.51 17.32
C MET C 357 21.78 -20.43 17.74
N LEU C 358 22.35 -19.38 18.35
CA LEU C 358 21.54 -18.28 18.83
C LEU C 358 21.69 -17.14 17.89
N ASN C 359 20.58 -16.54 17.50
CA ASN C 359 20.66 -15.36 16.68
C ASN C 359 21.35 -14.36 17.57
N SER C 360 22.27 -13.57 17.04
CA SER C 360 23.07 -12.69 17.90
C SER C 360 22.30 -11.64 18.70
N ALA C 361 22.82 -11.31 19.89
CA ALA C 361 22.16 -10.33 20.77
C ALA C 361 21.76 -9.01 20.14
N VAL C 362 20.53 -8.58 20.37
CA VAL C 362 20.02 -7.33 19.84
C VAL C 362 20.93 -6.16 20.20
N GLN C 363 21.60 -6.20 21.35
CA GLN C 363 22.58 -5.15 21.65
C GLN C 363 23.61 -5.19 20.53
N ARG C 364 23.42 -4.37 19.50
CA ARG C 364 24.27 -4.42 18.31
C ARG C 364 24.35 -3.04 17.66
N THR C 365 24.82 -2.99 16.42
CA THR C 365 24.99 -1.72 15.74
C THR C 365 23.69 -0.99 15.56
N GLY C 366 23.74 0.34 15.55
CA GLY C 366 22.52 1.13 15.49
C GLY C 366 21.64 0.93 14.29
N GLU C 367 20.33 0.93 14.51
CA GLU C 367 19.35 0.71 13.43
C GLU C 367 19.60 -0.63 12.74
N ARG C 368 19.55 -0.62 11.41
CA ARG C 368 20.26 -1.56 10.56
C ARG C 368 19.53 -2.91 10.47
N VAL C 369 18.42 -3.03 11.19
CA VAL C 369 17.61 -4.22 11.17
C VAL C 369 17.07 -4.31 9.77
N THR C 370 16.97 -5.52 9.25
CA THR C 370 16.54 -5.63 7.86
C THR C 370 15.33 -6.52 7.63
N ALA C 371 15.19 -7.13 6.46
CA ALA C 371 13.96 -7.85 6.15
C ALA C 371 14.10 -9.37 6.22
N GLU C 372 13.10 -10.05 5.69
CA GLU C 372 13.06 -11.49 5.73
C GLU C 372 14.29 -12.00 5.03
N GLU C 373 14.72 -11.36 3.95
CA GLU C 373 15.96 -11.73 3.27
C GLU C 373 17.07 -12.00 4.28
N ILE C 374 17.50 -11.02 5.06
CA ILE C 374 18.40 -11.26 6.18
C ILE C 374 17.86 -12.20 7.29
N ARG C 375 16.56 -12.39 7.37
CA ARG C 375 16.14 -13.41 8.33
C ARG C 375 16.45 -14.75 7.65
N TYR C 376 16.74 -14.69 6.35
CA TYR C 376 17.20 -15.91 5.69
C TYR C 376 18.62 -16.24 6.12
N VAL C 377 19.42 -15.28 6.59
CA VAL C 377 20.74 -15.59 7.16
C VAL C 377 20.52 -16.35 8.47
N ALA C 378 19.47 -16.00 9.22
CA ALA C 378 19.12 -16.76 10.42
C ALA C 378 18.71 -18.15 9.95
N SER C 379 18.04 -18.22 8.81
CA SER C 379 17.72 -19.54 8.25
C SER C 379 18.99 -20.32 7.93
N GLU C 380 20.00 -19.66 7.39
CA GLU C 380 21.29 -20.28 7.08
C GLU C 380 21.95 -20.75 8.37
N LEU C 381 21.52 -20.35 9.57
CA LEU C 381 22.12 -20.96 10.78
C LEU C 381 21.85 -22.49 10.87
N GLU C 382 20.90 -22.98 10.07
CA GLU C 382 20.58 -24.40 10.07
C GLU C 382 21.72 -25.30 9.63
N ASP C 383 22.56 -24.88 8.70
CA ASP C 383 23.72 -25.65 8.27
C ASP C 383 24.71 -25.85 9.40
N THR C 384 24.91 -24.78 10.14
CA THR C 384 25.79 -24.85 11.28
C THR C 384 25.16 -25.81 12.27
N LEU C 385 23.83 -25.76 12.42
CA LEU C 385 23.18 -26.73 13.32
C LEU C 385 23.40 -28.14 12.86
N GLY C 386 23.38 -28.34 11.55
CA GLY C 386 23.49 -29.67 10.97
C GLY C 386 24.74 -30.47 11.10
N GLY C 387 25.88 -29.81 11.07
CA GLY C 387 27.14 -30.51 11.15
C GLY C 387 27.32 -31.26 12.44
N VAL C 388 26.87 -30.67 13.53
CA VAL C 388 27.05 -31.27 14.85
C VAL C 388 26.11 -32.43 15.16
N TYR C 389 24.95 -32.45 14.53
CA TYR C 389 23.99 -33.48 14.83
C TYR C 389 24.14 -34.70 13.96
N SER C 390 24.98 -34.63 12.93
CA SER C 390 25.10 -35.75 12.02
C SER C 390 25.66 -36.98 12.67
N ILE C 391 26.70 -36.85 13.47
CA ILE C 391 27.35 -37.99 14.12
C ILE C 391 26.50 -38.42 15.25
N LEU C 392 25.83 -37.43 15.82
CA LEU C 392 25.04 -37.74 16.95
C LEU C 392 24.07 -38.74 16.46
N SER C 393 23.60 -38.68 15.24
CA SER C 393 22.61 -39.67 14.85
C SER C 393 23.08 -41.10 14.91
N GLN C 394 24.21 -41.41 14.30
CA GLN C 394 24.68 -42.76 14.31
C GLN C 394 24.95 -43.18 15.72
N GLU C 395 25.54 -42.30 16.50
CA GLU C 395 25.88 -42.64 17.86
C GLU C 395 24.72 -42.86 18.80
N LEU C 396 23.66 -42.07 18.71
CA LEU C 396 22.59 -42.12 19.72
C LEU C 396 21.27 -42.50 19.14
N GLN C 397 20.91 -41.77 18.10
CA GLN C 397 19.64 -42.09 17.49
C GLN C 397 19.45 -43.49 17.08
N LEU C 398 20.47 -44.11 16.53
CA LEU C 398 20.21 -45.42 15.98
C LEU C 398 20.34 -46.43 17.10
N PRO C 399 21.48 -46.45 17.80
CA PRO C 399 21.41 -47.41 18.86
C PRO C 399 20.17 -47.44 19.73
N LEU C 400 19.60 -46.32 20.12
CA LEU C 400 18.46 -46.38 20.98
C LEU C 400 17.38 -47.12 20.25
N VAL C 401 17.16 -46.81 18.98
CA VAL C 401 16.07 -47.45 18.26
C VAL C 401 16.27 -48.96 18.15
N ARG C 402 17.48 -49.38 17.85
CA ARG C 402 17.74 -50.80 17.76
C ARG C 402 17.51 -51.50 19.07
N VAL C 403 17.99 -50.93 20.16
CA VAL C 403 17.82 -51.59 21.42
C VAL C 403 16.34 -51.67 21.71
N LEU C 404 15.61 -50.61 21.46
CA LEU C 404 14.21 -50.63 21.81
C LEU C 404 13.52 -51.70 21.02
N LEU C 405 13.87 -51.85 19.76
CA LEU C 405 13.20 -52.83 18.94
C LEU C 405 13.45 -54.24 19.43
N LYS C 406 14.68 -54.60 19.76
CA LYS C 406 14.89 -55.92 20.34
C LYS C 406 14.14 -56.11 21.65
N GLN C 407 14.19 -55.11 22.54
CA GLN C 407 13.58 -55.25 23.85
C GLN C 407 12.07 -55.29 23.81
N LEU C 408 11.44 -54.71 22.80
CA LEU C 408 10.00 -54.81 22.68
C LEU C 408 9.55 -56.13 22.08
N GLN C 409 10.44 -56.83 21.37
CA GLN C 409 10.09 -58.16 20.90
C GLN C 409 10.06 -59.16 22.05
N ALA C 410 10.98 -59.01 23.00
CA ALA C 410 11.07 -59.96 24.10
C ALA C 410 9.93 -59.81 25.10
N THR C 411 9.39 -58.60 25.25
CA THR C 411 8.27 -58.36 26.15
C THR C 411 6.94 -58.40 25.43
N GLN C 412 6.95 -58.71 24.13
CA GLN C 412 5.76 -58.91 23.29
C GLN C 412 4.89 -57.66 23.21
N GLN C 413 5.48 -56.48 23.41
CA GLN C 413 4.77 -55.24 23.16
C GLN C 413 4.85 -54.82 21.72
N ILE C 414 5.55 -55.58 20.88
CA ILE C 414 5.68 -55.28 19.46
C ILE C 414 5.56 -56.57 18.68
N PRO C 415 5.02 -56.51 17.47
CA PRO C 415 5.02 -57.72 16.64
C PRO C 415 6.41 -58.03 16.13
N GLU C 416 6.71 -59.32 16.02
CA GLU C 416 8.03 -59.75 15.59
C GLU C 416 8.19 -59.46 14.11
N LEU C 417 8.88 -58.37 13.82
CA LEU C 417 9.06 -57.94 12.44
C LEU C 417 10.05 -58.87 11.72
N PRO C 418 9.75 -59.29 10.49
CA PRO C 418 10.36 -60.50 9.93
C PRO C 418 11.74 -60.29 9.31
N LYS C 419 12.71 -59.91 10.15
CA LYS C 419 14.15 -60.04 9.93
C LYS C 419 14.69 -59.20 8.76
N GLU C 420 13.85 -58.39 8.10
CA GLU C 420 14.26 -57.71 6.89
C GLU C 420 13.99 -56.22 6.88
N ALA C 421 13.44 -55.66 7.95
CA ALA C 421 13.14 -54.23 8.00
C ALA C 421 14.22 -53.52 8.81
N VAL C 422 14.72 -52.41 8.26
CA VAL C 422 15.77 -51.62 8.87
C VAL C 422 15.31 -50.18 8.95
N GLU C 423 16.02 -49.39 9.73
CA GLU C 423 15.55 -48.05 10.00
C GLU C 423 16.44 -46.88 9.73
N PRO C 424 15.91 -45.91 9.01
CA PRO C 424 16.66 -44.69 8.82
C PRO C 424 16.09 -43.66 9.75
N THR C 425 16.92 -42.95 10.46
CA THR C 425 16.42 -41.88 11.31
C THR C 425 16.27 -40.64 10.47
N ILE C 426 15.23 -40.60 9.65
CA ILE C 426 15.02 -39.45 8.76
C ILE C 426 14.38 -38.32 9.51
N SER C 427 14.80 -37.09 9.22
CA SER C 427 14.28 -35.95 9.96
C SER C 427 13.05 -35.37 9.27
N GLY C 434 11.21 -39.65 9.51
CA GLY C 434 10.08 -38.75 9.42
C GLY C 434 9.70 -38.46 7.99
N ARG C 435 8.68 -39.17 7.51
CA ARG C 435 8.18 -39.01 6.15
C ARG C 435 7.03 -38.01 6.16
N GLY C 436 7.19 -36.91 5.42
CA GLY C 436 8.44 -36.55 4.78
C GLY C 436 8.47 -36.78 3.28
N GLN C 437 9.36 -37.67 2.85
CA GLN C 437 9.49 -37.97 1.43
C GLN C 437 8.27 -38.71 0.91
N ASP C 438 7.62 -39.52 1.75
CA ASP C 438 6.41 -40.19 1.31
C ASP C 438 5.25 -39.21 1.21
N LEU C 439 5.28 -38.13 1.98
CA LEU C 439 4.15 -37.20 1.95
C LEU C 439 4.31 -36.18 0.83
N ASP C 440 5.49 -35.58 0.72
CA ASP C 440 5.69 -34.49 -0.23
C ASP C 440 5.67 -34.99 -1.67
N LYS C 441 6.23 -36.17 -1.92
CA LYS C 441 6.18 -36.74 -3.25
C LYS C 441 4.78 -37.23 -3.63
N LEU C 442 3.92 -37.55 -2.69
CA LEU C 442 2.55 -37.75 -3.08
C LEU C 442 1.95 -36.48 -3.50
N GLU C 443 2.17 -35.44 -2.73
CA GLU C 443 1.49 -34.19 -2.96
C GLU C 443 1.84 -33.42 -4.19
N ARG C 444 3.10 -33.35 -4.53
CA ARG C 444 3.48 -32.63 -5.72
C ARG C 444 2.88 -33.29 -6.91
N CYS C 445 2.97 -34.59 -6.98
CA CYS C 445 2.37 -35.28 -8.06
C CYS C 445 0.86 -35.14 -8.03
N VAL C 446 0.23 -35.16 -6.88
CA VAL C 446 -1.23 -34.98 -6.90
C VAL C 446 -1.63 -33.64 -7.47
N THR C 447 -0.88 -32.56 -7.28
CA THR C 447 -1.26 -31.30 -7.95
C THR C 447 -1.12 -31.38 -9.46
N ALA C 448 -0.16 -32.16 -9.92
CA ALA C 448 0.04 -32.33 -11.35
C ALA C 448 -1.17 -32.96 -12.00
N TRP C 449 -1.81 -33.89 -11.29
CA TRP C 449 -3.02 -34.49 -11.81
C TRP C 449 -4.16 -33.48 -12.00
N ALA C 450 -4.33 -32.50 -11.12
CA ALA C 450 -5.30 -31.41 -11.33
C ALA C 450 -4.90 -30.53 -12.52
N ALA C 451 -3.61 -30.38 -12.72
CA ALA C 451 -3.22 -29.62 -13.90
C ALA C 451 -3.75 -30.36 -15.12
N LEU C 452 -4.10 -31.63 -14.96
CA LEU C 452 -4.61 -32.43 -16.07
C LEU C 452 -6.12 -32.50 -16.07
N ALA C 453 -6.76 -31.82 -15.13
CA ALA C 453 -8.24 -31.77 -15.10
C ALA C 453 -8.94 -31.11 -16.28
N PRO C 454 -8.42 -29.98 -16.80
CA PRO C 454 -9.04 -29.42 -18.00
C PRO C 454 -8.94 -30.34 -19.19
N MET C 455 -7.83 -31.05 -19.33
CA MET C 455 -7.59 -31.89 -20.50
C MET C 455 -8.18 -33.26 -20.31
N ARG C 456 -8.94 -33.46 -19.24
CA ARG C 456 -9.44 -34.79 -18.94
C ARG C 456 -10.30 -35.30 -20.07
N ASP C 457 -11.07 -34.42 -20.67
CA ASP C 457 -11.94 -34.83 -21.75
C ASP C 457 -11.30 -34.75 -23.14
N ASP C 458 -10.03 -34.34 -23.20
CA ASP C 458 -9.38 -34.17 -24.50
C ASP C 458 -9.28 -35.44 -25.32
N PRO C 459 -9.62 -35.37 -26.61
CA PRO C 459 -9.61 -36.55 -27.47
C PRO C 459 -8.27 -37.19 -27.73
N ASP C 460 -7.21 -36.40 -27.90
CA ASP C 460 -5.92 -36.97 -28.28
C ASP C 460 -4.91 -37.25 -27.19
N ILE C 461 -4.96 -36.53 -26.08
CA ILE C 461 -3.92 -36.70 -25.08
C ILE C 461 -4.15 -37.99 -24.33
N ASN C 462 -3.12 -38.81 -24.23
CA ASN C 462 -3.21 -40.06 -23.49
C ASN C 462 -3.06 -39.75 -22.01
N LEU C 463 -4.19 -39.39 -21.39
CA LEU C 463 -4.20 -39.10 -19.95
C LEU C 463 -3.93 -40.34 -19.12
N ALA C 464 -4.14 -41.53 -19.68
CA ALA C 464 -3.75 -42.76 -19.01
C ALA C 464 -2.24 -42.92 -18.91
N MET C 465 -1.49 -42.19 -19.72
CA MET C 465 -0.04 -42.32 -19.76
C MET C 465 0.65 -41.17 -19.05
N ILE C 466 0.08 -39.96 -19.14
CA ILE C 466 0.67 -38.78 -18.52
C ILE C 466 0.65 -38.91 -17.00
N LYS C 467 -0.43 -39.49 -16.47
CA LYS C 467 -0.51 -39.77 -15.04
C LYS C 467 0.51 -40.82 -14.61
N LEU C 468 1.01 -41.61 -15.54
CA LEU C 468 2.04 -42.56 -15.17
C LEU C 468 3.37 -41.83 -15.22
N ARG C 469 3.60 -41.00 -16.22
CA ARG C 469 4.88 -40.33 -16.36
C ARG C 469 5.20 -39.34 -15.26
N ILE C 470 4.20 -38.59 -14.84
CA ILE C 470 4.41 -37.63 -13.77
C ILE C 470 4.77 -38.41 -12.52
N ALA C 471 4.15 -39.56 -12.33
CA ALA C 471 4.45 -40.40 -11.20
C ALA C 471 5.85 -40.90 -11.29
N ASN C 472 6.27 -41.35 -12.44
CA ASN C 472 7.58 -41.92 -12.55
C ASN C 472 8.50 -40.80 -12.14
N ALA C 473 8.23 -39.59 -12.63
CA ALA C 473 9.13 -38.46 -12.39
C ALA C 473 9.24 -37.97 -10.98
N ILE C 474 8.14 -37.86 -10.27
CA ILE C 474 8.21 -37.48 -8.88
C ILE C 474 9.00 -38.58 -8.23
N GLY C 475 8.79 -39.82 -8.66
CA GLY C 475 9.46 -40.93 -8.05
C GLY C 475 8.61 -41.79 -7.16
N ILE C 476 7.30 -41.63 -7.21
CA ILE C 476 6.43 -42.49 -6.43
C ILE C 476 6.46 -43.92 -6.98
N ASP C 477 6.05 -44.89 -6.16
CA ASP C 477 6.16 -46.31 -6.55
C ASP C 477 5.26 -46.86 -7.61
N THR C 478 4.25 -46.10 -8.04
CA THR C 478 3.29 -46.62 -9.02
C THR C 478 2.71 -47.92 -8.46
N SER C 479 2.62 -48.97 -9.24
CA SER C 479 2.12 -50.28 -8.78
C SER C 479 0.64 -50.44 -8.50
N GLY C 480 0.10 -49.70 -7.56
CA GLY C 480 -1.32 -49.77 -7.29
C GLY C 480 -1.94 -48.45 -7.63
N ILE C 481 -1.11 -47.53 -8.07
CA ILE C 481 -1.59 -46.20 -8.38
C ILE C 481 -2.57 -46.23 -9.53
N LEU C 482 -2.35 -47.03 -10.55
CA LEU C 482 -3.27 -46.97 -11.68
C LEU C 482 -4.31 -48.07 -11.64
N LEU C 483 -5.60 -47.71 -11.81
CA LEU C 483 -6.60 -48.75 -11.84
C LEU C 483 -6.25 -49.71 -12.97
N THR C 484 -6.33 -51.00 -12.72
CA THR C 484 -6.04 -51.97 -13.78
C THR C 484 -7.31 -52.38 -14.46
N GLU C 485 -7.25 -53.33 -15.37
CA GLU C 485 -8.42 -53.69 -16.14
C GLU C 485 -9.57 -54.19 -15.28
N GLU C 486 -9.27 -55.07 -14.35
CA GLU C 486 -10.32 -55.62 -13.55
C GLU C 486 -10.97 -54.53 -12.75
N GLN C 487 -10.15 -53.67 -12.19
CA GLN C 487 -10.68 -52.62 -11.36
C GLN C 487 -11.54 -51.66 -12.14
N LYS C 488 -11.13 -51.35 -13.36
CA LYS C 488 -11.91 -50.47 -14.20
C LYS C 488 -13.27 -51.07 -14.53
N GLN C 489 -13.27 -52.35 -14.84
CA GLN C 489 -14.55 -52.99 -15.09
C GLN C 489 -15.44 -52.96 -13.84
N GLN C 490 -14.86 -53.21 -12.69
CA GLN C 490 -15.65 -53.19 -11.49
C GLN C 490 -16.23 -51.84 -11.23
N LYS C 491 -15.46 -50.80 -11.45
CA LYS C 491 -15.95 -49.45 -11.24
C LYS C 491 -17.09 -49.13 -12.19
N MET C 492 -16.96 -49.56 -13.44
CA MET C 492 -18.06 -49.32 -14.38
C MET C 492 -19.28 -50.01 -13.88
N ALA C 493 -19.12 -51.21 -13.40
CA ALA C 493 -20.26 -51.93 -12.92
C ALA C 493 -20.91 -51.25 -11.75
N GLN C 494 -20.13 -50.77 -10.80
CA GLN C 494 -20.72 -50.19 -9.60
C GLN C 494 -21.56 -48.97 -9.86
N GLN C 495 -21.23 -48.15 -10.84
CA GLN C 495 -22.10 -47.03 -11.18
C GLN C 495 -23.44 -47.53 -11.68
N SER C 496 -23.45 -48.66 -12.37
CA SER C 496 -24.68 -49.23 -12.88
C SER C 496 -25.48 -49.93 -11.79
N MET C 497 -24.80 -50.66 -10.91
CA MET C 497 -25.50 -51.32 -9.80
C MET C 497 -26.02 -50.30 -8.81
N GLN C 498 -25.37 -49.14 -8.72
CA GLN C 498 -25.95 -48.03 -7.96
C GLN C 498 -27.23 -47.55 -8.60
N MET C 499 -27.20 -47.25 -9.91
CA MET C 499 -28.40 -46.80 -10.59
C MET C 499 -29.39 -47.94 -10.77
N GLY C 500 -28.94 -49.19 -10.74
CA GLY C 500 -29.86 -50.30 -10.70
C GLY C 500 -30.57 -50.41 -9.37
N MET C 501 -29.85 -50.28 -8.27
CA MET C 501 -30.48 -50.31 -6.97
C MET C 501 -31.30 -49.05 -6.71
N ASP C 502 -30.89 -47.91 -7.28
CA ASP C 502 -31.62 -46.67 -7.02
C ASP C 502 -32.93 -46.64 -7.81
N ASN C 503 -32.88 -46.88 -9.11
CA ASN C 503 -34.10 -46.87 -9.91
C ASN C 503 -34.98 -48.06 -9.58
N GLY C 504 -34.40 -49.19 -9.19
CA GLY C 504 -35.16 -50.36 -8.81
C GLY C 504 -35.95 -50.15 -7.54
N ALA C 505 -35.30 -49.62 -6.50
CA ALA C 505 -36.00 -49.38 -5.24
C ALA C 505 -37.00 -48.24 -5.36
N ALA C 506 -36.80 -47.32 -6.29
CA ALA C 506 -37.80 -46.31 -6.55
C ALA C 506 -38.92 -46.82 -7.44
N ALA C 507 -38.71 -47.93 -8.13
CA ALA C 507 -39.74 -48.46 -9.02
C ALA C 507 -40.82 -49.19 -8.26
N LEU C 508 -40.44 -50.22 -7.50
CA LEU C 508 -41.44 -51.04 -6.82
C LEU C 508 -42.09 -50.31 -5.66
N ALA C 509 -41.39 -49.35 -5.06
CA ALA C 509 -42.01 -48.56 -4.01
C ALA C 509 -43.07 -47.64 -4.57
N GLN C 510 -42.86 -47.12 -5.78
CA GLN C 510 -43.95 -46.49 -6.51
C GLN C 510 -44.87 -47.54 -7.10
N GLY C 511 -44.35 -48.73 -7.39
CA GLY C 511 -45.12 -49.79 -7.99
C GLY C 511 -46.06 -50.48 -7.02
N MET C 512 -45.59 -50.82 -5.82
CA MET C 512 -46.45 -51.50 -4.86
C MET C 512 -47.48 -50.54 -4.28
N ALA C 513 -47.02 -49.40 -3.77
CA ALA C 513 -47.87 -48.49 -3.02
C ALA C 513 -48.93 -47.80 -3.87
N ALA C 514 -48.78 -47.79 -5.20
CA ALA C 514 -49.86 -47.27 -6.02
C ALA C 514 -51.03 -48.23 -6.10
N GLN C 515 -50.74 -49.52 -6.30
CA GLN C 515 -51.77 -50.53 -6.39
C GLN C 515 -52.14 -51.14 -5.05
N ALA C 516 -51.44 -50.81 -3.98
CA ALA C 516 -51.88 -51.29 -2.67
C ALA C 516 -52.97 -50.36 -2.22
N THR C 517 -52.66 -49.08 -2.13
CA THR C 517 -53.66 -48.10 -1.73
C THR C 517 -54.75 -47.85 -2.79
N ALA C 518 -54.64 -48.45 -3.97
CA ALA C 518 -55.71 -48.31 -4.97
C ALA C 518 -56.92 -49.07 -4.49
N SER C 519 -58.10 -48.44 -4.50
CA SER C 519 -59.38 -49.04 -4.06
C SER C 519 -59.51 -48.94 -2.55
N PRO C 520 -60.71 -48.61 -2.06
CA PRO C 520 -60.83 -48.41 -0.60
C PRO C 520 -60.63 -49.65 0.25
N GLU C 521 -61.20 -50.78 -0.14
CA GLU C 521 -61.02 -52.02 0.59
C GLU C 521 -59.60 -52.58 0.56
N ALA C 522 -58.97 -52.54 -0.62
CA ALA C 522 -57.63 -53.08 -0.76
C ALA C 522 -56.78 -52.30 0.17
N MET C 523 -57.18 -51.07 0.41
CA MET C 523 -56.46 -50.18 1.32
C MET C 523 -56.59 -50.65 2.75
N ALA C 524 -57.77 -51.14 3.14
CA ALA C 524 -57.94 -51.68 4.48
C ALA C 524 -57.19 -53.00 4.63
N ALA C 525 -57.07 -53.75 3.53
CA ALA C 525 -56.32 -55.01 3.58
C ALA C 525 -54.83 -54.74 3.66
N ALA C 526 -54.36 -53.64 3.07
CA ALA C 526 -52.94 -53.35 3.08
C ALA C 526 -52.48 -52.86 4.45
N ALA C 527 -53.37 -52.20 5.20
CA ALA C 527 -53.00 -51.69 6.51
C ALA C 527 -52.95 -52.81 7.54
N ASP C 528 -53.65 -53.91 7.27
CA ASP C 528 -53.66 -55.02 8.22
C ASP C 528 -52.37 -55.82 8.14
N SER C 529 -51.67 -55.75 7.01
CA SER C 529 -50.43 -56.50 6.86
C SER C 529 -49.31 -55.90 7.70
N VAL C 530 -49.36 -54.59 7.92
CA VAL C 530 -48.41 -53.92 8.80
C VAL C 530 -48.83 -54.20 10.23
N GLY C 531 -50.15 -54.09 10.45
CA GLY C 531 -50.70 -54.26 11.80
C GLY C 531 -51.71 -53.18 12.18
N LEU C 532 -51.90 -52.16 11.32
CA LEU C 532 -52.80 -51.04 11.64
C LEU C 532 -54.31 -51.23 11.46
N GLN C 533 -55.12 -50.40 12.13
CA GLN C 533 -56.59 -50.47 12.03
C GLN C 533 -57.18 -49.79 10.78
N PRO C 534 -58.40 -50.20 10.38
CA PRO C 534 -59.05 -49.62 9.19
C PRO C 534 -59.39 -48.13 9.22
N GLY C 535 -59.91 -47.59 10.31
CA GLY C 535 -60.17 -46.18 10.41
C GLY C 535 -58.85 -45.45 10.54
N ILE C 536 -58.75 -44.24 9.99
CA ILE C 536 -57.52 -43.46 10.12
C ILE C 536 -57.57 -42.48 11.30
N THR D 6 6.57 -50.77 67.85
CA THR D 6 7.65 -51.59 67.31
C THR D 6 8.86 -50.72 66.99
N GLY D 7 10.04 -51.32 66.95
CA GLY D 7 11.23 -50.56 66.66
C GLY D 7 11.17 -49.99 65.26
N LEU D 8 10.68 -50.77 64.29
CA LEU D 8 10.51 -50.29 62.93
C LEU D 8 11.83 -50.11 62.18
N ALA D 9 12.92 -50.68 62.67
CA ALA D 9 14.24 -50.59 62.02
C ALA D 9 14.75 -49.17 61.82
N GLU D 10 14.44 -48.26 62.75
CA GLU D 10 14.87 -46.85 62.66
C GLU D 10 15.01 -46.27 64.08
N ASP D 11 15.79 -45.21 64.24
CA ASP D 11 15.94 -44.59 65.55
C ASP D 11 14.65 -43.97 66.07
N GLY D 12 13.92 -43.29 65.18
CA GLY D 12 12.92 -42.31 65.56
C GLY D 12 12.89 -41.15 64.58
N ALA D 13 11.70 -40.71 64.17
CA ALA D 13 11.58 -39.64 63.19
C ALA D 13 12.13 -38.29 63.62
N LYS D 14 11.99 -37.96 64.88
CA LYS D 14 12.59 -36.74 65.36
C LYS D 14 14.05 -36.74 65.10
N SER D 15 14.72 -37.80 65.48
CA SER D 15 16.15 -37.88 65.31
C SER D 15 16.58 -37.88 63.85
N VAL D 16 15.87 -38.60 63.00
CA VAL D 16 16.21 -38.62 61.61
C VAL D 16 16.12 -37.22 61.11
N TYR D 17 15.13 -36.48 61.56
CA TYR D 17 15.02 -35.09 61.18
C TYR D 17 16.17 -34.27 61.70
N GLU D 18 16.68 -34.59 62.89
CA GLU D 18 17.72 -33.77 63.49
C GLU D 18 19.11 -34.11 62.99
N ARG D 19 19.37 -35.37 62.63
CA ARG D 19 20.66 -35.70 62.04
C ARG D 19 20.80 -35.06 60.67
N LEU D 20 19.73 -35.02 59.91
CA LEU D 20 19.78 -34.56 58.54
C LEU D 20 19.33 -33.11 58.39
N LYS D 21 18.98 -32.45 59.48
CA LYS D 21 18.77 -31.00 59.40
C LYS D 21 20.09 -30.29 59.14
N ASN D 22 21.21 -30.90 59.54
CA ASN D 22 22.54 -30.39 59.24
C ASN D 22 22.97 -30.65 57.80
N ASP D 23 22.06 -31.10 56.94
CA ASP D 23 22.31 -31.20 55.51
C ASP D 23 21.48 -30.21 54.71
N ARG D 24 20.40 -29.68 55.28
CA ARG D 24 19.66 -28.63 54.59
C ARG D 24 20.43 -27.32 54.63
N ALA D 25 21.13 -27.08 55.74
CA ALA D 25 21.87 -25.85 56.03
C ALA D 25 22.84 -25.39 54.94
N PRO D 26 23.43 -26.26 54.12
CA PRO D 26 23.99 -25.73 52.87
C PRO D 26 22.96 -25.15 51.93
N TYR D 27 21.92 -25.90 51.60
CA TYR D 27 20.92 -25.43 50.65
C TYR D 27 20.06 -24.32 51.21
N GLU D 28 19.77 -24.37 52.51
CA GLU D 28 18.93 -23.39 53.13
C GLU D 28 19.59 -22.02 53.18
N THR D 29 20.88 -21.97 53.53
CA THR D 29 21.59 -20.69 53.52
C THR D 29 21.96 -20.23 52.13
N ARG D 30 21.86 -21.10 51.12
CA ARG D 30 21.89 -20.61 49.74
C ARG D 30 20.61 -19.88 49.40
N ALA D 31 19.48 -20.48 49.72
CA ALA D 31 18.18 -19.91 49.34
C ALA D 31 17.87 -18.63 50.10
N GLN D 32 18.34 -18.53 51.34
CA GLN D 32 18.20 -17.28 52.08
C GLN D 32 19.00 -16.17 51.43
N ASN D 33 20.18 -16.51 50.89
CA ASN D 33 20.91 -15.56 50.08
C ASN D 33 20.22 -15.37 48.74
N CYS D 34 19.71 -16.46 48.15
CA CYS D 34 19.22 -16.39 46.79
C CYS D 34 17.86 -15.72 46.69
N ALA D 35 17.07 -15.72 47.77
CA ALA D 35 15.84 -14.96 47.78
C ALA D 35 16.06 -13.52 48.20
N GLN D 36 17.21 -13.22 48.81
CA GLN D 36 17.50 -11.85 49.25
C GLN D 36 17.66 -10.92 48.07
N TYR D 37 18.13 -11.43 46.93
CA TYR D 37 18.39 -10.60 45.77
C TYR D 37 17.20 -10.47 44.85
N THR D 38 16.30 -11.45 44.84
CA THR D 38 15.16 -11.42 43.92
C THR D 38 13.92 -10.85 44.58
N ILE D 39 13.41 -11.56 45.58
CA ILE D 39 12.21 -11.13 46.32
C ILE D 39 12.29 -11.72 47.72
N PRO D 40 12.53 -10.90 48.75
CA PRO D 40 12.81 -11.45 50.08
C PRO D 40 11.60 -12.05 50.78
N SER D 41 10.39 -11.79 50.30
CA SER D 41 9.21 -12.36 50.94
C SER D 41 8.97 -13.81 50.55
N LEU D 42 9.76 -14.34 49.62
CA LEU D 42 9.44 -15.65 49.06
C LEU D 42 10.03 -16.78 49.91
N PHE D 43 11.30 -16.68 50.30
CA PHE D 43 11.93 -17.69 51.14
C PHE D 43 12.45 -17.04 52.40
N PRO D 44 11.59 -16.93 53.41
CA PRO D 44 11.96 -16.25 54.64
C PRO D 44 12.95 -17.06 55.44
N LYS D 45 13.85 -16.39 56.15
CA LYS D 45 14.77 -17.10 57.01
C LYS D 45 13.96 -17.65 58.16
N ASP D 46 14.41 -18.72 58.79
CA ASP D 46 13.62 -19.34 59.86
C ASP D 46 13.42 -18.43 61.04
N SER D 47 14.43 -17.64 61.37
CA SER D 47 14.30 -16.67 62.44
C SER D 47 13.20 -15.66 62.16
N ASP D 48 13.08 -15.21 60.92
CA ASP D 48 12.10 -14.20 60.56
C ASP D 48 10.69 -14.46 61.04
N ASN D 49 10.03 -13.43 61.53
CA ASN D 49 8.70 -13.58 62.05
C ASN D 49 7.80 -12.49 61.54
N ALA D 50 6.73 -12.22 62.26
CA ALA D 50 5.80 -11.20 61.85
C ALA D 50 6.49 -9.86 61.80
N SER D 51 7.40 -9.60 62.71
CA SER D 51 8.13 -8.34 62.74
C SER D 51 9.08 -8.04 61.59
N THR D 52 9.77 -9.05 61.07
CA THR D 52 10.77 -8.81 60.03
C THR D 52 10.30 -8.06 58.81
N ASP D 53 10.98 -6.98 58.49
CA ASP D 53 10.61 -6.25 57.31
C ASP D 53 11.57 -6.61 56.20
N TYR D 54 11.03 -6.97 55.06
CA TYR D 54 11.87 -7.40 53.98
C TYR D 54 12.23 -6.24 53.08
N GLN D 55 13.44 -5.72 53.24
CA GLN D 55 13.90 -4.62 52.42
C GLN D 55 13.98 -5.04 50.97
N THR D 56 13.43 -4.22 50.10
CA THR D 56 13.47 -4.50 48.69
C THR D 56 14.91 -4.37 48.19
N PRO D 57 15.34 -5.23 47.27
CA PRO D 57 16.67 -5.07 46.70
C PRO D 57 16.75 -3.81 45.87
N TRP D 58 17.98 -3.28 45.75
CA TRP D 58 18.19 -2.05 45.01
C TRP D 58 17.88 -2.23 43.54
N GLN D 59 18.14 -3.41 43.01
CA GLN D 59 17.72 -3.78 41.67
C GLN D 59 16.37 -4.48 41.72
N ALA D 60 15.58 -4.31 40.67
CA ALA D 60 14.30 -4.98 40.56
C ALA D 60 14.22 -5.83 39.29
N VAL D 61 15.31 -6.51 38.97
CA VAL D 61 15.27 -7.49 37.90
C VAL D 61 14.95 -8.87 38.43
N GLY D 62 15.49 -9.22 39.60
CA GLY D 62 15.18 -10.49 40.21
C GLY D 62 13.72 -10.61 40.61
N ALA D 63 13.12 -9.52 41.10
CA ALA D 63 11.70 -9.52 41.35
C ALA D 63 10.91 -9.57 40.06
N ARG D 64 11.44 -8.96 38.99
CA ARG D 64 10.79 -9.04 37.69
C ARG D 64 10.98 -10.42 37.06
N GLY D 65 12.22 -10.88 36.97
CA GLY D 65 12.53 -12.09 36.27
C GLY D 65 12.20 -13.40 36.96
N LEU D 66 11.50 -13.34 38.10
CA LEU D 66 11.04 -14.53 38.77
C LEU D 66 9.56 -14.79 38.50
N ASN D 67 8.73 -13.77 38.72
CA ASN D 67 7.32 -13.87 38.36
C ASN D 67 7.13 -14.05 36.87
N ASN D 68 8.01 -13.43 36.08
CA ASN D 68 7.99 -13.62 34.64
C ASN D 68 8.60 -14.94 34.21
N LEU D 69 9.16 -15.71 35.15
CA LEU D 69 9.62 -17.05 34.83
C LEU D 69 8.83 -18.14 35.53
N ALA D 70 8.26 -17.86 36.71
CA ALA D 70 7.39 -18.83 37.34
C ALA D 70 6.05 -18.92 36.60
N SER D 71 5.67 -17.85 35.94
CA SER D 71 4.42 -17.83 35.19
C SER D 71 4.56 -18.48 33.87
N LYS D 72 5.65 -18.21 33.17
CA LYS D 72 5.88 -18.86 31.90
C LYS D 72 6.07 -20.35 32.09
N LEU D 73 6.79 -20.73 33.11
CA LEU D 73 6.95 -22.14 33.39
C LEU D 73 5.58 -22.70 33.65
N MET D 74 4.72 -22.03 34.40
CA MET D 74 3.43 -22.60 34.69
C MET D 74 2.64 -22.77 33.41
N LEU D 75 2.62 -21.78 32.54
CA LEU D 75 1.79 -21.94 31.35
C LEU D 75 2.30 -23.11 30.59
N ALA D 76 3.61 -23.24 30.47
CA ALA D 76 4.15 -24.33 29.68
C ALA D 76 3.92 -25.69 30.26
N LEU D 77 4.04 -25.81 31.56
CA LEU D 77 3.97 -27.12 32.19
C LEU D 77 2.57 -27.53 32.49
N PHE D 78 1.79 -26.62 33.03
CA PHE D 78 0.43 -26.94 33.38
C PHE D 78 -0.50 -26.08 32.57
N PRO D 79 -0.59 -26.37 31.25
CA PRO D 79 -1.41 -25.55 30.40
C PRO D 79 -2.81 -25.80 30.81
N MET D 80 -3.71 -24.86 30.56
CA MET D 80 -5.10 -25.12 30.86
C MET D 80 -5.56 -26.28 29.99
N GLN D 81 -5.14 -26.28 28.75
CA GLN D 81 -5.49 -27.36 27.85
C GLN D 81 -4.84 -28.63 28.35
N THR D 82 -5.51 -29.74 28.20
CA THR D 82 -4.99 -31.00 28.74
C THR D 82 -3.51 -31.24 28.57
N TRP D 83 -2.82 -31.50 29.64
CA TRP D 83 -1.42 -31.77 29.53
C TRP D 83 -0.92 -33.16 29.93
N MET D 84 -1.82 -34.09 30.19
CA MET D 84 -1.46 -35.50 30.17
C MET D 84 -2.42 -36.19 29.26
N ARG D 85 -1.97 -37.24 28.59
CA ARG D 85 -2.89 -38.11 27.91
C ARG D 85 -2.54 -39.54 28.17
N LEU D 86 -3.51 -40.44 28.10
CA LEU D 86 -3.26 -41.84 28.45
C LEU D 86 -3.07 -42.63 27.16
N THR D 87 -1.84 -43.07 26.92
CA THR D 87 -1.56 -43.97 25.81
C THR D 87 -1.80 -45.41 26.24
N ILE D 88 -2.68 -46.08 25.52
CA ILE D 88 -2.76 -47.53 25.63
C ILE D 88 -1.71 -48.12 24.70
N SER D 89 -1.10 -49.22 25.14
CA SER D 89 -0.15 -49.93 24.29
C SER D 89 -0.91 -50.52 23.10
N GLU D 90 -0.59 -50.03 21.90
CA GLU D 90 -1.49 -50.19 20.77
C GLU D 90 -1.50 -51.63 20.25
N TYR D 91 -0.34 -52.30 20.25
CA TYR D 91 -0.31 -53.66 19.75
C TYR D 91 -0.96 -54.63 20.72
N GLU D 92 -0.78 -54.41 22.03
CA GLU D 92 -1.50 -55.20 23.01
C GLU D 92 -2.97 -54.82 23.08
N ALA D 93 -3.35 -53.66 22.56
CA ALA D 93 -4.76 -53.34 22.42
C ALA D 93 -5.38 -54.03 21.22
N LYS D 94 -4.58 -54.29 20.17
CA LYS D 94 -5.11 -55.02 19.02
C LYS D 94 -5.34 -56.48 19.34
N GLN D 95 -4.54 -57.05 20.24
CA GLN D 95 -4.65 -58.48 20.52
C GLN D 95 -5.88 -58.79 21.35
N LEU D 96 -6.16 -57.96 22.35
CA LEU D 96 -7.21 -58.26 23.32
C LEU D 96 -8.58 -57.75 22.88
N LEU D 97 -8.77 -57.42 21.61
CA LEU D 97 -9.96 -56.69 21.20
C LEU D 97 -10.28 -56.99 19.74
N SER D 98 -11.58 -56.93 19.42
CA SER D 98 -12.04 -57.11 18.05
C SER D 98 -12.05 -55.75 17.34
N ASP D 99 -11.20 -55.61 16.34
CA ASP D 99 -10.99 -54.37 15.61
C ASP D 99 -12.25 -53.97 14.83
N PRO D 100 -12.39 -52.68 14.47
CA PRO D 100 -11.67 -51.46 14.84
C PRO D 100 -12.44 -50.52 15.77
N ASP D 101 -13.74 -50.78 15.94
CA ASP D 101 -14.59 -49.86 16.69
C ASP D 101 -14.25 -49.89 18.17
N GLY D 102 -13.85 -51.05 18.69
CA GLY D 102 -13.49 -51.14 20.09
C GLY D 102 -12.23 -50.39 20.46
N LEU D 103 -11.34 -50.16 19.48
CA LEU D 103 -10.07 -49.49 19.78
C LEU D 103 -10.29 -48.03 20.17
N ALA D 104 -11.04 -47.29 19.35
CA ALA D 104 -11.35 -45.92 19.72
C ALA D 104 -12.34 -45.84 20.86
N LYS D 105 -13.13 -46.91 21.09
CA LYS D 105 -13.98 -46.96 22.27
C LYS D 105 -13.14 -47.04 23.54
N VAL D 106 -11.98 -47.70 23.47
CA VAL D 106 -11.03 -47.66 24.58
C VAL D 106 -10.46 -46.26 24.75
N ASP D 107 -10.10 -45.61 23.64
CA ASP D 107 -9.57 -44.26 23.71
C ASP D 107 -10.62 -43.23 24.10
N GLU D 108 -11.90 -43.57 24.07
CA GLU D 108 -12.88 -42.68 24.68
C GLU D 108 -12.85 -42.82 26.19
N GLY D 109 -12.63 -44.03 26.70
CA GLY D 109 -12.40 -44.19 28.12
C GLY D 109 -11.12 -43.56 28.58
N LEU D 110 -10.12 -43.47 27.70
CA LEU D 110 -8.92 -42.73 28.02
C LEU D 110 -9.12 -41.23 27.86
N SER D 111 -10.02 -40.81 26.97
CA SER D 111 -10.44 -39.42 26.95
C SER D 111 -11.44 -39.11 28.05
N MET D 112 -12.06 -40.15 28.61
CA MET D 112 -12.90 -39.96 29.78
C MET D 112 -12.06 -39.54 30.97
N VAL D 113 -11.00 -40.32 31.25
CA VAL D 113 -10.22 -40.15 32.47
C VAL D 113 -9.42 -38.85 32.43
N GLU D 114 -8.85 -38.50 31.28
CA GLU D 114 -8.02 -37.32 31.18
C GLU D 114 -8.81 -36.02 31.31
N ARG D 115 -10.12 -36.07 31.19
CA ARG D 115 -10.95 -34.91 31.49
C ARG D 115 -11.37 -34.86 32.95
N ILE D 116 -11.51 -36.02 33.59
CA ILE D 116 -11.91 -36.07 34.98
C ILE D 116 -10.78 -35.59 35.88
N ILE D 117 -9.54 -35.92 35.52
CA ILE D 117 -8.38 -35.45 36.28
C ILE D 117 -8.23 -33.94 36.12
N MET D 118 -8.45 -33.43 34.91
CA MET D 118 -8.44 -31.99 34.71
C MET D 118 -9.62 -31.31 35.38
N ASN D 119 -10.72 -32.03 35.58
CA ASN D 119 -11.80 -31.55 36.42
C ASN D 119 -11.56 -31.82 37.89
N TYR D 120 -10.53 -32.59 38.22
CA TYR D 120 -10.15 -32.80 39.61
C TYR D 120 -9.07 -31.83 40.04
N ILE D 121 -8.13 -31.55 39.14
CA ILE D 121 -7.04 -30.62 39.43
C ILE D 121 -7.56 -29.21 39.55
N GLU D 122 -8.44 -28.79 38.63
CA GLU D 122 -8.92 -27.42 38.65
C GLU D 122 -9.92 -27.18 39.78
N SER D 123 -10.64 -28.21 40.19
CA SER D 123 -11.66 -28.07 41.22
C SER D 123 -11.14 -28.34 42.63
N ASN D 124 -9.84 -28.49 42.79
CA ASN D 124 -9.24 -28.62 44.11
C ASN D 124 -8.10 -27.64 44.32
N SER D 125 -8.01 -26.61 43.47
CA SER D 125 -7.00 -25.55 43.53
C SER D 125 -5.58 -26.13 43.49
N TYR D 126 -5.36 -27.11 42.63
CA TYR D 126 -3.99 -27.57 42.42
C TYR D 126 -3.21 -26.58 41.58
N ARG D 127 -3.90 -25.73 40.82
CA ARG D 127 -3.21 -24.70 40.06
C ARG D 127 -2.57 -23.66 40.98
N VAL D 128 -3.15 -23.48 42.17
CA VAL D 128 -2.60 -22.52 43.12
C VAL D 128 -1.32 -23.03 43.74
N THR D 129 -1.37 -24.19 44.38
CA THR D 129 -0.24 -24.71 45.11
C THR D 129 0.87 -25.24 44.23
N LEU D 130 0.61 -25.46 42.95
CA LEU D 130 1.72 -25.69 42.03
C LEU D 130 2.40 -24.40 41.61
N PHE D 131 1.66 -23.30 41.55
CA PHE D 131 2.32 -22.04 41.28
C PHE D 131 3.09 -21.55 42.50
N GLU D 132 2.62 -21.87 43.70
CA GLU D 132 3.46 -21.65 44.87
C GLU D 132 4.62 -22.62 44.90
N ALA D 133 4.48 -23.79 44.28
CA ALA D 133 5.60 -24.71 44.17
C ALA D 133 6.63 -24.19 43.18
N LEU D 134 6.18 -23.66 42.04
CA LEU D 134 7.12 -23.22 41.01
C LEU D 134 7.89 -21.99 41.44
N LYS D 135 7.33 -21.18 42.33
CA LYS D 135 8.11 -20.07 42.86
C LYS D 135 9.17 -20.55 43.84
N GLN D 136 8.89 -21.64 44.56
CA GLN D 136 9.93 -22.23 45.40
C GLN D 136 10.98 -22.94 44.56
N LEU D 137 10.57 -23.55 43.45
CA LEU D 137 11.52 -24.26 42.62
C LEU D 137 12.49 -23.32 41.92
N VAL D 138 12.15 -22.05 41.76
CA VAL D 138 13.12 -21.16 41.17
C VAL D 138 14.09 -20.64 42.23
N VAL D 139 13.62 -19.93 43.25
CA VAL D 139 14.51 -19.47 44.31
C VAL D 139 15.14 -20.52 45.19
N ALA D 140 14.39 -21.49 45.70
CA ALA D 140 14.97 -22.42 46.65
C ALA D 140 15.47 -23.68 46.06
N GLY D 141 14.76 -24.16 45.06
CA GLY D 141 15.14 -25.37 44.37
C GLY D 141 14.55 -26.66 44.84
N ASN D 142 13.90 -26.67 45.98
CA ASN D 142 13.24 -27.86 46.42
C ASN D 142 11.88 -27.58 47.02
N VAL D 143 10.91 -28.46 46.81
CA VAL D 143 9.59 -28.34 47.45
C VAL D 143 9.07 -29.76 47.59
N LEU D 144 8.26 -30.08 48.59
CA LEU D 144 7.67 -31.41 48.70
C LEU D 144 6.22 -31.15 48.62
N LEU D 145 5.49 -31.92 47.85
CA LEU D 145 4.11 -31.65 47.64
C LEU D 145 3.36 -32.87 48.08
N TYR D 146 2.51 -32.74 49.09
CA TYR D 146 1.80 -33.88 49.63
C TYR D 146 0.41 -33.89 49.12
N LEU D 147 -0.01 -34.98 48.49
CA LEU D 147 -1.33 -35.03 47.89
C LEU D 147 -2.19 -35.80 48.83
N PRO D 148 -2.96 -35.09 49.66
CA PRO D 148 -3.70 -35.79 50.70
C PRO D 148 -4.68 -36.76 50.13
N GLU D 149 -4.84 -37.90 50.79
CA GLU D 149 -5.72 -38.93 50.29
C GLU D 149 -7.11 -38.37 50.19
N PRO D 150 -7.79 -38.65 49.08
CA PRO D 150 -9.11 -38.02 48.99
C PRO D 150 -10.02 -38.68 50.00
N GLU D 151 -10.82 -37.89 50.71
CA GLU D 151 -11.77 -38.46 51.64
C GLU D 151 -13.10 -37.86 51.28
N GLY D 152 -13.90 -38.53 50.45
CA GLY D 152 -15.11 -37.87 50.00
C GLY D 152 -14.84 -36.93 48.83
N SER D 153 -15.94 -36.46 48.25
CA SER D 153 -15.89 -35.52 47.14
C SER D 153 -15.91 -34.07 47.61
N ASN D 154 -15.45 -33.80 48.83
CA ASN D 154 -15.37 -32.44 49.35
C ASN D 154 -14.10 -31.76 48.84
N TYR D 155 -13.83 -30.58 49.39
CA TYR D 155 -12.67 -29.80 48.98
C TYR D 155 -11.41 -30.40 49.55
N ASN D 156 -10.38 -30.67 48.74
CA ASN D 156 -9.19 -31.35 49.26
C ASN D 156 -7.89 -30.85 48.65
N PRO D 157 -7.39 -29.72 49.13
CA PRO D 157 -6.20 -29.12 48.52
C PRO D 157 -4.92 -29.82 48.88
N MET D 158 -3.89 -29.76 48.04
CA MET D 158 -2.62 -30.35 48.44
C MET D 158 -1.78 -29.42 49.28
N LYS D 159 -0.65 -29.90 49.78
CA LYS D 159 0.18 -29.09 50.66
C LYS D 159 1.62 -29.05 50.22
N LEU D 160 2.27 -27.90 50.39
CA LEU D 160 3.67 -27.76 50.01
C LEU D 160 4.57 -27.49 51.20
N TYR D 161 5.71 -28.15 51.26
CA TYR D 161 6.66 -27.94 52.33
C TYR D 161 7.89 -27.37 51.67
N ARG D 162 8.27 -26.19 52.11
CA ARG D 162 9.36 -25.47 51.51
C ARG D 162 10.76 -25.64 52.02
N LEU D 163 11.28 -26.84 52.17
CA LEU D 163 12.67 -27.01 52.57
C LEU D 163 12.92 -26.23 53.81
N SER D 164 12.01 -26.28 54.75
CA SER D 164 12.25 -25.64 56.02
C SER D 164 11.27 -26.39 56.85
N SER D 165 10.49 -27.21 56.17
CA SER D 165 9.55 -28.05 56.90
C SER D 165 9.69 -29.52 56.54
N TYR D 166 10.57 -29.89 55.63
CA TYR D 166 10.78 -31.30 55.37
C TYR D 166 12.26 -31.60 55.35
N VAL D 167 12.56 -32.89 55.34
CA VAL D 167 13.90 -33.45 55.12
C VAL D 167 13.73 -34.72 54.31
N VAL D 168 14.46 -34.84 53.20
CA VAL D 168 14.59 -36.14 52.54
C VAL D 168 16.05 -36.54 52.54
N GLN D 169 16.26 -37.84 52.31
CA GLN D 169 17.59 -38.39 52.14
C GLN D 169 17.52 -39.38 51.00
N ARG D 170 18.30 -39.13 49.96
CA ARG D 170 18.34 -40.05 48.85
C ARG D 170 19.78 -40.46 48.60
N ASP D 171 19.92 -41.35 47.63
CA ASP D 171 21.17 -42.06 47.38
C ASP D 171 22.02 -41.23 46.42
N ALA D 172 23.22 -41.71 46.11
CA ALA D 172 23.89 -41.26 44.89
C ALA D 172 23.13 -41.71 43.66
N PHE D 173 22.53 -42.90 43.74
CA PHE D 173 21.51 -43.31 42.80
C PHE D 173 20.26 -42.44 43.01
N GLY D 174 19.38 -42.42 42.01
CA GLY D 174 18.33 -41.43 41.98
C GLY D 174 17.21 -41.63 43.00
N ASN D 175 17.09 -42.83 43.56
CA ASN D 175 15.90 -43.14 44.36
C ASN D 175 15.98 -42.58 45.76
N VAL D 176 14.81 -42.38 46.36
CA VAL D 176 14.69 -41.79 47.68
C VAL D 176 14.77 -42.91 48.71
N LEU D 177 15.52 -42.67 49.78
CA LEU D 177 15.54 -43.60 50.90
C LEU D 177 14.52 -43.26 51.97
N GLN D 178 14.59 -42.08 52.56
CA GLN D 178 13.67 -41.73 53.62
C GLN D 178 13.34 -40.24 53.55
N MET D 179 12.13 -39.91 53.98
CA MET D 179 11.63 -38.54 54.03
C MET D 179 11.10 -38.28 55.43
N VAL D 180 11.32 -37.06 55.93
CA VAL D 180 10.71 -36.62 57.18
C VAL D 180 10.07 -35.27 56.93
N THR D 181 8.82 -35.05 57.34
CA THR D 181 8.30 -33.67 57.39
C THR D 181 7.82 -33.25 58.77
N ARG D 182 8.10 -32.00 59.14
CA ARG D 182 7.58 -31.35 60.32
C ARG D 182 6.51 -30.34 60.00
N ASP D 183 5.32 -30.61 60.49
CA ASP D 183 4.26 -29.64 60.52
C ASP D 183 3.91 -29.54 62.01
N GLN D 184 3.64 -28.28 62.38
CA GLN D 184 3.31 -27.97 63.75
C GLN D 184 1.88 -27.53 63.93
N ILE D 185 0.96 -28.49 63.82
CA ILE D 185 -0.46 -28.20 64.00
C ILE D 185 -0.80 -27.98 65.44
N ALA D 186 -1.55 -26.93 65.74
CA ALA D 186 -1.95 -26.61 67.10
C ALA D 186 -2.81 -27.66 67.70
N PHE D 187 -2.97 -27.67 69.01
CA PHE D 187 -3.70 -28.76 69.64
C PHE D 187 -5.11 -28.86 69.15
N GLY D 188 -5.79 -27.74 69.03
CA GLY D 188 -7.17 -27.77 68.62
C GLY D 188 -7.34 -28.31 67.23
N ALA D 189 -6.42 -27.98 66.34
CA ALA D 189 -6.56 -28.37 64.96
C ALA D 189 -6.06 -29.76 64.61
N LEU D 190 -5.38 -30.42 65.54
CA LEU D 190 -4.82 -31.72 65.28
C LEU D 190 -5.96 -32.65 64.94
N PRO D 191 -5.73 -33.54 63.98
CA PRO D 191 -6.77 -34.48 63.61
C PRO D 191 -7.11 -35.41 64.76
N GLU D 192 -8.35 -35.83 64.85
CA GLU D 192 -8.78 -36.66 65.98
C GLU D 192 -7.83 -37.73 66.49
N ASP D 193 -7.45 -38.70 65.66
CA ASP D 193 -6.65 -39.79 66.18
C ASP D 193 -5.38 -39.29 66.87
N ILE D 194 -4.90 -38.11 66.50
CA ILE D 194 -3.68 -37.60 67.10
C ILE D 194 -3.98 -37.02 68.49
N ARG D 195 -5.17 -36.45 68.67
CA ARG D 195 -5.55 -35.89 69.97
C ARG D 195 -5.69 -37.00 71.02
N LYS D 196 -6.06 -38.20 70.59
CA LYS D 196 -6.08 -39.32 71.51
C LYS D 196 -4.67 -39.78 71.87
N ALA D 197 -3.69 -39.49 71.02
CA ALA D 197 -2.31 -39.87 71.32
C ALA D 197 -1.63 -38.82 72.18
N VAL D 198 -1.97 -37.54 71.99
CA VAL D 198 -1.37 -36.48 72.80
C VAL D 198 -1.94 -36.51 74.21
N GLU D 199 -3.26 -36.64 74.33
CA GLU D 199 -3.86 -36.90 75.63
C GLU D 199 -3.41 -38.24 76.20
N GLY D 200 -3.20 -39.23 75.32
CA GLY D 200 -2.65 -40.50 75.75
C GLY D 200 -1.22 -40.43 76.23
N GLN D 201 -0.47 -39.41 75.80
CA GLN D 201 0.84 -39.17 76.40
C GLN D 201 0.71 -38.64 77.81
N GLY D 202 -0.30 -37.81 78.06
CA GLY D 202 -0.51 -37.28 79.39
C GLY D 202 -0.34 -35.77 79.46
N GLY D 203 -0.97 -35.14 80.44
CA GLY D 203 -0.85 -33.71 80.62
C GLY D 203 -1.78 -32.92 79.74
N GLU D 204 -2.42 -31.89 80.30
CA GLU D 204 -3.33 -31.07 79.52
C GLU D 204 -2.56 -30.10 78.64
N LYS D 205 -3.21 -29.65 77.58
CA LYS D 205 -2.61 -28.74 76.62
C LYS D 205 -3.51 -27.52 76.45
N LYS D 206 -2.89 -26.41 76.07
CA LYS D 206 -3.67 -25.25 75.69
C LYS D 206 -4.34 -25.49 74.34
N ALA D 207 -5.36 -24.70 74.05
CA ALA D 207 -6.11 -24.86 72.81
C ALA D 207 -5.30 -24.40 71.61
N ASP D 208 -4.32 -23.53 71.83
CA ASP D 208 -3.54 -22.94 70.75
C ASP D 208 -2.07 -23.34 70.77
N GLU D 209 -1.70 -24.19 71.72
CA GLU D 209 -0.35 -24.69 71.85
C GLU D 209 -0.09 -25.49 70.62
N THR D 210 1.10 -25.38 70.06
CA THR D 210 1.38 -25.92 68.75
C THR D 210 2.18 -27.19 68.87
N ILE D 211 1.65 -28.22 68.25
CA ILE D 211 2.18 -29.57 68.36
C ILE D 211 2.79 -29.87 66.99
N ASP D 212 3.99 -30.43 66.97
CA ASP D 212 4.63 -30.69 65.69
C ASP D 212 4.81 -32.16 65.45
N VAL D 213 4.36 -32.60 64.27
CA VAL D 213 4.12 -33.97 63.99
C VAL D 213 5.10 -34.39 62.96
N TYR D 214 5.86 -35.43 63.20
CA TYR D 214 6.85 -35.81 62.25
C TYR D 214 6.37 -37.04 61.54
N THR D 215 6.37 -36.99 60.24
CA THR D 215 6.14 -38.22 59.51
C THR D 215 7.47 -38.83 59.14
N HIS D 216 7.45 -40.08 58.69
CA HIS D 216 8.70 -40.76 58.35
C HIS D 216 8.36 -41.79 57.28
N ILE D 217 8.91 -41.60 56.09
CA ILE D 217 8.40 -42.22 54.88
C ILE D 217 9.50 -43.12 54.32
N TYR D 218 10.20 -43.81 55.23
CA TYR D 218 11.40 -44.56 54.88
C TYR D 218 11.12 -45.73 53.95
N LEU D 219 12.10 -46.08 53.13
CA LEU D 219 11.96 -47.21 52.21
C LEU D 219 12.19 -48.47 52.99
N ASP D 220 11.21 -49.34 53.01
CA ASP D 220 11.36 -50.55 53.76
C ASP D 220 12.45 -51.35 53.12
N GLU D 221 13.31 -51.95 53.92
CA GLU D 221 14.32 -52.80 53.34
C GLU D 221 13.63 -53.94 52.63
N ASP D 222 12.64 -54.53 53.27
CA ASP D 222 11.89 -55.61 52.64
C ASP D 222 10.84 -55.13 51.68
N SER D 223 10.88 -55.60 50.44
CA SER D 223 9.84 -55.32 49.43
C SER D 223 9.91 -54.00 48.68
N GLY D 224 10.81 -53.11 49.07
CA GLY D 224 10.95 -51.85 48.35
C GLY D 224 9.63 -51.13 48.25
N GLU D 225 8.80 -51.25 49.27
CA GLU D 225 7.52 -50.58 49.29
C GLU D 225 7.73 -49.64 50.40
N TYR D 226 7.28 -48.41 50.27
CA TYR D 226 7.61 -47.50 51.36
C TYR D 226 6.76 -47.83 52.57
N LEU D 227 7.27 -47.50 53.76
CA LEU D 227 6.48 -47.50 54.97
C LEU D 227 6.39 -46.07 55.51
N ARG D 228 5.22 -45.65 55.94
CA ARG D 228 5.13 -44.34 56.52
C ARG D 228 4.47 -44.43 57.84
N TYR D 229 5.15 -43.96 58.87
CA TYR D 229 4.61 -43.92 60.21
C TYR D 229 4.78 -42.51 60.64
N GLU D 230 3.77 -41.92 61.23
CA GLU D 230 3.85 -40.53 61.66
C GLU D 230 3.58 -40.37 63.14
N GLU D 231 4.35 -39.48 63.75
CA GLU D 231 4.74 -39.51 65.16
C GLU D 231 4.56 -38.16 65.81
N VAL D 232 4.04 -38.14 67.03
CA VAL D 232 3.70 -36.93 67.71
C VAL D 232 4.49 -36.94 68.95
N GLU D 233 5.14 -35.82 69.28
CA GLU D 233 5.96 -35.72 70.47
C GLU D 233 6.98 -36.84 70.48
N GLY D 234 7.08 -37.58 71.56
CA GLY D 234 7.98 -38.71 71.52
C GLY D 234 7.67 -39.84 70.56
N MET D 235 6.44 -40.36 70.58
CA MET D 235 6.14 -41.56 69.77
C MET D 235 4.99 -41.62 68.78
N GLU D 236 4.93 -42.70 68.02
CA GLU D 236 3.95 -42.83 66.93
C GLU D 236 2.46 -42.86 67.23
N VAL D 237 1.66 -42.22 66.37
CA VAL D 237 0.22 -42.26 66.52
C VAL D 237 -0.30 -43.63 66.21
N GLN D 238 -1.42 -44.01 66.77
CA GLN D 238 -2.03 -45.27 66.38
C GLN D 238 -2.67 -45.00 65.03
N GLY D 239 -2.46 -45.90 64.07
CA GLY D 239 -3.09 -45.76 62.77
C GLY D 239 -2.29 -44.99 61.75
N SER D 240 -1.10 -44.57 62.12
CA SER D 240 -0.26 -43.84 61.20
C SER D 240 0.30 -44.73 60.16
N ASP D 241 0.49 -45.99 60.50
CA ASP D 241 1.18 -46.85 59.57
C ASP D 241 0.47 -46.96 58.26
N GLY D 242 1.24 -46.83 57.20
CA GLY D 242 0.69 -46.92 55.87
C GLY D 242 1.83 -47.42 55.04
N THR D 243 1.52 -48.01 53.91
CA THR D 243 2.58 -48.47 53.03
C THR D 243 2.34 -47.94 51.64
N TYR D 244 3.30 -47.20 51.14
CA TYR D 244 3.15 -46.62 49.85
C TYR D 244 4.04 -47.38 48.84
N PRO D 245 3.49 -47.91 47.72
CA PRO D 245 4.40 -48.52 46.75
C PRO D 245 5.44 -47.53 46.27
N LYS D 246 6.44 -48.08 45.56
CA LYS D 246 7.58 -47.28 45.13
C LYS D 246 7.18 -46.27 44.07
N GLU D 247 6.26 -46.63 43.18
CA GLU D 247 5.89 -45.76 42.07
C GLU D 247 4.72 -44.83 42.39
N ALA D 248 3.99 -45.08 43.48
CA ALA D 248 2.82 -44.27 43.81
C ALA D 248 2.86 -43.93 45.30
N CYS D 249 3.52 -42.83 45.61
CA CYS D 249 3.52 -42.32 46.98
C CYS D 249 3.06 -40.87 47.00
N PRO D 250 2.20 -40.50 47.95
CA PRO D 250 1.63 -39.14 47.95
C PRO D 250 2.63 -38.04 48.27
N TYR D 251 3.82 -38.38 48.73
CA TYR D 251 4.88 -37.42 49.00
C TYR D 251 5.89 -37.53 47.89
N ILE D 252 5.95 -36.53 47.01
CA ILE D 252 6.96 -36.59 45.97
C ILE D 252 7.82 -35.33 46.06
N PRO D 253 9.13 -35.47 46.18
CA PRO D 253 9.99 -34.28 46.25
C PRO D 253 10.36 -33.77 44.88
N ILE D 254 10.12 -32.50 44.64
CA ILE D 254 10.53 -31.96 43.38
C ILE D 254 11.87 -31.32 43.60
N ARG D 255 12.76 -31.39 42.62
CA ARG D 255 14.06 -30.75 42.70
C ARG D 255 14.29 -30.20 41.34
N MET D 256 14.91 -29.06 41.24
CA MET D 256 15.21 -28.49 39.95
C MET D 256 16.71 -28.43 39.83
N VAL D 257 17.21 -28.53 38.61
CA VAL D 257 18.63 -28.70 38.37
C VAL D 257 19.18 -29.85 39.18
N ARG D 258 18.56 -31.01 39.14
CA ARG D 258 18.98 -32.10 39.98
C ARG D 258 20.38 -32.48 39.61
N LEU D 259 21.21 -32.68 40.62
CA LEU D 259 22.63 -32.94 40.43
C LEU D 259 22.89 -34.28 41.09
N ASP D 260 23.71 -35.13 40.49
CA ASP D 260 24.10 -36.37 41.17
C ASP D 260 25.03 -36.13 42.35
N GLY D 261 24.91 -36.94 43.39
CA GLY D 261 23.66 -37.60 43.71
C GLY D 261 22.84 -36.82 44.71
N GLU D 262 23.36 -35.67 45.11
CA GLU D 262 23.08 -35.10 46.40
C GLU D 262 21.63 -34.74 46.54
N SER D 263 21.11 -34.87 47.74
CA SER D 263 19.72 -35.19 47.98
C SER D 263 18.73 -34.15 47.47
N TYR D 264 19.07 -32.88 47.55
CA TYR D 264 18.25 -31.77 47.10
C TYR D 264 18.92 -31.12 45.89
N GLY D 265 18.23 -30.27 45.17
CA GLY D 265 18.79 -29.78 43.92
C GLY D 265 18.91 -28.29 43.86
N ARG D 266 20.01 -27.78 43.33
CA ARG D 266 20.31 -26.38 43.50
C ARG D 266 19.34 -25.57 42.69
N SER D 267 18.98 -24.39 43.14
CA SER D 267 17.89 -23.62 42.56
C SER D 267 18.23 -23.08 41.20
N TYR D 268 17.26 -22.80 40.38
CA TYR D 268 17.50 -22.15 39.12
C TYR D 268 18.03 -20.74 39.14
N ILE D 269 17.57 -19.96 40.08
CA ILE D 269 17.93 -18.56 40.17
C ILE D 269 19.15 -18.33 40.99
N GLU D 270 19.78 -19.38 41.47
CA GLU D 270 21.14 -19.27 41.95
C GLU D 270 22.10 -19.80 40.94
N GLU D 271 21.62 -20.20 39.77
CA GLU D 271 22.62 -20.16 38.66
C GLU D 271 23.30 -18.82 38.31
N TYR D 272 22.52 -17.74 38.21
CA TYR D 272 22.78 -16.36 37.90
C TYR D 272 22.82 -15.54 39.13
N LEU D 273 22.91 -16.16 40.28
CA LEU D 273 22.94 -15.44 41.53
C LEU D 273 24.12 -14.59 41.66
N GLY D 274 25.27 -15.01 41.18
CA GLY D 274 26.41 -14.15 41.27
C GLY D 274 26.20 -12.88 40.48
N ASP D 275 25.66 -13.01 39.30
CA ASP D 275 25.40 -11.91 38.41
C ASP D 275 24.37 -10.93 38.90
N LEU D 276 23.33 -11.40 39.56
CA LEU D 276 22.36 -10.50 40.18
C LEU D 276 23.03 -9.74 41.25
N ARG D 277 23.84 -10.40 42.03
CA ARG D 277 24.50 -9.83 43.17
C ARG D 277 25.44 -8.75 42.80
N SER D 278 26.13 -8.90 41.70
CA SER D 278 26.77 -7.82 40.98
C SER D 278 25.89 -6.73 40.40
N LEU D 279 24.73 -7.01 39.87
CA LEU D 279 23.82 -5.95 39.42
C LEU D 279 23.36 -5.09 40.56
N GLU D 280 23.13 -5.66 41.72
CA GLU D 280 22.72 -4.92 42.87
C GLU D 280 23.69 -3.89 43.37
N ASN D 281 24.97 -4.20 43.36
CA ASN D 281 26.05 -3.32 43.78
C ASN D 281 26.25 -2.16 42.83
N LEU D 282 25.84 -2.27 41.56
CA LEU D 282 25.78 -1.10 40.71
C LEU D 282 24.56 -0.26 41.04
N GLN D 283 23.37 -0.88 41.04
CA GLN D 283 22.13 -0.15 41.28
C GLN D 283 22.03 0.42 42.69
N GLU D 284 22.82 -0.10 43.63
CA GLU D 284 22.95 0.58 44.91
C GLU D 284 23.75 1.87 44.76
N ALA D 285 24.71 1.90 43.85
CA ALA D 285 25.56 3.07 43.75
C ALA D 285 24.94 4.18 42.93
N ILE D 286 24.19 3.83 41.87
CA ILE D 286 23.53 4.84 41.05
C ILE D 286 22.47 5.59 41.85
N VAL D 287 21.73 4.88 42.70
CA VAL D 287 20.72 5.53 43.52
C VAL D 287 21.37 6.43 44.56
N LYS D 288 22.46 5.96 45.18
CA LYS D 288 23.15 6.78 46.17
C LYS D 288 23.87 7.97 45.54
N MET D 289 24.26 7.88 44.27
CA MET D 289 24.76 9.06 43.60
C MET D 289 23.66 10.08 43.33
N SER D 290 22.41 9.65 43.23
CA SER D 290 21.31 10.59 43.06
C SER D 290 20.88 11.21 44.37
N MET D 291 21.38 10.73 45.50
CA MET D 291 20.94 11.27 46.78
C MET D 291 21.88 12.37 47.25
N ILE D 292 23.17 12.28 46.91
CA ILE D 292 24.06 13.42 47.06
C ILE D 292 23.60 14.53 46.12
N SER D 293 23.18 14.14 44.92
CA SER D 293 22.54 15.05 43.98
C SER D 293 21.31 15.72 44.56
N SER D 294 20.50 14.97 45.32
CA SER D 294 19.25 15.50 45.84
C SER D 294 19.44 16.61 46.85
N LYS D 295 20.53 16.59 47.60
CA LYS D 295 20.80 17.63 48.58
C LYS D 295 21.22 18.90 47.88
N VAL D 296 20.67 20.03 48.32
CA VAL D 296 20.84 21.30 47.64
C VAL D 296 21.63 22.22 48.56
N ILE D 297 22.93 22.28 48.39
CA ILE D 297 23.80 23.07 49.25
C ILE D 297 24.19 24.35 48.51
N GLY D 298 23.97 25.49 49.16
CA GLY D 298 24.32 26.77 48.58
C GLY D 298 25.69 27.27 48.97
N LEU D 299 26.68 27.06 48.12
CA LEU D 299 28.05 27.46 48.45
C LEU D 299 28.24 28.94 48.17
N VAL D 300 28.31 29.73 49.21
CA VAL D 300 28.58 31.15 49.06
C VAL D 300 30.08 31.39 49.08
N ASN D 301 30.58 32.04 48.04
CA ASN D 301 31.98 32.43 47.96
C ASN D 301 32.27 33.44 49.05
N PRO D 302 33.09 33.12 50.06
CA PRO D 302 33.26 34.03 51.19
C PRO D 302 34.21 35.17 50.91
N ALA D 303 34.75 35.27 49.71
CA ALA D 303 35.51 36.44 49.30
C ALA D 303 34.68 37.39 48.45
N GLY D 304 33.36 37.33 48.61
CA GLY D 304 32.47 38.10 47.77
C GLY D 304 31.69 39.16 48.50
N ILE D 305 30.62 39.62 47.85
CA ILE D 305 29.80 40.68 48.39
C ILE D 305 28.49 40.13 48.85
N THR D 306 27.89 39.22 48.09
CA THR D 306 26.56 38.75 48.43
C THR D 306 26.53 38.17 49.79
N GLN D 307 25.52 38.55 50.56
CA GLN D 307 25.37 37.99 51.86
C GLN D 307 24.05 37.29 51.83
N PRO D 308 24.04 36.01 52.18
CA PRO D 308 22.80 35.24 52.19
C PRO D 308 21.78 35.80 53.13
N ARG D 309 22.15 36.70 54.01
CA ARG D 309 21.25 37.25 54.98
C ARG D 309 20.21 38.03 54.33
N ARG D 310 20.58 38.85 53.37
CA ARG D 310 19.73 39.48 52.39
C ARG D 310 19.06 38.66 51.40
N LEU D 311 19.67 37.61 50.90
CA LEU D 311 18.94 36.73 49.96
C LEU D 311 17.78 35.91 50.43
N THR D 312 17.52 35.80 51.72
CA THR D 312 16.69 34.88 52.38
C THR D 312 15.62 35.60 53.14
N LYS D 313 15.53 36.91 53.01
CA LYS D 313 14.35 37.57 53.43
C LYS D 313 13.75 38.36 52.35
N ALA D 314 14.13 38.05 51.13
CA ALA D 314 13.65 38.80 50.02
C ALA D 314 12.35 38.20 49.61
N GLN D 315 11.49 38.99 49.02
CA GLN D 315 10.24 38.49 48.56
C GLN D 315 10.38 37.99 47.16
N THR D 316 9.28 37.81 46.47
CA THR D 316 9.34 37.21 45.17
C THR D 316 10.16 37.95 44.18
N GLY D 317 10.13 39.28 44.17
CA GLY D 317 10.84 40.03 43.15
C GLY D 317 11.86 41.05 43.55
N ASP D 318 12.38 40.99 44.76
CA ASP D 318 13.24 42.05 45.26
C ASP D 318 14.56 42.34 44.66
N PHE D 319 14.94 43.61 44.69
CA PHE D 319 16.26 43.96 44.27
C PHE D 319 17.15 43.86 45.48
N VAL D 320 18.21 43.10 45.39
CA VAL D 320 19.13 42.74 46.46
C VAL D 320 20.54 43.11 46.00
N THR D 321 21.42 43.44 46.93
CA THR D 321 22.82 43.71 46.59
C THR D 321 23.50 42.40 46.25
N GLY D 322 24.41 42.43 45.29
CA GLY D 322 25.34 41.32 45.15
C GLY D 322 25.58 40.95 43.71
N ARG D 323 26.59 40.10 43.54
CA ARG D 323 27.01 39.54 42.27
C ARG D 323 26.49 38.12 42.10
N PRO D 324 26.08 37.71 40.91
CA PRO D 324 25.56 36.34 40.75
C PRO D 324 26.62 35.28 40.83
N GLU D 325 27.89 35.62 40.59
CA GLU D 325 28.96 34.64 40.57
C GLU D 325 29.50 34.31 41.94
N ASP D 326 28.92 34.88 43.00
CA ASP D 326 29.30 34.44 44.34
C ASP D 326 28.49 33.23 44.76
N ILE D 327 27.21 33.20 44.43
CA ILE D 327 26.32 32.11 44.83
C ILE D 327 26.47 30.99 43.80
N SER D 328 27.16 29.94 44.17
CA SER D 328 27.13 28.72 43.37
C SER D 328 26.68 27.57 44.24
N PHE D 329 26.27 26.47 43.62
CA PHE D 329 25.66 25.38 44.34
C PHE D 329 26.52 24.13 44.23
N LEU D 330 26.80 23.38 45.29
CA LEU D 330 27.70 22.24 45.14
C LEU D 330 27.00 21.23 44.30
N GLN D 331 27.60 20.77 43.22
CA GLN D 331 26.98 19.71 42.45
C GLN D 331 27.89 18.51 42.27
N LEU D 332 27.33 17.30 42.26
CA LEU D 332 28.11 16.08 42.06
C LEU D 332 28.80 16.00 40.73
N GLU D 333 30.07 15.63 40.73
CA GLU D 333 30.86 15.58 39.51
C GLU D 333 31.16 14.21 38.95
N LYS D 334 30.45 13.19 39.40
CA LYS D 334 30.65 11.88 38.81
C LYS D 334 29.76 11.80 37.59
N GLN D 335 30.11 12.50 36.51
CA GLN D 335 29.29 12.54 35.31
C GLN D 335 29.88 11.59 34.31
N ALA D 336 31.01 11.90 33.66
CA ALA D 336 31.62 10.83 32.88
C ALA D 336 31.78 9.54 33.67
N ASP D 337 31.29 9.51 34.90
CA ASP D 337 31.36 8.30 35.69
C ASP D 337 29.99 7.66 35.88
N PHE D 338 28.94 8.46 35.84
CA PHE D 338 27.59 7.92 35.92
C PHE D 338 27.26 7.11 34.67
N THR D 339 27.88 7.43 33.54
CA THR D 339 27.64 6.69 32.31
C THR D 339 28.43 5.39 32.24
N VAL D 340 29.54 5.28 32.97
CA VAL D 340 30.25 4.02 33.04
C VAL D 340 29.42 2.99 33.81
N ALA D 341 28.96 3.37 35.00
CA ALA D 341 28.18 2.45 35.81
C ALA D 341 26.76 2.24 35.29
N LYS D 342 26.27 3.09 34.40
CA LYS D 342 24.96 2.85 33.81
C LYS D 342 25.05 1.87 32.64
N ALA D 343 26.06 2.04 31.78
CA ALA D 343 26.17 1.20 30.60
C ALA D 343 26.56 -0.23 30.94
N VAL D 344 27.20 -0.43 32.09
CA VAL D 344 27.45 -1.79 32.55
C VAL D 344 26.19 -2.39 33.15
N SER D 345 25.46 -1.59 33.94
CA SER D 345 24.21 -2.05 34.52
C SER D 345 23.15 -2.28 33.46
N ASP D 346 23.20 -1.55 32.35
CA ASP D 346 22.32 -1.85 31.24
C ASP D 346 22.80 -3.04 30.44
N ALA D 347 24.05 -3.46 30.61
CA ALA D 347 24.54 -4.65 29.95
C ALA D 347 24.35 -5.90 30.79
N ILE D 348 24.32 -5.77 32.11
CA ILE D 348 24.08 -6.92 32.95
C ILE D 348 22.60 -7.25 32.98
N GLU D 349 21.73 -6.23 33.01
CA GLU D 349 20.30 -6.47 32.86
C GLU D 349 19.96 -7.02 31.49
N ALA D 350 20.76 -6.70 30.47
CA ALA D 350 20.53 -7.25 29.14
C ALA D 350 20.84 -8.73 29.09
N ARG D 351 21.84 -9.19 29.84
CA ARG D 351 22.20 -10.60 29.81
C ARG D 351 21.61 -11.39 30.97
N LEU D 352 20.78 -10.75 31.79
CA LEU D 352 19.87 -11.51 32.65
C LEU D 352 18.47 -11.58 32.07
N SER D 353 18.09 -10.62 31.22
CA SER D 353 16.78 -10.66 30.60
C SER D 353 16.67 -11.70 29.51
N PHE D 354 17.78 -12.30 29.08
CA PHE D 354 17.65 -13.47 28.22
C PHE D 354 17.68 -14.74 29.06
N ALA D 355 18.40 -14.70 30.17
CA ALA D 355 18.45 -15.84 31.08
C ALA D 355 17.09 -16.10 31.72
N PHE D 356 16.33 -15.04 31.95
CA PHE D 356 14.95 -15.14 32.37
C PHE D 356 14.11 -14.96 31.12
N MET D 357 12.86 -15.39 31.18
CA MET D 357 12.08 -15.46 29.95
C MET D 357 11.32 -14.18 29.64
N LEU D 358 11.95 -13.07 30.00
CA LEU D 358 11.34 -11.78 29.78
C LEU D 358 11.98 -11.13 28.60
N ASN D 359 11.17 -10.60 27.71
CA ASN D 359 11.73 -9.87 26.59
C ASN D 359 12.40 -8.69 27.27
N SER D 360 13.58 -8.30 26.80
CA SER D 360 14.33 -7.26 27.51
C SER D 360 13.66 -5.89 27.63
N ALA D 361 13.93 -5.19 28.73
CA ALA D 361 13.33 -3.86 28.95
C ALA D 361 13.42 -2.86 27.81
N VAL D 362 12.30 -2.23 27.48
CA VAL D 362 12.26 -1.24 26.41
C VAL D 362 13.30 -0.15 26.62
N GLN D 363 13.63 0.20 27.86
CA GLN D 363 14.74 1.14 28.08
C GLN D 363 15.96 0.54 27.43
N ARG D 364 16.24 0.90 26.17
CA ARG D 364 17.32 0.27 25.40
C ARG D 364 17.87 1.25 24.39
N THR D 365 18.63 0.74 23.43
CA THR D 365 19.26 1.60 22.44
C THR D 365 18.25 2.36 21.62
N GLY D 366 18.63 3.56 21.17
CA GLY D 366 17.68 4.40 20.45
C GLY D 366 17.10 3.84 19.18
N GLU D 367 15.80 4.10 18.96
CA GLU D 367 15.11 3.58 17.77
C GLU D 367 15.19 2.07 17.70
N ARG D 368 15.47 1.55 16.51
CA ARG D 368 16.13 0.26 16.31
C ARG D 368 15.14 -0.91 16.47
N VAL D 369 13.90 -0.58 16.78
CA VAL D 369 12.86 -1.59 16.92
C VAL D 369 12.66 -2.16 15.55
N THR D 370 12.41 -3.45 15.47
CA THR D 370 12.33 -4.04 14.15
C THR D 370 11.03 -4.80 13.86
N ALA D 371 11.04 -5.80 12.99
CA ALA D 371 9.80 -6.43 12.57
C ALA D 371 9.56 -7.78 13.21
N GLU D 372 8.58 -8.50 12.66
CA GLU D 372 8.19 -9.80 13.18
C GLU D 372 9.39 -10.68 13.13
N GLU D 373 10.22 -10.59 12.08
CA GLU D 373 11.47 -11.34 12.01
C GLU D 373 12.20 -11.32 13.34
N ILE D 374 12.64 -10.18 13.82
CA ILE D 374 13.16 -10.06 15.19
C ILE D 374 12.15 -10.40 16.32
N ARG D 375 10.86 -10.38 16.05
CA ARG D 375 9.99 -10.88 17.11
C ARG D 375 10.14 -12.40 17.08
N TYR D 376 10.74 -12.91 16.00
CA TYR D 376 11.05 -14.33 15.98
C TYR D 376 12.21 -14.63 16.93
N VAL D 377 13.05 -13.67 17.26
CA VAL D 377 14.09 -13.89 18.30
C VAL D 377 13.38 -14.03 19.65
N ALA D 378 12.30 -13.29 19.85
CA ALA D 378 11.49 -13.46 21.06
C ALA D 378 10.88 -14.86 21.01
N SER D 379 10.53 -15.30 19.80
CA SER D 379 10.05 -16.68 19.67
C SER D 379 11.14 -17.66 20.06
N GLU D 380 12.37 -17.40 19.66
CA GLU D 380 13.51 -18.25 20.02
C GLU D 380 13.71 -18.23 21.53
N LEU D 381 13.11 -17.35 22.30
CA LEU D 381 13.22 -17.49 23.78
C LEU D 381 12.58 -18.81 24.30
N GLU D 382 11.78 -19.46 23.46
CA GLU D 382 11.14 -20.72 23.84
C GLU D 382 12.11 -21.86 24.15
N ASP D 383 13.21 -21.94 23.44
CA ASP D 383 14.24 -22.96 23.69
C ASP D 383 14.85 -22.82 25.07
N THR D 384 15.10 -21.57 25.42
CA THR D 384 15.63 -21.29 26.73
C THR D 384 14.57 -21.69 27.73
N LEU D 385 13.30 -21.42 27.43
CA LEU D 385 12.23 -21.85 28.35
C LEU D 385 12.22 -23.35 28.51
N GLY D 386 12.48 -24.05 27.40
CA GLY D 386 12.40 -25.50 27.39
C GLY D 386 13.36 -26.34 28.17
N GLY D 387 14.59 -25.88 28.29
CA GLY D 387 15.59 -26.65 28.99
C GLY D 387 15.26 -26.83 30.46
N VAL D 388 14.72 -25.80 31.08
CA VAL D 388 14.41 -25.85 32.51
C VAL D 388 13.19 -26.67 32.87
N TYR D 389 12.25 -26.79 31.95
CA TYR D 389 11.02 -27.48 32.28
C TYR D 389 11.10 -28.97 31.97
N SER D 390 12.15 -29.41 31.31
CA SER D 390 12.22 -30.81 30.92
C SER D 390 12.30 -31.74 32.10
N ILE D 391 13.11 -31.43 33.10
CA ILE D 391 13.29 -32.28 34.28
C ILE D 391 12.11 -32.10 35.15
N LEU D 392 11.58 -30.91 35.10
CA LEU D 392 10.48 -30.63 35.96
C LEU D 392 9.45 -31.61 35.55
N SER D 393 9.33 -31.99 34.30
CA SER D 393 8.25 -32.93 33.98
C SER D 393 8.35 -34.26 34.69
N GLN D 394 9.48 -34.93 34.61
CA GLN D 394 9.60 -36.21 35.23
C GLN D 394 9.42 -36.06 36.71
N GLU D 395 9.98 -35.01 37.29
CA GLU D 395 9.89 -34.83 38.71
C GLU D 395 8.52 -34.50 39.26
N LEU D 396 7.73 -33.69 38.56
CA LEU D 396 6.47 -33.21 39.12
C LEU D 396 5.28 -33.62 38.33
N GLN D 397 5.36 -33.33 37.04
CA GLN D 397 4.25 -33.70 36.22
C GLN D 397 3.84 -35.11 36.28
N LEU D 398 4.78 -36.01 36.32
CA LEU D 398 4.36 -37.39 36.21
C LEU D 398 3.96 -37.89 37.58
N PRO D 399 4.86 -37.76 38.58
CA PRO D 399 4.30 -38.21 39.81
C PRO D 399 2.92 -37.73 40.20
N LEU D 400 2.55 -36.49 39.98
CA LEU D 400 1.26 -36.05 40.40
C LEU D 400 0.26 -36.88 39.66
N VAL D 401 0.43 -37.10 38.37
CA VAL D 401 -0.58 -37.82 37.60
C VAL D 401 -0.71 -39.25 38.09
N ARG D 402 0.40 -39.92 38.37
CA ARG D 402 0.34 -41.26 38.84
C ARG D 402 -0.37 -41.35 40.18
N VAL D 403 -0.05 -40.45 41.09
CA VAL D 403 -0.68 -40.54 42.39
C VAL D 403 -2.16 -40.30 42.21
N LEU D 404 -2.54 -39.35 41.37
CA LEU D 404 -3.95 -39.06 41.25
C LEU D 404 -4.65 -40.26 40.69
N LEU D 405 -4.05 -40.95 39.75
CA LEU D 405 -4.72 -42.07 39.16
C LEU D 405 -4.93 -43.19 40.15
N LYS D 406 -3.93 -43.54 40.96
CA LYS D 406 -4.20 -44.54 41.99
C LYS D 406 -5.28 -44.08 42.97
N GLN D 407 -5.20 -42.82 43.43
CA GLN D 407 -6.13 -42.36 44.45
C GLN D 407 -7.55 -42.23 43.95
N LEU D 408 -7.75 -42.02 42.65
CA LEU D 408 -9.10 -41.98 42.12
C LEU D 408 -9.69 -43.37 41.90
N GLN D 409 -8.85 -44.39 41.80
CA GLN D 409 -9.37 -45.75 41.74
C GLN D 409 -9.92 -46.18 43.08
N ALA D 410 -9.26 -45.80 44.17
CA ALA D 410 -9.67 -46.22 45.50
C ALA D 410 -10.94 -45.54 45.96
N THR D 411 -11.21 -44.32 45.51
CA THR D 411 -12.42 -43.60 45.87
C THR D 411 -13.51 -43.76 44.82
N GLN D 412 -13.24 -44.56 43.78
CA GLN D 412 -14.21 -44.93 42.74
C GLN D 412 -14.72 -43.72 41.95
N GLN D 413 -13.93 -42.65 41.91
CA GLN D 413 -14.25 -41.52 41.03
C GLN D 413 -13.71 -41.73 39.63
N ILE D 414 -13.03 -42.85 39.38
CA ILE D 414 -12.48 -43.16 38.07
C ILE D 414 -12.71 -44.63 37.79
N PRO D 415 -12.91 -44.99 36.53
CA PRO D 415 -13.00 -46.41 36.20
C PRO D 415 -11.64 -47.07 36.30
N GLU D 416 -11.63 -48.32 36.75
CA GLU D 416 -10.39 -49.06 36.94
C GLU D 416 -9.80 -49.40 35.58
N LEU D 417 -8.82 -48.60 35.16
CA LEU D 417 -8.22 -48.80 33.85
C LEU D 417 -7.32 -50.04 33.86
N PRO D 418 -7.41 -50.89 32.83
CA PRO D 418 -6.98 -52.29 32.94
C PRO D 418 -5.48 -52.52 32.76
N LYS D 419 -4.70 -51.96 33.67
CA LYS D 419 -3.31 -52.34 33.98
C LYS D 419 -2.32 -52.11 32.83
N GLU D 420 -2.76 -51.54 31.71
CA GLU D 420 -1.90 -51.46 30.53
C GLU D 420 -1.80 -50.07 29.92
N ALA D 421 -2.46 -49.06 30.49
CA ALA D 421 -2.40 -47.71 29.96
C ALA D 421 -1.42 -46.88 30.76
N VAL D 422 -0.56 -46.14 30.06
CA VAL D 422 0.48 -45.32 30.66
C VAL D 422 0.35 -43.91 30.08
N GLU D 423 1.02 -42.97 30.72
CA GLU D 423 0.83 -41.59 30.36
C GLU D 423 2.01 -40.75 30.00
N PRO D 424 1.92 -40.09 28.85
CA PRO D 424 2.96 -39.15 28.51
C PRO D 424 2.43 -37.78 28.79
N THR D 425 3.21 -36.95 29.44
CA THR D 425 2.79 -35.58 29.66
C THR D 425 3.15 -34.76 28.44
N ILE D 426 2.38 -34.93 27.37
CA ILE D 426 2.67 -34.22 26.12
C ILE D 426 2.14 -32.81 26.19
N SER D 427 2.90 -31.86 25.65
CA SER D 427 2.51 -30.46 25.74
C SER D 427 1.66 -30.06 24.54
N GLY D 434 -1.14 -33.62 25.65
CA GLY D 434 -1.97 -32.70 24.89
C GLY D 434 -1.91 -32.96 23.41
N ARG D 435 -2.92 -33.68 22.91
CA ARG D 435 -3.01 -34.01 21.50
C ARG D 435 -3.86 -32.95 20.79
N GLY D 436 -3.26 -32.28 19.81
CA GLY D 436 -1.84 -32.35 19.52
C GLY D 436 -1.51 -33.17 18.29
N GLN D 437 -0.78 -34.25 18.50
CA GLN D 437 -0.38 -35.10 17.39
C GLN D 437 -1.57 -35.84 16.79
N ASP D 438 -2.57 -36.16 17.61
CA ASP D 438 -3.77 -36.79 17.07
C ASP D 438 -4.61 -35.80 16.27
N LEU D 439 -4.51 -34.51 16.58
CA LEU D 439 -5.34 -33.54 15.87
C LEU D 439 -4.68 -33.08 14.59
N ASP D 440 -3.40 -32.72 14.65
CA ASP D 440 -2.72 -32.14 13.50
C ASP D 440 -2.51 -33.16 12.40
N LYS D 441 -2.20 -34.40 12.76
CA LYS D 441 -2.06 -35.45 11.76
C LYS D 441 -3.38 -35.87 11.16
N LEU D 442 -4.50 -35.67 11.83
CA LEU D 442 -5.74 -35.84 11.12
C LEU D 442 -5.90 -34.78 10.12
N GLU D 443 -5.63 -33.56 10.51
CA GLU D 443 -5.93 -32.43 9.65
C GLU D 443 -5.12 -32.27 8.42
N ARG D 444 -3.82 -32.51 8.50
CA ARG D 444 -3.00 -32.37 7.31
C ARG D 444 -3.44 -33.37 6.30
N CYS D 445 -3.63 -34.58 6.72
CA CYS D 445 -4.11 -35.57 5.80
C CYS D 445 -5.49 -35.25 5.32
N VAL D 446 -6.37 -34.72 6.13
CA VAL D 446 -7.70 -34.38 5.59
C VAL D 446 -7.63 -33.35 4.50
N THR D 447 -6.71 -32.39 4.53
CA THR D 447 -6.59 -31.46 3.39
C THR D 447 -6.12 -32.14 2.11
N ALA D 448 -5.29 -33.16 2.30
CA ALA D 448 -4.78 -33.91 1.14
C ALA D 448 -5.91 -34.60 0.41
N TRP D 449 -6.90 -35.08 1.15
CA TRP D 449 -8.06 -35.68 0.51
C TRP D 449 -8.85 -34.70 -0.36
N ALA D 450 -8.99 -33.44 0.03
CA ALA D 450 -9.60 -32.41 -0.84
C ALA D 450 -8.72 -32.14 -2.08
N ALA D 451 -7.42 -32.24 -1.90
CA ALA D 451 -6.58 -32.07 -3.08
C ALA D 451 -6.96 -33.16 -4.07
N LEU D 452 -7.62 -34.21 -3.59
CA LEU D 452 -8.02 -35.31 -4.46
C LEU D 452 -9.47 -35.19 -4.91
N ALA D 453 -10.13 -34.11 -4.53
CA ALA D 453 -11.52 -33.87 -4.99
C ALA D 453 -11.73 -33.66 -6.48
N PRO D 454 -10.85 -32.91 -7.16
CA PRO D 454 -11.00 -32.81 -8.62
C PRO D 454 -10.83 -34.13 -9.31
N MET D 455 -9.92 -34.96 -8.84
CA MET D 455 -9.62 -36.22 -9.51
C MET D 455 -10.53 -37.32 -9.06
N ARG D 456 -11.55 -36.99 -8.28
CA ARG D 456 -12.42 -38.00 -7.72
C ARG D 456 -13.06 -38.81 -8.81
N ASP D 457 -13.44 -38.16 -9.89
CA ASP D 457 -14.09 -38.85 -10.98
C ASP D 457 -13.12 -39.41 -12.03
N ASP D 458 -11.82 -39.23 -11.83
CA ASP D 458 -10.85 -39.67 -12.84
C ASP D 458 -10.86 -41.17 -13.07
N PRO D 459 -10.85 -41.57 -14.36
CA PRO D 459 -10.90 -42.98 -14.71
C PRO D 459 -9.72 -43.84 -14.29
N ASP D 460 -8.50 -43.33 -14.37
CA ASP D 460 -7.33 -44.17 -14.11
C ASP D 460 -6.72 -44.10 -12.72
N ILE D 461 -6.86 -42.99 -12.01
CA ILE D 461 -6.17 -42.87 -10.73
C ILE D 461 -6.88 -43.73 -9.69
N ASN D 462 -6.12 -44.56 -8.98
CA ASN D 462 -6.69 -45.39 -7.94
C ASN D 462 -6.84 -44.53 -6.70
N LEU D 463 -7.97 -43.81 -6.62
CA LEU D 463 -8.26 -42.98 -5.47
C LEU D 463 -8.51 -43.80 -4.21
N ALA D 464 -8.84 -45.08 -4.37
CA ALA D 464 -8.94 -45.97 -3.22
C ALA D 464 -7.58 -46.27 -2.61
N MET D 465 -6.50 -46.04 -3.33
CA MET D 465 -5.17 -46.34 -2.86
C MET D 465 -4.41 -45.10 -2.41
N ILE D 466 -4.64 -43.97 -3.08
CA ILE D 466 -3.96 -42.72 -2.76
C ILE D 466 -4.38 -42.23 -1.38
N LYS D 467 -5.66 -42.41 -1.05
CA LYS D 467 -6.15 -42.08 0.29
C LYS D 467 -5.56 -43.00 1.34
N LEU D 468 -5.05 -44.15 0.96
CA LEU D 468 -4.39 -44.98 1.94
C LEU D 468 -2.96 -44.50 2.07
N ARG D 469 -2.30 -44.19 0.96
CA ARG D 469 -0.89 -43.79 1.02
C ARG D 469 -0.64 -42.48 1.75
N ILE D 470 -1.50 -41.51 1.56
CA ILE D 470 -1.34 -40.24 2.23
C ILE D 470 -1.49 -40.49 3.71
N ALA D 471 -2.40 -41.39 4.08
CA ALA D 471 -2.59 -41.74 5.47
C ALA D 471 -1.37 -42.40 6.00
N ASN D 472 -0.79 -43.32 5.27
CA ASN D 472 0.33 -44.05 5.79
C ASN D 472 1.36 -42.98 6.05
N ALA D 473 1.51 -42.04 5.13
CA ALA D 473 2.56 -41.03 5.23
C ALA D 473 2.43 -40.04 6.35
N ILE D 474 1.25 -39.52 6.58
CA ILE D 474 1.07 -38.62 7.70
C ILE D 474 1.39 -39.46 8.91
N GLY D 475 1.00 -40.73 8.88
CA GLY D 475 1.22 -41.58 10.02
C GLY D 475 0.00 -41.91 10.84
N ILE D 476 -1.17 -41.61 10.31
CA ILE D 476 -2.39 -41.98 11.02
C ILE D 476 -2.57 -43.49 11.06
N ASP D 477 -3.38 -44.00 11.97
CA ASP D 477 -3.53 -45.45 12.16
C ASP D 477 -4.24 -46.26 11.11
N THR D 478 -4.90 -45.63 10.15
CA THR D 478 -5.68 -46.37 9.17
C THR D 478 -6.67 -47.25 9.93
N SER D 479 -6.82 -48.51 9.57
CA SER D 479 -7.72 -49.45 10.27
C SER D 479 -9.21 -49.30 10.11
N GLY D 480 -9.78 -48.19 10.51
CA GLY D 480 -11.20 -47.97 10.32
C GLY D 480 -11.38 -46.83 9.36
N ILE D 481 -10.27 -46.27 8.92
CA ILE D 481 -10.34 -45.13 8.04
C ILE D 481 -10.99 -45.49 6.72
N LEU D 482 -10.71 -46.66 6.16
CA LEU D 482 -11.28 -46.93 4.85
C LEU D 482 -12.54 -47.78 4.94
N LEU D 483 -13.62 -47.37 4.26
CA LEU D 483 -14.80 -48.20 4.26
C LEU D 483 -14.42 -49.56 3.72
N THR D 484 -14.87 -50.61 4.39
CA THR D 484 -14.60 -51.94 3.94
C THR D 484 -15.70 -52.29 2.97
N GLU D 485 -15.62 -53.45 2.34
CA GLU D 485 -16.61 -53.75 1.34
C GLU D 485 -18.00 -53.83 1.93
N GLU D 486 -18.14 -54.42 3.10
CA GLU D 486 -19.47 -54.58 3.65
C GLU D 486 -20.04 -53.23 3.86
N GLN D 487 -19.24 -52.34 4.39
CA GLN D 487 -19.70 -51.01 4.65
C GLN D 487 -20.07 -50.26 3.39
N LYS D 488 -19.29 -50.42 2.33
CA LYS D 488 -19.67 -49.81 1.07
C LYS D 488 -20.99 -50.34 0.54
N GLN D 489 -21.23 -51.64 0.66
CA GLN D 489 -22.48 -52.20 0.23
C GLN D 489 -23.61 -51.59 1.05
N GLN D 490 -23.37 -51.43 2.33
CA GLN D 490 -24.38 -50.89 3.19
C GLN D 490 -24.70 -49.50 2.75
N LYS D 491 -23.68 -48.73 2.44
CA LYS D 491 -23.87 -47.34 2.02
C LYS D 491 -24.68 -47.29 0.76
N MET D 492 -24.37 -48.17 -0.16
CA MET D 492 -25.15 -48.21 -1.37
C MET D 492 -26.63 -48.55 -1.15
N ALA D 493 -26.92 -49.51 -0.29
CA ALA D 493 -28.31 -49.80 -0.04
C ALA D 493 -29.05 -48.66 0.61
N GLN D 494 -28.42 -47.93 1.49
CA GLN D 494 -28.98 -46.84 2.28
C GLN D 494 -29.36 -45.65 1.41
N GLN D 495 -28.66 -45.44 0.30
CA GLN D 495 -29.12 -44.45 -0.67
C GLN D 495 -30.39 -44.93 -1.36
N SER D 496 -30.48 -46.24 -1.59
CA SER D 496 -31.65 -46.80 -2.23
C SER D 496 -32.83 -46.91 -1.27
N MET D 497 -32.59 -47.31 -0.02
CA MET D 497 -33.66 -47.38 0.95
C MET D 497 -34.16 -45.98 1.31
N GLN D 498 -33.30 -44.97 1.19
CA GLN D 498 -33.76 -43.59 1.30
C GLN D 498 -34.70 -43.24 0.16
N MET D 499 -34.28 -43.51 -1.09
CA MET D 499 -35.14 -43.22 -2.23
C MET D 499 -36.30 -44.20 -2.30
N GLY D 500 -36.17 -45.39 -1.70
CA GLY D 500 -37.31 -46.27 -1.57
C GLY D 500 -38.33 -45.74 -0.60
N MET D 501 -37.89 -45.28 0.57
CA MET D 501 -38.81 -44.70 1.53
C MET D 501 -39.35 -43.35 1.05
N ASP D 502 -38.55 -42.60 0.29
CA ASP D 502 -39.00 -41.28 -0.15
C ASP D 502 -40.04 -41.39 -1.26
N ASN D 503 -39.73 -42.14 -2.30
CA ASN D 503 -40.68 -42.30 -3.41
C ASN D 503 -41.87 -43.14 -2.99
N GLY D 504 -41.68 -44.09 -2.07
CA GLY D 504 -42.76 -44.90 -1.57
C GLY D 504 -43.77 -44.12 -0.77
N ALA D 505 -43.29 -43.29 0.17
CA ALA D 505 -44.20 -42.48 0.98
C ALA D 505 -44.84 -41.37 0.16
N ALA D 506 -44.21 -40.93 -0.92
CA ALA D 506 -44.85 -39.99 -1.81
C ALA D 506 -45.81 -40.67 -2.78
N ALA D 507 -45.70 -41.99 -2.94
CA ALA D 507 -46.57 -42.68 -3.88
C ALA D 507 -47.95 -42.92 -3.29
N LEU D 508 -48.02 -43.59 -2.13
CA LEU D 508 -49.32 -43.95 -1.57
C LEU D 508 -50.04 -42.74 -1.01
N ALA D 509 -49.31 -41.71 -0.59
CA ALA D 509 -49.96 -40.50 -0.12
C ALA D 509 -50.60 -39.74 -1.28
N GLN D 510 -49.99 -39.80 -2.46
CA GLN D 510 -50.68 -39.37 -3.66
C GLN D 510 -51.65 -40.44 -4.12
N GLY D 511 -51.37 -41.71 -3.78
CA GLY D 511 -52.20 -42.82 -4.20
C GLY D 511 -53.49 -42.94 -3.42
N MET D 512 -53.41 -42.83 -2.08
CA MET D 512 -54.62 -42.95 -1.27
C MET D 512 -55.50 -41.73 -1.42
N ALA D 513 -54.93 -40.54 -1.22
CA ALA D 513 -55.69 -39.30 -1.14
C ALA D 513 -56.32 -38.88 -2.47
N ALA D 514 -55.86 -39.42 -3.60
CA ALA D 514 -56.53 -39.15 -4.85
C ALA D 514 -57.84 -39.91 -4.94
N GLN D 515 -57.83 -41.19 -4.59
CA GLN D 515 -59.02 -42.02 -4.65
C GLN D 515 -59.83 -41.99 -3.37
N ALA D 516 -59.36 -41.34 -2.32
CA ALA D 516 -60.21 -41.22 -1.14
C ALA D 516 -61.13 -40.06 -1.41
N THR D 517 -60.55 -38.89 -1.67
CA THR D 517 -61.37 -37.72 -1.98
C THR D 517 -62.07 -37.78 -3.34
N ALA D 518 -61.82 -38.81 -4.14
CA ALA D 518 -62.54 -38.95 -5.41
C ALA D 518 -63.98 -39.30 -5.12
N SER D 519 -64.93 -38.57 -5.71
CA SER D 519 -66.39 -38.79 -5.52
C SER D 519 -66.87 -38.08 -4.26
N PRO D 520 -68.03 -37.42 -4.33
CA PRO D 520 -68.46 -36.65 -3.15
C PRO D 520 -68.77 -37.47 -1.90
N GLU D 521 -69.48 -38.58 -2.04
CA GLU D 521 -69.79 -39.43 -0.90
C GLU D 521 -68.57 -40.13 -0.30
N ALA D 522 -67.68 -40.65 -1.15
CA ALA D 522 -66.51 -41.36 -0.66
C ALA D 522 -65.75 -40.39 0.17
N MET D 523 -65.90 -39.12 -0.18
CA MET D 523 -65.23 -38.04 0.54
C MET D 523 -65.82 -37.88 1.93
N ALA D 524 -67.14 -38.02 2.07
CA ALA D 524 -67.75 -37.96 3.39
C ALA D 524 -67.41 -39.19 4.21
N ALA D 525 -67.20 -40.32 3.54
CA ALA D 525 -66.81 -41.53 4.26
C ALA D 525 -65.35 -41.45 4.71
N ALA D 526 -64.52 -40.74 3.96
CA ALA D 526 -63.11 -40.64 4.33
C ALA D 526 -62.90 -39.72 5.50
N ALA D 527 -63.76 -38.70 5.65
CA ALA D 527 -63.62 -37.77 6.76
C ALA D 527 -64.08 -38.38 8.06
N ASP D 528 -64.94 -39.40 7.99
CA ASP D 528 -65.44 -40.03 9.21
C ASP D 528 -64.40 -40.95 9.82
N SER D 529 -63.45 -41.42 9.02
CA SER D 529 -62.42 -42.32 9.53
C SER D 529 -61.43 -41.58 10.42
N VAL D 530 -61.22 -40.30 10.15
CA VAL D 530 -60.38 -39.46 11.00
C VAL D 530 -61.20 -39.08 12.23
N GLY D 531 -62.47 -38.72 11.97
CA GLY D 531 -63.36 -38.28 13.04
C GLY D 531 -64.15 -37.01 12.68
N LEU D 532 -63.88 -36.41 11.52
CA LEU D 532 -64.53 -35.16 11.12
C LEU D 532 -65.95 -35.21 10.55
N GLN D 533 -66.68 -34.09 10.60
CA GLN D 533 -68.05 -34.01 10.07
C GLN D 533 -68.15 -33.81 8.55
N PRO D 534 -69.29 -34.20 7.94
CA PRO D 534 -69.47 -34.06 6.48
C PRO D 534 -69.43 -32.66 5.88
N GLY D 535 -70.07 -31.67 6.50
CA GLY D 535 -70.00 -30.31 6.01
C GLY D 535 -68.62 -29.76 6.29
N ILE D 536 -68.11 -28.89 5.43
CA ILE D 536 -66.80 -28.29 5.67
C ILE D 536 -66.91 -26.93 6.36
N THR E 6 -22.46 -19.85 79.53
CA THR E 6 -21.50 -20.94 79.67
C THR E 6 -20.09 -20.43 79.46
N GLY E 7 -19.11 -21.14 80.01
CA GLY E 7 -17.74 -20.72 79.87
C GLY E 7 -17.31 -20.74 78.43
N LEU E 8 -17.72 -21.77 77.69
CA LEU E 8 -17.43 -21.86 76.26
C LEU E 8 -15.97 -22.17 75.95
N ALA E 9 -15.20 -22.62 76.94
CA ALA E 9 -13.78 -22.98 76.74
C ALA E 9 -12.92 -21.82 76.24
N GLU E 10 -13.22 -20.59 76.65
CA GLU E 10 -12.46 -19.39 76.22
C GLU E 10 -12.54 -18.32 77.32
N ASP E 11 -11.59 -17.39 77.35
CA ASP E 11 -11.62 -16.31 78.33
C ASP E 11 -12.82 -15.38 78.16
N GLY E 12 -13.13 -15.04 76.91
CA GLY E 12 -13.92 -13.87 76.60
C GLY E 12 -13.44 -13.21 75.32
N ALA E 13 -14.35 -12.82 74.43
CA ALA E 13 -13.97 -12.22 73.15
C ALA E 13 -13.26 -10.90 73.25
N LYS E 14 -13.60 -10.07 74.21
CA LYS E 14 -12.88 -8.84 74.39
C LYS E 14 -11.43 -9.13 74.63
N SER E 15 -11.14 -10.03 75.55
CA SER E 15 -9.78 -10.35 75.86
C SER E 15 -9.02 -10.98 74.73
N VAL E 16 -9.65 -11.88 73.99
CA VAL E 16 -9.00 -12.50 72.88
C VAL E 16 -8.62 -11.42 71.91
N TYR E 17 -9.49 -10.45 71.75
CA TYR E 17 -9.18 -9.32 70.90
C TYR E 17 -8.02 -8.51 71.45
N GLU E 18 -7.91 -8.40 72.77
CA GLU E 18 -6.89 -7.54 73.34
C GLU E 18 -5.53 -8.21 73.45
N ARG E 19 -5.50 -9.54 73.66
CA ARG E 19 -4.22 -10.24 73.66
C ARG E 19 -3.60 -10.23 72.27
N LEU E 20 -4.42 -10.35 71.24
CA LEU E 20 -3.93 -10.49 69.89
C LEU E 20 -3.97 -9.19 69.11
N LYS E 21 -4.40 -8.09 69.74
CA LYS E 21 -4.23 -6.79 69.11
C LYS E 21 -2.76 -6.41 69.06
N ASN E 22 -1.96 -6.95 69.97
CA ASN E 22 -0.51 -6.78 69.95
C ASN E 22 0.18 -7.63 68.89
N ASP E 23 -0.57 -8.27 67.99
CA ASP E 23 0.00 -8.97 66.86
C ASP E 23 -0.36 -8.29 65.54
N ARG E 24 -1.39 -7.44 65.52
CA ARG E 24 -1.67 -6.67 64.33
C ARG E 24 -0.64 -5.56 64.15
N ALA E 25 -0.20 -4.98 65.26
CA ALA E 25 0.71 -3.84 65.34
C ALA E 25 2.01 -3.97 64.52
N PRO E 26 2.55 -5.17 64.27
CA PRO E 26 3.52 -5.26 63.17
C PRO E 26 2.91 -4.97 61.81
N TYR E 27 1.84 -5.67 61.44
CA TYR E 27 1.24 -5.48 60.12
C TYR E 27 0.56 -4.15 59.98
N GLU E 28 -0.04 -3.65 61.04
CA GLU E 28 -0.77 -2.39 60.99
C GLU E 28 0.19 -1.21 60.77
N THR E 29 1.32 -1.19 61.47
CA THR E 29 2.29 -0.12 61.25
C THR E 29 3.09 -0.31 59.97
N ARG E 30 3.04 -1.48 59.35
CA ARG E 30 3.52 -1.59 57.98
C ARG E 30 2.56 -0.90 57.02
N ALA E 31 1.28 -1.18 57.15
CA ALA E 31 0.29 -0.66 56.21
C ALA E 31 0.11 0.84 56.34
N GLN E 32 0.28 1.38 57.55
CA GLN E 32 0.25 2.83 57.73
C GLN E 32 1.44 3.48 57.03
N ASN E 33 2.59 2.80 57.04
CA ASN E 33 3.70 3.25 56.21
C ASN E 33 3.44 2.97 54.75
N CYS E 34 2.84 1.83 54.45
CA CYS E 34 2.72 1.40 53.06
C CYS E 34 1.63 2.15 52.32
N ALA E 35 0.62 2.66 53.02
CA ALA E 35 -0.37 3.52 52.38
C ALA E 35 0.09 4.96 52.33
N GLN E 36 1.09 5.33 53.12
CA GLN E 36 1.58 6.71 53.13
C GLN E 36 2.25 7.07 51.81
N TYR E 37 2.84 6.10 51.13
CA TYR E 37 3.56 6.36 49.90
C TYR E 37 2.70 6.25 48.67
N THR E 38 1.62 5.47 48.72
CA THR E 38 0.80 5.27 47.53
C THR E 38 -0.41 6.20 47.53
N ILE E 39 -1.31 6.02 48.49
CA ILE E 39 -2.50 6.85 48.63
C ILE E 39 -2.91 6.87 50.09
N PRO E 40 -2.76 8.00 50.79
CA PRO E 40 -2.94 7.99 52.24
C PRO E 40 -4.38 7.88 52.68
N SER E 41 -5.34 8.07 51.79
CA SER E 41 -6.74 7.96 52.17
C SER E 41 -7.22 6.52 52.26
N LEU E 42 -6.38 5.56 51.87
CA LEU E 42 -6.84 4.20 51.72
C LEU E 42 -6.77 3.43 53.04
N PHE E 43 -5.67 3.56 53.79
CA PHE E 43 -5.53 2.88 55.09
C PHE E 43 -5.17 3.90 56.14
N PRO E 44 -6.18 4.45 56.83
CA PRO E 44 -5.92 5.51 57.77
C PRO E 44 -5.26 5.05 59.04
N LYS E 45 -4.43 5.89 59.65
CA LYS E 45 -3.86 5.54 60.93
C LYS E 45 -5.03 5.57 61.87
N ASP E 46 -5.00 4.79 62.94
CA ASP E 46 -6.17 4.71 63.82
C ASP E 46 -6.55 6.03 64.44
N SER E 47 -5.56 6.83 64.80
CA SER E 47 -5.84 8.13 65.36
C SER E 47 -6.58 9.01 64.38
N ASP E 48 -6.20 8.97 63.11
CA ASP E 48 -6.82 9.80 62.11
C ASP E 48 -8.30 9.90 62.17
N ASN E 49 -8.82 11.12 62.16
CA ASN E 49 -10.24 11.35 62.26
C ASN E 49 -10.69 12.26 61.15
N ALA E 50 -11.82 12.91 61.34
CA ALA E 50 -12.34 13.80 60.34
C ALA E 50 -11.38 14.91 60.05
N SER E 51 -10.68 15.39 61.06
CA SER E 51 -9.69 16.46 60.88
C SER E 51 -8.45 16.15 60.06
N THR E 52 -7.91 14.95 60.16
CA THR E 52 -6.66 14.62 59.47
C THR E 52 -6.63 14.88 57.99
N ASP E 53 -5.66 15.64 57.55
CA ASP E 53 -5.54 15.88 56.14
C ASP E 53 -4.46 15.00 55.59
N TYR E 54 -4.77 14.27 54.53
CA TYR E 54 -3.82 13.35 54.00
C TYR E 54 -2.98 13.99 52.91
N GLN E 55 -1.76 14.38 53.25
CA GLN E 55 -0.87 15.00 52.30
C GLN E 55 -0.54 14.03 51.19
N THR E 56 -0.65 14.51 49.96
CA THR E 56 -0.33 13.68 48.82
C THR E 56 1.17 13.40 48.79
N PRO E 57 1.60 12.21 48.41
CA PRO E 57 3.03 11.96 48.29
C PRO E 57 3.61 12.75 47.13
N TRP E 58 4.91 13.04 47.24
CA TRP E 58 5.59 13.84 46.22
C TRP E 58 5.62 13.12 44.88
N GLN E 59 5.70 11.80 44.90
CA GLN E 59 5.55 10.98 43.73
C GLN E 59 4.10 10.54 43.58
N ALA E 60 3.66 10.38 42.34
CA ALA E 60 2.32 9.88 42.07
C ALA E 60 2.36 8.62 41.21
N VAL E 61 3.30 7.73 41.51
CA VAL E 61 3.29 6.42 40.89
C VAL E 61 2.53 5.42 41.74
N GLY E 62 2.67 5.51 43.06
CA GLY E 62 1.92 4.63 43.94
C GLY E 62 0.42 4.86 43.88
N ALA E 63 0.02 6.13 43.74
CA ALA E 63 -1.39 6.40 43.51
C ALA E 63 -1.83 5.94 42.13
N ARG E 64 -0.93 6.01 41.15
CA ARG E 64 -1.23 5.48 39.82
C ARG E 64 -1.22 3.97 39.80
N GLY E 65 -0.15 3.36 40.28
CA GLY E 65 0.03 1.93 40.17
C GLY E 65 -0.76 1.07 41.13
N LEU E 66 -1.68 1.65 41.89
CA LEU E 66 -2.57 0.90 42.75
C LEU E 66 -3.95 0.75 42.13
N ASN E 67 -4.55 1.86 41.71
CA ASN E 67 -5.81 1.81 40.98
C ASN E 67 -5.66 1.08 39.66
N ASN E 68 -4.50 1.20 39.03
CA ASN E 68 -4.21 0.46 37.81
C ASN E 68 -3.84 -0.99 38.09
N LEU E 69 -3.73 -1.38 39.36
CA LEU E 69 -3.53 -2.78 39.68
C LEU E 69 -4.71 -3.39 40.43
N ALA E 70 -5.46 -2.59 41.19
CA ALA E 70 -6.67 -3.12 41.80
C ALA E 70 -7.77 -3.33 40.77
N SER E 71 -7.71 -2.56 39.69
CA SER E 71 -8.69 -2.69 38.63
C SER E 71 -8.40 -3.83 37.72
N LYS E 72 -7.14 -4.00 37.36
CA LYS E 72 -6.77 -5.12 36.53
C LYS E 72 -6.99 -6.42 37.27
N LEU E 73 -6.65 -6.46 38.55
CA LEU E 73 -6.89 -7.65 39.32
C LEU E 73 -8.38 -7.87 39.31
N MET E 74 -9.21 -6.86 39.47
CA MET E 74 -10.63 -7.11 39.51
C MET E 74 -11.12 -7.67 38.20
N LEU E 75 -10.67 -7.13 37.07
CA LEU E 75 -11.20 -7.62 35.82
C LEU E 75 -10.81 -9.07 35.71
N ALA E 76 -9.59 -9.39 36.07
CA ALA E 76 -9.15 -10.76 35.91
C ALA E 76 -9.82 -11.74 36.82
N LEU E 77 -10.05 -11.34 38.06
CA LEU E 77 -10.58 -12.28 39.04
C LEU E 77 -12.08 -12.36 39.00
N PHE E 78 -12.73 -11.22 38.92
CA PHE E 78 -14.17 -11.19 38.90
C PHE E 78 -14.64 -10.62 37.60
N PRO E 79 -14.47 -11.39 36.51
CA PRO E 79 -14.84 -10.89 35.20
C PRO E 79 -16.31 -10.77 35.21
N MET E 80 -16.87 -9.91 34.39
CA MET E 80 -18.31 -9.86 34.30
C MET E 80 -18.81 -11.20 33.79
N GLN E 81 -18.11 -11.75 32.82
CA GLN E 81 -18.48 -13.04 32.30
C GLN E 81 -18.29 -14.07 33.37
N THR E 82 -19.15 -15.07 33.42
CA THR E 82 -19.09 -16.06 34.49
C THR E 82 -17.71 -16.53 34.88
N TRP E 83 -17.38 -16.42 36.15
CA TRP E 83 -16.11 -16.90 36.59
C TRP E 83 -16.07 -18.04 37.57
N MET E 84 -17.19 -18.69 37.85
CA MET E 84 -17.18 -20.02 38.42
C MET E 84 -18.03 -20.88 37.55
N ARG E 85 -17.69 -22.16 37.47
CA ARG E 85 -18.60 -23.10 36.87
C ARG E 85 -18.67 -24.35 37.71
N LEU E 86 -19.78 -25.07 37.65
CA LEU E 86 -19.95 -26.25 38.52
C LEU E 86 -19.64 -27.49 37.71
N THR E 87 -18.55 -28.15 38.05
CA THR E 87 -18.23 -29.43 37.46
C THR E 87 -18.90 -30.54 38.26
N ILE E 88 -19.70 -31.33 37.57
CA ILE E 88 -20.13 -32.59 38.15
C ILE E 88 -19.06 -33.63 37.86
N SER E 89 -18.86 -34.53 38.81
CA SER E 89 -17.93 -35.64 38.61
C SER E 89 -18.48 -36.54 37.53
N GLU E 90 -17.78 -36.61 36.40
CA GLU E 90 -18.39 -37.11 35.17
C GLU E 90 -18.62 -38.62 35.21
N TYR E 91 -17.68 -39.38 35.80
CA TYR E 91 -17.85 -40.82 35.84
C TYR E 91 -18.94 -41.22 36.83
N GLU E 92 -19.04 -40.52 37.96
CA GLU E 92 -20.13 -40.77 38.87
C GLU E 92 -21.45 -40.21 38.34
N ALA E 93 -21.40 -39.31 37.36
CA ALA E 93 -22.62 -38.91 36.69
C ALA E 93 -23.07 -39.93 35.66
N LYS E 94 -22.13 -40.68 35.08
CA LYS E 94 -22.51 -41.73 34.15
C LYS E 94 -23.16 -42.91 34.85
N GLN E 95 -22.76 -43.17 36.11
CA GLN E 95 -23.27 -44.34 36.81
C GLN E 95 -24.70 -44.14 37.26
N LEU E 96 -25.01 -42.95 37.77
CA LEU E 96 -26.30 -42.70 38.39
C LEU E 96 -27.37 -42.24 37.40
N LEU E 97 -27.15 -42.43 36.11
CA LEU E 97 -28.00 -41.78 35.12
C LEU E 97 -28.02 -42.59 33.83
N SER E 98 -29.13 -42.50 33.11
CA SER E 98 -29.28 -43.15 31.81
C SER E 98 -28.81 -42.20 30.72
N ASP E 99 -27.72 -42.58 30.05
CA ASP E 99 -27.06 -41.77 29.05
C ASP E 99 -27.95 -41.56 27.82
N PRO E 100 -27.70 -40.52 27.01
CA PRO E 100 -26.81 -39.35 27.15
C PRO E 100 -27.54 -38.04 27.40
N ASP E 101 -28.87 -38.04 27.23
CA ASP E 101 -29.64 -36.81 27.30
C ASP E 101 -29.70 -36.27 28.73
N GLY E 102 -29.70 -37.17 29.72
CA GLY E 102 -29.74 -36.74 31.10
C GLY E 102 -28.47 -36.08 31.56
N LEU E 103 -27.34 -36.35 30.91
CA LEU E 103 -26.06 -35.79 31.34
C LEU E 103 -26.01 -34.29 31.11
N ALA E 104 -26.34 -33.85 29.90
CA ALA E 104 -26.40 -32.41 29.64
C ALA E 104 -27.59 -31.76 30.32
N LYS E 105 -28.63 -32.54 30.64
CA LYS E 105 -29.73 -32.01 31.42
C LYS E 105 -29.28 -31.68 32.84
N VAL E 106 -28.33 -32.45 33.38
CA VAL E 106 -27.70 -32.10 34.65
C VAL E 106 -26.87 -30.82 34.50
N ASP E 107 -26.11 -30.72 33.40
CA ASP E 107 -25.31 -29.53 33.17
C ASP E 107 -26.14 -28.30 32.82
N GLU E 108 -27.42 -28.47 32.50
CA GLU E 108 -28.28 -27.30 32.43
C GLU E 108 -28.66 -26.82 33.83
N GLY E 109 -28.86 -27.75 34.76
CA GLY E 109 -29.03 -27.37 36.15
C GLY E 109 -27.78 -26.77 36.74
N LEU E 110 -26.61 -27.16 36.25
CA LEU E 110 -25.39 -26.50 36.66
C LEU E 110 -25.18 -25.19 35.93
N SER E 111 -25.70 -25.05 34.72
CA SER E 111 -25.77 -23.74 34.08
C SER E 111 -26.90 -22.90 34.63
N MET E 112 -27.87 -23.54 35.28
CA MET E 112 -28.91 -22.79 36.00
C MET E 112 -28.30 -22.05 37.17
N VAL E 113 -27.57 -22.76 38.02
CA VAL E 113 -27.07 -22.23 39.29
C VAL E 113 -26.02 -21.16 39.06
N GLU E 114 -25.12 -21.38 38.10
CA GLU E 114 -24.03 -20.45 37.86
C GLU E 114 -24.50 -19.12 37.29
N ARG E 115 -25.72 -19.04 36.78
CA ARG E 115 -26.29 -17.77 36.39
C ARG E 115 -27.03 -17.08 37.52
N ILE E 116 -27.59 -17.87 38.43
CA ILE E 116 -28.33 -17.30 39.56
C ILE E 116 -27.37 -16.65 40.55
N ILE E 117 -26.19 -17.25 40.74
CA ILE E 117 -25.17 -16.67 41.60
C ILE E 117 -24.64 -15.37 40.99
N MET E 118 -24.43 -15.37 39.68
CA MET E 118 -24.02 -14.13 39.01
C MET E 118 -25.14 -13.11 39.00
N ASN E 119 -26.40 -13.55 39.07
CA ASN E 119 -27.51 -12.64 39.31
C ASN E 119 -27.70 -12.34 40.78
N TYR E 120 -27.00 -13.03 41.67
CA TYR E 120 -27.03 -12.71 43.08
C TYR E 120 -25.88 -11.78 43.47
N ILE E 121 -24.71 -12.01 42.87
CA ILE E 121 -23.54 -11.20 43.15
C ILE E 121 -23.72 -9.79 42.61
N GLU E 122 -24.22 -9.67 41.38
CA GLU E 122 -24.36 -8.35 40.78
C GLU E 122 -25.51 -7.56 41.37
N SER E 123 -26.54 -8.25 41.87
CA SER E 123 -27.71 -7.57 42.40
C SER E 123 -27.64 -7.33 43.89
N ASN E 124 -26.48 -7.56 44.50
CA ASN E 124 -26.28 -7.22 45.90
C ASN E 124 -25.02 -6.40 46.11
N SER E 125 -24.49 -5.81 45.04
CA SER E 125 -23.30 -4.95 45.04
C SER E 125 -22.10 -5.66 45.66
N TYR E 126 -21.91 -6.94 45.30
CA TYR E 126 -20.69 -7.61 45.70
C TYR E 126 -19.50 -7.14 44.88
N ARG E 127 -19.76 -6.58 43.69
CA ARG E 127 -18.69 -6.03 42.89
C ARG E 127 -18.07 -4.81 43.55
N VAL E 128 -18.85 -4.10 44.35
CA VAL E 128 -18.35 -2.91 45.02
C VAL E 128 -17.41 -3.29 46.16
N THR E 129 -17.90 -4.08 47.10
CA THR E 129 -17.13 -4.39 48.30
C THR E 129 -16.00 -5.36 48.05
N LEU E 130 -15.98 -6.05 46.91
CA LEU E 130 -14.77 -6.76 46.53
C LEU E 130 -13.72 -5.84 45.93
N PHE E 131 -14.14 -4.78 45.26
CA PHE E 131 -13.15 -3.82 44.79
C PHE E 131 -12.61 -3.00 45.95
N GLU E 132 -13.43 -2.73 46.97
CA GLU E 132 -12.88 -2.18 48.19
C GLU E 132 -12.01 -3.20 48.92
N ALA E 133 -12.27 -4.49 48.73
CA ALA E 133 -11.41 -5.49 49.31
C ALA E 133 -10.08 -5.57 48.58
N LEU E 134 -10.10 -5.48 47.25
CA LEU E 134 -8.86 -5.61 46.48
C LEU E 134 -7.95 -4.41 46.68
N LYS E 135 -8.49 -3.25 47.02
CA LYS E 135 -7.63 -2.12 47.34
C LYS E 135 -6.99 -2.31 48.71
N GLN E 136 -7.69 -2.96 49.64
CA GLN E 136 -7.05 -3.30 50.91
C GLN E 136 -6.04 -4.42 50.75
N LEU E 137 -6.29 -5.36 49.84
CA LEU E 137 -5.36 -6.45 49.65
C LEU E 137 -4.05 -6.00 49.01
N VAL E 138 -4.04 -4.88 48.34
CA VAL E 138 -2.77 -4.42 47.81
C VAL E 138 -1.99 -3.65 48.88
N VAL E 139 -2.51 -2.53 49.38
CA VAL E 139 -1.83 -1.80 50.44
C VAL E 139 -1.69 -2.49 51.78
N ALA E 140 -2.76 -3.06 52.33
CA ALA E 140 -2.67 -3.61 53.68
C ALA E 140 -2.35 -5.05 53.74
N GLY E 141 -2.89 -5.80 52.80
CA GLY E 141 -2.64 -7.21 52.73
C GLY E 141 -3.62 -8.12 53.39
N ASN E 142 -4.52 -7.60 54.20
CA ASN E 142 -5.52 -8.43 54.80
C ASN E 142 -6.88 -7.77 54.80
N VAL E 143 -7.96 -8.52 54.63
CA VAL E 143 -9.32 -8.00 54.72
C VAL E 143 -10.18 -9.17 55.17
N LEU E 144 -11.26 -8.95 55.91
CA LEU E 144 -12.16 -10.04 56.28
C LEU E 144 -13.45 -9.66 55.66
N LEU E 145 -14.12 -10.57 55.00
CA LEU E 145 -15.30 -10.24 54.30
C LEU E 145 -16.41 -11.08 54.86
N TYR E 146 -17.42 -10.45 55.45
CA TYR E 146 -18.49 -11.18 56.09
C TYR E 146 -19.67 -11.22 55.21
N LEU E 147 -20.16 -12.41 54.89
CA LEU E 147 -21.28 -12.53 53.96
C LEU E 147 -22.50 -12.74 54.78
N PRO E 148 -23.27 -11.68 55.02
CA PRO E 148 -24.37 -11.80 55.95
C PRO E 148 -25.39 -12.79 55.48
N GLU E 149 -25.97 -13.54 56.41
CA GLU E 149 -26.93 -14.56 56.04
C GLU E 149 -28.07 -13.92 55.32
N PRO E 150 -28.51 -14.54 54.21
CA PRO E 150 -29.58 -13.84 53.51
C PRO E 150 -30.84 -13.91 54.33
N GLU E 151 -31.57 -12.82 54.43
CA GLU E 151 -32.83 -12.84 55.15
C GLU E 151 -33.85 -12.28 54.20
N GLY E 152 -34.56 -13.12 53.45
CA GLY E 152 -35.42 -12.55 52.44
C GLY E 152 -34.66 -12.19 51.17
N SER E 153 -35.45 -11.86 50.15
CA SER E 153 -34.91 -11.45 48.86
C SER E 153 -34.69 -9.94 48.77
N ASN E 154 -34.50 -9.27 49.90
CA ASN E 154 -34.23 -7.84 49.91
C ASN E 154 -32.75 -7.58 49.64
N TYR E 155 -32.35 -6.33 49.79
CA TYR E 155 -30.98 -5.93 49.53
C TYR E 155 -30.07 -6.40 50.64
N ASN E 156 -28.97 -7.10 50.34
CA ASN E 156 -28.13 -7.67 51.41
C ASN E 156 -26.65 -7.62 51.12
N PRO E 157 -26.03 -6.45 51.30
CA PRO E 157 -24.62 -6.30 50.94
C PRO E 157 -23.67 -6.95 51.90
N MET E 158 -22.48 -7.36 51.47
CA MET E 158 -21.53 -7.90 52.42
C MET E 158 -20.71 -6.82 53.12
N LYS E 159 -19.90 -7.21 54.08
CA LYS E 159 -19.14 -6.22 54.83
C LYS E 159 -17.66 -6.53 54.88
N LEU E 160 -16.82 -5.51 54.84
CA LEU E 160 -15.37 -5.70 54.90
C LEU E 160 -14.76 -5.09 56.15
N TYR E 161 -13.85 -5.81 56.79
CA TYR E 161 -13.17 -5.32 57.97
C TYR E 161 -11.72 -5.21 57.57
N ARG E 162 -11.20 -4.01 57.65
CA ARG E 162 -9.85 -3.79 57.19
C ARG E 162 -8.71 -3.83 58.19
N LEU E 163 -8.50 -4.94 58.87
CA LEU E 163 -7.31 -5.05 59.72
C LEU E 163 -7.23 -3.86 60.63
N SER E 164 -8.34 -3.49 61.22
CA SER E 164 -8.29 -2.42 62.18
C SER E 164 -9.56 -2.70 62.90
N SER E 165 -10.35 -3.59 62.33
CA SER E 165 -11.61 -3.95 62.95
C SER E 165 -11.73 -5.44 63.20
N TYR E 166 -10.76 -6.26 62.79
CA TYR E 166 -10.83 -7.67 63.12
C TYR E 166 -9.50 -8.13 63.68
N VAL E 167 -9.53 -9.35 64.21
CA VAL E 167 -8.35 -10.10 64.62
C VAL E 167 -8.62 -11.57 64.30
N VAL E 168 -7.69 -12.22 63.58
CA VAL E 168 -7.71 -13.67 63.49
C VAL E 168 -6.43 -14.23 64.09
N GLN E 169 -6.49 -15.51 64.41
CA GLN E 169 -5.32 -16.25 64.86
C GLN E 169 -5.35 -17.59 64.18
N ARG E 170 -4.30 -17.89 63.43
CA ARG E 170 -4.21 -19.17 62.76
C ARG E 170 -2.89 -19.82 63.14
N ASP E 171 -2.73 -21.03 62.64
CA ASP E 171 -1.67 -21.93 63.05
C ASP E 171 -0.43 -21.66 62.19
N ALA E 172 0.66 -22.38 62.45
CA ALA E 172 1.69 -22.52 61.44
C ALA E 172 1.17 -23.33 60.27
N PHE E 173 0.32 -24.31 60.56
CA PHE E 173 -0.53 -24.93 59.55
C PHE E 173 -1.54 -23.91 59.05
N GLY E 174 -2.11 -24.18 57.87
CA GLY E 174 -2.88 -23.16 57.17
C GLY E 174 -4.21 -22.79 57.79
N ASN E 175 -4.76 -23.65 58.65
CA ASN E 175 -6.14 -23.46 59.08
C ASN E 175 -6.27 -22.40 60.16
N VAL E 176 -7.47 -21.83 60.25
CA VAL E 176 -7.77 -20.75 61.18
C VAL E 176 -8.22 -21.36 62.50
N LEU E 177 -7.71 -20.82 63.60
CA LEU E 177 -8.18 -21.23 64.92
C LEU E 177 -9.33 -20.35 65.42
N GLN E 178 -9.13 -19.06 65.56
CA GLN E 178 -10.16 -18.19 66.09
C GLN E 178 -10.10 -16.84 65.41
N MET E 179 -11.27 -16.21 65.29
CA MET E 179 -11.42 -14.89 64.71
C MET E 179 -12.19 -14.02 65.68
N VAL E 180 -11.83 -12.75 65.77
CA VAL E 180 -12.60 -11.77 66.53
C VAL E 180 -12.84 -10.56 65.64
N THR E 181 -14.04 -10.04 65.54
CA THR E 181 -14.23 -8.70 64.94
C THR E 181 -14.92 -7.71 65.87
N ARG E 182 -14.46 -6.46 65.84
CA ARG E 182 -15.06 -5.34 66.50
C ARG E 182 -15.76 -4.41 65.52
N ASP E 183 -17.07 -4.31 65.68
CA ASP E 183 -17.84 -3.28 65.04
C ASP E 183 -18.51 -2.56 66.20
N GLN E 184 -18.56 -1.23 66.01
CA GLN E 184 -19.11 -0.36 67.01
C GLN E 184 -20.41 0.28 66.56
N ILE E 185 -21.48 -0.51 66.50
CA ILE E 185 -22.79 -0.01 66.11
C ILE E 185 -23.40 0.82 67.21
N ALA E 186 -23.94 1.98 66.87
CA ALA E 186 -24.56 2.87 67.84
C ALA E 186 -25.78 2.26 68.45
N PHE E 187 -26.24 2.80 69.57
CA PHE E 187 -27.34 2.15 70.26
C PHE E 187 -28.57 2.03 69.42
N GLY E 188 -28.92 3.10 68.71
CA GLY E 188 -30.13 3.08 67.92
C GLY E 188 -30.07 2.05 66.84
N ALA E 189 -28.91 1.89 66.23
CA ALA E 189 -28.80 0.98 65.10
C ALA E 189 -28.56 -0.47 65.42
N LEU E 190 -28.32 -0.79 66.69
CA LEU E 190 -28.03 -2.14 67.08
C LEU E 190 -29.24 -2.99 66.75
N PRO E 191 -29.00 -4.20 66.27
CA PRO E 191 -30.11 -5.07 65.93
C PRO E 191 -30.92 -5.42 67.17
N GLU E 192 -32.22 -5.60 67.01
CA GLU E 192 -33.10 -5.85 68.14
C GLU E 192 -32.58 -6.74 69.26
N ASP E 193 -32.25 -8.00 68.98
CA ASP E 193 -31.89 -8.89 70.09
C ASP E 193 -30.74 -8.32 70.92
N ILE E 194 -29.92 -7.45 70.33
CA ILE E 194 -28.80 -6.89 71.08
C ILE E 194 -29.28 -5.78 72.01
N ARG E 195 -30.30 -5.04 71.60
CA ARG E 195 -30.85 -3.97 72.45
C ARG E 195 -31.50 -4.53 73.69
N LYS E 196 -32.03 -5.75 73.62
CA LYS E 196 -32.55 -6.41 74.82
C LYS E 196 -31.41 -6.85 75.74
N ALA E 197 -30.21 -7.05 75.19
CA ALA E 197 -29.08 -7.45 76.02
C ALA E 197 -28.40 -6.23 76.64
N VAL E 198 -28.37 -5.11 75.92
CA VAL E 198 -27.75 -3.90 76.46
C VAL E 198 -28.63 -3.29 77.54
N GLU E 199 -29.94 -3.19 77.27
CA GLU E 199 -30.89 -2.84 78.31
C GLU E 199 -30.91 -3.88 79.42
N GLY E 200 -30.74 -5.15 79.06
CA GLY E 200 -30.63 -6.22 80.04
C GLY E 200 -29.38 -6.13 80.90
N GLN E 201 -28.34 -5.46 80.40
CA GLN E 201 -27.19 -5.19 81.27
C GLN E 201 -27.53 -4.11 82.29
N GLY E 202 -28.34 -3.13 81.91
CA GLY E 202 -28.74 -2.09 82.83
C GLY E 202 -28.24 -0.72 82.42
N GLY E 203 -28.92 0.32 82.87
CA GLY E 203 -28.52 1.68 82.59
C GLY E 203 -28.99 2.17 81.23
N GLU E 204 -29.48 3.40 81.18
CA GLU E 204 -29.96 3.95 79.92
C GLU E 204 -28.78 4.38 79.05
N LYS E 205 -29.04 4.45 77.75
CA LYS E 205 -28.02 4.81 76.78
C LYS E 205 -28.53 5.96 75.93
N LYS E 206 -27.60 6.74 75.39
CA LYS E 206 -27.96 7.74 74.41
C LYS E 206 -28.32 7.08 73.09
N ALA E 207 -29.02 7.81 72.23
CA ALA E 207 -29.46 7.25 70.96
C ALA E 207 -28.29 7.09 70.00
N ASP E 208 -27.22 7.85 70.21
CA ASP E 208 -26.09 7.84 69.30
C ASP E 208 -24.79 7.31 69.92
N GLU E 209 -24.88 6.87 71.17
CA GLU E 209 -23.77 6.30 71.87
C GLU E 209 -23.42 5.06 71.14
N THR E 210 -22.13 4.79 71.00
CA THR E 210 -21.68 3.73 70.11
C THR E 210 -21.25 2.54 70.90
N ILE E 211 -21.85 1.41 70.55
CA ILE E 211 -21.69 0.17 71.26
C ILE E 211 -20.85 -0.74 70.36
N ASP E 212 -19.85 -1.41 70.92
CA ASP E 212 -19.00 -2.23 70.08
C ASP E 212 -19.13 -3.68 70.43
N VAL E 213 -19.36 -4.50 69.40
CA VAL E 213 -19.84 -5.83 69.55
C VAL E 213 -18.76 -6.74 69.10
N TYR E 214 -18.36 -7.68 69.91
CA TYR E 214 -17.29 -8.53 69.51
C TYR E 214 -17.86 -9.86 69.16
N THR E 215 -17.52 -10.34 67.99
CA THR E 215 -17.86 -11.72 67.69
C THR E 215 -16.65 -12.59 68.00
N HIS E 216 -16.86 -13.89 68.03
CA HIS E 216 -15.77 -14.81 68.35
C HIS E 216 -16.07 -16.12 67.65
N ILE E 217 -15.21 -16.50 66.71
CA ILE E 217 -15.54 -17.49 65.70
C ILE E 217 -14.59 -18.66 65.87
N TYR E 218 -14.31 -19.01 67.12
CA TYR E 218 -13.27 -19.98 67.45
C TYR E 218 -13.59 -21.38 66.94
N LEU E 219 -12.55 -22.16 66.66
CA LEU E 219 -12.73 -23.52 66.19
C LEU E 219 -12.99 -24.40 67.38
N ASP E 220 -14.13 -25.05 67.39
CA ASP E 220 -14.47 -25.87 68.53
C ASP E 220 -13.47 -26.98 68.57
N GLU E 221 -12.99 -27.33 69.75
CA GLU E 221 -12.10 -28.45 69.86
C GLU E 221 -12.85 -29.68 69.41
N ASP E 222 -14.08 -29.84 69.87
CA ASP E 222 -14.88 -30.98 69.45
C ASP E 222 -15.52 -30.79 68.09
N SER E 223 -15.30 -31.73 67.18
CA SER E 223 -15.96 -31.74 65.85
C SER E 223 -15.40 -30.85 64.76
N GLY E 224 -14.44 -29.99 65.08
CA GLY E 224 -13.83 -29.17 64.05
C GLY E 224 -14.88 -28.38 63.30
N GLU E 225 -15.94 -27.98 63.98
CA GLU E 225 -16.99 -27.20 63.36
C GLU E 225 -16.84 -25.93 64.09
N TYR E 226 -16.94 -24.81 63.41
CA TYR E 226 -16.68 -23.59 64.16
C TYR E 226 -17.85 -23.29 65.07
N LEU E 227 -17.59 -22.59 66.16
CA LEU E 227 -18.63 -22.01 66.99
C LEU E 227 -18.50 -20.49 66.95
N ARG E 228 -19.61 -19.79 66.81
CA ARG E 228 -19.53 -18.34 66.83
C ARG E 228 -20.50 -17.81 67.84
N TYR E 229 -20.00 -17.07 68.80
CA TYR E 229 -20.82 -16.43 69.80
C TYR E 229 -20.43 -14.99 69.73
N GLU E 230 -21.39 -14.10 69.74
CA GLU E 230 -21.08 -12.68 69.67
C GLU E 230 -21.66 -11.91 70.84
N GLU E 231 -20.88 -10.96 71.30
CA GLU E 231 -20.86 -10.46 72.69
C GLU E 231 -20.87 -8.95 72.74
N VAL E 232 -21.64 -8.39 73.65
CA VAL E 232 -21.85 -6.96 73.72
C VAL E 232 -21.41 -6.58 75.07
N GLU E 233 -20.61 -5.52 75.18
CA GLU E 233 -20.11 -5.06 76.46
C GLU E 233 -19.42 -6.20 77.18
N GLY E 234 -19.77 -6.45 78.42
CA GLY E 234 -19.18 -7.60 79.06
C GLY E 234 -19.49 -8.98 78.49
N MET E 235 -20.78 -9.29 78.31
CA MET E 235 -21.15 -10.66 77.90
C MET E 235 -22.01 -10.96 76.69
N GLU E 236 -22.14 -12.24 76.37
CA GLU E 236 -22.83 -12.68 75.15
C GLU E 236 -24.30 -12.40 74.95
N VAL E 237 -24.69 -12.06 73.72
CA VAL E 237 -26.10 -11.84 73.41
C VAL E 237 -26.82 -13.16 73.43
N GLN E 238 -28.11 -13.14 73.71
CA GLN E 238 -28.88 -14.37 73.60
C GLN E 238 -29.09 -14.58 72.12
N GLY E 239 -28.88 -15.80 71.65
CA GLY E 239 -29.12 -16.11 70.25
C GLY E 239 -27.94 -15.91 69.34
N SER E 240 -26.81 -15.54 69.89
CA SER E 240 -25.62 -15.35 69.10
C SER E 240 -25.05 -16.64 68.66
N ASP E 241 -25.25 -17.67 69.46
CA ASP E 241 -24.59 -18.92 69.15
C ASP E 241 -24.95 -19.46 67.81
N GLY E 242 -23.93 -19.85 67.06
CA GLY E 242 -24.15 -20.40 65.75
C GLY E 242 -23.00 -21.33 65.55
N THR E 243 -23.14 -22.28 64.65
CA THR E 243 -22.05 -23.17 64.37
C THR E 243 -21.81 -23.21 62.90
N TYR E 244 -20.60 -22.86 62.50
CA TYR E 244 -20.29 -22.84 61.10
C TYR E 244 -19.40 -24.03 60.76
N PRO E 245 -19.76 -24.89 59.77
CA PRO E 245 -18.81 -25.96 59.42
C PRO E 245 -17.47 -25.38 58.98
N LYS E 246 -16.50 -26.28 58.86
CA LYS E 246 -15.12 -25.87 58.56
C LYS E 246 -15.00 -25.32 57.14
N GLU E 247 -15.74 -25.90 56.20
CA GLU E 247 -15.63 -25.50 54.80
C GLU E 247 -16.57 -24.38 54.40
N ALA E 248 -17.58 -24.09 55.22
CA ALA E 248 -18.57 -23.07 54.86
C ALA E 248 -18.81 -22.17 56.06
N CYS E 249 -18.01 -21.12 56.17
CA CYS E 249 -18.23 -20.12 57.20
C CYS E 249 -18.33 -18.74 56.58
N PRO E 250 -19.28 -17.92 57.02
CA PRO E 250 -19.48 -16.61 56.36
C PRO E 250 -18.37 -15.61 56.59
N TYR E 251 -17.43 -15.89 57.49
CA TYR E 251 -16.28 -15.04 57.73
C TYR E 251 -15.07 -15.70 57.11
N ILE E 252 -14.57 -15.16 56.01
CA ILE E 252 -13.38 -15.75 55.43
C ILE E 252 -12.30 -14.68 55.34
N PRO E 253 -11.14 -14.92 55.92
CA PRO E 253 -10.07 -13.92 55.85
C PRO E 253 -9.26 -14.04 54.57
N ILE E 254 -9.12 -12.97 53.84
CA ILE E 254 -8.31 -13.02 52.67
C ILE E 254 -6.94 -12.52 53.08
N ARG E 255 -5.88 -13.10 52.52
CA ARG E 255 -4.52 -12.64 52.77
C ARG E 255 -3.85 -12.71 51.44
N MET E 256 -2.98 -11.79 51.17
CA MET E 256 -2.24 -11.83 49.92
C MET E 256 -0.78 -12.01 50.26
N VAL E 257 -0.03 -12.65 49.38
CA VAL E 257 1.32 -13.08 49.67
C VAL E 257 1.36 -13.86 50.98
N ARG E 258 0.50 -14.86 51.14
CA ARG E 258 0.44 -15.57 52.40
C ARG E 258 1.76 -16.23 52.64
N LEU E 259 2.25 -16.12 53.86
CA LEU E 259 3.56 -16.61 54.24
C LEU E 259 3.33 -17.59 55.35
N ASP E 260 4.04 -18.70 55.38
CA ASP E 260 3.96 -19.60 56.54
C ASP E 260 4.60 -19.03 57.79
N GLY E 261 4.05 -19.34 58.95
CA GLY E 261 2.63 -19.65 59.08
C GLY E 261 1.80 -18.44 59.42
N GLU E 262 2.47 -17.31 59.54
CA GLU E 262 2.02 -16.24 60.39
C GLU E 262 0.69 -15.68 59.93
N SER E 263 -0.11 -15.25 60.88
CA SER E 263 -1.54 -15.27 60.76
C SER E 263 -2.11 -14.40 59.64
N TYR E 264 -1.51 -13.26 59.39
CA TYR E 264 -1.90 -12.33 58.33
C TYR E 264 -0.82 -12.31 57.26
N GLY E 265 -1.10 -11.73 56.10
CA GLY E 265 -0.16 -11.87 55.01
C GLY E 265 0.34 -10.54 54.49
N ARG E 266 1.62 -10.43 54.19
CA ARG E 266 2.19 -9.13 53.95
C ARG E 266 1.67 -8.60 52.65
N SER E 267 1.49 -7.29 52.53
CA SER E 267 0.80 -6.69 51.39
C SER E 267 1.58 -6.79 50.13
N TYR E 268 0.92 -6.75 48.99
CA TYR E 268 1.62 -6.68 47.73
C TYR E 268 2.44 -5.46 47.44
N ILE E 269 1.97 -4.31 47.84
CA ILE E 269 2.62 -3.06 47.56
C ILE E 269 3.61 -2.68 48.59
N GLU E 270 3.84 -3.51 49.58
CA GLU E 270 5.03 -3.40 50.39
C GLU E 270 6.05 -4.39 49.98
N GLU E 271 5.79 -5.17 48.95
CA GLU E 271 7.01 -5.70 48.26
C GLU E 271 8.06 -4.71 47.71
N TYR E 272 7.61 -3.68 47.00
CA TYR E 272 8.26 -2.58 46.33
C TYR E 272 8.19 -1.34 47.14
N LEU E 273 7.84 -1.45 48.40
CA LEU E 273 7.73 -0.30 49.27
C LEU E 273 9.01 0.37 49.47
N GLY E 274 10.11 -0.35 49.55
CA GLY E 274 11.37 0.32 49.70
C GLY E 274 11.66 1.19 48.50
N ASP E 275 11.42 0.67 47.32
CA ASP E 275 11.63 1.35 46.07
C ASP E 275 10.79 2.56 45.84
N LEU E 276 9.53 2.53 46.26
CA LEU E 276 8.69 3.71 46.19
C LEU E 276 9.24 4.75 47.07
N ARG E 277 9.65 4.35 48.26
CA ARG E 277 10.13 5.25 49.27
C ARG E 277 11.36 5.97 48.87
N SER E 278 12.24 5.30 48.17
CA SER E 278 13.28 5.91 47.37
C SER E 278 12.85 6.78 46.20
N LEU E 279 11.82 6.46 45.46
CA LEU E 279 11.32 7.36 44.41
C LEU E 279 10.81 8.65 44.98
N GLU E 280 10.18 8.62 46.13
CA GLU E 280 9.69 9.81 46.76
C GLU E 280 10.73 10.82 47.14
N ASN E 281 11.86 10.37 47.65
CA ASN E 281 12.98 11.21 48.05
C ASN E 281 13.68 11.86 46.87
N LEU E 282 13.57 11.30 45.68
CA LEU E 282 14.00 12.03 44.50
C LEU E 282 12.97 13.08 44.11
N GLN E 283 11.70 12.67 43.95
CA GLN E 283 10.65 13.59 43.52
C GLN E 283 10.36 14.68 44.54
N GLU E 284 10.74 14.48 45.80
CA GLU E 284 10.71 15.59 46.74
C GLU E 284 11.80 16.60 46.41
N ALA E 285 12.94 16.14 45.90
CA ALA E 285 14.05 17.07 45.68
C ALA E 285 13.91 17.82 44.37
N ILE E 286 13.39 17.17 43.32
CA ILE E 286 13.20 17.84 42.04
C ILE E 286 12.20 18.98 42.16
N VAL E 287 11.12 18.76 42.91
CA VAL E 287 10.12 19.82 43.10
C VAL E 287 10.70 20.96 43.92
N LYS E 288 11.47 20.65 44.96
CA LYS E 288 12.06 21.70 45.78
C LYS E 288 13.17 22.44 45.03
N MET E 289 13.83 21.79 44.07
CA MET E 289 14.74 22.55 43.21
C MET E 289 14.01 23.50 42.29
N SER E 290 12.76 23.23 41.95
CA SER E 290 11.99 24.15 41.13
C SER E 290 11.41 25.29 41.94
N MET E 291 11.49 25.23 43.26
CA MET E 291 10.90 26.29 44.07
C MET E 291 11.92 27.37 44.39
N ILE E 292 13.20 26.99 44.54
CA ILE E 292 14.26 27.97 44.55
C ILE E 292 14.33 28.66 43.20
N SER E 293 14.13 27.88 42.14
CA SER E 293 13.98 28.41 40.80
C SER E 293 12.83 29.40 40.68
N SER E 294 11.72 29.14 41.36
CA SER E 294 10.54 29.98 41.23
C SER E 294 10.73 31.37 41.82
N LYS E 295 11.57 31.52 42.82
CA LYS E 295 11.83 32.81 43.43
C LYS E 295 12.69 33.64 42.49
N VAL E 296 12.34 34.90 42.32
CA VAL E 296 12.96 35.77 41.33
C VAL E 296 13.70 36.87 42.08
N ILE E 297 14.99 36.68 42.32
CA ILE E 297 15.78 37.65 43.08
C ILE E 297 16.62 38.46 42.11
N GLY E 298 16.53 39.79 42.22
CA GLY E 298 17.30 40.67 41.38
C GLY E 298 18.61 41.11 41.99
N LEU E 299 19.71 40.46 41.62
CA LEU E 299 21.01 40.78 42.20
C LEU E 299 21.61 41.99 41.50
N VAL E 300 21.61 43.12 42.19
CA VAL E 300 22.23 44.32 41.65
C VAL E 300 23.69 44.35 42.06
N ASN E 301 24.58 44.45 41.07
CA ASN E 301 25.99 44.62 41.30
C ASN E 301 26.24 45.93 42.01
N PRO E 302 26.69 45.93 43.27
CA PRO E 302 26.79 47.19 44.02
C PRO E 302 28.01 48.00 43.68
N ALA E 303 28.85 47.54 42.75
CA ALA E 303 29.95 48.35 42.22
C ALA E 303 29.59 48.98 40.89
N GLY E 304 28.30 49.15 40.63
CA GLY E 304 27.85 49.62 39.34
C GLY E 304 27.18 50.98 39.37
N ILE E 305 26.45 51.28 38.30
CA ILE E 305 25.80 52.55 38.14
C ILE E 305 24.32 52.40 38.33
N THR E 306 23.73 51.34 37.79
CA THR E 306 22.29 51.23 37.82
C THR E 306 21.78 51.23 39.22
N GLN E 307 20.73 52.01 39.44
CA GLN E 307 20.14 52.05 40.74
C GLN E 307 18.76 51.56 40.54
N PRO E 308 18.34 50.54 41.29
CA PRO E 308 17.01 50.00 41.17
C PRO E 308 15.94 51.00 41.48
N ARG E 309 16.28 52.14 42.06
CA ARG E 309 15.33 53.13 42.44
C ARG E 309 14.71 53.71 41.28
N ARG E 310 15.49 54.02 40.26
CA ARG E 310 15.07 54.31 38.91
C ARG E 310 14.48 53.25 38.10
N LEU E 311 14.93 52.03 38.22
CA LEU E 311 14.27 50.96 37.47
C LEU E 311 12.87 50.54 37.79
N THR E 312 12.28 50.97 38.88
CA THR E 312 11.12 50.50 39.52
C THR E 312 10.10 51.61 39.61
N LYS E 313 10.36 52.76 39.01
CA LYS E 313 9.31 53.67 38.79
C LYS E 313 9.18 54.03 37.37
N ALA E 314 9.77 53.21 36.52
CA ALA E 314 9.77 53.51 35.12
C ALA E 314 8.51 52.96 34.56
N GLN E 315 8.03 53.56 33.48
CA GLN E 315 6.84 53.07 32.86
C GLN E 315 7.20 52.04 31.85
N THR E 316 6.29 51.75 30.94
CA THR E 316 6.52 50.68 30.02
C THR E 316 7.71 50.84 29.15
N GLY E 317 8.00 52.04 28.68
CA GLY E 317 9.10 52.24 27.74
C GLY E 317 10.20 53.19 28.06
N ASP E 318 10.37 53.56 29.32
CA ASP E 318 11.32 54.61 29.66
C ASP E 318 12.77 54.47 29.46
N PHE E 319 13.42 55.59 29.17
CA PHE E 319 14.85 55.58 29.08
C PHE E 319 15.36 55.85 30.47
N VAL E 320 16.20 54.99 31.00
CA VAL E 320 16.73 54.98 32.36
C VAL E 320 18.24 54.96 32.27
N THR E 321 18.93 55.53 33.25
CA THR E 321 20.38 55.46 33.31
C THR E 321 20.81 54.04 33.67
N GLY E 322 21.91 53.57 33.11
CA GLY E 322 22.54 52.39 33.65
C GLY E 322 23.04 51.45 32.59
N ARG E 323 23.82 50.49 33.04
CA ARG E 323 24.40 49.42 32.24
C ARG E 323 23.61 48.13 32.43
N PRO E 324 23.43 47.32 31.39
CA PRO E 324 22.65 46.09 31.56
C PRO E 324 23.39 45.01 32.32
N GLU E 325 24.72 45.07 32.39
CA GLU E 325 25.50 44.04 33.05
C GLU E 325 25.58 44.23 34.55
N ASP E 326 24.91 45.24 35.11
CA ASP E 326 24.84 45.33 36.56
C ASP E 326 23.69 44.49 37.10
N ILE E 327 22.56 44.49 36.41
CA ILE E 327 21.36 43.78 36.86
C ILE E 327 21.49 42.34 36.38
N SER E 328 21.80 41.43 37.29
CA SER E 328 21.68 40.01 36.99
C SER E 328 20.76 39.37 38.01
N PHE E 329 20.29 38.18 37.71
CA PHE E 329 19.27 37.55 38.54
C PHE E 329 19.82 36.26 39.14
N LEU E 330 19.63 35.97 40.42
CA LEU E 330 20.25 34.76 40.97
C LEU E 330 19.56 33.60 40.36
N GLN E 331 20.28 32.67 39.75
CA GLN E 331 19.63 31.47 39.24
C GLN E 331 20.24 30.20 39.78
N LEU E 332 19.43 29.17 40.01
CA LEU E 332 19.94 27.89 40.51
C LEU E 332 20.89 27.19 39.57
N GLU E 333 21.99 26.70 40.10
CA GLU E 333 23.02 26.08 39.29
C GLU E 333 23.12 24.57 39.37
N LYS E 334 22.10 23.91 39.90
CA LYS E 334 22.11 22.46 39.89
C LYS E 334 21.56 22.00 38.55
N GLN E 335 22.33 22.17 37.47
CA GLN E 335 21.85 21.83 36.13
C GLN E 335 22.42 20.49 35.76
N ALA E 336 23.72 20.37 35.44
CA ALA E 336 24.23 19.02 35.31
C ALA E 336 23.88 18.14 36.50
N ASP E 337 23.12 18.67 37.45
CA ASP E 337 22.69 17.87 38.58
C ASP E 337 21.22 17.54 38.54
N PHE E 338 20.41 18.38 37.91
CA PHE E 338 19.01 18.08 37.73
C PHE E 338 18.81 16.89 36.79
N THR E 339 19.75 16.66 35.89
CA THR E 339 19.65 15.53 34.98
C THR E 339 20.10 14.22 35.61
N VAL E 340 20.93 14.27 36.65
CA VAL E 340 21.29 13.06 37.38
C VAL E 340 20.08 12.54 38.14
N ALA E 341 19.45 13.41 38.91
CA ALA E 341 18.29 13.01 39.70
C ALA E 341 17.04 12.78 38.87
N LYS E 342 17.00 13.26 37.63
CA LYS E 342 15.86 12.97 36.78
C LYS E 342 15.99 11.61 36.10
N ALA E 343 17.18 11.29 35.61
CA ALA E 343 17.38 10.03 34.88
C ALA E 343 17.33 8.83 35.80
N VAL E 344 17.60 9.02 37.09
CA VAL E 344 17.41 7.94 38.05
C VAL E 344 15.93 7.80 38.39
N SER E 345 15.24 8.93 38.58
CA SER E 345 13.81 8.90 38.86
C SER E 345 13.02 8.41 37.66
N ASP E 346 13.52 8.61 36.45
CA ASP E 346 12.89 8.00 35.29
C ASP E 346 13.24 6.54 35.14
N ALA E 347 14.28 6.08 35.84
CA ALA E 347 14.63 4.67 35.83
C ALA E 347 13.94 3.89 36.94
N ILE E 348 13.63 4.54 38.05
CA ILE E 348 12.91 3.86 39.12
C ILE E 348 11.44 3.76 38.78
N GLU E 349 10.86 4.80 38.18
CA GLU E 349 9.50 4.71 37.67
C GLU E 349 9.38 3.70 36.55
N ALA E 350 10.46 3.49 35.79
CA ALA E 350 10.42 2.49 34.73
C ALA E 350 10.38 1.08 35.30
N ARG E 351 11.04 0.84 36.43
CA ARG E 351 11.05 -0.49 37.01
C ARG E 351 10.02 -0.67 38.12
N LEU E 352 9.18 0.33 38.36
CA LEU E 352 7.95 0.11 39.09
C LEU E 352 6.76 -0.02 38.16
N SER E 353 6.84 0.56 36.96
CA SER E 353 5.74 0.45 36.01
C SER E 353 5.67 -0.93 35.37
N PHE E 354 6.67 -1.79 35.54
CA PHE E 354 6.47 -3.17 35.15
C PHE E 354 6.00 -4.00 36.33
N ALA E 355 6.41 -3.61 37.54
CA ALA E 355 5.96 -4.29 38.74
C ALA E 355 4.48 -4.09 38.97
N PHE E 356 3.96 -2.95 38.57
CA PHE E 356 2.54 -2.70 38.55
C PHE E 356 2.09 -2.93 37.11
N MET E 357 0.80 -3.14 36.91
CA MET E 357 0.35 -3.59 35.61
C MET E 357 0.01 -2.46 34.65
N LEU E 358 0.78 -1.39 34.78
CA LEU E 358 0.57 -0.22 33.95
C LEU E 358 1.60 -0.18 32.89
N ASN E 359 1.19 0.04 31.66
CA ASN E 359 2.17 0.19 30.60
C ASN E 359 2.91 1.45 30.99
N SER E 360 4.22 1.47 30.83
CA SER E 360 5.00 2.60 31.34
C SER E 360 4.66 3.97 30.76
N ALA E 361 4.81 5.02 31.56
CA ALA E 361 4.52 6.39 31.12
C ALA E 361 5.12 6.84 29.79
N VAL E 362 4.30 7.41 28.93
CA VAL E 362 4.75 7.89 27.62
C VAL E 362 5.94 8.83 27.76
N GLN E 363 6.03 9.60 28.85
CA GLN E 363 7.23 10.41 29.07
C GLN E 363 8.41 9.45 29.09
N ARG E 364 9.05 9.24 27.95
CA ARG E 364 10.10 8.23 27.82
C ARG E 364 11.11 8.63 26.76
N THR E 365 11.93 7.69 26.32
CA THR E 365 12.98 8.01 25.37
C THR E 365 12.41 8.50 24.06
N GLY E 366 13.16 9.35 23.35
CA GLY E 366 12.64 9.95 22.13
C GLY E 366 12.26 9.01 21.01
N GLU E 367 11.17 9.32 20.32
CA GLU E 367 10.68 8.46 19.23
C GLU E 367 10.42 7.05 19.72
N ARG E 368 10.85 6.07 18.94
CA ARG E 368 11.22 4.74 19.41
C ARG E 368 9.97 3.86 19.64
N VAL E 369 8.80 4.44 19.41
CA VAL E 369 7.55 3.72 19.55
C VAL E 369 7.57 2.67 18.48
N THR E 370 7.05 1.49 18.78
CA THR E 370 7.15 0.44 17.79
C THR E 370 5.83 -0.20 17.38
N ALA E 371 5.81 -1.46 16.96
CA ALA E 371 4.59 -2.03 16.41
C ALA E 371 3.88 -2.99 17.37
N GLU E 372 2.94 -3.74 16.82
CA GLU E 372 2.13 -4.65 17.60
C GLU E 372 3.07 -5.63 18.24
N GLU E 373 4.11 -6.06 17.54
CA GLU E 373 5.13 -6.94 18.13
C GLU E 373 5.50 -6.49 19.54
N ILE E 374 6.07 -5.30 19.72
CA ILE E 374 6.25 -4.72 21.05
C ILE E 374 4.95 -4.45 21.85
N ARG E 375 3.80 -4.38 21.18
CA ARG E 375 2.61 -4.30 22.02
C ARG E 375 2.39 -5.71 22.56
N TYR E 376 3.11 -6.67 21.97
CA TYR E 376 3.07 -8.01 22.54
C TYR E 376 3.85 -8.06 23.85
N VAL E 377 4.80 -7.15 24.09
CA VAL E 377 5.46 -7.07 25.40
C VAL E 377 4.43 -6.57 26.42
N ALA E 378 3.53 -5.68 26.00
CA ALA E 378 2.44 -5.25 26.88
C ALA E 378 1.55 -6.47 27.11
N SER E 379 1.41 -7.30 26.09
CA SER E 379 0.66 -8.55 26.29
C SER E 379 1.35 -9.42 27.32
N GLU E 380 2.68 -9.50 27.28
CA GLU E 380 3.46 -10.26 28.25
C GLU E 380 3.28 -9.69 29.63
N LEU E 381 2.73 -8.50 29.82
CA LEU E 381 2.45 -8.05 31.23
C LEU E 381 1.41 -8.96 31.93
N GLU E 382 0.70 -9.77 31.16
CA GLU E 382 -0.30 -10.68 31.72
C GLU E 382 0.27 -11.72 32.68
N ASP E 383 1.47 -12.22 32.44
CA ASP E 383 2.13 -13.18 33.34
C ASP E 383 2.40 -12.56 34.71
N THR E 384 2.84 -11.32 34.66
CA THR E 384 3.09 -10.62 35.89
C THR E 384 1.75 -10.45 36.58
N LEU E 385 0.69 -10.16 35.82
CA LEU E 385 -0.63 -10.05 36.44
C LEU E 385 -1.03 -11.35 37.09
N GLY E 386 -0.69 -12.46 36.44
CA GLY E 386 -1.11 -13.78 36.90
C GLY E 386 -0.58 -14.34 38.19
N GLY E 387 0.65 -14.04 38.53
CA GLY E 387 1.23 -14.57 39.74
C GLY E 387 0.52 -14.12 40.98
N VAL E 388 0.10 -12.87 41.00
CA VAL E 388 -0.55 -12.30 42.18
C VAL E 388 -1.97 -12.75 42.40
N TYR E 389 -2.67 -13.10 41.33
CA TYR E 389 -4.07 -13.45 41.47
C TYR E 389 -4.27 -14.93 41.74
N SER E 390 -3.23 -15.73 41.63
CA SER E 390 -3.40 -17.16 41.80
C SER E 390 -3.84 -17.54 43.19
N ILE E 391 -3.23 -16.98 44.21
CA ILE E 391 -3.55 -17.29 45.61
C ILE E 391 -4.83 -16.64 45.95
N LEU E 392 -5.04 -15.51 45.33
CA LEU E 392 -6.23 -14.78 45.63
C LEU E 392 -7.32 -15.71 45.29
N SER E 393 -7.22 -16.52 44.28
CA SER E 393 -8.37 -17.37 43.97
C SER E 393 -8.77 -18.31 45.10
N GLN E 394 -7.85 -19.09 45.62
CA GLN E 394 -8.18 -20.02 46.64
C GLN E 394 -8.69 -19.27 47.84
N GLU E 395 -8.06 -18.16 48.16
CA GLU E 395 -8.44 -17.41 49.33
C GLU E 395 -9.78 -16.72 49.26
N LEU E 396 -10.16 -16.17 48.12
CA LEU E 396 -11.38 -15.35 48.05
C LEU E 396 -12.40 -15.88 47.12
N GLN E 397 -11.94 -16.14 45.91
CA GLN E 397 -12.87 -16.68 44.95
C GLN E 397 -13.60 -17.88 45.36
N LEU E 398 -12.94 -18.82 46.01
CA LEU E 398 -13.64 -20.05 46.26
C LEU E 398 -14.46 -19.90 47.51
N PRO E 399 -13.83 -19.51 48.63
CA PRO E 399 -14.76 -19.35 49.71
C PRO E 399 -16.04 -18.59 49.45
N LEU E 400 -16.04 -17.49 48.70
CA LEU E 400 -17.25 -16.78 48.52
C LEU E 400 -18.22 -17.69 47.83
N VAL E 401 -17.79 -18.42 46.81
CA VAL E 401 -18.72 -19.26 46.07
C VAL E 401 -19.30 -20.35 46.95
N ARG E 402 -18.49 -20.99 47.78
CA ARG E 402 -18.98 -22.01 48.65
C ARG E 402 -19.99 -21.47 49.63
N VAL E 403 -19.71 -20.32 50.23
CA VAL E 403 -20.62 -19.81 51.20
C VAL E 403 -21.92 -19.49 50.49
N LEU E 404 -21.85 -18.91 49.31
CA LEU E 404 -23.07 -18.50 48.65
C LEU E 404 -23.89 -19.74 48.35
N LEU E 405 -23.24 -20.81 47.95
CA LEU E 405 -24.00 -21.99 47.59
C LEU E 405 -24.69 -22.59 48.79
N LYS E 406 -24.06 -22.70 49.95
CA LYS E 406 -24.80 -23.16 51.12
C LYS E 406 -25.92 -22.22 51.48
N GLN E 407 -25.68 -20.91 51.48
CA GLN E 407 -26.68 -19.95 51.92
C GLN E 407 -27.87 -19.87 50.98
N LEU E 408 -27.69 -20.16 49.70
CA LEU E 408 -28.83 -20.17 48.80
C LEU E 408 -29.65 -21.44 48.89
N GLN E 409 -29.08 -22.52 49.42
CA GLN E 409 -29.88 -23.72 49.67
C GLN E 409 -30.83 -23.51 50.84
N ALA E 410 -30.38 -22.80 51.87
CA ALA E 410 -31.19 -22.61 53.06
C ALA E 410 -32.35 -21.65 52.83
N THR E 411 -32.18 -20.68 51.93
CA THR E 411 -33.25 -19.74 51.62
C THR E 411 -34.05 -20.16 50.40
N GLN E 412 -33.73 -21.34 49.84
CA GLN E 412 -34.47 -21.97 48.74
C GLN E 412 -34.48 -21.12 47.47
N GLN E 413 -33.48 -20.27 47.31
CA GLN E 413 -33.29 -19.55 46.05
C GLN E 413 -32.49 -20.37 45.05
N ILE E 414 -32.06 -21.56 45.43
CA ILE E 414 -31.29 -22.44 44.55
C ILE E 414 -31.78 -23.86 44.74
N PRO E 415 -31.76 -24.67 43.68
CA PRO E 415 -32.10 -26.08 43.87
C PRO E 415 -30.99 -26.81 44.61
N GLU E 416 -31.40 -27.76 45.44
CA GLU E 416 -30.45 -28.52 46.26
C GLU E 416 -29.64 -29.44 45.36
N LEU E 417 -28.43 -29.01 45.02
CA LEU E 417 -27.58 -29.78 44.13
C LEU E 417 -27.04 -31.02 44.85
N PRO E 418 -27.07 -32.18 44.19
CA PRO E 418 -27.03 -33.46 44.92
C PRO E 418 -25.62 -33.93 45.30
N LYS E 419 -24.98 -33.15 46.17
CA LYS E 419 -23.85 -33.56 47.00
C LYS E 419 -22.58 -33.93 46.23
N GLU E 420 -22.57 -33.80 44.90
CA GLU E 420 -21.47 -34.31 44.10
C GLU E 420 -20.89 -33.30 43.12
N ALA E 421 -21.41 -32.08 43.07
CA ALA E 421 -20.91 -31.08 42.15
C ALA E 421 -19.99 -30.12 42.88
N VAL E 422 -18.84 -29.84 42.28
CA VAL E 422 -17.81 -28.97 42.85
C VAL E 422 -17.46 -27.92 41.82
N GLU E 423 -16.75 -26.88 42.27
CA GLU E 423 -16.51 -25.76 41.41
C GLU E 423 -15.12 -25.28 41.17
N PRO E 424 -14.78 -25.13 39.91
CA PRO E 424 -13.49 -24.55 39.61
C PRO E 424 -13.73 -23.12 39.22
N THR E 425 -12.95 -22.20 39.76
CA THR E 425 -13.09 -20.83 39.34
C THR E 425 -12.26 -20.62 38.10
N ILE E 426 -12.76 -21.10 36.96
CA ILE E 426 -12.01 -20.99 35.71
C ILE E 426 -12.18 -19.61 35.12
N SER E 427 -11.11 -19.06 34.56
CA SER E 427 -11.17 -17.70 34.03
C SER E 427 -11.59 -17.71 32.56
N GLY E 434 -15.33 -20.16 33.88
CA GLY E 434 -15.70 -19.51 32.63
C GLY E 434 -15.36 -20.35 31.42
N ARG E 435 -16.34 -21.07 30.91
CA ARG E 435 -16.17 -21.94 29.75
C ARG E 435 -16.54 -21.14 28.50
N GLY E 436 -15.59 -21.00 27.58
CA GLY E 436 -14.20 -21.36 27.80
C GLY E 436 -13.77 -22.63 27.10
N GLN E 437 -13.40 -23.62 27.90
CA GLN E 437 -12.95 -24.90 27.33
C GLN E 437 -14.10 -25.65 26.68
N ASP E 438 -15.32 -25.48 27.20
CA ASP E 438 -16.46 -26.13 26.55
C ASP E 438 -16.82 -25.45 25.25
N LEU E 439 -16.49 -24.16 25.11
CA LEU E 439 -16.88 -23.46 23.88
C LEU E 439 -15.83 -23.64 22.80
N ASP E 440 -14.56 -23.45 23.15
CA ASP E 440 -13.50 -23.45 22.14
C ASP E 440 -13.27 -24.86 21.58
N LYS E 441 -13.37 -25.87 22.42
CA LYS E 441 -13.24 -27.24 21.95
C LYS E 441 -14.43 -27.70 21.14
N LEU E 442 -15.60 -27.11 21.31
CA LEU E 442 -16.63 -27.39 20.36
C LEU E 442 -16.29 -26.81 19.05
N GLU E 443 -15.85 -25.58 19.07
CA GLU E 443 -15.65 -24.86 17.82
C GLU E 443 -14.54 -25.31 16.93
N ARG E 444 -13.40 -25.65 17.49
CA ARG E 444 -12.31 -26.10 16.65
C ARG E 444 -12.70 -27.36 15.97
N CYS E 445 -13.28 -28.28 16.70
CA CYS E 445 -13.74 -29.47 16.08
C CYS E 445 -14.84 -29.20 15.10
N VAL E 446 -15.75 -28.29 15.35
CA VAL E 446 -16.78 -28.04 14.34
C VAL E 446 -16.18 -27.54 13.04
N THR E 447 -15.11 -26.77 13.03
CA THR E 447 -14.51 -26.40 11.74
C THR E 447 -13.91 -27.58 11.00
N ALA E 448 -13.41 -28.54 11.77
CA ALA E 448 -12.84 -29.74 11.18
C ALA E 448 -13.88 -30.52 10.41
N TRP E 449 -15.11 -30.53 10.91
CA TRP E 449 -16.19 -31.20 10.18
C TRP E 449 -16.48 -30.56 8.82
N ALA E 450 -16.41 -29.24 8.69
CA ALA E 450 -16.52 -28.58 7.38
C ALA E 450 -15.34 -28.93 6.47
N ALA E 451 -14.18 -29.11 7.08
CA ALA E 451 -13.06 -29.54 6.25
C ALA E 451 -13.43 -30.87 5.62
N LEU E 452 -14.43 -31.55 6.19
CA LEU E 452 -14.85 -32.86 5.68
C LEU E 452 -16.06 -32.74 4.78
N ALA E 453 -16.53 -31.52 4.53
CA ALA E 453 -17.67 -31.32 3.62
C ALA E 453 -17.45 -31.70 2.15
N PRO E 454 -16.27 -31.39 1.57
CA PRO E 454 -16.03 -31.86 0.20
C PRO E 454 -16.03 -33.36 0.09
N MET E 455 -15.48 -34.04 1.08
CA MET E 455 -15.33 -35.49 1.03
C MET E 455 -16.56 -36.19 1.52
N ARG E 456 -17.63 -35.45 1.76
CA ARG E 456 -18.83 -36.04 2.33
C ARG E 456 -19.34 -37.13 1.44
N ASP E 457 -19.29 -36.92 0.14
CA ASP E 457 -19.79 -37.91 -0.79
C ASP E 457 -18.77 -38.95 -1.21
N ASP E 458 -17.55 -38.87 -0.69
CA ASP E 458 -16.49 -39.79 -1.12
C ASP E 458 -16.80 -41.25 -0.81
N PRO E 459 -16.56 -42.12 -1.79
CA PRO E 459 -16.86 -43.55 -1.63
C PRO E 459 -16.06 -44.31 -0.61
N ASP E 460 -14.77 -44.03 -0.47
CA ASP E 460 -13.93 -44.82 0.43
C ASP E 460 -13.68 -44.29 1.82
N ILE E 461 -13.72 -42.98 2.02
CA ILE E 461 -13.36 -42.45 3.33
C ILE E 461 -14.48 -42.72 4.31
N ASN E 462 -14.14 -43.29 5.47
CA ASN E 462 -15.13 -43.55 6.50
C ASN E 462 -15.37 -42.26 7.25
N LEU E 463 -16.27 -41.44 6.71
CA LEU E 463 -16.64 -40.18 7.35
C LEU E 463 -17.38 -40.40 8.67
N ALA E 464 -17.96 -41.59 8.86
CA ALA E 464 -18.54 -41.93 10.15
C ALA E 464 -17.49 -42.11 11.24
N MET E 465 -16.23 -42.32 10.86
CA MET E 465 -15.16 -42.58 11.80
C MET E 465 -14.27 -41.37 12.01
N ILE E 466 -14.05 -40.59 10.95
CA ILE E 466 -13.19 -39.40 11.02
C ILE E 466 -13.82 -38.36 11.93
N LYS E 467 -15.14 -38.23 11.89
CA LYS E 467 -15.85 -37.33 12.79
C LYS E 467 -15.77 -37.81 14.23
N LEU E 468 -15.47 -39.08 14.46
CA LEU E 468 -15.28 -39.53 15.82
C LEU E 468 -13.86 -39.23 16.22
N ARG E 469 -12.89 -39.46 15.35
CA ARG E 469 -11.50 -39.25 15.70
C ARG E 469 -11.12 -37.81 15.98
N ILE E 470 -11.65 -36.89 15.19
CA ILE E 470 -11.37 -35.49 15.41
C ILE E 470 -11.93 -35.10 16.76
N ALA E 471 -13.08 -35.66 17.10
CA ALA E 471 -13.68 -35.40 18.39
C ALA E 471 -12.83 -35.94 19.48
N ASN E 472 -12.33 -37.15 19.32
CA ASN E 472 -11.57 -37.74 20.40
C ASN E 472 -10.42 -36.79 20.58
N ALA E 473 -9.83 -36.33 19.48
CA ALA E 473 -8.61 -35.50 19.56
C ALA E 473 -8.77 -34.13 20.17
N ILE E 474 -9.82 -33.42 19.82
CA ILE E 474 -10.05 -32.14 20.45
C ILE E 474 -10.25 -32.45 21.90
N GLY E 475 -10.90 -33.56 22.19
CA GLY E 475 -11.18 -33.92 23.56
C GLY E 475 -12.60 -33.73 24.01
N ILE E 476 -13.52 -33.53 23.08
CA ILE E 476 -14.92 -33.43 23.44
C ILE E 476 -15.45 -34.77 23.93
N ASP E 477 -16.56 -34.76 24.66
CA ASP E 477 -17.08 -35.98 25.29
C ASP E 477 -17.69 -37.05 24.42
N THR E 478 -17.92 -36.78 23.14
CA THR E 478 -18.60 -37.74 22.28
C THR E 478 -19.92 -38.12 22.94
N SER E 479 -20.27 -39.39 23.01
CA SER E 479 -21.50 -39.85 23.67
C SER E 479 -22.83 -39.60 22.99
N GLY E 480 -23.20 -38.34 22.79
CA GLY E 480 -24.44 -38.05 22.10
C GLY E 480 -24.11 -37.37 20.80
N ILE E 481 -22.83 -37.17 20.57
CA ILE E 481 -22.41 -36.49 19.38
C ILE E 481 -22.78 -37.26 18.13
N LEU E 482 -22.65 -38.58 18.12
CA LEU E 482 -22.94 -39.27 16.88
C LEU E 482 -24.34 -39.86 16.85
N LEU E 483 -25.09 -39.62 15.77
CA LEU E 483 -26.41 -40.23 15.69
C LEU E 483 -26.23 -41.73 15.78
N THR E 484 -27.08 -42.40 16.55
CA THR E 484 -27.00 -43.85 16.66
C THR E 484 -27.89 -44.49 15.63
N GLU E 485 -27.96 -45.82 15.62
CA GLU E 485 -28.71 -46.49 14.58
C GLU E 485 -30.17 -46.10 14.60
N GLU E 486 -30.73 -46.05 15.80
CA GLU E 486 -32.12 -45.73 15.92
C GLU E 486 -32.39 -44.36 15.39
N GLN E 487 -31.55 -43.42 15.76
CA GLN E 487 -31.74 -42.04 15.33
C GLN E 487 -31.59 -41.89 13.81
N LYS E 488 -30.65 -42.60 13.22
CA LYS E 488 -30.52 -42.52 11.79
C LYS E 488 -31.77 -43.04 11.10
N GLN E 489 -32.28 -44.14 11.61
CA GLN E 489 -33.49 -44.66 11.00
C GLN E 489 -34.64 -43.67 11.16
N GLN E 490 -34.73 -43.04 12.31
CA GLN E 490 -35.79 -42.07 12.49
C GLN E 490 -35.66 -40.90 11.55
N LYS E 491 -34.45 -40.42 11.31
CA LYS E 491 -34.30 -39.34 10.33
C LYS E 491 -34.67 -39.77 8.94
N MET E 492 -34.31 -41.00 8.57
CA MET E 492 -34.72 -41.47 7.24
C MET E 492 -36.21 -41.47 7.17
N ALA E 493 -36.86 -41.87 8.25
CA ALA E 493 -38.30 -41.83 8.26
C ALA E 493 -38.91 -40.45 8.16
N GLN E 494 -38.35 -39.50 8.88
CA GLN E 494 -38.96 -38.18 8.91
C GLN E 494 -38.91 -37.48 7.58
N GLN E 495 -37.81 -37.57 6.84
CA GLN E 495 -37.77 -37.00 5.50
C GLN E 495 -38.90 -37.56 4.66
N SER E 496 -39.25 -38.81 4.88
CA SER E 496 -40.33 -39.44 4.13
C SER E 496 -41.70 -39.01 4.64
N MET E 497 -41.86 -38.90 5.96
CA MET E 497 -43.13 -38.44 6.50
C MET E 497 -43.36 -36.97 6.18
N GLN E 498 -42.29 -36.21 6.00
CA GLN E 498 -42.42 -34.85 5.47
C GLN E 498 -42.94 -34.88 4.05
N MET E 499 -42.29 -35.67 3.17
CA MET E 499 -42.75 -35.75 1.80
C MET E 499 -44.07 -36.53 1.70
N GLY E 500 -44.37 -37.37 2.68
CA GLY E 500 -45.68 -37.98 2.74
C GLY E 500 -46.76 -36.98 3.10
N MET E 501 -46.51 -36.16 4.10
CA MET E 501 -47.48 -35.13 4.46
C MET E 501 -47.55 -34.04 3.41
N ASP E 502 -46.44 -33.75 2.72
CA ASP E 502 -46.44 -32.67 1.74
C ASP E 502 -47.18 -33.09 0.47
N ASN E 503 -46.80 -34.23 -0.10
CA ASN E 503 -47.46 -34.69 -1.31
C ASN E 503 -48.89 -35.14 -1.03
N GLY E 504 -49.16 -35.65 0.16
CA GLY E 504 -50.49 -36.06 0.54
C GLY E 504 -51.45 -34.90 0.66
N ALA E 505 -51.04 -33.84 1.36
CA ALA E 505 -51.89 -32.67 1.51
C ALA E 505 -52.04 -31.90 0.20
N ALA E 506 -51.07 -32.01 -0.71
CA ALA E 506 -51.22 -31.44 -2.03
C ALA E 506 -52.04 -32.32 -2.95
N ALA E 507 -52.23 -33.59 -2.60
CA ALA E 507 -52.98 -34.49 -3.47
C ALA E 507 -54.49 -34.30 -3.30
N LEU E 508 -54.99 -34.44 -2.07
CA LEU E 508 -56.42 -34.38 -1.86
C LEU E 508 -56.96 -32.96 -2.01
N ALA E 509 -56.12 -31.95 -1.77
CA ALA E 509 -56.57 -30.59 -1.97
C ALA E 509 -56.71 -30.28 -3.46
N GLN E 510 -55.85 -30.87 -4.29
CA GLN E 510 -56.11 -30.89 -5.72
C GLN E 510 -57.17 -31.92 -6.06
N GLY E 511 -57.28 -32.97 -5.25
CA GLY E 511 -58.23 -34.04 -5.49
C GLY E 511 -59.65 -33.68 -5.16
N MET E 512 -59.89 -33.06 -4.00
CA MET E 512 -61.25 -32.69 -3.62
C MET E 512 -61.76 -31.52 -4.45
N ALA E 513 -60.98 -30.44 -4.50
CA ALA E 513 -61.43 -29.18 -5.11
C ALA E 513 -61.59 -29.26 -6.62
N ALA E 514 -61.01 -30.25 -7.28
CA ALA E 514 -61.28 -30.42 -8.70
C ALA E 514 -62.66 -31.00 -8.94
N GLN E 515 -63.04 -32.02 -8.18
CA GLN E 515 -64.34 -32.64 -8.33
C GLN E 515 -65.41 -32.01 -7.46
N ALA E 516 -65.08 -31.06 -6.60
CA ALA E 516 -66.12 -30.36 -5.87
C ALA E 516 -66.65 -29.30 -6.81
N THR E 517 -65.77 -28.43 -7.26
CA THR E 517 -66.18 -27.38 -8.18
C THR E 517 -66.52 -27.89 -9.59
N ALA E 518 -66.33 -29.18 -9.86
CA ALA E 518 -66.74 -29.71 -11.17
C ALA E 518 -68.25 -29.74 -11.24
N SER E 519 -68.83 -29.20 -12.32
CA SER E 519 -70.29 -29.14 -12.54
C SER E 519 -70.88 -27.93 -11.82
N PRO E 520 -71.80 -27.21 -12.47
CA PRO E 520 -72.31 -25.99 -11.84
C PRO E 520 -73.10 -26.19 -10.55
N GLU E 521 -73.99 -27.17 -10.52
CA GLU E 521 -74.76 -27.45 -9.31
C GLU E 521 -73.93 -28.00 -8.15
N ALA E 522 -73.02 -28.91 -8.43
CA ALA E 522 -72.20 -29.52 -7.39
C ALA E 522 -71.46 -28.40 -6.76
N MET E 523 -71.21 -27.37 -7.54
CA MET E 523 -70.51 -26.18 -7.07
C MET E 523 -71.36 -25.41 -6.08
N ALA E 524 -72.66 -25.31 -6.34
CA ALA E 524 -73.56 -24.65 -5.39
C ALA E 524 -73.72 -25.48 -4.12
N ALA E 525 -73.63 -26.81 -4.25
CA ALA E 525 -73.73 -27.67 -3.08
C ALA E 525 -72.45 -27.60 -2.25
N ALA E 526 -71.31 -27.36 -2.89
CA ALA E 526 -70.05 -27.30 -2.15
C ALA E 526 -69.93 -26.01 -1.37
N ALA E 527 -70.53 -24.93 -1.86
CA ALA E 527 -70.44 -23.65 -1.16
C ALA E 527 -71.34 -23.63 0.06
N ASP E 528 -72.37 -24.48 0.07
CA ASP E 528 -73.29 -24.49 1.21
C ASP E 528 -72.69 -25.22 2.39
N SER E 529 -71.70 -26.09 2.15
CA SER E 529 -71.07 -26.83 3.24
C SER E 529 -70.19 -25.92 4.08
N VAL E 530 -69.61 -24.89 3.47
CA VAL E 530 -68.83 -23.90 4.20
C VAL E 530 -69.82 -22.96 4.89
N GLY E 531 -70.87 -22.59 4.14
CA GLY E 531 -71.86 -21.64 4.65
C GLY E 531 -72.21 -20.54 3.64
N LEU E 532 -71.54 -20.49 2.49
CA LEU E 532 -71.75 -19.42 1.50
C LEU E 532 -72.96 -19.53 0.56
N GLN E 533 -73.40 -18.39 0.00
CA GLN E 533 -74.54 -18.36 -0.94
C GLN E 533 -74.21 -18.78 -2.38
N PRO E 534 -75.22 -19.23 -3.14
CA PRO E 534 -75.00 -19.66 -4.53
C PRO E 534 -74.49 -18.63 -5.54
N GLY E 535 -75.01 -17.41 -5.54
CA GLY E 535 -74.50 -16.37 -6.41
C GLY E 535 -73.14 -15.93 -5.92
N ILE E 536 -72.24 -15.56 -6.82
CA ILE E 536 -70.93 -15.08 -6.40
C ILE E 536 -70.88 -13.55 -6.30
N THR F 6 -45.30 16.52 70.00
CA THR F 6 -44.69 15.46 70.80
C THR F 6 -43.19 15.67 70.89
N GLY F 7 -42.58 15.13 71.94
CA GLY F 7 -41.15 15.28 72.11
C GLY F 7 -40.40 14.63 70.97
N LEU F 8 -40.85 13.46 70.54
CA LEU F 8 -40.24 12.76 69.40
C LEU F 8 -38.87 12.18 69.70
N ALA F 9 -38.49 12.06 70.98
CA ALA F 9 -37.19 11.49 71.37
C ALA F 9 -35.98 12.23 70.80
N GLU F 10 -36.08 13.55 70.64
CA GLU F 10 -34.98 14.37 70.08
C GLU F 10 -35.07 15.80 70.67
N ASP F 11 -33.97 16.54 70.67
CA ASP F 11 -33.97 17.90 71.16
C ASP F 11 -34.85 18.83 70.31
N GLY F 12 -34.75 18.69 68.99
CA GLY F 12 -35.14 19.72 68.05
C GLY F 12 -34.22 19.76 66.85
N ALA F 13 -34.77 19.87 65.64
CA ALA F 13 -33.95 19.85 64.43
C ALA F 13 -32.99 21.00 64.29
N LYS F 14 -33.36 22.18 64.73
CA LYS F 14 -32.43 23.28 64.70
C LYS F 14 -31.20 22.93 65.46
N SER F 15 -31.37 22.44 66.68
CA SER F 15 -30.23 22.11 67.50
C SER F 15 -29.39 21.00 66.95
N VAL F 16 -30.01 19.96 66.42
CA VAL F 16 -29.28 18.86 65.86
C VAL F 16 -28.43 19.42 64.75
N TYR F 17 -28.98 20.34 64.00
CA TYR F 17 -28.20 20.98 62.95
C TYR F 17 -27.06 21.80 63.53
N GLU F 18 -27.26 22.42 64.69
CA GLU F 18 -26.24 23.31 65.23
C GLU F 18 -25.15 22.57 65.99
N ARG F 19 -25.48 21.44 66.63
CA ARG F 19 -24.43 20.65 67.28
C ARG F 19 -23.51 20.03 66.25
N LEU F 20 -24.07 19.60 65.13
CA LEU F 20 -23.30 18.87 64.13
C LEU F 20 -22.84 19.75 62.98
N LYS F 21 -23.14 21.05 63.03
CA LYS F 21 -22.52 21.96 62.07
C LYS F 21 -21.04 22.11 62.36
N ASN F 22 -20.64 21.88 63.60
CA ASN F 22 -19.23 21.85 63.98
C ASN F 22 -18.53 20.56 63.57
N ASP F 23 -19.15 19.72 62.76
CA ASP F 23 -18.51 18.56 62.17
C ASP F 23 -18.36 18.70 60.66
N ARG F 24 -19.13 19.58 60.03
CA ARG F 24 -18.90 19.85 58.61
C ARG F 24 -17.64 20.66 58.40
N ALA F 25 -17.35 21.57 59.33
CA ALA F 25 -16.25 22.52 59.28
C ALA F 25 -14.87 21.92 59.02
N PRO F 26 -14.57 20.66 59.39
CA PRO F 26 -13.42 20.02 58.76
C PRO F 26 -13.59 19.81 57.27
N TYR F 27 -14.67 19.17 56.84
CA TYR F 27 -14.86 18.88 55.42
C TYR F 27 -15.15 20.12 54.61
N GLU F 28 -15.86 21.08 55.19
CA GLU F 28 -16.23 22.29 54.48
C GLU F 28 -15.01 23.15 54.18
N THR F 29 -14.10 23.31 55.16
CA THR F 29 -12.89 24.07 54.90
C THR F 29 -11.87 23.30 54.08
N ARG F 30 -12.04 21.98 53.92
CA ARG F 30 -11.28 21.28 52.90
C ARG F 30 -11.77 21.64 51.52
N ALA F 31 -13.08 21.60 51.32
CA ALA F 31 -13.65 21.82 50.00
C ALA F 31 -13.50 23.26 49.54
N GLN F 32 -13.51 24.21 50.47
CA GLN F 32 -13.23 25.60 50.12
C GLN F 32 -11.80 25.76 49.65
N ASN F 33 -10.88 25.01 50.27
CA ASN F 33 -9.52 24.95 49.73
C ASN F 33 -9.48 24.14 48.45
N CYS F 34 -10.24 23.05 48.39
CA CYS F 34 -10.11 22.13 47.27
C CYS F 34 -10.78 22.64 46.01
N ALA F 35 -11.78 23.51 46.14
CA ALA F 35 -12.34 24.17 44.96
C ALA F 35 -11.57 25.40 44.55
N GLN F 36 -10.73 25.92 45.45
CA GLN F 36 -9.94 27.12 45.15
C GLN F 36 -8.91 26.84 44.06
N TYR F 37 -8.42 25.60 43.98
CA TYR F 37 -7.37 25.26 43.04
C TYR F 37 -7.91 24.78 41.72
N THR F 38 -9.11 24.23 41.68
CA THR F 38 -9.65 23.68 40.43
C THR F 38 -10.57 24.67 39.73
N ILE F 39 -11.68 25.01 40.36
CA ILE F 39 -12.65 25.96 39.82
C ILE F 39 -13.39 26.61 40.97
N PRO F 40 -13.14 27.88 41.25
CA PRO F 40 -13.68 28.49 42.47
C PRO F 40 -15.17 28.74 42.45
N SER F 41 -15.81 28.69 41.28
CA SER F 41 -17.24 28.90 41.22
C SER F 41 -18.05 27.69 41.64
N LEU F 42 -17.39 26.56 41.90
CA LEU F 42 -18.12 25.32 42.09
C LEU F 42 -18.55 25.14 43.54
N PHE F 43 -17.65 25.40 44.49
CA PHE F 43 -17.99 25.28 45.92
C PHE F 43 -17.71 26.60 46.57
N PRO F 44 -18.70 27.50 46.54
CA PRO F 44 -18.48 28.82 47.08
C PRO F 44 -18.34 28.81 48.57
N LYS F 45 -17.51 29.70 49.10
CA LYS F 45 -17.39 29.81 50.53
C LYS F 45 -18.73 30.32 51.05
N ASP F 46 -19.10 29.99 52.27
CA ASP F 46 -20.42 30.36 52.77
C ASP F 46 -20.61 31.86 52.85
N SER F 47 -19.58 32.57 53.22
CA SER F 47 -19.65 34.03 53.24
C SER F 47 -19.90 34.60 51.86
N ASP F 48 -19.27 34.05 50.84
CA ASP F 48 -19.37 34.57 49.48
C ASP F 48 -20.76 34.90 48.99
N ASN F 49 -20.89 36.02 48.29
CA ASN F 49 -22.20 36.45 47.85
C ASN F 49 -22.14 36.88 46.41
N ALA F 50 -23.09 37.70 46.01
CA ALA F 50 -23.13 38.16 44.64
C ALA F 50 -21.90 38.94 44.31
N SER F 51 -21.37 39.69 45.25
CA SER F 51 -20.15 40.47 45.04
C SER F 51 -18.86 39.71 44.81
N THR F 52 -18.66 38.59 45.49
CA THR F 52 -17.39 37.85 45.39
C THR F 52 -16.94 37.50 44.00
N ASP F 53 -15.73 37.89 43.67
CA ASP F 53 -15.22 37.53 42.37
C ASP F 53 -14.27 36.38 42.53
N TYR F 54 -14.47 35.34 41.75
CA TYR F 54 -13.67 34.17 41.90
C TYR F 54 -12.46 34.22 40.99
N GLN F 55 -11.31 34.55 41.53
CA GLN F 55 -10.08 34.62 40.77
C GLN F 55 -9.73 33.26 40.23
N THR F 56 -9.42 33.21 38.94
CA THR F 56 -9.04 31.96 38.32
C THR F 56 -7.69 31.53 38.87
N PRO F 57 -7.47 30.23 39.07
CA PRO F 57 -6.16 29.77 39.51
C PRO F 57 -5.14 29.97 38.39
N TRP F 58 -3.88 30.11 38.81
CA TRP F 58 -2.80 30.34 37.85
C TRP F 58 -2.62 29.15 36.93
N GLN F 59 -2.85 27.96 37.43
CA GLN F 59 -2.90 26.76 36.61
C GLN F 59 -4.33 26.48 36.18
N ALA F 60 -4.48 25.88 35.00
CA ALA F 60 -5.78 25.49 34.51
C ALA F 60 -5.84 24.00 34.20
N VAL F 61 -5.24 23.20 35.06
CA VAL F 61 -5.40 21.76 34.96
C VAL F 61 -6.56 21.28 35.82
N GLY F 62 -6.74 21.87 37.01
CA GLY F 62 -7.86 21.52 37.85
C GLY F 62 -9.19 21.88 37.23
N ALA F 63 -9.24 23.03 36.55
CA ALA F 63 -10.45 23.37 35.81
C ALA F 63 -10.64 22.46 34.61
N ARG F 64 -9.54 22.01 34.01
CA ARG F 64 -9.62 21.04 32.92
C ARG F 64 -9.96 19.65 33.43
N GLY F 65 -9.21 19.16 34.40
CA GLY F 65 -9.35 17.79 34.85
C GLY F 65 -10.53 17.49 35.74
N LEU F 66 -11.44 18.45 35.92
CA LEU F 66 -12.67 18.21 36.66
C LEU F 66 -13.86 18.00 35.72
N ASN F 67 -14.05 18.91 34.78
CA ASN F 67 -15.07 18.73 33.76
C ASN F 67 -14.78 17.52 32.90
N ASN F 68 -13.51 17.24 32.66
CA ASN F 68 -13.11 16.05 31.93
C ASN F 68 -13.17 14.80 32.80
N LEU F 69 -13.47 14.93 34.08
CA LEU F 69 -13.69 13.76 34.92
C LEU F 69 -15.12 13.65 35.40
N ALA F 70 -15.83 14.77 35.57
CA ALA F 70 -17.24 14.69 35.91
C ALA F 70 -18.07 14.22 34.73
N SER F 71 -17.57 14.47 33.52
CA SER F 71 -18.27 14.05 32.32
C SER F 71 -18.03 12.62 32.01
N LYS F 72 -16.80 12.17 32.15
CA LYS F 72 -16.52 10.78 31.92
C LYS F 72 -17.21 9.91 32.95
N LEU F 73 -17.22 10.36 34.19
CA LEU F 73 -17.91 9.60 35.21
C LEU F 73 -19.36 9.58 34.80
N MET F 74 -19.95 10.68 34.33
CA MET F 74 -21.35 10.64 34.00
C MET F 74 -21.61 9.66 32.89
N LEU F 75 -20.79 9.66 31.84
CA LEU F 75 -21.09 8.77 30.74
C LEU F 75 -21.04 7.37 31.27
N ALA F 76 -20.06 7.06 32.08
CA ALA F 76 -19.93 5.70 32.56
C ALA F 76 -21.02 5.26 33.48
N LEU F 77 -21.45 6.14 34.37
CA LEU F 77 -22.40 5.75 35.39
C LEU F 77 -23.82 5.84 34.91
N PHE F 78 -24.14 6.93 34.23
CA PHE F 78 -25.49 7.12 33.75
C PHE F 78 -25.48 7.18 32.25
N PRO F 79 -25.23 6.02 31.62
CA PRO F 79 -25.13 6.01 30.18
C PRO F 79 -26.49 6.29 29.67
N MET F 80 -26.62 6.81 28.47
CA MET F 80 -27.94 7.01 27.91
C MET F 80 -28.60 5.65 27.77
N GLN F 81 -27.84 4.68 27.33
CA GLN F 81 -28.35 3.34 27.19
C GLN F 81 -28.68 2.80 28.56
N THR F 82 -29.74 2.03 28.67
CA THR F 82 -30.18 1.54 29.98
C THR F 82 -29.10 1.11 30.93
N TRP F 83 -29.07 1.67 32.11
CA TRP F 83 -28.08 1.27 33.07
C TRP F 83 -28.56 0.61 34.34
N MET F 84 -29.83 0.27 34.46
CA MET F 84 -30.28 -0.71 35.42
C MET F 84 -31.07 -1.74 34.69
N ARG F 85 -31.03 -2.97 35.15
CA ARG F 85 -31.97 -3.96 34.66
C ARG F 85 -32.53 -4.75 35.81
N LEU F 86 -33.73 -5.29 35.66
CA LEU F 86 -34.39 -5.99 36.77
C LEU F 86 -34.18 -7.48 36.59
N THR F 87 -33.39 -8.08 37.47
CA THR F 87 -33.25 -9.52 37.49
C THR F 87 -34.33 -10.13 38.36
N ILE F 88 -35.11 -11.01 37.78
CA ILE F 88 -35.97 -11.87 38.59
C ILE F 88 -35.13 -13.07 39.03
N SER F 89 -35.38 -13.54 40.26
CA SER F 89 -34.72 -14.74 40.75
C SER F 89 -35.19 -15.92 39.93
N GLU F 90 -34.27 -16.52 39.18
CA GLU F 90 -34.66 -17.38 38.07
C GLU F 90 -35.23 -18.71 38.56
N TYR F 91 -34.67 -19.28 39.63
CA TYR F 91 -35.19 -20.56 40.11
C TYR F 91 -36.54 -20.39 40.78
N GLU F 92 -36.74 -19.30 41.51
CA GLU F 92 -38.06 -19.02 42.05
C GLU F 92 -39.04 -18.56 40.97
N ALA F 93 -38.54 -18.14 39.81
CA ALA F 93 -39.44 -17.88 38.68
C ALA F 93 -39.83 -19.17 37.99
N LYS F 94 -39.00 -20.21 38.04
CA LYS F 94 -39.37 -21.48 37.45
C LYS F 94 -40.43 -22.19 38.28
N GLN F 95 -40.43 -21.98 39.60
CA GLN F 95 -41.35 -22.70 40.47
C GLN F 95 -42.76 -22.16 40.33
N LEU F 96 -42.90 -20.84 40.29
CA LEU F 96 -44.20 -20.20 40.34
C LEU F 96 -44.85 -20.06 38.97
N LEU F 97 -44.38 -20.76 37.95
CA LEU F 97 -44.78 -20.46 36.58
C LEU F 97 -44.67 -21.71 35.72
N SER F 98 -45.52 -21.78 34.70
CA SER F 98 -45.50 -22.87 33.73
C SER F 98 -44.55 -22.50 32.59
N ASP F 99 -43.47 -23.26 32.48
CA ASP F 99 -42.40 -22.99 31.52
C ASP F 99 -42.89 -23.19 30.08
N PRO F 100 -42.21 -22.59 29.08
CA PRO F 100 -41.13 -21.59 29.08
C PRO F 100 -41.58 -20.20 28.62
N ASP F 101 -42.78 -20.11 28.05
CA ASP F 101 -43.23 -18.86 27.45
C ASP F 101 -43.51 -17.81 28.51
N GLY F 102 -43.97 -18.22 29.69
CA GLY F 102 -44.24 -17.28 30.75
C GLY F 102 -43.00 -16.64 31.33
N LEU F 103 -41.84 -17.30 31.21
CA LEU F 103 -40.62 -16.77 31.80
C LEU F 103 -40.16 -15.50 31.09
N ALA F 104 -40.07 -15.55 29.76
CA ALA F 104 -39.73 -14.33 29.02
C ALA F 104 -40.86 -13.34 29.02
N LYS F 105 -42.10 -13.79 29.24
CA LYS F 105 -43.20 -12.85 29.40
C LYS F 105 -43.04 -12.03 30.68
N VAL F 106 -42.47 -12.64 31.73
CA VAL F 106 -42.09 -11.89 32.92
C VAL F 106 -40.98 -10.90 32.62
N ASP F 107 -39.97 -11.34 31.85
CA ASP F 107 -38.87 -10.44 31.49
C ASP F 107 -39.29 -9.37 30.50
N GLU F 108 -40.46 -9.49 29.87
CA GLU F 108 -40.98 -8.35 29.12
C GLU F 108 -41.56 -7.32 30.07
N GLY F 109 -42.19 -7.76 31.15
CA GLY F 109 -42.60 -6.83 32.19
C GLY F 109 -41.43 -6.21 32.90
N LEU F 110 -40.31 -6.90 32.97
CA LEU F 110 -39.09 -6.29 33.50
C LEU F 110 -38.41 -5.41 32.47
N SER F 111 -38.58 -5.71 31.18
CA SER F 111 -38.17 -4.76 30.15
C SER F 111 -39.17 -3.64 29.98
N MET F 112 -40.39 -3.83 30.47
CA MET F 112 -41.37 -2.75 30.52
C MET F 112 -40.92 -1.67 31.49
N VAL F 113 -40.60 -2.09 32.73
CA VAL F 113 -40.32 -1.15 33.81
C VAL F 113 -39.02 -0.40 33.57
N GLU F 114 -37.99 -1.09 33.09
CA GLU F 114 -36.68 -0.48 32.91
C GLU F 114 -36.66 0.55 31.78
N ARG F 115 -37.68 0.58 30.93
CA ARG F 115 -37.81 1.65 29.96
C ARG F 115 -38.63 2.81 30.50
N ILE F 116 -39.57 2.54 31.39
CA ILE F 116 -40.40 3.59 31.96
C ILE F 116 -39.59 4.45 32.90
N ILE F 117 -38.67 3.84 33.66
CA ILE F 117 -37.79 4.59 34.54
C ILE F 117 -36.83 5.45 33.73
N MET F 118 -36.31 4.91 32.63
CA MET F 118 -35.47 5.71 31.74
C MET F 118 -36.28 6.78 31.02
N ASN F 119 -37.59 6.56 30.85
CA ASN F 119 -38.46 7.62 30.38
C ASN F 119 -38.94 8.51 31.51
N TYR F 120 -38.66 8.15 32.76
CA TYR F 120 -38.97 9.01 33.89
C TYR F 120 -37.76 9.85 34.28
N ILE F 121 -36.57 9.27 34.21
CA ILE F 121 -35.34 9.97 34.54
C ILE F 121 -35.05 11.06 33.51
N GLU F 122 -35.19 10.74 32.23
CA GLU F 122 -34.86 11.71 31.20
C GLU F 122 -35.90 12.81 31.08
N SER F 123 -37.16 12.52 31.43
CA SER F 123 -38.23 13.48 31.29
C SER F 123 -38.46 14.29 32.55
N ASN F 124 -37.58 14.18 33.55
CA ASN F 124 -37.65 15.02 34.74
C ASN F 124 -36.33 15.70 35.03
N SER F 125 -35.43 15.74 34.04
CA SER F 125 -34.11 16.37 34.13
C SER F 125 -33.30 15.83 35.30
N TYR F 126 -33.34 14.50 35.48
CA TYR F 126 -32.45 13.90 36.46
C TYR F 126 -31.02 13.85 35.94
N ARG F 127 -30.84 13.91 34.62
CA ARG F 127 -29.50 13.96 34.06
C ARG F 127 -28.79 15.26 34.42
N VAL F 128 -29.56 16.32 34.63
CA VAL F 128 -28.97 17.61 34.98
C VAL F 128 -28.45 17.60 36.40
N THR F 129 -29.34 17.32 37.36
CA THR F 129 -28.98 17.42 38.76
C THR F 129 -28.07 16.29 39.24
N LEU F 130 -27.94 15.22 38.47
CA LEU F 130 -26.88 14.27 38.77
C LEU F 130 -25.54 14.74 38.26
N PHE F 131 -25.51 15.48 37.16
CA PHE F 131 -24.24 16.04 36.73
C PHE F 131 -23.82 17.19 37.64
N GLU F 132 -24.78 17.93 38.20
CA GLU F 132 -24.42 18.86 39.26
C GLU F 132 -24.04 18.12 40.53
N ALA F 133 -24.54 16.91 40.72
CA ALA F 133 -24.11 16.12 41.86
C ALA F 133 -22.69 15.60 41.66
N LEU F 134 -22.36 15.14 40.45
CA LEU F 134 -21.04 14.57 40.21
C LEU F 134 -19.95 15.62 40.26
N LYS F 135 -20.27 16.88 39.97
CA LYS F 135 -19.27 17.93 40.16
C LYS F 135 -19.05 18.22 41.63
N GLN F 136 -20.08 18.08 42.46
CA GLN F 136 -19.88 18.20 43.89
C GLN F 136 -19.15 17.01 44.45
N LEU F 137 -19.39 15.82 43.90
CA LEU F 137 -18.72 14.64 44.42
C LEU F 137 -17.24 14.63 44.11
N VAL F 138 -16.78 15.37 43.13
CA VAL F 138 -15.36 15.43 42.90
C VAL F 138 -14.71 16.46 43.83
N VAL F 139 -15.06 17.74 43.72
CA VAL F 139 -14.51 18.75 44.62
C VAL F 139 -14.86 18.64 46.08
N ALA F 140 -16.14 18.46 46.43
CA ALA F 140 -16.51 18.49 47.84
C ALA F 140 -16.57 17.18 48.49
N GLY F 141 -17.02 16.19 47.75
CA GLY F 141 -17.10 14.84 48.26
C GLY F 141 -18.41 14.40 48.85
N ASN F 142 -19.32 15.31 49.09
CA ASN F 142 -20.61 14.92 49.59
C ASN F 142 -21.73 15.69 48.93
N VAL F 143 -22.88 15.06 48.69
CA VAL F 143 -24.06 15.74 48.16
C VAL F 143 -25.25 14.97 48.69
N LEU F 144 -26.40 15.59 48.92
CA LEU F 144 -27.60 14.86 49.34
C LEU F 144 -28.55 15.12 48.26
N LEU F 145 -29.24 14.11 47.79
CA LEU F 145 -30.10 14.28 46.67
C LEU F 145 -31.49 13.88 47.10
N TYR F 146 -32.42 14.81 47.08
CA TYR F 146 -33.77 14.54 47.56
C TYR F 146 -34.67 14.30 46.42
N LEU F 147 -35.34 13.15 46.39
CA LEU F 147 -36.18 12.80 45.26
C LEU F 147 -37.58 13.09 45.68
N PRO F 148 -38.11 14.25 45.28
CA PRO F 148 -39.41 14.65 45.78
C PRO F 148 -40.48 13.68 45.39
N GLU F 149 -41.43 13.44 46.28
CA GLU F 149 -42.49 12.49 46.01
C GLU F 149 -43.24 12.92 44.78
N PRO F 150 -43.52 11.99 43.88
CA PRO F 150 -44.18 12.46 42.68
C PRO F 150 -45.58 12.88 43.03
N GLU F 151 -46.05 14.00 42.52
CA GLU F 151 -47.41 14.42 42.76
C GLU F 151 -48.01 14.69 41.40
N GLY F 152 -48.68 13.70 40.80
CA GLY F 152 -49.12 13.92 39.44
C GLY F 152 -48.00 13.65 38.44
N SER F 153 -48.41 13.65 37.16
CA SER F 153 -47.49 13.44 36.06
C SER F 153 -46.91 14.74 35.53
N ASN F 154 -46.86 15.78 36.36
CA ASN F 154 -46.27 17.04 35.96
C ASN F 154 -44.74 16.99 36.09
N TYR F 155 -44.11 18.14 35.93
CA TYR F 155 -42.66 18.23 35.99
C TYR F 155 -42.19 18.13 37.43
N ASN F 156 -41.25 17.24 37.75
CA ASN F 156 -40.86 17.05 39.16
C ASN F 156 -39.38 16.80 39.34
N PRO F 157 -38.57 17.85 39.31
CA PRO F 157 -37.11 17.67 39.39
C PRO F 157 -36.61 17.35 40.76
N MET F 158 -35.48 16.65 40.89
CA MET F 158 -34.95 16.43 42.23
C MET F 158 -34.10 17.58 42.73
N LYS F 159 -33.65 17.51 43.97
CA LYS F 159 -32.90 18.62 44.53
C LYS F 159 -31.60 18.18 45.16
N LEU F 160 -30.55 18.99 45.03
CA LEU F 160 -29.25 18.65 45.61
C LEU F 160 -28.84 19.63 46.70
N TYR F 161 -28.31 19.12 47.80
CA TYR F 161 -27.85 19.95 48.89
C TYR F 161 -26.36 19.72 48.96
N ARG F 162 -25.59 20.77 48.84
CA ARG F 162 -24.15 20.62 48.79
C ARG F 162 -23.32 20.80 50.04
N LEU F 163 -23.59 20.05 51.10
CA LEU F 163 -22.71 20.09 52.27
C LEU F 163 -22.59 21.50 52.75
N SER F 164 -23.64 22.27 52.68
CA SER F 164 -23.59 23.60 53.22
C SER F 164 -25.04 23.84 53.49
N SER F 165 -25.85 22.91 53.04
CA SER F 165 -27.28 23.00 53.32
C SER F 165 -27.81 21.75 54.00
N TYR F 166 -26.98 20.73 54.23
CA TYR F 166 -27.47 19.59 54.98
C TYR F 166 -26.47 19.23 56.06
N VAL F 167 -26.90 18.33 56.94
CA VAL F 167 -26.08 17.66 57.95
C VAL F 167 -26.59 16.24 58.08
N VAL F 168 -25.69 15.25 57.96
CA VAL F 168 -26.04 13.90 58.38
C VAL F 168 -25.12 13.47 59.50
N GLN F 169 -25.55 12.44 60.22
CA GLN F 169 -24.75 11.81 61.24
C GLN F 169 -24.91 10.32 61.10
N ARG F 170 -23.81 9.62 60.85
CA ARG F 170 -23.87 8.18 60.75
C ARG F 170 -22.87 7.57 61.72
N ASP F 171 -22.88 6.25 61.75
CA ASP F 171 -22.19 5.47 62.75
C ASP F 171 -20.76 5.21 62.30
N ALA F 172 -19.97 4.53 63.12
CA ALA F 172 -18.79 3.87 62.61
C ALA F 172 -19.19 2.73 61.69
N PHE F 173 -20.29 2.07 62.01
CA PHE F 173 -20.97 1.21 61.07
C PHE F 173 -21.56 2.06 59.94
N GLY F 174 -21.87 1.42 58.82
CA GLY F 174 -22.17 2.15 57.60
C GLY F 174 -23.50 2.89 57.60
N ASN F 175 -24.42 2.54 58.49
CA ASN F 175 -25.79 3.05 58.37
C ASN F 175 -25.93 4.46 58.90
N VAL F 176 -26.94 5.16 58.41
CA VAL F 176 -27.19 6.55 58.77
C VAL F 176 -28.08 6.58 59.99
N LEU F 177 -27.75 7.45 60.94
CA LEU F 177 -28.62 7.66 62.10
C LEU F 177 -29.62 8.79 61.88
N GLN F 178 -29.14 10.01 61.61
CA GLN F 178 -30.05 11.12 61.45
C GLN F 178 -29.50 12.08 60.40
N MET F 179 -30.42 12.75 59.71
CA MET F 179 -30.11 13.73 58.69
C MET F 179 -30.87 15.01 59.01
N VAL F 180 -30.26 16.16 58.76
CA VAL F 180 -30.94 17.44 58.86
C VAL F 180 -30.65 18.21 57.58
N THR F 181 -31.63 18.79 56.92
CA THR F 181 -31.34 19.79 55.88
C THR F 181 -31.99 21.16 56.13
N ARG F 182 -31.25 22.22 55.82
CA ARG F 182 -31.71 23.57 55.83
C ARG F 182 -31.92 24.11 54.42
N ASP F 183 -33.16 24.43 54.12
CA ASP F 183 -33.49 25.20 52.94
C ASP F 183 -34.22 26.41 53.52
N GLN F 184 -33.92 27.54 52.88
CA GLN F 184 -34.48 28.81 53.28
C GLN F 184 -35.44 29.37 52.24
N ILE F 185 -36.61 28.75 52.13
CA ILE F 185 -37.63 29.22 51.20
C ILE F 185 -38.29 30.48 51.67
N ALA F 186 -38.43 31.48 50.81
CA ALA F 186 -39.04 32.75 51.16
C ALA F 186 -40.48 32.59 51.53
N PHE F 187 -41.07 33.57 52.18
CA PHE F 187 -42.42 33.39 52.67
C PHE F 187 -43.41 33.11 51.58
N GLY F 188 -43.30 33.84 50.47
CA GLY F 188 -44.25 33.65 49.40
C GLY F 188 -44.17 32.28 48.81
N ALA F 189 -42.97 31.74 48.70
CA ALA F 189 -42.80 30.46 48.05
C ALA F 189 -43.01 29.24 48.91
N LEU F 190 -43.15 29.43 50.22
CA LEU F 190 -43.30 28.32 51.14
C LEU F 190 -44.55 27.57 50.74
N PRO F 191 -44.50 26.24 50.81
CA PRO F 191 -45.68 25.45 50.47
C PRO F 191 -46.81 25.74 51.41
N GLU F 192 -48.04 25.66 50.92
CA GLU F 192 -49.20 25.99 51.74
C GLU F 192 -49.21 25.57 53.19
N ASP F 193 -49.11 24.27 53.48
CA ASP F 193 -49.25 23.86 54.88
C ASP F 193 -48.25 24.57 55.78
N ILE F 194 -47.12 25.02 55.23
CA ILE F 194 -46.13 25.68 56.05
C ILE F 194 -46.55 27.12 56.34
N ARG F 195 -47.24 27.77 55.39
CA ARG F 195 -47.70 29.14 55.60
C ARG F 195 -48.75 29.21 56.69
N LYS F 196 -49.53 28.14 56.88
CA LYS F 196 -50.45 28.09 57.99
C LYS F 196 -49.72 27.91 59.31
N ALA F 197 -48.50 27.36 59.29
CA ALA F 197 -47.74 27.20 60.52
C ALA F 197 -46.96 28.46 60.87
N VAL F 198 -46.49 29.19 59.85
CA VAL F 198 -45.75 30.43 60.10
C VAL F 198 -46.70 31.52 60.56
N GLU F 199 -47.85 31.66 59.88
CA GLU F 199 -48.92 32.53 60.37
C GLU F 199 -49.45 32.02 61.71
N GLY F 200 -49.51 30.70 61.88
CA GLY F 200 -49.90 30.12 63.15
C GLY F 200 -48.91 30.38 64.28
N GLN F 201 -47.65 30.66 63.94
CA GLN F 201 -46.72 31.11 64.97
C GLN F 201 -47.04 32.54 65.40
N GLY F 202 -47.47 33.38 64.46
CA GLY F 202 -47.83 34.74 64.79
C GLY F 202 -46.93 35.76 64.12
N GLY F 203 -47.44 36.98 63.95
CA GLY F 203 -46.66 38.04 63.35
C GLY F 203 -46.66 38.00 61.83
N GLU F 204 -46.83 39.15 61.20
CA GLU F 204 -46.83 39.21 59.74
C GLU F 204 -45.41 39.12 59.20
N LYS F 205 -45.31 38.69 57.95
CA LYS F 205 -44.04 38.50 57.29
C LYS F 205 -44.03 39.27 55.98
N LYS F 206 -42.84 39.65 55.54
CA LYS F 206 -42.70 40.22 54.21
C LYS F 206 -42.88 39.12 53.15
N ALA F 207 -43.16 39.54 51.92
CA ALA F 207 -43.38 38.58 50.86
C ALA F 207 -42.09 37.89 50.43
N ASP F 208 -40.95 38.54 50.69
CA ASP F 208 -39.66 38.03 50.25
C ASP F 208 -38.73 37.64 51.39
N GLU F 209 -39.22 37.76 52.61
CA GLU F 209 -38.48 37.38 53.79
C GLU F 209 -38.26 35.91 53.69
N THR F 210 -37.08 35.44 54.06
CA THR F 210 -36.68 34.08 53.78
C THR F 210 -36.76 33.26 55.04
N ILE F 211 -37.50 32.16 54.92
CA ILE F 211 -37.83 31.30 56.04
C ILE F 211 -37.03 30.01 55.81
N ASP F 212 -36.38 29.50 56.85
CA ASP F 212 -35.57 28.32 56.67
C ASP F 212 -36.11 27.16 57.43
N VAL F 213 -36.28 26.03 56.73
CA VAL F 213 -37.08 24.94 57.17
C VAL F 213 -36.17 23.80 57.42
N TYR F 214 -36.22 23.21 58.60
CA TYR F 214 -35.30 22.16 58.88
C TYR F 214 -36.06 20.88 58.84
N THR F 215 -35.58 19.93 58.08
CA THR F 215 -36.15 18.60 58.20
C THR F 215 -35.30 17.78 59.15
N HIS F 216 -35.81 16.63 59.56
CA HIS F 216 -35.08 15.80 60.51
C HIS F 216 -35.49 14.36 60.25
N ILE F 217 -34.55 13.54 59.83
CA ILE F 217 -34.84 12.28 59.16
C ILE F 217 -34.27 11.16 60.02
N TYR F 218 -34.40 11.31 61.33
CA TYR F 218 -33.73 10.43 62.29
C TYR F 218 -34.23 9.00 62.23
N LEU F 219 -33.38 8.05 62.58
CA LEU F 219 -33.73 6.64 62.57
C LEU F 219 -34.48 6.36 63.84
N ASP F 220 -35.72 5.91 63.71
CA ASP F 220 -36.50 5.66 64.90
C ASP F 220 -35.84 4.54 65.64
N GLU F 221 -35.77 4.65 66.95
CA GLU F 221 -35.22 3.56 67.72
C GLU F 221 -36.10 2.35 67.50
N ASP F 222 -37.40 2.54 67.57
CA ASP F 222 -38.32 1.44 67.34
C ASP F 222 -38.55 1.14 65.88
N SER F 223 -38.33 -0.10 65.46
CA SER F 223 -38.63 -0.55 64.08
C SER F 223 -37.63 -0.25 62.99
N GLY F 224 -36.60 0.54 63.28
CA GLY F 224 -35.58 0.80 62.28
C GLY F 224 -36.20 1.35 61.01
N GLU F 225 -37.27 2.12 61.15
CA GLU F 225 -37.92 2.70 59.99
C GLU F 225 -37.65 4.13 60.24
N TYR F 226 -37.31 4.89 59.22
CA TYR F 226 -36.98 6.26 59.55
C TYR F 226 -38.22 7.05 59.87
N LEU F 227 -38.08 8.09 60.69
CA LEU F 227 -39.12 9.08 60.88
C LEU F 227 -38.64 10.42 60.36
N ARG F 228 -39.48 11.13 59.65
CA ARG F 228 -39.07 12.45 59.19
C ARG F 228 -40.10 13.45 59.59
N TYR F 229 -39.69 14.45 60.34
CA TYR F 229 -40.55 15.53 60.74
C TYR F 229 -39.84 16.76 60.32
N GLU F 230 -40.53 17.70 59.71
CA GLU F 230 -39.89 18.92 59.26
C GLU F 230 -40.54 20.16 59.83
N GLU F 231 -39.69 21.12 60.17
CA GLU F 231 -39.91 22.11 61.22
C GLU F 231 -39.57 23.50 60.74
N VAL F 232 -40.38 24.47 61.11
CA VAL F 232 -40.26 25.82 60.61
C VAL F 232 -40.08 26.67 61.81
N GLU F 233 -39.11 27.56 61.80
CA GLU F 233 -38.85 28.44 62.93
C GLU F 233 -38.64 27.60 64.17
N GLY F 234 -39.34 27.91 65.26
CA GLY F 234 -39.21 27.05 66.40
C GLY F 234 -39.70 25.62 66.27
N MET F 235 -40.93 25.42 65.80
CA MET F 235 -41.50 24.07 65.81
C MET F 235 -42.07 23.40 64.57
N GLU F 236 -42.43 22.12 64.69
CA GLU F 236 -42.87 21.33 63.54
C GLU F 236 -44.15 21.69 62.79
N VAL F 237 -44.13 21.55 61.47
CA VAL F 237 -45.33 21.79 60.68
C VAL F 237 -46.33 20.70 60.92
N GLN F 238 -47.60 20.98 60.75
CA GLN F 238 -48.59 19.92 60.83
C GLN F 238 -48.47 19.16 59.53
N GLY F 239 -48.45 17.84 59.60
CA GLY F 239 -48.40 17.02 58.40
C GLY F 239 -47.03 16.69 57.91
N SER F 240 -46.00 17.12 58.62
CA SER F 240 -44.65 16.82 58.23
C SER F 240 -44.31 15.40 58.48
N ASP F 241 -44.95 14.82 59.47
CA ASP F 241 -44.53 13.48 59.84
C ASP F 241 -44.67 12.50 58.72
N GLY F 242 -43.63 11.72 58.52
CA GLY F 242 -43.64 10.72 57.48
C GLY F 242 -42.72 9.65 57.99
N THR F 243 -42.86 8.44 57.48
CA THR F 243 -41.97 7.40 57.89
C THR F 243 -41.40 6.74 56.68
N TYR F 244 -40.08 6.74 56.59
CA TYR F 244 -39.44 6.16 55.45
C TYR F 244 -38.79 4.84 55.84
N PRO F 245 -39.10 3.71 55.15
CA PRO F 245 -38.37 2.48 55.50
C PRO F 245 -36.87 2.67 55.33
N LYS F 246 -36.13 1.68 55.86
CA LYS F 246 -34.68 1.76 55.88
C LYS F 246 -34.08 1.68 54.48
N GLU F 247 -34.68 0.87 53.61
CA GLU F 247 -34.14 0.65 52.28
C GLU F 247 -34.66 1.62 51.24
N ALA F 248 -35.74 2.35 51.53
CA ALA F 248 -36.35 3.25 50.55
C ALA F 248 -36.65 4.58 51.23
N CYS F 249 -35.68 5.48 51.22
CA CYS F 249 -35.90 6.83 51.72
C CYS F 249 -35.51 7.84 50.66
N PRO F 250 -36.33 8.89 50.46
CA PRO F 250 -36.05 9.84 49.36
C PRO F 250 -34.82 10.70 49.57
N TYR F 251 -34.23 10.69 50.76
CA TYR F 251 -33.00 11.42 51.06
C TYR F 251 -31.88 10.41 51.11
N ILE F 252 -31.01 10.42 50.11
CA ILE F 252 -29.88 9.49 50.17
C ILE F 252 -28.59 10.30 50.07
N PRO F 253 -27.69 10.16 51.03
CA PRO F 253 -26.43 10.90 50.96
C PRO F 253 -25.39 10.18 50.13
N ILE F 254 -24.82 10.86 49.17
CA ILE F 254 -23.79 10.23 48.42
C ILE F 254 -22.49 10.68 49.03
N ARG F 255 -21.49 9.81 49.07
CA ARG F 255 -20.17 10.16 49.57
C ARG F 255 -19.23 9.48 48.63
N MET F 256 -18.11 10.10 48.34
CA MET F 256 -17.13 9.47 47.50
C MET F 256 -15.88 9.26 48.33
N VAL F 257 -15.12 8.24 48.00
CA VAL F 257 -14.02 7.80 48.84
C VAL F 257 -14.47 7.60 50.27
N ARG F 258 -15.56 6.87 50.48
CA ARG F 258 -16.09 6.74 51.82
C ARG F 258 -15.07 6.07 52.68
N LEU F 259 -14.88 6.60 53.88
CA LEU F 259 -13.86 6.14 54.79
C LEU F 259 -14.58 5.72 56.05
N ASP F 260 -14.17 4.63 56.68
CA ASP F 260 -14.76 4.29 57.99
C ASP F 260 -14.33 5.23 59.11
N GLY F 261 -15.21 5.48 60.05
CA GLY F 261 -16.64 5.42 59.82
C GLY F 261 -17.22 6.77 59.45
N GLU F 262 -16.36 7.76 59.37
CA GLU F 262 -16.73 9.12 59.62
C GLU F 262 -17.73 9.62 58.60
N SER F 263 -18.62 10.48 59.03
CA SER F 263 -19.94 10.59 58.46
C SER F 263 -20.00 11.01 57.00
N TYR F 264 -19.10 11.86 56.58
CA TYR F 264 -18.99 12.33 55.20
C TYR F 264 -17.71 11.80 54.59
N GLY F 265 -17.54 11.88 53.28
CA GLY F 265 -16.43 11.21 52.66
C GLY F 265 -15.52 12.14 51.90
N ARG F 266 -14.22 11.97 52.01
CA ARG F 266 -13.31 12.98 51.53
C ARG F 266 -13.36 13.01 50.02
N SER F 267 -13.19 14.17 49.41
CA SER F 267 -13.42 14.35 47.98
C SER F 267 -12.40 13.66 47.14
N TYR F 268 -12.73 13.33 45.92
CA TYR F 268 -11.74 12.79 45.00
C TYR F 268 -10.61 13.69 44.59
N ILE F 269 -10.88 14.95 44.40
CA ILE F 269 -9.91 15.89 43.92
C ILE F 269 -9.13 16.53 45.00
N GLU F 270 -9.36 16.15 46.25
CA GLU F 270 -8.41 16.42 47.31
C GLU F 270 -7.59 15.22 47.61
N GLU F 271 -7.77 14.14 46.88
CA GLU F 271 -6.57 13.24 46.84
C GLU F 271 -5.22 13.78 46.34
N TYR F 272 -5.22 14.50 45.22
CA TYR F 272 -4.19 15.16 44.45
C TYR F 272 -4.16 16.60 44.72
N LEU F 273 -4.83 17.05 45.77
CA LEU F 273 -4.87 18.44 46.09
C LEU F 273 -3.56 18.99 46.44
N GLY F 274 -2.72 18.23 47.13
CA GLY F 274 -1.40 18.74 47.41
C GLY F 274 -0.64 19.01 46.15
N ASP F 275 -0.70 18.09 45.21
CA ASP F 275 -0.02 18.19 43.94
C ASP F 275 -0.47 19.30 43.05
N LEU F 276 -1.77 19.59 43.03
CA LEU F 276 -2.26 20.75 42.30
C LEU F 276 -1.73 21.97 42.90
N ARG F 277 -1.73 22.04 44.21
CA ARG F 277 -1.30 23.20 44.95
C ARG F 277 0.11 23.53 44.73
N SER F 278 0.96 22.53 44.63
CA SER F 278 2.27 22.65 44.03
C SER F 278 2.37 23.03 42.57
N LEU F 279 1.50 22.57 41.69
CA LEU F 279 1.50 23.03 40.31
C LEU F 279 1.19 24.49 40.19
N GLU F 280 0.31 25.00 41.03
CA GLU F 280 -0.03 26.39 41.01
C GLU F 280 1.10 27.33 41.33
N ASN F 281 1.93 26.99 42.29
CA ASN F 281 3.08 27.77 42.72
C ASN F 281 4.18 27.81 41.68
N LEU F 282 4.23 26.83 40.77
CA LEU F 282 5.11 26.97 39.62
C LEU F 282 4.48 27.90 38.59
N GLN F 283 3.24 27.62 38.19
CA GLN F 283 2.57 28.41 37.16
C GLN F 283 2.30 29.84 37.59
N GLU F 284 2.30 30.12 38.89
CA GLU F 284 2.29 31.51 39.32
C GLU F 284 3.64 32.16 39.03
N ALA F 285 4.73 31.40 39.10
CA ALA F 285 6.05 32.02 38.94
C ALA F 285 6.42 32.19 37.48
N ILE F 286 6.03 31.25 36.61
CA ILE F 286 6.33 31.37 35.19
C ILE F 286 5.63 32.58 34.58
N VAL F 287 4.37 32.81 34.97
CA VAL F 287 3.64 33.97 34.46
C VAL F 287 4.25 35.25 34.97
N LYS F 288 4.64 35.30 36.25
CA LYS F 288 5.24 36.51 36.79
C LYS F 288 6.65 36.74 36.23
N MET F 289 7.35 35.69 35.82
CA MET F 289 8.59 35.92 35.09
C MET F 289 8.36 36.51 33.71
N SER F 290 7.21 36.27 33.10
CA SER F 290 6.90 36.89 31.83
C SER F 290 6.43 38.32 31.96
N MET F 291 6.16 38.78 33.18
CA MET F 291 5.66 40.14 33.33
C MET F 291 6.81 41.12 33.56
N ILE F 292 7.86 40.67 34.23
CA ILE F 292 9.11 41.44 34.25
C ILE F 292 9.66 41.52 32.84
N SER F 293 9.55 40.42 32.10
CA SER F 293 9.85 40.37 30.69
C SER F 293 9.05 41.37 29.88
N SER F 294 7.76 41.54 30.22
CA SER F 294 6.89 42.40 29.44
C SER F 294 7.25 43.87 29.54
N LYS F 295 7.82 44.30 30.64
CA LYS F 295 8.23 45.69 30.80
C LYS F 295 9.47 45.95 29.97
N VAL F 296 9.48 47.08 29.27
CA VAL F 296 10.51 47.40 28.29
C VAL F 296 11.28 48.61 28.81
N ILE F 297 12.38 48.38 29.49
CA ILE F 297 13.17 49.45 30.09
C ILE F 297 14.39 49.71 29.22
N GLY F 298 14.59 50.96 28.83
CA GLY F 298 15.73 51.33 28.02
C GLY F 298 16.92 51.81 28.82
N LEU F 299 17.88 50.94 29.07
CA LEU F 299 19.04 51.30 29.89
C LEU F 299 20.05 52.05 29.04
N VAL F 300 20.16 53.34 29.25
CA VAL F 300 21.16 54.14 28.57
C VAL F 300 22.44 54.16 29.38
N ASN F 301 23.54 53.76 28.76
CA ASN F 301 24.86 53.81 29.36
C ASN F 301 25.22 55.26 29.60
N PRO F 302 25.33 55.71 30.86
CA PRO F 302 25.54 57.13 31.11
C PRO F 302 26.98 57.59 30.92
N ALA F 303 27.88 56.70 30.52
CA ALA F 303 29.22 57.07 30.13
C ALA F 303 29.37 57.16 28.62
N GLY F 304 28.25 57.38 27.92
CA GLY F 304 28.27 57.34 26.47
C GLY F 304 27.95 58.67 25.82
N ILE F 305 27.59 58.60 24.55
CA ILE F 305 27.31 59.78 23.77
C ILE F 305 25.84 59.90 23.51
N THR F 306 25.17 58.79 23.20
CA THR F 306 23.79 58.88 22.83
C THR F 306 22.97 59.51 23.88
N GLN F 307 22.12 60.43 23.49
CA GLN F 307 21.24 61.06 24.43
C GLN F 307 19.87 60.71 23.98
N PRO F 308 19.07 60.13 24.86
CA PRO F 308 17.71 59.76 24.52
C PRO F 308 16.86 60.93 24.11
N ARG F 309 17.31 62.15 24.35
CA ARG F 309 16.56 63.32 24.04
C ARG F 309 16.39 63.46 22.60
N ARG F 310 17.45 63.24 21.85
CA ARG F 310 17.46 63.02 20.42
C ARG F 310 16.85 61.81 19.89
N LEU F 311 16.96 60.68 20.56
CA LEU F 311 16.26 59.49 20.05
C LEU F 311 14.77 59.41 20.04
N THR F 312 14.06 60.31 20.67
CA THR F 312 12.70 60.28 21.01
C THR F 312 11.98 61.44 20.40
N LYS F 313 12.64 62.22 19.56
CA LYS F 313 11.92 63.09 18.71
C LYS F 313 12.24 62.86 17.30
N ALA F 314 12.80 61.72 17.01
CA ALA F 314 13.22 61.43 15.66
C ALA F 314 12.04 60.86 14.97
N GLN F 315 11.99 61.03 13.66
CA GLN F 315 10.92 60.48 12.90
C GLN F 315 11.26 59.10 12.47
N THR F 316 10.55 58.59 11.49
CA THR F 316 10.75 57.21 11.12
C THR F 316 12.11 56.87 10.67
N GLY F 317 12.79 57.74 9.93
CA GLY F 317 14.09 57.40 9.38
C GLY F 317 15.28 58.26 9.69
N ASP F 318 15.23 59.08 10.72
CA ASP F 318 16.26 60.05 10.97
C ASP F 318 17.65 59.66 11.29
N PHE F 319 18.60 60.48 10.85
CA PHE F 319 19.96 60.26 11.24
C PHE F 319 20.17 61.01 12.54
N VAL F 320 20.63 60.33 13.57
CA VAL F 320 20.78 60.80 14.93
C VAL F 320 22.23 60.55 15.35
N THR F 321 22.76 61.37 16.24
CA THR F 321 24.10 61.16 16.77
C THR F 321 24.07 59.97 17.72
N GLY F 322 25.13 59.18 17.72
CA GLY F 322 25.32 58.25 18.81
C GLY F 322 25.82 56.91 18.35
N ARG F 323 26.22 56.11 19.34
CA ARG F 323 26.71 54.75 19.18
C ARG F 323 25.62 53.75 19.54
N PRO F 324 25.51 52.62 18.84
CA PRO F 324 24.45 51.66 19.16
C PRO F 324 24.71 50.91 20.45
N GLU F 325 25.95 50.82 20.91
CA GLU F 325 26.27 50.06 22.10
C GLU F 325 26.04 50.82 23.39
N ASP F 326 25.50 52.03 23.32
CA ASP F 326 25.10 52.71 24.54
C ASP F 326 23.69 52.30 24.95
N ILE F 327 22.80 52.17 23.98
CA ILE F 327 21.40 51.85 24.25
C ILE F 327 21.29 50.34 24.36
N SER F 328 21.14 49.83 25.57
CA SER F 328 20.77 48.44 25.76
C SER F 328 19.51 48.38 26.60
N PHE F 329 18.85 47.24 26.58
CA PHE F 329 17.55 47.11 27.22
C PHE F 329 17.60 46.12 28.37
N LEU F 330 17.05 46.40 29.54
CA LEU F 330 17.22 45.44 30.64
C LEU F 330 16.43 44.22 30.28
N GLN F 331 17.04 43.04 30.29
CA GLN F 331 16.27 41.84 30.05
C GLN F 331 16.41 40.83 31.16
N LEU F 332 15.37 40.07 31.46
CA LEU F 332 15.41 39.05 32.51
C LEU F 332 16.36 37.93 32.21
N GLU F 333 17.16 37.55 33.21
CA GLU F 333 18.17 36.53 33.03
C GLU F 333 17.89 35.19 33.65
N LYS F 334 16.66 34.92 34.02
CA LYS F 334 16.32 33.60 34.51
C LYS F 334 16.03 32.72 33.32
N GLN F 335 17.05 32.35 32.55
CA GLN F 335 16.86 31.56 31.34
C GLN F 335 17.17 30.12 31.65
N ALA F 336 18.43 29.73 31.83
CA ALA F 336 18.63 28.39 32.33
C ALA F 336 17.80 28.11 33.57
N ASP F 337 16.97 29.05 33.99
CA ASP F 337 16.11 28.83 35.14
C ASP F 337 14.66 28.70 34.75
N PHE F 338 14.26 29.31 33.64
CA PHE F 338 12.91 29.15 33.14
C PHE F 338 12.67 27.72 32.67
N THR F 339 13.72 27.02 32.25
CA THR F 339 13.58 25.65 31.80
C THR F 339 13.54 24.66 32.95
N VAL F 340 14.07 25.02 34.11
CA VAL F 340 13.95 24.16 35.29
C VAL F 340 12.50 24.14 35.75
N ALA F 341 11.92 25.32 35.93
CA ALA F 341 10.54 25.41 36.41
C ALA F 341 9.52 25.03 35.35
N LYS F 342 9.90 24.98 34.09
CA LYS F 342 8.96 24.51 33.06
C LYS F 342 8.93 22.99 32.98
N ALA F 343 10.11 22.35 33.04
CA ALA F 343 10.17 20.90 32.89
C ALA F 343 9.61 20.18 34.10
N VAL F 344 9.60 20.83 35.26
CA VAL F 344 8.93 20.26 36.42
C VAL F 344 7.42 20.45 36.30
N SER F 345 6.99 21.64 35.85
CA SER F 345 5.57 21.89 35.67
C SER F 345 5.00 21.06 34.52
N ASP F 346 5.82 20.72 33.53
CA ASP F 346 5.36 19.78 32.52
C ASP F 346 5.39 18.34 33.02
N ALA F 347 6.09 18.08 34.12
CA ALA F 347 6.09 16.74 34.70
C ALA F 347 4.99 16.56 35.73
N ILE F 348 4.57 17.64 36.38
CA ILE F 348 3.47 17.53 37.34
C ILE F 348 2.14 17.49 36.61
N GLU F 349 2.00 18.27 35.54
CA GLU F 349 0.81 18.15 34.68
C GLU F 349 0.75 16.80 34.01
N ALA F 350 1.90 16.17 33.76
CA ALA F 350 1.89 14.84 33.16
C ALA F 350 1.38 13.80 34.13
N ARG F 351 1.66 13.95 35.42
CA ARG F 351 1.21 12.96 36.39
C ARG F 351 -0.07 13.37 37.10
N LEU F 352 -0.68 14.49 36.71
CA LEU F 352 -2.07 14.73 37.04
C LEU F 352 -3.00 14.39 35.88
N SER F 353 -2.49 14.43 34.65
CA SER F 353 -3.31 14.08 33.51
C SER F 353 -3.55 12.58 33.39
N PHE F 354 -2.85 11.75 34.15
CA PHE F 354 -3.27 10.36 34.23
C PHE F 354 -4.19 10.14 35.40
N ALA F 355 -4.01 10.93 36.47
CA ALA F 355 -4.89 10.85 37.62
C ALA F 355 -6.29 11.30 37.28
N PHE F 356 -6.41 12.24 36.37
CA PHE F 356 -7.69 12.63 35.80
C PHE F 356 -7.81 11.91 34.47
N MET F 357 -9.03 11.79 33.97
CA MET F 357 -9.24 10.92 32.82
C MET F 357 -9.06 11.60 31.49
N LEU F 358 -8.11 12.54 31.47
CA LEU F 358 -7.83 13.29 30.27
C LEU F 358 -6.58 12.77 29.65
N ASN F 359 -6.61 12.53 28.35
CA ASN F 359 -5.41 12.12 27.68
C ASN F 359 -4.51 13.33 27.83
N SER F 360 -3.23 13.13 28.09
CA SER F 360 -2.36 14.26 28.40
C SER F 360 -2.20 15.32 27.30
N ALA F 361 -2.01 16.57 27.70
CA ALA F 361 -1.86 17.68 26.74
C ALA F 361 -0.87 17.48 25.60
N VAL F 362 -1.29 17.76 24.39
CA VAL F 362 -0.43 17.61 23.22
C VAL F 362 0.88 18.38 23.39
N GLN F 363 0.87 19.50 24.10
CA GLN F 363 2.14 20.17 24.40
C GLN F 363 3.01 19.16 25.13
N ARG F 364 3.85 18.43 24.39
CA ARG F 364 4.64 17.34 24.96
C ARG F 364 5.94 17.16 24.20
N THR F 365 6.61 16.03 24.41
CA THR F 365 7.90 15.80 23.78
C THR F 365 7.80 15.79 22.27
N GLY F 366 8.86 16.20 21.60
CA GLY F 366 8.82 16.31 20.15
C GLY F 366 8.52 15.07 19.37
N GLU F 367 7.74 15.20 18.30
CA GLU F 367 7.34 14.05 17.48
C GLU F 367 6.64 12.99 18.32
N ARG F 368 7.01 11.74 18.10
CA ARG F 368 6.92 10.67 19.09
C ARG F 368 5.49 10.11 19.20
N VAL F 369 4.58 10.70 18.43
CA VAL F 369 3.20 10.25 18.41
C VAL F 369 3.23 8.87 17.82
N THR F 370 2.40 7.98 18.33
CA THR F 370 2.48 6.61 17.86
C THR F 370 1.18 6.04 17.29
N ALA F 371 0.98 4.72 17.35
CA ALA F 371 -0.17 4.14 16.68
C ALA F 371 -1.29 3.74 17.63
N GLU F 372 -2.23 2.96 17.10
CA GLU F 372 -3.39 2.53 17.85
C GLU F 372 -2.90 1.79 19.05
N GLU F 373 -1.84 0.99 18.92
CA GLU F 373 -1.24 0.32 20.06
C GLU F 373 -1.14 1.23 21.27
N ILE F 374 -0.36 2.31 21.19
CA ILE F 374 -0.39 3.35 22.22
C ILE F 374 -1.74 4.07 22.42
N ARG F 375 -2.63 4.01 21.46
CA ARG F 375 -3.94 4.57 21.79
C ARG F 375 -4.61 3.53 22.68
N TYR F 376 -4.03 2.33 22.72
CA TYR F 376 -4.52 1.34 23.68
C TYR F 376 -4.12 1.74 25.09
N VAL F 377 -3.07 2.53 25.29
CA VAL F 377 -2.75 3.05 26.64
C VAL F 377 -3.84 4.03 27.04
N ALA F 378 -4.38 4.79 26.07
CA ALA F 378 -5.52 5.66 26.35
C ALA F 378 -6.70 4.76 26.70
N SER F 379 -6.78 3.62 26.04
CA SER F 379 -7.82 2.66 26.41
C SER F 379 -7.63 2.18 27.83
N GLU F 380 -6.39 1.93 28.25
CA GLU F 380 -6.07 1.52 29.62
C GLU F 380 -6.45 2.63 30.58
N LEU F 381 -6.73 3.87 30.17
CA LEU F 381 -7.24 4.86 31.16
C LEU F 381 -8.60 4.44 31.77
N GLU F 382 -9.27 3.48 31.14
CA GLU F 382 -10.56 3.00 31.64
C GLU F 382 -10.50 2.38 33.03
N ASP F 383 -9.44 1.68 33.37
CA ASP F 383 -9.26 1.09 34.71
C ASP F 383 -9.21 2.15 35.79
N THR F 384 -8.49 3.21 35.46
CA THR F 384 -8.38 4.32 36.37
C THR F 384 -9.77 4.90 36.50
N LEU F 385 -10.52 4.99 35.40
CA LEU F 385 -11.89 5.51 35.49
C LEU F 385 -12.73 4.63 36.39
N GLY F 386 -12.51 3.32 36.29
CA GLY F 386 -13.33 2.37 37.03
C GLY F 386 -13.28 2.30 38.53
N GLY F 387 -12.14 2.56 39.11
CA GLY F 387 -12.01 2.48 40.55
C GLY F 387 -12.88 3.48 41.26
N VAL F 388 -12.98 4.68 40.71
CA VAL F 388 -13.75 5.74 41.36
C VAL F 388 -15.25 5.60 41.24
N TYR F 389 -15.73 4.94 40.21
CA TYR F 389 -17.15 4.85 40.01
C TYR F 389 -17.76 3.64 40.69
N SER F 390 -16.94 2.74 41.20
CA SER F 390 -17.48 1.52 41.79
C SER F 390 -18.32 1.79 43.01
N ILE F 391 -17.88 2.65 43.91
CA ILE F 391 -18.59 2.95 45.15
C ILE F 391 -19.71 3.84 44.83
N LEU F 392 -19.50 4.65 43.82
CA LEU F 392 -20.51 5.58 43.46
C LEU F 392 -21.68 4.73 43.13
N SER F 393 -21.53 3.56 42.55
CA SER F 393 -22.74 2.83 42.21
C SER F 393 -23.61 2.46 43.39
N GLN F 394 -23.05 1.85 44.41
CA GLN F 394 -23.84 1.46 45.54
C GLN F 394 -24.44 2.68 46.17
N GLU F 395 -23.66 3.74 46.29
CA GLU F 395 -24.13 4.93 46.93
C GLU F 395 -25.22 5.69 46.21
N LEU F 396 -25.16 5.79 44.89
CA LEU F 396 -26.09 6.66 44.16
C LEU F 396 -26.94 5.92 43.19
N GLN F 397 -26.27 5.15 42.36
CA GLN F 397 -27.04 4.39 41.40
C GLN F 397 -28.12 3.55 41.95
N LEU F 398 -27.87 2.89 43.06
CA LEU F 398 -28.88 1.95 43.49
C LEU F 398 -29.93 2.69 44.27
N PRO F 399 -29.53 3.42 45.32
CA PRO F 399 -30.62 4.10 45.92
C PRO F 399 -31.58 4.85 45.02
N LEU F 400 -31.14 5.54 44.00
CA LEU F 400 -32.07 6.27 43.20
C LEU F 400 -33.03 5.28 42.60
N VAL F 401 -32.54 4.17 42.09
CA VAL F 401 -33.43 3.22 41.43
C VAL F 401 -34.46 2.66 42.41
N ARG F 402 -34.04 2.31 43.60
CA ARG F 402 -34.96 1.78 44.57
C ARG F 402 -36.03 2.79 44.93
N VAL F 403 -35.63 4.04 45.15
CA VAL F 403 -36.61 5.01 45.55
C VAL F 403 -37.58 5.17 44.40
N LEU F 404 -37.08 5.23 43.18
CA LEU F 404 -37.97 5.47 42.06
C LEU F 404 -38.96 4.34 41.98
N LEU F 405 -38.51 3.12 42.18
CA LEU F 405 -39.41 2.01 42.05
C LEU F 405 -40.51 2.03 43.09
N LYS F 406 -40.22 2.31 44.35
CA LYS F 406 -41.30 2.44 45.31
C LYS F 406 -42.24 3.58 44.95
N GLN F 407 -41.69 4.74 44.57
CA GLN F 407 -42.52 5.92 44.31
C GLN F 407 -43.39 5.76 43.08
N LEU F 408 -42.97 4.96 42.11
CA LEU F 408 -43.81 4.74 40.95
C LEU F 408 -44.92 3.72 41.20
N GLN F 409 -44.76 2.88 42.23
CA GLN F 409 -45.86 1.99 42.61
C GLN F 409 -46.99 2.77 43.27
N ALA F 410 -46.65 3.76 44.08
CA ALA F 410 -47.66 4.51 44.81
C ALA F 410 -48.47 5.44 43.91
N THR F 411 -47.86 5.94 42.82
CA THR F 411 -48.56 6.80 41.88
C THR F 411 -49.12 6.03 40.70
N GLN F 412 -48.97 4.70 40.72
CA GLN F 412 -49.54 3.78 39.73
C GLN F 412 -49.03 4.04 38.31
N GLN F 413 -47.84 4.62 38.19
CA GLN F 413 -47.19 4.75 36.89
C GLN F 413 -46.39 3.51 36.54
N ILE F 414 -46.36 2.53 37.42
CA ILE F 414 -45.63 1.28 37.20
C ILE F 414 -46.47 0.13 37.70
N PRO F 415 -46.37 -1.03 37.05
CA PRO F 415 -47.07 -2.20 37.60
C PRO F 415 -46.38 -2.70 38.84
N GLU F 416 -47.20 -3.18 39.78
CA GLU F 416 -46.68 -3.66 41.07
C GLU F 416 -45.92 -4.95 40.85
N LEU F 417 -44.60 -4.84 40.79
CA LEU F 417 -43.78 -6.01 40.53
C LEU F 417 -43.73 -6.92 41.77
N PRO F 418 -43.87 -8.23 41.58
CA PRO F 418 -44.31 -9.11 42.67
C PRO F 418 -43.20 -9.56 43.63
N LYS F 419 -42.62 -8.59 44.33
CA LYS F 419 -41.85 -8.76 45.57
C LYS F 419 -40.56 -9.56 45.41
N GLU F 420 -40.20 -9.98 44.19
CA GLU F 420 -39.08 -10.90 44.01
C GLU F 420 -38.06 -10.44 42.98
N ALA F 421 -38.25 -9.29 42.35
CA ALA F 421 -37.31 -8.81 41.35
C ALA F 421 -36.40 -7.76 41.96
N VAL F 422 -35.11 -7.88 41.70
CA VAL F 422 -34.08 -7.01 42.23
C VAL F 422 -33.23 -6.50 41.07
N GLU F 423 -32.46 -5.47 41.34
CA GLU F 423 -31.75 -4.82 40.26
C GLU F 423 -30.27 -4.65 40.33
N PRO F 424 -29.60 -5.06 39.27
CA PRO F 424 -28.17 -4.80 39.21
C PRO F 424 -27.96 -3.64 38.29
N THR F 425 -27.16 -2.69 38.70
CA THR F 425 -26.85 -1.59 37.82
C THR F 425 -25.71 -2.00 36.91
N ILE F 426 -26.01 -2.82 35.91
CA ILE F 426 -24.99 -3.31 35.01
C ILE F 426 -24.68 -2.27 33.95
N SER F 427 -23.40 -2.13 33.60
CA SER F 427 -23.00 -1.10 32.65
C SER F 427 -23.05 -1.65 31.22
N GLY F 434 -27.46 -2.89 32.04
CA GLY F 434 -27.36 -2.74 30.61
C GLY F 434 -26.93 -4.04 29.94
N ARG F 435 -27.91 -4.77 29.42
CA ARG F 435 -27.66 -6.04 28.74
C ARG F 435 -27.51 -5.77 27.25
N GLY F 436 -26.36 -6.12 26.69
CA GLY F 436 -25.18 -6.55 27.45
C GLY F 436 -24.92 -8.03 27.41
N GLN F 437 -24.99 -8.67 28.57
CA GLN F 437 -24.73 -10.10 28.66
C GLN F 437 -25.84 -10.90 27.98
N ASP F 438 -27.07 -10.40 27.99
CA ASP F 438 -28.14 -11.09 27.29
C ASP F 438 -27.99 -10.95 25.78
N LEU F 439 -27.35 -9.87 25.32
CA LEU F 439 -27.24 -9.68 23.87
C LEU F 439 -26.04 -10.41 23.30
N ASP F 440 -24.88 -10.25 23.94
CA ASP F 440 -23.64 -10.79 23.39
C ASP F 440 -23.62 -12.31 23.47
N LYS F 441 -24.15 -12.89 24.53
CA LYS F 441 -24.23 -14.34 24.63
C LYS F 441 -25.27 -14.92 23.69
N LEU F 442 -26.27 -14.18 23.26
CA LEU F 442 -27.08 -14.70 22.19
C LEU F 442 -26.29 -14.73 20.95
N GLU F 443 -25.59 -13.67 20.67
CA GLU F 443 -24.92 -13.53 19.39
C GLU F 443 -23.77 -14.43 19.10
N ARG F 444 -22.92 -14.66 20.08
CA ARG F 444 -21.79 -15.54 19.85
C ARG F 444 -22.29 -16.91 19.54
N CYS F 445 -23.23 -17.37 20.33
CA CYS F 445 -23.80 -18.65 20.05
C CYS F 445 -24.52 -18.67 18.74
N VAL F 446 -25.22 -17.61 18.36
CA VAL F 446 -25.89 -17.66 17.05
C VAL F 446 -24.90 -17.80 15.92
N THR F 447 -23.70 -17.24 15.99
CA THR F 447 -22.72 -17.49 14.90
C THR F 447 -22.26 -18.95 14.85
N ALA F 448 -22.21 -19.57 16.02
CA ALA F 448 -21.81 -20.96 16.09
C ALA F 448 -22.79 -21.85 15.36
N TRP F 449 -24.06 -21.51 15.40
CA TRP F 449 -25.05 -22.27 14.65
C TRP F 449 -24.85 -22.20 13.13
N ALA F 450 -24.44 -21.05 12.59
CA ALA F 450 -24.07 -20.96 11.16
C ALA F 450 -22.81 -21.80 10.87
N ALA F 451 -21.91 -21.87 11.82
CA ALA F 451 -20.76 -22.72 11.59
C ALA F 451 -21.27 -24.14 11.39
N LEU F 452 -22.49 -24.41 11.81
CA LEU F 452 -23.08 -25.74 11.68
C LEU F 452 -23.98 -25.84 10.46
N ALA F 453 -24.07 -24.78 9.66
CA ALA F 453 -24.86 -24.81 8.43
C ALA F 453 -24.38 -25.78 7.33
N PRO F 454 -23.07 -25.88 7.09
CA PRO F 454 -22.61 -26.88 6.12
C PRO F 454 -22.93 -28.29 6.54
N MET F 455 -22.83 -28.58 7.83
CA MET F 455 -23.01 -29.93 8.32
C MET F 455 -24.45 -30.23 8.61
N ARG F 456 -25.35 -29.32 8.23
CA ARG F 456 -26.75 -29.48 8.56
C ARG F 456 -27.28 -30.77 7.98
N ASP F 457 -26.86 -31.10 6.79
CA ASP F 457 -27.34 -32.30 6.14
C ASP F 457 -26.51 -33.55 6.46
N ASP F 458 -25.47 -33.42 7.27
CA ASP F 458 -24.59 -34.56 7.55
C ASP F 458 -25.30 -35.72 8.22
N PRO F 459 -25.04 -36.93 7.73
CA PRO F 459 -25.70 -38.13 8.27
C PRO F 459 -25.38 -38.51 9.69
N ASP F 460 -24.14 -38.35 10.13
CA ASP F 460 -23.75 -38.82 11.47
C ASP F 460 -23.73 -37.81 12.59
N ILE F 461 -23.52 -36.54 12.30
CA ILE F 461 -23.37 -35.58 13.39
C ILE F 461 -24.73 -35.29 14.00
N ASN F 462 -24.83 -35.39 15.31
CA ASN F 462 -26.08 -35.10 16.00
C ASN F 462 -26.18 -33.59 16.14
N LEU F 463 -26.70 -32.95 15.10
CA LEU F 463 -26.90 -31.50 15.12
C LEU F 463 -27.97 -31.08 16.12
N ALA F 464 -28.85 -32.01 16.52
CA ALA F 464 -29.79 -31.74 17.59
C ALA F 464 -29.10 -31.61 18.94
N MET F 465 -27.88 -32.11 19.08
CA MET F 465 -27.17 -32.09 20.35
C MET F 465 -26.10 -31.02 20.39
N ILE F 466 -25.44 -30.76 19.25
CA ILE F 466 -24.39 -29.76 19.18
C ILE F 466 -24.95 -28.37 19.43
N LYS F 467 -26.15 -28.10 18.92
CA LYS F 467 -26.83 -26.85 19.19
C LYS F 467 -27.22 -26.72 20.66
N LEU F 468 -27.29 -27.82 21.38
CA LEU F 468 -27.55 -27.70 22.80
C LEU F 468 -26.24 -27.44 23.49
N ARG F 469 -25.17 -28.13 23.11
CA ARG F 469 -23.89 -27.96 23.79
C ARG F 469 -23.27 -26.59 23.67
N ILE F 470 -23.37 -26.00 22.48
CA ILE F 470 -22.82 -24.67 22.28
C ILE F 470 -23.59 -23.72 23.16
N ALA F 471 -24.90 -23.94 23.29
CA ALA F 471 -25.71 -23.12 24.16
C ALA F 471 -25.29 -23.28 25.57
N ASN F 472 -25.07 -24.49 26.01
CA ASN F 472 -24.76 -24.71 27.40
C ASN F 472 -23.51 -23.91 27.61
N ALA F 473 -22.56 -24.00 26.66
CA ALA F 473 -21.25 -23.37 26.82
C ALA F 473 -21.23 -21.87 26.84
N ILE F 474 -21.96 -21.22 25.95
CA ILE F 474 -22.03 -19.78 25.99
C ILE F 474 -22.64 -19.46 27.33
N GLY F 475 -23.59 -20.28 27.76
CA GLY F 475 -24.28 -20.01 29.00
C GLY F 475 -25.67 -19.49 28.88
N ILE F 476 -26.26 -19.58 27.70
CA ILE F 476 -27.64 -19.16 27.54
C ILE F 476 -28.59 -20.11 28.27
N ASP F 477 -29.80 -19.67 28.56
CA ASP F 477 -30.73 -20.47 29.36
C ASP F 477 -31.34 -21.72 28.77
N THR F 478 -31.19 -21.95 27.48
CA THR F 478 -31.85 -23.09 26.84
C THR F 478 -33.33 -23.00 27.12
N SER F 479 -33.97 -24.08 27.51
CA SER F 479 -35.41 -24.09 27.87
C SER F 479 -36.44 -23.96 26.76
N GLY F 480 -36.43 -22.86 26.03
CA GLY F 480 -37.36 -22.71 24.93
C GLY F 480 -36.57 -22.65 23.66
N ILE F 481 -35.25 -22.73 23.79
CA ILE F 481 -34.41 -22.64 22.64
C ILE F 481 -34.62 -23.79 21.68
N LEU F 482 -34.83 -25.00 22.17
CA LEU F 482 -34.96 -26.09 21.22
C LEU F 482 -36.40 -26.47 20.95
N LEU F 483 -36.80 -26.58 19.67
CA LEU F 483 -38.14 -27.01 19.39
C LEU F 483 -38.36 -28.36 20.06
N THR F 484 -39.50 -28.50 20.72
CA THR F 484 -39.83 -29.77 21.33
C THR F 484 -40.59 -30.57 20.31
N GLU F 485 -40.90 -31.81 20.62
CA GLU F 485 -41.54 -32.62 19.60
C GLU F 485 -42.88 -32.07 19.16
N GLU F 486 -43.70 -31.58 20.05
CA GLU F 486 -44.99 -31.10 19.59
C GLU F 486 -44.83 -29.96 18.63
N GLN F 487 -43.93 -29.06 18.95
CA GLN F 487 -43.66 -27.94 18.07
C GLN F 487 -43.09 -28.38 16.72
N LYS F 488 -42.23 -29.39 16.71
CA LYS F 488 -41.74 -29.93 15.45
C LYS F 488 -42.86 -30.52 14.61
N GLN F 489 -43.78 -31.23 15.25
CA GLN F 489 -44.88 -31.78 14.52
C GLN F 489 -45.67 -30.65 13.93
N GLN F 490 -45.83 -29.59 14.71
CA GLN F 490 -46.61 -28.48 14.23
C GLN F 490 -45.97 -27.87 13.02
N LYS F 491 -44.65 -27.74 13.03
CA LYS F 491 -43.96 -27.18 11.90
C LYS F 491 -44.19 -28.02 10.66
N MET F 492 -44.06 -29.32 10.84
CA MET F 492 -44.20 -30.15 9.66
C MET F 492 -45.60 -29.95 9.13
N ALA F 493 -46.57 -29.91 10.02
CA ALA F 493 -47.93 -29.78 9.59
C ALA F 493 -48.22 -28.50 8.85
N GLN F 494 -47.70 -27.38 9.34
CA GLN F 494 -47.90 -26.15 8.64
C GLN F 494 -47.25 -26.18 7.28
N GLN F 495 -46.04 -26.72 7.14
CA GLN F 495 -45.52 -26.74 5.77
C GLN F 495 -46.45 -27.51 4.80
N SER F 496 -47.24 -28.46 5.29
CA SER F 496 -48.22 -29.19 4.50
C SER F 496 -49.52 -28.42 4.37
N MET F 497 -49.98 -27.78 5.43
CA MET F 497 -51.20 -26.99 5.36
C MET F 497 -50.98 -25.75 4.50
N GLN F 498 -49.76 -25.26 4.41
CA GLN F 498 -49.43 -24.23 3.43
C GLN F 498 -49.57 -24.76 2.02
N MET F 499 -48.94 -25.90 1.73
CA MET F 499 -49.05 -26.48 0.40
C MET F 499 -50.44 -27.05 0.16
N GLY F 500 -51.17 -27.39 1.22
CA GLY F 500 -52.56 -27.76 1.06
C GLY F 500 -53.43 -26.58 0.70
N MET F 501 -53.25 -25.45 1.39
CA MET F 501 -54.00 -24.26 1.03
C MET F 501 -53.55 -23.68 -0.30
N ASP F 502 -52.27 -23.83 -0.65
CA ASP F 502 -51.78 -23.24 -1.90
C ASP F 502 -52.25 -24.04 -3.10
N ASN F 503 -52.03 -25.34 -3.09
CA ASN F 503 -52.46 -26.17 -4.21
C ASN F 503 -53.97 -26.29 -4.26
N GLY F 504 -54.65 -26.25 -3.11
CA GLY F 504 -56.09 -26.30 -3.07
C GLY F 504 -56.75 -25.08 -3.67
N ALA F 505 -56.27 -23.89 -3.29
CA ALA F 505 -56.84 -22.66 -3.83
C ALA F 505 -56.48 -22.46 -5.30
N ALA F 506 -55.37 -23.06 -5.75
CA ALA F 506 -55.06 -23.04 -7.17
C ALA F 506 -55.82 -24.11 -7.94
N ALA F 507 -56.37 -25.10 -7.25
CA ALA F 507 -57.08 -26.17 -7.93
C ALA F 507 -58.48 -25.74 -8.33
N LEU F 508 -59.29 -25.32 -7.36
CA LEU F 508 -60.69 -24.99 -7.65
C LEU F 508 -60.82 -23.71 -8.44
N ALA F 509 -59.86 -22.79 -8.30
CA ALA F 509 -59.90 -21.58 -9.11
C ALA F 509 -59.59 -21.88 -10.56
N GLN F 510 -58.72 -22.85 -10.82
CA GLN F 510 -58.62 -23.40 -12.16
C GLN F 510 -59.77 -24.35 -12.44
N GLY F 511 -60.32 -24.96 -11.39
CA GLY F 511 -61.41 -25.92 -11.54
C GLY F 511 -62.74 -25.28 -11.83
N MET F 512 -63.10 -24.22 -11.10
CA MET F 512 -64.39 -23.57 -11.32
C MET F 512 -64.38 -22.78 -12.61
N ALA F 513 -63.38 -21.91 -12.79
CA ALA F 513 -63.37 -20.95 -13.90
C ALA F 513 -63.16 -21.61 -15.26
N ALA F 514 -62.68 -22.85 -15.31
CA ALA F 514 -62.63 -23.54 -16.60
C ALA F 514 -64.01 -23.98 -17.05
N GLN F 515 -64.79 -24.56 -16.14
CA GLN F 515 -66.13 -25.02 -16.46
C GLN F 515 -67.19 -23.97 -16.26
N ALA F 516 -66.87 -22.80 -15.73
CA ALA F 516 -67.87 -21.75 -15.66
C ALA F 516 -67.88 -21.10 -17.02
N THR F 517 -66.74 -20.58 -17.43
CA THR F 517 -66.65 -19.95 -18.74
C THR F 517 -66.75 -20.93 -19.92
N ALA F 518 -66.81 -22.24 -19.65
CA ALA F 518 -67.00 -23.20 -20.75
C ALA F 518 -68.41 -23.07 -21.29
N SER F 519 -68.55 -22.94 -22.61
CA SER F 519 -69.86 -22.78 -23.28
C SER F 519 -70.31 -21.34 -23.26
N PRO F 520 -70.85 -20.83 -24.37
CA PRO F 520 -71.19 -19.40 -24.39
C PRO F 520 -72.29 -18.97 -23.44
N GLU F 521 -73.38 -19.74 -23.35
CA GLU F 521 -74.46 -19.41 -22.43
C GLU F 521 -74.10 -19.55 -20.97
N ALA F 522 -73.38 -20.60 -20.61
CA ALA F 522 -73.02 -20.84 -19.22
C ALA F 522 -72.20 -19.65 -18.81
N MET F 523 -71.54 -19.07 -19.78
CA MET F 523 -70.71 -17.89 -19.55
C MET F 523 -71.57 -16.68 -19.21
N ALA F 524 -72.72 -16.54 -19.89
CA ALA F 524 -73.63 -15.45 -19.56
C ALA F 524 -74.29 -15.67 -18.21
N ALA F 525 -74.49 -16.95 -17.84
CA ALA F 525 -75.07 -17.25 -16.53
C ALA F 525 -74.06 -17.01 -15.41
N ALA F 526 -72.76 -17.19 -15.70
CA ALA F 526 -71.75 -17.00 -14.68
C ALA F 526 -71.53 -15.53 -14.38
N ALA F 527 -71.72 -14.67 -15.39
CA ALA F 527 -71.50 -13.25 -15.18
C ALA F 527 -72.65 -12.62 -14.40
N ASP F 528 -73.81 -13.26 -14.41
CA ASP F 528 -74.96 -12.71 -13.71
C ASP F 528 -74.86 -12.96 -12.20
N SER F 529 -74.08 -13.97 -11.82
CA SER F 529 -73.93 -14.29 -10.40
C SER F 529 -73.09 -13.24 -9.68
N VAL F 530 -72.16 -12.62 -10.41
CA VAL F 530 -71.37 -11.52 -9.86
C VAL F 530 -72.25 -10.27 -9.88
N GLY F 531 -72.95 -10.10 -11.00
CA GLY F 531 -73.78 -8.91 -11.19
C GLY F 531 -73.61 -8.27 -12.57
N LEU F 532 -72.68 -8.77 -13.39
CA LEU F 532 -72.39 -8.17 -14.71
C LEU F 532 -73.32 -8.49 -15.88
N GLN F 533 -73.32 -7.63 -16.91
CA GLN F 533 -74.15 -7.84 -18.11
C GLN F 533 -73.60 -8.84 -19.14
N PRO F 534 -74.47 -9.42 -19.97
CA PRO F 534 -74.03 -10.40 -20.98
C PRO F 534 -73.06 -9.92 -22.06
N GLY F 535 -73.26 -8.75 -22.65
CA GLY F 535 -72.31 -8.23 -23.62
C GLY F 535 -71.06 -7.79 -22.90
N ILE F 536 -69.90 -7.92 -23.54
CA ILE F 536 -68.65 -7.48 -22.92
C ILE F 536 -68.27 -6.07 -23.34
N THR G 6 -55.81 48.58 41.79
CA THR G 6 -55.69 47.87 43.06
C THR G 6 -54.25 47.91 43.55
N GLY G 7 -54.06 47.75 44.86
CA GLY G 7 -52.72 47.79 45.40
C GLY G 7 -51.89 46.64 44.86
N LEU G 8 -52.48 45.46 44.74
CA LEU G 8 -51.80 44.30 44.16
C LEU G 8 -50.72 43.72 45.06
N ALA G 9 -50.71 44.07 46.34
CA ALA G 9 -49.72 43.55 47.30
C ALA G 9 -48.26 43.84 46.93
N GLU G 10 -48.00 44.99 46.31
CA GLU G 10 -46.63 45.39 45.87
C GLU G 10 -46.53 46.92 45.87
N ASP G 11 -45.32 47.46 45.97
CA ASP G 11 -45.13 48.89 45.93
C ASP G 11 -45.52 49.50 44.58
N GLY G 12 -45.13 48.84 43.50
CA GLY G 12 -45.03 49.45 42.19
C GLY G 12 -43.85 48.88 41.40
N ALA G 13 -44.05 48.57 40.14
CA ALA G 13 -42.99 47.98 39.31
C ALA G 13 -41.78 48.84 39.10
N LYS G 14 -41.96 50.14 38.98
CA LYS G 14 -40.82 51.02 38.86
C LYS G 14 -39.92 50.84 40.05
N SER G 15 -40.49 50.90 41.24
CA SER G 15 -39.71 50.79 42.44
C SER G 15 -39.04 49.44 42.60
N VAL G 16 -39.75 48.37 42.29
CA VAL G 16 -39.18 47.06 42.40
C VAL G 16 -37.98 47.02 41.50
N TYR G 17 -38.09 47.63 40.35
CA TYR G 17 -36.96 47.70 39.45
C TYR G 17 -35.83 48.53 40.04
N GLU G 18 -36.16 49.58 40.79
CA GLU G 18 -35.11 50.46 41.28
C GLU G 18 -34.46 49.95 42.55
N ARG G 19 -35.19 49.24 43.40
CA ARG G 19 -34.56 48.64 44.58
C ARG G 19 -33.58 47.56 44.18
N LEU G 20 -33.92 46.79 43.16
CA LEU G 20 -33.13 45.64 42.77
C LEU G 20 -32.21 45.92 41.60
N LYS G 21 -32.20 47.15 41.09
CA LYS G 21 -31.17 47.53 40.12
C LYS G 21 -29.81 47.59 40.80
N ASN G 22 -29.78 47.82 42.11
CA ASN G 22 -28.56 47.77 42.90
C ASN G 22 -28.11 46.35 43.21
N ASP G 23 -28.70 45.35 42.57
CA ASP G 23 -28.22 43.97 42.66
C ASP G 23 -27.68 43.48 41.33
N ARG G 24 -28.04 44.12 40.22
CA ARG G 24 -27.42 43.77 38.94
C ARG G 24 -25.99 44.27 38.88
N ALA G 25 -25.73 45.43 39.47
CA ALA G 25 -24.46 46.14 39.46
C ALA G 25 -23.24 45.32 39.88
N PRO G 26 -23.35 44.28 40.72
CA PRO G 26 -22.26 43.30 40.76
C PRO G 26 -22.10 42.53 39.45
N TYR G 27 -23.16 41.92 38.95
CA TYR G 27 -23.07 41.11 37.74
C TYR G 27 -22.85 41.96 36.50
N GLU G 28 -23.43 43.14 36.47
CA GLU G 28 -23.31 44.01 35.31
C GLU G 28 -21.89 44.52 35.13
N THR G 29 -21.24 44.93 36.22
CA THR G 29 -19.86 45.38 36.11
C THR G 29 -18.88 44.22 35.98
N ARG G 30 -19.31 42.99 36.24
CA ARG G 30 -18.51 41.84 35.82
C ARG G 30 -18.55 41.68 34.32
N ALA G 31 -19.75 41.72 33.74
CA ALA G 31 -19.91 41.48 32.32
C ALA G 31 -19.31 42.57 31.47
N GLN G 32 -19.33 43.82 31.96
CA GLN G 32 -18.65 44.90 31.25
C GLN G 32 -17.15 44.68 31.25
N ASN G 33 -16.61 44.13 32.33
CA ASN G 33 -15.21 43.70 32.31
C ASN G 33 -15.05 42.44 31.47
N CYS G 34 -16.02 41.53 31.56
CA CYS G 34 -15.84 40.22 30.93
C CYS G 34 -16.04 40.28 29.42
N ALA G 35 -16.79 41.25 28.92
CA ALA G 35 -16.88 41.44 27.47
C ALA G 35 -15.76 42.29 26.94
N GLN G 36 -15.07 43.02 27.81
CA GLN G 36 -13.98 43.89 27.37
C GLN G 36 -12.80 43.07 26.84
N TYR G 37 -12.62 41.87 27.35
CA TYR G 37 -11.48 41.05 26.97
C TYR G 37 -11.78 40.14 25.80
N THR G 38 -13.04 39.78 25.57
CA THR G 38 -13.37 38.85 24.50
C THR G 38 -13.82 39.58 23.24
N ILE G 39 -14.94 40.28 23.34
CA ILE G 39 -15.49 41.05 22.21
C ILE G 39 -16.32 42.19 22.77
N PRO G 40 -15.85 43.44 22.65
CA PRO G 40 -16.51 44.54 23.36
C PRO G 40 -17.84 44.94 22.78
N SER G 41 -18.17 44.50 21.57
CA SER G 41 -19.46 44.86 20.98
C SER G 41 -20.60 44.02 21.52
N LEU G 42 -20.32 43.02 22.34
CA LEU G 42 -21.34 42.06 22.71
C LEU G 42 -22.15 42.53 23.91
N PHE G 43 -21.48 43.04 24.96
CA PHE G 43 -22.18 43.54 26.16
C PHE G 43 -21.73 44.95 26.43
N PRO G 44 -22.43 45.92 25.86
CA PRO G 44 -22.03 47.32 25.99
C PRO G 44 -22.24 47.88 27.37
N LYS G 45 -21.40 48.82 27.78
CA LYS G 45 -21.58 49.46 29.07
C LYS G 45 -22.81 50.31 28.88
N ASP G 46 -23.51 50.66 29.95
CA ASP G 46 -24.77 51.36 29.76
C ASP G 46 -24.65 52.69 29.04
N SER G 47 -23.61 53.46 29.35
CA SER G 47 -23.39 54.71 28.65
C SER G 47 -23.14 54.51 27.17
N ASP G 48 -22.36 53.51 26.81
CA ASP G 48 -22.00 53.30 25.41
C ASP G 48 -23.09 53.55 24.42
N ASN G 49 -22.94 54.60 23.63
CA ASN G 49 -23.96 54.98 22.68
C ASN G 49 -23.46 54.79 21.27
N ALA G 50 -24.05 55.48 20.33
CA ALA G 50 -23.65 55.37 18.95
C ALA G 50 -22.21 55.79 18.78
N SER G 51 -21.77 56.79 19.52
CA SER G 51 -20.39 57.25 19.45
C SER G 51 -19.29 56.31 19.93
N THR G 52 -19.54 55.53 20.98
CA THR G 52 -18.49 54.67 21.55
C THR G 52 -17.81 53.74 20.58
N ASP G 53 -16.50 53.81 20.53
CA ASP G 53 -15.79 52.91 19.68
C ASP G 53 -15.22 51.80 20.51
N TYR G 54 -15.46 50.57 20.11
CA TYR G 54 -15.01 49.46 20.90
C TYR G 54 -13.65 48.99 20.46
N GLN G 55 -12.62 49.38 21.20
CA GLN G 55 -11.26 48.98 20.88
C GLN G 55 -11.12 47.48 20.99
N THR G 56 -10.53 46.88 19.97
CA THR G 56 -10.31 45.46 19.98
C THR G 56 -9.27 45.11 21.03
N PRO G 57 -9.44 43.99 21.73
CA PRO G 57 -8.41 43.58 22.68
C PRO G 57 -7.13 43.19 21.96
N TRP G 58 -6.02 43.32 22.66
CA TRP G 58 -4.71 43.02 22.08
C TRP G 58 -4.59 41.55 21.74
N GLN G 59 -5.21 40.68 22.52
CA GLN G 59 -5.35 39.27 22.19
C GLN G 59 -6.65 39.03 21.46
N ALA G 60 -6.65 38.04 20.57
CA ALA G 60 -7.84 37.66 19.85
C ALA G 60 -8.17 36.18 20.08
N VAL G 61 -8.02 35.72 21.32
CA VAL G 61 -8.48 34.39 21.67
C VAL G 61 -9.90 34.44 22.22
N GLY G 62 -10.21 35.48 23.01
CA GLY G 62 -11.56 35.62 23.52
C GLY G 62 -12.57 35.89 22.42
N ALA G 63 -12.19 36.66 21.41
CA ALA G 63 -13.06 36.83 20.25
C ALA G 63 -13.16 35.53 19.45
N ARG G 64 -12.08 34.75 19.42
CA ARG G 64 -12.11 33.45 18.77
C ARG G 64 -12.90 32.43 19.59
N GLY G 65 -12.54 32.28 20.85
CA GLY G 65 -13.11 31.23 21.68
C GLY G 65 -14.51 31.47 22.20
N LEU G 66 -15.19 32.52 21.74
CA LEU G 66 -16.58 32.75 22.08
C LEU G 66 -17.51 32.34 20.96
N ASN G 67 -17.25 32.81 19.74
CA ASN G 67 -17.99 32.37 18.58
C ASN G 67 -17.80 30.89 18.33
N ASN G 68 -16.61 30.37 18.62
CA ASN G 68 -16.34 28.96 18.52
C ASN G 68 -16.90 28.17 19.68
N LEU G 69 -17.48 28.84 20.69
CA LEU G 69 -18.16 28.15 21.76
C LEU G 69 -19.65 28.41 21.77
N ALA G 70 -20.09 29.59 21.31
CA ALA G 70 -21.53 29.83 21.18
C ALA G 70 -22.12 29.03 20.04
N SER G 71 -21.29 28.72 19.05
CA SER G 71 -21.76 27.95 17.91
C SER G 71 -21.80 26.49 18.20
N LYS G 72 -20.78 25.98 18.87
CA LYS G 72 -20.78 24.59 19.25
C LYS G 72 -21.90 24.30 20.22
N LEU G 73 -22.10 25.20 21.17
CA LEU G 73 -23.18 25.01 22.10
C LEU G 73 -24.45 25.01 21.30
N MET G 74 -24.63 25.89 20.32
CA MET G 74 -25.87 25.90 19.59
C MET G 74 -26.08 24.59 18.86
N LEU G 75 -25.06 24.08 18.20
CA LEU G 75 -25.28 22.86 17.44
C LEU G 75 -25.69 21.80 18.40
N ALA G 76 -25.04 21.72 19.54
CA ALA G 76 -25.36 20.66 20.47
C ALA G 76 -26.71 20.77 21.09
N LEU G 77 -27.12 21.97 21.43
CA LEU G 77 -28.36 22.14 22.17
C LEU G 77 -29.55 22.21 21.26
N PHE G 78 -29.43 22.98 20.19
CA PHE G 78 -30.54 23.12 19.28
C PHE G 78 -30.15 22.57 17.94
N PRO G 79 -30.03 21.24 17.85
CA PRO G 79 -29.60 20.64 16.61
C PRO G 79 -30.69 20.86 15.64
N MET G 80 -30.37 20.88 14.35
CA MET G 80 -31.44 21.00 13.38
C MET G 80 -32.35 19.80 13.51
N GLN G 81 -31.75 18.63 13.69
CA GLN G 81 -32.52 17.42 13.87
C GLN G 81 -33.30 17.52 15.16
N THR G 82 -34.50 16.99 15.19
CA THR G 82 -35.35 17.13 16.37
C THR G 82 -34.66 16.98 17.71
N TRP G 83 -34.79 17.96 18.56
CA TRP G 83 -34.20 17.85 19.86
C TRP G 83 -35.11 17.82 21.06
N MET G 84 -36.42 17.72 20.87
CA MET G 84 -37.30 17.27 21.93
C MET G 84 -38.12 16.14 21.39
N ARG G 85 -38.48 15.19 22.24
CA ARG G 85 -39.47 14.22 21.85
C ARG G 85 -40.47 14.04 22.96
N LEU G 86 -41.70 13.64 22.63
CA LEU G 86 -42.74 13.53 23.64
C LEU G 86 -42.87 12.07 24.06
N THR G 87 -42.47 11.78 25.29
CA THR G 87 -42.69 10.46 25.85
C THR G 87 -44.07 10.39 26.49
N ILE G 88 -44.87 9.46 26.03
CA ILE G 88 -46.07 9.10 26.77
C ILE G 88 -45.67 8.09 27.84
N SER G 89 -46.32 8.19 29.00
CA SER G 89 -46.11 7.21 30.06
C SER G 89 -46.62 5.86 29.60
N GLU G 90 -45.72 4.90 29.43
CA GLU G 90 -46.02 3.72 28.63
C GLU G 90 -46.99 2.78 29.33
N TYR G 91 -46.87 2.62 30.65
CA TYR G 91 -47.77 1.72 31.36
C TYR G 91 -49.16 2.31 31.47
N GLU G 92 -49.27 3.62 31.66
CA GLU G 92 -50.59 4.26 31.62
C GLU G 92 -51.12 4.36 30.21
N ALA G 93 -50.28 4.22 29.19
CA ALA G 93 -50.78 4.11 27.83
C ALA G 93 -51.29 2.72 27.52
N LYS G 94 -50.75 1.69 28.19
CA LYS G 94 -51.26 0.34 27.99
C LYS G 94 -52.64 0.17 28.64
N GLN G 95 -52.90 0.88 29.73
CA GLN G 95 -54.15 0.69 30.46
C GLN G 95 -55.32 1.31 29.71
N LEU G 96 -55.12 2.50 29.17
CA LEU G 96 -56.21 3.27 28.57
C LEU G 96 -56.46 2.93 27.11
N LEU G 97 -55.93 1.82 26.60
CA LEU G 97 -55.90 1.60 25.17
C LEU G 97 -55.88 0.10 24.87
N SER G 98 -56.45 -0.26 23.72
CA SER G 98 -56.44 -1.63 23.25
C SER G 98 -55.19 -1.88 22.41
N ASP G 99 -54.32 -2.74 22.92
CA ASP G 99 -53.03 -3.01 22.32
C ASP G 99 -53.18 -3.70 20.96
N PRO G 100 -52.15 -3.65 20.09
CA PRO G 100 -50.91 -2.87 20.08
C PRO G 100 -50.87 -1.74 19.05
N ASP G 101 -51.85 -1.73 18.14
CA ASP G 101 -51.83 -0.78 17.03
C ASP G 101 -52.10 0.64 17.52
N GLY G 102 -52.91 0.78 18.56
CA GLY G 102 -53.21 2.10 19.08
C GLY G 102 -52.03 2.75 19.77
N LEU G 103 -51.07 1.97 20.26
CA LEU G 103 -49.94 2.52 20.98
C LEU G 103 -49.03 3.33 20.07
N ALA G 104 -48.63 2.75 18.94
CA ALA G 104 -47.84 3.51 17.98
C ALA G 104 -48.67 4.57 17.27
N LYS G 105 -49.99 4.40 17.22
CA LYS G 105 -50.86 5.45 16.70
C LYS G 105 -50.82 6.68 17.60
N VAL G 106 -50.67 6.48 18.91
CA VAL G 106 -50.45 7.60 19.82
C VAL G 106 -49.09 8.22 19.56
N ASP G 107 -48.06 7.40 19.36
CA ASP G 107 -46.73 7.94 19.08
C ASP G 107 -46.62 8.56 17.71
N GLU G 108 -47.59 8.34 16.82
CA GLU G 108 -47.63 9.15 15.61
C GLU G 108 -48.16 10.55 15.90
N GLY G 109 -49.13 10.65 16.81
CA GLY G 109 -49.55 11.95 17.28
C GLY G 109 -48.47 12.67 18.06
N LEU G 110 -47.60 11.92 18.73
CA LEU G 110 -46.44 12.53 19.37
C LEU G 110 -45.34 12.83 18.37
N SER G 111 -45.25 12.08 17.28
CA SER G 111 -44.39 12.47 16.17
C SER G 111 -45.03 13.55 15.31
N MET G 112 -46.34 13.72 15.42
CA MET G 112 -47.01 14.84 14.78
C MET G 112 -46.57 16.16 15.42
N VAL G 113 -46.67 16.23 16.76
CA VAL G 113 -46.45 17.48 17.48
C VAL G 113 -45.00 17.90 17.42
N GLU G 114 -44.07 16.96 17.56
CA GLU G 114 -42.66 17.28 17.60
C GLU G 114 -42.12 17.77 16.26
N ARG G 115 -42.86 17.57 15.18
CA ARG G 115 -42.50 18.17 13.89
C ARG G 115 -43.11 19.54 13.72
N ILE G 116 -44.28 19.78 14.31
CA ILE G 116 -44.95 21.06 14.18
C ILE G 116 -44.22 22.12 14.98
N ILE G 117 -43.68 21.75 16.15
CA ILE G 117 -42.90 22.68 16.94
C ILE G 117 -41.59 23.01 16.24
N MET G 118 -40.96 22.02 15.62
CA MET G 118 -39.76 22.28 14.82
C MET G 118 -40.09 23.07 13.56
N ASN G 119 -41.33 22.96 13.06
CA ASN G 119 -41.79 23.85 12.01
C ASN G 119 -42.31 25.17 12.56
N TYR G 120 -42.43 25.30 13.87
CA TYR G 120 -42.79 26.57 14.47
C TYR G 120 -41.56 27.35 14.91
N ILE G 121 -40.56 26.63 15.43
CA ILE G 121 -39.32 27.26 15.87
C ILE G 121 -38.54 27.80 14.68
N GLU G 122 -38.44 27.02 13.61
CA GLU G 122 -37.64 27.43 12.47
C GLU G 122 -38.33 28.52 11.66
N SER G 123 -39.66 28.56 11.67
CA SER G 123 -40.41 29.51 10.87
C SER G 123 -40.75 30.77 11.64
N ASN G 124 -40.19 30.96 12.83
CA ASN G 124 -40.35 32.20 13.57
C ASN G 124 -39.01 32.77 14.01
N SER G 125 -37.92 32.31 13.42
CA SER G 125 -36.55 32.76 13.69
C SER G 125 -36.20 32.62 15.18
N TYR G 126 -36.59 31.49 15.77
CA TYR G 126 -36.13 31.22 17.13
C TYR G 126 -34.68 30.80 17.14
N ARG G 127 -34.17 30.31 16.01
CA ARG G 127 -32.76 29.96 15.92
C ARG G 127 -31.88 31.19 16.01
N VAL G 128 -32.40 32.34 15.60
CA VAL G 128 -31.63 33.57 15.63
C VAL G 128 -31.49 34.07 17.07
N THR G 129 -32.62 34.30 17.73
CA THR G 129 -32.61 34.92 19.05
C THR G 129 -32.14 33.97 20.14
N LEU G 130 -32.08 32.66 19.88
CA LEU G 130 -31.38 31.79 20.81
C LEU G 130 -29.88 31.84 20.62
N PHE G 131 -29.42 32.08 19.40
CA PHE G 131 -27.98 32.26 19.23
C PHE G 131 -27.54 33.61 19.77
N GLU G 132 -28.39 34.63 19.70
CA GLU G 132 -28.10 35.85 20.44
C GLU G 132 -28.22 35.64 21.94
N ALA G 133 -29.04 34.68 22.36
CA ALA G 133 -29.09 34.35 23.78
C ALA G 133 -27.83 33.63 24.23
N LEU G 134 -27.34 32.69 23.42
CA LEU G 134 -26.18 31.91 23.82
C LEU G 134 -24.91 32.75 23.85
N LYS G 135 -24.85 33.82 23.06
CA LYS G 135 -23.70 34.72 23.18
C LYS G 135 -23.79 35.55 24.45
N GLN G 136 -24.99 35.88 24.90
CA GLN G 136 -25.12 36.54 26.19
C GLN G 136 -24.85 35.58 27.34
N LEU G 137 -25.23 34.32 27.18
CA LEU G 137 -25.01 33.35 28.25
C LEU G 137 -23.54 33.03 28.45
N VAL G 138 -22.70 33.26 27.47
CA VAL G 138 -21.28 33.05 27.71
C VAL G 138 -20.66 34.27 28.38
N VAL G 139 -20.65 35.44 27.74
CA VAL G 139 -20.12 36.65 28.36
C VAL G 139 -20.84 37.18 29.58
N ALA G 140 -22.16 37.31 29.54
CA ALA G 140 -22.84 37.95 30.65
C ALA G 140 -23.38 37.01 31.66
N GLY G 141 -23.86 35.88 31.21
CA GLY G 141 -24.38 34.87 32.09
C GLY G 141 -25.84 34.86 32.36
N ASN G 142 -26.55 35.90 31.97
CA ASN G 142 -27.98 35.91 32.13
C ASN G 142 -28.69 36.50 30.92
N VAL G 143 -29.86 35.96 30.57
CA VAL G 143 -30.68 36.52 29.49
C VAL G 143 -32.11 36.18 29.85
N LEU G 144 -33.11 36.99 29.48
CA LEU G 144 -34.50 36.64 29.72
C LEU G 144 -35.08 36.56 28.36
N LEU G 145 -35.85 35.54 28.08
CA LEU G 145 -36.34 35.35 26.76
C LEU G 145 -37.84 35.33 26.83
N TYR G 146 -38.50 36.29 26.21
CA TYR G 146 -39.94 36.39 26.30
C TYR G 146 -40.57 35.84 25.09
N LEU G 147 -41.46 34.86 25.25
CA LEU G 147 -42.06 34.21 24.10
C LEU G 147 -43.41 34.81 23.92
N PRO G 148 -43.54 35.77 23.00
CA PRO G 148 -44.80 36.50 22.91
C PRO G 148 -45.93 35.59 22.55
N GLU G 149 -47.10 35.85 23.11
CA GLU G 149 -48.25 35.00 22.88
C GLU G 149 -48.56 35.00 21.40
N PRO G 150 -48.82 33.83 20.84
CA PRO G 150 -49.03 33.86 19.40
C PRO G 150 -50.34 34.56 19.13
N GLU G 151 -50.38 35.44 18.14
CA GLU G 151 -51.62 36.09 17.78
C GLU G 151 -51.79 35.85 16.30
N GLY G 152 -52.52 34.81 15.89
CA GLY G 152 -52.54 34.53 14.47
C GLY G 152 -51.31 33.73 14.04
N SER G 153 -51.39 33.27 12.79
CA SER G 153 -50.29 32.52 12.17
C SER G 153 -49.31 33.42 11.44
N ASN G 154 -49.21 34.69 11.83
CA ASN G 154 -48.25 35.61 11.23
C ASN G 154 -46.88 35.42 11.85
N TYR G 155 -45.97 36.33 11.51
CA TYR G 155 -44.59 36.25 11.98
C TYR G 155 -44.54 36.67 13.44
N ASN G 156 -43.93 35.88 14.33
CA ASN G 156 -43.96 36.22 15.76
C ASN G 156 -42.68 35.87 16.49
N PRO G 157 -41.65 36.71 16.35
CA PRO G 157 -40.35 36.40 16.94
C PRO G 157 -40.29 36.60 18.42
N MET G 158 -39.42 35.87 19.14
CA MET G 158 -39.30 36.14 20.56
C MET G 158 -38.35 37.28 20.87
N LYS G 159 -38.26 37.65 22.14
CA LYS G 159 -37.43 38.80 22.50
C LYS G 159 -36.46 38.47 23.61
N LEU G 160 -35.25 39.03 23.56
CA LEU G 160 -34.25 38.79 24.59
C LEU G 160 -33.90 40.07 25.35
N TYR G 161 -33.79 39.97 26.67
CA TYR G 161 -33.42 41.11 27.48
C TYR G 161 -32.10 40.74 28.10
N ARG G 162 -31.10 41.56 27.84
CA ARG G 162 -29.76 41.26 28.29
C ARG G 162 -29.26 41.78 29.61
N LEU G 163 -29.97 41.59 30.71
CA LEU G 163 -29.43 41.99 32.01
C LEU G 163 -29.03 43.43 31.94
N SER G 164 -29.85 44.24 31.32
CA SER G 164 -29.60 45.65 31.31
C SER G 164 -30.97 46.14 31.02
N SER G 165 -31.86 45.20 30.76
CA SER G 165 -33.24 45.57 30.53
C SER G 165 -34.21 44.78 31.40
N TYR G 166 -33.74 43.85 32.21
CA TYR G 166 -34.64 43.16 33.11
C TYR G 166 -34.05 43.13 34.51
N VAL G 167 -34.89 42.73 35.46
CA VAL G 167 -34.52 42.43 36.84
C VAL G 167 -35.36 41.24 37.29
N VAL G 168 -34.74 40.18 37.81
CA VAL G 168 -35.48 39.16 38.52
C VAL G 168 -34.99 39.11 39.97
N GLN G 169 -35.82 38.52 40.81
CA GLN G 169 -35.45 38.25 42.19
C GLN G 169 -35.93 36.85 42.52
N ARG G 170 -35.00 35.99 42.89
CA ARG G 170 -35.36 34.65 43.28
C ARG G 170 -34.82 34.36 44.67
N ASP G 171 -35.14 33.18 45.14
CA ASP G 171 -34.93 32.78 46.52
C ASP G 171 -33.54 32.18 46.66
N ALA G 172 -33.15 31.79 47.88
CA ALA G 172 -32.07 30.83 48.02
C ALA G 172 -32.49 29.48 47.47
N PHE G 173 -33.76 29.15 47.64
CA PHE G 173 -34.38 28.07 46.89
C PHE G 173 -34.45 28.47 45.40
N GLY G 174 -34.62 27.48 44.54
CA GLY G 174 -34.43 27.71 43.11
C GLY G 174 -35.50 28.55 42.43
N ASN G 175 -36.67 28.69 43.05
CA ASN G 175 -37.81 29.28 42.33
C ASN G 175 -37.74 30.79 42.28
N VAL G 176 -38.40 31.35 41.28
CA VAL G 176 -38.40 32.78 41.03
C VAL G 176 -39.53 33.41 41.84
N LEU G 177 -39.25 34.55 42.48
CA LEU G 177 -40.28 35.31 43.15
C LEU G 177 -40.90 36.37 42.25
N GLN G 178 -40.11 37.31 41.75
CA GLN G 178 -40.65 38.38 40.94
C GLN G 178 -39.66 38.76 39.85
N MET G 179 -40.20 39.21 38.72
CA MET G 179 -39.42 39.65 37.58
C MET G 179 -39.92 41.03 37.17
N VAL G 180 -39.00 41.90 36.76
CA VAL G 180 -39.36 43.19 36.19
C VAL G 180 -38.60 43.34 34.88
N THR G 181 -39.23 43.74 33.79
CA THR G 181 -38.46 44.19 32.61
C THR G 181 -38.80 45.61 32.16
N ARG G 182 -37.79 46.36 31.76
CA ARG G 182 -37.91 47.65 31.14
C ARG G 182 -37.62 47.61 29.65
N ASP G 183 -38.64 47.92 28.88
CA ASP G 183 -38.47 48.20 27.47
C ASP G 183 -39.03 49.61 27.33
N GLN G 184 -38.31 50.35 26.47
CA GLN G 184 -38.64 51.73 26.21
C GLN G 184 -39.16 51.95 24.80
N ILE G 185 -40.37 51.49 24.54
CA ILE G 185 -41.00 51.67 23.24
C ILE G 185 -41.43 53.10 23.01
N ALA G 186 -41.12 53.66 21.86
CA ALA G 186 -41.48 55.03 21.55
C ALA G 186 -42.96 55.22 21.47
N PHE G 187 -43.44 56.45 21.52
CA PHE G 187 -44.87 56.65 21.58
C PHE G 187 -45.60 56.08 20.40
N GLY G 188 -45.06 56.28 19.21
CA GLY G 188 -45.72 55.81 18.02
C GLY G 188 -45.84 54.32 18.01
N ALA G 189 -44.81 53.64 18.47
CA ALA G 189 -44.79 52.19 18.39
C ALA G 189 -45.49 51.44 19.51
N LEU G 190 -45.90 52.16 20.55
CA LEU G 190 -46.52 51.52 21.69
C LEU G 190 -47.78 50.84 21.20
N PRO G 191 -48.07 49.67 21.75
CA PRO G 191 -49.27 48.96 21.34
C PRO G 191 -50.51 49.74 21.72
N GLU G 192 -51.55 49.62 20.92
CA GLU G 192 -52.77 50.40 21.16
C GLU G 192 -53.23 50.60 22.59
N ASP G 193 -53.52 49.53 23.32
CA ASP G 193 -54.09 49.73 24.66
C ASP G 193 -53.20 50.61 25.53
N ILE G 194 -51.91 50.65 25.24
CA ILE G 194 -51.01 51.46 26.05
C ILE G 194 -51.13 52.93 25.67
N ARG G 195 -51.39 53.22 24.40
CA ARG G 195 -51.55 54.61 23.97
C ARG G 195 -52.80 55.24 24.57
N LYS G 196 -53.82 54.44 24.86
CA LYS G 196 -54.97 54.95 25.58
C LYS G 196 -54.66 55.23 27.03
N ALA G 197 -53.63 54.57 27.59
CA ALA G 197 -53.25 54.82 28.97
C ALA G 197 -52.31 56.00 29.08
N VAL G 198 -51.45 56.20 28.09
CA VAL G 198 -50.53 57.33 28.12
C VAL G 198 -51.27 58.63 27.84
N GLU G 199 -52.15 58.63 26.83
CA GLU G 199 -53.07 59.74 26.63
C GLU G 199 -54.02 59.89 27.81
N GLY G 200 -54.42 58.76 28.41
CA GLY G 200 -55.24 58.78 29.61
C GLY G 200 -54.52 59.35 30.82
N GLN G 201 -53.19 59.31 30.83
CA GLN G 201 -52.46 60.01 31.88
C GLN G 201 -52.53 61.53 31.66
N GLY G 202 -52.51 61.97 30.41
CA GLY G 202 -52.60 63.38 30.11
C GLY G 202 -51.35 63.93 29.46
N GLY G 203 -51.50 65.02 28.72
CA GLY G 203 -50.37 65.66 28.07
C GLY G 203 -50.01 65.02 26.74
N GLU G 204 -49.73 65.83 25.74
CA GLU G 204 -49.37 65.31 24.44
C GLU G 204 -47.92 64.82 24.43
N LYS G 205 -47.63 63.92 23.50
CA LYS G 205 -46.30 63.33 23.39
C LYS G 205 -45.80 63.50 21.97
N LYS G 206 -44.48 63.52 21.83
CA LYS G 206 -43.89 63.49 20.49
C LYS G 206 -44.06 62.10 19.90
N ALA G 207 -43.92 62.02 18.58
CA ALA G 207 -44.10 60.75 17.88
C ALA G 207 -42.95 59.81 18.16
N ASP G 208 -41.78 60.34 18.52
CA ASP G 208 -40.58 59.56 18.72
C ASP G 208 -40.08 59.53 20.15
N GLU G 209 -40.81 60.18 21.05
CA GLU G 209 -40.50 60.21 22.45
C GLU G 209 -40.61 58.82 22.94
N THR G 210 -39.70 58.40 23.80
CA THR G 210 -39.58 57.00 24.15
C THR G 210 -40.17 56.75 25.51
N ILE G 211 -41.09 55.82 25.55
CA ILE G 211 -41.87 55.52 26.73
C ILE G 211 -41.37 54.16 27.23
N ASP G 212 -41.14 54.03 28.52
CA ASP G 212 -40.60 52.78 29.03
C ASP G 212 -41.59 52.09 29.94
N VAL G 213 -41.83 50.81 29.66
CA VAL G 213 -42.95 50.10 30.16
C VAL G 213 -42.42 49.05 31.07
N TYR G 214 -42.90 48.99 32.29
CA TYR G 214 -42.36 48.03 33.19
C TYR G 214 -43.37 46.95 33.36
N THR G 215 -42.96 45.72 33.17
CA THR G 215 -43.83 44.63 33.55
C THR G 215 -43.45 44.16 34.94
N HIS G 216 -44.30 43.34 35.53
CA HIS G 216 -44.05 42.87 36.90
C HIS G 216 -44.72 41.52 37.03
N ILE G 217 -43.91 40.48 37.24
CA ILE G 217 -44.34 39.10 36.99
C ILE G 217 -44.26 38.36 38.32
N TYR G 218 -44.67 39.04 39.38
CA TYR G 218 -44.49 38.55 40.74
C TYR G 218 -45.29 37.27 41.02
N LEU G 219 -44.78 36.45 41.92
CA LEU G 219 -45.46 35.21 42.29
C LEU G 219 -46.54 35.56 43.28
N ASP G 220 -47.77 35.24 42.93
CA ASP G 220 -48.85 35.59 43.82
C ASP G 220 -48.69 34.78 45.06
N GLU G 221 -48.91 35.39 46.21
CA GLU G 221 -48.84 34.63 47.44
C GLU G 221 -49.91 33.57 47.38
N ASP G 222 -51.10 33.93 46.96
CA ASP G 222 -52.17 32.96 46.85
C ASP G 222 -52.10 32.13 45.58
N SER G 223 -52.08 30.81 45.72
CA SER G 223 -52.14 29.88 44.56
C SER G 223 -50.86 29.60 43.81
N GLY G 224 -49.78 30.30 44.12
CA GLY G 224 -48.51 30.02 43.47
C GLY G 224 -48.65 30.08 41.97
N GLU G 225 -49.51 30.97 41.47
CA GLU G 225 -49.70 31.12 40.05
C GLU G 225 -49.17 32.48 39.86
N TYR G 226 -48.42 32.72 38.81
CA TYR G 226 -47.85 34.06 38.73
C TYR G 226 -48.93 35.06 38.35
N LEU G 227 -48.75 36.31 38.77
CA LEU G 227 -49.54 37.42 38.26
C LEU G 227 -48.63 38.36 37.49
N ARG G 228 -49.08 38.84 36.34
CA ARG G 228 -48.28 39.80 35.63
C ARG G 228 -49.10 41.00 35.30
N TYR G 229 -48.66 42.15 35.75
CA TYR G 229 -49.32 43.41 35.46
C TYR G 229 -48.25 44.26 34.88
N GLU G 230 -48.53 44.96 33.80
CA GLU G 230 -47.53 45.81 33.19
C GLU G 230 -47.99 47.24 33.07
N GLU G 231 -47.05 48.14 33.30
CA GLU G 231 -47.26 49.49 33.83
C GLU G 231 -46.51 50.52 33.03
N VAL G 232 -47.12 51.65 32.75
CA VAL G 232 -46.57 52.66 31.89
C VAL G 232 -46.51 53.89 32.72
N GLU G 233 -45.38 54.57 32.71
CA GLU G 233 -45.19 55.79 33.49
C GLU G 233 -45.51 55.50 34.93
N GLY G 234 -46.35 56.29 35.57
CA GLY G 234 -46.71 55.96 36.93
C GLY G 234 -47.47 54.66 37.15
N MET G 235 -48.57 54.46 36.41
CA MET G 235 -49.43 53.29 36.70
C MET G 235 -49.82 52.27 35.65
N GLU G 236 -50.49 51.19 36.08
CA GLU G 236 -50.81 50.08 35.20
C GLU G 236 -51.74 50.27 34.02
N VAL G 237 -51.43 49.60 32.90
CA VAL G 237 -52.30 49.66 31.74
C VAL G 237 -53.56 48.89 32.01
N GLN G 238 -54.65 49.25 31.36
CA GLN G 238 -55.85 48.44 31.48
C GLN G 238 -55.61 47.21 30.63
N GLY G 239 -55.90 46.03 31.16
CA GLY G 239 -55.76 44.81 30.39
C GLY G 239 -54.43 44.14 30.49
N SER G 240 -53.55 44.68 31.31
CA SER G 240 -52.24 44.10 31.50
C SER G 240 -52.32 42.86 32.31
N ASP G 241 -53.30 42.80 33.20
CA ASP G 241 -53.32 41.68 34.11
C ASP G 241 -53.41 40.36 33.41
N GLY G 242 -52.57 39.44 33.83
CA GLY G 242 -52.56 38.12 33.26
C GLY G 242 -52.07 37.23 34.37
N THR G 243 -52.37 35.96 34.28
CA THR G 243 -51.89 35.05 35.29
C THR G 243 -51.20 33.90 34.63
N TYR G 244 -49.93 33.71 34.96
CA TYR G 244 -49.19 32.65 34.36
C TYR G 244 -49.00 31.51 35.37
N PRO G 245 -49.38 30.25 35.05
CA PRO G 245 -49.08 29.19 36.01
C PRO G 245 -47.58 29.10 36.28
N LYS G 246 -47.24 28.33 37.31
CA LYS G 246 -45.86 28.23 37.77
C LYS G 246 -44.98 27.53 36.75
N GLU G 247 -45.52 26.52 36.07
CA GLU G 247 -44.73 25.72 35.13
C GLU G 247 -44.75 26.25 33.71
N ALA G 248 -45.65 27.16 33.38
CA ALA G 248 -45.77 27.66 32.01
C ALA G 248 -45.92 29.17 32.05
N CYS G 249 -44.79 29.87 32.06
CA CYS G 249 -44.80 31.31 31.95
C CYS G 249 -43.93 31.77 30.79
N PRO G 250 -44.40 32.73 30.00
CA PRO G 250 -43.64 33.13 28.79
C PRO G 250 -42.34 33.84 29.07
N TYR G 251 -42.07 34.24 30.30
CA TYR G 251 -40.83 34.86 30.70
C TYR G 251 -40.01 33.83 31.46
N ILE G 252 -38.95 33.32 30.85
CA ILE G 252 -38.12 32.37 31.58
C ILE G 252 -36.70 32.89 31.62
N PRO G 253 -36.12 33.05 32.80
CA PRO G 253 -34.75 33.54 32.88
C PRO G 253 -33.73 32.42 32.73
N ILE G 254 -32.80 32.58 31.82
CA ILE G 254 -31.79 31.58 31.70
C ILE G 254 -30.61 32.06 32.50
N ARG G 255 -29.89 31.17 33.15
CA ARG G 255 -28.69 31.53 33.89
C ARG G 255 -27.72 30.42 33.60
N MET G 256 -26.46 30.73 33.49
CA MET G 256 -25.49 29.70 33.26
C MET G 256 -24.57 29.68 34.46
N VAL G 257 -24.01 28.52 34.77
CA VAL G 257 -23.29 28.32 36.01
C VAL G 257 -24.12 28.77 37.20
N ARG G 258 -25.35 28.32 37.29
CA ARG G 258 -26.21 28.80 38.35
C ARG G 258 -25.62 28.41 39.67
N LEU G 259 -25.61 29.35 40.60
CA LEU G 259 -24.99 29.17 41.89
C LEU G 259 -26.07 29.38 42.92
N ASP G 260 -26.10 28.59 43.97
CA ASP G 260 -27.05 28.87 45.07
C ASP G 260 -26.69 30.12 45.86
N GLY G 261 -27.70 30.83 46.34
CA GLY G 261 -29.00 30.86 45.70
C GLY G 261 -29.14 32.01 44.73
N GLU G 262 -28.08 32.77 44.59
CA GLU G 262 -28.16 34.16 44.22
C GLU G 262 -28.73 34.32 42.83
N SER G 263 -29.47 35.39 42.64
CA SER G 263 -30.56 35.44 41.68
C SER G 263 -30.15 35.23 40.22
N TYR G 264 -28.99 35.74 39.84
CA TYR G 264 -28.45 35.60 38.49
C TYR G 264 -27.22 34.71 38.54
N GLY G 265 -26.72 34.25 37.41
CA GLY G 265 -25.67 33.25 37.45
C GLY G 265 -24.42 33.67 36.74
N ARG G 266 -23.25 33.40 37.30
CA ARG G 266 -22.05 34.01 36.82
C ARG G 266 -21.72 33.45 35.47
N SER G 267 -21.14 34.23 34.59
CA SER G 267 -20.97 33.85 33.19
C SER G 267 -19.97 32.77 33.01
N TYR G 268 -20.05 32.02 31.94
CA TYR G 268 -19.02 31.04 31.61
C TYR G 268 -17.64 31.55 31.30
N ILE G 269 -17.56 32.66 30.62
CA ILE G 269 -16.31 33.20 30.17
C ILE G 269 -15.68 34.11 31.17
N GLU G 270 -16.29 34.29 32.32
CA GLU G 270 -15.59 34.84 33.46
C GLU G 270 -15.18 33.77 34.40
N GLU G 271 -15.42 32.52 34.07
CA GLU G 271 -14.51 31.54 34.73
C GLU G 271 -12.99 31.66 34.53
N TYR G 272 -12.55 31.87 33.29
CA TYR G 272 -11.23 32.03 32.71
C TYR G 272 -10.93 33.44 32.46
N LEU G 273 -11.71 34.35 33.02
CA LEU G 273 -11.50 35.76 32.81
C LEU G 273 -10.22 36.22 33.36
N GLY G 274 -9.77 35.70 34.48
CA GLY G 274 -8.48 36.11 34.98
C GLY G 274 -7.40 35.76 34.01
N ASP G 275 -7.44 34.56 33.47
CA ASP G 275 -6.47 34.06 32.53
C ASP G 275 -6.41 34.77 31.23
N LEU G 276 -7.55 35.18 30.70
CA LEU G 276 -7.57 36.01 29.49
C LEU G 276 -6.92 37.29 29.76
N ARG G 277 -7.22 37.88 30.90
CA ARG G 277 -6.73 39.17 31.30
C ARG G 277 -5.26 39.21 31.43
N SER G 278 -4.68 38.15 31.95
CA SER G 278 -3.27 37.87 31.81
C SER G 278 -2.74 37.61 30.42
N LEU G 279 -3.46 36.95 29.53
CA LEU G 279 -2.99 36.82 28.14
C LEU G 279 -2.92 38.13 27.44
N GLU G 280 -3.83 39.04 27.72
CA GLU G 280 -3.82 40.34 27.11
C GLU G 280 -2.61 41.18 27.43
N ASN G 281 -2.15 41.14 28.67
CA ASN G 281 -0.99 41.88 29.13
C ASN G 281 0.32 41.37 28.55
N LEU G 282 0.35 40.11 28.11
CA LEU G 282 1.49 39.67 27.32
C LEU G 282 1.38 40.18 25.88
N GLN G 283 0.23 39.92 25.24
CA GLN G 283 0.04 40.31 23.85
C GLN G 283 0.03 41.81 23.64
N GLU G 284 -0.23 42.59 24.69
CA GLU G 284 0.00 44.02 24.60
C GLU G 284 1.49 44.34 24.55
N ALA G 285 2.32 43.53 25.21
CA ALA G 285 3.73 43.87 25.27
C ALA G 285 4.48 43.40 24.03
N ILE G 286 4.11 42.24 23.48
CA ILE G 286 4.77 41.74 22.27
C ILE G 286 4.54 42.68 21.09
N VAL G 287 3.33 43.22 20.96
CA VAL G 287 3.02 44.15 19.88
C VAL G 287 3.78 45.46 20.08
N LYS G 288 3.84 45.95 21.32
CA LYS G 288 4.57 47.19 21.57
C LYS G 288 6.08 47.00 21.44
N MET G 289 6.60 45.79 21.66
CA MET G 289 8.00 45.56 21.33
C MET G 289 8.26 45.57 19.84
N SER G 290 7.27 45.26 19.02
CA SER G 290 7.44 45.34 17.58
C SER G 290 7.30 46.75 17.05
N MET G 291 6.85 47.70 17.88
CA MET G 291 6.67 49.06 17.40
C MET G 291 7.92 49.90 17.64
N ILE G 292 8.64 49.63 18.72
CA ILE G 292 9.99 50.18 18.85
C ILE G 292 10.87 49.62 17.75
N SER G 293 10.70 48.33 17.45
CA SER G 293 11.32 47.68 16.31
C SER G 293 10.99 48.38 15.00
N SER G 294 9.74 48.82 14.83
CA SER G 294 9.31 49.40 13.56
C SER G 294 9.98 50.73 13.26
N LYS G 295 10.35 51.49 14.28
CA LYS G 295 11.02 52.77 14.07
C LYS G 295 12.45 52.53 13.63
N VAL G 296 12.89 53.27 12.63
CA VAL G 296 14.19 53.04 11.98
C VAL G 296 15.06 54.25 12.26
N ILE G 297 15.88 54.17 13.30
CA ILE G 297 16.72 55.29 13.70
C ILE G 297 18.15 55.01 13.23
N GLY G 298 18.73 55.97 12.52
CA GLY G 298 20.09 55.85 12.04
C GLY G 298 21.12 56.45 12.96
N LEU G 299 21.76 55.65 13.78
CA LEU G 299 22.73 56.16 14.75
C LEU G 299 24.07 56.37 14.07
N VAL G 300 24.43 57.61 13.84
CA VAL G 300 25.73 57.94 13.28
C VAL G 300 26.73 58.12 14.40
N ASN G 301 27.82 57.36 14.32
CA ASN G 301 28.93 57.49 15.26
C ASN G 301 29.55 58.86 15.09
N PRO G 302 29.46 59.75 16.08
CA PRO G 302 29.93 61.12 15.88
C PRO G 302 31.43 61.28 16.02
N ALA G 303 32.16 60.20 16.25
CA ALA G 303 33.62 60.22 16.20
C ALA G 303 34.14 59.68 14.88
N GLY G 304 33.32 59.74 13.83
CA GLY G 304 33.67 59.13 12.58
C GLY G 304 33.85 60.11 11.44
N ILE G 305 33.82 59.59 10.21
CA ILE G 305 34.02 60.37 9.04
C ILE G 305 32.73 60.57 8.30
N THR G 306 31.91 59.52 8.21
CA THR G 306 30.72 59.63 7.40
C THR G 306 29.84 60.72 7.86
N GLN G 307 29.35 61.51 6.92
CA GLN G 307 28.45 62.57 7.27
C GLN G 307 27.18 62.24 6.55
N PRO G 308 26.08 62.17 7.28
CA PRO G 308 24.80 61.87 6.67
C PRO G 308 24.38 62.87 5.64
N ARG G 309 25.03 64.01 5.57
CA ARG G 309 24.68 65.05 4.65
C ARG G 309 24.90 64.62 3.28
N ARG G 310 26.04 63.99 3.03
CA ARG G 310 26.34 63.22 1.85
C ARG G 310 25.61 61.98 1.60
N LEU G 311 25.28 61.22 2.62
CA LEU G 311 24.48 60.01 2.36
C LEU G 311 23.05 60.13 1.90
N THR G 312 22.43 61.29 1.92
CA THR G 312 21.07 61.57 1.81
C THR G 312 20.82 62.46 0.63
N LYS G 313 21.83 62.76 -0.16
CA LYS G 313 21.56 63.30 -1.45
C LYS G 313 22.16 62.49 -2.51
N ALA G 314 22.49 61.26 -2.19
CA ALA G 314 23.14 60.41 -3.15
C ALA G 314 22.07 59.76 -3.95
N GLN G 315 22.38 59.40 -5.17
CA GLN G 315 21.42 58.74 -6.01
C GLN G 315 21.53 57.27 -5.79
N THR G 316 20.98 56.50 -6.71
CA THR G 316 20.93 55.08 -6.50
C THR G 316 22.24 54.42 -6.35
N GLY G 317 23.27 54.82 -7.09
CA GLY G 317 24.55 54.14 -7.04
C GLY G 317 25.79 54.89 -6.70
N ASP G 318 25.67 56.05 -6.08
CA ASP G 318 26.84 56.90 -5.87
C ASP G 318 27.97 56.51 -5.01
N PHE G 319 29.15 56.96 -5.37
CA PHE G 319 30.30 56.74 -4.53
C PHE G 319 30.34 57.90 -3.56
N VAL G 320 30.35 57.65 -2.28
CA VAL G 320 30.28 58.61 -1.19
C VAL G 320 31.48 58.36 -0.28
N THR G 321 31.97 59.40 0.39
CA THR G 321 33.04 59.24 1.37
C THR G 321 32.50 58.54 2.60
N GLY G 322 33.31 57.70 3.21
CA GLY G 322 33.00 57.26 4.55
C GLY G 322 33.26 55.79 4.78
N ARG G 323 33.21 55.42 6.05
CA ARG G 323 33.38 54.06 6.54
C ARG G 323 32.04 53.43 6.84
N PRO G 324 31.84 52.14 6.59
CA PRO G 324 30.53 51.54 6.87
C PRO G 324 30.27 51.33 8.34
N GLU G 325 31.31 51.28 9.17
CA GLU G 325 31.15 51.02 10.58
C GLU G 325 30.78 52.25 11.39
N ASP G 326 30.59 53.39 10.75
CA ASP G 326 30.07 54.55 11.46
C ASP G 326 28.55 54.51 11.51
N ILE G 327 27.92 54.12 10.41
CA ILE G 327 26.47 54.11 10.32
C ILE G 327 25.97 52.79 10.91
N SER G 328 25.42 52.83 12.11
CA SER G 328 24.70 51.69 12.63
C SER G 328 23.29 52.13 12.99
N PHE G 329 22.40 51.16 13.18
CA PHE G 329 20.99 51.47 13.36
C PHE G 329 20.53 51.03 14.73
N LEU G 330 19.79 51.82 15.50
CA LEU G 330 19.44 51.35 16.85
C LEU G 330 18.51 50.20 16.71
N GLN G 331 18.81 49.06 17.32
CA GLN G 331 17.85 47.97 17.28
C GLN G 331 17.48 47.47 18.66
N LEU G 332 16.24 47.04 18.84
CA LEU G 332 15.77 46.52 20.13
C LEU G 332 16.49 45.27 20.56
N GLU G 333 16.89 45.22 21.82
CA GLU G 333 17.66 44.10 22.34
C GLU G 333 16.91 43.16 23.26
N LYS G 334 15.60 43.21 23.28
CA LYS G 334 14.86 42.26 24.08
C LYS G 334 14.67 41.02 23.23
N GLN G 335 15.72 40.24 23.00
CA GLN G 335 15.66 39.07 22.14
C GLN G 335 15.52 37.85 23.00
N ALA G 336 16.59 37.40 23.70
CA ALA G 336 16.32 36.36 24.67
C ALA G 336 15.18 36.71 25.60
N ASP G 337 14.51 37.84 25.39
CA ASP G 337 13.37 38.20 26.20
C ASP G 337 12.07 38.10 25.44
N PHE G 338 12.12 38.27 24.12
CA PHE G 338 10.93 38.09 23.30
C PHE G 338 10.48 36.63 23.31
N THR G 339 11.40 35.70 23.51
CA THR G 339 11.06 34.29 23.54
C THR G 339 10.50 33.86 24.88
N VAL G 340 10.81 34.57 25.96
CA VAL G 340 10.20 34.29 27.25
C VAL G 340 8.72 34.63 27.21
N ALA G 341 8.40 35.85 26.79
CA ALA G 341 7.03 36.30 26.74
C ALA G 341 6.23 35.66 25.61
N LYS G 342 6.88 35.05 24.62
CA LYS G 342 6.13 34.34 23.60
C LYS G 342 5.78 32.93 24.04
N ALA G 343 6.71 32.22 24.67
CA ALA G 343 6.46 30.84 25.06
C ALA G 343 5.47 30.74 26.20
N VAL G 344 5.32 31.80 26.99
CA VAL G 344 4.28 31.82 28.00
C VAL G 344 2.94 32.13 27.35
N SER G 345 2.93 33.08 26.42
CA SER G 345 1.70 33.42 25.72
C SER G 345 1.24 32.29 24.81
N ASP G 346 2.17 31.47 24.32
CA ASP G 346 1.77 30.28 23.60
C ASP G 346 1.33 29.16 24.54
N ALA G 347 1.66 29.27 25.83
CA ALA G 347 1.20 28.29 26.80
C ALA G 347 -0.13 28.68 27.42
N ILE G 348 -0.43 29.97 27.50
CA ILE G 348 -1.72 30.39 28.03
C ILE G 348 -2.81 30.23 26.98
N GLU G 349 -2.49 30.53 25.72
CA GLU G 349 -3.42 30.23 24.64
C GLU G 349 -3.64 28.74 24.47
N ALA G 350 -2.64 27.92 24.83
CA ALA G 350 -2.82 26.48 24.76
C ALA G 350 -3.79 25.98 25.82
N ARG G 351 -3.81 26.60 26.99
CA ARG G 351 -4.69 26.15 28.05
C ARG G 351 -5.97 26.96 28.13
N LEU G 352 -6.19 27.89 27.21
CA LEU G 352 -7.52 28.41 26.98
C LEU G 352 -8.19 27.77 25.78
N SER G 353 -7.40 27.24 24.84
CA SER G 353 -7.98 26.57 23.69
C SER G 353 -8.52 25.20 24.02
N PHE G 354 -8.26 24.65 25.20
CA PHE G 354 -8.99 23.47 25.62
C PHE G 354 -10.20 23.86 26.44
N ALA G 355 -10.11 24.98 27.17
CA ALA G 355 -11.24 25.48 27.94
C ALA G 355 -12.36 25.93 27.04
N PHE G 356 -12.03 26.44 25.87
CA PHE G 356 -13.00 26.72 24.82
C PHE G 356 -12.96 25.55 23.86
N MET G 357 -14.01 25.39 23.06
CA MET G 357 -14.13 24.17 22.30
C MET G 357 -13.47 24.23 20.93
N LEU G 358 -12.36 24.96 20.90
CA LEU G 358 -11.62 25.13 19.67
C LEU G 358 -10.42 24.26 19.69
N ASN G 359 -10.19 23.53 18.62
CA ASN G 359 -8.98 22.74 18.55
C ASN G 359 -7.89 23.77 18.54
N SER G 360 -6.80 23.54 19.26
CA SER G 360 -5.78 24.58 19.41
C SER G 360 -5.12 25.08 18.13
N ALA G 361 -4.75 26.36 18.11
CA ALA G 361 -4.10 26.96 16.93
C ALA G 361 -2.94 26.20 16.31
N VAL G 362 -2.97 26.03 15.00
CA VAL G 362 -1.92 25.32 14.28
C VAL G 362 -0.54 25.92 14.58
N GLN G 363 -0.46 27.22 14.84
CA GLN G 363 0.83 27.80 15.26
C GLN G 363 1.23 27.06 16.53
N ARG G 364 2.02 25.99 16.40
CA ARG G 364 2.36 25.13 17.53
C ARG G 364 3.72 24.50 17.33
N THR G 365 4.03 23.48 18.11
CA THR G 365 5.34 22.86 18.05
C THR G 365 5.62 22.26 16.69
N GLY G 366 6.89 22.23 16.29
CA GLY G 366 7.23 21.76 14.96
C GLY G 366 6.85 20.36 14.60
N GLU G 367 6.40 20.15 13.37
CA GLU G 367 5.95 18.82 12.91
C GLU G 367 4.85 18.28 13.79
N ARG G 368 4.95 17.01 14.14
CA ARG G 368 4.36 16.45 15.37
C ARG G 368 2.86 16.17 15.19
N VAL G 369 2.34 16.50 14.03
CA VAL G 369 0.94 16.26 13.73
C VAL G 369 0.79 14.77 13.69
N THR G 370 -0.34 14.27 14.18
CA THR G 370 -0.46 12.83 14.25
C THR G 370 -1.69 12.25 13.55
N ALA G 371 -2.20 11.10 13.99
CA ALA G 371 -3.26 10.44 13.24
C ALA G 371 -4.64 10.60 13.85
N GLU G 372 -5.57 9.79 13.36
CA GLU G 372 -6.95 9.85 13.80
C GLU G 372 -6.95 9.59 15.28
N GLU G 373 -6.13 8.68 15.77
CA GLU G 373 -6.01 8.44 17.21
C GLU G 373 -5.97 9.75 17.98
N ILE G 374 -4.97 10.60 17.80
CA ILE G 374 -5.00 11.96 18.34
C ILE G 374 -6.16 12.85 17.84
N ARG G 375 -6.78 12.54 16.71
CA ARG G 375 -7.95 13.34 16.41
C ARG G 375 -9.05 12.83 17.35
N TYR G 376 -8.78 11.69 17.97
CA TYR G 376 -9.72 11.24 19.00
C TYR G 376 -9.60 12.10 20.25
N VAL G 377 -8.47 12.78 20.48
CA VAL G 377 -8.38 13.74 21.59
C VAL G 377 -9.27 14.94 21.26
N ALA G 378 -9.36 15.30 19.98
CA ALA G 378 -10.30 16.35 19.55
C ALA G 378 -11.70 15.82 19.80
N SER G 379 -11.88 14.52 19.59
CA SER G 379 -13.19 13.93 19.91
C SER G 379 -13.47 14.05 21.41
N GLU G 380 -12.47 13.83 22.24
CA GLU G 380 -12.60 13.97 23.69
C GLU G 380 -12.93 15.40 24.05
N LEU G 381 -12.80 16.39 23.17
CA LEU G 381 -13.27 17.75 23.55
C LEU G 381 -14.81 17.78 23.79
N GLU G 382 -15.51 16.74 23.36
CA GLU G 382 -16.96 16.67 23.55
C GLU G 382 -17.40 16.65 25.02
N ASP G 383 -16.64 16.02 25.90
CA ASP G 383 -16.95 16.00 27.34
C ASP G 383 -16.90 17.38 27.94
N THR G 384 -15.89 18.11 27.52
CA THR G 384 -15.76 19.47 27.97
C THR G 384 -16.96 20.23 27.45
N LEU G 385 -17.37 19.97 26.20
CA LEU G 385 -18.55 20.64 25.67
C LEU G 385 -19.78 20.31 26.50
N GLY G 386 -19.86 19.06 26.94
CA GLY G 386 -21.03 18.58 27.66
C GLY G 386 -21.37 19.13 29.02
N GLY G 387 -20.37 19.44 29.81
CA GLY G 387 -20.62 19.93 31.15
C GLY G 387 -21.38 21.23 31.16
N VAL G 388 -21.06 22.11 30.23
CA VAL G 388 -21.68 23.43 30.19
C VAL G 388 -23.11 23.45 29.66
N TYR G 389 -23.46 22.49 28.83
CA TYR G 389 -24.76 22.51 28.22
C TYR G 389 -25.80 21.76 29.05
N SER G 390 -25.36 21.05 30.08
CA SER G 390 -26.30 20.24 30.84
C SER G 390 -27.32 21.07 31.56
N ILE G 391 -26.93 22.15 32.21
CA ILE G 391 -27.83 23.02 32.97
C ILE G 391 -28.60 23.83 32.02
N LEU G 392 -27.95 24.14 30.91
CA LEU G 392 -28.60 24.96 29.96
C LEU G 392 -29.82 24.21 29.59
N SER G 393 -29.82 22.90 29.53
CA SER G 393 -31.04 22.25 29.10
C SER G 393 -32.23 22.49 30.00
N GLN G 394 -32.11 22.28 31.28
CA GLN G 394 -33.22 22.47 32.17
C GLN G 394 -33.64 23.91 32.12
N GLU G 395 -32.68 24.81 32.10
CA GLU G 395 -33.01 26.22 32.10
C GLU G 395 -33.67 26.76 30.86
N LEU G 396 -33.27 26.31 29.68
CA LEU G 396 -33.75 26.93 28.44
C LEU G 396 -34.51 25.98 27.57
N GLN G 397 -33.85 24.86 27.31
CA GLN G 397 -34.52 23.89 26.48
C GLN G 397 -35.86 23.47 26.92
N LEU G 398 -36.06 23.29 28.20
CA LEU G 398 -37.34 22.73 28.58
C LEU G 398 -38.34 23.84 28.69
N PRO G 399 -38.04 24.87 29.50
CA PRO G 399 -39.05 25.88 29.45
C PRO G 399 -39.57 26.31 28.09
N LEU G 400 -38.73 26.47 27.09
CA LEU G 400 -39.24 26.94 25.83
C LEU G 400 -40.22 25.92 25.34
N VAL G 401 -39.91 24.64 25.43
CA VAL G 401 -40.80 23.64 24.89
C VAL G 401 -42.15 23.63 25.62
N ARG G 402 -42.13 23.75 26.93
CA ARG G 402 -43.36 23.77 27.68
C ARG G 402 -44.20 24.96 27.31
N VAL G 403 -43.59 26.13 27.19
CA VAL G 403 -44.38 27.30 26.90
C VAL G 403 -44.97 27.11 25.52
N LEU G 404 -44.19 26.60 24.58
CA LEU G 404 -44.70 26.50 23.24
C LEU G 404 -45.88 25.55 23.23
N LEU G 405 -45.80 24.48 23.98
CA LEU G 405 -46.86 23.52 23.96
C LEU G 405 -48.14 24.09 24.52
N LYS G 406 -48.12 24.81 25.64
CA LYS G 406 -49.34 25.46 26.09
C LYS G 406 -49.86 26.46 25.08
N GLN G 407 -48.98 27.30 24.52
CA GLN G 407 -49.42 28.36 23.63
C GLN G 407 -49.97 27.84 22.31
N LEU G 408 -49.53 26.67 21.86
CA LEU G 408 -50.09 26.11 20.65
C LEU G 408 -51.43 25.42 20.88
N GLN G 409 -51.74 25.05 22.12
CA GLN G 409 -53.07 24.53 22.42
C GLN G 409 -54.12 25.64 22.37
N ALA G 410 -53.76 26.84 22.85
CA ALA G 410 -54.71 27.92 22.92
C ALA G 410 -55.02 28.51 21.54
N THR G 411 -54.08 28.46 20.62
CA THR G 411 -54.30 28.95 19.26
C THR G 411 -54.72 27.85 18.31
N GLN G 412 -54.89 26.63 18.83
CA GLN G 412 -55.40 25.47 18.09
C GLN G 412 -54.52 25.08 16.91
N GLN G 413 -53.24 25.42 16.97
CA GLN G 413 -52.27 24.93 15.99
C GLN G 413 -51.73 23.57 16.36
N ILE G 414 -52.15 23.02 17.49
CA ILE G 414 -51.70 21.70 17.95
C ILE G 414 -52.88 20.96 18.52
N PRO G 415 -52.91 19.65 18.39
CA PRO G 415 -53.97 18.88 19.05
C PRO G 415 -53.76 18.85 20.55
N GLU G 416 -54.86 18.88 21.28
CA GLU G 416 -54.81 18.90 22.74
C GLU G 416 -54.35 17.53 23.23
N LEU G 417 -53.07 17.44 23.56
CA LEU G 417 -52.50 16.17 24.00
C LEU G 417 -52.97 15.84 25.41
N PRO G 418 -53.37 14.59 25.66
CA PRO G 418 -54.27 14.28 26.79
C PRO G 418 -53.56 14.11 28.13
N LYS G 419 -52.95 15.21 28.60
CA LYS G 419 -52.57 15.45 30.01
C LYS G 419 -51.51 14.49 30.55
N GLU G 420 -50.98 13.58 29.74
CA GLU G 420 -50.10 12.54 30.24
C GLU G 420 -48.78 12.41 29.49
N ALA G 421 -48.52 13.23 28.48
CA ALA G 421 -47.29 13.15 27.73
C ALA G 421 -46.33 14.23 28.20
N VAL G 422 -45.08 13.86 28.42
CA VAL G 422 -44.02 14.74 28.91
C VAL G 422 -42.84 14.63 27.98
N GLU G 423 -41.92 15.58 28.10
CA GLU G 423 -40.83 15.65 27.15
C GLU G 423 -39.42 15.65 27.63
N PRO G 424 -38.63 14.76 27.04
CA PRO G 424 -37.22 14.80 27.35
C PRO G 424 -36.52 15.46 26.21
N THR G 425 -35.63 16.39 26.50
CA THR G 425 -34.88 17.00 25.43
C THR G 425 -33.68 16.13 25.13
N ILE G 426 -33.92 15.01 24.44
CA ILE G 426 -32.85 14.08 24.14
C ILE G 426 -32.05 14.57 22.94
N SER G 427 -30.73 14.39 22.99
CA SER G 427 -29.88 14.90 21.92
C SER G 427 -29.70 13.84 20.84
N GLY G 434 -34.35 13.59 20.58
CA GLY G 434 -33.86 13.13 19.30
C GLY G 434 -33.60 11.64 19.29
N ARG G 435 -34.57 10.89 18.77
CA ARG G 435 -34.47 9.44 18.70
C ARG G 435 -33.91 9.06 17.32
N GLY G 436 -32.76 8.37 17.32
CA GLY G 436 -31.94 8.15 18.50
C GLY G 436 -32.03 6.75 19.06
N GLN G 437 -32.54 6.66 20.29
CA GLN G 437 -32.66 5.34 20.94
C GLN G 437 -33.72 4.49 20.27
N ASP G 438 -34.76 5.10 19.72
CA ASP G 438 -35.75 4.32 18.99
C ASP G 438 -35.21 3.84 17.65
N LEU G 439 -34.24 4.55 17.08
CA LEU G 439 -33.75 4.13 15.77
C LEU G 439 -32.64 3.09 15.90
N ASP G 440 -31.67 3.35 16.79
CA ASP G 440 -30.50 2.48 16.88
C ASP G 440 -30.86 1.12 17.46
N LYS G 441 -31.77 1.09 18.43
CA LYS G 441 -32.20 -0.17 19.00
C LYS G 441 -33.09 -0.95 18.04
N LEU G 442 -33.75 -0.32 17.09
CA LEU G 442 -34.37 -1.11 16.07
C LEU G 442 -33.34 -1.74 15.22
N GLU G 443 -32.35 -0.97 14.84
CA GLU G 443 -31.38 -1.45 13.87
C GLU G 443 -30.44 -2.51 14.30
N ARG G 444 -29.93 -2.44 15.51
CA ARG G 444 -29.03 -3.47 15.96
C ARG G 444 -29.74 -4.78 16.01
N CYS G 445 -30.93 -4.77 16.56
CA CYS G 445 -31.69 -5.97 16.58
C CYS G 445 -32.06 -6.42 15.19
N VAL G 446 -32.38 -5.53 14.27
CA VAL G 446 -32.69 -6.01 12.92
C VAL G 446 -31.52 -6.71 12.29
N THR G 447 -30.28 -6.32 12.53
CA THR G 447 -29.16 -7.11 11.97
C THR G 447 -29.06 -8.50 12.57
N ALA G 448 -29.43 -8.61 13.83
CA ALA G 448 -29.39 -9.90 14.51
C ALA G 448 -30.36 -10.87 13.85
N TRP G 449 -31.49 -10.39 13.37
CA TRP G 449 -32.41 -11.25 12.66
C TRP G 449 -31.82 -11.81 11.35
N ALA G 450 -31.04 -11.05 10.60
CA ALA G 450 -30.31 -11.59 9.44
C ALA G 450 -29.26 -12.61 9.86
N ALA G 451 -28.67 -12.41 11.02
CA ALA G 451 -27.73 -13.41 11.47
C ALA G 451 -28.50 -14.72 11.61
N LEU G 452 -29.82 -14.65 11.69
CA LEU G 452 -30.65 -15.83 11.84
C LEU G 452 -31.21 -16.30 10.52
N ALA G 453 -30.86 -15.64 9.43
CA ALA G 453 -31.31 -16.07 8.09
C ALA G 453 -30.81 -17.45 7.60
N PRO G 454 -29.54 -17.79 7.84
CA PRO G 454 -29.12 -19.14 7.47
C PRO G 454 -29.86 -20.22 8.23
N MET G 455 -30.14 -19.98 9.50
CA MET G 455 -30.75 -21.00 10.35
C MET G 455 -32.26 -20.97 10.24
N ARG G 456 -32.78 -20.19 9.32
CA ARG G 456 -34.22 -20.02 9.21
C ARG G 456 -34.89 -21.35 8.98
N ASP G 457 -34.27 -22.18 8.17
CA ASP G 457 -34.85 -23.48 7.86
C ASP G 457 -34.45 -24.58 8.84
N ASP G 458 -33.64 -24.27 9.85
CA ASP G 458 -33.15 -25.31 10.75
C ASP G 458 -34.25 -26.01 11.53
N PRO G 459 -34.19 -27.34 11.59
CA PRO G 459 -35.22 -28.12 12.27
C PRO G 459 -35.35 -27.94 13.76
N ASP G 460 -34.25 -27.79 14.49
CA ASP G 460 -34.33 -27.73 15.94
C ASP G 460 -34.35 -26.36 16.60
N ILE G 461 -33.78 -25.34 15.97
CA ILE G 461 -33.67 -24.06 16.66
C ILE G 461 -35.03 -23.39 16.66
N ASN G 462 -35.46 -22.93 17.84
CA ASN G 462 -36.74 -22.24 17.94
C ASN G 462 -36.52 -20.80 17.52
N LEU G 463 -36.60 -20.57 16.20
CA LEU G 463 -36.45 -19.23 15.66
C LEU G 463 -37.60 -18.32 16.06
N ALA G 464 -38.74 -18.89 16.46
CA ALA G 464 -39.82 -18.09 17.02
C ALA G 464 -39.48 -17.52 18.38
N MET G 465 -38.49 -18.07 19.05
CA MET G 465 -38.12 -17.64 20.40
C MET G 465 -36.87 -16.78 20.40
N ILE G 466 -35.91 -17.09 19.52
CA ILE G 466 -34.66 -16.33 19.45
C ILE G 466 -34.93 -14.90 19.01
N LYS G 467 -35.87 -14.71 18.08
CA LYS G 467 -36.27 -13.38 17.68
C LYS G 467 -36.97 -12.62 18.80
N LEU G 468 -37.47 -13.33 19.80
CA LEU G 468 -38.04 -12.63 20.94
C LEU G 468 -36.91 -12.27 21.87
N ARG G 469 -35.98 -13.18 22.10
CA ARG G 469 -34.90 -12.92 23.06
C ARG G 469 -33.97 -11.80 22.67
N ILE G 470 -33.63 -11.73 21.40
CA ILE G 470 -32.74 -10.68 20.93
C ILE G 470 -33.47 -9.36 21.15
N ALA G 471 -34.77 -9.35 20.92
CA ALA G 471 -35.55 -8.16 21.14
C ALA G 471 -35.54 -7.79 22.57
N ASN G 472 -35.74 -8.74 23.46
CA ASN G 472 -35.83 -8.42 24.85
C ASN G 472 -34.50 -7.77 25.16
N ALA G 473 -33.42 -8.35 24.66
CA ALA G 473 -32.08 -7.87 25.00
C ALA G 473 -31.70 -6.50 24.50
N ILE G 474 -32.02 -6.18 23.26
CA ILE G 474 -31.75 -4.85 22.78
C ILE G 474 -32.58 -3.95 23.65
N GLY G 475 -33.78 -4.41 24.02
CA GLY G 475 -34.66 -3.58 24.80
C GLY G 475 -35.82 -2.98 24.08
N ILE G 476 -36.10 -3.44 22.88
CA ILE G 476 -37.26 -2.96 22.15
C ILE G 476 -38.55 -3.42 22.83
N ASP G 477 -39.66 -2.76 22.55
CA ASP G 477 -40.92 -3.05 23.24
C ASP G 477 -41.65 -4.34 22.95
N THR G 478 -41.24 -5.07 21.94
CA THR G 478 -41.97 -6.28 21.56
C THR G 478 -43.42 -5.91 21.31
N SER G 479 -44.37 -6.65 21.82
CA SER G 479 -45.80 -6.34 21.68
C SER G 479 -46.48 -6.53 20.33
N GLY G 480 -46.03 -5.83 19.31
CA GLY G 480 -46.60 -6.02 17.99
C GLY G 480 -45.54 -6.58 17.10
N ILE G 481 -44.35 -6.76 17.66
CA ILE G 481 -43.25 -7.24 16.87
C ILE G 481 -43.49 -8.64 16.35
N LEU G 482 -44.08 -9.51 17.15
CA LEU G 482 -44.23 -10.87 16.64
C LEU G 482 -45.62 -11.14 16.07
N LEU G 483 -45.70 -11.70 14.86
CA LEU G 483 -47.00 -12.04 14.33
C LEU G 483 -47.69 -12.97 15.31
N THR G 484 -48.97 -12.72 15.57
CA THR G 484 -49.73 -13.57 16.47
C THR G 484 -50.42 -14.63 15.68
N GLU G 485 -51.19 -15.49 16.34
CA GLU G 485 -51.79 -16.61 15.64
C GLU G 485 -52.75 -16.19 14.55
N GLU G 486 -53.59 -15.21 14.85
CA GLU G 486 -54.54 -14.78 13.87
C GLU G 486 -53.82 -14.24 12.67
N GLN G 487 -52.80 -13.45 12.93
CA GLN G 487 -52.04 -12.84 11.84
C GLN G 487 -51.33 -13.88 10.99
N LYS G 488 -50.79 -14.90 11.61
CA LYS G 488 -50.13 -15.94 10.86
C LYS G 488 -51.13 -16.63 9.95
N GLN G 489 -52.29 -16.93 10.49
CA GLN G 489 -53.24 -17.63 9.65
C GLN G 489 -53.57 -16.72 8.48
N GLN G 490 -53.73 -15.44 8.75
CA GLN G 490 -54.10 -14.52 7.69
C GLN G 490 -53.05 -14.43 6.61
N LYS G 491 -51.78 -14.38 6.97
CA LYS G 491 -50.74 -14.38 5.93
C LYS G 491 -50.72 -15.68 5.15
N MET G 492 -50.93 -16.81 5.80
CA MET G 492 -51.01 -18.05 5.03
C MET G 492 -52.14 -18.00 4.06
N ALA G 493 -53.25 -17.43 4.48
CA ALA G 493 -54.37 -17.30 3.59
C ALA G 493 -54.08 -16.43 2.41
N GLN G 494 -53.43 -15.30 2.64
CA GLN G 494 -53.24 -14.36 1.55
C GLN G 494 -52.35 -14.90 0.48
N GLN G 495 -51.37 -15.70 0.81
CA GLN G 495 -50.56 -16.33 -0.24
C GLN G 495 -51.43 -17.22 -1.11
N SER G 496 -52.44 -17.84 -0.52
CA SER G 496 -53.35 -18.70 -1.28
C SER G 496 -54.36 -17.89 -2.07
N MET G 497 -54.89 -16.82 -1.49
CA MET G 497 -55.83 -15.98 -2.22
C MET G 497 -55.13 -15.23 -3.34
N GLN G 498 -53.84 -14.97 -3.19
CA GLN G 498 -53.05 -14.46 -4.31
C GLN G 498 -52.96 -15.49 -5.41
N MET G 499 -52.56 -16.72 -5.08
CA MET G 499 -52.48 -17.76 -6.10
C MET G 499 -53.87 -18.21 -6.55
N GLY G 500 -54.89 -18.00 -5.72
CA GLY G 500 -56.25 -18.23 -6.17
C GLY G 500 -56.69 -17.20 -7.19
N MET G 501 -56.43 -15.92 -6.90
CA MET G 501 -56.77 -14.88 -7.87
C MET G 501 -55.87 -14.93 -9.10
N ASP G 502 -54.63 -15.38 -8.96
CA ASP G 502 -53.73 -15.40 -10.10
C ASP G 502 -54.05 -16.55 -11.04
N ASN G 503 -54.16 -17.75 -10.52
CA ASN G 503 -54.49 -18.90 -11.36
C ASN G 503 -55.92 -18.84 -11.85
N GLY G 504 -56.83 -18.26 -11.05
CA GLY G 504 -58.21 -18.10 -11.44
C GLY G 504 -58.39 -17.15 -12.60
N ALA G 505 -57.76 -15.98 -12.53
CA ALA G 505 -57.87 -15.01 -13.62
C ALA G 505 -57.12 -15.46 -14.85
N ALA G 506 -56.12 -16.32 -14.71
CA ALA G 506 -55.47 -16.91 -15.87
C ALA G 506 -56.24 -18.09 -16.42
N ALA G 507 -57.17 -18.65 -15.64
CA ALA G 507 -57.92 -19.80 -16.11
C ALA G 507 -59.04 -19.39 -17.05
N LEU G 508 -59.93 -18.52 -16.60
CA LEU G 508 -61.10 -18.17 -17.40
C LEU G 508 -60.73 -17.30 -18.58
N ALA G 509 -59.64 -16.54 -18.48
CA ALA G 509 -59.19 -15.75 -19.61
C ALA G 509 -58.62 -16.64 -20.70
N GLN G 510 -57.97 -17.73 -20.33
CA GLN G 510 -57.67 -18.78 -21.29
C GLN G 510 -58.92 -19.61 -21.57
N GLY G 511 -59.83 -19.68 -20.61
CA GLY G 511 -61.04 -20.47 -20.76
C GLY G 511 -62.08 -19.84 -21.65
N MET G 512 -62.35 -18.54 -21.48
CA MET G 512 -63.34 -17.87 -22.31
C MET G 512 -62.83 -17.68 -23.73
N ALA G 513 -61.65 -17.08 -23.87
CA ALA G 513 -61.13 -16.66 -25.16
C ALA G 513 -60.77 -17.82 -26.07
N ALA G 514 -60.60 -19.03 -25.55
CA ALA G 514 -60.39 -20.17 -26.43
C ALA G 514 -61.69 -20.58 -27.11
N GLN G 515 -62.78 -20.65 -26.36
CA GLN G 515 -64.07 -21.04 -26.91
C GLN G 515 -64.88 -19.86 -27.43
N ALA G 516 -64.41 -18.64 -27.25
CA ALA G 516 -65.13 -17.52 -27.87
C ALA G 516 -64.66 -17.47 -29.30
N THR G 517 -63.36 -17.32 -29.49
CA THR G 517 -62.80 -17.28 -30.84
C THR G 517 -62.84 -18.63 -31.57
N ALA G 518 -63.27 -19.69 -30.90
CA ALA G 518 -63.40 -20.98 -31.60
C ALA G 518 -64.56 -20.90 -32.56
N SER G 519 -64.35 -21.28 -33.83
CA SER G 519 -65.38 -21.26 -34.89
C SER G 519 -65.46 -19.87 -35.51
N PRO G 520 -65.57 -19.79 -36.84
CA PRO G 520 -65.55 -18.46 -37.45
C PRO G 520 -66.72 -17.54 -37.11
N GLU G 521 -67.95 -18.07 -37.11
CA GLU G 521 -69.11 -17.27 -36.75
C GLU G 521 -69.17 -16.85 -35.30
N ALA G 522 -68.82 -17.76 -34.39
CA ALA G 522 -68.88 -17.47 -32.97
C ALA G 522 -67.93 -16.34 -32.75
N MET G 523 -66.94 -16.27 -33.60
CA MET G 523 -65.94 -15.21 -33.54
C MET G 523 -66.54 -13.87 -33.93
N ALA G 524 -67.42 -13.86 -34.94
CA ALA G 524 -68.10 -12.64 -35.31
C ALA G 524 -69.11 -12.22 -34.25
N ALA G 525 -69.68 -13.20 -33.55
CA ALA G 525 -70.61 -12.88 -32.47
C ALA G 525 -69.88 -12.35 -31.25
N ALA G 526 -68.63 -12.79 -31.04
CA ALA G 526 -67.89 -12.33 -29.87
C ALA G 526 -67.41 -10.90 -30.05
N ALA G 527 -67.13 -10.50 -31.30
CA ALA G 527 -66.64 -9.15 -31.53
C ALA G 527 -67.77 -8.12 -31.42
N ASP G 528 -69.01 -8.56 -31.59
CA ASP G 528 -70.13 -7.65 -31.51
C ASP G 528 -70.46 -7.29 -30.07
N SER G 529 -70.05 -8.15 -29.13
CA SER G 529 -70.34 -7.89 -27.71
C SER G 529 -69.49 -6.75 -27.18
N VAL G 530 -68.28 -6.59 -27.73
CA VAL G 530 -67.41 -5.48 -27.38
C VAL G 530 -67.94 -4.24 -28.11
N GLY G 531 -68.29 -4.45 -29.38
CA GLY G 531 -68.74 -3.35 -30.22
C GLY G 531 -68.09 -3.34 -31.61
N LEU G 532 -67.14 -4.22 -31.87
CA LEU G 532 -66.40 -4.24 -33.14
C LEU G 532 -67.06 -4.89 -34.37
N GLN G 533 -66.61 -4.51 -35.57
CA GLN G 533 -67.15 -5.08 -36.82
C GLN G 533 -66.60 -6.46 -37.21
N PRO G 534 -67.36 -7.21 -38.02
CA PRO G 534 -66.92 -8.56 -38.43
C PRO G 534 -65.64 -8.69 -39.25
N GLY G 535 -65.40 -7.83 -40.23
CA GLY G 535 -64.16 -7.86 -40.98
C GLY G 535 -63.04 -7.33 -40.09
N ILE G 536 -61.83 -7.85 -40.25
CA ILE G 536 -60.71 -7.36 -39.45
C ILE G 536 -59.91 -6.28 -40.19
N THR H 6 -51.24 67.78 2.47
CA THR H 6 -51.61 67.61 3.88
C THR H 6 -50.37 67.66 4.75
N GLY H 7 -50.54 68.02 6.01
CA GLY H 7 -49.41 68.09 6.92
C GLY H 7 -48.77 66.75 7.09
N LEU H 8 -49.58 65.70 7.21
CA LEU H 8 -49.07 64.33 7.32
C LEU H 8 -48.40 64.03 8.65
N ALA H 9 -48.63 64.86 9.67
CA ALA H 9 -48.05 64.65 11.01
C ALA H 9 -46.53 64.58 11.04
N GLU H 10 -45.85 65.35 10.17
CA GLU H 10 -44.38 65.36 10.09
C GLU H 10 -43.91 66.74 9.60
N ASP H 11 -42.67 67.11 9.88
CA ASP H 11 -42.13 68.38 9.40
C ASP H 11 -42.02 68.44 7.88
N GLY H 12 -41.56 67.35 7.28
CA GLY H 12 -40.99 67.38 5.94
C GLY H 12 -39.84 66.40 5.81
N ALA H 13 -39.79 65.64 4.73
CA ALA H 13 -38.73 64.63 4.55
C ALA H 13 -37.33 65.19 4.45
N LYS H 14 -37.16 66.33 3.84
CA LYS H 14 -35.86 66.94 3.80
C LYS H 14 -35.34 67.15 5.18
N SER H 15 -36.16 67.75 6.03
CA SER H 15 -35.74 68.03 7.38
C SER H 15 -35.48 66.80 8.20
N VAL H 16 -36.32 65.79 8.07
CA VAL H 16 -36.11 64.57 8.81
C VAL H 16 -34.78 64.02 8.41
N TYR H 17 -34.46 64.13 7.14
CA TYR H 17 -33.15 63.69 6.68
C TYR H 17 -32.05 64.54 7.27
N GLU H 18 -32.28 65.83 7.47
CA GLU H 18 -31.21 66.71 7.93
C GLU H 18 -31.03 66.67 9.44
N ARG H 19 -32.09 66.45 10.20
CA ARG H 19 -31.93 66.30 11.64
C ARG H 19 -31.17 65.03 11.98
N LEU H 20 -31.42 63.96 11.22
CA LEU H 20 -30.85 62.67 11.54
C LEU H 20 -29.64 62.35 10.70
N LYS H 21 -29.20 63.26 9.82
CA LYS H 21 -27.92 63.08 9.17
C LYS H 21 -26.79 63.23 10.18
N ASN H 22 -27.03 63.97 11.26
CA ASN H 22 -26.08 64.10 12.36
C ASN H 22 -26.07 62.87 13.27
N ASP H 23 -26.71 61.77 12.87
CA ASP H 23 -26.61 60.50 13.58
C ASP H 23 -25.89 59.45 12.74
N ARG H 24 -25.80 59.65 11.42
CA ARG H 24 -24.99 58.74 10.62
C ARG H 24 -23.51 58.98 10.84
N ALA H 25 -23.14 60.25 11.05
CA ALA H 25 -21.77 60.72 11.19
C ALA H 25 -20.92 59.99 12.24
N PRO H 26 -21.48 59.41 13.30
CA PRO H 26 -20.70 58.39 14.01
C PRO H 26 -20.41 57.16 13.18
N TYR H 27 -21.43 56.54 12.60
CA TYR H 27 -21.23 55.30 11.84
C TYR H 27 -20.52 55.55 10.54
N GLU H 28 -20.78 56.67 9.91
CA GLU H 28 -20.18 56.99 8.62
C GLU H 28 -18.68 57.21 8.74
N THR H 29 -18.23 57.94 9.76
CA THR H 29 -16.80 58.12 9.96
C THR H 29 -16.13 56.89 10.55
N ARG H 30 -16.89 55.94 11.06
CA ARG H 30 -16.30 54.63 11.35
C ARG H 30 -16.01 53.89 10.06
N ALA H 31 -16.99 53.84 9.16
CA ALA H 31 -16.84 53.07 7.93
C ALA H 31 -15.81 53.65 7.00
N GLN H 32 -15.66 54.97 6.99
CA GLN H 32 -14.60 55.59 6.21
C GLN H 32 -13.23 55.22 6.76
N ASN H 33 -13.12 55.08 8.07
CA ASN H 33 -11.91 54.51 8.65
C ASN H 33 -11.85 53.02 8.39
N CYS H 34 -12.99 52.33 8.48
CA CYS H 34 -12.98 50.88 8.43
C CYS H 34 -12.78 50.34 7.02
N ALA H 35 -13.14 51.11 6.00
CA ALA H 35 -12.82 50.72 4.63
C ALA H 35 -11.44 51.15 4.21
N GLN H 36 -10.83 52.07 4.95
CA GLN H 36 -9.49 52.55 4.62
C GLN H 36 -8.45 51.45 4.80
N TYR H 37 -8.69 50.54 5.73
CA TYR H 37 -7.72 49.50 6.03
C TYR H 37 -7.92 48.25 5.21
N THR H 38 -9.13 47.99 4.74
CA THR H 38 -9.40 46.75 4.00
C THR H 38 -9.34 46.96 2.50
N ILE H 39 -10.25 47.77 1.98
CA ILE H 39 -10.31 48.09 0.56
C ILE H 39 -10.96 49.46 0.40
N PRO H 40 -10.20 50.48 0.01
CA PRO H 40 -10.73 51.86 0.05
C PRO H 40 -11.75 52.15 -1.03
N SER H 41 -11.87 51.31 -2.05
CA SER H 41 -12.85 51.55 -3.10
C SER H 41 -14.25 51.15 -2.71
N LEU H 42 -14.42 50.54 -1.54
CA LEU H 42 -15.71 49.94 -1.21
C LEU H 42 -16.65 50.95 -0.56
N PHE H 43 -16.15 51.73 0.40
CA PHE H 43 -16.96 52.76 1.05
C PHE H 43 -16.29 54.09 0.88
N PRO H 44 -16.63 54.79 -0.20
CA PRO H 44 -15.96 56.04 -0.49
C PRO H 44 -16.40 57.14 0.43
N LYS H 45 -15.51 58.07 0.73
CA LYS H 45 -15.92 59.22 1.52
C LYS H 45 -16.84 60.05 0.65
N ASP H 46 -17.76 60.80 1.26
CA ASP H 46 -18.71 61.58 0.49
C ASP H 46 -18.04 62.63 -0.36
N SER H 47 -16.99 63.23 0.18
CA SER H 47 -16.24 64.21 -0.58
C SER H 47 -15.62 63.60 -1.82
N ASP H 48 -15.12 62.38 -1.72
CA ASP H 48 -14.44 61.73 -2.84
C ASP H 48 -15.19 61.71 -4.14
N ASN H 49 -14.47 61.89 -5.23
CA ASN H 49 -15.11 61.98 -6.53
C ASN H 49 -14.32 61.19 -7.55
N ALA H 50 -14.50 61.52 -8.81
CA ALA H 50 -13.80 60.81 -9.86
C ALA H 50 -12.31 60.94 -9.69
N SER H 51 -11.85 62.10 -9.25
CA SER H 51 -10.41 62.32 -9.03
C SER H 51 -9.73 61.51 -7.93
N THR H 52 -10.40 61.26 -6.82
CA THR H 52 -9.76 60.58 -5.69
C THR H 52 -9.11 59.26 -6.01
N ASP H 53 -7.85 59.14 -5.66
CA ASP H 53 -7.18 57.89 -5.88
C ASP H 53 -7.10 57.15 -4.57
N TYR H 54 -7.53 55.90 -4.58
CA TYR H 54 -7.56 55.16 -3.35
C TYR H 54 -6.28 54.39 -3.15
N GLN H 55 -5.41 54.90 -2.31
CA GLN H 55 -4.14 54.24 -2.01
C GLN H 55 -4.40 52.90 -1.36
N THR H 56 -3.72 51.88 -1.87
CA THR H 56 -3.87 50.55 -1.31
C THR H 56 -3.23 50.54 0.09
N PRO H 57 -3.81 49.83 1.03
CA PRO H 57 -3.18 49.71 2.34
C PRO H 57 -1.89 48.90 2.24
N TRP H 58 -0.99 49.17 3.17
CA TRP H 58 0.32 48.49 3.18
C TRP H 58 0.17 47.00 3.41
N GLN H 59 -0.82 46.61 4.20
CA GLN H 59 -1.20 45.23 4.36
C GLN H 59 -2.30 44.86 3.39
N ALA H 60 -2.31 43.61 2.95
CA ALA H 60 -3.36 43.12 2.07
C ALA H 60 -4.07 41.92 2.67
N VAL H 61 -4.32 41.96 3.98
CA VAL H 61 -5.17 40.96 4.60
C VAL H 61 -6.62 41.41 4.61
N GLY H 62 -6.86 42.69 4.86
CA GLY H 62 -8.22 43.21 4.83
C GLY H 62 -8.85 43.13 3.45
N ALA H 63 -8.06 43.38 2.41
CA ALA H 63 -8.55 43.17 1.06
C ALA H 63 -8.75 41.69 0.76
N ARG H 64 -7.91 40.83 1.34
CA ARG H 64 -8.10 39.40 1.21
C ARG H 64 -9.28 38.90 2.03
N GLY H 65 -9.29 39.22 3.32
CA GLY H 65 -10.27 38.68 4.23
C GLY H 65 -11.66 39.26 4.16
N LEU H 66 -11.93 40.12 3.18
CA LEU H 66 -13.26 40.65 2.96
C LEU H 66 -13.97 39.94 1.82
N ASN H 67 -13.31 39.85 0.67
CA ASN H 67 -13.83 39.07 -0.45
C ASN H 67 -13.94 37.60 -0.10
N ASN H 68 -13.01 37.11 0.71
CA ASN H 68 -13.07 35.74 1.20
C ASN H 68 -14.07 35.56 2.33
N LEU H 69 -14.69 36.65 2.79
CA LEU H 69 -15.77 36.53 3.76
C LEU H 69 -17.11 36.97 3.21
N ALA H 70 -17.13 37.89 2.25
CA ALA H 70 -18.39 38.24 1.62
C ALA H 70 -18.86 37.14 0.69
N SER H 71 -17.91 36.36 0.17
CA SER H 71 -18.25 35.25 -0.71
C SER H 71 -18.71 34.05 0.03
N LYS H 72 -18.03 33.73 1.13
CA LYS H 72 -18.46 32.62 1.94
C LYS H 72 -19.81 32.89 2.56
N LEU H 73 -20.03 34.11 3.01
CA LEU H 73 -21.31 34.44 3.56
C LEU H 73 -22.31 34.28 2.44
N MET H 74 -22.03 34.70 1.22
CA MET H 74 -23.02 34.58 0.19
C MET H 74 -23.34 33.12 -0.08
N LEU H 75 -22.35 32.26 -0.16
CA LEU H 75 -22.66 30.88 -0.48
C LEU H 75 -23.53 30.35 0.60
N ALA H 76 -23.21 30.66 1.84
CA ALA H 76 -23.98 30.11 2.94
C ALA H 76 -25.39 30.62 3.01
N LEU H 77 -25.57 31.90 2.77
CA LEU H 77 -26.88 32.51 2.96
C LEU H 77 -27.76 32.35 1.77
N PHE H 78 -27.21 32.60 0.60
CA PHE H 78 -27.99 32.51 -0.61
C PHE H 78 -27.41 31.42 -1.49
N PRO H 79 -27.61 30.16 -1.07
CA PRO H 79 -27.03 29.06 -1.81
C PRO H 79 -27.77 29.02 -3.10
N MET H 80 -27.16 28.49 -4.14
CA MET H 80 -27.89 28.33 -5.38
C MET H 80 -29.05 27.40 -5.14
N GLN H 81 -28.81 26.35 -4.38
CA GLN H 81 -29.87 25.42 -4.05
C GLN H 81 -30.89 26.12 -3.20
N THR H 82 -32.15 25.80 -3.36
CA THR H 82 -33.21 26.51 -2.64
C THR H 82 -32.92 26.82 -1.18
N TRP H 83 -33.03 28.07 -0.81
CA TRP H 83 -32.82 28.40 0.56
C TRP H 83 -33.98 28.98 1.34
N MET H 84 -35.18 28.96 0.80
CA MET H 84 -36.38 29.09 1.60
C MET H 84 -37.28 27.95 1.26
N ARG H 85 -38.05 27.48 2.22
CA ARG H 85 -39.12 26.56 1.90
C ARG H 85 -40.37 26.96 2.62
N LEU H 86 -41.54 26.62 2.09
CA LEU H 86 -42.80 27.06 2.68
C LEU H 86 -43.36 25.91 3.51
N THR H 87 -43.36 26.09 4.83
CA THR H 87 -44.01 25.14 5.72
C THR H 87 -45.48 25.52 5.86
N ILE H 88 -46.34 24.58 5.53
CA ILE H 88 -47.74 24.70 5.93
C ILE H 88 -47.87 24.16 7.35
N SER H 89 -48.74 24.79 8.13
CA SER H 89 -49.02 24.30 9.47
C SER H 89 -49.73 22.95 9.36
N GLU H 90 -49.06 21.91 9.83
CA GLU H 90 -49.42 20.56 9.44
C GLU H 90 -50.72 20.09 10.08
N TYR H 91 -50.97 20.47 11.33
CA TYR H 91 -52.21 20.05 11.99
C TYR H 91 -53.41 20.78 11.43
N GLU H 92 -53.25 22.07 11.12
CA GLU H 92 -54.32 22.80 10.45
C GLU H 92 -54.45 22.40 8.99
N ALA H 93 -53.44 21.75 8.41
CA ALA H 93 -53.60 21.18 7.09
C ALA H 93 -54.34 19.85 7.15
N LYS H 94 -54.24 19.12 8.26
CA LYS H 94 -55.00 17.88 8.39
C LYS H 94 -56.48 18.14 8.58
N GLN H 95 -56.84 19.26 9.21
CA GLN H 95 -58.23 19.54 9.52
C GLN H 95 -59.00 19.95 8.28
N LEU H 96 -58.40 20.79 7.45
CA LEU H 96 -59.10 21.37 6.32
C LEU H 96 -59.04 20.52 5.06
N LEU H 97 -58.69 19.25 5.17
CA LEU H 97 -58.36 18.47 3.99
C LEU H 97 -58.62 16.98 4.24
N SER H 98 -58.97 16.27 3.17
CA SER H 98 -59.18 14.83 3.23
C SER H 98 -57.84 14.12 2.97
N ASP H 99 -57.35 13.43 3.99
CA ASP H 99 -56.05 12.78 3.97
C ASP H 99 -56.02 11.63 2.96
N PRO H 100 -54.83 11.21 2.50
CA PRO H 100 -53.48 11.75 2.62
C PRO H 100 -52.93 12.37 1.34
N ASP H 101 -53.62 12.13 0.21
CA ASP H 101 -53.10 12.55 -1.09
C ASP H 101 -53.14 14.06 -1.23
N GLY H 102 -54.13 14.71 -0.63
CA GLY H 102 -54.22 16.16 -0.71
C GLY H 102 -53.13 16.88 0.05
N LEU H 103 -52.54 16.23 1.05
CA LEU H 103 -51.51 16.90 1.86
C LEU H 103 -50.24 17.15 1.06
N ALA H 104 -49.73 16.13 0.39
CA ALA H 104 -48.57 16.33 -0.47
C ALA H 104 -48.93 17.11 -1.72
N LYS H 105 -50.20 17.10 -2.13
CA LYS H 105 -50.63 17.95 -3.23
C LYS H 105 -50.53 19.42 -2.84
N VAL H 106 -50.76 19.75 -1.57
CA VAL H 106 -50.51 21.10 -1.08
C VAL H 106 -49.02 21.40 -1.09
N ASP H 107 -48.20 20.45 -0.66
CA ASP H 107 -46.75 20.65 -0.67
C ASP H 107 -46.16 20.65 -2.07
N GLU H 108 -46.91 20.23 -3.09
CA GLU H 108 -46.45 20.48 -4.45
C GLU H 108 -46.70 21.93 -4.84
N GLY H 109 -47.81 22.50 -4.37
CA GLY H 109 -48.01 23.93 -4.55
C GLY H 109 -47.02 24.76 -3.76
N LEU H 110 -46.54 24.23 -2.63
CA LEU H 110 -45.47 24.90 -1.92
C LEU H 110 -44.11 24.64 -2.56
N SER H 111 -43.94 23.50 -3.23
CA SER H 111 -42.77 23.31 -4.07
C SER H 111 -42.90 24.03 -5.40
N MET H 112 -44.13 24.40 -5.77
CA MET H 112 -44.33 25.25 -6.94
C MET H 112 -43.77 26.64 -6.69
N VAL H 113 -44.17 27.25 -5.57
CA VAL H 113 -43.85 28.64 -5.30
C VAL H 113 -42.37 28.83 -5.03
N GLU H 114 -41.75 27.90 -4.29
CA GLU H 114 -40.35 28.04 -3.92
C GLU H 114 -39.40 27.88 -5.10
N ARG H 115 -39.88 27.36 -6.22
CA ARG H 115 -39.08 27.35 -7.44
C ARG H 115 -39.30 28.60 -8.28
N ILE H 116 -40.48 29.18 -8.20
CA ILE H 116 -40.78 30.39 -8.97
C ILE H 116 -40.03 31.58 -8.40
N ILE H 117 -39.91 31.63 -7.08
CA ILE H 117 -39.15 32.71 -6.44
C ILE H 117 -37.66 32.57 -6.76
N MET H 118 -37.15 31.34 -6.77
CA MET H 118 -35.77 31.11 -7.18
C MET H 118 -35.58 31.36 -8.68
N ASN H 119 -36.65 31.21 -9.46
CA ASN H 119 -36.62 31.67 -10.85
C ASN H 119 -36.92 33.15 -10.99
N TYR H 120 -37.34 33.80 -9.91
CA TYR H 120 -37.51 35.25 -9.93
C TYR H 120 -36.28 35.97 -9.42
N ILE H 121 -35.63 35.40 -8.40
CA ILE H 121 -34.43 35.99 -7.84
C ILE H 121 -33.28 35.91 -8.82
N GLU H 122 -33.10 34.76 -9.46
CA GLU H 122 -31.97 34.60 -10.37
C GLU H 122 -32.17 35.34 -11.68
N SER H 123 -33.41 35.53 -12.10
CA SER H 123 -33.70 36.18 -13.37
C SER H 123 -33.90 37.68 -13.24
N ASN H 124 -33.63 38.24 -12.07
CA ASN H 124 -33.66 39.69 -11.91
C ASN H 124 -32.38 40.23 -11.28
N SER H 125 -31.31 39.43 -11.30
CA SER H 125 -29.99 39.77 -10.78
C SER H 125 -30.05 40.20 -9.31
N TYR H 126 -30.84 39.47 -8.52
CA TYR H 126 -30.80 39.71 -7.09
C TYR H 126 -29.54 39.15 -6.47
N ARG H 127 -28.90 38.18 -7.14
CA ARG H 127 -27.64 37.65 -6.64
C ARG H 127 -26.54 38.70 -6.71
N VAL H 128 -26.66 39.64 -7.64
CA VAL H 128 -25.65 40.68 -7.79
C VAL H 128 -25.75 41.69 -6.65
N THR H 129 -26.92 42.31 -6.50
CA THR H 129 -27.09 43.39 -5.54
C THR H 129 -27.14 42.90 -4.10
N LEU H 130 -27.33 41.61 -3.86
CA LEU H 130 -27.11 41.09 -2.52
C LEU H 130 -25.63 40.88 -2.23
N PHE H 131 -24.84 40.55 -3.24
CA PHE H 131 -23.41 40.47 -3.00
C PHE H 131 -22.81 41.86 -2.85
N GLU H 132 -23.35 42.86 -3.54
CA GLU H 132 -22.98 44.23 -3.22
C GLU H 132 -23.50 44.65 -1.85
N ALA H 133 -24.60 44.05 -1.40
CA ALA H 133 -25.07 44.33 -0.06
C ALA H 133 -24.17 43.69 0.99
N LEU H 134 -23.73 42.45 0.75
CA LEU H 134 -22.91 41.76 1.75
C LEU H 134 -21.53 42.38 1.89
N LYS H 135 -21.03 43.03 0.84
CA LYS H 135 -19.77 43.74 1.00
C LYS H 135 -19.96 45.02 1.80
N GLN H 136 -21.13 45.65 1.71
CA GLN H 136 -21.42 46.78 2.58
C GLN H 136 -21.67 46.34 4.00
N LEU H 137 -22.29 45.18 4.19
CA LEU H 137 -22.57 44.70 5.53
C LEU H 137 -21.31 44.31 6.29
N VAL H 138 -20.22 44.03 5.61
CA VAL H 138 -19.00 43.75 6.33
C VAL H 138 -18.28 45.05 6.70
N VAL H 139 -17.86 45.86 5.74
CA VAL H 139 -17.22 47.13 6.04
C VAL H 139 -18.07 48.19 6.70
N ALA H 140 -19.26 48.46 6.20
CA ALA H 140 -20.03 49.56 6.75
C ALA H 140 -21.01 49.19 7.80
N GLY H 141 -21.62 48.04 7.63
CA GLY H 141 -22.56 47.54 8.60
C GLY H 141 -24.00 47.82 8.37
N ASN H 142 -24.32 48.69 7.45
CA ASN H 142 -25.70 48.94 7.13
C ASN H 142 -25.94 49.08 5.64
N VAL H 143 -27.08 48.60 5.14
CA VAL H 143 -27.45 48.78 3.74
C VAL H 143 -28.97 48.78 3.71
N LEU H 144 -29.62 49.50 2.80
CA LEU H 144 -31.07 49.45 2.69
C LEU H 144 -31.31 48.90 1.34
N LEU H 145 -32.21 47.96 1.19
CA LEU H 145 -32.39 47.33 -0.06
C LEU H 145 -33.82 47.53 -0.47
N TYR H 146 -34.07 48.22 -1.56
CA TYR H 146 -35.42 48.55 -1.97
C TYR H 146 -35.83 47.62 -3.05
N LEU H 147 -36.95 46.92 -2.86
CA LEU H 147 -37.39 45.93 -3.84
C LEU H 147 -38.47 46.58 -4.63
N PRO H 148 -38.14 47.10 -5.81
CA PRO H 148 -39.12 47.88 -6.55
C PRO H 148 -40.31 47.05 -6.91
N GLU H 149 -41.48 47.66 -6.87
CA GLU H 149 -42.71 46.94 -7.15
C GLU H 149 -42.64 46.39 -8.55
N PRO H 150 -43.03 45.13 -8.72
CA PRO H 150 -42.86 44.61 -10.08
C PRO H 150 -43.87 45.30 -10.98
N GLU H 151 -43.46 45.70 -12.16
CA GLU H 151 -44.38 46.30 -13.10
C GLU H 151 -44.23 45.52 -14.38
N GLY H 152 -45.05 44.49 -14.61
CA GLY H 152 -44.80 43.68 -15.77
C GLY H 152 -43.73 42.63 -15.49
N SER H 153 -43.59 41.72 -16.46
CA SER H 153 -42.60 40.66 -16.40
C SER H 153 -41.28 41.06 -17.04
N ASN H 154 -40.98 42.36 -17.12
CA ASN H 154 -39.72 42.83 -17.65
C ASN H 154 -38.62 42.74 -16.60
N TYR H 155 -37.47 43.31 -16.93
CA TYR H 155 -36.32 43.26 -16.05
C TYR H 155 -36.52 44.22 -14.88
N ASN H 156 -36.36 43.78 -13.64
CA ASN H 156 -36.65 44.67 -12.49
C ASN H 156 -35.69 44.48 -11.33
N PRO H 157 -34.51 45.06 -11.42
CA PRO H 157 -33.51 44.85 -10.37
C PRO H 157 -33.76 45.62 -9.11
N MET H 158 -33.30 45.14 -7.96
CA MET H 158 -33.46 45.93 -6.75
C MET H 158 -32.38 46.97 -6.58
N LYS H 159 -32.51 47.81 -5.55
CA LYS H 159 -31.54 48.88 -5.36
C LYS H 159 -30.99 48.92 -3.96
N LEU H 160 -29.70 49.25 -3.82
CA LEU H 160 -29.07 49.33 -2.51
C LEU H 160 -28.63 50.74 -2.16
N TYR H 161 -28.87 51.17 -0.94
CA TYR H 161 -28.46 52.47 -0.49
C TYR H 161 -27.45 52.22 0.60
N ARG H 162 -26.23 52.70 0.39
CA ARG H 162 -25.16 52.43 1.29
C ARG H 162 -24.89 53.34 2.48
N LEU H 163 -25.90 53.80 3.19
CA LEU H 163 -25.69 54.57 4.43
C LEU H 163 -25.22 55.95 4.13
N SER H 164 -25.06 56.28 2.87
CA SER H 164 -24.70 57.63 2.55
C SER H 164 -25.83 58.16 1.72
N SER H 165 -26.83 57.32 1.49
CA SER H 165 -27.99 57.73 0.71
C SER H 165 -29.29 57.47 1.45
N TYR H 166 -29.27 56.89 2.64
CA TYR H 166 -30.50 56.75 3.39
C TYR H 166 -30.28 57.21 4.82
N VAL H 167 -31.41 57.32 5.52
CA VAL H 167 -31.47 57.56 6.97
C VAL H 167 -32.66 56.76 7.50
N VAL H 168 -32.44 55.93 8.53
CA VAL H 168 -33.55 55.39 9.29
C VAL H 168 -33.45 55.85 10.72
N GLN H 169 -34.58 55.74 11.42
CA GLN H 169 -34.65 56.02 12.85
C GLN H 169 -35.50 54.94 13.46
N ARG H 170 -34.93 54.19 14.39
CA ARG H 170 -35.68 53.16 15.08
C ARG H 170 -35.58 53.40 16.58
N ASP H 171 -36.27 52.55 17.30
CA ASP H 171 -36.51 52.71 18.72
C ASP H 171 -35.36 52.05 19.50
N ALA H 172 -35.40 52.15 20.83
CA ALA H 172 -34.63 51.19 21.63
C ALA H 172 -35.21 49.80 21.48
N PHE H 173 -36.53 49.71 21.34
CA PHE H 173 -37.19 48.51 20.84
C PHE H 173 -36.80 48.30 19.39
N GLY H 174 -36.98 47.07 18.90
CA GLY H 174 -36.40 46.69 17.63
C GLY H 174 -37.04 47.31 16.40
N ASN H 175 -38.26 47.82 16.51
CA ASN H 175 -39.01 48.21 15.32
C ASN H 175 -38.58 49.56 14.77
N VAL H 176 -38.83 49.75 13.49
CA VAL H 176 -38.43 50.95 12.78
C VAL H 176 -39.54 51.99 12.91
N LEU H 177 -39.16 53.23 13.18
CA LEU H 177 -40.13 54.33 13.18
C LEU H 177 -40.22 55.01 11.82
N GLN H 178 -39.13 55.56 11.31
CA GLN H 178 -39.19 56.28 10.04
C GLN H 178 -37.91 56.07 9.27
N MET H 179 -38.03 56.08 7.94
CA MET H 179 -36.91 55.94 7.03
C MET H 179 -36.96 57.10 6.04
N VAL H 180 -35.79 57.60 5.66
CA VAL H 180 -35.68 58.59 4.60
C VAL H 180 -34.60 58.11 3.63
N THR H 181 -34.84 58.10 2.33
CA THR H 181 -33.72 57.95 1.37
C THR H 181 -33.60 59.10 0.38
N ARG H 182 -32.37 59.50 0.09
CA ARG H 182 -32.02 60.44 -0.95
C ARG H 182 -31.40 59.77 -2.16
N ASP H 183 -32.09 59.87 -3.27
CA ASP H 183 -31.53 59.54 -4.56
C ASP H 183 -31.68 60.84 -5.34
N GLN H 184 -30.62 61.08 -6.13
CA GLN H 184 -30.54 62.26 -6.94
C GLN H 184 -30.64 61.97 -8.42
N ILE H 185 -31.82 61.60 -8.88
CA ILE H 185 -32.04 61.32 -10.29
C ILE H 185 -32.06 62.57 -11.11
N ALA H 186 -31.35 62.59 -12.23
CA ALA H 186 -31.29 63.76 -13.10
C ALA H 186 -32.61 64.08 -13.70
N PHE H 187 -32.78 65.27 -14.23
CA PHE H 187 -34.10 65.67 -14.70
C PHE H 187 -34.63 64.75 -15.77
N GLY H 188 -33.79 64.41 -16.73
CA GLY H 188 -34.24 63.57 -17.82
C GLY H 188 -34.68 62.23 -17.36
N ALA H 189 -33.99 61.67 -16.38
CA ALA H 189 -34.30 60.32 -15.95
C ALA H 189 -35.41 60.19 -14.93
N LEU H 190 -35.88 61.30 -14.38
CA LEU H 190 -36.89 61.25 -13.36
C LEU H 190 -38.12 60.60 -13.95
N PRO H 191 -38.80 59.78 -13.15
CA PRO H 191 -39.99 59.12 -13.65
C PRO H 191 -41.07 60.13 -13.97
N GLU H 192 -41.89 59.85 -14.97
CA GLU H 192 -42.90 60.79 -15.43
C GLU H 192 -43.64 61.60 -14.37
N ASP H 193 -44.36 60.96 -13.44
CA ASP H 193 -45.15 61.74 -12.52
C ASP H 193 -44.34 62.78 -11.77
N ILE H 194 -43.03 62.54 -11.63
CA ILE H 194 -42.19 63.49 -10.90
C ILE H 194 -41.87 64.70 -11.78
N ARG H 195 -41.73 64.49 -13.10
CA ARG H 195 -41.46 65.59 -14.01
C ARG H 195 -42.62 66.57 -14.09
N LYS H 196 -43.84 66.07 -13.88
CA LYS H 196 -44.99 66.97 -13.79
C LYS H 196 -44.97 67.77 -12.49
N ALA H 197 -44.30 67.25 -11.46
CA ALA H 197 -44.23 67.99 -10.21
C ALA H 197 -43.09 69.00 -10.21
N VAL H 198 -41.98 68.67 -10.89
CA VAL H 198 -40.86 69.60 -10.95
C VAL H 198 -41.18 70.76 -11.88
N GLU H 199 -41.76 70.46 -13.05
CA GLU H 199 -42.31 71.51 -13.91
C GLU H 199 -43.47 72.22 -13.22
N GLY H 200 -44.26 71.48 -12.43
CA GLY H 200 -45.31 72.09 -11.63
C GLY H 200 -44.81 73.00 -10.54
N GLN H 201 -43.56 72.81 -10.08
CA GLN H 201 -42.96 73.78 -9.18
C GLN H 201 -42.61 75.06 -9.91
N GLY H 202 -42.20 74.97 -11.16
CA GLY H 202 -41.87 76.14 -11.94
C GLY H 202 -40.41 76.22 -12.31
N GLY H 203 -40.10 76.94 -13.39
CA GLY H 203 -38.74 77.11 -13.82
C GLY H 203 -38.22 75.96 -14.66
N GLU H 204 -37.52 76.27 -15.74
CA GLU H 204 -36.99 75.23 -16.60
C GLU H 204 -35.74 74.61 -15.96
N LYS H 205 -35.44 73.38 -16.39
CA LYS H 205 -34.32 72.63 -15.87
C LYS H 205 -33.46 72.16 -17.02
N LYS H 206 -32.17 71.96 -16.74
CA LYS H 206 -31.30 71.31 -17.71
C LYS H 206 -31.64 69.84 -17.82
N ALA H 207 -31.21 69.22 -18.92
CA ALA H 207 -31.51 67.81 -19.13
C ALA H 207 -30.71 66.92 -18.20
N ASP H 208 -29.58 67.41 -17.70
CA ASP H 208 -28.69 66.62 -16.88
C ASP H 208 -28.57 67.11 -15.44
N GLU H 209 -29.32 68.15 -15.11
CA GLU H 209 -29.36 68.71 -13.78
C GLU H 209 -29.92 67.64 -12.91
N THR H 210 -29.37 67.49 -11.71
CA THR H 210 -29.67 66.35 -10.88
C THR H 210 -30.61 66.74 -9.77
N ILE H 211 -31.72 66.01 -9.71
CA ILE H 211 -32.81 66.32 -8.81
C ILE H 211 -32.78 65.22 -7.74
N ASP H 212 -32.91 65.59 -6.48
CA ASP H 212 -32.83 64.59 -5.44
C ASP H 212 -34.14 64.45 -4.71
N VAL H 213 -34.60 63.21 -4.58
CA VAL H 213 -35.95 62.90 -4.25
C VAL H 213 -35.92 62.25 -2.92
N TYR H 214 -36.68 62.74 -1.97
CA TYR H 214 -36.62 62.15 -0.67
C TYR H 214 -37.87 61.37 -0.47
N THR H 215 -37.72 60.13 -0.08
CA THR H 215 -38.90 59.40 0.35
C THR H 215 -38.99 59.48 1.87
N HIS H 216 -40.13 59.08 2.41
CA HIS H 216 -40.33 59.16 3.84
C HIS H 216 -41.31 58.08 4.22
N ILE H 217 -40.86 57.11 5.02
CA ILE H 217 -41.52 55.82 5.14
C ILE H 217 -41.95 55.66 6.60
N TYR H 218 -42.44 56.76 7.17
CA TYR H 218 -42.71 56.83 8.60
C TYR H 218 -43.83 55.88 9.03
N LEU H 219 -43.78 55.44 10.27
CA LEU H 219 -44.80 54.54 10.82
C LEU H 219 -45.97 55.39 11.22
N ASP H 220 -47.12 55.12 10.62
CA ASP H 220 -48.28 55.91 10.95
C ASP H 220 -48.61 55.66 12.38
N GLU H 221 -48.96 56.70 13.11
CA GLU H 221 -49.37 56.49 14.48
C GLU H 221 -50.61 55.63 14.47
N ASP H 222 -51.55 55.94 13.59
CA ASP H 222 -52.75 55.14 13.49
C ASP H 222 -52.57 53.88 12.68
N SER H 223 -52.90 52.74 13.25
CA SER H 223 -52.89 51.44 12.54
C SER H 223 -51.56 50.71 12.38
N GLY H 224 -50.46 51.34 12.75
CA GLY H 224 -49.18 50.67 12.68
C GLY H 224 -48.92 50.15 11.28
N GLU H 225 -49.40 50.86 10.27
CA GLU H 225 -49.20 50.45 8.90
C GLU H 225 -48.34 51.55 8.44
N TYR H 226 -47.32 51.26 7.65
CA TYR H 226 -46.45 52.37 7.31
C TYR H 226 -47.13 53.26 6.28
N LEU H 227 -46.76 54.53 6.27
CA LEU H 227 -47.12 55.44 5.20
C LEU H 227 -45.86 55.89 4.48
N ARG H 228 -45.88 55.91 3.16
CA ARG H 228 -44.73 56.39 2.44
C ARG H 228 -45.15 57.45 1.48
N TYR H 229 -44.56 58.64 1.62
CA TYR H 229 -44.82 59.73 0.72
C TYR H 229 -43.47 60.15 0.26
N GLU H 230 -43.30 60.38 -1.03
CA GLU H 230 -42.01 60.78 -1.54
C GLU H 230 -42.06 62.09 -2.29
N GLU H 231 -41.03 62.88 -2.10
CA GLU H 231 -41.04 64.35 -2.17
C GLU H 231 -39.89 64.87 -3.00
N VAL H 232 -40.14 65.87 -3.82
CA VAL H 232 -39.17 66.37 -4.75
C VAL H 232 -39.02 67.80 -4.43
N GLU H 233 -37.80 68.29 -4.32
CA GLU H 233 -37.52 69.68 -3.99
C GLU H 233 -38.25 70.03 -2.71
N GLY H 234 -39.00 71.11 -2.70
CA GLY H 234 -39.76 71.39 -1.49
C GLY H 234 -40.84 70.40 -1.09
N MET H 235 -41.73 70.05 -2.02
CA MET H 235 -42.89 69.22 -1.63
C MET H 235 -43.25 67.92 -2.32
N GLU H 236 -44.22 67.20 -1.79
CA GLU H 236 -44.58 65.86 -2.28
C GLU H 236 -45.12 65.69 -3.69
N VAL H 237 -44.71 64.60 -4.36
CA VAL H 237 -45.23 64.30 -5.67
C VAL H 237 -46.66 63.87 -5.57
N GLN H 238 -47.45 64.05 -6.61
CA GLN H 238 -48.79 63.52 -6.59
C GLN H 238 -48.65 62.04 -6.86
N GLY H 239 -49.34 61.22 -6.07
CA GLY H 239 -49.31 59.79 -6.29
C GLY H 239 -48.24 59.05 -5.54
N SER H 240 -47.48 59.75 -4.72
CA SER H 240 -46.43 59.14 -3.94
C SER H 240 -47.00 58.35 -2.83
N ASP H 241 -48.14 58.77 -2.33
CA ASP H 241 -48.65 58.12 -1.14
C ASP H 241 -48.88 56.65 -1.33
N GLY H 242 -48.41 55.88 -0.37
CA GLY H 242 -48.57 54.44 -0.43
C GLY H 242 -48.59 54.04 1.01
N THR H 243 -49.15 52.88 1.29
CA THR H 243 -49.16 52.40 2.65
C THR H 243 -48.63 50.99 2.68
N TYR H 244 -47.57 50.80 3.44
CA TYR H 244 -46.97 49.50 3.50
C TYR H 244 -47.30 48.85 4.85
N PRO H 245 -47.88 47.62 4.89
CA PRO H 245 -48.08 47.01 6.20
C PRO H 245 -46.76 46.85 6.94
N LYS H 246 -46.88 46.52 8.23
CA LYS H 246 -45.72 46.44 9.11
C LYS H 246 -44.80 45.28 8.72
N GLU H 247 -45.38 44.16 8.30
CA GLU H 247 -44.60 42.97 8.01
C GLU H 247 -44.14 42.88 6.55
N ALA H 248 -44.70 43.69 5.66
CA ALA H 248 -44.36 43.61 4.24
C ALA H 248 -44.14 45.03 3.71
N CYS H 249 -42.91 45.52 3.82
CA CYS H 249 -42.56 46.79 3.23
C CYS H 249 -41.36 46.62 2.32
N PRO H 250 -41.37 47.24 1.14
CA PRO H 250 -40.27 47.03 0.18
C PRO H 250 -38.94 47.62 0.59
N TYR H 251 -38.91 48.45 1.63
CA TYR H 251 -37.68 49.01 2.16
C TYR H 251 -37.34 48.28 3.45
N ILE H 252 -36.32 47.44 3.42
CA ILE H 252 -35.95 46.77 4.65
C ILE H 252 -34.49 47.08 4.96
N PRO H 253 -34.20 47.62 6.13
CA PRO H 253 -32.81 47.93 6.47
C PRO H 253 -32.09 46.72 7.05
N ILE H 254 -30.95 46.40 6.49
CA ILE H 254 -30.21 45.31 7.03
C ILE H 254 -29.18 45.93 7.95
N ARG H 255 -28.87 45.29 9.07
CA ARG H 255 -27.85 45.75 9.98
C ARG H 255 -27.13 44.51 10.41
N MET H 256 -25.84 44.59 10.60
CA MET H 256 -25.11 43.44 11.07
C MET H 256 -24.54 43.80 12.42
N VAL H 257 -24.35 42.79 13.27
CA VAL H 257 -24.04 43.02 14.67
C VAL H 257 -25.00 44.00 15.30
N ARG H 258 -26.30 43.79 15.15
CA ARG H 258 -27.26 44.75 15.64
C ARG H 258 -27.11 44.85 17.12
N LEU H 259 -27.11 46.07 17.64
CA LEU H 259 -26.87 46.35 19.04
C LEU H 259 -28.09 47.09 19.52
N ASP H 260 -28.57 46.80 20.72
CA ASP H 260 -29.66 47.60 21.28
C ASP H 260 -29.23 49.01 21.67
N GLY H 261 -30.12 49.98 21.53
CA GLY H 261 -31.18 49.92 20.54
C GLY H 261 -30.80 50.57 19.24
N GLU H 262 -29.58 51.08 19.19
CA GLU H 262 -29.26 52.21 18.35
C GLU H 262 -29.41 51.87 16.90
N SER H 263 -29.80 52.85 16.12
CA SER H 263 -30.58 52.65 14.91
C SER H 263 -29.89 51.83 13.82
N TYR H 264 -28.59 51.99 13.68
CA TYR H 264 -27.78 51.26 12.71
C TYR H 264 -26.85 50.32 13.45
N GLY H 265 -26.21 49.39 12.77
CA GLY H 265 -25.47 48.37 13.48
C GLY H 265 -24.01 48.31 13.11
N ARG H 266 -23.13 48.14 14.07
CA ARG H 266 -21.73 48.36 13.81
C ARG H 266 -21.22 47.27 12.92
N SER H 267 -20.27 47.55 12.04
CA SER H 267 -19.85 46.63 11.00
C SER H 267 -19.12 45.44 11.53
N TYR H 268 -19.12 44.34 10.81
CA TYR H 268 -18.31 43.21 11.20
C TYR H 268 -16.81 43.36 11.18
N ILE H 269 -16.31 44.09 10.23
CA ILE H 269 -14.89 44.25 10.04
C ILE H 269 -14.33 45.40 10.79
N GLU H 270 -15.15 46.09 11.57
CA GLU H 270 -14.64 46.96 12.60
C GLU H 270 -14.74 46.32 13.93
N GLU H 271 -15.18 45.07 14.00
CA GLU H 271 -14.71 44.33 15.22
C GLU H 271 -13.20 44.18 15.48
N TYR H 272 -12.43 43.82 14.45
CA TYR H 272 -11.02 43.57 14.29
C TYR H 272 -10.34 44.72 13.67
N LEU H 273 -10.99 45.85 13.62
CA LEU H 273 -10.41 47.02 13.01
C LEU H 273 -9.22 47.51 13.73
N GLY H 274 -9.21 47.43 15.05
CA GLY H 274 -8.02 47.84 15.75
C GLY H 274 -6.84 47.00 15.37
N ASP H 275 -7.04 45.71 15.29
CA ASP H 275 -6.02 44.75 14.95
C ASP H 275 -5.47 44.86 13.56
N LEU H 276 -6.31 45.17 12.59
CA LEU H 276 -5.85 45.44 11.24
C LEU H 276 -5.00 46.64 11.24
N ARG H 277 -5.42 47.66 11.95
CA ARG H 277 -4.76 48.93 12.00
C ARG H 277 -3.40 48.85 12.58
N SER H 278 -3.23 48.03 13.58
CA SER H 278 -1.94 47.52 14.00
C SER H 278 -1.14 46.67 13.03
N LEU H 279 -1.75 45.80 12.24
CA LEU H 279 -1.02 45.07 11.21
C LEU H 279 -0.47 45.98 10.16
N GLU H 280 -1.17 47.02 9.80
CA GLU H 280 -0.71 47.97 8.84
C GLU H 280 0.54 48.71 9.21
N ASN H 281 0.67 49.11 10.45
CA ASN H 281 1.83 49.82 10.98
C ASN H 281 3.06 48.95 11.05
N LEU H 282 2.92 47.63 11.11
CA LEU H 282 4.08 46.78 10.91
C LEU H 282 4.43 46.68 9.44
N GLN H 283 3.47 46.33 8.60
CA GLN H 283 3.72 46.15 7.17
C GLN H 283 4.10 47.43 6.47
N GLU H 284 3.79 48.59 7.04
CA GLU H 284 4.36 49.83 6.55
C GLU H 284 5.86 49.91 6.86
N ALA H 285 6.27 49.34 7.98
CA ALA H 285 7.67 49.49 8.37
C ALA H 285 8.58 48.48 7.69
N ILE H 286 8.09 47.25 7.47
CA ILE H 286 8.88 46.23 6.79
C ILE H 286 9.18 46.65 5.35
N VAL H 287 8.19 47.23 4.66
CA VAL H 287 8.40 47.69 3.29
C VAL H 287 9.37 48.85 3.26
N LYS H 288 9.25 49.79 4.20
CA LYS H 288 10.15 50.93 4.22
C LYS H 288 11.57 50.52 4.65
N MET H 289 11.71 49.44 5.43
CA MET H 289 13.05 48.93 5.66
C MET H 289 13.66 48.31 4.42
N SER H 290 12.85 47.82 3.50
CA SER H 290 13.39 47.30 2.25
C SER H 290 13.72 48.38 1.25
N MET H 291 13.33 49.63 1.53
CA MET H 291 13.59 50.69 0.56
C MET H 291 14.91 51.40 0.87
N ILE H 292 15.26 51.49 2.15
CA ILE H 292 16.62 51.88 2.51
C ILE H 292 17.59 50.82 2.00
N SER H 293 17.18 49.55 2.12
CA SER H 293 17.90 48.43 1.54
C SER H 293 18.08 48.58 0.04
N SER H 294 17.05 49.07 -0.66
CA SER H 294 17.10 49.15 -2.11
C SER H 294 18.11 50.15 -2.63
N LYS H 295 18.39 51.21 -1.88
CA LYS H 295 19.37 52.19 -2.29
C LYS H 295 20.76 51.62 -2.14
N VAL H 296 21.61 51.84 -3.14
CA VAL H 296 22.92 51.21 -3.22
C VAL H 296 23.96 52.31 -3.10
N ILE H 297 24.46 52.56 -1.91
CA ILE H 297 25.43 53.62 -1.67
C ILE H 297 26.82 53.01 -1.55
N GLY H 298 27.76 53.53 -2.33
CA GLY H 298 29.13 53.05 -2.27
C GLY H 298 30.01 53.85 -1.34
N LEU H 299 30.22 53.36 -0.12
CA LEU H 299 31.02 54.08 0.86
C LEU H 299 32.50 53.84 0.61
N VAL H 300 33.19 54.84 0.09
CA VAL H 300 34.62 54.75 -0.11
C VAL H 300 35.33 55.23 1.14
N ASN H 301 36.20 54.39 1.68
CA ASN H 301 37.04 54.74 2.81
C ASN H 301 38.00 55.84 2.38
N PRO H 302 37.87 57.05 2.92
CA PRO H 302 38.69 58.16 2.42
C PRO H 302 40.11 58.16 2.95
N ALA H 303 40.49 57.19 3.77
CA ALA H 303 41.86 57.01 4.18
C ALA H 303 42.55 55.93 3.38
N GLY H 304 42.04 55.66 2.17
CA GLY H 304 42.54 54.56 1.38
C GLY H 304 43.22 54.98 0.09
N ILE H 305 43.36 54.02 -0.81
CA ILE H 305 44.03 54.24 -2.07
C ILE H 305 43.05 54.28 -3.19
N THR H 306 42.06 53.40 -3.17
CA THR H 306 41.15 53.31 -4.30
C THR H 306 40.47 54.60 -4.55
N GLN H 307 40.43 55.00 -5.81
CA GLN H 307 39.75 56.21 -6.15
C GLN H 307 38.66 55.78 -7.08
N PRO H 308 37.42 56.15 -6.76
CA PRO H 308 36.28 55.79 -7.59
C PRO H 308 36.38 56.33 -8.98
N ARG H 309 37.29 57.27 -9.24
CA ARG H 309 37.43 57.89 -10.52
C ARG H 309 37.88 56.92 -11.50
N ARG H 310 38.84 56.11 -11.15
CA ARG H 310 39.24 54.89 -11.83
C ARG H 310 38.33 53.77 -11.85
N LEU H 311 37.59 53.52 -10.80
CA LEU H 311 36.60 52.43 -10.86
C LEU H 311 35.40 52.53 -11.76
N THR H 312 35.10 53.66 -12.34
CA THR H 312 33.91 54.04 -12.97
C THR H 312 34.17 54.41 -14.40
N LYS H 313 35.38 54.23 -14.89
CA LYS H 313 35.58 54.25 -16.28
C LYS H 313 36.20 53.01 -16.76
N ALA H 314 36.15 51.98 -15.95
CA ALA H 314 36.79 50.74 -16.30
C ALA H 314 35.82 49.97 -17.12
N GLN H 315 36.34 49.12 -17.97
CA GLN H 315 35.48 48.30 -18.78
C GLN H 315 35.19 47.04 -18.06
N THR H 316 34.71 46.04 -18.77
CA THR H 316 34.27 44.83 -18.11
C THR H 316 35.31 44.14 -17.33
N GLY H 317 36.56 44.08 -17.80
CA GLY H 317 37.58 43.31 -17.12
C GLY H 317 38.85 43.99 -16.68
N ASP H 318 38.87 45.30 -16.58
CA ASP H 318 40.11 46.02 -16.32
C ASP H 318 40.86 45.86 -15.06
N PHE H 319 42.17 45.98 -15.16
CA PHE H 319 42.99 45.98 -13.97
C PHE H 319 43.07 47.41 -13.52
N VAL H 320 42.71 47.69 -12.29
CA VAL H 320 42.60 49.01 -11.67
C VAL H 320 43.45 48.99 -10.41
N THR H 321 43.98 50.14 -10.02
CA THR H 321 44.72 50.26 -8.77
C THR H 321 43.74 50.18 -7.60
N GLY H 322 44.16 49.56 -6.52
CA GLY H 322 43.43 49.75 -5.28
C GLY H 322 43.27 48.47 -4.49
N ARG H 323 42.83 48.64 -3.25
CA ARG H 323 42.55 47.57 -2.30
C ARG H 323 41.06 47.30 -2.23
N PRO H 324 40.63 46.05 -2.08
CA PRO H 324 39.20 45.77 -2.04
C PRO H 324 38.54 46.20 -0.74
N GLU H 325 39.30 46.36 0.32
CA GLU H 325 38.73 46.71 1.63
C GLU H 325 38.49 48.20 1.79
N ASP H 326 38.74 49.01 0.76
CA ASP H 326 38.34 50.40 0.84
C ASP H 326 36.90 50.58 0.41
N ILE H 327 36.47 49.86 -0.62
CA ILE H 327 35.13 49.99 -1.17
C ILE H 327 34.22 49.09 -0.35
N SER H 328 33.41 49.68 0.52
CA SER H 328 32.33 48.94 1.15
C SER H 328 31.02 49.66 0.88
N PHE H 329 29.91 48.97 1.08
CA PHE H 329 28.62 49.50 0.70
C PHE H 329 27.75 49.70 1.92
N LEU H 330 27.05 50.80 2.08
CA LEU H 330 26.28 50.97 3.33
C LEU H 330 25.16 49.99 3.30
N GLN H 331 25.02 49.16 4.33
CA GLN H 331 23.88 48.27 4.37
C GLN H 331 23.07 48.41 5.64
N LEU H 332 21.76 48.25 5.56
CA LEU H 332 20.89 48.36 6.73
C LEU H 332 21.15 47.29 7.77
N GLU H 333 21.22 47.70 9.03
CA GLU H 333 21.54 46.80 10.12
C GLU H 333 20.40 46.41 11.02
N LYS H 334 19.17 46.63 10.61
CA LYS H 334 18.05 46.17 11.40
C LYS H 334 17.78 44.73 11.02
N GLN H 335 18.65 43.80 11.42
CA GLN H 335 18.51 42.40 11.04
C GLN H 335 17.90 41.66 12.19
N ALA H 336 18.62 41.40 13.29
CA ALA H 336 17.88 40.87 14.44
C ALA H 336 16.67 41.70 14.77
N ASP H 337 16.36 42.72 13.97
CA ASP H 337 15.18 43.52 14.20
C ASP H 337 14.11 43.29 13.16
N PHE H 338 14.51 42.91 11.95
CA PHE H 338 13.55 42.56 10.91
C PHE H 338 12.79 41.30 11.28
N THR H 339 13.39 40.42 12.07
CA THR H 339 12.72 39.19 12.48
C THR H 339 11.78 39.40 13.64
N VAL H 340 11.97 40.45 14.44
CA VAL H 340 11.01 40.78 15.49
C VAL H 340 9.71 41.27 14.87
N ALA H 341 9.81 42.23 13.96
CA ALA H 341 8.62 42.79 13.33
C ALA H 341 8.00 41.86 12.30
N LYS H 342 8.71 40.83 11.85
CA LYS H 342 8.10 39.86 10.95
C LYS H 342 7.31 38.81 11.71
N ALA H 343 7.87 38.31 12.81
CA ALA H 343 7.22 37.24 13.55
C ALA H 343 5.98 37.72 14.29
N VAL H 344 5.90 39.02 14.57
CA VAL H 344 4.67 39.57 15.12
C VAL H 344 3.65 39.76 14.01
N SER H 345 4.09 40.26 12.86
CA SER H 345 3.18 40.43 11.73
C SER H 345 2.71 39.10 11.17
N ASP H 346 3.51 38.04 11.32
CA ASP H 346 3.02 36.72 10.98
C ASP H 346 2.12 36.14 12.06
N ALA H 347 2.14 36.72 13.25
CA ALA H 347 1.24 36.27 14.30
C ALA H 347 -0.07 37.03 14.30
N ILE H 348 -0.07 38.28 13.82
CA ILE H 348 -1.31 39.03 13.74
C ILE H 348 -2.12 38.60 12.53
N GLU H 349 -1.44 38.33 11.40
CA GLU H 349 -2.12 37.74 10.25
C GLU H 349 -2.63 36.34 10.57
N ALA H 350 -1.98 35.63 11.48
CA ALA H 350 -2.47 34.31 11.85
C ALA H 350 -3.75 34.39 12.66
N ARG H 351 -3.91 35.43 13.48
CA ARG H 351 -5.12 35.56 14.28
C ARG H 351 -6.15 36.48 13.67
N LEU H 352 -5.90 36.99 12.46
CA LEU H 352 -6.97 37.53 11.65
C LEU H 352 -7.47 36.55 10.61
N SER H 353 -6.62 35.61 10.21
CA SER H 353 -7.03 34.61 9.24
C SER H 353 -7.96 33.55 9.83
N PHE H 354 -8.12 33.51 11.15
CA PHE H 354 -9.19 32.69 11.69
C PHE H 354 -10.44 33.52 11.90
N ALA H 355 -10.27 34.81 12.18
CA ALA H 355 -11.40 35.71 12.34
C ALA H 355 -12.14 35.89 11.03
N PHE H 356 -11.42 35.85 9.93
CA PHE H 356 -12.01 35.82 8.61
C PHE H 356 -12.01 34.36 8.17
N MET H 357 -12.83 34.04 7.18
CA MET H 357 -13.06 32.63 6.89
C MET H 357 -12.08 32.07 5.87
N LEU H 358 -10.84 32.57 5.94
CA LEU H 358 -9.82 32.14 5.03
C LEU H 358 -8.91 31.21 5.74
N ASN H 359 -8.60 30.09 5.11
CA ASN H 359 -7.64 29.19 5.71
C ASN H 359 -6.36 30.00 5.69
N SER H 360 -5.56 29.93 6.74
CA SER H 360 -4.40 30.81 6.84
C SER H 360 -3.34 30.68 5.75
N ALA H 361 -2.68 31.78 5.41
CA ALA H 361 -1.65 31.77 4.36
C ALA H 361 -0.58 30.69 4.45
N VAL H 362 -0.34 30.01 3.33
CA VAL H 362 0.67 28.96 3.29
C VAL H 362 2.03 29.45 3.79
N GLN H 363 2.35 30.73 3.58
CA GLN H 363 3.59 31.25 4.16
C GLN H 363 3.48 31.04 5.67
N ARG H 364 4.01 29.92 6.17
CA ARG H 364 3.85 29.55 7.58
C ARG H 364 5.04 28.73 8.04
N THR H 365 4.88 28.08 9.19
CA THR H 365 6.00 27.32 9.76
C THR H 365 6.45 26.20 8.86
N GLY H 366 7.72 25.86 8.92
CA GLY H 366 8.26 24.86 8.01
C GLY H 366 7.66 23.49 8.06
N GLU H 367 7.49 22.86 6.89
CA GLU H 367 6.87 21.53 6.80
C GLU H 367 5.48 21.53 7.42
N ARG H 368 5.19 20.50 8.21
CA ARG H 368 4.21 20.55 9.30
C ARG H 368 2.77 20.41 8.76
N VAL H 369 2.65 20.32 7.45
CA VAL H 369 1.35 20.14 6.83
C VAL H 369 0.86 18.80 7.26
N THR H 370 -0.43 18.69 7.51
CA THR H 370 -0.91 17.41 8.04
C THR H 370 -2.03 16.76 7.23
N ALA H 371 -2.89 15.95 7.85
CA ALA H 371 -3.85 15.18 7.07
C ALA H 371 -5.27 15.75 7.12
N GLU H 372 -6.22 14.94 6.68
CA GLU H 372 -7.60 15.34 6.60
C GLU H 372 -8.03 15.70 8.00
N GLU H 373 -7.58 14.96 9.01
CA GLU H 373 -7.87 15.31 10.40
C GLU H 373 -7.73 16.80 10.64
N ILE H 374 -6.55 17.37 10.50
CA ILE H 374 -6.38 18.83 10.50
C ILE H 374 -7.13 19.59 9.39
N ARG H 375 -7.51 18.92 8.31
CA ARG H 375 -8.36 19.67 7.38
C ARG H 375 -9.74 19.72 8.04
N TYR H 376 -9.92 18.90 9.08
CA TYR H 376 -11.15 19.02 9.84
C TYR H 376 -11.14 20.29 10.69
N VAL H 377 -9.98 20.85 11.01
CA VAL H 377 -9.94 22.16 11.69
C VAL H 377 -10.41 23.23 10.70
N ALA H 378 -10.09 23.06 9.42
CA ALA H 378 -10.63 23.95 8.39
C ALA H 378 -12.13 23.74 8.34
N SER H 379 -12.56 22.51 8.54
CA SER H 379 -14.00 22.27 8.62
C SER H 379 -14.60 22.99 9.82
N GLU H 380 -13.92 23.02 10.95
CA GLU H 380 -14.36 23.73 12.14
C GLU H 380 -14.42 25.22 11.85
N LEU H 381 -13.85 25.75 10.77
CA LEU H 381 -14.07 27.20 10.48
C LEU H 381 -15.56 27.51 10.20
N GLU H 382 -16.36 26.48 9.96
CA GLU H 382 -17.79 26.67 9.69
C GLU H 382 -18.56 27.29 10.86
N ASP H 383 -18.21 26.98 12.09
CA ASP H 383 -18.87 27.56 13.27
C ASP H 383 -18.64 29.07 13.34
N THR H 384 -17.41 29.44 13.03
CA THR H 384 -17.09 30.83 13.01
C THR H 384 -17.90 31.47 11.90
N LEU H 385 -18.04 30.77 10.77
CA LEU H 385 -18.87 31.32 9.69
C LEU H 385 -20.30 31.50 10.14
N GLY H 386 -20.78 30.56 10.94
CA GLY H 386 -22.17 30.56 11.37
C GLY H 386 -22.70 31.63 12.28
N GLY H 387 -21.87 32.12 13.18
CA GLY H 387 -22.33 33.12 14.11
C GLY H 387 -22.73 34.40 13.44
N VAL H 388 -22.00 34.79 12.41
CA VAL H 388 -22.26 36.06 11.73
C VAL H 388 -23.46 36.04 10.80
N TYR H 389 -23.81 34.87 10.29
CA TYR H 389 -24.90 34.81 9.34
C TYR H 389 -26.24 34.59 10.00
N SER H 390 -26.25 34.30 11.28
CA SER H 390 -27.51 33.99 11.94
C SER H 390 -28.46 35.16 11.96
N ILE H 391 -27.98 36.35 12.29
CA ILE H 391 -28.82 37.55 12.38
C ILE H 391 -29.12 38.00 11.01
N LEU H 392 -28.17 37.76 10.13
CA LEU H 392 -28.35 38.21 8.79
C LEU H 392 -29.57 37.54 8.35
N SER H 393 -29.86 36.32 8.75
CA SER H 393 -31.07 35.70 8.20
C SER H 393 -32.35 36.43 8.53
N GLN H 394 -32.59 36.74 9.79
CA GLN H 394 -33.82 37.40 10.14
C GLN H 394 -33.86 38.74 9.47
N GLU H 395 -32.74 39.43 9.45
CA GLU H 395 -32.71 40.76 8.87
C GLU H 395 -32.91 40.82 7.37
N LEU H 396 -32.35 39.90 6.60
CA LEU H 396 -32.36 40.02 5.15
C LEU H 396 -33.07 38.91 4.47
N GLN H 397 -32.66 37.71 4.84
CA GLN H 397 -33.32 36.59 4.22
C GLN H 397 -34.78 36.54 4.32
N LEU H 398 -35.33 36.91 5.46
CA LEU H 398 -36.75 36.72 5.58
C LEU H 398 -37.45 37.90 4.98
N PRO H 399 -37.13 39.12 5.44
CA PRO H 399 -37.83 40.13 4.72
C PRO H 399 -37.88 40.06 3.21
N LEU H 400 -36.81 39.69 2.52
CA LEU H 400 -36.87 39.67 1.10
C LEU H 400 -37.92 38.68 0.70
N VAL H 401 -37.94 37.51 1.32
CA VAL H 401 -38.89 36.49 0.91
C VAL H 401 -40.33 36.94 1.13
N ARG H 402 -40.60 37.57 2.26
CA ARG H 402 -41.95 38.05 2.51
C ARG H 402 -42.37 39.09 1.51
N VAL H 403 -41.49 40.03 1.21
CA VAL H 403 -41.88 41.07 0.29
C VAL H 403 -42.14 40.42 -1.05
N LEU H 404 -41.31 39.49 -1.46
CA LEU H 404 -41.48 38.92 -2.77
C LEU H 404 -42.80 38.20 -2.83
N LEU H 405 -43.16 37.52 -1.76
CA LEU H 405 -44.39 36.77 -1.79
C LEU H 405 -45.60 37.68 -1.90
N LYS H 406 -45.67 38.77 -1.15
CA LYS H 406 -46.77 39.69 -1.36
C LYS H 406 -46.78 40.27 -2.77
N GLN H 407 -45.63 40.69 -3.26
CA GLN H 407 -45.57 41.35 -4.56
C GLN H 407 -45.88 40.42 -5.72
N LEU H 408 -45.64 39.13 -5.58
CA LEU H 408 -46.01 38.20 -6.63
C LEU H 408 -47.48 37.84 -6.61
N GLN H 409 -48.16 38.04 -5.48
CA GLN H 409 -49.61 37.85 -5.48
C GLN H 409 -50.31 38.96 -6.23
N ALA H 410 -49.81 40.19 -6.10
CA ALA H 410 -50.47 41.33 -6.71
C ALA H 410 -50.29 41.36 -8.23
N THR H 411 -49.19 40.81 -8.73
CA THR H 411 -48.95 40.75 -10.17
C THR H 411 -49.37 39.42 -10.76
N GLN H 412 -49.95 38.53 -9.94
CA GLN H 412 -50.53 37.25 -10.36
C GLN H 412 -49.49 36.32 -10.99
N GLN H 413 -48.22 36.49 -10.63
CA GLN H 413 -47.19 35.54 -11.03
C GLN H 413 -47.09 34.38 -10.06
N ILE H 414 -47.89 34.39 -9.00
CA ILE H 414 -47.89 33.32 -8.00
C ILE H 414 -49.32 33.02 -7.61
N PRO H 415 -49.63 31.77 -7.28
CA PRO H 415 -50.97 31.48 -6.78
C PRO H 415 -51.14 32.01 -5.38
N GLU H 416 -52.35 32.47 -5.09
CA GLU H 416 -52.65 33.07 -3.79
C GLU H 416 -52.67 31.97 -2.74
N LEU H 417 -51.56 31.85 -2.01
CA LEU H 417 -51.43 30.82 -1.00
C LEU H 417 -52.31 31.13 0.21
N PRO H 418 -53.03 30.15 0.74
CA PRO H 418 -54.22 30.43 1.56
C PRO H 418 -53.92 30.73 3.03
N LYS H 419 -53.21 31.83 3.25
CA LYS H 419 -53.14 32.56 4.52
C LYS H 419 -52.51 31.78 5.68
N GLU H 420 -52.01 30.57 5.44
CA GLU H 420 -51.56 29.71 6.53
C GLU H 420 -50.16 29.13 6.33
N ALA H 421 -49.49 29.44 5.23
CA ALA H 421 -48.16 28.92 4.99
C ALA H 421 -47.12 29.97 5.33
N VAL H 422 -46.09 29.55 6.06
CA VAL H 422 -45.01 30.42 6.52
C VAL H 422 -43.69 29.80 6.10
N GLU H 423 -42.63 30.60 6.19
CA GLU H 423 -41.37 30.15 5.66
C GLU H 423 -40.15 30.16 6.52
N PRO H 424 -39.47 29.03 6.57
CA PRO H 424 -38.21 29.01 7.28
C PRO H 424 -37.12 29.07 6.26
N THR H 425 -36.14 29.92 6.47
CA THR H 425 -35.02 29.95 5.56
C THR H 425 -34.02 28.89 5.98
N ILE H 426 -34.34 27.64 5.68
CA ILE H 426 -33.48 26.52 6.07
C ILE H 426 -32.32 26.39 5.11
N SER H 427 -31.13 26.09 5.62
CA SER H 427 -29.96 26.01 4.77
C SER H 427 -29.77 24.60 4.23
N GLY H 434 -34.14 24.86 2.62
CA GLY H 434 -33.48 23.86 1.80
C GLY H 434 -33.58 22.47 2.39
N ARG H 435 -34.54 21.70 1.89
CA ARG H 435 -34.77 20.34 2.35
C ARG H 435 -33.99 19.37 1.45
N GLY H 436 -33.08 18.61 2.05
CA GLY H 436 -32.65 18.78 3.43
C GLY H 436 -33.21 17.74 4.38
N GLN H 437 -34.01 18.21 5.34
CA GLN H 437 -34.58 17.29 6.31
C GLN H 437 -35.62 16.38 5.69
N ASP H 438 -36.31 16.84 4.65
CA ASP H 438 -37.26 15.96 3.98
C ASP H 438 -36.55 14.92 3.13
N LEU H 439 -35.33 15.22 2.68
CA LEU H 439 -34.63 14.26 1.84
C LEU H 439 -33.87 13.23 2.66
N ASP H 440 -33.12 13.69 3.66
CA ASP H 440 -32.24 12.79 4.41
C ASP H 440 -33.04 11.85 5.28
N LYS H 441 -34.14 12.32 5.87
CA LYS H 441 -34.99 11.45 6.66
C LYS H 441 -35.77 10.47 5.79
N LEU H 442 -36.02 10.74 4.53
CA LEU H 442 -36.52 9.69 3.70
C LEU H 442 -35.51 8.66 3.51
N GLU H 443 -34.29 9.08 3.21
CA GLU H 443 -33.26 8.15 2.83
C GLU H 443 -32.73 7.22 3.87
N ARG H 444 -32.53 7.71 5.08
CA ARG H 444 -32.04 6.84 6.12
C ARG H 444 -33.03 5.76 6.38
N CYS H 445 -34.28 6.13 6.49
CA CYS H 445 -35.28 5.15 6.69
C CYS H 445 -35.40 4.23 5.50
N VAL H 446 -35.26 4.72 4.27
CA VAL H 446 -35.34 3.79 3.16
C VAL H 446 -34.25 2.74 3.21
N THR H 447 -33.05 3.03 3.68
CA THR H 447 -32.03 1.97 3.81
C THR H 447 -32.41 0.93 4.85
N ALA H 448 -33.11 1.38 5.89
CA ALA H 448 -33.55 0.47 6.94
C ALA H 448 -34.51 -0.56 6.39
N TRP H 449 -35.35 -0.16 5.45
CA TRP H 449 -36.25 -1.13 4.82
C TRP H 449 -35.52 -2.22 4.04
N ALA H 450 -34.41 -1.93 3.37
CA ALA H 450 -33.57 -2.97 2.75
C ALA H 450 -32.93 -3.87 3.82
N ALA H 451 -32.60 -3.29 4.96
CA ALA H 451 -32.07 -4.15 6.00
C ALA H 451 -33.13 -5.18 6.33
N LEU H 452 -34.37 -4.91 5.96
CA LEU H 452 -35.48 -5.84 6.24
C LEU H 452 -35.80 -6.71 5.05
N ALA H 453 -35.04 -6.60 3.97
CA ALA H 453 -35.23 -7.46 2.80
C ALA H 453 -34.98 -8.97 2.99
N PRO H 454 -33.92 -9.35 3.73
CA PRO H 454 -33.75 -10.78 4.01
C PRO H 454 -34.88 -11.36 4.81
N MET H 455 -35.40 -10.60 5.77
CA MET H 455 -36.43 -11.10 6.67
C MET H 455 -37.81 -10.93 6.09
N ARG H 456 -37.89 -10.53 4.83
CA ARG H 456 -39.18 -10.24 4.23
C ARG H 456 -40.06 -11.46 4.28
N ASP H 457 -39.48 -12.61 4.04
CA ASP H 457 -40.26 -13.84 4.03
C ASP H 457 -40.38 -14.51 5.40
N ASP H 458 -39.79 -13.92 6.43
CA ASP H 458 -39.80 -14.56 7.75
C ASP H 458 -41.19 -14.75 8.34
N PRO H 459 -41.46 -15.94 8.88
CA PRO H 459 -42.78 -16.25 9.41
C PRO H 459 -43.23 -15.47 10.63
N ASP H 460 -42.33 -15.18 11.56
CA ASP H 460 -42.75 -14.53 12.80
C ASP H 460 -42.61 -13.03 12.91
N ILE H 461 -41.67 -12.42 12.19
CA ILE H 461 -41.44 -11.00 12.38
C ILE H 461 -42.56 -10.22 11.71
N ASN H 462 -43.15 -9.29 12.46
CA ASN H 462 -44.21 -8.45 11.91
C ASN H 462 -43.55 -7.35 11.11
N LEU H 463 -43.26 -7.65 9.84
CA LEU H 463 -42.67 -6.67 8.94
C LEU H 463 -43.62 -5.53 8.62
N ALA H 464 -44.93 -5.75 8.81
CA ALA H 464 -45.91 -4.68 8.68
C ALA H 464 -45.77 -3.65 9.79
N MET H 465 -45.14 -4.01 10.90
CA MET H 465 -45.02 -3.12 12.05
C MET H 465 -43.65 -2.49 12.16
N ILE H 466 -42.60 -3.24 11.79
CA ILE H 466 -41.23 -2.75 11.86
C ILE H 466 -41.03 -1.58 10.89
N LYS H 467 -41.64 -1.67 9.71
CA LYS H 467 -41.61 -0.57 8.76
C LYS H 467 -42.36 0.65 9.27
N LEU H 468 -43.25 0.48 10.24
CA LEU H 468 -43.89 1.64 10.82
C LEU H 468 -42.99 2.19 11.88
N ARG H 469 -42.37 1.35 12.70
CA ARG H 469 -41.54 1.82 13.79
C ARG H 469 -40.30 2.57 13.36
N ILE H 470 -39.65 2.09 12.33
CA ILE H 470 -38.46 2.75 11.82
C ILE H 470 -38.87 4.12 11.33
N ALA H 471 -40.04 4.20 10.71
CA ALA H 471 -40.54 5.47 10.24
C ALA H 471 -40.81 6.37 11.38
N ASN H 472 -41.43 5.88 12.43
CA ASN H 472 -41.78 6.75 13.52
C ASN H 472 -40.46 7.29 13.99
N ALA H 473 -39.45 6.43 14.08
CA ALA H 473 -38.16 6.84 14.66
C ALA H 473 -37.35 7.84 13.86
N ILE H 474 -37.28 7.67 12.56
CA ILE H 474 -36.59 8.65 11.76
C ILE H 474 -37.39 9.92 11.95
N GLY H 475 -38.70 9.81 12.05
CA GLY H 475 -39.52 10.98 12.19
C GLY H 475 -40.30 11.38 10.96
N ILE H 476 -40.37 10.51 9.97
CA ILE H 476 -41.17 10.81 8.81
C ILE H 476 -42.66 10.81 9.15
N ASP H 477 -43.48 11.45 8.32
CA ASP H 477 -44.91 11.61 8.64
C ASP H 477 -45.83 10.42 8.59
N THR H 478 -45.36 9.29 8.09
CA THR H 478 -46.24 8.13 7.93
C THR H 478 -47.45 8.55 7.12
N SER H 479 -48.65 8.20 7.53
CA SER H 479 -49.89 8.61 6.85
C SER H 479 -50.24 7.97 5.51
N GLY H 480 -49.40 8.15 4.50
CA GLY H 480 -49.66 7.52 3.22
C GLY H 480 -48.57 6.53 2.97
N ILE H 481 -47.64 6.44 3.89
CA ILE H 481 -46.51 5.56 3.72
C ILE H 481 -46.95 4.11 3.67
N LEU H 482 -47.91 3.70 4.48
CA LEU H 482 -48.25 2.28 4.46
C LEU H 482 -49.47 1.99 3.61
N LEU H 483 -49.39 1.00 2.71
CA LEU H 483 -50.55 0.64 1.95
C LEU H 483 -51.66 0.28 2.91
N THR H 484 -52.85 0.83 2.68
CA THR H 484 -53.98 0.50 3.53
C THR H 484 -54.58 -0.77 2.98
N GLU H 485 -55.57 -1.32 3.65
CA GLU H 485 -56.09 -2.59 3.20
C GLU H 485 -56.67 -2.49 1.79
N GLU H 486 -57.38 -1.42 1.48
CA GLU H 486 -57.99 -1.30 0.16
C GLU H 486 -56.94 -1.24 -0.90
N GLN H 487 -55.90 -0.50 -0.63
CA GLN H 487 -54.81 -0.43 -1.58
C GLN H 487 -54.13 -1.77 -1.76
N LYS H 488 -53.98 -2.54 -0.69
CA LYS H 488 -53.43 -3.89 -0.85
C LYS H 488 -54.33 -4.77 -1.70
N GLN H 489 -55.65 -4.65 -1.50
CA GLN H 489 -56.56 -5.45 -2.29
C GLN H 489 -56.39 -5.07 -3.73
N GLN H 490 -56.24 -3.79 -3.98
CA GLN H 490 -56.11 -3.33 -5.34
C GLN H 490 -54.86 -3.87 -5.97
N LYS H 491 -53.79 -3.88 -5.21
CA LYS H 491 -52.54 -4.38 -5.73
C LYS H 491 -52.67 -5.85 -6.08
N MET H 492 -53.31 -6.61 -5.21
CA MET H 492 -53.45 -8.01 -5.49
C MET H 492 -54.26 -8.19 -6.75
N ALA H 493 -55.30 -7.40 -6.90
CA ALA H 493 -56.10 -7.49 -8.07
C ALA H 493 -55.36 -7.17 -9.35
N GLN H 494 -54.53 -6.14 -9.34
CA GLN H 494 -53.87 -5.79 -10.57
C GLN H 494 -52.87 -6.83 -11.02
N GLN H 495 -52.22 -7.55 -10.12
CA GLN H 495 -51.36 -8.64 -10.57
C GLN H 495 -52.17 -9.68 -11.32
N SER H 496 -53.42 -9.88 -10.89
CA SER H 496 -54.29 -10.85 -11.55
C SER H 496 -54.85 -10.32 -12.86
N MET H 497 -55.24 -9.04 -12.88
CA MET H 497 -55.74 -8.45 -14.11
C MET H 497 -54.63 -8.31 -15.14
N GLN H 498 -53.39 -8.18 -14.69
CA GLN H 498 -52.25 -8.26 -15.59
C GLN H 498 -52.14 -9.64 -16.20
N MET H 499 -52.14 -10.68 -15.35
CA MET H 499 -52.07 -12.04 -15.86
C MET H 499 -53.37 -12.45 -16.55
N GLY H 500 -54.48 -11.81 -16.21
CA GLY H 500 -55.70 -12.03 -16.96
C GLY H 500 -55.63 -11.43 -18.35
N MET H 501 -55.13 -10.20 -18.46
CA MET H 501 -54.99 -9.60 -19.78
C MET H 501 -53.86 -10.25 -20.57
N ASP H 502 -52.83 -10.74 -19.89
CA ASP H 502 -51.69 -11.34 -20.61
C ASP H 502 -52.05 -12.71 -21.15
N ASN H 503 -52.56 -13.59 -20.30
CA ASN H 503 -52.93 -14.92 -20.75
C ASN H 503 -54.15 -14.88 -21.66
N GLY H 504 -55.06 -13.93 -21.44
CA GLY H 504 -56.23 -13.77 -22.29
C GLY H 504 -55.88 -13.36 -23.70
N ALA H 505 -55.03 -12.33 -23.83
CA ALA H 505 -54.64 -11.87 -25.16
C ALA H 505 -53.74 -12.88 -25.87
N ALA H 506 -53.03 -13.71 -25.12
CA ALA H 506 -52.28 -14.80 -25.73
C ALA H 506 -53.15 -15.99 -26.05
N ALA H 507 -54.34 -16.07 -25.47
CA ALA H 507 -55.21 -17.22 -25.72
C ALA H 507 -55.93 -17.08 -27.05
N LEU H 508 -56.69 -16.00 -27.24
CA LEU H 508 -57.50 -15.86 -28.44
C LEU H 508 -56.65 -15.59 -29.66
N ALA H 509 -55.47 -14.99 -29.49
CA ALA H 509 -54.59 -14.78 -30.63
C ALA H 509 -54.00 -16.09 -31.10
N GLN H 510 -53.73 -17.02 -30.18
CA GLN H 510 -53.47 -18.40 -30.57
C GLN H 510 -54.77 -19.10 -30.93
N GLY H 511 -55.88 -18.67 -30.35
CA GLY H 511 -57.17 -19.29 -30.59
C GLY H 511 -57.77 -18.95 -31.93
N MET H 512 -57.76 -17.67 -32.31
CA MET H 512 -58.34 -17.27 -33.59
C MET H 512 -57.47 -17.72 -34.74
N ALA H 513 -56.18 -17.38 -34.70
CA ALA H 513 -55.27 -17.59 -35.82
C ALA H 513 -54.97 -19.04 -36.12
N ALA H 514 -55.24 -19.96 -35.17
CA ALA H 514 -55.10 -21.37 -35.49
C ALA H 514 -56.24 -21.85 -36.37
N GLN H 515 -57.47 -21.48 -36.03
CA GLN H 515 -58.63 -21.90 -36.78
C GLN H 515 -58.98 -20.93 -37.92
N ALA H 516 -58.31 -19.81 -38.03
CA ALA H 516 -58.56 -18.95 -39.18
C ALA H 516 -57.75 -19.53 -40.31
N THR H 517 -56.45 -19.63 -40.13
CA THR H 517 -55.59 -20.20 -41.15
C THR H 517 -55.77 -21.71 -41.35
N ALA H 518 -56.59 -22.36 -40.52
CA ALA H 518 -56.85 -23.80 -40.74
C ALA H 518 -57.68 -23.96 -41.98
N SER H 519 -57.27 -24.85 -42.90
CA SER H 519 -57.97 -25.12 -44.17
C SER H 519 -57.57 -24.09 -45.23
N PRO H 520 -57.33 -24.54 -46.47
CA PRO H 520 -56.84 -23.58 -47.46
C PRO H 520 -57.81 -22.46 -47.84
N GLU H 521 -59.07 -22.79 -48.05
CA GLU H 521 -60.08 -21.78 -48.38
C GLU H 521 -60.39 -20.82 -47.25
N ALA H 522 -60.50 -21.32 -46.03
CA ALA H 522 -60.84 -20.48 -44.89
C ALA H 522 -59.73 -19.48 -44.79
N MET H 523 -58.57 -19.88 -45.26
CA MET H 523 -57.39 -19.02 -45.25
C MET H 523 -57.54 -17.88 -46.24
N ALA H 524 -58.12 -18.17 -47.42
CA ALA H 524 -58.38 -17.12 -48.39
C ALA H 524 -59.49 -16.19 -47.91
N ALA H 525 -60.44 -16.73 -47.14
CA ALA H 525 -61.50 -15.90 -46.59
C ALA H 525 -60.99 -15.01 -45.47
N ALA H 526 -59.97 -15.48 -44.73
CA ALA H 526 -59.45 -14.69 -43.62
C ALA H 526 -58.61 -13.53 -44.11
N ALA H 527 -57.96 -13.69 -45.26
CA ALA H 527 -57.12 -12.62 -45.80
C ALA H 527 -57.96 -11.51 -46.40
N ASP H 528 -59.19 -11.83 -46.79
CA ASP H 528 -60.05 -10.81 -47.40
C ASP H 528 -60.62 -9.88 -46.35
N SER H 529 -60.69 -10.33 -45.10
CA SER H 529 -61.23 -9.50 -44.03
C SER H 529 -60.28 -8.36 -43.67
N VAL H 530 -58.99 -8.58 -43.84
CA VAL H 530 -57.99 -7.54 -43.64
C VAL H 530 -58.01 -6.64 -44.87
N GLY H 531 -58.08 -7.29 -46.04
CA GLY H 531 -58.04 -6.56 -47.31
C GLY H 531 -57.08 -7.19 -48.33
N LEU H 532 -56.33 -8.22 -47.94
CA LEU H 532 -55.34 -8.84 -48.84
C LEU H 532 -55.80 -9.83 -49.90
N GLN H 533 -54.99 -10.04 -50.94
CA GLN H 533 -55.33 -10.97 -52.04
C GLN H 533 -55.05 -12.45 -51.72
N PRO H 534 -55.74 -13.37 -52.41
CA PRO H 534 -55.55 -14.81 -52.19
C PRO H 534 -54.17 -15.42 -52.45
N GLY H 535 -53.51 -15.05 -53.54
CA GLY H 535 -52.16 -15.53 -53.79
C GLY H 535 -51.21 -14.85 -52.84
N ILE H 536 -50.15 -15.52 -52.42
CA ILE H 536 -49.17 -14.90 -51.53
C ILE H 536 -47.98 -14.32 -52.29
N THR I 6 -32.75 68.91 -37.43
CA THR I 6 -33.47 69.37 -36.25
C THR I 6 -32.50 69.61 -35.11
N GLY I 7 -32.90 70.47 -34.16
CA GLY I 7 -32.03 70.76 -33.04
C GLY I 7 -31.80 69.51 -32.22
N LEU I 8 -32.84 68.71 -32.00
CA LEU I 8 -32.71 67.45 -31.28
C LEU I 8 -32.50 67.62 -29.78
N ALA I 9 -32.75 68.82 -29.24
CA ALA I 9 -32.59 69.08 -27.80
C ALA I 9 -31.17 68.84 -27.27
N GLU I 10 -30.14 69.11 -28.08
CA GLU I 10 -28.74 68.90 -27.70
C GLU I 10 -27.85 69.90 -28.46
N ASP I 11 -26.67 70.20 -27.94
CA ASP I 11 -25.74 71.09 -28.63
C ASP I 11 -25.25 70.53 -29.96
N GLY I 12 -24.92 69.24 -29.98
CA GLY I 12 -24.06 68.66 -30.98
C GLY I 12 -23.17 67.57 -30.39
N ALA I 13 -23.04 66.44 -31.06
CA ALA I 13 -22.24 65.33 -30.54
C ALA I 13 -20.77 65.62 -30.38
N LYS I 14 -20.19 66.39 -31.26
CA LYS I 14 -18.81 66.77 -31.09
C LYS I 14 -18.62 67.44 -29.78
N SER I 15 -19.45 68.43 -29.49
CA SER I 15 -19.33 69.17 -28.27
C SER I 15 -19.56 68.34 -27.04
N VAL I 16 -20.57 67.48 -27.06
CA VAL I 16 -20.84 66.64 -25.93
C VAL I 16 -19.62 65.82 -25.67
N TYR I 17 -18.98 65.37 -26.73
CA TYR I 17 -17.74 64.63 -26.57
C TYR I 17 -16.64 65.50 -25.99
N GLU I 18 -16.61 66.79 -26.33
CA GLU I 18 -15.51 67.62 -25.89
C GLU I 18 -15.71 68.17 -24.49
N ARG I 19 -16.96 68.40 -24.08
CA ARG I 19 -17.18 68.82 -22.69
C ARG I 19 -16.86 67.71 -21.72
N LEU I 20 -17.17 66.48 -22.10
CA LEU I 20 -17.01 65.36 -21.20
C LEU I 20 -15.73 64.57 -21.45
N LYS I 21 -14.91 65.00 -22.40
CA LYS I 21 -13.58 64.41 -22.49
C LYS I 21 -12.73 64.82 -21.30
N ASN I 22 -13.04 65.95 -20.68
CA ASN I 22 -12.40 66.38 -19.44
C ASN I 22 -12.89 65.63 -18.22
N ASP I 23 -13.66 64.55 -18.39
CA ASP I 23 -14.03 63.66 -17.31
C ASP I 23 -13.40 62.29 -17.45
N ARG I 24 -12.95 61.93 -18.66
CA ARG I 24 -12.20 60.68 -18.79
C ARG I 24 -10.81 60.81 -18.21
N ALA I 25 -10.21 61.99 -18.35
CA ALA I 25 -8.85 62.32 -17.96
C ALA I 25 -8.48 61.95 -16.51
N PRO I 26 -9.40 61.92 -15.54
CA PRO I 26 -9.08 61.19 -14.32
C PRO I 26 -8.89 59.70 -14.53
N TYR I 27 -9.86 59.03 -15.15
CA TYR I 27 -9.79 57.58 -15.33
C TYR I 27 -8.74 57.19 -16.35
N GLU I 28 -8.56 58.00 -17.38
CA GLU I 28 -7.61 57.69 -18.43
C GLU I 28 -6.18 57.75 -17.93
N THR I 29 -5.83 58.77 -17.13
CA THR I 29 -4.49 58.84 -16.57
C THR I 29 -4.29 57.88 -15.41
N ARG I 30 -5.37 57.30 -14.86
CA ARG I 30 -5.20 56.16 -13.98
C ARG I 30 -4.78 54.93 -14.77
N ALA I 31 -5.48 54.66 -15.86
CA ALA I 31 -5.24 53.44 -16.63
C ALA I 31 -3.90 53.47 -17.33
N GLN I 32 -3.44 54.66 -17.74
CA GLN I 32 -2.09 54.77 -18.31
C GLN I 32 -1.03 54.47 -17.26
N ASN I 33 -1.29 54.86 -16.01
CA ASN I 33 -0.43 54.41 -14.93
C ASN I 33 -0.66 52.95 -14.63
N CYS I 34 -1.91 52.51 -14.67
CA CYS I 34 -2.23 51.16 -14.21
C CYS I 34 -1.84 50.09 -15.21
N ALA I 35 -1.74 50.43 -16.49
CA ALA I 35 -1.20 49.49 -17.47
C ALA I 35 0.31 49.54 -17.54
N GLN I 36 0.92 50.61 -17.02
CA GLN I 36 2.37 50.74 -17.05
C GLN I 36 3.05 49.68 -16.18
N TYR I 37 2.38 49.25 -15.12
CA TYR I 37 2.97 48.30 -14.19
C TYR I 37 2.69 46.85 -14.54
N THR I 38 1.59 46.59 -15.25
CA THR I 38 1.24 45.21 -15.56
C THR I 38 1.71 44.80 -16.95
N ILE I 39 1.17 45.43 -17.97
CA ILE I 39 1.54 45.16 -19.35
C ILE I 39 1.29 46.42 -20.18
N PRO I 40 2.35 47.11 -20.63
CA PRO I 40 2.17 48.43 -21.24
C PRO I 40 1.54 48.40 -22.62
N SER I 41 1.48 47.23 -23.28
CA SER I 41 0.87 47.16 -24.59
C SER I 41 -0.64 47.13 -24.54
N LEU I 42 -1.23 47.06 -23.36
CA LEU I 42 -2.66 46.81 -23.26
C LEU I 42 -3.46 48.11 -23.34
N PHE I 43 -3.05 49.14 -22.61
CA PHE I 43 -3.73 50.45 -22.65
C PHE I 43 -2.76 51.52 -23.03
N PRO I 44 -2.59 51.74 -24.34
CA PRO I 44 -1.62 52.70 -24.81
C PRO I 44 -1.98 54.12 -24.48
N LYS I 45 -0.98 54.95 -24.21
CA LYS I 45 -1.23 56.34 -23.95
C LYS I 45 -1.71 56.90 -25.28
N ASP I 46 -2.52 57.95 -25.26
CA ASP I 46 -3.10 58.44 -26.52
C ASP I 46 -2.03 58.89 -27.50
N SER I 47 -1.00 59.53 -27.01
CA SER I 47 0.09 59.95 -27.87
C SER I 47 0.77 58.80 -28.53
N ASP I 48 0.99 57.72 -27.80
CA ASP I 48 1.70 56.56 -28.33
C ASP I 48 1.33 56.16 -29.72
N ASN I 49 2.33 55.91 -30.55
CA ASN I 49 2.06 55.56 -31.92
C ASN I 49 2.85 54.33 -32.30
N ALA I 50 3.09 54.15 -33.58
CA ALA I 50 3.82 53.01 -34.04
C ALA I 50 5.21 53.00 -33.48
N SER I 51 5.82 54.17 -33.33
CA SER I 51 7.16 54.28 -32.76
C SER I 51 7.36 53.90 -31.30
N THR I 52 6.38 54.19 -30.45
CA THR I 52 6.55 53.94 -29.01
C THR I 52 6.93 52.54 -28.63
N ASP I 53 8.00 52.41 -27.88
CA ASP I 53 8.38 51.10 -27.43
C ASP I 53 7.97 50.94 -25.99
N TYR I 54 7.27 49.85 -25.71
CA TYR I 54 6.77 49.68 -24.38
C TYR I 54 7.73 48.90 -23.53
N GLN I 55 8.46 49.59 -22.68
CA GLN I 55 9.43 48.96 -21.80
C GLN I 55 8.72 48.02 -20.84
N THR I 56 9.23 46.82 -20.72
CA THR I 56 8.65 45.85 -19.81
C THR I 56 8.89 46.31 -18.37
N PRO I 57 7.94 46.12 -17.47
CA PRO I 57 8.20 46.45 -16.08
C PRO I 57 9.24 45.52 -15.49
N TRP I 58 9.92 46.02 -14.45
CA TRP I 58 10.98 45.25 -13.81
C TRP I 58 10.43 44.00 -13.13
N GLN I 59 9.22 44.09 -12.61
CA GLN I 59 8.50 42.94 -12.12
C GLN I 59 7.61 42.36 -13.21
N ALA I 60 7.41 41.05 -13.16
CA ALA I 60 6.54 40.38 -14.11
C ALA I 60 5.43 39.62 -13.39
N VAL I 61 4.88 40.22 -12.33
CA VAL I 61 3.69 39.66 -11.70
C VAL I 61 2.44 40.25 -12.30
N GLY I 62 2.45 41.55 -12.61
CA GLY I 62 1.30 42.17 -13.24
C GLY I 62 1.04 41.63 -14.63
N ALA I 63 2.10 41.34 -15.38
CA ALA I 63 1.91 40.67 -16.66
C ALA I 63 1.45 39.24 -16.48
N ARG I 64 1.89 38.59 -15.40
CA ARG I 64 1.41 37.25 -15.09
C ARG I 64 -0.01 37.27 -14.56
N GLY I 65 -0.28 38.08 -13.54
CA GLY I 65 -1.54 38.07 -12.86
C GLY I 65 -2.70 38.75 -13.57
N LEU I 66 -2.51 39.16 -14.81
CA LEU I 66 -3.59 39.73 -15.61
C LEU I 66 -4.14 38.71 -16.59
N ASN I 67 -3.25 38.09 -17.39
CA ASN I 67 -3.65 37.01 -18.27
C ASN I 67 -4.18 35.82 -17.47
N ASN I 68 -3.63 35.59 -16.29
CA ASN I 68 -4.13 34.54 -15.42
C ASN I 68 -5.39 34.96 -14.68
N LEU I 69 -5.83 36.20 -14.83
CA LEU I 69 -7.11 36.62 -14.28
C LEU I 69 -8.13 36.97 -15.34
N ALA I 70 -7.70 37.43 -16.51
CA ALA I 70 -8.64 37.64 -17.59
C ALA I 70 -9.12 36.33 -18.19
N SER I 71 -8.30 35.30 -18.07
CA SER I 71 -8.65 33.99 -18.58
C SER I 71 -9.54 33.25 -17.65
N LYS I 72 -9.26 33.31 -16.36
CA LYS I 72 -10.12 32.67 -15.39
C LYS I 72 -11.48 33.33 -15.37
N LEU I 73 -11.51 34.65 -15.45
CA LEU I 73 -12.77 35.34 -15.50
C LEU I 73 -13.47 34.86 -16.74
N MET I 74 -12.81 34.73 -17.87
CA MET I 74 -13.51 34.32 -19.07
C MET I 74 -14.09 32.95 -18.90
N LEU I 75 -13.34 32.00 -18.36
CA LEU I 75 -13.88 30.66 -18.27
C LEU I 75 -15.10 30.71 -17.40
N ALA I 76 -15.02 31.45 -16.32
CA ALA I 76 -16.15 31.48 -15.40
C ALA I 76 -17.37 32.15 -15.95
N LEU I 77 -17.18 33.24 -16.67
CA LEU I 77 -18.32 34.03 -17.13
C LEU I 77 -18.88 33.52 -18.40
N PHE I 78 -18.02 33.21 -19.35
CA PHE I 78 -18.48 32.75 -20.63
C PHE I 78 -17.98 31.34 -20.85
N PRO I 79 -18.56 30.39 -20.11
CA PRO I 79 -18.10 29.02 -20.20
C PRO I 79 -18.48 28.56 -21.55
N MET I 80 -17.79 27.58 -22.10
CA MET I 80 -18.20 27.04 -23.38
C MET I 80 -19.58 26.44 -23.21
N GLN I 81 -19.79 25.75 -22.10
CA GLN I 81 -21.08 25.17 -21.83
C GLN I 81 -22.08 26.27 -21.64
N THR I 82 -23.30 26.08 -22.08
CA THR I 82 -24.31 27.14 -22.01
C THR I 82 -24.32 27.96 -20.75
N TRP I 83 -24.22 29.27 -20.88
CA TRP I 83 -24.28 30.09 -19.71
C TRP I 83 -25.43 31.06 -19.58
N MET I 84 -26.43 30.99 -20.45
CA MET I 84 -27.72 31.57 -20.17
C MET I 84 -28.74 30.51 -20.36
N ARG I 85 -29.82 30.56 -19.60
CA ARG I 85 -30.97 29.72 -19.90
C ARG I 85 -32.23 30.55 -19.80
N LEU I 86 -33.27 30.16 -20.52
CA LEU I 86 -34.50 30.95 -20.54
C LEU I 86 -35.50 30.32 -19.60
N THR I 87 -35.79 31.00 -18.49
CA THR I 87 -36.83 30.58 -17.59
C THR I 87 -38.16 31.15 -18.06
N ILE I 88 -39.11 30.28 -18.30
CA ILE I 88 -40.49 30.72 -18.43
C ILE I 88 -41.10 30.82 -17.03
N SER I 89 -41.96 31.80 -16.83
CA SER I 89 -42.67 31.93 -15.57
C SER I 89 -43.61 30.75 -15.43
N GLU I 90 -43.36 29.91 -14.43
CA GLU I 90 -43.92 28.56 -14.43
C GLU I 90 -45.41 28.57 -14.12
N TYR I 91 -45.86 29.44 -13.22
CA TYR I 91 -47.29 29.46 -12.89
C TYR I 91 -48.10 30.07 -14.02
N GLU I 92 -47.57 31.09 -14.69
CA GLU I 92 -48.24 31.62 -15.86
C GLU I 92 -48.11 30.69 -17.06
N ALA I 93 -47.16 29.75 -17.03
CA ALA I 93 -47.13 28.72 -18.05
C ALA I 93 -48.15 27.62 -17.78
N LYS I 94 -48.51 27.39 -16.52
CA LYS I 94 -49.54 26.41 -16.21
C LYS I 94 -50.92 26.91 -16.60
N GLN I 95 -51.14 28.23 -16.54
CA GLN I 95 -52.47 28.77 -16.81
C GLN I 95 -52.79 28.74 -18.28
N LEU I 96 -51.82 29.10 -19.12
CA LEU I 96 -52.06 29.27 -20.55
C LEU I 96 -51.90 27.99 -21.34
N LEU I 97 -51.90 26.83 -20.70
CA LEU I 97 -51.49 25.60 -21.37
C LEU I 97 -52.15 24.40 -20.72
N SER I 98 -52.37 23.36 -21.53
CA SER I 98 -52.92 22.10 -21.04
C SER I 98 -51.77 21.20 -20.61
N ASP I 99 -51.73 20.90 -19.30
CA ASP I 99 -50.66 20.14 -18.69
C ASP I 99 -50.65 18.69 -19.19
N PRO I 100 -49.52 17.97 -19.07
CA PRO I 100 -48.14 18.36 -18.72
C PRO I 100 -47.17 18.32 -19.89
N ASP I 101 -47.60 17.75 -21.02
CA ASP I 101 -46.70 17.54 -22.15
C ASP I 101 -46.34 18.87 -22.81
N GLY I 102 -47.26 19.83 -22.81
CA GLY I 102 -46.99 21.12 -23.42
C GLY I 102 -45.98 21.94 -22.65
N LEU I 103 -45.81 21.68 -21.34
CA LEU I 103 -44.90 22.47 -20.53
C LEU I 103 -43.44 22.23 -20.93
N ALA I 104 -43.04 20.96 -21.00
CA ALA I 104 -41.70 20.67 -21.47
C ALA I 104 -41.53 20.92 -22.96
N LYS I 105 -42.63 20.91 -23.71
CA LYS I 105 -42.57 21.31 -25.12
C LYS I 105 -42.22 22.78 -25.25
N VAL I 106 -42.67 23.61 -24.31
CA VAL I 106 -42.24 25.00 -24.26
C VAL I 106 -40.76 25.08 -23.90
N ASP I 107 -40.32 24.28 -22.93
CA ASP I 107 -38.92 24.28 -22.55
C ASP I 107 -38.02 23.66 -23.61
N GLU I 108 -38.57 22.96 -24.59
CA GLU I 108 -37.75 22.59 -25.74
C GLU I 108 -37.54 23.78 -26.66
N GLY I 109 -38.55 24.63 -26.80
CA GLY I 109 -38.37 25.87 -27.51
C GLY I 109 -37.44 26.82 -26.78
N LEU I 110 -37.38 26.73 -25.46
CA LEU I 110 -36.39 27.49 -24.72
C LEU I 110 -35.02 26.83 -24.76
N SER I 111 -34.97 25.51 -24.90
CA SER I 111 -33.70 24.86 -25.22
C SER I 111 -33.33 25.00 -26.68
N MET I 112 -34.31 25.32 -27.53
CA MET I 112 -34.01 25.66 -28.91
C MET I 112 -33.21 26.95 -28.99
N VAL I 113 -33.72 28.00 -28.34
CA VAL I 113 -33.15 29.34 -28.48
C VAL I 113 -31.77 29.43 -27.83
N GLU I 114 -31.60 28.81 -26.67
CA GLU I 114 -30.35 28.90 -25.94
C GLU I 114 -29.20 28.17 -26.62
N ARG I 115 -29.50 27.31 -27.60
CA ARG I 115 -28.45 26.72 -28.41
C ARG I 115 -28.16 27.55 -29.65
N ILE I 116 -29.15 28.25 -30.16
CA ILE I 116 -28.96 29.07 -31.35
C ILE I 116 -28.11 30.30 -31.02
N ILE I 117 -28.30 30.86 -29.83
CA ILE I 117 -27.49 31.99 -29.39
C ILE I 117 -26.04 31.55 -29.16
N MET I 118 -25.86 30.37 -28.58
CA MET I 118 -24.50 29.83 -28.43
C MET I 118 -23.92 29.43 -29.77
N ASN I 119 -24.75 29.12 -30.75
CA ASN I 119 -24.28 28.97 -32.13
C ASN I 119 -24.18 30.30 -32.85
N TYR I 120 -24.68 31.39 -32.27
CA TYR I 120 -24.50 32.71 -32.84
C TYR I 120 -23.29 33.41 -32.24
N ILE I 121 -23.08 33.22 -30.94
CA ILE I 121 -21.93 33.83 -30.26
C ILE I 121 -20.63 33.22 -30.74
N GLU I 122 -20.58 31.90 -30.86
CA GLU I 122 -19.33 31.24 -31.24
C GLU I 122 -19.02 31.42 -32.71
N SER I 123 -20.04 31.58 -33.55
CA SER I 123 -19.85 31.70 -34.98
C SER I 123 -19.71 33.14 -35.45
N ASN I 124 -19.62 34.09 -34.53
CA ASN I 124 -19.35 35.47 -34.89
C ASN I 124 -18.17 36.05 -34.11
N SER I 125 -17.34 35.18 -33.52
CA SER I 125 -16.15 35.55 -32.76
C SER I 125 -16.47 36.52 -31.63
N TYR I 126 -17.57 36.27 -30.92
CA TYR I 126 -17.83 37.06 -29.72
C TYR I 126 -16.93 36.62 -28.58
N ARG I 127 -16.40 35.40 -28.64
CA ARG I 127 -15.45 34.97 -27.62
C ARG I 127 -14.15 35.75 -27.69
N VAL I 128 -13.82 36.25 -28.88
CA VAL I 128 -12.58 37.02 -29.04
C VAL I 128 -12.73 38.39 -28.42
N THR I 129 -13.71 39.16 -28.88
CA THR I 129 -13.86 40.55 -28.45
C THR I 129 -14.37 40.70 -27.03
N LEU I 130 -14.90 39.64 -26.43
CA LEU I 130 -15.14 39.67 -25.00
C LEU I 130 -13.88 39.41 -24.21
N PHE I 131 -12.96 38.61 -24.74
CA PHE I 131 -11.70 38.47 -24.03
C PHE I 131 -10.84 39.70 -24.19
N GLU I 132 -10.96 40.40 -25.32
CA GLU I 132 -10.36 41.73 -25.38
C GLU I 132 -11.09 42.72 -24.50
N ALA I 133 -12.36 42.50 -24.23
CA ALA I 133 -13.07 43.34 -23.29
C ALA I 133 -12.64 43.07 -21.87
N LEU I 134 -12.46 41.80 -21.51
CA LEU I 134 -12.10 41.47 -20.13
C LEU I 134 -10.69 41.90 -19.78
N LYS I 135 -9.80 42.02 -20.77
CA LYS I 135 -8.49 42.57 -20.48
C LYS I 135 -8.56 44.07 -20.26
N GLN I 136 -9.49 44.75 -20.93
CA GLN I 136 -9.71 46.16 -20.65
C GLN I 136 -10.40 46.36 -19.31
N LEU I 137 -11.30 45.45 -18.95
CA LEU I 137 -12.00 45.59 -17.69
C LEU I 137 -11.10 45.39 -16.49
N VAL I 138 -9.97 44.72 -16.64
CA VAL I 138 -9.07 44.60 -15.51
C VAL I 138 -8.18 45.84 -15.41
N VAL I 139 -7.35 46.14 -16.41
CA VAL I 139 -6.53 47.34 -16.38
C VAL I 139 -7.24 48.66 -16.42
N ALA I 140 -8.18 48.87 -17.34
CA ALA I 140 -8.78 50.19 -17.48
C ALA I 140 -10.02 50.38 -16.73
N GLY I 141 -10.83 49.35 -16.68
CA GLY I 141 -12.07 49.39 -15.95
C GLY I 141 -13.31 49.74 -16.70
N ASN I 142 -13.18 50.20 -17.93
CA ASN I 142 -14.34 50.48 -18.73
C ASN I 142 -14.17 50.03 -20.17
N VAL I 143 -15.22 49.54 -20.81
CA VAL I 143 -15.18 49.20 -22.23
C VAL I 143 -16.61 49.38 -22.73
N LEU I 144 -16.83 49.74 -23.99
CA LEU I 144 -18.19 49.83 -24.53
C LEU I 144 -18.19 48.83 -25.62
N LEU I 145 -19.22 48.03 -25.71
CA LEU I 145 -19.24 46.97 -26.66
C LEU I 145 -20.44 47.18 -27.53
N TYR I 146 -20.23 47.40 -28.82
CA TYR I 146 -21.34 47.69 -29.72
C TYR I 146 -21.68 46.49 -30.49
N LEU I 147 -22.94 46.05 -30.42
CA LEU I 147 -23.35 44.83 -31.09
C LEU I 147 -24.01 45.23 -32.36
N PRO I 148 -23.28 45.19 -33.47
CA PRO I 148 -23.85 45.72 -34.70
C PRO I 148 -25.08 44.98 -35.12
N GLU I 149 -26.05 45.70 -35.67
CA GLU I 149 -27.29 45.08 -36.06
C GLU I 149 -27.02 44.02 -37.08
N PRO I 150 -27.64 42.85 -36.92
CA PRO I 150 -27.28 41.82 -37.89
C PRO I 150 -27.84 42.21 -39.23
N GLU I 151 -27.06 42.05 -40.29
CA GLU I 151 -27.56 42.34 -41.62
C GLU I 151 -27.29 41.10 -42.43
N GLY I 152 -28.25 40.17 -42.54
CA GLY I 152 -27.92 38.94 -43.21
C GLY I 152 -27.22 37.97 -42.26
N SER I 153 -27.08 36.74 -42.77
CA SER I 153 -26.41 35.68 -42.02
C SER I 153 -24.92 35.62 -42.32
N ASN I 154 -24.32 36.72 -42.73
CA ASN I 154 -22.89 36.78 -42.97
C ASN I 154 -22.13 36.99 -41.66
N TYR I 155 -20.83 37.23 -41.79
CA TYR I 155 -19.98 37.39 -40.62
C TYR I 155 -20.22 38.75 -39.98
N ASN I 156 -20.49 38.83 -38.68
CA ASN I 156 -20.83 40.13 -38.07
C ASN I 156 -20.26 40.31 -36.67
N PRO I 157 -18.98 40.65 -36.58
CA PRO I 157 -18.35 40.75 -35.27
C PRO I 157 -18.72 41.99 -34.49
N MET I 158 -18.68 41.95 -33.16
CA MET I 158 -18.94 43.17 -32.42
C MET I 158 -17.72 44.05 -32.28
N LYS I 159 -17.89 45.24 -31.70
CA LYS I 159 -16.78 46.17 -31.60
C LYS I 159 -16.59 46.69 -30.19
N LEU I 160 -15.34 46.89 -29.78
CA LEU I 160 -15.06 47.41 -28.46
C LEU I 160 -14.39 48.76 -28.49
N TYR I 161 -14.81 49.68 -27.63
CA TYR I 161 -14.22 50.99 -27.56
C TYR I 161 -13.60 51.07 -26.18
N ARG I 162 -12.31 51.32 -26.15
CA ARG I 162 -11.60 51.32 -24.88
C ARG I 162 -11.38 52.60 -24.13
N LEU I 163 -12.41 53.35 -23.79
CA LEU I 163 -12.23 54.52 -22.93
C LEU I 163 -11.17 55.41 -23.52
N SER I 164 -11.21 55.59 -24.81
CA SER I 164 -10.29 56.51 -25.44
C SER I 164 -10.99 56.76 -26.72
N SER I 165 -12.03 55.98 -26.96
CA SER I 165 -12.83 56.18 -28.14
C SER I 165 -14.30 56.41 -27.82
N TYR I 166 -14.71 56.36 -26.56
CA TYR I 166 -16.08 56.68 -26.25
C TYR I 166 -16.13 57.63 -25.07
N VAL I 167 -17.33 58.16 -24.84
CA VAL I 167 -17.68 58.95 -23.67
C VAL I 167 -19.11 58.60 -23.30
N VAL I 168 -19.35 58.23 -22.04
CA VAL I 168 -20.72 58.17 -21.54
C VAL I 168 -20.87 59.15 -20.40
N GLN I 169 -22.12 59.48 -20.10
CA GLN I 169 -22.47 60.29 -18.95
C GLN I 169 -23.68 59.68 -18.31
N ARG I 170 -23.55 59.30 -17.04
CA ARG I 170 -24.67 58.73 -16.32
C ARG I 170 -24.89 59.52 -15.05
N ASP I 171 -25.92 59.13 -14.34
CA ASP I 171 -26.45 59.87 -13.22
C ASP I 171 -25.71 59.44 -11.95
N ALA I 172 -26.05 60.06 -10.81
CA ALA I 172 -25.76 59.43 -9.52
C ALA I 172 -26.60 58.17 -9.36
N PHE I 173 -27.82 58.19 -9.88
CA PHE I 173 -28.60 57.00 -10.11
C PHE I 173 -27.93 56.17 -11.20
N GLY I 174 -28.27 54.87 -11.26
CA GLY I 174 -27.51 53.94 -12.08
C GLY I 174 -27.66 54.11 -13.57
N ASN I 175 -28.71 54.77 -14.04
CA ASN I 175 -29.04 54.75 -15.46
C ASN I 175 -28.17 55.70 -16.27
N VAL I 176 -28.05 55.39 -17.55
CA VAL I 176 -27.21 56.14 -18.47
C VAL I 176 -28.03 57.27 -19.06
N LEU I 177 -27.46 58.46 -19.13
CA LEU I 177 -28.10 59.58 -19.82
C LEU I 177 -27.71 59.66 -21.28
N GLN I 178 -26.43 59.83 -21.58
CA GLN I 178 -26.01 59.98 -22.96
C GLN I 178 -24.65 59.32 -23.17
N MET I 179 -24.43 58.83 -24.38
CA MET I 179 -23.20 58.19 -24.79
C MET I 179 -22.72 58.84 -26.07
N VAL I 180 -21.41 59.01 -26.20
CA VAL I 180 -20.82 59.47 -27.46
C VAL I 180 -19.68 58.53 -27.80
N THR I 181 -19.58 58.02 -29.03
CA THR I 181 -18.34 57.36 -29.46
C THR I 181 -17.70 58.01 -30.70
N ARG I 182 -16.37 58.09 -30.70
CA ARG I 182 -15.57 58.50 -31.83
C ARG I 182 -14.86 57.32 -32.47
N ASP I 183 -15.20 57.06 -33.71
CA ASP I 183 -14.44 56.17 -34.55
C ASP I 183 -14.08 57.06 -35.74
N GLN I 184 -12.83 56.83 -36.18
CA GLN I 184 -12.28 57.57 -37.28
C GLN I 184 -12.08 56.73 -38.52
N ILE I 185 -13.17 56.35 -39.18
CA ILE I 185 -13.10 55.56 -40.39
C ILE I 185 -12.61 56.38 -41.56
N ALA I 186 -11.67 55.86 -42.33
CA ALA I 186 -11.12 56.56 -43.48
C ALA I 186 -12.15 56.78 -44.54
N PHE I 187 -11.89 57.67 -45.48
CA PHE I 187 -12.92 58.01 -46.44
C PHE I 187 -13.37 56.82 -47.25
N GLY I 188 -12.43 56.02 -47.69
CA GLY I 188 -12.77 54.89 -48.53
C GLY I 188 -13.63 53.90 -47.79
N ALA I 189 -13.35 53.69 -46.52
CA ALA I 189 -14.07 52.68 -45.77
C ALA I 189 -15.39 53.11 -45.17
N LEU I 190 -15.71 54.39 -45.23
CA LEU I 190 -16.92 54.89 -44.62
C LEU I 190 -18.07 54.21 -45.31
N PRO I 191 -19.10 53.86 -44.55
CA PRO I 191 -20.27 53.22 -45.13
C PRO I 191 -20.95 54.14 -46.12
N GLU I 192 -21.55 53.58 -47.15
CA GLU I 192 -22.17 54.39 -48.19
C GLU I 192 -22.93 55.64 -47.78
N ASP I 193 -23.98 55.51 -46.96
CA ASP I 193 -24.78 56.69 -46.68
C ASP I 193 -23.94 57.83 -46.11
N ILE I 194 -22.80 57.51 -45.49
CA ILE I 194 -21.97 58.56 -44.91
C ILE I 194 -21.16 59.26 -46.00
N ARG I 195 -20.77 58.53 -47.04
CA ARG I 195 -20.01 59.13 -48.14
C ARG I 195 -20.87 60.13 -48.92
N LYS I 196 -22.18 59.92 -48.95
CA LYS I 196 -23.07 60.91 -49.55
C LYS I 196 -23.18 62.16 -48.67
N ALA I 197 -22.93 62.02 -47.37
CA ALA I 197 -23.00 63.18 -46.49
C ALA I 197 -21.68 63.95 -46.48
N VAL I 198 -20.56 63.24 -46.61
CA VAL I 198 -19.27 63.92 -46.64
C VAL I 198 -19.06 64.64 -47.96
N GLU I 199 -19.39 63.97 -49.07
CA GLU I 199 -19.46 64.66 -50.36
C GLU I 199 -20.53 65.73 -50.36
N GLY I 200 -21.65 65.47 -49.66
CA GLY I 200 -22.69 66.47 -49.50
C GLY I 200 -22.26 67.67 -48.68
N GLN I 201 -21.26 67.52 -47.83
CA GLN I 201 -20.69 68.69 -47.16
C GLN I 201 -19.87 69.52 -48.14
N GLY I 202 -19.19 68.88 -49.08
CA GLY I 202 -18.42 69.60 -50.08
C GLY I 202 -16.93 69.34 -49.97
N GLY I 203 -16.21 69.52 -51.07
CA GLY I 203 -14.78 69.33 -51.08
C GLY I 203 -14.37 67.89 -51.26
N GLU I 204 -13.37 67.65 -52.10
CA GLU I 204 -12.90 66.30 -52.32
C GLU I 204 -12.03 65.82 -51.16
N LYS I 205 -11.95 64.51 -51.01
CA LYS I 205 -11.19 63.89 -49.94
C LYS I 205 -10.21 62.91 -50.53
N LYS I 206 -9.11 62.67 -49.80
CA LYS I 206 -8.21 61.59 -50.17
C LYS I 206 -8.86 60.25 -49.85
N ALA I 207 -8.32 59.20 -50.47
CA ALA I 207 -8.89 57.87 -50.28
C ALA I 207 -8.57 57.32 -48.89
N ASP I 208 -7.52 57.84 -48.26
CA ASP I 208 -7.06 57.33 -46.97
C ASP I 208 -7.19 58.34 -45.84
N GLU I 209 -7.74 59.51 -46.14
CA GLU I 209 -7.97 60.54 -45.17
C GLU I 209 -8.96 60.00 -44.21
N THR I 210 -8.77 60.27 -42.93
CA THR I 210 -9.54 59.59 -41.90
C THR I 210 -10.59 60.52 -41.36
N ILE I 211 -11.82 60.02 -41.39
CA ILE I 211 -13.00 60.78 -41.05
C ILE I 211 -13.49 60.22 -39.72
N ASP I 212 -13.84 61.07 -38.77
CA ASP I 212 -14.26 60.57 -37.49
C ASP I 212 -15.69 60.90 -37.20
N VAL I 213 -16.45 59.87 -36.83
CA VAL I 213 -17.88 59.90 -36.84
C VAL I 213 -18.33 59.83 -35.43
N TYR I 214 -19.16 60.75 -35.00
CA TYR I 214 -19.56 60.73 -33.64
C TYR I 214 -20.97 60.25 -33.59
N THR I 215 -21.22 59.27 -32.77
CA THR I 215 -22.60 58.92 -32.51
C THR I 215 -23.04 59.61 -31.23
N HIS I 216 -24.35 59.60 -30.98
CA HIS I 216 -24.87 60.28 -29.79
C HIS I 216 -26.14 59.56 -29.39
N ILE I 217 -26.13 58.94 -28.22
CA ILE I 217 -27.09 57.90 -27.87
C ILE I 217 -27.89 58.39 -26.68
N TYR I 218 -28.24 59.68 -26.70
CA TYR I 218 -28.83 60.34 -25.54
C TYR I 218 -30.21 59.81 -25.20
N LEU I 219 -30.57 59.88 -23.92
CA LEU I 219 -31.87 59.40 -23.46
C LEU I 219 -32.87 60.48 -23.77
N ASP I 220 -33.87 60.15 -24.57
CA ASP I 220 -34.84 61.14 -24.92
C ASP I 220 -35.57 61.52 -23.67
N GLU I 221 -35.83 62.82 -23.50
CA GLU I 221 -36.60 63.22 -22.35
C GLU I 221 -37.97 62.59 -22.45
N ASP I 222 -38.56 62.64 -23.64
CA ASP I 222 -39.86 62.02 -23.83
C ASP I 222 -39.79 60.53 -24.06
N SER I 223 -40.51 59.75 -23.25
CA SER I 223 -40.63 58.30 -23.44
C SER I 223 -39.52 57.40 -22.91
N GLY I 224 -38.43 57.99 -22.45
CA GLY I 224 -37.36 57.19 -21.87
C GLY I 224 -36.90 56.13 -22.84
N GLU I 225 -36.93 56.43 -24.13
CA GLU I 225 -36.50 55.48 -25.14
C GLU I 225 -35.32 56.19 -25.65
N TYR I 226 -34.24 55.48 -25.92
CA TYR I 226 -33.07 56.24 -26.34
C TYR I 226 -33.25 56.74 -27.77
N LEU I 227 -32.60 57.84 -28.09
CA LEU I 227 -32.46 58.28 -29.47
C LEU I 227 -30.99 58.23 -29.87
N ARG I 228 -30.68 57.73 -31.04
CA ARG I 228 -29.31 57.74 -31.47
C ARG I 228 -29.21 58.38 -32.82
N TYR I 229 -28.42 59.43 -32.91
CA TYR I 229 -28.18 60.10 -34.17
C TYR I 229 -26.70 60.14 -34.29
N GLU I 230 -26.17 59.81 -35.46
CA GLU I 230 -24.73 59.81 -35.64
C GLU I 230 -24.30 60.71 -36.78
N GLU I 231 -23.18 61.37 -36.55
CA GLU I 231 -22.83 62.68 -37.13
C GLU I 231 -21.42 62.68 -37.67
N VAL I 232 -21.21 63.29 -38.82
CA VAL I 232 -19.96 63.24 -39.51
C VAL I 232 -19.56 64.67 -39.66
N GLU I 233 -18.32 64.99 -39.34
CA GLU I 233 -17.82 66.35 -39.45
C GLU I 233 -18.72 67.28 -38.66
N GLY I 234 -19.18 68.36 -39.26
CA GLY I 234 -20.13 69.18 -38.54
C GLY I 234 -21.47 68.58 -38.18
N MET I 235 -22.17 68.00 -39.16
CA MET I 235 -23.54 67.55 -38.90
C MET I 235 -24.02 66.14 -39.19
N GLU I 236 -25.24 65.82 -38.78
CA GLU I 236 -25.77 64.46 -38.87
C GLU I 236 -25.97 63.79 -40.22
N VAL I 237 -25.68 62.49 -40.30
CA VAL I 237 -25.92 61.75 -41.53
C VAL I 237 -27.40 61.58 -41.74
N GLN I 238 -27.83 61.43 -42.97
CA GLN I 238 -29.23 61.12 -43.21
C GLN I 238 -29.38 59.66 -42.88
N GLY I 239 -30.42 59.31 -42.12
CA GLY I 239 -30.67 57.91 -41.80
C GLY I 239 -30.03 57.42 -40.54
N SER I 240 -29.34 58.29 -39.84
CA SER I 240 -28.70 57.90 -38.60
C SER I 240 -29.69 57.70 -37.52
N ASP I 241 -30.79 58.43 -37.59
CA ASP I 241 -31.71 58.38 -36.49
C ASP I 241 -32.23 57.00 -36.22
N GLY I 242 -32.20 56.62 -34.95
CA GLY I 242 -32.68 55.32 -34.55
C GLY I 242 -33.15 55.52 -33.15
N THR I 243 -34.02 54.65 -32.68
CA THR I 243 -34.47 54.75 -31.32
C THR I 243 -34.31 53.42 -30.65
N TYR I 244 -33.55 53.42 -29.57
CA TYR I 244 -33.31 52.19 -28.88
C TYR I 244 -34.10 52.18 -27.57
N PRO I 245 -34.95 51.15 -27.29
CA PRO I 245 -35.61 51.14 -25.99
C PRO I 245 -34.59 51.12 -24.86
N LYS I 246 -35.09 51.35 -23.65
CA LYS I 246 -34.23 51.48 -22.48
C LYS I 246 -33.56 50.17 -22.12
N GLU I 247 -34.25 49.05 -22.30
CA GLU I 247 -33.74 47.75 -21.90
C GLU I 247 -32.96 47.04 -23.00
N ALA I 248 -33.08 47.49 -24.25
CA ALA I 248 -32.43 46.81 -25.37
C ALA I 248 -31.76 47.85 -26.26
N CYS I 249 -30.52 48.19 -25.93
CA CYS I 249 -29.74 49.08 -26.78
C CYS I 249 -28.42 48.41 -27.15
N PRO I 250 -28.00 48.50 -28.41
CA PRO I 250 -26.79 47.78 -28.84
C PRO I 250 -25.49 48.32 -28.25
N TYR I 251 -25.52 49.48 -27.61
CA TYR I 251 -24.36 50.05 -26.94
C TYR I 251 -24.54 49.85 -25.45
N ILE I 252 -23.76 48.96 -24.86
CA ILE I 252 -23.87 48.79 -23.42
C ILE I 252 -22.51 49.02 -22.79
N PRO I 253 -22.39 49.94 -21.85
CA PRO I 253 -21.09 50.18 -21.21
C PRO I 253 -20.84 49.22 -20.07
N ILE I 254 -19.71 48.56 -20.09
CA ILE I 254 -19.40 47.71 -18.99
C ILE I 254 -18.52 48.50 -18.07
N ARG I 255 -18.66 48.33 -16.76
CA ARG I 255 -17.80 48.99 -15.78
C ARG I 255 -17.53 47.93 -14.76
N MET I 256 -16.35 47.92 -14.21
CA MET I 256 -16.05 46.98 -13.17
C MET I 256 -15.76 47.76 -11.91
N VAL I 257 -16.04 47.18 -10.76
CA VAL I 257 -16.02 47.89 -9.49
C VAL I 257 -16.86 49.16 -9.58
N ARG I 258 -18.09 49.07 -10.06
CA ARG I 258 -18.87 50.26 -10.26
C ARG I 258 -19.08 50.92 -8.94
N LEU I 259 -18.91 52.23 -8.91
CA LEU I 259 -18.97 53.01 -7.68
C LEU I 259 -20.07 54.03 -7.90
N ASP I 260 -20.88 54.31 -6.89
CA ASP I 260 -21.85 55.40 -7.02
C ASP I 260 -21.21 56.78 -7.02
N GLY I 261 -21.78 57.71 -7.77
CA GLY I 261 -22.55 57.40 -8.95
C GLY I 261 -21.72 57.42 -10.21
N GLU I 262 -20.45 57.72 -10.04
CA GLU I 262 -19.66 58.36 -11.06
C GLU I 262 -19.53 57.50 -12.29
N SER I 263 -19.48 58.14 -13.44
CA SER I 263 -19.95 57.56 -14.68
C SER I 263 -19.24 56.30 -15.14
N TYR I 264 -17.94 56.22 -14.90
CA TYR I 264 -17.11 55.06 -15.25
C TYR I 264 -16.64 54.40 -13.98
N GLY I 265 -16.09 53.20 -14.06
CA GLY I 265 -15.81 52.46 -12.85
C GLY I 265 -14.37 52.08 -12.70
N ARG I 266 -13.81 52.20 -11.51
CA ARG I 266 -12.38 52.12 -11.37
C ARG I 266 -11.94 50.71 -11.62
N SER I 267 -10.76 50.50 -12.18
CA SER I 267 -10.34 49.19 -12.66
C SER I 267 -10.06 48.24 -11.54
N TYR I 268 -10.14 46.96 -11.80
CA TYR I 268 -9.74 45.97 -10.81
C TYR I 268 -8.30 45.92 -10.41
N ILE I 269 -7.41 46.13 -11.34
CA ILE I 269 -6.00 46.03 -11.11
C ILE I 269 -5.39 47.30 -10.66
N GLU I 270 -6.18 48.35 -10.48
CA GLU I 270 -5.75 49.48 -9.71
C GLU I 270 -6.32 49.44 -8.34
N GLU I 271 -7.05 48.40 -7.98
CA GLU I 271 -7.08 48.15 -6.52
C GLU I 271 -5.76 47.92 -5.74
N TYR I 272 -4.88 47.09 -6.29
CA TYR I 272 -3.57 46.62 -5.88
C TYR I 272 -2.50 47.34 -6.61
N LEU I 273 -2.84 48.43 -7.26
CA LEU I 273 -1.86 49.18 -8.01
C LEU I 273 -0.81 49.76 -7.17
N GLY I 274 -1.13 50.20 -5.97
CA GLY I 274 -0.10 50.72 -5.13
C GLY I 274 0.91 49.66 -4.80
N ASP I 275 0.44 48.47 -4.48
CA ASP I 275 1.25 47.33 -4.13
C ASP I 275 2.13 46.82 -5.23
N LEU I 276 1.66 46.82 -6.46
CA LEU I 276 2.49 46.46 -7.60
C LEU I 276 3.58 47.44 -7.74
N ARG I 277 3.24 48.70 -7.59
CA ARG I 277 4.15 49.80 -7.77
C ARG I 277 5.27 49.78 -6.80
N SER I 278 4.99 49.42 -5.58
CA SER I 278 5.98 48.97 -4.62
C SER I 278 6.76 47.71 -4.94
N LEU I 279 6.17 46.68 -5.53
CA LEU I 279 6.95 45.51 -5.96
C LEU I 279 7.94 45.85 -7.02
N GLU I 280 7.60 46.75 -7.92
CA GLU I 280 8.51 47.15 -8.95
C GLU I 280 9.77 47.82 -8.49
N ASN I 281 9.68 48.66 -7.48
CA ASN I 281 10.80 49.38 -6.90
C ASN I 281 11.75 48.46 -6.14
N LEU I 282 11.28 47.31 -5.68
CA LEU I 282 12.21 46.31 -5.19
C LEU I 282 12.89 45.59 -6.35
N GLN I 283 12.10 45.05 -7.28
CA GLN I 283 12.64 44.29 -8.40
C GLN I 283 13.49 45.14 -9.34
N GLU I 284 13.33 46.45 -9.32
CA GLU I 284 14.29 47.30 -10.01
C GLU I 284 15.62 47.31 -9.28
N ALA I 285 15.61 47.20 -7.97
CA ALA I 285 16.87 47.32 -7.23
C ALA I 285 17.64 46.01 -7.20
N ILE I 286 16.94 44.86 -7.12
CA ILE I 286 17.61 43.57 -7.13
C ILE I 286 18.35 43.34 -8.44
N VAL I 287 17.72 43.71 -9.57
CA VAL I 287 18.37 43.55 -10.87
C VAL I 287 19.56 44.49 -10.99
N LYS I 288 19.44 45.72 -10.52
CA LYS I 288 20.56 46.65 -10.60
C LYS I 288 21.68 46.28 -9.64
N MET I 289 21.37 45.59 -8.54
CA MET I 289 22.44 45.05 -7.72
C MET I 289 23.19 43.92 -8.41
N SER I 290 22.54 43.20 -9.33
CA SER I 290 23.22 42.17 -10.07
C SER I 290 24.04 42.71 -11.22
N MET I 291 23.89 44.00 -11.54
CA MET I 291 24.63 44.55 -12.67
C MET I 291 25.95 45.15 -12.23
N ILE I 292 26.00 45.70 -11.01
CA ILE I 292 27.28 46.02 -10.39
C ILE I 292 28.06 44.75 -10.17
N SER I 293 27.36 43.69 -9.75
CA SER I 293 27.91 42.36 -9.65
C SER I 293 28.47 41.86 -10.98
N SER I 294 27.80 42.16 -12.08
CA SER I 294 28.21 41.64 -13.39
C SER I 294 29.53 42.22 -13.87
N LYS I 295 29.86 43.44 -13.48
CA LYS I 295 31.11 44.05 -13.87
C LYS I 295 32.26 43.42 -13.10
N VAL I 296 33.35 43.12 -13.79
CA VAL I 296 34.45 42.35 -13.23
C VAL I 296 35.66 43.26 -13.18
N ILE I 297 35.90 43.91 -12.04
CA ILE I 297 37.00 44.85 -11.90
C ILE I 297 38.12 44.17 -11.13
N GLY I 298 39.33 44.21 -11.70
CA GLY I 298 40.48 43.64 -11.05
C GLY I 298 41.28 44.61 -10.22
N LEU I 299 41.06 44.63 -8.92
CA LEU I 299 41.74 45.57 -8.05
C LEU I 299 43.13 45.06 -7.71
N VAL I 300 44.15 45.69 -8.30
CA VAL I 300 45.52 45.34 -7.99
C VAL I 300 46.00 46.19 -6.82
N ASN I 301 46.48 45.53 -5.78
CA ASN I 301 47.08 46.19 -4.64
C ASN I 301 48.34 46.91 -5.09
N PRO I 302 48.38 48.24 -5.07
CA PRO I 302 49.54 48.95 -5.63
C PRO I 302 50.73 48.99 -4.71
N ALA I 303 50.65 48.39 -3.54
CA ALA I 303 51.82 48.21 -2.67
C ALA I 303 52.39 46.82 -2.80
N GLY I 304 52.16 46.16 -3.93
CA GLY I 304 52.56 44.78 -4.09
C GLY I 304 53.61 44.57 -5.17
N ILE I 305 53.74 43.30 -5.59
CA ILE I 305 54.73 42.92 -6.56
C ILE I 305 54.08 42.64 -7.87
N THR I 306 52.94 41.96 -7.87
CA THR I 306 52.35 41.55 -9.12
C THR I 306 52.08 42.71 -10.00
N GLN I 307 52.45 42.58 -11.27
CA GLN I 307 52.16 43.62 -12.20
C GLN I 307 51.27 43.00 -13.22
N PRO I 308 50.11 43.61 -13.45
CA PRO I 308 49.17 43.09 -14.43
C PRO I 308 49.74 43.03 -15.82
N ARG I 309 50.87 43.67 -16.08
CA ARG I 309 51.46 43.69 -17.37
C ARG I 309 51.89 42.37 -17.77
N ARG I 310 52.53 41.66 -16.88
CA ARG I 310 52.77 40.23 -16.93
C ARG I 310 51.66 39.31 -16.86
N LEU I 311 50.64 39.59 -16.07
CA LEU I 311 49.48 38.70 -16.06
C LEU I 311 48.59 38.57 -17.26
N THR I 312 48.71 39.42 -18.27
CA THR I 312 47.84 39.66 -19.34
C THR I 312 48.52 39.40 -20.64
N LYS I 313 49.74 38.89 -20.62
CA LYS I 313 50.27 38.32 -21.81
C LYS I 313 50.69 36.92 -21.61
N ALA I 314 50.18 36.32 -20.54
CA ALA I 314 50.59 34.99 -20.22
C ALA I 314 49.70 34.07 -20.99
N GLN I 315 50.19 32.89 -21.29
CA GLN I 315 49.39 31.93 -21.99
C GLN I 315 48.63 31.11 -21.01
N THR I 316 48.12 29.98 -21.45
CA THR I 316 47.26 29.20 -20.59
C THR I 316 47.89 28.75 -19.33
N GLY I 317 49.16 28.35 -19.33
CA GLY I 317 49.77 27.81 -18.14
C GLY I 317 51.01 28.44 -17.58
N ASP I 318 51.31 29.67 -17.93
CA ASP I 318 52.58 30.26 -17.56
C ASP I 318 52.95 30.52 -16.16
N PHE I 319 54.24 30.43 -15.87
CA PHE I 319 54.72 30.81 -14.56
C PHE I 319 55.02 32.28 -14.62
N VAL I 320 54.45 33.06 -13.75
CA VAL I 320 54.50 34.52 -13.70
C VAL I 320 54.99 34.91 -12.30
N THR I 321 55.66 36.04 -12.19
CA THR I 321 56.08 36.56 -10.89
C THR I 321 54.86 37.07 -10.15
N GLY I 322 54.82 36.89 -8.84
CA GLY I 322 53.88 37.65 -8.03
C GLY I 322 53.25 36.82 -6.95
N ARG I 323 52.56 37.52 -6.06
CA ARG I 323 51.82 36.97 -4.94
C ARG I 323 50.34 36.93 -5.25
N PRO I 324 49.60 35.90 -4.82
CA PRO I 324 48.17 35.85 -5.14
C PRO I 324 47.34 36.84 -4.36
N GLU I 325 47.83 37.33 -3.23
CA GLU I 325 47.06 38.21 -2.38
C GLU I 325 47.15 39.67 -2.82
N ASP I 326 47.82 39.96 -3.93
CA ASP I 326 47.76 41.31 -4.47
C ASP I 326 46.54 41.48 -5.37
N ILE I 327 46.23 40.47 -6.17
CA ILE I 327 45.13 40.55 -7.12
C ILE I 327 43.86 40.17 -6.38
N SER I 328 43.03 41.15 -6.07
CA SER I 328 41.69 40.86 -5.61
C SER I 328 40.69 41.56 -6.50
N PHE I 329 39.44 41.16 -6.43
CA PHE I 329 38.44 41.64 -7.37
C PHE I 329 37.36 42.42 -6.64
N LEU I 330 36.92 43.59 -7.09
CA LEU I 330 35.94 44.33 -6.29
C LEU I 330 34.67 43.57 -6.33
N GLN I 331 34.08 43.24 -5.18
CA GLN I 331 32.79 42.58 -5.21
C GLN I 331 31.75 43.32 -4.39
N LEU I 332 30.50 43.30 -4.83
CA LEU I 332 29.42 43.98 -4.09
C LEU I 332 29.16 43.40 -2.73
N GLU I 333 29.01 44.27 -1.74
CA GLU I 333 28.83 43.83 -0.37
C GLU I 333 27.45 43.98 0.21
N LYS I 334 26.45 44.17 -0.62
CA LYS I 334 25.09 44.21 -0.13
C LYS I 334 24.60 42.78 -0.05
N GLN I 335 25.09 41.99 0.91
CA GLN I 335 24.72 40.58 1.00
C GLN I 335 23.69 40.45 2.08
N ALA I 336 24.03 40.55 3.37
CA ALA I 336 22.93 40.62 4.33
C ALA I 336 21.90 41.67 3.95
N ASP I 337 22.06 42.32 2.81
CA ASP I 337 21.07 43.28 2.36
C ASP I 337 20.27 42.78 1.18
N PHE I 338 20.86 41.91 0.37
CA PHE I 338 20.12 41.30 -0.73
C PHE I 338 19.02 40.39 -0.21
N THR I 339 19.18 39.83 0.97
CA THR I 339 18.17 38.97 1.55
C THR I 339 17.04 39.73 2.19
N VAL I 340 17.28 40.99 2.60
CA VAL I 340 16.19 41.81 3.11
C VAL I 340 15.24 42.18 1.99
N ALA I 341 15.78 42.68 0.88
CA ALA I 341 14.95 43.08 -0.25
C ALA I 341 14.39 41.90 -1.03
N LYS I 342 14.93 40.70 -0.85
CA LYS I 342 14.35 39.55 -1.51
C LYS I 342 13.17 38.98 -0.72
N ALA I 343 13.32 38.90 0.61
CA ALA I 343 12.27 38.31 1.42
C ALA I 343 11.03 39.20 1.51
N VAL I 344 11.20 40.50 1.29
CA VAL I 344 10.04 41.37 1.19
C VAL I 344 9.39 41.23 -0.17
N SER I 345 10.21 41.16 -1.22
CA SER I 345 9.67 40.98 -2.57
C SER I 345 9.05 39.61 -2.75
N ASP I 346 9.51 38.61 -2.01
CA ASP I 346 8.83 37.33 -2.01
C ASP I 346 7.59 37.34 -1.14
N ALA I 347 7.44 38.33 -0.28
CA ALA I 347 6.23 38.47 0.52
C ALA I 347 5.18 39.33 -0.16
N ILE I 348 5.59 40.26 -1.01
CA ILE I 348 4.63 41.08 -1.73
C ILE I 348 4.07 40.30 -2.92
N GLU I 349 4.91 39.52 -3.60
CA GLU I 349 4.41 38.61 -4.63
C GLU I 349 3.52 37.53 -4.04
N ALA I 350 3.74 37.16 -2.78
CA ALA I 350 2.88 36.17 -2.14
C ALA I 350 1.50 36.73 -1.88
N ARG I 351 1.39 38.02 -1.55
CA ARG I 351 0.09 38.60 -1.27
C ARG I 351 -0.50 39.33 -2.46
N LEU I 352 0.14 39.28 -3.62
CA LEU I 352 -0.55 39.58 -4.87
C LEU I 352 -0.98 38.34 -5.60
N SER I 353 -0.32 37.21 -5.36
CA SER I 353 -0.70 35.97 -6.00
C SER I 353 -1.96 35.36 -5.41
N PHE I 354 -2.45 35.87 -4.27
CA PHE I 354 -3.79 35.47 -3.86
C PHE I 354 -4.81 36.47 -4.35
N ALA I 355 -4.41 37.74 -4.50
CA ALA I 355 -5.30 38.75 -5.03
C ALA I 355 -5.63 38.49 -6.49
N PHE I 356 -4.70 37.92 -7.21
CA PHE I 356 -4.93 37.44 -8.56
C PHE I 356 -5.17 35.94 -8.44
N MET I 357 -5.78 35.36 -9.46
CA MET I 357 -6.24 33.98 -9.30
C MET I 357 -5.22 32.95 -9.70
N LEU I 358 -3.96 33.28 -9.43
CA LEU I 358 -2.87 32.39 -9.76
C LEU I 358 -2.40 31.72 -8.52
N ASN I 359 -2.23 30.41 -8.59
CA ASN I 359 -1.67 29.71 -7.45
C ASN I 359 -0.28 30.29 -7.34
N SER I 360 0.19 30.54 -6.14
CA SER I 360 1.47 31.24 -5.98
C SER I 360 2.70 30.54 -6.56
N ALA I 361 3.67 31.34 -7.03
CA ALA I 361 4.89 30.77 -7.63
C ALA I 361 5.61 29.70 -6.84
N VAL I 362 5.96 28.60 -7.51
CA VAL I 362 6.67 27.50 -6.87
C VAL I 362 7.94 27.98 -6.18
N GLN I 363 8.60 29.02 -6.69
CA GLN I 363 9.74 29.58 -5.96
C GLN I 363 9.22 30.00 -4.59
N ARG I 364 9.34 29.12 -3.60
CA ARG I 364 8.74 29.36 -2.28
C ARG I 364 9.55 28.66 -1.21
N THR I 365 8.98 28.53 -0.01
CA THR I 365 9.69 27.94 1.09
C THR I 365 10.08 26.50 0.83
N GLY I 366 11.18 26.05 1.41
CA GLY I 366 11.68 24.72 1.11
C GLY I 366 10.77 23.57 1.44
N GLU I 367 10.75 22.55 0.57
CA GLU I 367 9.88 21.39 0.76
C GLU I 367 8.42 21.80 0.86
N ARG I 368 7.71 21.22 1.82
CA ARG I 368 6.53 21.82 2.46
C ARG I 368 5.28 21.66 1.57
N VAL I 369 5.46 21.07 0.40
CA VAL I 369 4.35 20.83 -0.50
C VAL I 369 3.46 19.84 0.20
N THR I 370 2.16 19.99 0.05
CA THR I 370 1.28 19.11 0.80
C THR I 370 0.28 18.33 -0.04
N ALA I 371 -0.88 17.96 0.50
CA ALA I 371 -1.78 17.07 -0.22
C ALA I 371 -2.98 17.78 -0.82
N GLU I 372 -3.96 16.98 -1.24
CA GLU I 372 -5.15 17.49 -1.88
C GLU I 372 -5.81 18.42 -0.90
N GLU I 373 -5.81 18.11 0.39
CA GLU I 373 -6.34 19.01 1.40
C GLU I 373 -5.92 20.44 1.15
N ILE I 374 -4.63 20.75 1.20
CA ILE I 374 -4.13 22.06 0.75
C ILE I 374 -4.38 22.39 -0.74
N ARG I 375 -4.63 21.41 -1.57
CA ARG I 375 -5.03 21.83 -2.92
C ARG I 375 -6.47 22.30 -2.79
N TYR I 376 -7.08 21.99 -1.66
CA TYR I 376 -8.41 22.56 -1.42
C TYR I 376 -8.30 24.05 -1.10
N VAL I 377 -7.16 24.55 -0.64
CA VAL I 377 -6.98 26.01 -0.47
C VAL I 377 -6.93 26.64 -1.86
N ALA I 378 -6.34 25.94 -2.84
CA ALA I 378 -6.38 26.40 -4.23
C ALA I 378 -7.83 26.38 -4.67
N SER I 379 -8.59 25.39 -4.20
CA SER I 379 -10.02 25.38 -4.50
C SER I 379 -10.70 26.59 -3.90
N GLU I 380 -10.33 26.97 -2.69
CA GLU I 380 -10.87 28.15 -2.02
C GLU I 380 -10.50 29.40 -2.81
N LEU I 381 -9.57 29.38 -3.76
CA LEU I 381 -9.37 30.61 -4.58
C LEU I 381 -10.63 30.98 -5.42
N GLU I 382 -11.57 30.04 -5.53
CA GLU I 382 -12.80 30.29 -6.28
C GLU I 382 -13.66 31.41 -5.71
N ASP I 383 -13.72 31.57 -4.41
CA ASP I 383 -14.48 32.66 -3.77
C ASP I 383 -13.93 34.02 -4.15
N THR I 384 -12.61 34.09 -4.16
CA THR I 384 -11.96 35.30 -4.56
C THR I 384 -12.31 35.54 -6.02
N LEU I 385 -12.33 34.47 -6.83
CA LEU I 385 -12.72 34.64 -8.23
C LEU I 385 -14.13 35.17 -8.34
N GLY I 386 -14.99 34.69 -7.47
CA GLY I 386 -16.40 35.03 -7.52
C GLY I 386 -16.88 36.43 -7.27
N GLY I 387 -16.21 37.13 -6.37
CA GLY I 387 -16.62 38.47 -6.03
C GLY I 387 -16.53 39.41 -7.20
N VAL I 388 -15.50 39.27 -8.01
CA VAL I 388 -15.27 40.17 -9.13
C VAL I 388 -16.18 39.94 -10.33
N TYR I 389 -16.66 38.72 -10.50
CA TYR I 389 -17.47 38.42 -11.66
C TYR I 389 -18.95 38.65 -11.43
N SER I 390 -19.34 38.90 -10.20
CA SER I 390 -20.76 39.04 -9.90
C SER I 390 -21.38 40.22 -10.59
N ILE I 391 -20.73 41.38 -10.56
CA ILE I 391 -21.25 42.61 -11.16
C ILE I 391 -21.09 42.52 -12.62
N LEU I 392 -20.05 41.83 -13.00
CA LEU I 392 -19.78 41.73 -14.40
C LEU I 392 -20.98 41.09 -14.95
N SER I 393 -21.63 40.17 -14.28
CA SER I 393 -22.78 39.55 -14.92
C SER I 393 -23.89 40.50 -15.29
N GLN I 394 -24.36 41.31 -14.36
CA GLN I 394 -25.44 42.21 -14.67
C GLN I 394 -25.00 43.17 -15.73
N GLU I 395 -23.77 43.64 -15.65
CA GLU I 395 -23.29 44.61 -16.60
C GLU I 395 -23.09 44.11 -18.01
N LEU I 396 -22.60 42.89 -18.18
CA LEU I 396 -22.22 42.41 -19.52
C LEU I 396 -22.98 41.22 -19.96
N GLN I 397 -22.97 40.22 -19.10
CA GLN I 397 -23.70 39.03 -19.45
C GLN I 397 -25.12 39.23 -19.82
N LEU I 398 -25.83 40.08 -19.12
CA LEU I 398 -27.24 40.13 -19.39
C LEU I 398 -27.48 41.05 -20.55
N PRO I 399 -26.99 42.29 -20.47
CA PRO I 399 -27.24 43.02 -21.68
C PRO I 399 -26.92 42.35 -23.00
N LEU I 400 -25.84 41.62 -23.14
CA LEU I 400 -25.55 41.04 -24.41
C LEU I 400 -26.67 40.12 -24.74
N VAL I 401 -27.13 39.30 -23.81
CA VAL I 401 -28.17 38.33 -24.12
C VAL I 401 -29.46 39.01 -24.54
N ARG I 402 -29.85 40.06 -23.84
CA ARG I 402 -31.05 40.77 -24.21
C ARG I 402 -30.96 41.36 -25.59
N VAL I 403 -29.83 41.99 -25.90
CA VAL I 403 -29.74 42.61 -27.19
C VAL I 403 -29.80 41.52 -28.23
N LEU I 404 -29.13 40.41 -28.01
CA LEU I 404 -29.11 39.38 -29.04
C LEU I 404 -30.51 38.88 -29.25
N LEU I 405 -31.28 38.72 -28.20
CA LEU I 405 -32.60 38.19 -28.35
C LEU I 405 -33.50 39.12 -29.14
N LYS I 406 -33.48 40.42 -28.87
CA LYS I 406 -34.26 41.31 -29.73
C LYS I 406 -33.78 41.28 -31.17
N GLN I 407 -32.47 41.32 -31.40
CA GLN I 407 -31.95 41.40 -32.75
C GLN I 407 -32.17 40.13 -33.56
N LEU I 408 -32.29 38.97 -32.90
CA LEU I 408 -32.59 37.76 -33.63
C LEU I 408 -34.07 37.62 -33.97
N GLN I 409 -34.94 38.33 -33.25
CA GLN I 409 -36.35 38.35 -33.63
C GLN I 409 -36.56 39.15 -34.90
N ALA I 410 -35.83 40.26 -35.05
CA ALA I 410 -36.02 41.13 -36.20
C ALA I 410 -35.48 40.52 -37.48
N THR I 411 -34.45 39.69 -37.40
CA THR I 411 -33.89 39.03 -38.57
C THR I 411 -34.45 37.64 -38.77
N GLN I 412 -35.41 37.23 -37.92
CA GLN I 412 -36.15 35.98 -38.03
C GLN I 412 -35.24 34.75 -37.93
N GLN I 413 -34.10 34.89 -37.27
CA GLN I 413 -33.26 33.73 -36.98
C GLN I 413 -33.67 33.05 -35.68
N ILE I 414 -34.69 33.59 -35.01
CA ILE I 414 -35.18 33.02 -33.76
C ILE I 414 -36.70 33.08 -33.77
N PRO I 415 -37.36 32.10 -33.15
CA PRO I 415 -38.82 32.21 -33.02
C PRO I 415 -39.20 33.28 -32.02
N GLU I 416 -40.29 33.96 -32.31
CA GLU I 416 -40.76 35.06 -31.46
C GLU I 416 -41.29 34.48 -30.16
N LEU I 417 -40.45 34.53 -29.12
CA LEU I 417 -40.82 33.97 -27.83
C LEU I 417 -41.86 34.85 -27.15
N PRO I 418 -42.91 34.26 -26.58
CA PRO I 418 -44.16 34.99 -26.32
C PRO I 418 -44.17 35.81 -25.04
N LYS I 419 -43.30 36.82 -24.99
CA LYS I 419 -43.38 37.98 -24.10
C LYS I 419 -43.25 37.65 -22.61
N GLU I 420 -43.01 36.39 -22.24
CA GLU I 420 -43.05 35.99 -20.84
C GLU I 420 -41.83 35.21 -20.38
N ALA I 421 -40.85 34.97 -21.24
CA ALA I 421 -39.67 34.23 -20.85
C ALA I 421 -38.52 35.19 -20.57
N VAL I 422 -37.83 34.97 -19.47
CA VAL I 422 -36.72 35.82 -19.03
C VAL I 422 -35.53 34.92 -18.75
N GLU I 423 -34.36 35.55 -18.62
CA GLU I 423 -33.15 34.78 -18.53
C GLU I 423 -32.22 34.98 -17.37
N PRO I 424 -31.86 33.87 -16.74
CA PRO I 424 -30.85 33.99 -15.70
C PRO I 424 -29.57 33.50 -16.28
N THR I 425 -28.49 34.23 -16.07
CA THR I 425 -27.21 33.76 -16.53
C THR I 425 -26.63 32.83 -15.48
N ILE I 426 -27.15 31.61 -15.42
CA ILE I 426 -26.70 30.66 -14.41
C ILE I 426 -25.41 30.00 -14.85
N SER I 427 -24.49 29.79 -13.91
CA SER I 427 -23.19 29.24 -14.27
C SER I 427 -23.21 27.72 -14.19
N GLY I 434 -26.86 27.85 -17.09
CA GLY I 434 -26.28 26.54 -17.27
C GLY I 434 -26.85 25.52 -16.30
N ARG I 435 -27.81 24.74 -16.78
CA ARG I 435 -28.46 23.72 -15.98
C ARG I 435 -27.74 22.39 -16.19
N GLY I 436 -27.21 21.81 -15.11
CA GLY I 436 -27.11 22.46 -13.82
C GLY I 436 -28.10 21.97 -12.80
N GLN I 437 -28.98 22.87 -12.36
CA GLN I 437 -29.98 22.51 -11.36
C GLN I 437 -31.02 21.55 -11.93
N ASP I 438 -31.31 21.65 -13.23
CA ASP I 438 -32.23 20.71 -13.82
C ASP I 438 -31.60 19.33 -13.98
N LEU I 439 -30.27 19.27 -14.10
CA LEU I 439 -29.64 17.97 -14.29
C LEU I 439 -29.36 17.28 -12.98
N ASP I 440 -28.80 18.00 -12.02
CA ASP I 440 -28.37 17.37 -10.76
C ASP I 440 -29.56 16.96 -9.91
N LYS I 441 -30.62 17.76 -9.91
CA LYS I 441 -31.83 17.39 -9.18
C LYS I 441 -32.59 16.25 -9.85
N LEU I 442 -32.43 16.02 -11.13
CA LEU I 442 -32.97 14.80 -11.66
C LEU I 442 -32.20 13.65 -11.16
N GLU I 443 -30.89 13.77 -11.18
CA GLU I 443 -30.04 12.64 -10.87
C GLU I 443 -30.02 12.16 -9.47
N ARG I 444 -30.01 13.05 -8.50
CA ARG I 444 -30.01 12.61 -7.13
C ARG I 444 -31.27 11.87 -6.84
N CYS I 445 -32.37 12.40 -7.27
CA CYS I 445 -33.60 11.71 -7.08
C CYS I 445 -33.64 10.42 -7.85
N VAL I 446 -33.10 10.35 -9.05
CA VAL I 446 -33.11 9.06 -9.75
C VAL I 446 -32.34 8.00 -8.99
N THR I 447 -31.27 8.32 -8.30
CA THR I 447 -30.60 7.26 -7.50
C THR I 447 -31.46 6.78 -6.33
N ALA I 448 -32.26 7.69 -5.79
CA ALA I 448 -33.14 7.34 -4.69
C ALA I 448 -34.15 6.31 -5.13
N TRP I 449 -34.61 6.40 -6.36
CA TRP I 449 -35.54 5.39 -6.87
C TRP I 449 -34.92 3.99 -6.94
N ALA I 450 -33.64 3.85 -7.28
CA ALA I 450 -32.95 2.55 -7.21
C ALA I 450 -32.81 2.08 -5.75
N ALA I 451 -32.65 3.02 -4.85
CA ALA I 451 -32.61 2.59 -3.46
C ALA I 451 -33.94 1.92 -3.14
N LEU I 452 -34.96 2.16 -3.96
CA LEU I 452 -36.28 1.58 -3.74
C LEU I 452 -36.49 0.34 -4.60
N ALA I 453 -35.49 -0.07 -5.35
CA ALA I 453 -35.59 -1.31 -6.15
C ALA I 453 -35.75 -2.62 -5.38
N PRO I 454 -35.02 -2.81 -4.26
CA PRO I 454 -35.27 -4.02 -3.47
C PRO I 454 -36.68 -4.07 -2.92
N MET I 455 -37.22 -2.95 -2.51
CA MET I 455 -38.52 -2.91 -1.87
C MET I 455 -39.63 -2.82 -2.87
N ARG I 456 -39.31 -2.94 -4.14
CA ARG I 456 -40.31 -2.77 -5.18
C ARG I 456 -41.44 -3.74 -5.01
N ASP I 457 -41.11 -4.96 -4.63
CA ASP I 457 -42.12 -5.98 -4.46
C ASP I 457 -42.73 -6.03 -3.06
N ASP I 458 -42.29 -5.15 -2.16
CA ASP I 458 -42.78 -5.21 -0.77
C ASP I 458 -44.27 -4.98 -0.64
N PRO I 459 -44.93 -5.81 0.16
CA PRO I 459 -46.38 -5.71 0.33
C PRO I 459 -46.92 -4.46 0.98
N ASP I 460 -46.24 -3.93 1.99
CA ASP I 460 -46.79 -2.80 2.74
C ASP I 460 -46.31 -1.41 2.35
N ILE I 461 -45.11 -1.27 1.81
CA ILE I 461 -44.60 0.07 1.56
C ILE I 461 -45.32 0.66 0.35
N ASN I 462 -45.83 1.88 0.50
CA ASN I 462 -46.50 2.56 -0.61
C ASN I 462 -45.42 3.15 -1.49
N LEU I 463 -44.90 2.34 -2.41
CA LEU I 463 -43.89 2.81 -3.35
C LEU I 463 -44.45 3.82 -4.34
N ALA I 464 -45.78 3.86 -4.51
CA ALA I 464 -46.40 4.90 -5.30
C ALA I 464 -46.32 6.27 -4.63
N MET I 465 -46.07 6.31 -3.33
CA MET I 465 -46.03 7.55 -2.58
C MET I 465 -44.61 7.99 -2.27
N ILE I 466 -43.72 7.03 -2.01
CA ILE I 466 -42.33 7.35 -1.68
C ILE I 466 -41.63 7.99 -2.87
N LYS I 467 -41.94 7.51 -4.07
CA LYS I 467 -41.41 8.14 -5.28
C LYS I 467 -41.96 9.54 -5.48
N LEU I 468 -43.07 9.88 -4.85
CA LEU I 468 -43.54 11.24 -4.95
C LEU I 468 -42.82 12.05 -3.90
N ARG I 469 -42.64 11.54 -2.70
CA ARG I 469 -42.01 12.31 -1.63
C ARG I 469 -40.56 12.66 -1.89
N ILE I 470 -39.81 11.72 -2.43
CA ILE I 470 -38.41 11.97 -2.72
C ILE I 470 -38.35 13.07 -3.76
N ALA I 471 -39.29 13.05 -4.70
CA ALA I 471 -39.35 14.08 -5.71
C ALA I 471 -39.66 15.39 -5.09
N ASN I 472 -40.61 15.43 -4.20
CA ASN I 472 -41.01 16.70 -3.64
C ASN I 472 -39.75 17.22 -3.01
N ALA I 473 -39.03 16.35 -2.30
CA ALA I 473 -37.86 16.78 -1.53
C ALA I 473 -36.68 17.27 -2.32
N ILE I 474 -36.32 16.60 -3.39
CA ILE I 474 -35.25 17.09 -4.22
C ILE I 474 -35.73 18.41 -4.74
N GLY I 475 -37.03 18.51 -5.02
CA GLY I 475 -37.55 19.73 -5.57
C GLY I 475 -37.89 19.70 -7.03
N ILE I 476 -37.93 18.52 -7.62
CA ILE I 476 -38.32 18.43 -9.02
C ILE I 476 -39.80 18.76 -9.19
N ASP I 477 -40.22 19.11 -10.40
CA ASP I 477 -41.60 19.56 -10.64
C ASP I 477 -42.74 18.57 -10.55
N THR I 478 -42.45 17.29 -10.46
CA THR I 478 -43.51 16.29 -10.48
C THR I 478 -44.35 16.49 -11.72
N SER I 479 -45.66 16.49 -11.63
CA SER I 479 -46.56 16.74 -12.76
C SER I 479 -46.71 15.67 -13.84
N GLY I 480 -45.63 15.33 -14.53
CA GLY I 480 -45.70 14.28 -15.51
C GLY I 480 -44.85 13.14 -15.05
N ILE I 481 -44.23 13.31 -13.91
CA ILE I 481 -43.34 12.30 -13.40
C ILE I 481 -44.08 11.01 -13.09
N LEU I 482 -45.27 11.08 -12.53
CA LEU I 482 -45.93 9.83 -12.17
C LEU I 482 -46.94 9.38 -13.21
N LEU I 483 -46.87 8.11 -13.64
CA LEU I 483 -47.86 7.63 -14.56
C LEU I 483 -49.23 7.82 -13.93
N THR I 484 -50.22 8.30 -14.69
CA THR I 484 -51.56 8.45 -14.14
C THR I 484 -52.41 7.25 -14.46
N GLU I 485 -53.68 7.29 -14.12
CA GLU I 485 -54.52 6.11 -14.30
C GLU I 485 -54.62 5.68 -15.74
N GLU I 486 -54.83 6.64 -16.61
CA GLU I 486 -54.99 6.30 -18.00
C GLU I 486 -53.72 5.67 -18.51
N GLN I 487 -52.60 6.26 -18.15
CA GLN I 487 -51.32 5.76 -18.61
C GLN I 487 -51.04 4.36 -18.10
N LYS I 488 -51.38 4.08 -16.86
CA LYS I 488 -51.17 2.76 -16.34
C LYS I 488 -51.99 1.72 -17.10
N GLN I 489 -53.24 2.08 -17.36
CA GLN I 489 -54.04 1.13 -18.09
C GLN I 489 -53.48 0.91 -19.48
N GLN I 490 -53.01 1.98 -20.11
CA GLN I 490 -52.46 1.83 -21.43
C GLN I 490 -51.24 0.97 -21.45
N LYS I 491 -50.38 1.09 -20.45
CA LYS I 491 -49.22 0.22 -20.37
C LYS I 491 -49.61 -1.23 -20.19
N MET I 492 -50.60 -1.52 -19.34
CA MET I 492 -50.97 -2.93 -19.26
C MET I 492 -51.42 -3.37 -20.62
N ALA I 493 -52.20 -2.53 -21.27
CA ALA I 493 -52.71 -2.97 -22.54
C ALA I 493 -51.62 -3.24 -23.56
N GLN I 494 -50.62 -2.38 -23.61
CA GLN I 494 -49.52 -2.57 -24.55
C GLN I 494 -48.72 -3.80 -24.22
N GLN I 495 -48.50 -4.08 -22.95
CA GLN I 495 -47.80 -5.31 -22.64
C GLN I 495 -48.62 -6.49 -23.12
N SER I 496 -49.94 -6.44 -23.00
CA SER I 496 -50.71 -7.53 -23.59
C SER I 496 -50.66 -7.59 -25.11
N MET I 497 -50.93 -6.50 -25.81
CA MET I 497 -50.96 -6.40 -27.26
C MET I 497 -49.63 -6.81 -27.87
N GLN I 498 -48.53 -6.66 -27.12
CA GLN I 498 -47.26 -7.24 -27.53
C GLN I 498 -47.35 -8.75 -27.55
N MET I 499 -47.79 -9.36 -26.45
CA MET I 499 -47.92 -10.81 -26.40
C MET I 499 -49.06 -11.30 -27.27
N GLY I 500 -50.05 -10.44 -27.56
CA GLY I 500 -51.06 -10.78 -28.53
C GLY I 500 -50.51 -10.81 -29.94
N MET I 501 -49.73 -9.79 -30.31
CA MET I 501 -49.12 -9.79 -31.64
C MET I 501 -48.02 -10.83 -31.75
N ASP I 502 -47.33 -11.14 -30.65
CA ASP I 502 -46.23 -12.10 -30.72
C ASP I 502 -46.76 -13.53 -30.84
N ASN I 503 -47.66 -13.93 -29.94
CA ASN I 503 -48.22 -15.27 -30.00
C ASN I 503 -49.13 -15.45 -31.21
N GLY I 504 -49.80 -14.38 -31.63
CA GLY I 504 -50.66 -14.42 -32.80
C GLY I 504 -49.90 -14.65 -34.08
N ALA I 505 -48.82 -13.88 -34.28
CA ALA I 505 -48.02 -14.04 -35.49
C ALA I 505 -47.23 -15.35 -35.48
N ALA I 506 -46.95 -15.90 -34.31
CA ALA I 506 -46.35 -17.22 -34.24
C ALA I 506 -47.37 -18.33 -34.39
N ALA I 507 -48.65 -18.02 -34.23
CA ALA I 507 -49.67 -19.05 -34.33
C ALA I 507 -50.00 -19.37 -35.77
N LEU I 508 -50.40 -18.36 -36.56
CA LEU I 508 -50.84 -18.62 -37.92
C LEU I 508 -49.68 -18.97 -38.83
N ALA I 509 -48.47 -18.50 -38.51
CA ALA I 509 -47.32 -18.87 -39.30
C ALA I 509 -46.95 -20.34 -39.08
N GLN I 510 -47.15 -20.83 -37.87
CA GLN I 510 -47.13 -22.28 -37.66
C GLN I 510 -48.43 -22.90 -38.14
N GLY I 511 -49.52 -22.13 -38.13
CA GLY I 511 -50.81 -22.64 -38.54
C GLY I 511 -50.98 -22.78 -40.03
N MET I 512 -50.56 -21.78 -40.80
CA MET I 512 -50.71 -21.85 -42.25
C MET I 512 -49.71 -22.83 -42.84
N ALA I 513 -48.43 -22.66 -42.51
CA ALA I 513 -47.35 -23.41 -43.15
C ALA I 513 -47.35 -24.89 -42.81
N ALA I 514 -48.03 -25.31 -41.75
CA ALA I 514 -48.16 -26.74 -41.50
C ALA I 514 -49.14 -27.38 -42.47
N GLN I 515 -50.29 -26.76 -42.68
CA GLN I 515 -51.29 -27.29 -43.59
C GLN I 515 -51.12 -26.83 -45.01
N ALA I 516 -50.19 -25.93 -45.30
CA ALA I 516 -49.94 -25.58 -46.69
C ALA I 516 -49.04 -26.66 -47.23
N THR I 517 -47.89 -26.83 -46.62
CA THR I 517 -46.96 -27.87 -47.06
C THR I 517 -47.44 -29.31 -46.75
N ALA I 518 -48.57 -29.46 -46.07
CA ALA I 518 -49.09 -30.81 -45.85
C ALA I 518 -49.61 -31.37 -47.16
N SER I 519 -49.21 -32.58 -47.54
CA SER I 519 -49.61 -33.25 -48.78
C SER I 519 -48.73 -32.79 -49.94
N PRO I 520 -48.31 -33.72 -50.80
CA PRO I 520 -47.39 -33.30 -51.86
C PRO I 520 -47.95 -32.32 -52.89
N GLU I 521 -49.16 -32.55 -53.37
CA GLU I 521 -49.79 -31.63 -54.32
C GLU I 521 -50.11 -30.27 -53.75
N ALA I 522 -50.64 -30.22 -52.53
CA ALA I 522 -51.03 -28.96 -51.93
C ALA I 522 -49.78 -28.16 -51.83
N MET I 523 -48.67 -28.85 -51.73
CA MET I 523 -47.36 -28.21 -51.65
C MET I 523 -47.00 -27.56 -52.97
N ALA I 524 -47.32 -28.21 -54.09
CA ALA I 524 -47.08 -27.61 -55.40
C ALA I 524 -48.01 -26.44 -55.65
N ALA I 525 -49.22 -26.50 -55.07
CA ALA I 525 -50.17 -25.39 -55.22
C ALA I 525 -49.75 -24.20 -54.36
N ALA I 526 -49.09 -24.46 -53.24
CA ALA I 526 -48.68 -23.38 -52.36
C ALA I 526 -47.49 -22.62 -52.93
N ALA I 527 -46.63 -23.31 -53.68
CA ALA I 527 -45.46 -22.66 -54.25
C ALA I 527 -45.84 -21.78 -55.44
N ASP I 528 -46.98 -22.06 -56.07
CA ASP I 528 -47.39 -21.28 -57.22
C ASP I 528 -47.97 -19.94 -56.81
N SER I 529 -48.44 -19.84 -55.56
CA SER I 529 -49.03 -18.59 -55.08
C SER I 529 -47.94 -17.54 -54.86
N VAL I 530 -46.74 -17.97 -54.51
CA VAL I 530 -45.61 -17.05 -54.38
C VAL I 530 -45.12 -16.74 -55.78
N GLY I 531 -45.04 -17.78 -56.61
CA GLY I 531 -44.52 -17.63 -57.97
C GLY I 531 -43.52 -18.73 -58.35
N LEU I 532 -43.15 -19.61 -57.42
CA LEU I 532 -42.14 -20.65 -57.67
C LEU I 532 -42.56 -21.92 -58.42
N GLN I 533 -41.59 -22.62 -59.03
CA GLN I 533 -41.86 -23.87 -59.76
C GLN I 533 -42.02 -25.12 -58.89
N PRO I 534 -42.71 -26.15 -59.41
CA PRO I 534 -42.95 -27.38 -58.64
C PRO I 534 -41.71 -28.21 -58.24
N GLY I 535 -40.74 -28.39 -59.11
CA GLY I 535 -39.53 -29.10 -58.74
C GLY I 535 -38.71 -28.22 -57.83
N ILE I 536 -37.97 -28.79 -56.89
CA ILE I 536 -37.12 -28.00 -56.01
C ILE I 536 -35.68 -27.93 -56.51
N THR J 6 -5.32 51.73 -67.25
CA THR J 6 -6.18 52.70 -66.59
C THR J 6 -5.50 53.26 -65.35
N GLY J 7 -5.89 54.46 -64.93
CA GLY J 7 -5.29 55.06 -63.77
C GLY J 7 -5.56 54.23 -62.54
N LEU J 8 -6.78 53.72 -62.41
CA LEU J 8 -7.14 52.85 -61.29
C LEU J 8 -7.25 53.58 -59.95
N ALA J 9 -7.34 54.91 -59.97
CA ALA J 9 -7.48 55.71 -58.74
C ALA J 9 -6.34 55.53 -57.74
N GLU J 10 -5.11 55.31 -58.22
CA GLU J 10 -3.93 55.11 -57.36
C GLU J 10 -2.67 55.60 -58.10
N ASP J 11 -1.62 55.92 -57.37
CA ASP J 11 -0.37 56.35 -57.99
C ASP J 11 0.29 55.25 -58.83
N GLY J 12 0.29 54.04 -58.29
CA GLY J 12 1.22 52.99 -58.70
C GLY J 12 1.65 52.14 -57.52
N ALA J 13 1.67 50.82 -57.69
CA ALA J 13 2.03 49.92 -56.59
C ALA J 13 3.44 50.06 -56.07
N LYS J 14 4.38 50.34 -56.94
CA LYS J 14 5.73 50.57 -56.48
C LYS J 14 5.75 51.69 -55.50
N SER J 15 5.14 52.80 -55.85
CA SER J 15 5.14 53.96 -54.98
C SER J 15 4.40 53.72 -53.68
N VAL J 16 3.27 53.04 -53.73
CA VAL J 16 2.53 52.78 -52.53
C VAL J 16 3.42 51.99 -51.63
N TYR J 17 4.17 51.07 -52.20
CA TYR J 17 5.12 50.31 -51.41
C TYR J 17 6.23 51.19 -50.84
N GLU J 18 6.64 52.22 -51.59
CA GLU J 18 7.77 53.02 -51.13
C GLU J 18 7.35 54.10 -50.15
N ARG J 19 6.15 54.64 -50.26
CA ARG J 19 5.68 55.60 -49.26
C ARG J 19 5.50 54.93 -47.92
N LEU J 20 5.01 53.70 -47.91
CA LEU J 20 4.67 53.02 -46.69
C LEU J 20 5.74 52.05 -46.23
N LYS J 21 6.86 51.96 -46.95
CA LYS J 21 7.99 51.22 -46.42
C LYS J 21 8.60 51.97 -45.24
N ASN J 22 8.41 53.28 -45.18
CA ASN J 22 8.82 54.08 -44.03
C ASN J 22 7.87 53.95 -42.84
N ASP J 23 6.95 53.00 -42.87
CA ASP J 23 6.12 52.68 -41.72
C ASP J 23 6.42 51.29 -41.17
N ARG J 24 7.05 50.42 -41.96
CA ARG J 24 7.48 49.14 -41.43
C ARG J 24 8.69 49.31 -40.52
N ALA J 25 9.57 50.26 -40.86
CA ALA J 25 10.83 50.54 -40.18
C ALA J 25 10.74 50.75 -38.67
N PRO J 26 9.62 51.23 -38.09
CA PRO J 26 9.46 51.01 -36.65
C PRO J 26 9.33 49.54 -36.26
N TYR J 27 8.41 48.81 -36.88
CA TYR J 27 8.19 47.42 -36.53
C TYR J 27 9.32 46.52 -36.96
N GLU J 28 9.94 46.82 -38.09
CA GLU J 28 11.02 46.00 -38.62
C GLU J 28 12.26 46.08 -37.74
N THR J 29 12.63 47.28 -37.28
CA THR J 29 13.77 47.40 -36.37
C THR J 29 13.45 46.97 -34.96
N ARG J 30 12.16 46.80 -34.62
CA ARG J 30 11.83 46.09 -33.39
C ARG J 30 12.13 44.61 -33.53
N ALA J 31 11.68 44.01 -34.62
CA ALA J 31 11.80 42.57 -34.80
C ALA J 31 13.25 42.15 -35.02
N GLN J 32 14.06 43.00 -35.63
CA GLN J 32 15.48 42.72 -35.75
C GLN J 32 16.15 42.72 -34.39
N ASN J 33 15.70 43.62 -33.50
CA ASN J 33 16.14 43.53 -32.11
C ASN J 33 15.49 42.35 -31.41
N CYS J 34 14.22 42.09 -31.70
CA CYS J 34 13.49 41.10 -30.93
C CYS J 34 13.87 39.67 -31.31
N ALA J 35 14.34 39.46 -32.53
CA ALA J 35 14.87 38.15 -32.90
C ALA J 35 16.32 37.97 -32.50
N GLN J 36 17.01 39.07 -32.21
CA GLN J 36 18.42 38.99 -31.82
C GLN J 36 18.59 38.31 -30.48
N TYR J 37 17.60 38.42 -29.61
CA TYR J 37 17.71 37.86 -28.26
C TYR J 37 17.18 36.44 -28.17
N THR J 38 16.26 36.05 -29.06
CA THR J 38 15.68 34.72 -28.96
C THR J 38 16.37 33.73 -29.89
N ILE J 39 16.26 33.96 -31.20
CA ILE J 39 16.89 33.12 -32.21
C ILE J 39 17.15 33.96 -33.45
N PRO J 40 18.42 34.27 -33.75
CA PRO J 40 18.70 35.25 -34.80
C PRO J 40 18.44 34.75 -36.20
N SER J 41 18.27 33.44 -36.40
CA SER J 41 18.01 32.92 -37.73
C SER J 41 16.57 33.10 -38.16
N LEU J 42 15.70 33.59 -37.28
CA LEU J 42 14.28 33.57 -37.56
C LEU J 42 13.85 34.82 -38.33
N PHE J 43 14.29 36.00 -37.89
CA PHE J 43 13.96 37.26 -38.58
C PHE J 43 15.24 37.95 -38.96
N PRO J 44 15.79 37.61 -40.12
CA PRO J 44 17.05 38.18 -40.55
C PRO J 44 16.92 39.62 -40.94
N LYS J 45 17.97 40.40 -40.76
CA LYS J 45 17.93 41.78 -41.19
C LYS J 45 17.99 41.76 -42.71
N ASP J 46 17.48 42.80 -43.36
CA ASP J 46 17.48 42.85 -44.83
C ASP J 46 18.88 42.82 -45.41
N SER J 47 19.80 43.49 -44.75
CA SER J 47 21.18 43.48 -45.20
C SER J 47 21.76 42.09 -45.19
N ASP J 48 21.42 41.29 -44.19
CA ASP J 48 21.98 39.94 -44.05
C ASP J 48 21.85 39.06 -45.26
N ASN J 49 22.90 38.30 -45.56
CA ASN J 49 22.91 37.46 -46.73
C ASN J 49 23.45 36.10 -46.39
N ALA J 50 23.94 35.39 -47.38
CA ALA J 50 24.48 34.08 -47.17
C ALA J 50 25.64 34.14 -46.22
N SER J 51 26.45 35.18 -46.30
CA SER J 51 27.61 35.33 -45.41
C SER J 51 27.33 35.55 -43.94
N THR J 52 26.29 36.28 -43.58
CA THR J 52 26.03 36.61 -42.17
C THR J 52 25.95 35.44 -41.23
N ASP J 53 26.76 35.49 -40.18
CA ASP J 53 26.70 34.43 -39.22
C ASP J 53 25.91 34.91 -38.03
N TYR J 54 24.93 34.13 -37.62
CA TYR J 54 24.08 34.56 -36.55
C TYR J 54 24.60 34.07 -35.22
N GLN J 55 25.26 34.95 -34.47
CA GLN J 55 25.80 34.60 -33.16
C GLN J 55 24.67 34.24 -32.23
N THR J 56 24.84 33.12 -31.54
CA THR J 56 23.84 32.68 -30.60
C THR J 56 23.83 33.63 -29.40
N PRO J 57 22.67 33.94 -28.84
CA PRO J 57 22.64 34.77 -27.64
C PRO J 57 23.26 34.04 -26.47
N TRP J 58 23.77 34.81 -25.52
CA TRP J 58 24.43 34.24 -24.34
C TRP J 58 23.45 33.45 -23.49
N GLN J 59 22.20 33.88 -23.45
CA GLN J 59 21.12 33.12 -22.84
C GLN J 59 20.42 32.28 -23.88
N ALA J 60 19.92 31.13 -23.45
CA ALA J 60 19.16 30.26 -24.33
C ALA J 60 17.77 29.99 -23.79
N VAL J 61 17.13 31.02 -23.24
CA VAL J 61 15.74 30.91 -22.86
C VAL J 61 14.83 31.37 -24.00
N GLY J 62 15.24 32.42 -24.70
CA GLY J 62 14.45 32.88 -25.84
C GLY J 62 14.42 31.86 -26.97
N ALA J 63 15.53 31.16 -27.20
CA ALA J 63 15.52 30.07 -28.16
C ALA J 63 14.69 28.90 -27.64
N ARG J 64 14.68 28.68 -26.33
CA ARG J 64 13.84 27.66 -25.74
C ARG J 64 12.38 28.06 -25.73
N GLY J 65 12.07 29.24 -25.19
CA GLY J 65 10.71 29.66 -25.00
C GLY J 65 9.97 30.14 -26.22
N LEU J 66 10.54 30.00 -27.40
CA LEU J 66 9.86 30.31 -28.64
C LEU J 66 9.34 29.06 -29.34
N ASN J 67 10.22 28.08 -29.53
CA ASN J 67 9.80 26.80 -30.06
C ASN J 67 8.83 26.10 -29.13
N ASN J 68 9.00 26.28 -27.83
CA ASN J 68 8.08 25.76 -26.85
C ASN J 68 6.81 26.58 -26.74
N LEU J 69 6.72 27.71 -27.45
CA LEU J 69 5.48 28.47 -27.50
C LEU J 69 4.86 28.47 -28.89
N ALA J 70 5.67 28.38 -29.94
CA ALA J 70 5.09 28.26 -31.27
C ALA J 70 4.48 26.89 -31.50
N SER J 71 4.99 25.90 -30.77
CA SER J 71 4.46 24.55 -30.88
C SER J 71 3.22 24.36 -30.09
N LYS J 72 3.20 24.90 -28.88
CA LYS J 72 2.00 24.81 -28.09
C LYS J 72 0.86 25.58 -28.72
N LEU J 73 1.17 26.75 -29.26
CA LEU J 73 0.16 27.51 -29.93
C LEU J 73 -0.31 26.68 -31.09
N MET J 74 0.57 26.02 -31.83
CA MET J 74 0.09 25.26 -32.97
C MET J 74 -0.82 24.15 -32.54
N LEU J 75 -0.47 23.41 -31.49
CA LEU J 75 -1.31 22.30 -31.12
C LEU J 75 -2.66 22.85 -30.75
N ALA J 76 -2.69 23.94 -30.03
CA ALA J 76 -3.96 24.47 -29.59
C ALA J 76 -4.81 25.01 -30.69
N LEU J 77 -4.20 25.69 -31.65
CA LEU J 77 -4.97 26.38 -32.68
C LEU J 77 -5.31 25.46 -33.81
N PHE J 78 -4.33 24.71 -34.27
CA PHE J 78 -4.56 23.82 -35.38
C PHE J 78 -4.38 22.40 -34.93
N PRO J 79 -5.33 21.90 -34.13
CA PRO J 79 -5.19 20.56 -33.60
C PRO J 79 -5.34 19.65 -34.75
N MET J 80 -4.77 18.45 -34.67
CA MET J 80 -4.99 17.51 -35.75
C MET J 80 -6.47 17.20 -35.82
N GLN J 81 -7.10 17.04 -34.68
CA GLN J 81 -8.52 16.79 -34.64
C GLN J 81 -9.24 18.00 -35.17
N THR J 82 -10.33 17.78 -35.88
CA THR J 82 -11.04 18.90 -36.51
C THR J 82 -11.17 20.15 -35.68
N TRP J 83 -10.73 21.27 -36.22
CA TRP J 83 -10.87 22.49 -35.49
C TRP J 83 -11.75 23.58 -36.08
N MET J 84 -12.50 23.29 -37.14
CA MET J 84 -13.65 24.09 -37.49
C MET J 84 -14.82 23.18 -37.62
N ARG J 85 -16.00 23.67 -37.31
CA ARG J 85 -17.20 22.94 -37.65
C ARG J 85 -18.22 23.87 -38.24
N LEU J 86 -19.12 23.36 -39.08
CA LEU J 86 -20.07 24.22 -39.75
C LEU J 86 -21.40 24.16 -39.02
N THR J 87 -21.77 25.25 -38.37
CA THR J 87 -23.09 25.35 -37.76
C THR J 87 -24.09 25.86 -38.79
N ILE J 88 -25.13 25.08 -39.01
CA ILE J 88 -26.29 25.60 -39.72
C ILE J 88 -27.17 26.32 -38.70
N SER J 89 -27.80 27.41 -39.14
CA SER J 89 -28.75 28.11 -38.29
C SER J 89 -29.95 27.22 -38.06
N GLU J 90 -30.14 26.82 -36.81
CA GLU J 90 -30.99 25.67 -36.52
C GLU J 90 -32.47 25.99 -36.72
N TYR J 91 -32.91 27.19 -36.36
CA TYR J 91 -34.32 27.52 -36.54
C TYR J 91 -34.68 27.72 -38.00
N GLU J 92 -33.77 28.32 -38.78
CA GLU J 92 -33.99 28.41 -40.21
C GLU J 92 -33.79 27.07 -40.90
N ALA J 93 -33.13 26.11 -40.26
CA ALA J 93 -33.09 24.76 -40.79
C ALA J 93 -34.38 24.01 -40.49
N LYS J 94 -35.07 24.34 -39.41
CA LYS J 94 -36.35 23.71 -39.13
C LYS J 94 -37.44 24.18 -40.08
N GLN J 95 -37.35 25.43 -40.56
CA GLN J 95 -38.40 25.97 -41.39
C GLN J 95 -38.35 25.40 -42.79
N LEU J 96 -37.15 25.27 -43.35
CA LEU J 96 -36.98 24.88 -44.75
C LEU J 96 -36.95 23.38 -44.95
N LEU J 97 -37.38 22.58 -43.98
CA LEU J 97 -37.11 21.15 -44.03
C LEU J 97 -38.17 20.40 -43.25
N SER J 98 -38.44 19.17 -43.66
CA SER J 98 -39.37 18.29 -42.98
C SER J 98 -38.62 17.49 -41.91
N ASP J 99 -38.96 17.74 -40.65
CA ASP J 99 -38.28 17.15 -39.50
C ASP J 99 -38.50 15.65 -39.44
N PRO J 100 -37.63 14.89 -38.73
CA PRO J 100 -36.33 15.21 -38.11
C PRO J 100 -35.14 14.60 -38.83
N ASP J 101 -35.40 13.67 -39.77
CA ASP J 101 -34.32 12.93 -40.41
C ASP J 101 -33.52 13.82 -41.34
N GLY J 102 -34.16 14.80 -41.97
CA GLY J 102 -33.44 15.70 -42.85
C GLY J 102 -32.49 16.63 -42.14
N LEU J 103 -32.71 16.89 -40.85
CA LEU J 103 -31.86 17.83 -40.11
C LEU J 103 -30.46 17.26 -39.92
N ALA J 104 -30.36 16.03 -39.43
CA ALA J 104 -29.05 15.41 -39.30
C ALA J 104 -28.48 15.02 -40.66
N LYS J 105 -29.33 14.85 -41.67
CA LYS J 105 -28.83 14.64 -43.02
C LYS J 105 -28.12 15.89 -43.54
N VAL J 106 -28.59 17.07 -43.14
CA VAL J 106 -27.86 18.30 -43.44
C VAL J 106 -26.53 18.32 -42.69
N ASP J 107 -26.55 17.94 -41.41
CA ASP J 107 -25.31 17.91 -40.63
C ASP J 107 -24.36 16.82 -41.06
N GLU J 108 -24.81 15.85 -41.86
CA GLU J 108 -23.84 14.96 -42.49
C GLU J 108 -23.13 15.65 -43.64
N GLY J 109 -23.86 16.48 -44.38
CA GLY J 109 -23.21 17.32 -45.38
C GLY J 109 -22.29 18.34 -44.78
N LEU J 110 -22.58 18.78 -43.56
CA LEU J 110 -21.65 19.65 -42.84
C LEU J 110 -20.51 18.86 -42.22
N SER J 111 -20.74 17.59 -41.88
CA SER J 111 -19.62 16.72 -41.52
C SER J 111 -18.89 16.22 -42.75
N MET J 112 -19.52 16.30 -43.92
CA MET J 112 -18.82 16.01 -45.17
C MET J 112 -17.74 17.04 -45.43
N VAL J 113 -18.13 18.33 -45.38
CA VAL J 113 -17.25 19.43 -45.78
C VAL J 113 -16.09 19.58 -44.81
N GLU J 114 -16.36 19.46 -43.51
CA GLU J 114 -15.33 19.69 -42.50
C GLU J 114 -14.26 18.61 -42.50
N ARG J 115 -14.51 17.47 -43.14
CA ARG J 115 -13.47 16.47 -43.33
C ARG J 115 -12.69 16.70 -44.62
N ILE J 116 -13.34 17.26 -45.63
CA ILE J 116 -12.67 17.51 -46.90
C ILE J 116 -11.67 18.64 -46.77
N ILE J 117 -12.00 19.66 -45.97
CA ILE J 117 -11.08 20.76 -45.71
C ILE J 117 -9.89 20.27 -44.90
N MET J 118 -10.13 19.41 -43.92
CA MET J 118 -9.02 18.81 -43.18
C MET J 118 -8.22 17.84 -44.03
N ASN J 119 -8.85 17.27 -45.06
CA ASN J 119 -8.10 16.52 -46.07
C ASN J 119 -7.52 17.43 -47.14
N TYR J 120 -7.87 18.70 -47.14
CA TYR J 120 -7.25 19.66 -48.06
C TYR J 120 -6.10 20.38 -47.39
N ILE J 121 -6.26 20.70 -46.11
CA ILE J 121 -5.21 21.39 -45.36
C ILE J 121 -4.01 20.47 -45.16
N GLU J 122 -4.25 19.22 -44.79
CA GLU J 122 -3.13 18.32 -44.50
C GLU J 122 -2.44 17.85 -45.77
N SER J 123 -3.15 17.80 -46.89
CA SER J 123 -2.59 17.31 -48.13
C SER J 123 -2.01 18.41 -49.00
N ASN J 124 -1.92 19.63 -48.48
CA ASN J 124 -1.25 20.71 -49.19
C ASN J 124 -0.19 21.39 -48.33
N SER J 125 0.23 20.73 -47.25
CA SER J 125 1.25 21.23 -46.32
C SER J 125 0.91 22.60 -45.77
N TYR J 126 -0.36 22.80 -45.41
CA TYR J 126 -0.71 24.02 -44.70
C TYR J 126 -0.25 23.98 -43.26
N ARG J 127 -0.02 22.78 -42.72
CA ARG J 127 0.52 22.67 -41.37
C ARG J 127 1.94 23.19 -41.29
N VAL J 128 2.66 23.13 -42.41
CA VAL J 128 4.04 23.60 -42.42
C VAL J 128 4.08 25.12 -42.39
N THR J 129 3.45 25.76 -43.36
CA THR J 129 3.54 27.21 -43.52
C THR J 129 2.74 27.96 -42.47
N LEU J 130 1.84 27.31 -41.76
CA LEU J 130 1.27 27.95 -40.58
C LEU J 130 2.20 27.87 -39.39
N PHE J 131 3.01 26.82 -39.28
CA PHE J 131 3.99 26.81 -38.22
C PHE J 131 5.13 27.77 -38.51
N GLU J 132 5.46 27.97 -39.79
CA GLU J 132 6.36 29.07 -40.11
C GLU J 132 5.69 30.42 -39.90
N ALA J 133 4.36 30.47 -40.00
CA ALA J 133 3.67 31.71 -39.68
C ALA J 133 3.66 31.98 -38.19
N LEU J 134 3.44 30.94 -37.37
CA LEU J 134 3.37 31.15 -35.93
C LEU J 134 4.71 31.51 -35.33
N LYS J 135 5.82 31.11 -35.96
CA LYS J 135 7.11 31.56 -35.48
C LYS J 135 7.34 33.03 -35.82
N GLN J 136 6.80 33.49 -36.95
CA GLN J 136 6.86 34.91 -37.26
C GLN J 136 5.93 35.71 -36.37
N LEU J 137 4.78 35.14 -36.01
CA LEU J 137 3.85 35.86 -35.17
C LEU J 137 4.35 36.05 -33.75
N VAL J 138 5.28 35.23 -33.30
CA VAL J 138 5.84 35.47 -31.98
C VAL J 138 6.93 36.52 -32.03
N VAL J 139 8.03 36.28 -32.75
CA VAL J 139 9.08 37.28 -32.88
C VAL J 139 8.74 38.56 -33.61
N ALA J 140 8.13 38.49 -34.78
CA ALA J 140 7.91 39.71 -35.55
C ALA J 140 6.60 40.35 -35.36
N GLY J 141 5.58 39.53 -35.20
CA GLY J 141 4.25 40.01 -34.96
C GLY J 141 3.36 40.18 -36.16
N ASN J 142 3.89 40.10 -37.35
CA ASN J 142 3.05 40.17 -38.51
C ASN J 142 3.46 39.18 -39.58
N VAL J 143 2.51 38.60 -40.31
CA VAL J 143 2.81 37.72 -41.43
C VAL J 143 1.64 37.86 -42.40
N LEU J 144 1.82 37.71 -43.70
CA LEU J 144 0.71 37.75 -44.64
C LEU J 144 0.72 36.40 -45.25
N LEU J 145 -0.41 35.77 -45.37
CA LEU J 145 -0.44 34.42 -45.85
C LEU J 145 -1.31 34.41 -47.08
N TYR J 146 -0.74 34.08 -48.23
CA TYR J 146 -1.49 34.12 -49.48
C TYR J 146 -1.92 32.76 -49.85
N LEU J 147 -3.21 32.55 -50.04
CA LEU J 147 -3.72 31.22 -50.33
C LEU J 147 -3.95 31.16 -51.80
N PRO J 148 -3.01 30.59 -52.55
CA PRO J 148 -3.10 30.65 -54.00
C PRO J 148 -4.33 29.97 -54.49
N GLU J 149 -4.95 30.52 -55.54
CA GLU J 149 -6.17 29.96 -56.07
C GLU J 149 -5.91 28.55 -56.51
N PRO J 150 -6.81 27.62 -56.16
CA PRO J 150 -6.48 26.26 -56.54
C PRO J 150 -6.58 26.15 -58.05
N GLU J 151 -5.63 25.48 -58.69
CA GLU J 151 -5.70 25.27 -60.11
C GLU J 151 -5.54 23.79 -60.31
N GLY J 152 -6.64 23.03 -60.41
CA GLY J 152 -6.46 21.59 -60.45
C GLY J 152 -6.26 21.01 -59.06
N SER J 153 -6.30 19.67 -59.03
CA SER J 153 -6.10 18.91 -57.81
C SER J 153 -4.64 18.56 -57.57
N ASN J 154 -3.71 19.33 -58.12
CA ASN J 154 -2.29 19.11 -57.91
C ASN J 154 -1.86 19.71 -56.58
N TYR J 155 -0.54 19.73 -56.36
CA TYR J 155 0.02 20.24 -55.12
C TYR J 155 -0.06 21.76 -55.11
N ASN J 156 -0.60 22.39 -54.06
CA ASN J 156 -0.77 23.85 -54.08
C ASN J 156 -0.53 24.50 -52.73
N PRO J 157 0.73 24.70 -52.36
CA PRO J 157 1.03 25.22 -51.03
C PRO J 157 0.78 26.70 -50.89
N MET J 158 0.50 27.20 -49.69
CA MET J 158 0.35 28.64 -49.54
C MET J 158 1.67 29.34 -49.33
N LYS J 159 1.65 30.66 -49.29
CA LYS J 159 2.89 31.42 -49.17
C LYS J 159 2.85 32.43 -48.05
N LEU J 160 3.97 32.62 -47.35
CA LEU J 160 4.04 33.58 -46.27
C LEU J 160 5.00 34.72 -46.56
N TYR J 161 4.60 35.94 -46.26
CA TYR J 161 5.45 37.10 -46.45
C TYR J 161 5.71 37.65 -45.07
N ARG J 162 6.98 37.69 -44.71
CA ARG J 162 7.35 38.08 -43.38
C ARG J 162 7.66 39.52 -43.08
N LEU J 163 6.79 40.47 -43.39
CA LEU J 163 7.04 41.85 -43.00
C LEU J 163 8.39 42.26 -43.47
N SER J 164 8.73 41.94 -44.69
CA SER J 164 9.97 42.39 -45.25
C SER J 164 9.69 42.19 -46.69
N SER J 165 8.53 41.59 -46.95
CA SER J 165 8.13 41.40 -48.33
C SER J 165 6.72 41.92 -48.59
N TYR J 166 6.02 42.42 -47.58
CA TYR J 166 4.72 43.02 -47.85
C TYR J 166 4.62 44.36 -47.16
N VAL J 167 3.56 45.08 -47.52
CA VAL J 167 3.13 46.31 -46.86
C VAL J 167 1.61 46.32 -46.87
N VAL J 168 0.98 46.51 -45.71
CA VAL J 168 -0.44 46.84 -45.68
C VAL J 168 -0.63 48.20 -45.06
N GLN J 169 -1.80 48.76 -45.31
CA GLN J 169 -2.21 50.01 -44.69
C GLN J 169 -3.67 49.86 -44.28
N ARG J 170 -3.93 50.00 -42.99
CA ARG J 170 -5.29 49.91 -42.51
C ARG J 170 -5.62 51.17 -41.73
N ASP J 171 -6.86 51.23 -41.30
CA ASP J 171 -7.46 52.41 -40.73
C ASP J 171 -7.18 52.44 -39.22
N ALA J 172 -7.63 53.50 -38.54
CA ALA J 172 -7.82 53.39 -37.10
C ALA J 172 -8.95 52.43 -36.78
N PHE J 173 -9.96 52.40 -37.64
CA PHE J 173 -10.92 51.31 -37.67
C PHE J 173 -10.22 50.04 -38.14
N GLY J 174 -10.84 48.88 -37.85
CA GLY J 174 -10.13 47.63 -38.01
C GLY J 174 -9.87 47.19 -39.44
N ASN J 175 -10.59 47.73 -40.41
CA ASN J 175 -10.56 47.18 -41.76
C ASN J 175 -9.31 47.62 -42.53
N VAL J 176 -8.96 46.81 -43.52
CA VAL J 176 -7.77 47.03 -44.32
C VAL J 176 -8.14 47.91 -45.49
N LEU J 177 -7.29 48.89 -45.79
CA LEU J 177 -7.47 49.71 -46.99
C LEU J 177 -6.71 49.16 -48.19
N GLN J 178 -5.39 49.02 -48.09
CA GLN J 178 -4.63 48.57 -49.24
C GLN J 178 -3.46 47.71 -48.76
N MET J 179 -3.08 46.75 -49.60
CA MET J 179 -1.97 45.86 -49.34
C MET J 179 -1.05 45.87 -50.55
N VAL J 180 0.26 45.82 -50.31
CA VAL J 180 1.23 45.66 -51.38
C VAL J 180 2.15 44.51 -51.00
N THR J 181 2.43 43.56 -51.88
CA THR J 181 3.56 42.63 -51.64
C THR J 181 4.60 42.64 -52.75
N ARG J 182 5.87 42.55 -52.37
CA ARG J 182 6.99 42.37 -53.25
C ARG J 182 7.56 40.96 -53.18
N ASP J 183 7.46 40.27 -54.29
CA ASP J 183 8.18 39.03 -54.50
C ASP J 183 9.02 39.31 -55.73
N GLN J 184 10.25 38.77 -55.65
CA GLN J 184 11.21 38.94 -56.70
C GLN J 184 11.50 37.65 -57.44
N ILE J 185 10.55 37.19 -58.24
CA ILE J 185 10.73 35.97 -59.02
C ILE J 185 11.67 36.18 -60.17
N ALA J 186 12.61 35.29 -60.37
CA ALA J 186 13.58 35.40 -61.46
C ALA J 186 12.92 35.30 -62.80
N PHE J 187 13.60 35.71 -63.86
CA PHE J 187 12.95 35.76 -65.15
C PHE J 187 12.45 34.41 -65.59
N GLY J 188 13.25 33.38 -65.42
CA GLY J 188 12.86 32.07 -65.87
C GLY J 188 11.64 31.57 -65.15
N ALA J 189 11.54 31.85 -63.86
CA ALA J 189 10.45 31.32 -63.08
C ALA J 189 9.17 32.11 -63.11
N LEU J 190 9.18 33.29 -63.71
CA LEU J 190 8.01 34.15 -63.73
C LEU J 190 6.92 33.40 -64.47
N PRO J 191 5.69 33.51 -64.00
CA PRO J 191 4.58 32.84 -64.66
C PRO J 191 4.40 33.38 -66.06
N GLU J 192 3.96 32.52 -66.99
CA GLU J 192 3.83 32.92 -68.38
C GLU J 192 3.31 34.32 -68.68
N ASP J 193 2.09 34.66 -68.25
CA ASP J 193 1.54 35.94 -68.65
C ASP J 193 2.47 37.09 -68.28
N ILE J 194 3.31 36.91 -67.27
CA ILE J 194 4.19 37.99 -66.85
C ILE J 194 5.38 38.09 -67.81
N ARG J 195 5.84 36.96 -68.35
CA ARG J 195 6.96 36.98 -69.29
C ARG J 195 6.59 37.68 -70.59
N LYS J 196 5.31 37.64 -70.97
CA LYS J 196 4.86 38.42 -72.11
C LYS J 196 4.83 39.90 -71.80
N ALA J 197 4.71 40.27 -70.51
CA ALA J 197 4.71 41.69 -70.16
C ALA J 197 6.13 42.22 -70.01
N VAL J 198 7.05 41.39 -69.53
CA VAL J 198 8.43 41.84 -69.37
C VAL J 198 9.11 41.93 -70.73
N GLU J 199 8.92 40.93 -71.58
CA GLU J 199 9.34 41.04 -72.98
C GLU J 199 8.58 42.14 -73.69
N GLY J 200 7.30 42.33 -73.34
CA GLY J 200 6.52 43.42 -73.87
C GLY J 200 7.00 44.79 -73.43
N GLN J 201 7.70 44.87 -72.30
CA GLN J 201 8.35 46.12 -71.93
C GLN J 201 9.55 46.39 -72.83
N GLY J 202 10.28 45.35 -73.23
CA GLY J 202 11.41 45.51 -74.10
C GLY J 202 12.72 45.13 -73.45
N GLY J 203 13.71 44.77 -74.26
CA GLY J 203 15.02 44.42 -73.75
C GLY J 203 15.11 42.98 -73.27
N GLU J 204 16.19 42.30 -73.62
CA GLU J 204 16.37 40.92 -73.20
C GLU J 204 16.79 40.85 -71.75
N LYS J 205 16.53 39.70 -71.13
CA LYS J 205 16.83 39.49 -69.72
C LYS J 205 17.66 38.23 -69.59
N LYS J 206 18.45 38.17 -68.52
CA LYS J 206 19.13 36.94 -68.19
C LYS J 206 18.14 35.92 -67.65
N ALA J 207 18.54 34.65 -67.67
CA ALA J 207 17.65 33.59 -67.21
C ALA J 207 17.47 33.61 -65.70
N ASP J 208 18.43 34.20 -64.99
CA ASP J 208 18.42 34.20 -63.53
C ASP J 208 18.26 35.58 -62.92
N GLU J 209 18.11 36.58 -63.77
CA GLU J 209 17.90 37.94 -63.34
C GLU J 209 16.60 37.96 -62.61
N THR J 210 16.53 38.70 -61.51
CA THR J 210 15.39 38.59 -60.62
C THR J 210 14.49 39.78 -60.79
N ILE J 211 13.23 39.46 -61.04
CA ILE J 211 12.22 40.44 -61.38
C ILE J 211 11.29 40.52 -60.15
N ASP J 212 10.94 41.72 -59.72
CA ASP J 212 10.11 41.82 -58.54
C ASP J 212 8.77 42.42 -58.87
N VAL J 213 7.71 41.73 -58.41
CA VAL J 213 6.39 41.92 -58.89
C VAL J 213 5.60 42.48 -57.77
N TYR J 214 4.93 43.59 -57.97
CA TYR J 214 4.23 44.17 -56.88
C TYR J 214 2.77 43.94 -57.12
N THR J 215 2.10 43.40 -56.13
CA THR J 215 0.65 43.36 -56.22
C THR J 215 0.09 44.55 -55.47
N HIS J 216 -1.20 44.80 -55.66
CA HIS J 216 -1.81 45.95 -55.01
C HIS J 216 -3.28 45.62 -54.82
N ILE J 217 -3.72 45.53 -53.57
CA ILE J 217 -4.95 44.84 -53.20
C ILE J 217 -5.87 45.87 -52.56
N TYR J 218 -5.88 47.07 -53.14
CA TYR J 218 -6.56 48.21 -52.53
C TYR J 218 -8.08 48.02 -52.47
N LEU J 219 -8.71 48.65 -51.49
CA LEU J 219 -10.16 48.57 -51.34
C LEU J 219 -10.78 49.55 -52.29
N ASP J 220 -11.60 49.06 -53.20
CA ASP J 220 -12.19 49.94 -54.17
C ASP J 220 -13.09 50.87 -53.42
N GLU J 221 -13.07 52.14 -53.80
CA GLU J 221 -13.98 53.07 -53.17
C GLU J 221 -15.39 52.62 -53.47
N ASP J 222 -15.64 52.27 -54.72
CA ASP J 222 -16.97 51.79 -55.09
C ASP J 222 -17.20 50.34 -54.75
N SER J 223 -18.25 50.05 -54.01
CA SER J 223 -18.67 48.66 -53.71
C SER J 223 -17.96 47.93 -52.58
N GLY J 224 -16.91 48.50 -52.02
CA GLY J 224 -16.24 47.88 -50.90
C GLY J 224 -15.82 46.46 -51.25
N GLU J 225 -15.47 46.23 -52.51
CA GLU J 225 -15.03 44.91 -52.93
C GLU J 225 -13.63 45.20 -53.25
N TYR J 226 -12.71 44.32 -52.90
CA TYR J 226 -11.33 44.70 -53.16
C TYR J 226 -11.04 44.59 -54.65
N LEU J 227 -10.08 45.38 -55.12
CA LEU J 227 -9.51 45.21 -56.44
C LEU J 227 -8.04 44.84 -56.31
N ARG J 228 -7.59 43.87 -57.08
CA ARG J 228 -6.19 43.55 -57.02
C ARG J 228 -5.61 43.57 -58.40
N TYR J 229 -4.59 44.38 -58.61
CA TYR J 229 -3.91 44.46 -59.87
C TYR J 229 -2.47 44.25 -59.51
N GLU J 230 -1.77 43.43 -60.27
CA GLU J 230 -0.37 43.17 -59.97
C GLU J 230 0.53 43.48 -61.15
N GLU J 231 1.68 44.04 -60.83
CA GLU J 231 2.46 44.94 -61.67
C GLU J 231 3.92 44.56 -61.71
N VAL J 232 4.53 44.63 -62.86
CA VAL J 232 5.88 44.15 -63.06
C VAL J 232 6.62 45.33 -63.57
N GLU J 233 7.79 45.60 -63.01
CA GLU J 233 8.61 46.74 -63.40
C GLU J 233 7.78 48.00 -63.32
N GLY J 234 7.76 48.80 -64.36
CA GLY J 234 6.89 49.95 -64.31
C GLY J 234 5.40 49.72 -64.22
N MET J 235 4.84 48.89 -65.11
CA MET J 235 3.38 48.75 -65.16
C MET J 235 2.66 47.40 -65.06
N GLU J 236 1.34 47.45 -64.97
CA GLU J 236 0.54 46.23 -64.76
C GLU J 236 0.52 45.12 -65.79
N VAL J 237 0.51 43.87 -65.31
CA VAL J 237 0.41 42.74 -66.22
C VAL J 237 -0.96 42.67 -66.82
N GLN J 238 -1.10 42.10 -67.99
CA GLN J 238 -2.43 41.90 -68.54
C GLN J 238 -3.01 40.72 -67.78
N GLY J 239 -4.25 40.83 -67.32
CA GLY J 239 -4.90 39.73 -66.64
C GLY J 239 -4.71 39.70 -65.16
N SER J 240 -4.04 40.69 -64.61
CA SER J 240 -3.83 40.76 -63.18
C SER J 240 -5.07 41.13 -62.48
N ASP J 241 -5.92 41.90 -63.14
CA ASP J 241 -7.07 42.41 -62.43
C ASP J 241 -7.94 41.33 -61.89
N GLY J 242 -8.32 41.48 -60.63
CA GLY J 242 -9.17 40.52 -59.98
C GLY J 242 -9.91 41.32 -58.95
N THR J 243 -11.05 40.83 -58.52
CA THR J 243 -11.79 41.52 -57.50
C THR J 243 -12.10 40.57 -56.39
N TYR J 244 -11.66 40.90 -55.20
CA TYR J 244 -11.89 40.03 -54.08
C TYR J 244 -12.97 40.64 -53.17
N PRO J 245 -14.06 39.93 -52.84
CA PRO J 245 -15.01 40.51 -51.89
C PRO J 245 -14.33 40.83 -50.57
N LYS J 246 -15.05 41.58 -49.74
CA LYS J 246 -14.49 42.07 -48.47
C LYS J 246 -14.26 40.93 -47.49
N GLU J 247 -15.13 39.93 -47.48
CA GLU J 247 -15.05 38.84 -46.51
C GLU J 247 -14.23 37.67 -47.00
N ALA J 248 -13.92 37.58 -48.29
CA ALA J 248 -13.21 36.44 -48.85
C ALA J 248 -12.10 36.95 -49.78
N CYS J 249 -10.94 37.23 -49.22
CA CYS J 249 -9.79 37.59 -50.02
C CYS J 249 -8.62 36.67 -49.70
N PRO J 250 -7.89 36.20 -50.72
CA PRO J 250 -6.81 35.23 -50.46
C PRO J 250 -5.62 35.79 -49.72
N TYR J 251 -5.53 37.11 -49.56
CA TYR J 251 -4.47 37.75 -48.79
C TYR J 251 -5.04 38.19 -47.47
N ILE J 252 -4.67 37.51 -46.40
CA ILE J 252 -5.16 37.95 -45.10
C ILE J 252 -3.97 38.24 -44.18
N PRO J 253 -3.88 39.44 -43.64
CA PRO J 253 -2.77 39.75 -42.75
C PRO J 253 -3.03 39.30 -41.33
N ILE J 254 -2.12 38.56 -40.76
CA ILE J 254 -2.30 38.18 -39.40
C ILE J 254 -1.50 39.16 -38.58
N ARG J 255 -2.00 39.54 -37.40
CA ARG J 255 -1.27 40.42 -36.50
C ARG J 255 -1.52 39.85 -35.15
N MET J 256 -0.55 39.91 -34.28
CA MET J 256 -0.74 39.43 -32.93
C MET J 256 -0.60 40.61 -32.00
N VAL J 257 -1.27 40.57 -30.88
CA VAL J 257 -1.40 41.73 -30.01
C VAL J 257 -1.87 42.94 -30.78
N ARG J 258 -2.92 42.83 -31.56
CA ARG J 258 -3.34 43.92 -32.39
C ARG J 258 -3.70 45.08 -31.52
N LEU J 259 -3.24 46.26 -31.90
CA LEU J 259 -3.41 47.47 -31.10
C LEU J 259 -4.13 48.44 -32.00
N ASP J 260 -5.08 49.20 -31.46
CA ASP J 260 -5.71 50.26 -32.25
C ASP J 260 -4.78 51.43 -32.53
N GLY J 261 -4.91 52.05 -33.69
CA GLY J 261 -5.42 51.39 -34.88
C GLY J 261 -4.32 50.80 -35.73
N GLU J 262 -3.09 50.98 -35.28
CA GLU J 262 -1.96 51.06 -36.15
C GLU J 262 -1.74 49.76 -36.90
N SER J 263 -1.26 49.88 -38.11
CA SER J 263 -1.53 48.92 -39.16
C SER J 263 -1.05 47.50 -38.91
N TYR J 264 0.09 47.36 -38.26
CA TYR J 264 0.68 46.08 -37.91
C TYR J 264 0.66 45.92 -36.40
N GLY J 265 0.91 44.73 -35.89
CA GLY J 265 0.70 44.50 -34.47
C GLY J 265 1.93 44.04 -33.75
N ARG J 266 2.19 44.55 -32.56
CA ARG J 266 3.48 44.36 -31.96
C ARG J 266 3.62 42.92 -31.56
N SER J 267 4.82 42.36 -31.61
CA SER J 267 5.03 40.93 -31.45
C SER J 267 4.78 40.47 -30.04
N TYR J 268 4.47 39.21 -29.84
CA TYR J 268 4.37 38.67 -28.51
C TYR J 268 5.63 38.61 -27.68
N ILE J 269 6.74 38.32 -28.30
CA ILE J 269 7.97 38.14 -27.60
C ILE J 269 8.75 39.39 -27.47
N GLU J 270 8.21 40.52 -27.91
CA GLU J 270 8.69 41.81 -27.48
C GLU J 270 7.81 42.39 -26.43
N GLU J 271 6.80 41.67 -26.00
CA GLU J 271 6.34 42.03 -24.63
C GLU J 271 7.35 41.97 -23.45
N TYR J 272 8.11 40.89 -23.36
CA TYR J 272 9.13 40.46 -22.42
C TYR J 272 10.48 40.69 -22.98
N LEU J 273 10.59 41.46 -24.03
CA LEU J 273 11.86 41.72 -24.65
C LEU J 273 12.78 42.45 -23.77
N GLY J 274 12.29 43.39 -22.97
CA GLY J 274 13.18 44.06 -22.06
C GLY J 274 13.79 43.09 -21.10
N ASP J 275 12.99 42.21 -20.55
CA ASP J 275 13.40 41.22 -19.60
C ASP J 275 14.38 40.20 -20.11
N LEU J 276 14.22 39.76 -21.34
CA LEU J 276 15.21 38.88 -21.96
C LEU J 276 16.49 39.58 -22.08
N ARG J 277 16.45 40.83 -22.50
CA ARG J 277 17.61 41.64 -22.74
C ARG J 277 18.41 41.86 -21.53
N SER J 278 17.76 42.05 -20.41
CA SER J 278 18.36 41.91 -19.10
C SER J 278 18.86 40.54 -18.70
N LEU J 279 18.22 39.45 -19.05
CA LEU J 279 18.77 38.12 -18.78
C LEU J 279 20.04 37.87 -19.51
N GLU J 280 20.16 38.37 -20.73
CA GLU J 280 21.36 38.21 -21.49
C GLU J 280 22.59 38.85 -20.92
N ASN J 281 22.46 40.02 -20.35
CA ASN J 281 23.54 40.77 -19.72
C ASN J 281 24.03 40.14 -18.43
N LEU J 282 23.20 39.32 -17.78
CA LEU J 282 23.72 38.50 -16.70
C LEU J 282 24.47 37.30 -17.26
N GLN J 283 23.83 36.53 -18.15
CA GLN J 283 24.43 35.32 -18.70
C GLN J 283 25.66 35.60 -19.56
N GLU J 284 25.81 36.83 -20.05
CA GLU J 284 27.08 37.21 -20.66
C GLU J 284 28.17 37.34 -19.59
N ALA J 285 27.81 37.77 -18.39
CA ALA J 285 28.83 38.01 -17.38
C ALA J 285 29.24 36.74 -16.66
N ILE J 286 28.30 35.82 -16.42
CA ILE J 286 28.63 34.56 -15.75
C ILE J 286 29.58 33.73 -16.61
N VAL J 287 29.36 33.71 -17.93
CA VAL J 287 30.25 32.96 -18.81
C VAL J 287 31.62 33.60 -18.87
N LYS J 288 31.67 34.93 -18.92
CA LYS J 288 32.97 35.60 -18.95
C LYS J 288 33.70 35.51 -17.63
N MET J 289 32.99 35.36 -16.51
CA MET J 289 33.67 35.06 -15.27
C MET J 289 34.26 33.66 -15.25
N SER J 290 33.71 32.73 -16.01
CA SER J 290 34.29 31.41 -16.10
C SER J 290 35.46 31.34 -17.05
N MET J 291 35.72 32.40 -17.81
CA MET J 291 36.81 32.36 -18.77
C MET J 291 38.09 32.92 -18.16
N ILE J 292 37.96 33.90 -17.27
CA ILE J 292 39.10 34.28 -16.43
C ILE J 292 39.47 33.11 -15.54
N SER J 293 38.45 32.40 -15.04
CA SER J 293 38.64 31.16 -14.31
C SER J 293 39.38 30.12 -15.13
N SER J 294 39.08 30.03 -16.43
CA SER J 294 39.66 29.00 -17.27
C SER J 294 41.16 29.16 -17.48
N LYS J 295 41.66 30.38 -17.45
CA LYS J 295 43.09 30.62 -17.61
C LYS J 295 43.82 30.21 -16.34
N VAL J 296 44.94 29.52 -16.50
CA VAL J 296 45.66 28.92 -15.40
C VAL J 296 47.00 29.62 -15.28
N ILE J 297 47.10 30.62 -14.42
CA ILE J 297 48.32 31.40 -14.27
C ILE J 297 49.03 30.95 -13.01
N GLY J 298 50.31 30.61 -13.14
CA GLY J 298 51.10 30.20 -12.00
C GLY J 298 51.88 31.32 -11.36
N LEU J 299 51.36 31.89 -10.28
CA LEU J 299 52.02 33.01 -9.61
C LEU J 299 53.13 32.50 -8.71
N VAL J 300 54.37 32.71 -9.12
CA VAL J 300 55.50 32.35 -8.29
C VAL J 300 55.86 33.52 -7.41
N ASN J 301 55.90 33.29 -6.10
CA ASN J 301 56.34 34.27 -5.13
C ASN J 301 57.81 34.59 -5.38
N PRO J 302 58.16 35.79 -5.81
CA PRO J 302 59.54 36.07 -6.19
C PRO J 302 60.46 36.32 -5.01
N ALA J 303 59.96 36.25 -3.78
CA ALA J 303 60.79 36.30 -2.59
C ALA J 303 61.04 34.91 -2.04
N GLY J 304 60.94 33.89 -2.88
CA GLY J 304 61.03 32.52 -2.43
C GLY J 304 62.23 31.77 -2.96
N ILE J 305 62.15 30.44 -2.86
CA ILE J 305 63.24 29.58 -3.27
C ILE J 305 62.88 28.88 -4.54
N THR J 306 61.65 28.41 -4.67
CA THR J 306 61.30 27.61 -5.83
C THR J 306 61.53 28.34 -7.09
N GLN J 307 62.15 27.67 -8.04
CA GLN J 307 62.38 28.28 -9.32
C GLN J 307 61.63 27.42 -10.28
N PRO J 308 60.74 28.02 -11.07
CA PRO J 308 59.98 27.28 -12.04
C PRO J 308 60.83 26.60 -13.07
N ARG J 309 62.10 26.93 -13.16
CA ARG J 309 62.99 26.36 -14.14
C ARG J 309 63.17 24.95 -13.89
N ARG J 310 63.39 24.57 -12.64
CA ARG J 310 63.30 23.23 -12.13
C ARG J 310 62.00 22.56 -12.09
N LEU J 311 60.93 23.26 -11.82
CA LEU J 311 59.62 22.60 -11.87
C LEU J 311 59.05 22.11 -13.18
N THR J 312 59.61 22.46 -14.32
CA THR J 312 59.11 22.36 -15.62
C THR J 312 60.01 21.52 -16.46
N LYS J 313 61.03 20.92 -15.88
CA LYS J 313 61.69 19.86 -16.57
C LYS J 313 61.69 18.62 -15.78
N ALA J 314 60.83 18.56 -14.79
CA ALA J 314 60.80 17.42 -13.91
C ALA J 314 59.93 16.40 -14.55
N GLN J 315 60.19 15.14 -14.26
CA GLN J 315 59.39 14.10 -14.80
C GLN J 315 58.24 13.83 -13.89
N THR J 316 57.59 12.69 -14.04
CA THR J 316 56.40 12.44 -13.29
C THR J 316 56.57 12.45 -11.83
N GLY J 317 57.68 11.94 -11.29
CA GLY J 317 57.83 11.84 -9.84
C GLY J 317 59.01 12.48 -9.18
N ASP J 318 59.67 13.42 -9.81
CA ASP J 318 60.91 13.96 -9.30
C ASP J 318 60.98 14.71 -8.03
N PHE J 319 62.10 14.58 -7.34
CA PHE J 319 62.31 15.38 -6.16
C PHE J 319 62.97 16.65 -6.63
N VAL J 320 62.40 17.79 -6.31
CA VAL J 320 62.78 19.12 -6.75
C VAL J 320 62.98 19.97 -5.50
N THR J 321 63.86 20.97 -5.58
CA THR J 321 64.05 21.90 -4.47
C THR J 321 62.85 22.82 -4.38
N GLY J 322 62.45 23.18 -3.17
CA GLY J 322 61.55 24.30 -3.02
C GLY J 322 60.50 24.06 -1.98
N ARG J 323 59.79 25.14 -1.66
CA ARG J 323 58.69 25.17 -0.71
C ARG J 323 57.37 25.21 -1.44
N PRO J 324 56.32 24.54 -0.94
CA PRO J 324 55.05 24.54 -1.66
C PRO J 324 54.31 25.86 -1.58
N GLU J 325 54.61 26.69 -0.58
CA GLU J 325 53.89 27.93 -0.39
C GLU J 325 54.42 29.06 -1.26
N ASP J 326 55.40 28.80 -2.12
CA ASP J 326 55.79 29.82 -3.09
C ASP J 326 54.91 29.76 -4.32
N ILE J 327 54.57 28.56 -4.77
CA ILE J 327 53.79 28.39 -5.99
C ILE J 327 52.31 28.51 -5.61
N SER J 328 51.69 29.63 -5.93
CA SER J 328 50.24 29.71 -5.85
C SER J 328 49.70 30.11 -7.20
N PHE J 329 48.40 29.92 -7.40
CA PHE J 329 47.82 30.12 -8.71
C PHE J 329 46.81 31.26 -8.68
N LEU J 330 46.78 32.18 -9.61
CA LEU J 330 45.84 33.30 -9.47
C LEU J 330 44.46 32.74 -9.65
N GLN J 331 43.56 32.98 -8.71
CA GLN J 331 42.19 32.54 -8.91
C GLN J 331 41.19 33.67 -8.78
N LEU J 332 40.12 33.63 -9.55
CA LEU J 332 39.08 34.67 -9.48
C LEU J 332 38.36 34.73 -8.16
N GLU J 333 38.19 35.93 -7.63
CA GLU J 333 37.58 36.11 -6.32
C GLU J 333 36.17 36.65 -6.31
N LYS J 334 35.48 36.61 -7.42
CA LYS J 334 34.09 37.01 -7.42
C LYS J 334 33.27 35.80 -7.02
N GLN J 335 33.32 35.41 -5.75
CA GLN J 335 32.61 34.22 -5.29
C GLN J 335 31.34 34.65 -4.62
N ALA J 336 31.38 35.23 -3.40
CA ALA J 336 30.13 35.81 -2.93
C ALA J 336 29.50 36.74 -3.95
N ASP J 337 30.08 36.84 -5.14
CA ASP J 337 29.49 37.66 -6.18
C ASP J 337 28.91 36.83 -7.32
N PHE J 338 29.44 35.64 -7.53
CA PHE J 338 28.88 34.74 -8.53
C PHE J 338 27.51 34.26 -8.12
N THR J 339 27.24 34.20 -6.82
CA THR J 339 25.93 33.78 -6.32
C THR J 339 24.89 34.88 -6.39
N VAL J 340 25.31 36.15 -6.37
CA VAL J 340 24.37 37.23 -6.56
C VAL J 340 23.83 37.24 -7.99
N ALA J 341 24.73 37.19 -8.96
CA ALA J 341 24.32 37.20 -10.35
C ALA J 341 23.71 35.89 -10.81
N LYS J 342 23.89 34.80 -10.07
CA LYS J 342 23.23 33.56 -10.44
C LYS J 342 21.79 33.51 -9.92
N ALA J 343 21.58 33.95 -8.68
CA ALA J 343 20.25 33.87 -8.08
C ALA J 343 19.30 34.86 -8.70
N VAL J 344 19.81 35.94 -9.30
CA VAL J 344 18.94 36.83 -10.04
C VAL J 344 18.63 36.24 -11.41
N SER J 345 19.64 35.66 -12.06
CA SER J 345 19.43 35.02 -13.35
C SER J 345 18.56 33.78 -13.23
N ASP J 346 18.58 33.11 -12.09
CA ASP J 346 17.63 32.03 -11.86
C ASP J 346 16.26 32.55 -11.49
N ALA J 347 16.14 33.81 -11.13
CA ALA J 347 14.84 34.40 -10.85
C ALA J 347 14.23 35.04 -12.08
N ILE J 348 15.04 35.50 -13.02
CA ILE J 348 14.51 36.06 -14.25
C ILE J 348 14.08 34.96 -15.20
N GLU J 349 14.86 33.87 -15.27
CA GLU J 349 14.43 32.69 -16.02
C GLU J 349 13.19 32.06 -15.41
N ALA J 350 13.00 32.21 -14.10
CA ALA J 350 11.81 31.67 -13.47
C ALA J 350 10.57 32.46 -13.86
N ARG J 351 10.70 33.77 -14.06
CA ARG J 351 9.54 34.57 -14.42
C ARG J 351 9.44 34.83 -15.91
N LEU J 352 10.32 34.24 -16.71
CA LEU J 352 10.06 34.10 -18.14
C LEU J 352 9.53 32.73 -18.49
N SER J 353 9.83 31.72 -17.68
CA SER J 353 9.33 30.39 -17.94
C SER J 353 7.86 30.24 -17.61
N PHE J 354 7.25 31.20 -16.94
CA PHE J 354 5.80 31.18 -16.85
C PHE J 354 5.18 32.01 -17.97
N ALA J 355 5.90 33.05 -18.40
CA ALA J 355 5.43 33.88 -19.50
C ALA J 355 5.42 33.10 -20.81
N PHE J 356 6.33 32.17 -20.95
CA PHE J 356 6.32 31.22 -22.05
C PHE J 356 5.72 29.94 -21.50
N MET J 357 5.26 29.08 -22.39
CA MET J 357 4.46 27.96 -21.93
C MET J 357 5.28 26.72 -21.59
N LEU J 358 6.47 26.98 -21.07
CA LEU J 358 7.37 25.91 -20.71
C LEU J 358 7.34 25.73 -19.23
N ASN J 359 7.21 24.50 -18.79
CA ASN J 359 7.29 24.25 -17.37
C ASN J 359 8.71 24.64 -17.03
N SER J 360 8.91 25.30 -15.90
CA SER J 360 10.25 25.83 -15.61
C SER J 360 11.38 24.81 -15.48
N ALA J 361 12.60 25.22 -15.86
CA ALA J 361 13.76 24.32 -15.81
C ALA J 361 13.99 23.57 -14.51
N VAL J 362 14.22 22.27 -14.62
CA VAL J 362 14.47 21.43 -13.45
C VAL J 362 15.62 21.99 -12.60
N GLN J 363 16.60 22.64 -13.20
CA GLN J 363 17.63 23.30 -12.39
C GLN J 363 16.90 24.29 -11.49
N ARG J 364 16.56 23.88 -10.28
CA ARG J 364 15.74 24.69 -9.38
C ARG J 364 16.07 24.39 -7.93
N THR J 365 15.21 24.81 -7.02
CA THR J 365 15.47 24.64 -5.60
C THR J 365 15.56 23.18 -5.22
N GLY J 366 16.35 22.87 -4.20
CA GLY J 366 16.57 21.48 -3.85
C GLY J 366 15.36 20.67 -3.45
N GLU J 367 15.31 19.41 -3.86
CA GLU J 367 14.17 18.53 -3.57
C GLU J 367 12.88 19.13 -4.10
N ARG J 368 11.84 19.07 -3.27
CA ARG J 368 10.72 20.02 -3.29
C ARG J 368 9.72 19.68 -4.42
N VAL J 369 10.03 18.65 -5.18
CA VAL J 369 9.15 18.21 -6.25
C VAL J 369 7.92 17.70 -5.57
N THR J 370 6.77 17.94 -6.17
CA THR J 370 5.54 17.55 -5.48
C THR J 370 4.62 16.63 -6.27
N ALA J 371 3.32 16.65 -6.03
CA ALA J 371 2.44 15.67 -6.65
C ALA J 371 1.61 16.22 -7.80
N GLU J 372 0.61 15.45 -8.20
CA GLU J 372 -0.23 15.81 -9.31
C GLU J 372 -0.87 17.12 -8.99
N GLU J 373 -1.27 17.35 -7.75
CA GLU J 373 -1.80 18.64 -7.33
C GLU J 373 -1.00 19.80 -7.91
N ILE J 374 0.27 19.94 -7.56
CA ILE J 374 1.16 20.88 -8.25
C ILE J 374 1.36 20.62 -9.76
N ARG J 375 1.11 19.42 -10.24
CA ARG J 375 1.17 19.32 -11.70
C ARG J 375 -0.11 19.98 -12.20
N TYR J 376 -1.04 20.23 -11.29
CA TYR J 376 -2.21 21.01 -11.70
C TYR J 376 -1.83 22.47 -11.90
N VAL J 377 -0.75 22.97 -11.30
CA VAL J 377 -0.28 24.33 -11.60
C VAL J 377 0.26 24.34 -13.04
N ALA J 378 0.87 23.24 -13.46
CA ALA J 378 1.29 23.11 -14.87
C ALA J 378 0.03 23.10 -15.71
N SER J 379 -1.03 22.48 -15.19
CA SER J 379 -2.30 22.53 -15.92
C SER J 379 -2.80 23.96 -16.01
N GLU J 380 -2.66 24.74 -14.96
CA GLU J 380 -3.06 26.15 -14.95
C GLU J 380 -2.22 26.92 -15.95
N LEU J 381 -1.13 26.41 -16.49
CA LEU J 381 -0.44 27.16 -17.58
C LEU J 381 -1.33 27.32 -18.84
N GLU J 382 -2.41 26.54 -18.92
CA GLU J 382 -3.32 26.62 -20.05
C GLU J 382 -4.00 27.97 -20.22
N ASP J 383 -4.34 28.65 -19.14
CA ASP J 383 -4.95 29.99 -19.19
C ASP J 383 -4.02 31.00 -19.83
N THR J 384 -2.75 30.89 -19.44
CA THR J 384 -1.77 31.76 -20.01
C THR J 384 -1.67 31.43 -21.49
N LEU J 385 -1.75 30.14 -21.84
CA LEU J 385 -1.73 29.78 -23.26
C LEU J 385 -2.90 30.39 -23.98
N GLY J 386 -4.06 30.42 -23.32
CA GLY J 386 -5.29 30.87 -23.94
C GLY J 386 -5.45 32.31 -24.34
N GLY J 387 -4.89 33.23 -23.58
CA GLY J 387 -5.04 34.63 -23.88
C GLY J 387 -4.45 35.01 -25.21
N VAL J 388 -3.30 34.42 -25.54
CA VAL J 388 -2.61 34.76 -26.78
C VAL J 388 -3.23 34.19 -28.04
N TYR J 389 -3.92 33.08 -27.92
CA TYR J 389 -4.47 32.44 -29.09
C TYR J 389 -5.86 32.92 -29.44
N SER J 390 -6.48 33.69 -28.56
CA SER J 390 -7.85 34.12 -28.80
C SER J 390 -7.98 35.00 -30.01
N ILE J 391 -7.11 35.97 -30.18
CA ILE J 391 -7.16 36.91 -31.30
C ILE J 391 -6.68 36.22 -32.50
N LEU J 392 -5.75 35.31 -32.27
CA LEU J 392 -5.19 34.64 -33.39
C LEU J 392 -6.34 33.98 -34.03
N SER J 393 -7.34 33.50 -33.33
CA SER J 393 -8.39 32.82 -34.05
C SER J 393 -9.13 33.68 -35.06
N GLN J 394 -9.60 34.83 -34.67
CA GLN J 394 -10.33 35.67 -35.58
C GLN J 394 -9.43 36.05 -36.72
N GLU J 395 -8.20 36.38 -36.43
CA GLU J 395 -7.27 36.81 -37.45
C GLU J 395 -6.85 35.76 -38.45
N LEU J 396 -6.64 34.52 -38.02
CA LEU J 396 -6.07 33.51 -38.93
C LEU J 396 -6.97 32.35 -39.15
N GLN J 397 -7.40 31.79 -38.03
CA GLN J 397 -8.28 30.66 -38.17
C GLN J 397 -9.48 30.86 -39.00
N LEU J 398 -10.11 32.01 -38.91
CA LEU J 398 -11.36 32.12 -39.61
C LEU J 398 -11.08 32.51 -41.03
N PRO J 399 -10.35 33.62 -41.24
CA PRO J 399 -10.11 33.83 -42.63
C PRO J 399 -9.65 32.65 -43.47
N LEU J 400 -8.77 31.80 -42.99
CA LEU J 400 -8.33 30.73 -43.82
C LEU J 400 -9.53 29.88 -44.16
N VAL J 401 -10.37 29.59 -43.19
CA VAL J 401 -11.50 28.70 -43.46
C VAL J 401 -12.45 29.31 -44.47
N ARG J 402 -12.74 30.60 -44.35
CA ARG J 402 -13.62 31.24 -45.29
C ARG J 402 -13.05 31.22 -46.69
N VAL J 403 -11.77 31.52 -46.83
CA VAL J 403 -11.22 31.56 -48.16
C VAL J 403 -11.28 30.16 -48.72
N LEU J 404 -10.97 29.16 -47.92
CA LEU J 404 -10.94 27.82 -48.47
C LEU J 404 -12.32 27.45 -48.92
N LEU J 405 -13.34 27.82 -48.18
CA LEU J 405 -14.67 27.44 -48.56
C LEU J 405 -15.10 28.08 -49.86
N LYS J 406 -14.85 29.36 -50.07
CA LYS J 406 -15.15 29.93 -51.38
C LYS J 406 -14.36 29.26 -52.49
N GLN J 407 -13.06 29.04 -52.28
CA GLN J 407 -12.22 28.51 -53.34
C GLN J 407 -12.54 27.06 -53.68
N LEU J 408 -13.08 26.30 -52.75
CA LEU J 408 -13.47 24.94 -53.07
C LEU J 408 -14.82 24.86 -53.77
N GLN J 409 -15.64 25.90 -53.67
CA GLN J 409 -16.86 25.95 -54.46
C GLN J 409 -16.57 26.18 -55.93
N ALA J 410 -15.59 27.04 -56.21
CA ALA J 410 -15.28 27.39 -57.59
C ALA J 410 -14.60 26.26 -58.34
N THR J 411 -13.84 25.41 -57.65
CA THR J 411 -13.18 24.28 -58.28
C THR J 411 -13.99 23.00 -58.16
N GLN J 412 -15.19 23.10 -57.57
CA GLN J 412 -16.16 22.00 -57.46
C GLN J 412 -15.63 20.81 -56.67
N GLN J 413 -14.68 21.05 -55.77
CA GLN J 413 -14.23 20.02 -54.84
C GLN J 413 -15.10 19.97 -53.60
N ILE J 414 -16.09 20.86 -53.50
CA ILE J 414 -17.00 20.90 -52.36
C ILE J 414 -18.41 21.14 -52.87
N PRO J 415 -19.41 20.59 -52.20
CA PRO J 415 -20.78 20.91 -52.59
C PRO J 415 -21.13 22.33 -52.19
N GLU J 416 -21.94 22.97 -53.03
CA GLU J 416 -22.31 24.37 -52.81
C GLU J 416 -23.27 24.42 -51.62
N LEU J 417 -22.72 24.79 -50.46
CA LEU J 417 -23.52 24.84 -49.25
C LEU J 417 -24.47 26.04 -49.28
N PRO J 418 -25.73 25.86 -48.89
CA PRO J 418 -26.80 26.79 -49.33
C PRO J 418 -26.93 28.05 -48.47
N LYS J 419 -25.88 28.87 -48.50
CA LYS J 419 -25.89 30.29 -48.13
C LYS J 419 -26.21 30.57 -46.67
N GLU J 420 -26.38 29.54 -45.83
CA GLU J 420 -26.86 29.74 -44.47
C GLU J 420 -26.00 29.07 -43.41
N ALA J 421 -24.93 28.38 -43.77
CA ALA J 421 -24.08 27.72 -42.80
C ALA J 421 -22.85 28.56 -42.53
N VAL J 422 -22.51 28.72 -41.25
CA VAL J 422 -21.39 29.53 -40.80
C VAL J 422 -20.55 28.68 -39.87
N GLU J 423 -19.33 29.14 -39.60
CA GLU J 423 -18.40 28.33 -38.88
C GLU J 423 -17.76 28.86 -37.64
N PRO J 424 -17.83 28.08 -36.57
CA PRO J 424 -17.12 28.46 -35.38
C PRO J 424 -15.88 27.63 -35.31
N THR J 425 -14.75 28.24 -35.04
CA THR J 425 -13.54 27.47 -34.88
C THR J 425 -13.47 26.98 -33.45
N ILE J 426 -14.26 25.96 -33.13
CA ILE J 426 -14.31 25.43 -31.77
C ILE J 426 -13.14 24.50 -31.52
N SER J 427 -12.56 24.57 -30.34
CA SER J 427 -11.38 23.77 -30.04
C SER J 427 -11.79 22.42 -29.46
N GLY J 434 -14.48 21.83 -33.22
CA GLY J 434 -14.19 20.50 -32.73
C GLY J 434 -15.21 20.04 -31.71
N ARG J 435 -16.19 19.25 -32.17
CA ARG J 435 -17.23 18.74 -31.31
C ARG J 435 -16.81 17.35 -30.82
N GLY J 436 -16.72 17.19 -29.49
CA GLY J 436 -16.78 18.28 -28.54
C GLY J 436 -18.09 18.37 -27.79
N GLN J 437 -18.80 19.47 -28.00
CA GLN J 437 -20.07 19.66 -27.30
C GLN J 437 -21.14 18.70 -27.80
N ASP J 438 -21.07 18.31 -29.08
CA ASP J 438 -22.02 17.32 -29.57
C ASP J 438 -21.70 15.93 -29.03
N LEU J 439 -20.44 15.66 -28.69
CA LEU J 439 -20.11 14.33 -28.22
C LEU J 439 -20.34 14.19 -26.72
N ASP J 440 -19.86 15.16 -25.94
CA ASP J 440 -19.93 15.04 -24.48
C ASP J 440 -21.35 15.15 -23.97
N LYS J 441 -22.16 16.01 -24.58
CA LYS J 441 -23.56 16.11 -24.19
C LYS J 441 -24.37 14.91 -24.63
N LEU J 442 -23.97 14.17 -25.63
CA LEU J 442 -24.63 12.92 -25.85
C LEU J 442 -24.30 11.98 -24.77
N GLU J 443 -23.04 11.92 -24.41
CA GLU J 443 -22.59 10.90 -23.48
C GLU J 443 -23.03 11.02 -22.07
N ARG J 444 -23.04 12.22 -21.52
CA ARG J 444 -23.47 12.38 -20.15
C ARG J 444 -24.90 11.97 -20.04
N CYS J 445 -25.72 12.43 -20.95
CA CYS J 445 -27.09 12.02 -20.93
C CYS J 445 -27.22 10.54 -21.18
N VAL J 446 -26.44 9.94 -22.04
CA VAL J 446 -26.59 8.49 -22.22
C VAL J 446 -26.30 7.74 -20.95
N THR J 447 -25.38 8.16 -20.10
CA THR J 447 -25.21 7.45 -18.81
C THR J 447 -26.42 7.58 -17.89
N ALA J 448 -27.08 8.72 -17.99
CA ALA J 448 -28.26 8.95 -17.17
C ALA J 448 -29.36 7.97 -17.52
N TRP J 449 -29.48 7.61 -18.79
CA TRP J 449 -30.44 6.61 -19.18
C TRP J 449 -30.18 5.23 -18.56
N ALA J 450 -28.93 4.81 -18.42
CA ALA J 450 -28.60 3.57 -17.68
C ALA J 450 -28.94 3.71 -16.19
N ALA J 451 -28.79 4.90 -15.66
CA ALA J 451 -29.19 5.06 -14.27
C ALA J 451 -30.68 4.74 -14.18
N LEU J 452 -31.38 4.77 -15.31
CA LEU J 452 -32.81 4.49 -15.34
C LEU J 452 -33.10 3.05 -15.72
N ALA J 453 -32.07 2.25 -15.93
CA ALA J 453 -32.26 0.82 -16.25
C ALA J 453 -32.91 -0.04 -15.16
N PRO J 454 -32.54 0.14 -13.88
CA PRO J 454 -33.26 -0.61 -12.84
C PRO J 454 -34.72 -0.28 -12.78
N MET J 455 -35.07 0.99 -12.98
CA MET J 455 -36.45 1.44 -12.83
C MET J 455 -37.21 1.26 -14.10
N ARG J 456 -36.63 0.60 -15.08
CA ARG J 456 -37.28 0.47 -16.37
C ARG J 456 -38.62 -0.21 -16.24
N ASP J 457 -38.68 -1.21 -15.39
CA ASP J 457 -39.92 -1.93 -15.21
C ASP J 457 -40.85 -1.34 -14.14
N ASP J 458 -40.45 -0.25 -13.51
CA ASP J 458 -41.25 0.33 -12.43
C ASP J 458 -42.63 0.78 -12.86
N PRO J 459 -43.65 0.42 -12.07
CA PRO J 459 -45.04 0.75 -12.42
C PRO J 459 -45.40 2.22 -12.44
N ASP J 460 -44.89 3.02 -11.52
CA ASP J 460 -45.31 4.41 -11.42
C ASP J 460 -44.45 5.47 -12.09
N ILE J 461 -43.15 5.22 -12.25
CA ILE J 461 -42.30 6.28 -12.77
C ILE J 461 -42.52 6.42 -14.26
N ASN J 462 -42.76 7.64 -14.72
CA ASN J 462 -42.96 7.90 -16.14
C ASN J 462 -41.59 7.95 -16.79
N LEU J 463 -41.06 6.78 -17.15
CA LEU J 463 -39.78 6.71 -17.82
C LEU J 463 -39.82 7.31 -19.22
N ALA J 464 -41.01 7.43 -19.81
CA ALA J 464 -41.16 8.15 -21.07
C ALA J 464 -40.92 9.64 -20.92
N MET J 465 -40.99 10.16 -19.70
CA MET J 465 -40.86 11.59 -19.46
C MET J 465 -39.50 11.94 -18.88
N ILE J 466 -38.95 11.07 -18.05
CA ILE J 466 -37.64 11.30 -17.42
C ILE J 466 -36.55 11.33 -18.47
N LYS J 467 -36.65 10.46 -19.47
CA LYS J 467 -35.72 10.47 -20.58
C LYS J 467 -35.84 11.72 -21.42
N LEU J 468 -36.96 12.42 -21.33
CA LEU J 468 -37.06 13.69 -22.04
C LEU J 468 -36.44 14.75 -21.17
N ARG J 469 -36.70 14.74 -19.87
CA ARG J 469 -36.17 15.79 -19.00
C ARG J 469 -34.67 15.82 -18.88
N ILE J 470 -34.05 14.66 -18.79
CA ILE J 470 -32.61 14.60 -18.70
C ILE J 470 -32.04 15.18 -19.98
N ALA J 471 -32.69 14.89 -21.10
CA ALA J 471 -32.26 15.43 -22.37
C ALA J 471 -32.39 16.91 -22.37
N ASN J 472 -33.50 17.43 -21.90
CA ASN J 472 -33.71 18.85 -21.98
C ASN J 472 -32.56 19.42 -21.19
N ALA J 473 -32.26 18.82 -20.03
CA ALA J 473 -31.24 19.38 -19.14
C ALA J 473 -29.82 19.36 -19.63
N ILE J 474 -29.39 18.26 -20.23
CA ILE J 474 -28.06 18.25 -20.79
C ILE J 474 -28.07 19.31 -21.85
N GLY J 475 -29.19 19.45 -22.55
CA GLY J 475 -29.27 20.40 -23.62
C GLY J 475 -29.24 19.82 -25.01
N ILE J 476 -29.41 18.53 -25.14
CA ILE J 476 -29.46 17.94 -26.47
C ILE J 476 -30.73 18.34 -27.20
N ASP J 477 -30.75 18.23 -28.51
CA ASP J 477 -31.88 18.72 -29.32
C ASP J 477 -33.19 18.00 -29.27
N THR J 478 -33.25 16.84 -28.65
CA THR J 478 -34.48 16.05 -28.66
C THR J 478 -34.92 15.85 -30.09
N SER J 479 -36.18 16.04 -30.42
CA SER J 479 -36.68 15.93 -31.79
C SER J 479 -36.82 14.55 -32.42
N GLY J 480 -35.72 13.83 -32.57
CA GLY J 480 -35.79 12.49 -33.11
C GLY J 480 -35.37 11.53 -32.03
N ILE J 481 -35.02 12.07 -30.89
CA ILE J 481 -34.55 11.24 -29.81
C ILE J 481 -35.63 10.29 -29.32
N LEU J 482 -36.88 10.73 -29.23
CA LEU J 482 -37.86 9.81 -28.68
C LEU J 482 -38.67 9.11 -29.77
N LEU J 483 -38.81 7.78 -29.68
CA LEU J 483 -39.63 7.10 -30.65
C LEU J 483 -41.02 7.70 -30.59
N THR J 484 -41.58 7.97 -31.76
CA THR J 484 -42.90 8.50 -31.82
C THR J 484 -43.83 7.31 -31.77
N GLU J 485 -45.12 7.55 -31.67
CA GLU J 485 -46.03 6.45 -31.56
C GLU J 485 -45.97 5.55 -32.78
N GLU J 486 -45.88 6.12 -33.97
CA GLU J 486 -45.87 5.32 -35.17
C GLU J 486 -44.68 4.43 -35.17
N GLN J 487 -43.55 4.99 -34.79
CA GLN J 487 -42.34 4.22 -34.74
C GLN J 487 -42.38 3.11 -33.71
N LYS J 488 -42.98 3.37 -32.56
CA LYS J 488 -43.14 2.32 -31.58
C LYS J 488 -44.01 1.20 -32.13
N GLN J 489 -45.08 1.56 -32.84
CA GLN J 489 -45.92 0.55 -33.42
C GLN J 489 -45.12 -0.28 -34.41
N GLN J 490 -44.28 0.38 -35.18
CA GLN J 490 -43.48 -0.32 -36.15
C GLN J 490 -42.56 -1.29 -35.48
N LYS J 491 -41.95 -0.90 -34.39
CA LYS J 491 -41.08 -1.81 -33.66
C LYS J 491 -41.84 -3.01 -33.12
N MET J 492 -43.02 -2.75 -32.60
CA MET J 492 -43.78 -3.85 -32.06
C MET J 492 -44.04 -4.81 -33.18
N ALA J 493 -44.39 -4.28 -34.34
CA ALA J 493 -44.69 -5.13 -35.46
C ALA J 493 -43.50 -5.96 -35.89
N GLN J 494 -42.33 -5.36 -35.96
CA GLN J 494 -41.18 -6.15 -36.32
C GLN J 494 -40.88 -7.23 -35.29
N GLN J 495 -41.00 -6.98 -34.01
CA GLN J 495 -40.74 -8.09 -33.08
C GLN J 495 -41.66 -9.30 -33.36
N SER J 496 -42.82 -9.12 -33.97
CA SER J 496 -43.76 -10.15 -34.35
C SER J 496 -43.47 -10.71 -35.72
N MET J 497 -43.10 -9.85 -36.67
CA MET J 497 -42.75 -10.33 -38.00
C MET J 497 -41.44 -11.11 -37.98
N GLN J 498 -40.57 -10.82 -37.01
CA GLN J 498 -39.41 -11.66 -36.77
C GLN J 498 -39.84 -13.04 -36.30
N MET J 499 -40.67 -13.09 -35.25
CA MET J 499 -41.15 -14.38 -34.76
C MET J 499 -42.13 -15.02 -35.73
N GLY J 500 -42.77 -14.23 -36.58
CA GLY J 500 -43.57 -14.81 -37.64
C GLY J 500 -42.71 -15.47 -38.70
N MET J 501 -41.65 -14.78 -39.14
CA MET J 501 -40.76 -15.39 -40.11
C MET J 501 -39.94 -16.52 -39.51
N ASP J 502 -39.64 -16.44 -38.21
CA ASP J 502 -38.81 -17.48 -37.59
C ASP J 502 -39.61 -18.76 -37.37
N ASN J 503 -40.78 -18.65 -36.73
CA ASN J 503 -41.60 -19.82 -36.49
C ASN J 503 -42.21 -20.35 -37.78
N GLY J 504 -42.48 -19.47 -38.74
CA GLY J 504 -43.01 -19.87 -40.03
C GLY J 504 -42.03 -20.68 -40.84
N ALA J 505 -40.79 -20.20 -40.94
CA ALA J 505 -39.78 -20.93 -41.70
C ALA J 505 -39.35 -22.21 -41.00
N ALA J 506 -39.50 -22.28 -39.68
CA ALA J 506 -39.26 -23.53 -38.97
C ALA J 506 -40.45 -24.46 -39.05
N ALA J 507 -41.63 -23.96 -39.41
CA ALA J 507 -42.81 -24.81 -39.46
C ALA J 507 -42.83 -25.64 -40.74
N LEU J 508 -42.79 -24.98 -41.91
CA LEU J 508 -42.92 -25.71 -43.16
C LEU J 508 -41.69 -26.53 -43.48
N ALA J 509 -40.52 -26.13 -42.97
CA ALA J 509 -39.33 -26.93 -43.17
C ALA J 509 -39.39 -28.21 -42.37
N GLN J 510 -39.99 -28.15 -41.18
CA GLN J 510 -40.37 -29.38 -40.49
C GLN J 510 -41.61 -29.98 -41.12
N GLY J 511 -42.46 -29.15 -41.72
CA GLY J 511 -43.70 -29.60 -42.30
C GLY J 511 -43.52 -30.32 -43.62
N MET J 512 -42.71 -29.76 -44.53
CA MET J 512 -42.50 -30.39 -45.83
C MET J 512 -41.65 -31.64 -45.69
N ALA J 513 -40.48 -31.52 -45.05
CA ALA J 513 -39.49 -32.58 -45.02
C ALA J 513 -39.92 -33.79 -44.20
N ALA J 514 -40.93 -33.66 -43.34
CA ALA J 514 -41.45 -34.84 -42.66
C ALA J 514 -42.28 -35.70 -43.61
N GLN J 515 -43.16 -35.07 -44.38
CA GLN J 515 -44.01 -35.79 -45.31
C GLN J 515 -43.39 -35.96 -46.69
N ALA J 516 -42.23 -35.38 -46.95
CA ALA J 516 -41.57 -35.65 -48.22
C ALA J 516 -40.85 -36.95 -48.03
N THR J 517 -39.96 -37.01 -47.07
CA THR J 517 -39.23 -38.24 -46.80
C THR J 517 -40.09 -39.36 -46.20
N ALA J 518 -41.36 -39.09 -45.88
CA ALA J 518 -42.22 -40.16 -45.40
C ALA J 518 -42.52 -41.12 -46.53
N SER J 519 -42.34 -42.43 -46.31
CA SER J 519 -42.57 -43.49 -47.32
C SER J 519 -41.34 -43.64 -48.22
N PRO J 520 -40.97 -44.88 -48.52
CA PRO J 520 -39.73 -45.04 -49.31
C PRO J 520 -39.77 -44.50 -50.73
N GLU J 521 -40.85 -44.74 -51.46
CA GLU J 521 -40.99 -44.21 -52.82
C GLU J 521 -41.13 -42.70 -52.90
N ALA J 522 -41.91 -42.11 -52.00
CA ALA J 522 -42.13 -40.67 -52.02
C ALA J 522 -40.78 -40.07 -51.82
N MET J 523 -39.93 -40.79 -51.14
CA MET J 523 -38.56 -40.34 -50.87
C MET J 523 -37.74 -40.32 -52.15
N ALA J 524 -37.92 -41.32 -53.02
CA ALA J 524 -37.24 -41.33 -54.30
C ALA J 524 -37.78 -40.25 -55.22
N ALA J 525 -39.07 -39.93 -55.08
CA ALA J 525 -39.65 -38.86 -55.88
C ALA J 525 -39.19 -37.50 -55.41
N ALA J 526 -38.90 -37.36 -54.11
CA ALA J 526 -38.48 -36.06 -53.59
C ALA J 526 -37.05 -35.76 -53.97
N ALA J 527 -36.22 -36.79 -54.13
CA ALA J 527 -34.82 -36.57 -54.48
C ALA J 527 -34.68 -36.20 -55.96
N ASP J 528 -35.66 -36.57 -56.78
CA ASP J 528 -35.59 -36.27 -58.20
C ASP J 528 -35.92 -34.81 -58.47
N SER J 529 -36.64 -34.16 -57.55
CA SER J 529 -37.01 -32.76 -57.75
C SER J 529 -35.80 -31.85 -57.57
N VAL J 530 -34.85 -32.25 -56.74
CA VAL J 530 -33.61 -31.52 -56.58
C VAL J 530 -32.72 -31.85 -57.77
N GLY J 531 -32.70 -33.14 -58.12
CA GLY J 531 -31.84 -33.62 -59.21
C GLY J 531 -31.07 -34.89 -58.85
N LEU J 532 -31.16 -35.36 -57.60
CA LEU J 532 -30.39 -36.53 -57.15
C LEU J 532 -30.90 -37.93 -57.51
N GLN J 533 -30.01 -38.92 -57.49
CA GLN J 533 -30.37 -40.32 -57.80
C GLN J 533 -31.04 -41.09 -56.65
N PRO J 534 -31.81 -42.14 -56.97
CA PRO J 534 -32.49 -42.93 -55.93
C PRO J 534 -31.64 -43.67 -54.90
N GLY J 535 -30.56 -44.32 -55.30
CA GLY J 535 -29.67 -44.96 -54.35
C GLY J 535 -28.90 -43.89 -53.59
N ILE J 536 -28.59 -44.14 -52.33
CA ILE J 536 -27.81 -43.16 -51.55
C ILE J 536 -26.33 -43.47 -51.57
N THR K 6 23.72 20.82 -78.92
CA THR K 6 22.98 22.07 -78.95
C THR K 6 23.45 22.99 -77.83
N GLY K 7 23.26 24.29 -78.00
CA GLY K 7 23.69 25.23 -76.98
C GLY K 7 22.94 25.00 -75.70
N LEU K 8 21.63 24.73 -75.80
CA LEU K 8 20.82 24.44 -74.62
C LEU K 8 20.55 25.65 -73.73
N ALA K 9 20.79 26.86 -74.23
CA ALA K 9 20.54 28.09 -73.46
C ALA K 9 21.32 28.19 -72.16
N GLU K 10 22.55 27.65 -72.12
CA GLU K 10 23.40 27.66 -70.91
C GLU K 10 24.88 27.65 -71.33
N ASP K 11 25.78 28.11 -70.47
CA ASP K 11 27.19 28.09 -70.77
C ASP K 11 27.75 26.67 -70.92
N GLY K 12 27.34 25.79 -70.02
CA GLY K 12 28.07 24.55 -69.74
C GLY K 12 27.98 24.20 -68.26
N ALA K 13 27.73 22.94 -67.94
CA ALA K 13 27.59 22.51 -66.55
C ALA K 13 28.82 22.66 -65.69
N LYS K 14 29.99 22.46 -66.26
CA LYS K 14 31.20 22.69 -65.50
C LYS K 14 31.24 24.10 -65.02
N SER K 15 31.01 25.05 -65.91
CA SER K 15 31.06 26.43 -65.54
C SER K 15 30.00 26.84 -64.54
N VAL K 16 28.79 26.35 -64.71
CA VAL K 16 27.74 26.67 -63.79
C VAL K 16 28.17 26.19 -62.43
N TYR K 17 28.80 25.05 -62.40
CA TYR K 17 29.32 24.54 -61.13
C TYR K 17 30.42 25.44 -60.59
N GLU K 18 31.24 26.02 -61.46
CA GLU K 18 32.37 26.79 -60.98
C GLU K 18 32.00 28.21 -60.61
N ARG K 19 31.01 28.82 -61.28
CA ARG K 19 30.57 30.14 -60.88
C ARG K 19 29.90 30.10 -59.51
N LEU K 20 29.15 29.04 -59.24
CA LEU K 20 28.37 28.95 -58.04
C LEU K 20 29.04 28.12 -56.96
N LYS K 21 30.24 27.61 -57.21
CA LYS K 21 31.00 27.01 -56.12
C LYS K 21 31.45 28.08 -55.14
N ASN K 22 31.58 29.33 -55.60
CA ASN K 22 31.88 30.46 -54.73
C ASN K 22 30.66 30.94 -53.94
N ASP K 23 29.57 30.17 -53.93
CA ASP K 23 28.42 30.44 -53.07
C ASP K 23 28.25 29.36 -52.01
N ARG K 24 28.84 28.18 -52.21
CA ARG K 24 28.81 27.18 -51.16
C ARG K 24 29.76 27.56 -50.03
N ALA K 25 30.89 28.17 -50.38
CA ALA K 25 31.98 28.54 -49.48
C ALA K 25 31.57 29.34 -48.24
N PRO K 26 30.49 30.14 -48.25
CA PRO K 26 29.93 30.53 -46.95
C PRO K 26 29.37 29.36 -46.15
N TYR K 27 28.49 28.57 -46.74
CA TYR K 27 27.86 27.47 -46.01
C TYR K 27 28.82 26.35 -45.72
N GLU K 28 29.75 26.10 -46.63
CA GLU K 28 30.70 25.00 -46.47
C GLU K 28 31.67 25.28 -45.33
N THR K 29 32.19 26.50 -45.22
CA THR K 29 33.06 26.83 -44.10
C THR K 29 32.31 27.04 -42.80
N ARG K 30 30.99 27.18 -42.84
CA ARG K 30 30.21 27.07 -41.62
C ARG K 30 30.17 25.63 -41.14
N ALA K 31 29.86 24.71 -42.04
CA ALA K 31 29.69 23.31 -41.67
C ALA K 31 31.00 22.66 -41.26
N GLN K 32 32.11 23.09 -41.84
CA GLN K 32 33.42 22.61 -41.39
C GLN K 32 33.72 23.08 -39.98
N ASN K 33 33.28 24.29 -39.65
CA ASN K 33 33.34 24.73 -38.25
C ASN K 33 32.29 24.01 -37.43
N CYS K 34 31.10 23.81 -37.99
CA CYS K 34 29.98 23.31 -37.20
C CYS K 34 30.09 21.82 -36.93
N ALA K 35 30.79 21.08 -37.78
CA ALA K 35 31.06 19.67 -37.49
C ALA K 35 32.28 19.49 -36.62
N GLN K 36 33.13 20.52 -36.52
CA GLN K 36 34.33 20.43 -35.71
C GLN K 36 34.01 20.32 -34.23
N TYR K 37 32.89 20.89 -33.80
CA TYR K 37 32.53 20.90 -32.40
C TYR K 37 31.67 19.72 -32.00
N THR K 38 30.93 19.12 -32.93
CA THR K 38 30.05 18.02 -32.58
C THR K 38 30.69 16.66 -32.84
N ILE K 39 30.96 16.37 -34.11
CA ILE K 39 31.60 15.12 -34.51
C ILE K 39 32.36 15.37 -35.81
N PRO K 40 33.69 15.37 -35.78
CA PRO K 40 34.45 15.81 -36.96
C PRO K 40 34.43 14.82 -38.10
N SER K 41 34.02 13.58 -37.88
CA SER K 41 33.97 12.61 -38.97
C SER K 41 32.76 12.78 -39.87
N LEU K 42 31.85 13.68 -39.53
CA LEU K 42 30.57 13.73 -40.22
C LEU K 42 30.65 14.61 -41.47
N PHE K 43 31.25 15.80 -41.36
CA PHE K 43 31.39 16.70 -42.51
C PHE K 43 32.84 17.05 -42.66
N PRO K 44 33.55 16.31 -43.51
CA PRO K 44 34.98 16.51 -43.65
C PRO K 44 35.32 17.76 -44.42
N LYS K 45 36.44 18.39 -44.09
CA LYS K 45 36.89 19.53 -44.88
C LYS K 45 37.31 18.91 -46.18
N ASP K 46 37.30 19.65 -47.26
CA ASP K 46 37.57 19.04 -48.56
C ASP K 46 38.94 18.41 -48.68
N SER K 47 39.95 19.05 -48.13
CA SER K 47 41.29 18.49 -48.17
C SER K 47 41.36 17.16 -47.46
N ASP K 48 40.71 17.06 -46.32
CA ASP K 48 40.76 15.85 -45.53
C ASP K 48 40.73 14.58 -46.33
N ASN K 49 41.76 13.77 -46.18
CA ASN K 49 41.86 12.54 -46.92
C ASN K 49 41.97 11.37 -45.99
N ALA K 50 42.50 10.27 -46.46
CA ALA K 50 42.64 9.09 -45.64
C ALA K 50 43.52 9.37 -44.46
N SER K 51 44.54 10.18 -44.63
CA SER K 51 45.45 10.54 -43.54
C SER K 51 44.88 11.37 -42.39
N THR K 52 43.98 12.30 -42.67
CA THR K 52 43.47 13.19 -41.62
C THR K 52 42.90 12.51 -40.41
N ASP K 53 43.40 12.88 -39.25
CA ASP K 53 42.86 12.31 -38.05
C ASP K 53 41.94 13.31 -37.41
N TYR K 54 40.73 12.89 -37.09
CA TYR K 54 39.78 13.81 -36.55
C TYR K 54 39.83 13.83 -35.04
N GLN K 55 40.46 14.86 -34.49
CA GLN K 55 40.56 14.98 -33.04
C GLN K 55 39.19 15.17 -32.45
N THR K 56 38.92 14.41 -31.41
CA THR K 56 37.64 14.52 -30.73
C THR K 56 37.57 15.86 -30.00
N PRO K 57 36.42 16.50 -29.98
CA PRO K 57 36.28 17.74 -29.22
C PRO K 57 36.40 17.46 -27.73
N TRP K 58 36.83 18.48 -27.00
CA TRP K 58 37.03 18.34 -25.56
C TRP K 58 35.71 18.10 -24.84
N GLN K 59 34.63 18.65 -25.34
CA GLN K 59 33.29 18.34 -24.89
C GLN K 59 32.69 17.25 -25.74
N ALA K 60 31.83 16.44 -25.12
CA ALA K 60 31.13 15.39 -25.84
C ALA K 60 29.63 15.53 -25.70
N VAL K 61 29.14 16.76 -25.78
CA VAL K 61 27.70 16.99 -25.85
C VAL K 61 27.24 17.07 -27.30
N GLY K 62 28.04 17.69 -28.17
CA GLY K 62 27.69 17.75 -29.57
C GLY K 62 27.70 16.38 -30.23
N ALA K 63 28.63 15.52 -29.84
CA ALA K 63 28.60 14.14 -30.32
C ALA K 63 27.42 13.39 -29.72
N ARG K 64 27.04 13.72 -28.49
CA ARG K 64 25.87 13.12 -27.88
C ARG K 64 24.58 13.67 -28.48
N GLY K 65 24.45 14.99 -28.50
CA GLY K 65 23.21 15.63 -28.90
C GLY K 65 22.93 15.67 -30.38
N LEU K 66 23.73 14.99 -31.20
CA LEU K 66 23.45 14.88 -32.62
C LEU K 66 22.85 13.52 -32.97
N ASN K 67 23.49 12.45 -32.53
CA ASN K 67 22.92 11.12 -32.68
C ASN K 67 21.61 10.98 -31.93
N ASN K 68 21.50 11.64 -30.79
CA ASN K 68 20.26 11.67 -30.02
C ASN K 68 19.25 12.62 -30.63
N LEU K 69 19.60 13.37 -31.66
CA LEU K 69 18.64 14.19 -32.37
C LEU K 69 18.39 13.73 -33.79
N ALA K 70 19.39 13.12 -34.43
CA ALA K 70 19.14 12.55 -35.76
C ALA K 70 18.30 11.29 -35.67
N SER K 71 18.36 10.62 -34.53
CA SER K 71 17.58 9.41 -34.32
C SER K 71 16.16 9.71 -33.96
N LYS K 72 15.97 10.67 -33.08
CA LYS K 72 14.62 11.07 -32.72
C LYS K 72 13.91 11.66 -33.91
N LEU K 73 14.60 12.47 -34.69
CA LEU K 73 13.99 13.02 -35.87
C LEU K 73 13.64 11.85 -36.76
N MET K 74 14.48 10.85 -36.91
CA MET K 74 14.15 9.77 -37.81
C MET K 74 12.91 9.04 -37.32
N LEU K 75 12.82 8.75 -36.03
CA LEU K 75 11.67 7.99 -35.59
C LEU K 75 10.45 8.80 -35.89
N ALA K 76 10.50 10.08 -35.62
CA ALA K 76 9.32 10.91 -35.83
C ALA K 76 8.92 11.06 -37.27
N LEU K 77 9.89 11.22 -38.14
CA LEU K 77 9.58 11.52 -39.53
C LEU K 77 9.33 10.29 -40.34
N PHE K 78 10.17 9.29 -40.17
CA PHE K 78 10.02 8.07 -40.92
C PHE K 78 9.74 6.93 -39.97
N PRO K 79 8.54 6.92 -39.39
CA PRO K 79 8.23 5.90 -38.42
C PRO K 79 8.15 4.63 -39.17
N MET K 80 8.38 3.51 -38.51
CA MET K 80 8.22 2.25 -39.20
C MET K 80 6.78 2.12 -39.63
N GLN K 81 5.87 2.50 -38.76
CA GLN K 81 4.46 2.47 -39.09
C GLN K 81 4.19 3.44 -40.21
N THR K 82 3.30 3.11 -41.11
CA THR K 82 3.04 3.96 -42.26
C THR K 82 3.02 5.44 -42.02
N TRP K 83 3.83 6.19 -42.73
CA TRP K 83 3.80 7.61 -42.55
C TRP K 83 3.37 8.47 -43.73
N MET K 84 2.86 7.87 -44.79
CA MET K 84 2.06 8.60 -45.75
C MET K 84 0.78 7.87 -45.93
N ARG K 85 -0.30 8.58 -46.19
CA ARG K 85 -1.51 7.94 -46.62
C ARG K 85 -2.11 8.67 -47.79
N LEU K 86 -2.86 7.99 -48.64
CA LEU K 86 -3.40 8.62 -49.84
C LEU K 86 -4.84 9.01 -49.59
N THR K 87 -5.10 10.31 -49.51
CA THR K 87 -6.45 10.81 -49.42
C THR K 87 -7.02 10.98 -50.82
N ILE K 88 -8.13 10.32 -51.08
CA ILE K 88 -8.92 10.66 -52.25
C ILE K 88 -9.83 11.83 -51.88
N SER K 89 -10.05 12.72 -52.84
CA SER K 89 -10.99 13.81 -52.64
C SER K 89 -12.38 13.24 -52.51
N GLU K 90 -12.97 13.41 -51.32
CA GLU K 90 -14.11 12.57 -50.95
C GLU K 90 -15.38 12.96 -51.69
N TYR K 91 -15.60 14.26 -51.94
CA TYR K 91 -16.80 14.67 -52.65
C TYR K 91 -16.73 14.31 -54.12
N GLU K 92 -15.54 14.43 -54.73
CA GLU K 92 -15.38 13.96 -56.10
C GLU K 92 -15.33 12.45 -56.18
N ALA K 93 -15.10 11.76 -55.07
CA ALA K 93 -15.25 10.31 -55.07
C ALA K 93 -16.72 9.90 -54.95
N LYS K 94 -17.55 10.73 -54.33
CA LYS K 94 -18.98 10.41 -54.27
C LYS K 94 -19.65 10.60 -55.62
N GLN K 95 -19.16 11.53 -56.43
CA GLN K 95 -19.81 11.83 -57.70
C GLN K 95 -19.55 10.74 -58.72
N LEU K 96 -18.32 10.25 -58.79
CA LEU K 96 -17.91 9.33 -59.84
C LEU K 96 -18.18 7.87 -59.50
N LEU K 97 -19.01 7.58 -58.50
CA LEU K 97 -19.10 6.24 -57.96
C LEU K 97 -20.47 6.00 -57.34
N SER K 98 -20.89 4.74 -57.38
CA SER K 98 -22.14 4.33 -56.76
C SER K 98 -21.89 3.95 -55.31
N ASP K 99 -22.46 4.72 -54.39
CA ASP K 99 -22.24 4.55 -52.96
C ASP K 99 -22.82 3.23 -52.45
N PRO K 100 -22.35 2.73 -51.29
CA PRO K 100 -21.21 3.10 -50.44
C PRO K 100 -20.06 2.11 -50.49
N ASP K 101 -20.29 0.93 -51.08
CA ASP K 101 -19.30 -0.14 -51.05
C ASP K 101 -18.10 0.20 -51.92
N GLY K 102 -18.32 0.93 -53.02
CA GLY K 102 -17.22 1.30 -53.88
C GLY K 102 -16.27 2.30 -53.26
N LEU K 103 -16.74 3.09 -52.29
CA LEU K 103 -15.90 4.12 -51.69
C LEU K 103 -14.76 3.52 -50.88
N ALA K 104 -15.08 2.58 -49.99
CA ALA K 104 -14.03 1.90 -49.25
C ALA K 104 -13.24 0.94 -50.13
N LYS K 105 -13.84 0.49 -51.23
CA LYS K 105 -13.09 -0.31 -52.20
C LYS K 105 -12.00 0.53 -52.86
N VAL K 106 -12.25 1.82 -53.07
CA VAL K 106 -11.20 2.73 -53.52
C VAL K 106 -10.14 2.90 -52.44
N ASP K 107 -10.55 3.05 -51.18
CA ASP K 107 -9.60 3.19 -50.10
C ASP K 107 -8.85 1.90 -49.80
N GLU K 108 -9.30 0.75 -50.31
CA GLU K 108 -8.45 -0.42 -50.26
C GLU K 108 -7.34 -0.35 -51.29
N GLY K 109 -7.64 0.21 -52.46
CA GLY K 109 -6.59 0.48 -53.42
C GLY K 109 -5.63 1.54 -52.95
N LEU K 110 -6.11 2.47 -52.11
CA LEU K 110 -5.20 3.42 -51.50
C LEU K 110 -4.46 2.82 -50.30
N SER K 111 -5.06 1.83 -49.64
CA SER K 111 -4.32 1.04 -48.67
C SER K 111 -3.43 0.00 -49.35
N MET K 112 -3.72 -0.31 -50.61
CA MET K 112 -2.83 -1.16 -51.39
C MET K 112 -1.51 -0.45 -51.64
N VAL K 113 -1.58 0.77 -52.16
CA VAL K 113 -0.39 1.50 -52.61
C VAL K 113 0.50 1.89 -51.44
N GLU K 114 -0.11 2.33 -50.34
CA GLU K 114 0.66 2.82 -49.20
C GLU K 114 1.41 1.70 -48.48
N ARG K 115 1.07 0.45 -48.74
CA ARG K 115 1.87 -0.67 -48.23
C ARG K 115 2.96 -1.07 -49.20
N ILE K 116 2.75 -0.88 -50.49
CA ILE K 116 3.74 -1.25 -51.49
C ILE K 116 4.92 -0.29 -51.44
N ILE K 117 4.64 0.99 -51.19
CA ILE K 117 5.71 1.98 -51.05
C ILE K 117 6.52 1.71 -49.78
N MET K 118 5.85 1.35 -48.70
CA MET K 118 6.56 0.97 -47.48
C MET K 118 7.30 -0.36 -47.66
N ASN K 119 6.82 -1.21 -48.57
CA ASN K 119 7.60 -2.38 -48.97
C ASN K 119 8.62 -2.06 -50.04
N TYR K 120 8.59 -0.85 -50.59
CA TYR K 120 9.62 -0.43 -51.54
C TYR K 120 10.71 0.35 -50.83
N ILE K 121 10.33 1.17 -49.85
CA ILE K 121 11.29 1.96 -49.10
C ILE K 121 12.16 1.07 -48.22
N GLU K 122 11.55 0.11 -47.54
CA GLU K 122 12.30 -0.73 -46.63
C GLU K 122 13.16 -1.75 -47.37
N SER K 123 12.74 -2.16 -48.57
CA SER K 123 13.47 -3.17 -49.31
C SER K 123 14.49 -2.59 -50.27
N ASN K 124 14.74 -1.29 -50.21
CA ASN K 124 15.79 -0.67 -50.99
C ASN K 124 16.74 0.15 -50.14
N SER K 125 16.71 -0.05 -48.82
CA SER K 125 17.56 0.63 -47.83
C SER K 125 17.42 2.15 -47.93
N TYR K 126 16.19 2.63 -48.08
CA TYR K 126 15.97 4.06 -47.99
C TYR K 126 16.05 4.54 -46.56
N ARG K 127 15.85 3.64 -45.59
CA ARG K 127 15.99 4.01 -44.19
C ARG K 127 17.43 4.34 -43.86
N VAL K 128 18.38 3.75 -44.59
CA VAL K 128 19.79 4.00 -44.33
C VAL K 128 20.18 5.38 -44.81
N THR K 129 19.97 5.66 -46.10
CA THR K 129 20.44 6.90 -46.70
C THR K 129 19.61 8.11 -46.29
N LEU K 130 18.43 7.92 -45.72
CA LEU K 130 17.76 9.03 -45.08
C LEU K 130 18.32 9.33 -43.70
N PHE K 131 18.81 8.31 -43.00
CA PHE K 131 19.46 8.60 -41.73
C PHE K 131 20.83 9.21 -41.97
N GLU K 132 21.51 8.85 -43.05
CA GLU K 132 22.69 9.61 -43.43
C GLU K 132 22.33 10.99 -43.92
N ALA K 133 21.12 11.17 -44.45
CA ALA K 133 20.68 12.51 -44.81
C ALA K 133 20.38 13.35 -43.59
N LEU K 134 19.72 12.76 -42.58
CA LEU K 134 19.35 13.53 -41.40
C LEU K 134 20.54 13.93 -40.57
N LYS K 135 21.64 13.18 -40.64
CA LYS K 135 22.84 13.62 -39.96
C LYS K 135 23.49 14.79 -40.70
N GLN K 136 23.37 14.82 -42.03
CA GLN K 136 23.84 15.99 -42.77
C GLN K 136 22.94 17.18 -42.56
N LEU K 137 21.64 16.95 -42.40
CA LEU K 137 20.72 18.06 -42.20
C LEU K 137 20.89 18.72 -40.85
N VAL K 138 21.46 18.05 -39.88
CA VAL K 138 21.72 18.73 -38.62
C VAL K 138 23.01 19.52 -38.69
N VAL K 139 24.15 18.89 -38.89
CA VAL K 139 25.41 19.61 -39.01
C VAL K 139 25.57 20.52 -40.20
N ALA K 140 25.27 20.08 -41.41
CA ALA K 140 25.54 20.90 -42.58
C ALA K 140 24.41 21.72 -43.04
N GLY K 141 23.22 21.16 -42.94
CA GLY K 141 22.03 21.87 -43.33
C GLY K 141 21.51 21.65 -44.72
N ASN K 142 22.29 21.03 -45.58
CA ASN K 142 21.81 20.73 -46.90
C ASN K 142 22.22 19.35 -47.37
N VAL K 143 21.37 18.66 -48.12
CA VAL K 143 21.72 17.37 -48.71
C VAL K 143 20.88 17.26 -49.98
N LEU K 144 21.35 16.59 -51.02
CA LEU K 144 20.54 16.38 -52.22
C LEU K 144 20.39 14.91 -52.29
N LEU K 145 19.20 14.42 -52.54
CA LEU K 145 18.97 13.03 -52.52
C LEU K 145 18.45 12.63 -53.87
N TYR K 146 19.18 11.80 -54.59
CA TYR K 146 18.80 11.43 -55.94
C TYR K 146 18.17 10.09 -55.93
N LEU K 147 16.95 9.99 -56.45
CA LEU K 147 16.23 8.73 -56.40
C LEU K 147 16.36 8.12 -57.76
N PRO K 148 17.30 7.18 -57.92
CA PRO K 148 17.58 6.67 -59.25
C PRO K 148 16.38 6.00 -59.85
N GLU K 149 16.19 6.17 -61.15
CA GLU K 149 15.04 5.60 -61.81
C GLU K 149 15.06 4.12 -61.63
N PRO K 150 13.91 3.52 -61.30
CA PRO K 150 13.99 2.08 -61.06
C PRO K 150 14.24 1.40 -62.38
N GLU K 151 15.14 0.42 -62.41
CA GLU K 151 15.37 -0.33 -63.62
C GLU K 151 15.22 -1.78 -63.25
N GLY K 152 14.03 -2.37 -63.41
CA GLY K 152 13.87 -3.72 -62.90
C GLY K 152 13.57 -3.72 -61.41
N SER K 153 13.21 -4.92 -60.94
CA SER K 153 12.92 -5.14 -59.53
C SER K 153 14.16 -5.55 -58.73
N ASN K 154 15.35 -5.18 -59.20
CA ASN K 154 16.57 -5.47 -58.48
C ASN K 154 16.81 -4.44 -57.37
N TYR K 155 17.98 -4.50 -56.77
CA TYR K 155 18.33 -3.62 -55.66
C TYR K 155 18.62 -2.22 -56.20
N ASN K 156 18.00 -1.17 -55.67
CA ASN K 156 18.19 0.17 -56.24
C ASN K 156 18.23 1.27 -55.20
N PRO K 157 19.37 1.44 -54.53
CA PRO K 157 19.45 2.42 -53.45
C PRO K 157 19.53 3.84 -53.91
N MET K 158 19.09 4.80 -53.12
CA MET K 158 19.26 6.20 -53.53
C MET K 158 20.61 6.76 -53.17
N LYS K 159 20.89 7.97 -53.60
CA LYS K 159 22.20 8.55 -53.35
C LYS K 159 22.13 9.92 -52.73
N LEU K 160 23.05 10.23 -51.82
CA LEU K 160 23.09 11.53 -51.16
C LEU K 160 24.33 12.33 -51.51
N TYR K 161 24.17 13.62 -51.79
CA TYR K 161 25.29 14.48 -52.09
C TYR K 161 25.32 15.49 -50.98
N ARG K 162 26.43 15.51 -50.26
CA ARG K 162 26.54 16.36 -49.10
C ARG K 162 27.14 17.74 -49.26
N LEU K 163 26.59 18.60 -50.09
CA LEU K 163 27.08 19.97 -50.13
C LEU K 163 28.57 19.98 -50.27
N SER K 164 29.08 19.18 -51.15
CA SER K 164 30.49 19.23 -51.42
C SER K 164 30.51 18.55 -52.74
N SER K 165 29.38 17.98 -53.10
CA SER K 165 29.28 17.32 -54.39
C SER K 165 28.15 17.85 -55.24
N TYR K 166 27.36 18.80 -54.75
CA TYR K 166 26.34 19.39 -55.60
C TYR K 166 26.40 20.90 -55.49
N VAL K 167 25.66 21.54 -56.38
CA VAL K 167 25.38 22.98 -56.37
C VAL K 167 23.95 23.16 -56.86
N VAL K 168 23.12 23.89 -56.09
CA VAL K 168 21.85 24.36 -56.63
C VAL K 168 21.85 25.88 -56.61
N GLN K 169 20.94 26.44 -57.40
CA GLN K 169 20.69 27.86 -57.41
C GLN K 169 19.20 28.07 -57.46
N ARG K 170 18.66 28.74 -56.45
CA ARG K 170 17.24 29.03 -56.44
C ARG K 170 17.04 30.52 -56.28
N ASP K 171 15.78 30.90 -56.31
CA ASP K 171 15.36 32.28 -56.40
C ASP K 171 15.26 32.87 -55.00
N ALA K 172 14.91 34.15 -54.90
CA ALA K 172 14.37 34.66 -53.65
C ALA K 172 12.99 34.04 -53.40
N PHE K 173 12.24 33.81 -54.47
CA PHE K 173 11.09 32.93 -54.42
C PHE K 173 11.57 31.49 -54.17
N GLY K 174 10.65 30.65 -53.72
CA GLY K 174 11.05 29.34 -53.20
C GLY K 174 11.55 28.35 -54.24
N ASN K 175 11.23 28.55 -55.51
CA ASN K 175 11.47 27.50 -56.50
C ASN K 175 12.92 27.44 -56.94
N VAL K 176 13.31 26.26 -57.41
CA VAL K 176 14.68 25.99 -57.83
C VAL K 176 14.84 26.38 -59.29
N LEU K 177 15.94 27.04 -59.61
CA LEU K 177 16.26 27.33 -61.00
C LEU K 177 17.12 26.26 -61.64
N GLN K 178 18.31 26.00 -61.09
CA GLN K 178 19.20 25.03 -61.70
C GLN K 178 19.98 24.31 -60.61
N MET K 179 20.32 23.05 -60.90
CA MET K 179 21.10 22.20 -60.01
C MET K 179 22.26 21.64 -60.81
N VAL K 180 23.41 21.51 -60.16
CA VAL K 180 24.55 20.81 -60.74
C VAL K 180 25.06 19.81 -59.71
N THR K 181 25.30 18.56 -60.08
CA THR K 181 26.09 17.67 -59.18
C THR K 181 27.35 17.11 -59.84
N ARG K 182 28.42 17.02 -59.07
CA ARG K 182 29.65 16.37 -59.42
C ARG K 182 29.83 15.04 -58.70
N ASP K 183 29.85 13.98 -59.48
CA ASP K 183 30.29 12.69 -59.00
C ASP K 183 31.44 12.34 -59.93
N GLN K 184 32.45 11.73 -59.28
CA GLN K 184 33.65 11.35 -59.96
C GLN K 184 33.81 9.85 -60.07
N ILE K 185 33.00 9.23 -60.92
CA ILE K 185 33.07 7.79 -61.13
C ILE K 185 34.29 7.40 -61.93
N ALA K 186 35.01 6.40 -61.50
CA ALA K 186 36.21 5.95 -62.19
C ALA K 186 35.90 5.40 -63.55
N PHE K 187 36.90 5.27 -64.40
CA PHE K 187 36.61 4.87 -65.77
C PHE K 187 35.93 3.53 -65.86
N GLY K 188 36.40 2.57 -65.09
CA GLY K 188 35.83 1.24 -65.16
C GLY K 188 34.39 1.23 -64.75
N ALA K 189 34.06 2.02 -63.73
CA ALA K 189 32.70 1.98 -63.21
C ALA K 189 31.69 2.85 -63.92
N LEU K 190 32.13 3.68 -64.84
CA LEU K 190 31.24 4.59 -65.53
C LEU K 190 30.23 3.75 -66.27
N PRO K 191 28.98 4.21 -66.29
CA PRO K 191 27.95 3.46 -66.99
C PRO K 191 28.24 3.41 -68.47
N GLU K 192 27.85 2.32 -69.13
CA GLU K 192 28.16 2.14 -70.54
C GLU K 192 28.07 3.36 -71.46
N ASP K 193 26.90 3.98 -71.58
CA ASP K 193 26.79 5.06 -72.56
C ASP K 193 27.84 6.15 -72.33
N ILE K 194 28.34 6.28 -71.10
CA ILE K 194 29.32 7.31 -70.82
C ILE K 194 30.70 6.88 -71.31
N ARG K 195 31.00 5.58 -71.26
CA ARG K 195 32.28 5.07 -71.75
C ARG K 195 32.42 5.25 -73.26
N LYS K 196 31.30 5.21 -73.97
CA LYS K 196 31.34 5.51 -75.41
C LYS K 196 31.59 7.00 -75.65
N ALA K 197 31.25 7.85 -74.68
CA ALA K 197 31.49 9.29 -74.86
C ALA K 197 32.91 9.66 -74.46
N VAL K 198 33.47 8.98 -73.44
CA VAL K 198 34.84 9.27 -73.03
C VAL K 198 35.83 8.73 -74.05
N GLU K 199 35.63 7.50 -74.51
CA GLU K 199 36.38 7.00 -75.65
C GLU K 199 36.11 7.82 -76.90
N GLY K 200 34.86 8.27 -77.06
CA GLY K 200 34.52 9.16 -78.16
C GLY K 200 35.18 10.52 -78.09
N GLN K 201 35.58 10.96 -76.89
CA GLN K 201 36.41 12.16 -76.80
C GLN K 201 37.81 11.89 -77.30
N GLY K 202 38.34 10.70 -77.07
CA GLY K 202 39.66 10.35 -77.53
C GLY K 202 40.64 10.11 -76.41
N GLY K 203 41.70 9.34 -76.69
CA GLY K 203 42.71 9.06 -75.70
C GLY K 203 42.34 7.93 -74.76
N GLU K 204 43.29 7.04 -74.49
CA GLU K 204 43.02 5.94 -73.59
C GLU K 204 43.04 6.40 -72.13
N LYS K 205 42.38 5.64 -71.28
CA LYS K 205 42.25 5.96 -69.87
C LYS K 205 42.71 4.77 -69.05
N LYS K 206 43.18 5.04 -67.84
CA LYS K 206 43.45 3.97 -66.90
C LYS K 206 42.15 3.38 -66.39
N ALA K 207 42.23 2.17 -65.84
CA ALA K 207 41.02 1.50 -65.36
C ALA K 207 40.50 2.15 -64.09
N ASP K 208 41.36 2.85 -63.35
CA ASP K 208 40.99 3.42 -62.07
C ASP K 208 41.02 4.95 -62.05
N GLU K 209 41.31 5.55 -63.20
CA GLU K 209 41.34 6.97 -63.36
C GLU K 209 39.94 7.43 -63.13
N THR K 210 39.78 8.55 -62.44
CA THR K 210 38.47 8.96 -61.97
C THR K 210 37.94 10.08 -62.81
N ILE K 211 36.74 9.85 -63.33
CA ILE K 211 36.10 10.73 -64.28
C ILE K 211 34.95 11.40 -63.53
N ASP K 212 34.80 12.70 -63.67
CA ASP K 212 33.76 13.37 -62.93
C ASP K 212 32.71 13.95 -63.84
N VAL K 213 31.44 13.64 -63.54
CA VAL K 213 30.37 13.79 -64.45
C VAL K 213 29.48 14.84 -63.90
N TYR K 214 29.16 15.85 -64.67
CA TYR K 214 28.36 16.90 -64.14
C TYR K 214 27.00 16.77 -64.72
N THR K 215 26.00 16.76 -63.88
CA THR K 215 24.65 16.86 -64.40
C THR K 215 24.21 18.32 -64.33
N HIS K 216 23.12 18.63 -64.99
CA HIS K 216 22.64 20.02 -65.01
C HIS K 216 21.14 19.97 -65.19
N ILE K 217 20.41 20.44 -64.19
CA ILE K 217 19.00 20.12 -64.02
C ILE K 217 18.22 21.42 -64.11
N TYR K 218 18.63 22.29 -65.03
CA TYR K 218 18.11 23.65 -65.11
C TYR K 218 16.63 23.69 -65.47
N LEU K 219 15.94 24.73 -65.02
CA LEU K 219 14.53 24.90 -65.31
C LEU K 219 14.41 25.48 -66.70
N ASP K 220 13.74 24.77 -67.58
CA ASP K 220 13.63 25.26 -68.93
C ASP K 220 12.82 26.51 -68.88
N GLU K 221 13.23 27.52 -69.64
CA GLU K 221 12.44 28.73 -69.69
C GLU K 221 11.09 28.37 -70.25
N ASP K 222 11.07 27.58 -71.32
CA ASP K 222 9.81 27.16 -71.91
C ASP K 222 9.16 26.00 -71.18
N SER K 223 7.91 26.17 -70.75
CA SER K 223 7.13 25.09 -70.13
C SER K 223 7.33 24.77 -68.66
N GLY K 224 8.32 25.39 -68.04
CA GLY K 224 8.54 25.19 -66.62
C GLY K 224 8.68 23.72 -66.30
N GLU K 225 9.27 22.96 -67.21
CA GLU K 225 9.46 21.54 -67.01
C GLU K 225 10.94 21.49 -66.95
N TYR K 226 11.50 20.72 -66.03
CA TYR K 226 12.95 20.80 -65.97
C TYR K 226 13.57 20.07 -67.15
N LEU K 227 14.77 20.48 -67.53
CA LEU K 227 15.59 19.73 -68.46
C LEU K 227 16.85 19.26 -67.75
N ARG K 228 17.24 18.01 -67.96
CA ARG K 228 18.47 17.56 -67.34
C ARG K 228 19.34 16.96 -68.38
N TYR K 229 20.54 17.49 -68.52
CA TYR K 229 21.52 16.99 -69.45
C TYR K 229 22.73 16.75 -68.61
N GLU K 230 23.39 15.62 -68.78
CA GLU K 230 24.57 15.33 -67.98
C GLU K 230 25.78 15.03 -68.84
N GLU K 231 26.91 15.52 -68.38
CA GLU K 231 28.07 15.91 -69.20
C GLU K 231 29.35 15.37 -68.62
N VAL K 232 30.23 14.89 -69.48
CA VAL K 232 31.44 14.22 -69.07
C VAL K 232 32.53 14.99 -69.68
N GLU K 233 33.56 15.32 -68.90
CA GLU K 233 34.69 16.09 -69.38
C GLU K 233 34.20 17.37 -70.01
N GLY K 234 34.61 17.69 -71.22
CA GLY K 234 34.06 18.86 -71.84
C GLY K 234 32.58 18.87 -72.16
N MET K 235 32.08 17.83 -72.83
CA MET K 235 30.68 17.87 -73.29
C MET K 235 29.67 16.77 -72.97
N GLU K 236 28.42 17.00 -73.32
CA GLU K 236 27.32 16.08 -72.97
C GLU K 236 27.29 14.67 -73.50
N VAL K 237 26.87 13.73 -72.66
CA VAL K 237 26.74 12.34 -73.10
C VAL K 237 25.57 12.22 -74.04
N GLN K 238 25.59 11.26 -74.93
CA GLN K 238 24.43 11.01 -75.76
C GLN K 238 23.43 10.31 -74.87
N GLY K 239 22.18 10.75 -74.90
CA GLY K 239 21.14 10.10 -74.12
C GLY K 239 20.94 10.64 -72.74
N SER K 240 21.67 11.69 -72.39
CA SER K 240 21.54 12.28 -71.08
C SER K 240 20.29 13.06 -70.99
N ASP K 241 19.83 13.60 -72.09
CA ASP K 241 18.69 14.48 -72.01
C ASP K 241 17.48 13.83 -71.44
N GLY K 242 16.86 14.52 -70.50
CA GLY K 242 15.67 14.01 -69.86
C GLY K 242 14.91 15.24 -69.47
N THR K 243 13.61 15.11 -69.27
CA THR K 243 12.84 16.23 -68.84
C THR K 243 12.04 15.84 -67.64
N TYR K 244 12.25 16.57 -66.55
CA TYR K 244 11.55 16.26 -65.34
C TYR K 244 10.46 17.30 -65.09
N PRO K 245 9.17 16.92 -64.91
CA PRO K 245 8.20 17.95 -64.57
C PRO K 245 8.59 18.68 -63.29
N LYS K 246 7.88 19.79 -63.05
CA LYS K 246 8.20 20.66 -61.92
C LYS K 246 7.92 19.99 -60.58
N GLU K 247 6.85 19.20 -60.51
CA GLU K 247 6.44 18.58 -59.26
C GLU K 247 7.06 17.22 -59.01
N ALA K 248 7.64 16.58 -60.04
CA ALA K 248 8.18 15.24 -59.89
C ALA K 248 9.56 15.19 -60.55
N CYS K 249 10.58 15.53 -59.78
CA CYS K 249 11.95 15.39 -60.25
C CYS K 249 12.76 14.55 -59.28
N PRO K 250 13.58 13.62 -59.78
CA PRO K 250 14.31 12.71 -58.88
C PRO K 250 15.38 13.36 -58.04
N TYR K 251 15.74 14.61 -58.32
CA TYR K 251 16.69 15.37 -57.53
C TYR K 251 15.93 16.36 -56.70
N ILE K 252 15.86 16.13 -55.39
CA ILE K 252 15.18 17.11 -54.55
C ILE K 252 16.14 17.59 -53.48
N PRO K 253 16.38 18.89 -53.38
CA PRO K 253 17.28 19.38 -52.34
C PRO K 253 16.58 19.59 -51.02
N ILE K 254 17.12 19.02 -49.97
CA ILE K 254 16.52 19.24 -48.69
C ILE K 254 17.30 20.36 -48.05
N ARG K 255 16.64 21.23 -47.30
CA ARG K 255 17.31 22.30 -46.58
C ARG K 255 16.61 22.35 -45.26
N MET K 256 17.32 22.63 -44.21
CA MET K 256 16.69 22.76 -42.92
C MET K 256 16.89 24.18 -42.46
N VAL K 257 15.96 24.68 -41.65
CA VAL K 257 15.91 26.09 -41.32
C VAL K 257 15.95 26.95 -42.58
N ARG K 258 15.11 26.66 -43.56
CA ARG K 258 15.19 27.37 -44.81
C ARG K 258 14.91 28.82 -44.55
N LEU K 259 15.71 29.69 -45.15
CA LEU K 259 15.65 31.12 -44.91
C LEU K 259 15.40 31.74 -46.27
N ASP K 260 14.56 32.76 -46.35
CA ASP K 260 14.42 33.49 -47.62
C ASP K 260 15.64 34.33 -47.98
N GLY K 261 15.94 34.45 -49.25
CA GLY K 261 15.60 33.43 -50.23
C GLY K 261 16.70 32.42 -50.44
N GLU K 262 17.79 32.62 -49.71
CA GLU K 262 19.09 32.19 -50.15
C GLU K 262 19.17 30.69 -50.29
N SER K 263 19.95 30.25 -51.26
CA SER K 263 19.72 29.00 -51.94
C SER K 263 19.77 27.75 -51.07
N TYR K 264 20.67 27.73 -50.09
CA TYR K 264 20.83 26.63 -49.15
C TYR K 264 20.40 27.09 -47.77
N GLY K 265 20.22 26.18 -46.82
CA GLY K 265 19.63 26.57 -45.57
C GLY K 265 20.50 26.29 -44.38
N ARG K 266 20.58 27.20 -43.43
CA ARG K 266 21.60 27.10 -42.42
C ARG K 266 21.29 25.94 -41.51
N SER K 267 22.29 25.26 -40.99
CA SER K 267 22.11 24.00 -40.29
C SER K 267 21.43 24.18 -38.97
N TYR K 268 20.80 23.15 -38.46
CA TYR K 268 20.24 23.20 -37.12
C TYR K 268 21.20 23.32 -35.97
N ILE K 269 22.32 22.67 -36.06
CA ILE K 269 23.28 22.63 -35.00
C ILE K 269 24.27 23.73 -35.06
N GLU K 270 24.12 24.64 -36.01
CA GLU K 270 24.79 25.93 -35.92
C GLU K 270 23.84 26.98 -35.47
N GLU K 271 22.61 26.62 -35.17
CA GLU K 271 21.93 27.56 -34.23
C GLU K 271 22.57 27.85 -32.85
N TYR K 272 23.02 26.80 -32.15
CA TYR K 272 23.64 26.66 -30.85
C TYR K 272 25.10 26.48 -30.99
N LEU K 273 25.64 26.75 -32.17
CA LEU K 273 27.06 26.58 -32.39
C LEU K 273 27.88 27.48 -31.58
N GLY K 274 27.43 28.70 -31.35
CA GLY K 274 28.21 29.57 -30.50
C GLY K 274 28.32 29.01 -29.11
N ASP K 275 27.23 28.52 -28.58
CA ASP K 275 27.14 27.94 -27.26
C ASP K 275 27.94 26.70 -27.05
N LEU K 276 28.00 25.83 -28.05
CA LEU K 276 28.87 24.66 -27.98
C LEU K 276 30.28 25.09 -27.92
N ARG K 277 30.62 26.05 -28.73
CA ARG K 277 31.96 26.55 -28.86
C ARG K 277 32.48 27.15 -27.60
N SER K 278 31.64 27.85 -26.89
CA SER K 278 31.84 28.16 -25.49
C SER K 278 31.90 27.01 -24.49
N LEU K 279 31.12 25.96 -24.64
CA LEU K 279 31.25 24.79 -23.77
C LEU K 279 32.58 24.12 -23.93
N GLU K 280 33.10 24.07 -25.13
CA GLU K 280 34.39 23.47 -25.38
C GLU K 280 35.55 24.13 -24.70
N ASN K 281 35.56 25.44 -24.64
CA ASN K 281 36.60 26.24 -24.01
C ASN K 281 36.59 26.11 -22.49
N LEU K 282 35.47 25.73 -21.89
CA LEU K 282 35.49 25.34 -20.49
C LEU K 282 36.05 23.94 -20.34
N GLN K 283 35.49 22.98 -21.06
CA GLN K 283 35.91 21.58 -20.95
C GLN K 283 37.33 21.35 -21.41
N GLU K 284 37.89 22.24 -22.21
CA GLU K 284 39.32 22.19 -22.47
C GLU K 284 40.11 22.61 -21.24
N ALA K 285 39.58 23.51 -20.43
CA ALA K 285 40.35 24.00 -19.30
C ALA K 285 40.26 23.08 -18.10
N ILE K 286 39.10 22.46 -17.87
CA ILE K 286 38.95 21.54 -16.74
C ILE K 286 39.86 20.33 -16.92
N VAL K 287 39.97 19.81 -18.13
CA VAL K 287 40.84 18.67 -18.38
C VAL K 287 42.29 19.06 -18.21
N LYS K 288 42.68 20.24 -18.71
CA LYS K 288 44.06 20.67 -18.56
C LYS K 288 44.40 21.02 -17.11
N MET K 289 43.41 21.42 -16.31
CA MET K 289 43.69 21.57 -14.89
C MET K 289 43.90 20.24 -14.20
N SER K 290 43.35 19.15 -14.73
CA SER K 290 43.61 17.85 -14.17
C SER K 290 44.93 17.26 -14.61
N MET K 291 45.60 17.89 -15.58
CA MET K 291 46.86 17.32 -16.06
C MET K 291 48.05 17.92 -15.31
N ILE K 292 47.94 19.17 -14.89
CA ILE K 292 48.88 19.72 -13.92
C ILE K 292 48.75 18.97 -12.61
N SER K 293 47.50 18.66 -12.24
CA SER K 293 47.20 17.79 -11.12
C SER K 293 47.85 16.42 -11.25
N SER K 294 47.87 15.86 -12.46
CA SER K 294 48.38 14.51 -12.66
C SER K 294 49.87 14.40 -12.42
N LYS K 295 50.63 15.46 -12.66
CA LYS K 295 52.06 15.43 -12.44
C LYS K 295 52.35 15.48 -10.94
N VAL K 296 53.28 14.65 -10.50
CA VAL K 296 53.54 14.44 -9.07
C VAL K 296 54.94 14.96 -8.79
N ILE K 297 55.06 16.20 -8.35
CA ILE K 297 56.36 16.82 -8.10
C ILE K 297 56.60 16.83 -6.60
N GLY K 298 57.76 16.30 -6.20
CA GLY K 298 58.13 16.29 -4.80
C GLY K 298 58.97 17.47 -4.37
N LEU K 299 58.34 18.47 -3.77
CA LEU K 299 59.06 19.68 -3.37
C LEU K 299 59.76 19.45 -2.04
N VAL K 300 61.08 19.31 -2.08
CA VAL K 300 61.86 19.17 -0.87
C VAL K 300 62.26 20.55 -0.38
N ASN K 301 61.92 20.86 0.87
CA ASN K 301 62.33 22.08 1.53
C ASN K 301 63.84 22.08 1.67
N PRO K 302 64.56 22.97 0.98
CA PRO K 302 66.02 22.89 1.00
C PRO K 302 66.65 23.48 2.24
N ALA K 303 65.86 23.97 3.19
CA ALA K 303 66.37 24.37 4.49
C ALA K 303 66.14 23.31 5.53
N GLY K 304 66.01 22.05 5.11
CA GLY K 304 65.66 20.99 6.01
C GLY K 304 66.74 19.94 6.18
N ILE K 305 66.33 18.79 6.69
CA ILE K 305 67.24 17.71 6.98
C ILE K 305 67.06 16.60 5.99
N THR K 306 65.82 16.27 5.64
CA THR K 306 65.58 15.13 4.79
C THR K 306 66.29 15.27 3.49
N GLN K 307 66.95 14.20 3.08
CA GLN K 307 67.61 14.21 1.81
C GLN K 307 66.94 13.15 1.02
N PRO K 308 66.45 13.50 -0.16
CA PRO K 308 65.79 12.52 -1.02
C PRO K 308 66.68 11.39 -1.41
N ARG K 309 67.98 11.49 -1.20
CA ARG K 309 68.91 10.49 -1.59
C ARG K 309 68.70 9.27 -0.83
N ARG K 310 68.51 9.40 0.47
CA ARG K 310 67.98 8.40 1.36
C ARG K 310 66.60 7.96 1.21
N LEU K 311 65.68 8.84 0.88
CA LEU K 311 64.30 8.38 0.63
C LEU K 311 63.98 7.49 -0.53
N THR K 312 64.86 7.29 -1.47
CA THR K 312 64.69 6.74 -2.75
C THR K 312 65.54 5.52 -2.92
N LYS K 313 66.22 5.08 -1.87
CA LYS K 313 66.75 3.77 -1.90
C LYS K 313 66.27 2.95 -0.78
N ALA K 314 65.20 3.41 -0.16
CA ALA K 314 64.70 2.72 0.99
C ALA K 314 63.80 1.64 0.51
N GLN K 315 63.67 0.58 1.28
CA GLN K 315 62.79 -0.49 0.91
C GLN K 315 61.43 -0.21 1.43
N THR K 316 60.60 -1.23 1.49
CA THR K 316 59.22 -1.02 1.87
C THR K 316 59.03 -0.44 3.21
N GLY K 317 59.82 -0.84 4.21
CA GLY K 317 59.59 -0.37 5.57
C GLY K 317 60.68 0.33 6.31
N ASP K 318 61.68 0.85 5.63
CA ASP K 318 62.85 1.39 6.30
C ASP K 318 62.78 2.57 7.18
N PHE K 319 63.63 2.59 8.19
CA PHE K 319 63.73 3.77 9.03
C PHE K 319 64.76 4.66 8.38
N VAL K 320 64.42 5.88 8.09
CA VAL K 320 65.19 6.88 7.37
C VAL K 320 65.29 8.12 8.24
N THR K 321 66.37 8.88 8.11
CA THR K 321 66.50 10.15 8.82
C THR K 321 65.56 11.17 8.21
N GLY K 322 64.97 12.03 9.02
CA GLY K 322 64.35 13.21 8.48
C GLY K 322 63.04 13.55 9.16
N ARG K 323 62.56 14.74 8.85
CA ARG K 323 61.30 15.29 9.32
C ARG K 323 60.24 15.18 8.24
N PRO K 324 58.98 14.90 8.57
CA PRO K 324 57.96 14.78 7.54
C PRO K 324 57.56 16.11 6.93
N GLU K 325 57.78 17.22 7.61
CA GLU K 325 57.36 18.52 7.13
C GLU K 325 58.33 19.14 6.15
N ASP K 326 59.40 18.44 5.78
CA ASP K 326 60.25 18.91 4.70
C ASP K 326 59.71 18.48 3.35
N ILE K 327 59.22 17.26 3.25
CA ILE K 327 58.74 16.71 2.00
C ILE K 327 57.30 17.15 1.82
N SER K 328 57.04 18.11 0.96
CA SER K 328 55.70 18.41 0.53
C SER K 328 55.61 18.30 -0.97
N PHE K 329 54.40 18.21 -1.49
CA PHE K 329 54.20 17.94 -2.91
C PHE K 329 53.52 19.11 -3.58
N LEU K 330 53.95 19.58 -4.75
CA LEU K 330 53.28 20.77 -5.30
C LEU K 330 51.91 20.37 -5.70
N GLN K 331 50.89 21.07 -5.23
CA GLN K 331 49.54 20.76 -5.70
C GLN K 331 48.83 21.97 -6.28
N LEU K 332 48.00 21.76 -7.30
CA LEU K 332 47.26 22.85 -7.93
C LEU K 332 46.27 23.52 -7.00
N GLU K 333 46.26 24.84 -7.00
CA GLU K 333 45.41 25.60 -6.11
C GLU K 333 44.21 26.27 -6.72
N LYS K 334 43.83 25.87 -7.92
CA LYS K 334 42.61 26.41 -8.49
C LYS K 334 41.46 25.58 -7.98
N GLN K 335 41.10 25.72 -6.71
CA GLN K 335 40.04 24.91 -6.11
C GLN K 335 38.79 25.72 -6.08
N ALA K 336 38.66 26.73 -5.19
CA ALA K 336 37.51 27.61 -5.37
C ALA K 336 37.38 28.11 -6.78
N ASP K 337 38.24 27.67 -7.69
CA ASP K 337 38.14 28.07 -9.08
C ASP K 337 37.67 26.94 -9.97
N PHE K 338 37.96 25.70 -9.59
CA PHE K 338 37.46 24.56 -10.34
C PHE K 338 35.95 24.46 -10.25
N THR K 339 35.35 24.96 -9.16
CA THR K 339 33.92 24.92 -9.00
C THR K 339 33.21 26.03 -9.76
N VAL K 340 33.90 27.13 -10.05
CA VAL K 340 33.31 28.17 -10.89
C VAL K 340 33.16 27.67 -12.32
N ALA K 341 34.24 27.12 -12.88
CA ALA K 341 34.19 26.63 -14.25
C ALA K 341 33.42 25.33 -14.40
N LYS K 342 33.15 24.62 -13.31
CA LYS K 342 32.33 23.42 -13.42
C LYS K 342 30.85 23.76 -13.40
N ALA K 343 30.45 24.68 -12.51
CA ALA K 343 29.03 25.01 -12.38
C ALA K 343 28.50 25.78 -13.58
N VAL K 344 29.39 26.46 -14.30
CA VAL K 344 28.98 27.08 -15.55
C VAL K 344 28.88 26.04 -16.66
N SER K 345 29.86 25.13 -16.71
CA SER K 345 29.81 24.06 -17.70
C SER K 345 28.67 23.09 -17.43
N ASP K 346 28.26 22.94 -16.19
CA ASP K 346 27.06 22.16 -15.92
C ASP K 346 25.79 22.95 -16.21
N ALA K 347 25.90 24.26 -16.35
CA ALA K 347 24.74 25.06 -16.73
C ALA K 347 24.62 25.24 -18.23
N ILE K 348 25.72 25.17 -18.97
CA ILE K 348 25.65 25.27 -20.42
C ILE K 348 25.23 23.93 -21.00
N GLU K 349 25.72 22.82 -20.45
CA GLU K 349 25.22 21.50 -20.84
C GLU K 349 23.76 21.32 -20.48
N ALA K 350 23.28 22.00 -19.42
CA ALA K 350 21.88 21.92 -19.06
C ALA K 350 21.01 22.62 -20.08
N ARG K 351 21.48 23.72 -20.66
CA ARG K 351 20.67 24.45 -21.62
C ARG K 351 21.01 24.11 -23.07
N LEU K 352 21.89 23.14 -23.29
CA LEU K 352 21.96 22.48 -24.59
C LEU K 352 21.23 21.16 -24.59
N SER K 353 21.08 20.53 -23.42
CA SER K 353 20.35 19.27 -23.36
C SER K 353 18.85 19.45 -23.48
N PHE K 354 18.34 20.67 -23.41
CA PHE K 354 16.95 20.86 -23.79
C PHE K 354 16.84 21.26 -25.26
N ALA K 355 17.86 21.95 -25.77
CA ALA K 355 17.89 22.30 -27.18
C ALA K 355 18.01 21.08 -28.07
N PHE K 356 18.69 20.06 -27.59
CA PHE K 356 18.74 18.77 -28.23
C PHE K 356 17.73 17.89 -27.50
N MET K 357 17.31 16.81 -28.14
CA MET K 357 16.17 16.08 -27.59
C MET K 357 16.57 14.99 -26.61
N LEU K 358 17.63 15.29 -25.86
CA LEU K 358 18.13 14.35 -24.88
C LEU K 358 17.70 14.77 -23.53
N ASN K 359 17.19 13.84 -22.74
CA ASN K 359 16.84 14.18 -21.38
C ASN K 359 18.18 14.49 -20.77
N SER K 360 18.26 15.51 -19.93
CA SER K 360 19.57 15.95 -19.43
C SER K 360 20.36 14.93 -18.62
N ALA K 361 21.69 15.00 -18.71
CA ALA K 361 22.56 14.06 -17.99
C ALA K 361 22.28 13.87 -16.50
N VAL K 362 22.22 12.61 -16.07
CA VAL K 362 21.97 12.29 -14.67
C VAL K 362 22.96 12.99 -13.74
N GLN K 363 24.19 13.22 -14.19
CA GLN K 363 25.12 14.02 -13.38
C GLN K 363 24.45 15.36 -13.16
N ARG K 364 23.73 15.52 -12.05
CA ARG K 364 22.93 16.72 -11.80
C ARG K 364 22.81 16.98 -10.31
N THR K 365 21.88 17.84 -9.92
CA THR K 365 21.74 18.21 -8.53
C THR K 365 21.38 17.02 -7.67
N GLY K 366 21.80 17.05 -6.41
CA GLY K 366 21.60 15.90 -5.53
C GLY K 366 20.17 15.48 -5.30
N GLU K 367 19.93 14.16 -5.25
CA GLU K 367 18.58 13.63 -5.04
C GLU K 367 17.63 14.13 -6.12
N ARG K 368 16.44 14.53 -5.71
CA ARG K 368 15.61 15.52 -6.40
C ARG K 368 14.87 14.89 -7.60
N VAL K 369 15.11 13.61 -7.82
CA VAL K 369 14.44 12.90 -8.88
C VAL K 369 12.99 12.85 -8.51
N THR K 370 12.11 12.97 -9.48
CA THR K 370 10.71 13.05 -9.13
C THR K 370 9.81 12.01 -9.80
N ALA K 371 8.53 12.29 -10.01
CA ALA K 371 7.62 11.26 -10.49
C ALA K 371 7.26 11.41 -11.96
N GLU K 372 6.24 10.67 -12.38
CA GLU K 372 5.81 10.64 -13.74
C GLU K 372 5.43 12.05 -14.12
N GLU K 373 4.81 12.81 -13.22
CA GLU K 373 4.50 14.22 -13.47
C GLU K 373 5.68 14.93 -14.13
N ILE K 374 6.83 15.04 -13.47
CA ILE K 374 8.05 15.51 -14.12
C ILE K 374 8.55 14.65 -15.29
N ARG K 375 8.15 13.40 -15.39
CA ARG K 375 8.53 12.71 -16.62
C ARG K 375 7.61 13.28 -17.71
N TYR K 376 6.57 13.98 -17.28
CA TYR K 376 5.75 14.67 -18.27
C TYR K 376 6.50 15.87 -18.84
N VAL K 377 7.49 16.43 -18.13
CA VAL K 377 8.33 17.49 -18.72
C VAL K 377 9.19 16.86 -19.82
N ALA K 378 9.61 15.61 -19.63
CA ALA K 378 10.32 14.89 -20.69
C ALA K 378 9.34 14.69 -21.83
N SER K 379 8.07 14.47 -21.49
CA SER K 379 7.07 14.38 -22.54
C SER K 379 6.95 15.70 -23.29
N GLU K 380 7.01 16.82 -22.58
CA GLU K 380 6.97 18.15 -23.19
C GLU K 380 8.18 18.35 -24.08
N LEU K 381 9.23 17.53 -24.03
CA LEU K 381 10.32 17.69 -25.03
C LEU K 381 9.83 17.45 -26.48
N GLU K 382 8.64 16.84 -26.61
CA GLU K 382 8.09 16.58 -27.94
C GLU K 382 7.81 17.83 -28.77
N ASP K 383 7.38 18.91 -28.15
CA ASP K 383 7.14 20.18 -28.85
C ASP K 383 8.41 20.74 -29.47
N THR K 384 9.48 20.63 -28.69
CA THR K 384 10.75 21.07 -29.18
C THR K 384 11.12 20.18 -30.34
N LEU K 385 10.83 18.87 -30.23
CA LEU K 385 11.11 17.97 -31.36
C LEU K 385 10.33 18.39 -32.58
N GLY K 386 9.09 18.81 -32.37
CA GLY K 386 8.20 19.13 -33.47
C GLY K 386 8.48 20.30 -34.37
N GLY K 387 9.04 21.37 -33.83
CA GLY K 387 9.30 22.54 -34.63
C GLY K 387 10.27 22.28 -35.74
N VAL K 388 11.28 21.48 -35.47
CA VAL K 388 12.33 21.21 -36.46
C VAL K 388 11.92 20.26 -37.58
N TYR K 389 10.98 19.38 -37.31
CA TYR K 389 10.60 18.39 -38.29
C TYR K 389 9.49 18.87 -39.21
N SER K 390 8.87 20.00 -38.90
CA SER K 390 7.75 20.46 -39.68
C SER K 390 8.13 20.80 -41.10
N ILE K 391 9.22 21.50 -41.32
CA ILE K 391 9.67 21.92 -42.64
C ILE K 391 10.26 20.75 -43.31
N LEU K 392 10.85 19.90 -42.51
CA LEU K 392 11.49 18.77 -43.08
C LEU K 392 10.42 18.06 -43.78
N SER K 393 9.20 18.03 -43.32
CA SER K 393 8.21 17.25 -44.06
C SER K 393 7.98 17.72 -45.47
N GLN K 394 7.70 18.99 -45.68
CA GLN K 394 7.44 19.47 -47.01
C GLN K 394 8.66 19.25 -47.86
N GLU K 395 9.83 19.51 -47.31
CA GLU K 395 11.05 19.38 -48.07
C GLU K 395 11.44 17.98 -48.46
N LEU K 396 11.24 17.00 -47.60
CA LEU K 396 11.76 15.66 -47.86
C LEU K 396 10.70 14.62 -47.94
N GLN K 397 9.88 14.61 -46.90
CA GLN K 397 8.82 13.63 -46.91
C GLN K 397 7.95 13.64 -48.10
N LEU K 398 7.61 14.80 -48.61
CA LEU K 398 6.63 14.77 -49.67
C LEU K 398 7.34 14.53 -50.97
N PRO K 399 8.33 15.36 -51.30
CA PRO K 399 8.94 14.96 -52.52
C PRO K 399 9.30 13.50 -52.71
N LEU K 400 9.81 12.81 -51.72
CA LEU K 400 10.19 11.45 -51.95
C LEU K 400 8.95 10.70 -52.33
N VAL K 401 7.83 10.92 -51.64
CA VAL K 401 6.63 10.15 -51.93
C VAL K 401 6.13 10.42 -53.34
N ARG K 402 6.14 11.67 -53.77
CA ARG K 402 5.69 11.99 -55.10
C ARG K 402 6.57 11.34 -56.15
N VAL K 403 7.87 11.40 -55.97
CA VAL K 403 8.72 10.84 -56.98
C VAL K 403 8.48 9.35 -57.02
N LEU K 404 8.34 8.71 -55.87
CA LEU K 404 8.18 7.28 -55.87
C LEU K 404 6.90 6.93 -56.59
N LEU K 405 5.86 7.69 -56.38
CA LEU K 405 4.60 7.36 -57.01
C LEU K 405 4.67 7.47 -58.51
N LYS K 406 5.27 8.53 -59.06
CA LYS K 406 5.44 8.56 -60.50
C LYS K 406 6.29 7.41 -61.01
N GLN K 407 7.41 7.13 -60.34
CA GLN K 407 8.34 6.12 -60.82
C GLN K 407 7.78 4.71 -60.73
N LEU K 408 6.87 4.45 -59.81
CA LEU K 408 6.25 3.13 -59.75
C LEU K 408 5.15 2.95 -60.78
N GLN K 409 4.59 4.04 -61.30
CA GLN K 409 3.64 3.92 -62.41
C GLN K 409 4.34 3.52 -63.69
N ALA K 410 5.53 4.06 -63.93
CA ALA K 410 6.24 3.79 -65.16
C ALA K 410 6.80 2.38 -65.23
N THR K 411 7.14 1.79 -64.08
CA THR K 411 7.64 0.43 -64.04
C THR K 411 6.56 -0.58 -63.74
N GLN K 412 5.31 -0.12 -63.64
CA GLN K 412 4.11 -0.94 -63.47
C GLN K 412 4.13 -1.78 -62.20
N GLN K 413 4.87 -1.32 -61.19
CA GLN K 413 4.81 -1.93 -59.87
C GLN K 413 3.68 -1.38 -59.03
N ILE K 414 2.93 -0.42 -59.57
CA ILE K 414 1.80 0.19 -58.85
C ILE K 414 0.66 0.37 -59.83
N PRO K 415 -0.58 0.27 -59.37
CA PRO K 415 -1.70 0.58 -60.26
C PRO K 415 -1.78 2.07 -60.50
N GLU K 416 -2.18 2.42 -61.73
CA GLU K 416 -2.26 3.82 -62.13
C GLU K 416 -3.43 4.47 -61.40
N LEU K 417 -3.13 5.20 -60.33
CA LEU K 417 -4.16 5.82 -59.53
C LEU K 417 -4.75 7.02 -60.27
N PRO K 418 -6.08 7.17 -60.27
CA PRO K 418 -6.76 7.97 -61.31
C PRO K 418 -6.79 9.46 -61.03
N LYS K 419 -5.61 10.07 -61.01
CA LYS K 419 -5.37 11.51 -61.18
C LYS K 419 -5.97 12.39 -60.07
N GLU K 420 -6.58 11.81 -59.04
CA GLU K 420 -7.31 12.60 -58.06
C GLU K 420 -6.92 12.30 -56.62
N ALA K 421 -5.99 11.40 -56.36
CA ALA K 421 -5.59 11.08 -55.00
C ALA K 421 -4.30 11.79 -54.67
N VAL K 422 -4.27 12.41 -53.48
CA VAL K 422 -3.12 13.19 -53.00
C VAL K 422 -2.76 12.67 -51.62
N GLU K 423 -1.57 13.07 -51.16
CA GLU K 423 -1.06 12.50 -49.94
C GLU K 423 -0.64 13.39 -48.83
N PRO K 424 -1.17 13.11 -47.64
CA PRO K 424 -0.69 13.86 -46.49
C PRO K 424 0.26 12.96 -45.75
N THR K 425 1.41 13.49 -45.36
CA THR K 425 2.32 12.70 -44.57
C THR K 425 1.92 12.81 -43.12
N ILE K 426 0.84 12.12 -42.73
CA ILE K 426 0.35 12.18 -41.37
C ILE K 426 1.17 11.30 -40.47
N SER K 427 1.44 11.76 -39.25
CA SER K 427 2.28 11.00 -38.34
C SER K 427 1.45 10.07 -37.49
N GLY K 434 -0.30 8.36 -41.46
CA GLY K 434 -0.47 7.31 -40.48
C GLY K 434 -1.78 7.42 -39.75
N ARG K 435 -2.77 6.65 -40.19
CA ARG K 435 -4.09 6.64 -39.58
C ARG K 435 -4.15 5.53 -38.53
N GLY K 436 -4.41 5.90 -37.28
CA GLY K 436 -4.46 7.29 -36.84
C GLY K 436 -5.84 7.82 -36.62
N GLN K 437 -6.21 8.84 -37.41
CA GLN K 437 -7.53 9.44 -37.26
C GLN K 437 -8.63 8.50 -37.71
N ASP K 438 -8.35 7.63 -38.68
CA ASP K 438 -9.35 6.65 -39.08
C ASP K 438 -9.52 5.57 -38.02
N LEU K 439 -8.48 5.31 -37.23
CA LEU K 439 -8.59 4.23 -36.24
C LEU K 439 -9.21 4.74 -34.94
N ASP K 440 -8.73 5.86 -34.44
CA ASP K 440 -9.17 6.34 -33.14
C ASP K 440 -10.61 6.83 -33.17
N LYS K 441 -11.02 7.47 -34.26
CA LYS K 441 -12.40 7.90 -34.39
C LYS K 441 -13.35 6.72 -34.63
N LEU K 442 -12.90 5.60 -35.14
CA LEU K 442 -13.76 4.45 -35.10
C LEU K 442 -13.94 4.00 -33.72
N GLU K 443 -12.86 3.92 -32.98
CA GLU K 443 -12.89 3.32 -31.67
C GLU K 443 -13.63 4.05 -30.60
N ARG K 444 -13.49 5.35 -30.54
CA ARG K 444 -14.20 6.09 -29.52
C ARG K 444 -15.67 5.95 -29.73
N CYS K 445 -16.10 6.10 -30.95
CA CYS K 445 -17.48 5.91 -31.22
C CYS K 445 -17.91 4.49 -30.98
N VAL K 446 -17.10 3.49 -31.29
CA VAL K 446 -17.54 2.13 -30.99
C VAL K 446 -17.76 1.91 -29.52
N THR K 447 -17.01 2.52 -28.62
CA THR K 447 -17.33 2.36 -27.18
C THR K 447 -18.66 3.00 -26.79
N ALA K 448 -18.99 4.08 -27.48
CA ALA K 448 -20.24 4.77 -27.22
C ALA K 448 -21.42 3.87 -27.54
N TRP K 449 -21.30 3.05 -28.57
CA TRP K 449 -22.35 2.10 -28.88
C TRP K 449 -22.58 1.07 -27.77
N ALA K 450 -21.55 0.59 -27.11
CA ALA K 450 -21.70 -0.29 -25.92
C ALA K 450 -22.37 0.47 -24.76
N ALA K 451 -22.07 1.75 -24.65
CA ALA K 451 -22.74 2.51 -23.61
C ALA K 451 -24.24 2.43 -23.89
N LEU K 452 -24.61 2.09 -25.12
CA LEU K 452 -26.02 2.01 -25.50
C LEU K 452 -26.54 0.58 -25.45
N ALA K 453 -25.70 -0.36 -25.02
CA ALA K 453 -26.14 -1.76 -24.87
C ALA K 453 -27.23 -2.03 -23.82
N PRO K 454 -27.16 -1.40 -22.64
CA PRO K 454 -28.25 -1.58 -21.68
C PRO K 454 -29.57 -1.06 -22.21
N MET K 455 -29.55 0.05 -22.92
CA MET K 455 -30.77 0.68 -23.39
C MET K 455 -31.23 0.11 -24.70
N ARG K 456 -30.60 -0.96 -25.16
CA ARG K 456 -30.91 -1.51 -26.46
C ARG K 456 -32.36 -1.90 -26.52
N ASP K 457 -32.87 -2.46 -25.44
CA ASP K 457 -34.26 -2.89 -25.43
C ASP K 457 -35.24 -1.82 -24.99
N ASP K 458 -34.76 -0.62 -24.68
CA ASP K 458 -35.66 0.43 -24.17
C ASP K 458 -36.74 0.84 -25.15
N PRO K 459 -37.98 0.96 -24.66
CA PRO K 459 -39.11 1.29 -25.52
C PRO K 459 -39.11 2.66 -26.15
N ASP K 460 -38.66 3.69 -25.46
CA ASP K 460 -38.75 5.05 -25.98
C ASP K 460 -37.53 5.63 -26.66
N ILE K 461 -36.33 5.19 -26.30
CA ILE K 461 -35.15 5.83 -26.86
C ILE K 461 -34.96 5.39 -28.31
N ASN K 462 -34.79 6.35 -29.20
CA ASN K 462 -34.55 6.04 -30.61
C ASN K 462 -33.10 5.67 -30.76
N LEU K 463 -32.80 4.39 -30.52
CA LEU K 463 -31.44 3.89 -30.68
C LEU K 463 -31.00 3.89 -32.13
N ALA K 464 -31.94 3.92 -33.07
CA ALA K 464 -31.61 4.07 -34.47
C ALA K 464 -31.06 5.47 -34.78
N MET K 465 -31.31 6.44 -33.91
CA MET K 465 -30.90 7.81 -34.14
C MET K 465 -29.67 8.19 -33.33
N ILE K 466 -29.57 7.66 -32.10
CA ILE K 466 -28.45 7.97 -31.23
C ILE K 466 -27.15 7.44 -31.81
N LYS K 467 -27.21 6.26 -32.43
CA LYS K 467 -26.05 5.71 -33.12
C LYS K 467 -25.67 6.53 -34.33
N LEU K 468 -26.58 7.34 -34.85
CA LEU K 468 -26.20 8.21 -35.94
C LEU K 468 -25.58 9.46 -35.34
N ARG K 469 -26.14 9.99 -34.27
CA ARG K 469 -25.63 11.23 -33.70
C ARG K 469 -24.22 11.13 -33.12
N ILE K 470 -23.94 10.03 -32.46
CA ILE K 470 -22.62 9.83 -31.89
C ILE K 470 -21.64 9.77 -33.04
N ALA K 471 -22.04 9.15 -34.14
CA ALA K 471 -21.20 9.08 -35.30
C ALA K 471 -20.97 10.44 -35.86
N ASN K 472 -22.00 11.24 -35.98
CA ASN K 472 -21.85 12.52 -36.60
C ASN K 472 -20.83 13.21 -35.73
N ALA K 473 -20.97 13.08 -34.41
CA ALA K 473 -20.10 13.82 -33.49
C ALA K 473 -18.65 13.44 -33.47
N ILE K 474 -18.35 12.15 -33.49
CA ILE K 474 -16.97 11.75 -33.56
C ILE K 474 -16.47 12.29 -34.87
N GLY K 475 -17.32 12.27 -35.88
CA GLY K 475 -16.91 12.72 -37.18
C GLY K 475 -16.66 11.64 -38.21
N ILE K 476 -17.09 10.43 -37.92
CA ILE K 476 -16.96 9.37 -38.90
C ILE K 476 -17.88 9.61 -40.10
N ASP K 477 -17.59 8.98 -41.23
CA ASP K 477 -18.35 9.25 -42.47
C ASP K 477 -19.78 8.78 -42.59
N THR K 478 -20.25 7.96 -41.66
CA THR K 478 -21.59 7.41 -41.78
C THR K 478 -21.70 6.70 -43.12
N SER K 479 -22.76 6.91 -43.88
CA SER K 479 -22.92 6.31 -45.21
C SER K 479 -23.22 4.83 -45.33
N GLY K 480 -22.32 3.99 -44.87
CA GLY K 480 -22.57 2.56 -44.90
C GLY K 480 -22.68 2.07 -43.50
N ILE K 481 -22.50 2.96 -42.55
CA ILE K 481 -22.52 2.58 -41.16
C ILE K 481 -23.87 2.06 -40.75
N LEU K 482 -24.96 2.63 -41.23
CA LEU K 482 -26.24 2.14 -40.74
C LEU K 482 -26.91 1.18 -41.70
N LEU K 483 -27.36 0.02 -41.21
CA LEU K 483 -28.05 -0.88 -42.10
C LEU K 483 -29.24 -0.14 -42.70
N THR K 484 -29.49 -0.33 -43.98
CA THR K 484 -30.63 0.31 -44.64
C THR K 484 -31.80 -0.61 -44.64
N GLU K 485 -32.91 -0.20 -45.25
CA GLU K 485 -34.11 -1.01 -45.19
C GLU K 485 -33.91 -2.38 -45.82
N GLU K 486 -33.26 -2.40 -46.98
CA GLU K 486 -33.05 -3.65 -47.64
C GLU K 486 -32.23 -4.58 -46.82
N GLN K 487 -31.17 -4.05 -46.25
CA GLN K 487 -30.29 -4.87 -45.44
C GLN K 487 -30.98 -5.41 -44.20
N LYS K 488 -31.82 -4.60 -43.57
CA LYS K 488 -32.53 -5.08 -42.42
C LYS K 488 -33.45 -6.22 -42.79
N GLN K 489 -34.14 -6.06 -43.91
CA GLN K 489 -35.01 -7.14 -44.31
C GLN K 489 -34.20 -8.40 -44.59
N GLN K 490 -33.05 -8.25 -45.22
CA GLN K 490 -32.23 -9.40 -45.50
C GLN K 490 -31.75 -10.09 -44.24
N LYS K 491 -31.37 -9.35 -43.21
CA LYS K 491 -30.99 -10.01 -41.96
C LYS K 491 -32.15 -10.72 -41.30
N MET K 492 -33.35 -10.13 -41.34
CA MET K 492 -34.45 -10.87 -40.77
C MET K 492 -34.58 -12.15 -41.53
N ALA K 493 -34.45 -12.08 -42.85
CA ALA K 493 -34.65 -13.28 -43.62
C ALA K 493 -33.64 -14.34 -43.28
N GLN K 494 -32.39 -13.93 -43.14
CA GLN K 494 -31.36 -14.89 -42.83
C GLN K 494 -31.57 -15.52 -41.47
N GLN K 495 -31.98 -14.78 -40.46
CA GLN K 495 -32.21 -15.49 -39.20
C GLN K 495 -33.28 -16.56 -39.37
N SER K 496 -34.07 -16.54 -40.45
CA SER K 496 -35.11 -17.51 -40.72
C SER K 496 -34.62 -18.61 -41.66
N MET K 497 -33.84 -18.25 -42.68
CA MET K 497 -33.30 -19.26 -43.58
C MET K 497 -32.27 -20.12 -42.87
N GLN K 498 -31.61 -19.58 -41.84
CA GLN K 498 -30.78 -20.40 -40.97
C GLN K 498 -31.62 -21.41 -40.21
N MET K 499 -32.67 -20.93 -39.54
CA MET K 499 -33.54 -21.84 -38.81
C MET K 499 -34.38 -22.70 -39.75
N GLY K 500 -34.59 -22.23 -40.98
CA GLY K 500 -35.22 -23.09 -41.98
C GLY K 500 -34.30 -24.22 -42.42
N MET K 501 -33.04 -23.90 -42.69
CA MET K 501 -32.10 -24.95 -43.07
C MET K 501 -31.76 -25.84 -41.88
N ASP K 502 -31.76 -25.29 -40.66
CA ASP K 502 -31.39 -26.09 -39.49
C ASP K 502 -32.49 -27.06 -39.12
N ASN K 503 -33.72 -26.56 -38.96
CA ASN K 503 -34.83 -27.44 -38.61
C ASN K 503 -35.22 -28.35 -39.76
N GLY K 504 -35.02 -27.90 -41.00
CA GLY K 504 -35.30 -28.71 -42.16
C GLY K 504 -34.38 -29.90 -42.29
N ALA K 505 -33.07 -29.65 -42.15
CA ALA K 505 -32.10 -30.74 -42.25
C ALA K 505 -32.18 -31.68 -41.05
N ALA K 506 -32.66 -31.19 -39.91
CA ALA K 506 -32.90 -32.08 -38.78
C ALA K 506 -34.23 -32.81 -38.90
N ALA K 507 -35.12 -32.34 -39.77
CA ALA K 507 -36.42 -33.00 -39.90
C ALA K 507 -36.32 -34.26 -40.75
N LEU K 508 -35.84 -34.13 -41.99
CA LEU K 508 -35.83 -35.27 -42.89
C LEU K 508 -34.78 -36.29 -42.49
N ALA K 509 -33.72 -35.87 -41.82
CA ALA K 509 -32.73 -36.83 -41.34
C ALA K 509 -33.29 -37.66 -40.20
N GLN K 510 -34.14 -37.07 -39.36
CA GLN K 510 -34.95 -37.86 -38.45
C GLN K 510 -36.11 -38.50 -39.20
N GLY K 511 -36.55 -37.88 -40.27
CA GLY K 511 -37.69 -38.38 -41.04
C GLY K 511 -37.36 -39.57 -41.91
N MET K 512 -36.24 -39.52 -42.63
CA MET K 512 -35.88 -40.64 -43.49
C MET K 512 -35.40 -41.83 -42.68
N ALA K 513 -34.45 -41.60 -41.79
CA ALA K 513 -33.76 -42.69 -41.07
C ALA K 513 -34.66 -43.40 -40.07
N ALA K 514 -35.79 -42.82 -39.68
CA ALA K 514 -36.71 -43.56 -38.84
C ALA K 514 -37.47 -44.60 -39.64
N GLN K 515 -37.96 -44.24 -40.81
CA GLN K 515 -38.71 -45.15 -41.67
C GLN K 515 -37.82 -45.93 -42.61
N ALA K 516 -36.53 -45.65 -42.69
CA ALA K 516 -35.67 -46.49 -43.51
C ALA K 516 -35.34 -47.70 -42.67
N THR K 517 -34.75 -47.47 -41.50
CA THR K 517 -34.42 -48.57 -40.61
C THR K 517 -35.64 -49.24 -39.96
N ALA K 518 -36.84 -48.72 -40.19
CA ALA K 518 -38.04 -49.39 -39.67
C ALA K 518 -38.27 -50.68 -40.43
N SER K 519 -38.45 -51.80 -39.72
CA SER K 519 -38.68 -53.13 -40.32
C SER K 519 -37.35 -53.78 -40.68
N PRO K 520 -37.20 -55.08 -40.40
CA PRO K 520 -35.89 -55.70 -40.65
C PRO K 520 -35.44 -55.76 -42.11
N GLU K 521 -36.34 -56.13 -43.01
CA GLU K 521 -36.01 -56.18 -44.44
C GLU K 521 -35.76 -54.83 -45.06
N ALA K 522 -36.57 -53.83 -44.73
CA ALA K 522 -36.44 -52.50 -45.32
C ALA K 522 -35.08 -52.03 -44.92
N MET K 523 -34.62 -52.53 -43.79
CA MET K 523 -33.29 -52.19 -43.28
C MET K 523 -32.20 -52.78 -44.16
N ALA K 524 -32.39 -54.01 -44.63
CA ALA K 524 -31.43 -54.61 -45.55
C ALA K 524 -31.47 -53.93 -46.91
N ALA K 525 -32.63 -53.42 -47.30
CA ALA K 525 -32.74 -52.71 -48.56
C ALA K 525 -32.10 -51.33 -48.47
N ALA K 526 -32.12 -50.72 -47.28
CA ALA K 526 -31.54 -49.39 -47.12
C ALA K 526 -30.02 -49.44 -47.11
N ALA K 527 -29.44 -50.55 -46.63
CA ALA K 527 -27.99 -50.66 -46.59
C ALA K 527 -27.42 -50.93 -47.97
N ASP K 528 -28.23 -51.47 -48.88
CA ASP K 528 -27.73 -51.78 -50.21
C ASP K 528 -27.63 -50.52 -51.07
N SER K 529 -28.39 -49.47 -50.70
CA SER K 529 -28.35 -48.24 -51.47
C SER K 529 -27.05 -47.50 -51.25
N VAL K 530 -26.45 -47.64 -50.07
CA VAL K 530 -25.15 -47.06 -49.79
C VAL K 530 -24.10 -47.94 -50.46
N GLY K 531 -24.30 -49.26 -50.30
CA GLY K 531 -23.34 -50.23 -50.83
C GLY K 531 -23.00 -51.34 -49.83
N LEU K 532 -23.49 -51.25 -48.60
CA LEU K 532 -23.17 -52.24 -47.55
C LEU K 532 -23.88 -53.59 -47.54
N GLN K 533 -23.28 -54.60 -46.90
CA GLN K 533 -23.89 -55.94 -46.81
C GLN K 533 -24.98 -56.09 -45.74
N PRO K 534 -25.87 -57.09 -45.90
CA PRO K 534 -26.96 -57.31 -44.93
C PRO K 534 -26.58 -57.67 -43.50
N GLY K 535 -25.61 -58.56 -43.28
CA GLY K 535 -25.16 -58.88 -41.94
C GLY K 535 -24.38 -57.69 -41.40
N ILE K 536 -24.45 -57.44 -40.09
CA ILE K 536 -23.68 -56.35 -39.50
C ILE K 536 -22.35 -56.83 -38.93
N THR L 6 46.54 -15.59 -69.41
CA THR L 6 46.15 -14.37 -70.09
C THR L 6 46.53 -13.15 -69.28
N GLY L 7 46.71 -12.01 -69.93
CA GLY L 7 47.08 -10.80 -69.22
C GLY L 7 46.01 -10.41 -68.26
N LEU L 8 44.74 -10.52 -68.66
CA LEU L 8 43.62 -10.22 -67.78
C LEU L 8 43.44 -8.73 -67.48
N ALA L 9 44.06 -7.86 -68.27
CA ALA L 9 43.94 -6.40 -68.10
C ALA L 9 44.38 -5.89 -66.73
N GLU L 10 45.39 -6.52 -66.12
CA GLU L 10 45.90 -6.14 -64.80
C GLU L 10 47.39 -6.49 -64.70
N ASP L 11 48.13 -5.84 -63.80
CA ASP L 11 49.54 -6.17 -63.61
C ASP L 11 49.77 -7.58 -63.07
N GLY L 12 48.95 -7.97 -62.11
CA GLY L 12 49.27 -9.06 -61.20
C GLY L 12 48.75 -8.79 -59.81
N ALA L 13 48.12 -9.78 -59.17
CA ALA L 13 47.55 -9.59 -57.84
C ALA L 13 48.54 -9.26 -56.74
N LYS L 14 49.72 -9.82 -56.80
CA LYS L 14 50.74 -9.46 -55.83
C LYS L 14 50.98 -7.99 -55.87
N SER L 15 51.21 -7.46 -57.06
CA SER L 15 51.50 -6.06 -57.19
C SER L 15 50.36 -5.16 -56.78
N VAL L 16 49.13 -5.52 -57.15
CA VAL L 16 48.00 -4.72 -56.78
C VAL L 16 47.96 -4.67 -55.28
N TYR L 17 48.28 -5.78 -54.65
CA TYR L 17 48.33 -5.79 -53.20
C TYR L 17 49.45 -4.91 -52.67
N GLU L 18 50.57 -4.82 -53.39
CA GLU L 18 51.70 -4.08 -52.88
C GLU L 18 51.60 -2.59 -53.16
N ARG L 19 50.98 -2.19 -54.27
CA ARG L 19 50.77 -0.76 -54.51
C ARG L 19 49.80 -0.18 -53.50
N LEU L 20 48.79 -0.94 -53.13
CA LEU L 20 47.73 -0.44 -52.28
C LEU L 20 47.90 -0.84 -50.84
N LYS L 21 48.96 -1.55 -50.50
CA LYS L 21 49.28 -1.76 -49.10
C LYS L 21 49.71 -0.46 -48.44
N ASN L 22 50.24 0.47 -49.24
CA ASN L 22 50.57 1.82 -48.78
C ASN L 22 49.35 2.71 -48.62
N ASP L 23 48.14 2.16 -48.70
CA ASP L 23 46.93 2.89 -48.39
C ASP L 23 46.24 2.35 -47.14
N ARG L 24 46.57 1.13 -46.73
CA ARG L 24 46.04 0.64 -45.45
C ARG L 24 46.74 1.31 -44.29
N ALA L 25 48.04 1.59 -44.45
CA ALA L 25 48.93 2.14 -43.44
C ALA L 25 48.43 3.43 -42.74
N PRO L 26 47.61 4.28 -43.37
CA PRO L 26 46.86 5.22 -42.55
C PRO L 26 45.86 4.56 -41.61
N TYR L 27 44.98 3.71 -42.14
CA TYR L 27 43.95 3.08 -41.31
C TYR L 27 44.53 2.05 -40.36
N GLU L 28 45.56 1.35 -40.79
CA GLU L 28 46.16 0.31 -39.96
C GLU L 28 46.85 0.88 -38.74
N THR L 29 47.60 1.98 -38.90
CA THR L 29 48.23 2.61 -37.75
C THR L 29 47.25 3.42 -36.92
N ARG L 30 46.05 3.69 -37.42
CA ARG L 30 45.00 4.18 -36.56
C ARG L 30 44.50 3.07 -35.64
N ALA L 31 44.21 1.91 -36.22
CA ALA L 31 43.63 0.82 -35.46
C ALA L 31 44.61 0.23 -34.45
N GLN L 32 45.89 0.24 -34.77
CA GLN L 32 46.89 -0.18 -33.79
C GLN L 32 46.94 0.78 -32.61
N ASN L 33 46.74 2.06 -32.87
CA ASN L 33 46.56 3.01 -31.77
C ASN L 33 45.20 2.82 -31.13
N CYS L 34 44.17 2.56 -31.94
CA CYS L 34 42.81 2.55 -31.42
C CYS L 34 42.49 1.29 -30.64
N ALA L 35 43.19 0.19 -30.91
CA ALA L 35 43.03 -0.99 -30.08
C ALA L 35 43.92 -0.96 -28.86
N GLN L 36 44.94 -0.10 -28.86
CA GLN L 36 45.85 -0.01 -27.72
C GLN L 36 45.16 0.52 -26.49
N TYR L 37 44.14 1.35 -26.67
CA TYR L 37 43.46 1.97 -25.55
C TYR L 37 42.28 1.17 -25.05
N THR L 38 41.66 0.34 -25.90
CA THR L 38 40.48 -0.41 -25.49
C THR L 38 40.83 -1.82 -25.05
N ILE L 39 41.32 -2.63 -25.98
CA ILE L 39 41.73 -4.00 -25.71
C ILE L 39 42.81 -4.39 -26.70
N PRO L 40 44.06 -4.55 -26.26
CA PRO L 40 45.17 -4.71 -27.20
C PRO L 40 45.21 -6.07 -27.88
N SER L 41 44.46 -7.05 -27.39
CA SER L 41 44.46 -8.36 -28.03
C SER L 41 43.58 -8.42 -29.26
N LEU L 42 42.85 -7.35 -29.56
CA LEU L 42 41.83 -7.41 -30.60
C LEU L 42 42.42 -7.13 -31.98
N PHE L 43 43.23 -6.08 -32.08
CA PHE L 43 43.88 -5.74 -33.35
C PHE L 43 45.36 -5.72 -33.13
N PRO L 44 45.98 -6.89 -33.27
CA PRO L 44 47.41 -7.00 -33.02
C PRO L 44 48.22 -6.26 -34.04
N LYS L 45 49.33 -5.67 -33.62
CA LYS L 45 50.20 -5.01 -34.57
C LYS L 45 50.75 -6.10 -35.46
N ASP L 46 51.07 -5.79 -36.71
CA ASP L 46 51.50 -6.84 -37.64
C ASP L 46 52.78 -7.53 -37.21
N SER L 47 53.72 -6.78 -36.65
CA SER L 47 54.93 -7.38 -36.14
C SER L 47 54.65 -8.36 -35.01
N ASP L 48 53.72 -8.04 -34.14
CA ASP L 48 53.41 -8.87 -32.98
C ASP L 48 53.26 -10.35 -33.22
N ASN L 49 53.82 -11.17 -32.33
CA ASN L 49 53.80 -12.59 -32.53
C ASN L 49 53.39 -13.30 -31.26
N ALA L 50 53.75 -14.55 -31.13
CA ALA L 50 53.41 -15.31 -29.96
C ALA L 50 54.00 -14.69 -28.74
N SER L 51 55.21 -14.15 -28.85
CA SER L 51 55.88 -13.51 -27.72
C SER L 51 55.25 -12.22 -27.16
N THR L 52 54.69 -11.38 -28.01
CA THR L 52 54.17 -10.09 -27.56
C THR L 52 53.18 -10.14 -26.43
N ASP L 53 53.45 -9.42 -25.38
CA ASP L 53 52.51 -9.38 -24.29
C ASP L 53 51.73 -8.09 -24.37
N TYR L 54 50.42 -8.21 -24.32
CA TYR L 54 49.61 -7.03 -24.47
C TYR L 54 49.29 -6.41 -23.13
N GLN L 55 49.99 -5.36 -22.78
CA GLN L 55 49.77 -4.66 -21.53
C GLN L 55 48.37 -4.09 -21.49
N THR L 56 47.67 -4.33 -20.39
CA THR L 56 46.35 -3.80 -20.24
C THR L 56 46.42 -2.29 -20.08
N PRO L 57 45.47 -1.55 -20.65
CA PRO L 57 45.45 -0.10 -20.45
C PRO L 57 45.13 0.23 -19.00
N TRP L 58 45.60 1.39 -18.57
CA TRP L 58 45.40 1.82 -17.19
C TRP L 58 43.93 2.04 -16.88
N GLN L 59 43.17 2.49 -17.87
CA GLN L 59 41.72 2.56 -17.78
C GLN L 59 41.11 1.29 -18.35
N ALA L 60 39.96 0.91 -17.80
CA ALA L 60 39.23 -0.24 -18.29
C ALA L 60 37.81 0.14 -18.70
N VAL L 61 37.67 1.28 -19.34
CA VAL L 61 36.39 1.64 -19.94
C VAL L 61 36.32 1.19 -21.39
N GLY L 62 37.44 1.31 -22.12
CA GLY L 62 37.47 0.84 -23.49
C GLY L 62 37.32 -0.66 -23.60
N ALA L 63 37.89 -1.41 -22.66
CA ALA L 63 37.65 -2.84 -22.61
C ALA L 63 36.21 -3.14 -22.20
N ARG L 64 35.63 -2.31 -21.34
CA ARG L 64 34.24 -2.45 -20.98
C ARG L 64 33.31 -2.03 -22.11
N GLY L 65 33.50 -0.83 -22.62
CA GLY L 65 32.59 -0.26 -23.59
C GLY L 65 32.69 -0.77 -24.99
N LEU L 66 33.48 -1.81 -25.24
CA LEU L 66 33.55 -2.45 -26.54
C LEU L 66 32.75 -3.74 -26.57
N ASN L 67 32.99 -4.63 -25.61
CA ASN L 67 32.18 -5.83 -25.47
C ASN L 67 30.72 -5.48 -25.17
N ASN L 68 30.50 -4.41 -24.42
CA ASN L 68 29.15 -3.93 -24.15
C ASN L 68 28.57 -3.18 -25.33
N LEU L 69 29.34 -2.95 -26.39
CA LEU L 69 28.79 -2.37 -27.61
C LEU L 69 28.81 -3.33 -28.78
N ALA L 70 29.75 -4.27 -28.82
CA ALA L 70 29.71 -5.28 -29.87
C ALA L 70 28.60 -6.28 -29.62
N SER L 71 28.22 -6.44 -28.37
CA SER L 71 27.15 -7.37 -28.02
C SER L 71 25.80 -6.77 -28.24
N LYS L 72 25.63 -5.51 -27.86
CA LYS L 72 24.37 -4.84 -28.11
C LYS L 72 24.13 -4.70 -29.59
N LEU L 73 25.16 -4.35 -30.34
CA LEU L 73 25.01 -4.25 -31.77
C LEU L 73 24.62 -5.62 -32.25
N MET L 74 25.22 -6.70 -31.78
CA MET L 74 24.86 -8.00 -32.31
C MET L 74 23.41 -8.32 -32.02
N LEU L 75 22.93 -8.05 -30.82
CA LEU L 75 21.56 -8.42 -30.52
C LEU L 75 20.68 -7.65 -31.45
N ALA L 76 20.98 -6.39 -31.64
CA ALA L 76 20.10 -5.58 -32.48
C ALA L 76 20.12 -5.95 -33.93
N LEU L 77 21.28 -6.28 -34.46
CA LEU L 77 21.40 -6.52 -35.88
C LEU L 77 21.07 -7.93 -36.24
N PHE L 78 21.58 -8.87 -35.49
CA PHE L 78 21.34 -10.26 -35.77
C PHE L 78 20.58 -10.89 -34.64
N PRO L 79 19.30 -10.51 -34.50
CA PRO L 79 18.52 -11.01 -33.39
C PRO L 79 18.33 -12.46 -33.64
N MET L 80 18.12 -13.24 -32.59
CA MET L 80 17.84 -14.64 -32.82
C MET L 80 16.56 -14.75 -33.61
N GLN L 81 15.59 -13.94 -33.27
CA GLN L 81 14.34 -13.93 -34.00
C GLN L 81 14.59 -13.46 -35.40
N THR L 82 13.88 -14.01 -36.36
CA THR L 82 14.14 -13.67 -37.76
C THR L 82 14.40 -12.22 -38.06
N TRP L 83 15.51 -11.93 -38.69
CA TRP L 83 15.78 -10.56 -39.03
C TRP L 83 15.87 -10.19 -40.50
N MET L 84 15.51 -11.10 -41.41
CA MET L 84 15.16 -10.71 -42.76
C MET L 84 13.83 -11.29 -43.06
N ARG L 85 13.04 -10.62 -43.88
CA ARG L 85 11.85 -11.23 -44.43
C ARG L 85 11.76 -10.95 -45.90
N LEU L 86 11.09 -11.81 -46.65
CA LEU L 86 11.04 -11.66 -48.10
C LEU L 86 9.72 -11.02 -48.47
N THR L 87 9.76 -9.77 -48.93
CA THR L 87 8.58 -9.12 -49.46
C THR L 87 8.43 -9.44 -50.93
N ILE L 88 7.30 -10.01 -51.28
CA ILE L 88 6.92 -10.07 -52.68
C ILE L 88 6.25 -8.76 -53.05
N SER L 89 6.49 -8.30 -54.28
CA SER L 89 5.82 -7.10 -54.77
C SER L 89 4.33 -7.39 -54.90
N GLU L 90 3.53 -6.70 -54.10
CA GLU L 90 2.17 -7.17 -53.84
C GLU L 90 1.26 -6.95 -55.03
N TYR L 91 1.42 -5.85 -55.77
CA TYR L 91 0.56 -5.61 -56.93
C TYR L 91 0.91 -6.53 -58.07
N GLU L 92 2.20 -6.81 -58.28
CA GLU L 92 2.58 -7.80 -59.27
C GLU L 92 2.28 -9.22 -58.81
N ALA L 93 2.06 -9.43 -57.52
CA ALA L 93 1.57 -10.72 -57.06
C ALA L 93 0.08 -10.87 -57.28
N LYS L 94 -0.68 -9.76 -57.29
CA LYS L 94 -2.10 -9.85 -57.58
C LYS L 94 -2.36 -10.14 -59.04
N GLN L 95 -1.47 -9.68 -59.93
CA GLN L 95 -1.71 -9.83 -61.36
C GLN L 95 -1.48 -11.26 -61.81
N LEU L 96 -0.42 -11.88 -61.31
CA LEU L 96 0.01 -13.19 -61.78
C LEU L 96 -0.67 -14.34 -61.06
N LEU L 97 -1.77 -14.09 -60.34
CA LEU L 97 -2.29 -15.11 -59.43
C LEU L 97 -3.79 -14.90 -59.24
N SER L 98 -4.49 -16.00 -58.97
CA SER L 98 -5.91 -15.97 -58.68
C SER L 98 -6.12 -15.78 -57.18
N ASP L 99 -6.70 -14.63 -56.82
CA ASP L 99 -6.87 -14.23 -55.43
C ASP L 99 -7.86 -15.16 -54.71
N PRO L 100 -7.82 -15.20 -53.36
CA PRO L 100 -6.87 -14.68 -52.38
C PRO L 100 -6.02 -15.74 -51.71
N ASP L 101 -6.37 -17.02 -51.90
CA ASP L 101 -5.70 -18.10 -51.19
C ASP L 101 -4.27 -18.29 -51.70
N GLY L 102 -4.03 -18.05 -52.98
CA GLY L 102 -2.70 -18.19 -53.53
C GLY L 102 -1.73 -17.15 -53.03
N LEU L 103 -2.22 -15.99 -52.59
CA LEU L 103 -1.33 -14.92 -52.15
C LEU L 103 -0.60 -15.28 -50.86
N ALA L 104 -1.34 -15.74 -49.86
CA ALA L 104 -0.69 -16.19 -48.63
C ALA L 104 0.04 -17.51 -48.83
N LYS L 105 -0.37 -18.29 -49.83
CA LYS L 105 0.39 -19.49 -50.18
C LYS L 105 1.77 -19.14 -50.70
N VAL L 106 1.89 -18.01 -51.40
CA VAL L 106 3.20 -17.50 -51.79
C VAL L 106 3.99 -17.05 -50.56
N ASP L 107 3.32 -16.35 -49.64
CA ASP L 107 3.99 -15.92 -48.42
C ASP L 107 4.30 -17.06 -47.47
N GLU L 108 3.74 -18.24 -47.68
CA GLU L 108 4.24 -19.40 -46.95
C GLU L 108 5.56 -19.89 -47.54
N GLY L 109 5.70 -19.81 -48.86
CA GLY L 109 6.98 -20.08 -49.48
C GLY L 109 8.02 -19.04 -49.12
N LEU L 110 7.59 -17.81 -48.84
CA LEU L 110 8.51 -16.81 -48.34
C LEU L 110 8.77 -16.98 -46.85
N SER L 111 7.82 -17.54 -46.11
CA SER L 111 8.09 -17.96 -44.74
C SER L 111 8.83 -19.28 -44.71
N MET L 112 8.80 -20.03 -45.80
CA MET L 112 9.63 -21.23 -45.92
C MET L 112 11.11 -20.85 -45.96
N VAL L 113 11.46 -19.93 -46.87
CA VAL L 113 12.85 -19.60 -47.15
C VAL L 113 13.49 -18.89 -45.96
N GLU L 114 12.76 -17.97 -45.33
CA GLU L 114 13.32 -17.17 -44.25
C GLU L 114 13.59 -17.99 -43.00
N ARG L 115 13.03 -19.20 -42.89
CA ARG L 115 13.39 -20.11 -41.81
C ARG L 115 14.56 -21.00 -42.18
N ILE L 116 14.71 -21.31 -43.46
CA ILE L 116 15.81 -22.18 -43.89
C ILE L 116 17.14 -21.43 -43.80
N ILE L 117 17.12 -20.13 -44.12
CA ILE L 117 18.32 -19.31 -44.00
C ILE L 117 18.71 -19.15 -42.53
N MET L 118 17.72 -18.96 -41.65
CA MET L 118 18.01 -18.92 -40.22
C MET L 118 18.42 -20.28 -39.69
N ASN L 119 18.00 -21.36 -40.35
CA ASN L 119 18.54 -22.67 -40.05
C ASN L 119 19.85 -22.94 -40.79
N TYR L 120 20.24 -22.07 -41.70
CA TYR L 120 21.54 -22.18 -42.35
C TYR L 120 22.58 -21.33 -41.65
N ILE L 121 22.18 -20.14 -41.19
CA ILE L 121 23.08 -19.24 -40.49
C ILE L 121 23.47 -19.81 -39.14
N GLU L 122 22.50 -20.33 -38.40
CA GLU L 122 22.79 -20.83 -37.05
C GLU L 122 23.54 -22.15 -37.09
N SER L 123 23.35 -22.96 -38.13
CA SER L 123 23.96 -24.27 -38.23
C SER L 123 25.30 -24.25 -38.95
N ASN L 124 25.82 -23.08 -39.26
CA ASN L 124 27.16 -22.95 -39.83
C ASN L 124 28.03 -21.98 -39.06
N SER L 125 27.63 -21.64 -37.83
CA SER L 125 28.35 -20.73 -36.93
C SER L 125 28.61 -19.37 -37.58
N TYR L 126 27.59 -18.85 -38.28
CA TYR L 126 27.71 -17.48 -38.76
C TYR L 126 27.55 -16.48 -37.63
N ARG L 127 26.91 -16.89 -36.53
CA ARG L 127 26.79 -16.01 -35.37
C ARG L 127 28.14 -15.76 -34.73
N VAL L 128 29.07 -16.70 -34.88
CA VAL L 128 30.39 -16.55 -34.29
C VAL L 128 31.21 -15.53 -35.07
N THR L 129 31.39 -15.77 -36.36
CA THR L 129 32.26 -14.95 -37.18
C THR L 129 31.68 -13.58 -37.49
N LEU L 130 30.38 -13.38 -37.30
CA LEU L 130 29.86 -12.03 -37.33
C LEU L 130 30.12 -11.28 -36.03
N PHE L 131 30.16 -11.99 -34.91
CA PHE L 131 30.54 -11.30 -33.69
C PHE L 131 32.03 -11.01 -33.66
N GLU L 132 32.85 -11.85 -34.28
CA GLU L 132 34.23 -11.47 -34.52
C GLU L 132 34.34 -10.36 -35.54
N ALA L 133 33.37 -10.25 -36.45
CA ALA L 133 33.36 -9.13 -37.37
C ALA L 133 32.98 -7.84 -36.68
N LEU L 134 31.98 -7.89 -35.79
CA LEU L 134 31.52 -6.68 -35.14
C LEU L 134 32.54 -6.12 -34.15
N LYS L 135 33.41 -6.97 -33.61
CA LYS L 135 34.48 -6.44 -32.78
C LYS L 135 35.54 -5.77 -33.63
N GLN L 136 35.76 -6.25 -34.85
CA GLN L 136 36.66 -5.55 -35.75
C GLN L 136 36.04 -4.27 -36.27
N LEU L 137 34.73 -4.25 -36.48
CA LEU L 137 34.07 -3.05 -36.97
C LEU L 137 34.06 -1.93 -35.95
N VAL L 138 34.20 -2.22 -34.68
CA VAL L 138 34.29 -1.14 -33.72
C VAL L 138 35.73 -0.60 -33.64
N VAL L 139 36.70 -1.40 -33.23
CA VAL L 139 38.08 -0.94 -33.19
C VAL L 139 38.74 -0.62 -34.51
N ALA L 140 38.64 -1.47 -35.52
CA ALA L 140 39.38 -1.22 -36.75
C ALA L 140 38.62 -0.53 -37.80
N GLY L 141 37.35 -0.84 -37.90
CA GLY L 141 36.49 -0.21 -38.86
C GLY L 141 36.29 -0.89 -40.17
N ASN L 142 37.09 -1.89 -40.47
CA ASN L 142 36.89 -2.62 -41.69
C ASN L 142 37.07 -4.13 -41.50
N VAL L 143 36.28 -4.95 -42.19
CA VAL L 143 36.45 -6.40 -42.16
C VAL L 143 35.96 -6.90 -43.51
N LEU L 144 36.48 -7.99 -44.04
CA LEU L 144 35.96 -8.55 -45.29
C LEU L 144 35.49 -9.89 -44.89
N LEU L 145 34.32 -10.29 -45.33
CA LEU L 145 33.77 -11.52 -44.89
C LEU L 145 33.51 -12.36 -46.11
N TYR L 146 34.18 -13.50 -46.23
CA TYR L 146 34.06 -14.32 -47.42
C TYR L 146 33.16 -15.45 -47.16
N LEU L 147 32.11 -15.60 -47.97
CA LEU L 147 31.12 -16.64 -47.73
C LEU L 147 31.43 -17.75 -48.66
N PRO L 148 32.13 -18.78 -48.18
CA PRO L 148 32.60 -19.80 -49.10
C PRO L 148 31.46 -20.50 -49.77
N GLU L 149 31.64 -20.85 -51.04
CA GLU L 149 30.58 -21.49 -51.79
C GLU L 149 30.21 -22.77 -51.12
N PRO L 150 28.91 -23.03 -50.98
CA PRO L 150 28.59 -24.25 -50.25
C PRO L 150 28.98 -25.43 -51.10
N GLU L 151 29.59 -26.44 -50.51
CA GLU L 151 29.93 -27.64 -51.25
C GLU L 151 29.35 -28.78 -50.46
N GLY L 152 28.13 -29.23 -50.77
CA GLY L 152 27.54 -30.23 -49.92
C GLY L 152 26.90 -29.60 -48.68
N SER L 153 26.16 -30.46 -47.97
CA SER L 153 25.49 -30.06 -46.73
C SER L 153 26.36 -30.27 -45.50
N ASN L 154 27.67 -30.27 -45.67
CA ASN L 154 28.58 -30.40 -44.54
C ASN L 154 28.77 -29.05 -43.85
N TYR L 155 29.72 -29.02 -42.92
CA TYR L 155 29.98 -27.82 -42.14
C TYR L 155 30.72 -26.80 -43.00
N ASN L 156 30.25 -25.55 -43.09
CA ASN L 156 30.89 -24.58 -44.00
C ASN L 156 30.94 -23.17 -43.45
N PRO L 157 31.89 -22.90 -42.56
CA PRO L 157 31.92 -21.59 -41.90
C PRO L 157 32.46 -20.49 -42.78
N MET L 158 32.06 -19.24 -42.56
CA MET L 158 32.66 -18.17 -43.34
C MET L 158 33.98 -17.69 -42.79
N LYS L 159 34.64 -16.77 -43.50
CA LYS L 159 35.95 -16.32 -43.06
C LYS L 159 36.05 -14.82 -43.00
N LEU L 160 36.77 -14.29 -42.02
CA LEU L 160 36.95 -12.85 -41.88
C LEU L 160 38.39 -12.42 -42.08
N TYR L 161 38.61 -11.35 -42.81
CA TYR L 161 39.94 -10.82 -43.02
C TYR L 161 39.94 -9.47 -42.38
N ARG L 162 40.84 -9.28 -41.42
CA ARG L 162 40.86 -8.05 -40.65
C ARG L 162 41.72 -6.88 -41.07
N LEU L 163 41.61 -6.38 -42.29
CA LEU L 163 42.34 -5.16 -42.69
C LEU L 163 43.79 -5.36 -42.43
N SER L 164 44.28 -6.56 -42.64
CA SER L 164 45.68 -6.77 -42.50
C SER L 164 45.89 -7.98 -43.33
N SER L 165 44.80 -8.47 -43.88
CA SER L 165 44.91 -9.61 -44.75
C SER L 165 44.20 -9.36 -46.05
N TYR L 166 43.56 -8.23 -46.20
CA TYR L 166 42.96 -7.89 -47.47
C TYR L 166 43.34 -6.48 -47.88
N VAL L 167 43.02 -6.16 -49.13
CA VAL L 167 43.10 -4.83 -49.70
C VAL L 167 41.91 -4.67 -50.65
N VAL L 168 41.12 -3.61 -50.49
CA VAL L 168 40.17 -3.23 -51.52
C VAL L 168 40.52 -1.84 -52.03
N GLN L 169 39.99 -1.54 -53.21
CA GLN L 169 40.10 -0.21 -53.79
C GLN L 169 38.75 0.14 -54.38
N ARG L 170 38.17 1.21 -53.90
CA ARG L 170 36.90 1.66 -54.42
C ARG L 170 37.03 3.10 -54.87
N ASP L 171 35.94 3.60 -55.42
CA ASP L 171 35.90 4.86 -56.12
C ASP L 171 35.59 5.97 -55.12
N ALA L 172 35.55 7.22 -55.58
CA ALA L 172 34.85 8.25 -54.83
C ALA L 172 33.35 7.97 -54.82
N PHE L 173 32.84 7.41 -55.92
CA PHE L 173 31.54 6.78 -55.94
C PHE L 173 31.59 5.51 -55.08
N GLY L 174 30.41 5.04 -54.67
CA GLY L 174 30.35 4.01 -53.65
C GLY L 174 30.84 2.64 -54.05
N ASN L 175 30.90 2.35 -55.35
CA ASN L 175 31.12 0.98 -55.78
C ASN L 175 32.58 0.55 -55.69
N VAL L 176 32.79 -0.75 -55.58
CA VAL L 176 34.10 -1.33 -55.41
C VAL L 176 34.70 -1.59 -56.79
N LEU L 177 35.97 -1.24 -56.96
CA LEU L 177 36.68 -1.59 -58.19
C LEU L 177 37.40 -2.92 -58.10
N GLN L 178 38.32 -3.08 -57.17
CA GLN L 178 39.08 -4.31 -57.08
C GLN L 178 39.38 -4.63 -55.63
N MET L 179 39.46 -5.93 -55.34
CA MET L 179 39.77 -6.45 -54.01
C MET L 179 40.93 -7.43 -54.14
N VAL L 180 41.82 -7.43 -53.16
CA VAL L 180 42.87 -8.43 -53.07
C VAL L 180 42.86 -9.00 -51.66
N THR L 181 42.88 -10.31 -51.48
CA THR L 181 43.19 -10.86 -50.13
C THR L 181 44.40 -11.79 -50.11
N ARG L 182 45.20 -11.69 -49.07
CA ARG L 182 46.29 -12.58 -48.76
C ARG L 182 45.96 -13.52 -47.62
N ASP L 183 45.93 -14.79 -47.92
CA ASP L 183 45.90 -15.83 -46.92
C ASP L 183 47.14 -16.67 -47.25
N GLN L 184 47.78 -17.08 -46.15
CA GLN L 184 48.99 -17.85 -46.24
C GLN L 184 48.82 -19.29 -45.77
N ILE L 185 48.11 -20.08 -46.56
CA ILE L 185 47.88 -21.48 -46.23
C ILE L 185 49.14 -22.30 -46.42
N ALA L 186 49.48 -23.14 -45.46
CA ALA L 186 50.67 -23.98 -45.53
C ALA L 186 50.57 -24.97 -46.65
N PHE L 187 51.69 -25.57 -47.03
CA PHE L 187 51.65 -26.43 -48.20
C PHE L 187 50.73 -27.59 -48.03
N GLY L 188 50.74 -28.22 -46.87
CA GLY L 188 49.92 -29.38 -46.65
C GLY L 188 48.46 -29.04 -46.74
N ALA L 189 48.08 -27.89 -46.22
CA ALA L 189 46.67 -27.54 -46.18
C ALA L 189 46.10 -26.92 -47.43
N LEU L 190 46.94 -26.58 -48.39
CA LEU L 190 46.49 -25.92 -49.59
C LEU L 190 45.51 -26.86 -50.28
N PRO L 191 44.45 -26.29 -50.85
CA PRO L 191 43.47 -27.12 -51.54
C PRO L 191 44.10 -27.80 -52.74
N GLU L 192 43.64 -28.99 -53.06
CA GLU L 192 44.23 -29.75 -54.15
C GLU L 192 44.67 -29.01 -55.41
N ASP L 193 43.74 -28.34 -56.10
CA ASP L 193 44.13 -27.74 -57.37
C ASP L 193 45.32 -26.79 -57.21
N ILE L 194 45.52 -26.24 -56.02
CA ILE L 194 46.62 -25.32 -55.82
C ILE L 194 47.94 -26.08 -55.66
N ARG L 195 47.90 -27.28 -55.08
CA ARG L 195 49.10 -28.09 -54.92
C ARG L 195 49.64 -28.56 -56.27
N LYS L 196 48.76 -28.74 -57.25
CA LYS L 196 49.21 -29.03 -58.60
C LYS L 196 49.85 -27.82 -59.26
N ALA L 197 49.51 -26.61 -58.81
CA ALA L 197 50.12 -25.41 -59.37
C ALA L 197 51.45 -25.09 -58.69
N VAL L 198 51.56 -25.38 -57.40
CA VAL L 198 52.81 -25.11 -56.69
C VAL L 198 53.87 -26.12 -57.10
N GLU L 199 53.49 -27.41 -57.15
CA GLU L 199 54.37 -28.41 -57.74
C GLU L 199 54.60 -28.14 -59.22
N GLY L 200 53.59 -27.63 -59.91
CA GLY L 200 53.74 -27.21 -61.29
C GLY L 200 54.67 -26.04 -61.48
N GLN L 201 54.86 -25.21 -60.45
CA GLN L 201 55.89 -24.18 -60.52
C GLN L 201 57.28 -24.81 -60.43
N GLY L 202 57.43 -25.86 -59.64
CA GLY L 202 58.71 -26.53 -59.52
C GLY L 202 59.30 -26.43 -58.12
N GLY L 203 60.16 -27.37 -57.77
CA GLY L 203 60.82 -27.36 -56.48
C GLY L 203 59.97 -27.96 -55.38
N GLU L 204 60.59 -28.77 -54.53
CA GLU L 204 59.85 -29.38 -53.44
C GLU L 204 59.63 -28.39 -52.31
N LYS L 205 58.61 -28.66 -51.51
CA LYS L 205 58.23 -27.78 -50.40
C LYS L 205 58.17 -28.60 -49.13
N LYS L 206 58.38 -27.92 -48.00
CA LYS L 206 58.15 -28.56 -46.71
C LYS L 206 56.66 -28.72 -46.48
N ALA L 207 56.32 -29.61 -45.55
CA ALA L 207 54.91 -29.88 -45.28
C ALA L 207 54.25 -28.72 -44.54
N ASP L 208 55.05 -27.90 -43.86
CA ASP L 208 54.53 -26.82 -43.04
C ASP L 208 54.91 -25.42 -43.54
N GLU L 209 55.61 -25.38 -44.67
CA GLU L 209 56.01 -24.15 -45.29
C GLU L 209 54.75 -23.46 -45.69
N THR L 210 54.69 -22.15 -45.52
CA THR L 210 53.44 -21.43 -45.65
C THR L 210 53.41 -20.68 -46.96
N ILE L 211 52.36 -20.95 -47.72
CA ILE L 211 52.21 -20.45 -49.06
C ILE L 211 51.10 -19.40 -48.99
N ASP L 212 51.30 -18.25 -49.62
CA ASP L 212 50.29 -17.21 -49.52
C ASP L 212 49.68 -16.92 -50.86
N VAL L 213 48.34 -16.93 -50.89
CA VAL L 213 47.58 -17.03 -52.09
C VAL L 213 46.86 -15.74 -52.25
N TYR L 214 47.00 -15.09 -53.38
CA TYR L 214 46.35 -13.82 -53.53
C TYR L 214 45.19 -14.00 -54.43
N THR L 215 44.04 -13.55 -53.99
CA THR L 215 42.93 -13.49 -54.92
C THR L 215 42.84 -12.09 -55.49
N HIS L 216 42.04 -11.92 -56.53
CA HIS L 216 41.93 -10.62 -57.18
C HIS L 216 40.56 -10.55 -57.81
N ILE L 217 39.73 -9.63 -57.31
CA ILE L 217 38.29 -9.68 -57.50
C ILE L 217 37.88 -8.43 -58.27
N TYR L 218 38.71 -8.07 -59.26
CA TYR L 218 38.56 -6.80 -59.95
C TYR L 218 37.26 -6.72 -60.77
N LEU L 219 36.76 -5.51 -60.94
CA LEU L 219 35.53 -5.30 -61.70
C LEU L 219 35.89 -5.31 -63.16
N ASP L 220 35.32 -6.22 -63.91
CA ASP L 220 35.66 -6.30 -65.31
C ASP L 220 35.19 -5.04 -65.95
N GLU L 221 35.99 -4.48 -66.84
CA GLU L 221 35.55 -3.32 -67.55
C GLU L 221 34.33 -3.69 -68.35
N ASP L 222 34.39 -4.83 -69.04
CA ASP L 222 33.25 -5.28 -69.80
C ASP L 222 32.19 -5.96 -68.97
N SER L 223 30.95 -5.48 -69.04
CA SER L 223 29.80 -6.12 -68.38
C SER L 223 29.56 -5.84 -66.90
N GLY L 224 30.50 -5.16 -66.25
CA GLY L 224 30.29 -4.80 -64.86
C GLY L 224 30.00 -6.03 -64.03
N GLU L 225 30.60 -7.17 -64.39
CA GLU L 225 30.40 -8.39 -63.65
C GLU L 225 31.75 -8.59 -63.11
N TYR L 226 31.88 -9.00 -61.87
CA TYR L 226 33.24 -9.09 -61.37
C TYR L 226 33.93 -10.29 -61.97
N LEU L 227 35.25 -10.22 -62.06
CA LEU L 227 36.08 -11.39 -62.36
C LEU L 227 36.98 -11.69 -61.17
N ARG L 228 37.10 -12.94 -60.80
CA ARG L 228 38.00 -13.26 -59.72
C ARG L 228 38.94 -14.33 -60.16
N TYR L 229 40.22 -14.05 -60.08
CA TYR L 229 41.25 -15.02 -60.41
C TYR L 229 42.13 -15.03 -59.21
N GLU L 230 42.51 -16.21 -58.75
CA GLU L 230 43.36 -16.31 -57.57
C GLU L 230 44.63 -17.07 -57.85
N GLU L 231 45.70 -16.59 -57.25
CA GLU L 231 47.08 -16.70 -57.74
C GLU L 231 48.02 -17.12 -56.65
N VAL L 232 48.94 -18.01 -56.96
CA VAL L 232 49.81 -18.61 -55.98
C VAL L 232 51.18 -18.30 -56.44
N GLU L 233 52.03 -17.82 -55.53
CA GLU L 233 53.40 -17.45 -55.87
C GLU L 233 53.40 -16.47 -57.02
N GLY L 234 54.16 -16.72 -58.06
CA GLY L 234 54.06 -15.83 -59.20
C GLY L 234 52.75 -15.76 -59.95
N MET L 235 52.20 -16.91 -60.35
CA MET L 235 51.00 -16.89 -61.21
C MET L 235 49.72 -17.63 -60.87
N GLU L 236 48.68 -17.41 -61.66
CA GLU L 236 47.34 -17.96 -61.37
C GLU L 236 47.11 -19.45 -61.35
N VAL L 237 46.28 -19.92 -60.42
CA VAL L 237 45.94 -21.33 -60.39
C VAL L 237 45.05 -21.67 -61.55
N GLN L 238 45.06 -22.91 -61.99
CA GLN L 238 44.11 -23.31 -63.01
C GLN L 238 42.78 -23.47 -62.30
N GLY L 239 41.72 -22.92 -62.87
CA GLY L 239 40.39 -23.08 -62.29
C GLY L 239 40.00 -22.01 -61.32
N SER L 240 40.85 -21.02 -61.14
CA SER L 240 40.54 -19.93 -60.23
C SER L 240 39.52 -19.03 -60.81
N ASP L 241 39.50 -18.94 -62.13
CA ASP L 241 38.62 -17.95 -62.71
C ASP L 241 37.19 -18.16 -62.36
N GLY L 242 36.54 -17.08 -61.97
CA GLY L 242 35.14 -17.15 -61.60
C GLY L 242 34.62 -15.77 -61.92
N THR L 243 33.32 -15.66 -62.11
CA THR L 243 32.76 -14.37 -62.37
C THR L 243 31.62 -14.12 -61.42
N TYR L 244 31.72 -13.07 -60.65
CA TYR L 244 30.69 -12.78 -59.69
C TYR L 244 29.86 -11.59 -60.18
N PRO L 245 28.51 -11.71 -60.29
CA PRO L 245 27.75 -10.51 -60.66
C PRO L 245 27.98 -9.39 -59.66
N LYS L 246 27.52 -8.20 -60.04
CA LYS L 246 27.75 -7.00 -59.24
C LYS L 246 27.00 -7.03 -57.93
N GLU L 247 25.79 -7.59 -57.92
CA GLU L 247 24.95 -7.60 -56.74
C GLU L 247 25.14 -8.82 -55.86
N ALA L 248 25.79 -9.87 -56.36
CA ALA L 248 25.95 -11.11 -55.60
C ALA L 248 27.39 -11.58 -55.73
N CYS L 249 28.26 -11.10 -54.83
CA CYS L 249 29.62 -11.58 -54.78
C CYS L 249 29.94 -12.06 -53.37
N PRO L 250 30.62 -13.20 -53.23
CA PRO L 250 30.86 -13.76 -51.89
C PRO L 250 31.82 -12.97 -51.03
N TYR L 251 32.52 -11.99 -51.59
CA TYR L 251 33.41 -11.11 -50.86
C TYR L 251 32.73 -9.78 -50.71
N ILE L 252 32.28 -9.46 -49.50
CA ILE L 252 31.67 -8.15 -49.30
C ILE L 252 32.42 -7.41 -48.22
N PRO L 253 32.92 -6.22 -48.50
CA PRO L 253 33.64 -5.47 -47.47
C PRO L 253 32.70 -4.66 -46.58
N ILE L 254 32.82 -4.83 -45.29
CA ILE L 254 32.00 -4.05 -44.44
C ILE L 254 32.84 -2.87 -44.01
N ARG L 255 32.25 -1.69 -43.86
CA ARG L 255 32.95 -0.52 -43.38
C ARG L 255 31.98 0.15 -42.44
N MET L 256 32.46 0.74 -41.39
CA MET L 256 31.59 1.43 -40.49
C MET L 256 31.99 2.89 -40.52
N VAL L 257 31.03 3.78 -40.28
CA VAL L 257 31.24 5.20 -40.49
C VAL L 257 31.80 5.47 -41.88
N ARG L 258 31.18 4.92 -42.91
CA ARG L 258 31.73 5.07 -44.24
C ARG L 258 31.75 6.51 -44.59
N LEU L 259 32.86 6.96 -45.17
CA LEU L 259 33.07 8.37 -45.48
C LEU L 259 33.31 8.42 -46.96
N ASP L 260 32.79 9.41 -47.66
CA ASP L 260 33.14 9.59 -49.07
C ASP L 260 34.57 10.06 -49.28
N GLY L 261 35.20 9.61 -50.37
CA GLY L 261 34.87 8.35 -50.98
C GLY L 261 35.73 7.21 -50.48
N GLU L 262 36.61 7.53 -49.55
CA GLU L 262 37.85 6.81 -49.38
C GLU L 262 37.61 5.39 -48.96
N SER L 263 38.47 4.50 -49.41
CA SER L 263 38.11 3.12 -49.66
C SER L 263 37.66 2.33 -48.44
N TYR L 264 38.26 2.59 -47.29
CA TYR L 264 37.92 1.95 -46.02
C TYR L 264 37.27 2.97 -45.10
N GLY L 265 36.68 2.55 -44.01
CA GLY L 265 35.90 3.48 -43.23
C GLY L 265 36.36 3.58 -41.80
N ARG L 266 36.41 4.78 -41.24
CA ARG L 266 37.10 4.97 -39.99
C ARG L 266 36.32 4.31 -38.90
N SER L 267 36.96 3.78 -37.88
CA SER L 267 36.33 2.93 -36.88
C SER L 267 35.42 3.71 -35.99
N TYR L 268 34.44 3.06 -35.40
CA TYR L 268 33.60 3.70 -34.40
C TYR L 268 34.25 4.16 -33.12
N ILE L 269 35.18 3.39 -32.63
CA ILE L 269 35.81 3.65 -31.37
C ILE L 269 37.02 4.52 -31.49
N GLU L 270 37.33 4.98 -32.68
CA GLU L 270 38.23 6.09 -32.84
C GLU L 270 37.48 7.35 -33.11
N GLU L 271 36.17 7.30 -33.11
CA GLU L 271 35.51 8.62 -32.81
C GLU L 271 35.85 9.35 -31.49
N TYR L 272 35.85 8.62 -30.38
CA TYR L 272 36.09 8.93 -28.98
C TYR L 272 37.46 8.53 -28.58
N LEU L 273 38.31 8.24 -29.53
CA LEU L 273 39.66 7.82 -29.23
C LEU L 273 40.44 8.86 -28.56
N GLY L 274 40.26 10.12 -28.91
CA GLY L 274 40.99 11.14 -28.22
C GLY L 274 40.62 11.18 -26.76
N ASP L 275 39.34 11.08 -26.47
CA ASP L 275 38.80 11.10 -25.14
C ASP L 275 39.21 9.94 -24.27
N LEU L 276 39.31 8.75 -24.83
CA LEU L 276 39.83 7.61 -24.09
C LEU L 276 41.24 7.85 -23.74
N ARG L 277 41.99 8.36 -24.68
CA ARG L 277 43.40 8.59 -24.54
C ARG L 277 43.72 9.56 -23.47
N SER L 278 42.92 10.58 -23.35
CA SER L 278 42.85 11.40 -22.16
C SER L 278 42.38 10.76 -20.87
N LEU L 279 41.43 9.84 -20.88
CA LEU L 279 41.07 9.11 -19.65
C LEU L 279 42.19 8.27 -19.15
N GLU L 280 42.97 7.68 -20.04
CA GLU L 280 44.10 6.88 -19.64
C GLU L 280 45.18 7.60 -18.89
N ASN L 281 45.48 8.81 -19.30
CA ASN L 281 46.50 9.67 -18.68
C ASN L 281 46.09 10.15 -17.30
N LEU L 282 44.80 10.19 -16.99
CA LEU L 282 44.38 10.40 -15.62
C LEU L 282 44.54 9.11 -14.81
N GLN L 283 43.95 8.01 -15.30
CA GLN L 283 43.98 6.74 -14.58
C GLN L 283 45.39 6.16 -14.47
N GLU L 284 46.32 6.58 -15.30
CA GLU L 284 47.72 6.25 -15.06
C GLU L 284 48.26 7.02 -13.86
N ALA L 285 47.77 8.24 -13.64
CA ALA L 285 48.33 9.04 -12.56
C ALA L 285 47.75 8.70 -11.21
N ILE L 286 46.44 8.37 -11.16
CA ILE L 286 45.81 8.00 -9.90
C ILE L 286 46.42 6.72 -9.34
N VAL L 287 46.69 5.75 -10.20
CA VAL L 287 47.30 4.50 -9.75
C VAL L 287 48.73 4.74 -9.28
N LYS L 288 49.48 5.57 -9.99
CA LYS L 288 50.86 5.85 -9.58
C LYS L 288 50.90 6.71 -8.32
N MET L 289 49.88 7.52 -8.06
CA MET L 289 49.81 8.18 -6.76
C MET L 289 49.54 7.21 -5.63
N SER L 290 48.89 6.09 -5.89
CA SER L 290 48.68 5.08 -4.87
C SER L 290 49.90 4.21 -4.64
N MET L 291 50.92 4.32 -5.49
CA MET L 291 52.08 3.46 -5.33
C MET L 291 53.15 4.15 -4.49
N ILE L 292 53.25 5.47 -4.59
CA ILE L 292 54.03 6.23 -3.63
C ILE L 292 53.40 6.09 -2.25
N SER L 293 52.07 6.10 -2.22
CA SER L 293 51.31 5.81 -1.02
C SER L 293 51.62 4.44 -0.46
N SER L 294 51.80 3.44 -1.33
CA SER L 294 52.01 2.07 -0.87
C SER L 294 53.33 1.87 -0.15
N LYS L 295 54.36 2.65 -0.49
CA LYS L 295 55.64 2.53 0.18
C LYS L 295 55.54 3.14 1.57
N VAL L 296 56.12 2.44 2.54
CA VAL L 296 55.96 2.79 3.95
C VAL L 296 57.34 3.20 4.47
N ILE L 297 57.63 4.49 4.47
CA ILE L 297 58.93 4.99 4.88
C ILE L 297 58.81 5.57 6.29
N GLY L 298 59.67 5.11 7.19
CA GLY L 298 59.67 5.60 8.55
C GLY L 298 60.63 6.75 8.79
N LEU L 299 60.14 7.97 8.77
CA LEU L 299 61.01 9.14 8.94
C LEU L 299 61.28 9.38 10.41
N VAL L 300 62.50 9.06 10.84
CA VAL L 300 62.90 9.34 12.21
C VAL L 300 63.48 10.73 12.30
N ASN L 301 62.93 11.54 13.19
CA ASN L 301 63.45 12.87 13.48
C ASN L 301 64.83 12.74 14.07
N PRO L 302 65.89 13.18 13.39
CA PRO L 302 67.24 12.93 13.90
C PRO L 302 67.68 13.88 14.99
N ALA L 303 66.81 14.81 15.41
CA ALA L 303 67.07 15.63 16.57
C ALA L 303 66.34 15.11 17.80
N GLY L 304 66.02 13.82 17.81
CA GLY L 304 65.22 13.25 18.86
C GLY L 304 65.95 12.22 19.71
N ILE L 305 65.16 11.44 20.45
CA ILE L 305 65.70 10.45 21.35
C ILE L 305 65.51 9.08 20.81
N THR L 306 64.34 8.80 20.21
CA THR L 306 64.06 7.45 19.78
C THR L 306 65.07 6.97 18.82
N GLN L 307 65.54 5.75 19.03
CA GLN L 307 66.48 5.17 18.11
C GLN L 307 65.79 3.97 17.56
N PRO L 308 65.70 3.88 16.25
CA PRO L 308 65.05 2.73 15.62
C PRO L 308 65.73 1.43 15.94
N ARG L 309 66.91 1.45 16.51
CA ARG L 309 67.65 0.26 16.81
C ARG L 309 66.97 -0.50 17.84
N ARG L 310 66.50 0.16 18.88
CA ARG L 310 65.56 -0.34 19.84
C ARG L 310 64.19 -0.61 19.42
N LEU L 311 63.62 0.16 18.53
CA LEU L 311 62.27 -0.18 18.05
C LEU L 311 62.04 -1.41 17.21
N THR L 312 63.06 -2.09 16.73
CA THR L 312 63.08 -3.07 15.73
C THR L 312 63.63 -4.35 16.28
N LYS L 313 63.90 -4.42 17.56
CA LYS L 313 64.10 -5.70 18.15
C LYS L 313 63.18 -5.92 19.28
N ALA L 314 62.14 -5.14 19.33
CA ALA L 314 61.22 -5.23 20.43
C ALA L 314 60.23 -6.29 20.08
N GLN L 315 59.67 -6.92 21.09
CA GLN L 315 58.69 -7.94 20.85
C GLN L 315 57.34 -7.31 20.80
N THR L 316 56.31 -8.11 20.93
CA THR L 316 54.97 -7.59 20.75
C THR L 316 54.59 -6.50 21.69
N GLY L 317 54.99 -6.56 22.95
CA GLY L 317 54.56 -5.57 23.91
C GLY L 317 55.57 -4.77 24.67
N ASP L 318 56.80 -4.70 24.22
CA ASP L 318 57.87 -4.08 24.99
C ASP L 318 57.85 -2.65 25.34
N PHE L 319 58.41 -2.33 26.49
CA PHE L 319 58.59 -0.95 26.86
C PHE L 319 59.93 -0.53 26.31
N VAL L 320 59.96 0.51 25.52
CA VAL L 320 61.11 1.03 24.78
C VAL L 320 61.27 2.50 25.16
N THR L 321 62.51 3.00 25.12
CA THR L 321 62.74 4.42 25.35
C THR L 321 62.25 5.22 24.16
N GLY L 322 61.71 6.40 24.41
CA GLY L 322 61.54 7.34 23.32
C GLY L 322 60.22 8.07 23.38
N ARG L 323 60.14 9.10 22.54
CA ARG L 323 58.96 9.95 22.37
C ARG L 323 58.21 9.55 21.12
N PRO L 324 56.87 9.58 21.12
CA PRO L 324 56.13 9.19 19.91
C PRO L 324 56.21 10.19 18.80
N GLU L 325 56.53 11.45 19.09
CA GLU L 325 56.56 12.48 18.08
C GLU L 325 57.87 12.53 17.30
N ASP L 326 58.79 11.61 17.56
CA ASP L 326 59.97 11.52 16.72
C ASP L 326 59.69 10.66 15.49
N ILE L 327 58.96 9.56 15.68
CA ILE L 327 58.69 8.62 14.60
C ILE L 327 57.46 9.14 13.84
N SER L 328 57.68 9.70 12.66
CA SER L 328 56.58 9.97 11.76
C SER L 328 56.85 9.27 10.44
N PHE L 329 55.81 9.14 9.62
CA PHE L 329 55.91 8.35 8.41
C PHE L 329 55.71 9.22 7.19
N LEU L 330 56.51 9.14 6.13
CA LEU L 330 56.31 10.08 5.03
C LEU L 330 55.01 9.73 4.37
N GLN L 331 54.10 10.68 4.21
CA GLN L 331 52.88 10.38 3.49
C GLN L 331 52.64 11.33 2.34
N LEU L 332 52.07 10.83 1.25
CA LEU L 332 51.77 11.67 0.08
C LEU L 332 50.78 12.77 0.35
N GLU L 333 51.09 13.98 -0.11
CA GLU L 333 50.25 15.13 0.16
C GLU L 333 49.42 15.64 -1.00
N LYS L 334 49.27 14.86 -2.04
CA LYS L 334 48.39 15.27 -3.12
C LYS L 334 46.98 14.85 -2.76
N GLN L 335 46.37 15.54 -1.79
CA GLN L 335 45.03 15.18 -1.32
C GLN L 335 44.05 16.08 -1.96
N ALA L 336 43.94 17.36 -1.58
CA ALA L 336 43.10 18.23 -2.39
C ALA L 336 43.45 18.14 -3.86
N ASP L 337 44.38 17.27 -4.23
CA ASP L 337 44.72 17.10 -5.63
C ASP L 337 44.23 15.77 -6.18
N PHE L 338 44.11 14.76 -5.33
CA PHE L 338 43.56 13.49 -5.75
C PHE L 338 42.08 13.62 -6.11
N THR L 339 41.39 14.58 -5.51
CA THR L 339 39.98 14.80 -5.82
C THR L 339 39.77 15.59 -7.10
N VAL L 340 40.76 16.38 -7.51
CA VAL L 340 40.66 17.06 -8.80
C VAL L 340 40.74 16.06 -9.93
N ALA L 341 41.76 15.21 -9.90
CA ALA L 341 41.94 14.22 -10.96
C ALA L 341 40.94 13.07 -10.88
N LYS L 342 40.25 12.89 -9.76
CA LYS L 342 39.22 11.87 -9.70
C LYS L 342 37.90 12.37 -10.27
N ALA L 343 37.53 13.61 -9.94
CA ALA L 343 36.24 14.14 -10.38
C ALA L 343 36.23 14.43 -11.87
N VAL L 344 37.39 14.65 -12.47
CA VAL L 344 37.46 14.76 -13.92
C VAL L 344 37.39 13.38 -14.56
N SER L 345 38.10 12.41 -13.99
CA SER L 345 38.06 11.05 -14.51
C SER L 345 36.70 10.41 -14.30
N ASP L 346 35.95 10.82 -13.27
CA ASP L 346 34.58 10.38 -13.15
C ASP L 346 33.65 11.14 -14.07
N ALA L 347 34.09 12.26 -14.63
CA ALA L 347 33.29 12.98 -15.60
C ALA L 347 33.57 12.56 -17.03
N ILE L 348 34.78 12.06 -17.30
CA ILE L 348 35.09 11.58 -18.63
C ILE L 348 34.52 10.19 -18.83
N GLU L 349 34.58 9.34 -17.79
CA GLU L 349 33.90 8.06 -17.85
C GLU L 349 32.39 8.21 -17.93
N ALA L 350 31.85 9.31 -17.38
CA ALA L 350 30.43 9.55 -17.49
C ALA L 350 30.01 9.91 -18.90
N ARG L 351 30.87 10.60 -19.64
CA ARG L 351 30.52 10.98 -21.00
C ARG L 351 31.10 10.06 -22.05
N LEU L 352 31.76 8.98 -21.63
CA LEU L 352 31.98 7.85 -22.53
C LEU L 352 30.98 6.74 -22.31
N SER L 353 30.41 6.65 -21.11
CA SER L 353 29.41 5.62 -20.85
C SER L 353 28.07 5.93 -21.50
N PHE L 354 27.86 7.12 -22.02
CA PHE L 354 26.69 7.32 -22.87
C PHE L 354 27.04 7.11 -24.33
N ALA L 355 28.29 7.40 -24.69
CA ALA L 355 28.76 7.16 -26.06
C ALA L 355 28.79 5.68 -26.38
N PHE L 356 29.08 4.86 -25.38
CA PHE L 356 28.95 3.42 -25.49
C PHE L 356 27.63 3.04 -24.86
N MET L 357 27.14 1.86 -25.19
CA MET L 357 25.77 1.55 -24.82
C MET L 357 25.64 0.91 -23.44
N LEU L 358 26.51 1.35 -22.54
CA LEU L 358 26.52 0.82 -21.20
C LEU L 358 25.89 1.80 -20.28
N ASN L 359 24.99 1.34 -19.45
CA ASN L 359 24.42 2.22 -18.47
C ASN L 359 25.60 2.59 -17.60
N SER L 360 25.71 3.84 -17.19
CA SER L 360 26.92 4.28 -16.48
C SER L 360 27.22 3.58 -15.16
N ALA L 361 28.51 3.43 -14.85
CA ALA L 361 28.94 2.77 -13.61
C ALA L 361 28.27 3.21 -12.32
N VAL L 362 27.80 2.26 -11.52
CA VAL L 362 27.15 2.55 -10.26
C VAL L 362 28.02 3.43 -9.37
N GLN L 363 29.34 3.31 -9.45
CA GLN L 363 30.20 4.25 -8.71
C GLN L 363 29.84 5.64 -9.19
N ARG L 364 28.93 6.31 -8.50
CA ARG L 364 28.40 7.60 -8.94
C ARG L 364 27.99 8.45 -7.76
N THR L 365 27.22 9.50 -8.01
CA THR L 365 26.83 10.41 -6.95
C THR L 365 25.99 9.73 -5.88
N GLY L 366 26.10 10.20 -4.65
CA GLY L 366 25.42 9.52 -3.55
C GLY L 366 23.92 9.42 -3.64
N GLU L 367 23.38 8.28 -3.22
CA GLU L 367 21.93 8.04 -3.29
C GLU L 367 21.41 8.18 -4.71
N ARG L 368 20.29 8.87 -4.86
CA ARG L 368 19.91 9.59 -6.08
C ARG L 368 19.36 8.63 -7.15
N VAL L 369 19.33 7.34 -6.83
CA VAL L 369 18.80 6.35 -7.74
C VAL L 369 17.33 6.65 -7.86
N THR L 370 16.77 6.48 -9.03
CA THR L 370 15.38 6.87 -9.19
C THR L 370 14.46 5.76 -9.71
N ALA L 371 13.36 6.09 -10.39
CA ALA L 371 12.38 5.08 -10.76
C ALA L 371 12.45 4.67 -12.22
N GLU L 372 11.41 3.97 -12.66
CA GLU L 372 11.33 3.45 -14.00
C GLU L 372 11.41 4.63 -14.92
N GLU L 373 10.78 5.76 -14.59
CA GLU L 373 10.89 6.97 -15.39
C GLU L 373 12.33 7.21 -15.84
N ILE L 374 13.26 7.43 -14.94
CA ILE L 374 14.69 7.44 -15.28
C ILE L 374 15.24 6.13 -15.87
N ARG L 375 14.59 5.01 -15.66
CA ARG L 375 15.09 3.84 -16.39
C ARG L 375 14.62 4.04 -17.82
N TYR L 376 13.72 4.97 -18.02
CA TYR L 376 13.35 5.31 -19.39
C TYR L 376 14.48 6.09 -20.08
N VAL L 377 15.37 6.74 -19.33
CA VAL L 377 16.55 7.36 -19.94
C VAL L 377 17.47 6.25 -20.44
N ALA L 378 17.54 5.14 -19.70
CA ALA L 378 18.29 3.97 -20.17
C ALA L 378 17.59 3.46 -21.41
N SER L 379 16.27 3.54 -21.44
CA SER L 379 15.56 3.17 -22.66
C SER L 379 15.95 4.10 -23.81
N GLU L 380 16.09 5.38 -23.55
CA GLU L 380 16.52 6.35 -24.56
C GLU L 380 17.93 6.02 -25.02
N LEU L 381 18.71 5.17 -24.37
CA LEU L 381 20.01 4.78 -24.96
C LEU L 381 19.85 4.04 -26.32
N GLU L 382 18.63 3.58 -26.61
CA GLU L 382 18.37 2.88 -27.86
C GLU L 382 18.60 3.72 -29.12
N ASP L 383 18.30 5.01 -29.08
CA ASP L 383 18.55 5.91 -30.21
C ASP L 383 20.02 6.01 -30.54
N THR L 384 20.81 6.10 -29.48
CA THR L 384 22.24 6.14 -29.66
C THR L 384 22.65 4.81 -30.26
N LEU L 385 22.04 3.71 -29.80
CA LEU L 385 22.37 2.41 -30.40
C LEU L 385 22.04 2.39 -31.87
N GLY L 386 20.92 3.02 -32.22
CA GLY L 386 20.43 3.00 -33.59
C GLY L 386 21.18 3.65 -34.70
N GLY L 387 21.83 4.76 -34.41
CA GLY L 387 22.56 5.47 -35.44
C GLY L 387 23.69 4.67 -36.02
N VAL L 388 24.37 3.92 -35.18
CA VAL L 388 25.53 3.16 -35.65
C VAL L 388 25.20 1.90 -36.43
N TYR L 389 24.03 1.33 -36.18
CA TYR L 389 23.69 0.09 -36.84
C TYR L 389 22.98 0.29 -38.16
N SER L 390 22.59 1.52 -38.47
CA SER L 390 21.83 1.75 -39.68
C SER L 390 22.62 1.45 -40.93
N ILE L 391 23.86 1.88 -41.01
CA ILE L 391 24.71 1.66 -42.18
C ILE L 391 25.16 0.26 -42.19
N LEU L 392 25.31 -0.26 -41.00
CA LEU L 392 25.79 -1.60 -40.90
C LEU L 392 24.78 -2.40 -41.63
N SER L 393 23.52 -2.07 -41.60
CA SER L 393 22.59 -2.96 -42.29
C SER L 393 22.81 -3.07 -43.78
N GLN L 394 22.91 -1.96 -44.49
CA GLN L 394 23.11 -2.02 -45.91
C GLN L 394 24.41 -2.71 -46.19
N GLU L 395 25.44 -2.40 -45.43
CA GLU L 395 26.73 -2.98 -45.68
C GLU L 395 26.86 -4.46 -45.42
N LEU L 396 26.24 -4.99 -44.37
CA LEU L 396 26.48 -6.37 -43.98
C LEU L 396 25.24 -7.21 -44.03
N GLN L 397 24.22 -6.70 -43.36
CA GLN L 397 23.00 -7.46 -43.38
C GLN L 397 22.47 -7.83 -44.69
N LEU L 398 22.54 -6.93 -45.65
CA LEU L 398 21.87 -7.26 -46.89
C LEU L 398 22.81 -8.08 -47.74
N PRO L 399 24.02 -7.58 -48.00
CA PRO L 399 24.80 -8.51 -48.75
C PRO L 399 24.84 -9.95 -48.30
N LEU L 400 24.91 -10.26 -47.02
CA LEU L 400 24.99 -11.63 -46.63
C LEU L 400 23.74 -12.30 -47.11
N VAL L 401 22.59 -11.69 -46.92
CA VAL L 401 21.35 -12.35 -47.30
C VAL L 401 21.28 -12.60 -48.79
N ARG L 402 21.68 -11.64 -49.60
CA ARG L 402 21.66 -11.83 -51.03
C ARG L 402 22.59 -12.95 -51.45
N VAL L 403 23.79 -12.99 -50.90
CA VAL L 403 24.71 -14.01 -51.33
C VAL L 403 24.13 -15.34 -50.93
N LEU L 404 23.56 -15.45 -49.74
CA LEU L 404 23.08 -16.73 -49.30
C LEU L 404 21.97 -17.18 -50.22
N LEU L 405 21.12 -16.27 -50.63
CA LEU L 405 20.02 -16.66 -51.46
C LEU L 405 20.48 -17.16 -52.81
N LYS L 406 21.42 -16.51 -53.47
CA LYS L 406 21.93 -17.08 -54.71
C LYS L 406 22.59 -18.43 -54.48
N GLN L 407 23.42 -18.55 -53.44
CA GLN L 407 24.17 -19.78 -53.23
C GLN L 407 23.28 -20.95 -52.83
N LEU L 408 22.14 -20.70 -52.22
CA LEU L 408 21.23 -21.80 -51.91
C LEU L 408 20.40 -22.24 -53.10
N GLN L 409 20.26 -21.38 -54.11
CA GLN L 409 19.61 -21.82 -55.35
C GLN L 409 20.49 -22.79 -56.12
N ALA L 410 21.80 -22.54 -56.14
CA ALA L 410 22.71 -23.37 -56.92
C ALA L 410 22.91 -24.75 -56.30
N THR L 411 22.81 -24.86 -54.99
CA THR L 411 22.96 -26.15 -54.32
C THR L 411 21.61 -26.80 -54.06
N GLN L 412 20.52 -26.19 -54.52
CA GLN L 412 19.15 -26.73 -54.48
C GLN L 412 18.67 -26.97 -53.04
N GLN L 413 19.23 -26.25 -52.08
CA GLN L 413 18.70 -26.27 -50.72
C GLN L 413 17.57 -25.29 -50.54
N ILE L 414 17.22 -24.54 -51.57
CA ILE L 414 16.13 -23.56 -51.51
C ILE L 414 15.34 -23.65 -52.80
N PRO L 415 14.04 -23.39 -52.74
CA PRO L 415 13.29 -23.33 -53.99
C PRO L 415 13.62 -22.06 -54.75
N GLU L 416 13.63 -22.19 -56.07
CA GLU L 416 13.98 -21.06 -56.94
C GLU L 416 12.85 -20.04 -56.90
N LEU L 417 13.04 -19.00 -56.10
CA LEU L 417 12.03 -17.97 -55.94
C LEU L 417 11.94 -17.11 -57.20
N PRO L 418 10.72 -16.81 -57.67
CA PRO L 418 10.53 -16.41 -59.08
C PRO L 418 10.78 -14.94 -59.36
N LYS L 419 12.04 -14.52 -59.17
CA LYS L 419 12.64 -13.31 -59.74
C LYS L 419 12.02 -11.99 -59.26
N GLU L 420 11.06 -12.04 -58.33
CA GLU L 420 10.31 -10.83 -57.97
C GLU L 420 10.25 -10.57 -56.48
N ALA L 421 10.85 -11.41 -55.64
CA ALA L 421 10.81 -11.21 -54.21
C ALA L 421 12.12 -10.58 -53.75
N VAL L 422 12.01 -9.56 -52.90
CA VAL L 422 13.16 -8.81 -52.39
C VAL L 422 13.04 -8.77 -50.87
N GLU L 423 14.13 -8.38 -50.23
CA GLU L 423 14.18 -8.47 -48.79
C GLU L 423 14.51 -7.26 -47.97
N PRO L 424 13.66 -6.98 -47.00
CA PRO L 424 14.01 -5.90 -46.08
C PRO L 424 14.50 -6.54 -44.82
N THR L 425 15.61 -6.04 -44.30
CA THR L 425 16.09 -6.55 -43.05
C THR L 425 15.38 -5.82 -41.93
N ILE L 426 14.12 -6.17 -41.68
CA ILE L 426 13.33 -5.50 -40.66
C ILE L 426 13.67 -6.05 -39.30
N SER L 427 13.73 -5.18 -38.29
CA SER L 427 14.13 -5.61 -36.97
C SER L 427 12.91 -6.01 -36.15
N GLY L 434 11.83 -8.93 -39.63
CA GLY L 434 11.19 -9.48 -38.45
C GLY L 434 9.79 -8.91 -38.26
N ARG L 435 8.80 -9.67 -38.69
CA ARG L 435 7.41 -9.26 -38.58
C ARG L 435 6.83 -9.85 -37.29
N GLY L 436 6.36 -8.98 -36.39
CA GLY L 436 6.55 -7.54 -36.50
C GLY L 436 5.31 -6.79 -36.92
N GLN L 437 5.40 -6.15 -38.08
CA GLN L 437 4.27 -5.36 -38.58
C GLN L 437 3.12 -6.26 -39.00
N ASP L 438 3.42 -7.48 -39.46
CA ASP L 438 2.34 -8.39 -39.80
C ASP L 438 1.67 -8.94 -38.55
N LEU L 439 2.38 -8.99 -37.43
CA LEU L 439 1.78 -9.55 -36.22
C LEU L 439 1.00 -8.51 -35.45
N ASP L 440 1.60 -7.34 -35.23
CA ASP L 440 0.98 -6.32 -34.39
C ASP L 440 -0.25 -5.72 -35.05
N LYS L 441 -0.22 -5.52 -36.36
CA LYS L 441 -1.38 -5.02 -37.06
C LYS L 441 -2.49 -6.05 -37.16
N LEU L 442 -2.21 -7.34 -37.08
CA LEU L 442 -3.30 -8.26 -36.93
C LEU L 442 -3.92 -8.09 -35.60
N GLU L 443 -3.10 -8.00 -34.59
CA GLU L 443 -3.59 -8.03 -33.23
C GLU L 443 -4.38 -6.84 -32.76
N ARG L 444 -3.95 -5.65 -33.12
CA ARG L 444 -4.69 -4.48 -32.70
C ARG L 444 -6.06 -4.51 -33.30
N CYS L 445 -6.12 -4.81 -34.57
CA CYS L 445 -7.41 -4.92 -35.19
C CYS L 445 -8.20 -6.06 -34.62
N VAL L 446 -7.60 -7.18 -34.29
CA VAL L 446 -8.41 -8.25 -33.69
C VAL L 446 -9.04 -7.83 -32.39
N THR L 447 -8.39 -7.01 -31.57
CA THR L 447 -9.08 -6.54 -30.34
C THR L 447 -10.28 -5.64 -30.64
N ALA L 448 -10.17 -4.89 -31.73
CA ALA L 448 -11.25 -4.01 -32.13
C ALA L 448 -12.49 -4.80 -32.48
N TRP L 449 -12.32 -5.98 -33.06
CA TRP L 449 -13.46 -6.83 -33.34
C TRP L 449 -14.19 -7.30 -32.08
N ALA L 450 -13.49 -7.60 -31.00
CA ALA L 450 -14.15 -7.90 -29.70
C ALA L 450 -14.87 -6.66 -29.14
N ALA L 451 -14.31 -5.50 -29.40
CA ALA L 451 -15.03 -4.31 -28.96
C ALA L 451 -16.38 -4.30 -29.66
N LEU L 452 -16.50 -5.06 -30.73
CA LEU L 452 -17.75 -5.11 -31.49
C LEU L 452 -18.60 -6.32 -31.11
N ALA L 453 -18.13 -7.10 -30.15
CA ALA L 453 -18.92 -8.25 -29.67
C ALA L 453 -20.26 -7.95 -28.99
N PRO L 454 -20.34 -6.92 -28.14
CA PRO L 454 -21.65 -6.56 -27.60
C PRO L 454 -22.63 -6.13 -28.65
N MET L 455 -22.17 -5.42 -29.66
CA MET L 455 -23.06 -4.87 -30.68
C MET L 455 -23.31 -5.86 -31.78
N ARG L 456 -22.85 -7.08 -31.61
CA ARG L 456 -22.96 -8.06 -32.68
C ARG L 456 -24.40 -8.27 -33.06
N ASP L 457 -25.27 -8.29 -32.07
CA ASP L 457 -26.68 -8.50 -32.35
C ASP L 457 -27.46 -7.22 -32.64
N ASP L 458 -26.80 -6.07 -32.64
CA ASP L 458 -27.52 -4.81 -32.83
C ASP L 458 -28.20 -4.69 -34.18
N PRO L 459 -29.46 -4.23 -34.17
CA PRO L 459 -30.23 -4.12 -35.41
C PRO L 459 -29.75 -3.14 -36.44
N ASP L 460 -29.26 -1.97 -36.03
CA ASP L 460 -28.89 -0.95 -37.00
C ASP L 460 -27.43 -0.84 -37.42
N ILE L 461 -26.50 -1.25 -36.57
CA ILE L 461 -25.10 -1.03 -36.90
C ILE L 461 -24.68 -2.03 -37.97
N ASN L 462 -24.06 -1.53 -39.03
CA ASN L 462 -23.58 -2.41 -40.10
C ASN L 462 -22.25 -3.00 -39.64
N LEU L 463 -22.33 -4.09 -38.89
CA LEU L 463 -21.14 -4.79 -38.43
C LEU L 463 -20.37 -5.42 -39.57
N ALA L 464 -21.02 -5.66 -40.71
CA ALA L 464 -20.31 -6.11 -41.90
C ALA L 464 -19.40 -5.04 -42.48
N MET L 465 -19.62 -3.78 -42.13
CA MET L 465 -18.85 -2.68 -42.68
C MET L 465 -17.81 -2.16 -41.70
N ILE L 466 -18.14 -2.17 -40.40
CA ILE L 466 -17.23 -1.68 -39.37
C ILE L 466 -15.99 -2.55 -39.29
N LYS L 467 -16.17 -3.86 -39.45
CA LYS L 467 -15.04 -4.79 -39.51
C LYS L 467 -14.19 -4.57 -40.75
N LEU L 468 -14.73 -3.93 -41.77
CA LEU L 468 -13.90 -3.62 -42.91
C LEU L 468 -13.16 -2.33 -42.61
N ARG L 469 -13.83 -1.34 -42.03
CA ARG L 469 -13.19 -0.05 -41.79
C ARG L 469 -12.04 -0.09 -40.80
N ILE L 470 -12.20 -0.86 -39.74
CA ILE L 470 -11.14 -0.98 -38.75
C ILE L 470 -9.95 -1.62 -39.44
N ALA L 471 -10.21 -2.57 -40.33
CA ALA L 471 -9.14 -3.21 -41.07
C ALA L 471 -8.47 -2.22 -41.95
N ASN L 472 -9.22 -1.41 -42.66
CA ASN L 472 -8.62 -0.52 -43.60
C ASN L 472 -7.71 0.33 -42.75
N ALA L 473 -8.19 0.77 -41.58
CA ALA L 473 -7.43 1.69 -40.75
C ALA L 473 -6.17 1.17 -40.13
N ILE L 474 -6.19 -0.04 -39.61
CA ILE L 474 -4.96 -0.61 -39.09
C ILE L 474 -4.05 -0.70 -40.28
N GLY L 475 -4.60 -1.02 -41.44
CA GLY L 475 -3.79 -1.19 -42.62
C GLY L 475 -3.57 -2.61 -43.07
N ILE L 476 -4.33 -3.54 -42.54
CA ILE L 476 -4.21 -4.91 -43.00
C ILE L 476 -4.73 -5.05 -44.43
N ASP L 477 -4.34 -6.11 -45.12
CA ASP L 477 -4.68 -6.27 -46.54
C ASP L 477 -6.10 -6.56 -46.94
N THR L 478 -6.97 -6.87 -45.99
CA THR L 478 -8.33 -7.27 -46.33
C THR L 478 -8.27 -8.43 -47.31
N SER L 479 -9.03 -8.41 -48.38
CA SER L 479 -9.00 -9.45 -49.42
C SER L 479 -9.60 -10.82 -49.10
N GLY L 480 -9.07 -11.52 -48.11
CA GLY L 480 -9.64 -12.79 -47.73
C GLY L 480 -10.19 -12.66 -46.34
N ILE L 481 -10.04 -11.49 -45.76
CA ILE L 481 -10.49 -11.28 -44.41
C ILE L 481 -11.99 -11.43 -44.30
N LEU L 482 -12.76 -10.95 -45.25
CA LEU L 482 -14.20 -11.04 -45.07
C LEU L 482 -14.82 -12.22 -45.80
N LEU L 483 -15.65 -13.02 -45.11
CA LEU L 483 -16.29 -14.11 -45.81
C LEU L 483 -17.08 -13.53 -46.96
N THR L 484 -16.94 -14.13 -48.12
CA THR L 484 -17.66 -13.67 -49.29
C THR L 484 -18.96 -14.40 -49.26
N GLU L 485 -19.89 -14.07 -50.14
CA GLU L 485 -21.18 -14.70 -50.03
C GLU L 485 -21.13 -16.21 -50.21
N GLU L 486 -20.33 -16.73 -51.13
CA GLU L 486 -20.32 -18.16 -51.32
C GLU L 486 -19.83 -18.86 -50.07
N GLN L 487 -18.80 -18.30 -49.46
CA GLN L 487 -18.28 -18.85 -48.23
C GLN L 487 -19.30 -18.78 -47.10
N LYS L 488 -20.05 -17.69 -47.03
CA LYS L 488 -21.10 -17.60 -46.03
C LYS L 488 -22.18 -18.65 -46.24
N GLN L 489 -22.54 -18.90 -47.49
CA GLN L 489 -23.52 -19.92 -47.76
C GLN L 489 -22.98 -21.25 -47.30
N GLN L 490 -21.72 -21.48 -47.55
CA GLN L 490 -21.14 -22.74 -47.16
C GLN L 490 -21.20 -22.89 -45.68
N LYS L 491 -20.91 -21.82 -44.98
CA LYS L 491 -20.91 -21.88 -43.53
C LYS L 491 -22.29 -22.22 -43.02
N MET L 492 -23.30 -21.57 -43.60
CA MET L 492 -24.65 -21.85 -43.16
C MET L 492 -24.99 -23.29 -43.40
N ALA L 493 -24.60 -23.80 -44.55
CA ALA L 493 -24.87 -25.17 -44.87
C ALA L 493 -24.22 -26.14 -43.92
N GLN L 494 -22.99 -25.90 -43.54
CA GLN L 494 -22.33 -26.86 -42.70
C GLN L 494 -22.95 -26.93 -41.34
N GLN L 495 -23.53 -25.86 -40.82
CA GLN L 495 -24.24 -25.99 -39.55
C GLN L 495 -25.42 -26.93 -39.69
N SER L 496 -26.07 -26.91 -40.85
CA SER L 496 -27.20 -27.78 -41.09
C SER L 496 -26.78 -29.21 -41.38
N MET L 497 -25.71 -29.39 -42.16
CA MET L 497 -25.22 -30.73 -42.43
C MET L 497 -24.63 -31.36 -41.18
N GLN L 498 -24.13 -30.55 -40.25
CA GLN L 498 -23.75 -31.04 -38.94
C GLN L 498 -24.97 -31.55 -38.19
N MET L 499 -26.02 -30.72 -38.09
CA MET L 499 -27.23 -31.14 -37.40
C MET L 499 -27.99 -32.18 -38.22
N GLY L 500 -27.78 -32.24 -39.53
CA GLY L 500 -28.33 -33.32 -40.31
C GLY L 500 -27.62 -34.64 -40.02
N MET L 501 -26.29 -34.62 -39.97
CA MET L 501 -25.57 -35.84 -39.64
C MET L 501 -25.74 -36.21 -38.18
N ASP L 502 -25.92 -35.23 -37.29
CA ASP L 502 -26.04 -35.54 -35.87
C ASP L 502 -27.41 -36.14 -35.55
N ASN L 503 -28.48 -35.47 -35.96
CA ASN L 503 -29.82 -35.98 -35.71
C ASN L 503 -30.11 -37.23 -36.53
N GLY L 504 -29.53 -37.33 -37.72
CA GLY L 504 -29.69 -38.49 -38.56
C GLY L 504 -29.07 -39.74 -37.97
N ALA L 505 -27.81 -39.63 -37.52
CA ALA L 505 -27.15 -40.77 -36.92
C ALA L 505 -27.73 -41.14 -35.56
N ALA L 506 -28.34 -40.18 -34.87
CA ALA L 506 -29.06 -40.49 -33.65
C ALA L 506 -30.45 -41.05 -33.92
N ALA L 507 -30.97 -40.86 -35.13
CA ALA L 507 -32.31 -41.35 -35.43
C ALA L 507 -32.31 -42.84 -35.72
N LEU L 508 -31.52 -43.28 -36.70
CA LEU L 508 -31.56 -44.68 -37.11
C LEU L 508 -30.92 -45.58 -36.07
N ALA L 509 -29.98 -45.06 -35.28
CA ALA L 509 -29.41 -45.86 -34.22
C ALA L 509 -30.40 -46.10 -33.10
N GLN L 510 -31.26 -45.12 -32.83
CA GLN L 510 -32.43 -45.38 -32.01
C GLN L 510 -33.49 -46.10 -32.81
N GLY L 511 -33.51 -45.91 -34.14
CA GLY L 511 -34.50 -46.53 -34.99
C GLY L 511 -34.27 -48.00 -35.25
N MET L 512 -33.03 -48.39 -35.54
CA MET L 512 -32.74 -49.80 -35.80
C MET L 512 -32.78 -50.60 -34.52
N ALA L 513 -32.03 -50.16 -33.51
CA ALA L 513 -31.83 -50.94 -32.29
C ALA L 513 -33.08 -51.09 -31.44
N ALA L 514 -34.10 -50.25 -31.65
CA ALA L 514 -35.36 -50.48 -30.94
C ALA L 514 -36.12 -51.65 -31.54
N GLN L 515 -36.20 -51.73 -32.86
CA GLN L 515 -36.91 -52.80 -33.52
C GLN L 515 -36.03 -54.00 -33.82
N ALA L 516 -34.74 -53.94 -33.57
CA ALA L 516 -33.93 -55.14 -33.73
C ALA L 516 -34.11 -55.93 -32.48
N THR L 517 -33.79 -55.34 -31.33
CA THR L 517 -33.95 -56.02 -30.06
C THR L 517 -35.41 -56.22 -29.64
N ALA L 518 -36.37 -55.68 -30.41
CA ALA L 518 -37.78 -55.94 -30.09
C ALA L 518 -38.11 -57.38 -30.38
N SER L 519 -38.72 -58.09 -29.44
CA SER L 519 -39.11 -59.52 -29.58
C SER L 519 -37.92 -60.41 -29.25
N PRO L 520 -38.16 -61.50 -28.51
CA PRO L 520 -37.01 -62.33 -28.10
C PRO L 520 -36.25 -63.02 -29.22
N GLU L 521 -36.97 -63.61 -30.18
CA GLU L 521 -36.32 -64.26 -31.31
C GLU L 521 -35.61 -63.32 -32.25
N ALA L 522 -36.22 -62.18 -32.57
CA ALA L 522 -35.63 -61.22 -33.49
C ALA L 522 -34.34 -60.81 -32.87
N MET L 523 -34.29 -60.87 -31.57
CA MET L 523 -33.09 -60.52 -30.82
C MET L 523 -31.99 -61.54 -31.03
N ALA L 524 -32.36 -62.83 -31.10
CA ALA L 524 -31.37 -63.86 -31.39
C ALA L 524 -30.90 -63.78 -32.84
N ALA L 525 -31.79 -63.33 -33.73
CA ALA L 525 -31.40 -63.17 -35.12
C ALA L 525 -30.50 -61.96 -35.31
N ALA L 526 -30.66 -60.92 -34.48
CA ALA L 526 -29.84 -59.73 -34.62
C ALA L 526 -28.43 -59.97 -34.11
N ALA L 527 -28.27 -60.85 -33.13
CA ALA L 527 -26.94 -61.12 -32.58
C ALA L 527 -26.12 -61.99 -33.52
N ASP L 528 -26.79 -62.74 -34.40
CA ASP L 528 -26.08 -63.61 -35.32
C ASP L 528 -25.47 -62.82 -36.47
N SER L 529 -26.03 -61.63 -36.75
CA SER L 529 -25.51 -60.82 -37.85
C SER L 529 -24.16 -60.22 -37.49
N VAL L 530 -23.92 -59.96 -36.21
CA VAL L 530 -22.63 -59.48 -35.75
C VAL L 530 -21.69 -60.67 -35.70
N GLY L 531 -22.23 -61.79 -35.18
CA GLY L 531 -21.42 -63.01 -35.00
C GLY L 531 -21.62 -63.65 -33.62
N LEU L 532 -22.36 -63.02 -32.73
CA LEU L 532 -22.54 -63.54 -31.35
C LEU L 532 -23.54 -64.67 -31.11
N GLN L 533 -23.38 -65.40 -30.01
CA GLN L 533 -24.28 -66.51 -29.66
C GLN L 533 -25.60 -66.09 -29.00
N PRO L 534 -26.64 -66.94 -29.08
CA PRO L 534 -27.95 -66.63 -28.50
C PRO L 534 -28.04 -66.43 -26.98
N GLY L 535 -27.39 -67.26 -26.18
CA GLY L 535 -27.37 -67.07 -24.74
C GLY L 535 -26.48 -65.88 -24.42
N ILE L 536 -26.82 -65.13 -23.37
CA ILE L 536 -25.98 -63.99 -22.98
C ILE L 536 -24.97 -64.37 -21.90
#